data_6V9A
#
_entry.id   6V9A
#
_cell.length_a   92.231
_cell.length_b   141.404
_cell.length_c   228.648
_cell.angle_alpha   107.998
_cell.angle_beta   101.626
_cell.angle_gamma   90.019
#
_symmetry.space_group_name_H-M   'P 1'
#
loop_
_entity.id
_entity.type
_entity.pdbx_description
1 polymer 'Glucose-1-phosphate adenylyltransferase'
2 non-polymer 'CITRIC ACID'
3 non-polymer GLYCEROL
4 water water
#
_entity_poly.entity_id   1
_entity_poly.type   'polypeptide(L)'
_entity_poly.pdbx_seq_one_letter_code
;MGSSHHHHHHSSGLVPRGSHMSEKRVQPLARDAMAYVLAGGRGSRLKELTDRRAKPAVYFGGKARIIDFALSNALNSGIR
RIGVATQYKAHDLIRHLQRGWDFFRPERNESFDILPASQRVSETQWYEGTADAVYQNIDIIEPYAPEYMVILAGDHIYKM
DYEYMLQQHVDSGADVTIGCLEVPRMEATGFGVMHVNEKDEIIDFIEKPADPPGIPGNEGFALASMGIYVFHTKFLMEAL
RRDAADPTSSRDFGKDIIPYIVEHGKAVAHRFADSCVRSDFEHEPYWRDVGTIDAYWQANIDLTDVVPDLDIYDKSWPIW
TYAEITPPAKFVHDDEDRRGSAVSSVVSGDCIISGAALNRSLLFTGVRANSYSRLENAVVLPSVKIGRHAQLSNVVIDHG
VVIPEGLIVGEDPELDAKRFRRTESGICLITQSMIDKLDL
;
_entity_poly.pdbx_strand_id   H,A,B,C,D,E,F,G,I,J,K,L,M,N,O,P,Q,R,V,T
#
loop_
_chem_comp.id
_chem_comp.type
_chem_comp.name
_chem_comp.formula
CIT non-polymer 'CITRIC ACID' 'C6 H8 O7'
GOL non-polymer GLYCEROL 'C3 H8 O3'
#
# COMPACT_ATOMS: atom_id res chain seq x y z
N VAL A 26 -96.14 38.79 19.28
CA VAL A 26 -94.85 38.57 19.94
C VAL A 26 -94.41 37.09 19.76
N GLN A 27 -95.30 36.13 20.01
CA GLN A 27 -94.93 34.72 19.85
C GLN A 27 -94.78 34.36 18.38
N PRO A 28 -93.79 33.54 18.03
CA PRO A 28 -93.68 33.09 16.65
C PRO A 28 -94.89 32.27 16.24
N LEU A 29 -95.34 32.46 15.00
CA LEU A 29 -96.55 31.81 14.53
C LEU A 29 -96.36 30.33 14.23
N ALA A 30 -95.12 29.89 14.00
CA ALA A 30 -94.89 28.47 13.74
C ALA A 30 -95.25 27.60 14.94
N ARG A 31 -95.27 28.16 16.16
CA ARG A 31 -95.71 27.39 17.32
C ARG A 31 -97.12 26.86 17.12
N ASP A 32 -97.94 27.56 16.33
CA ASP A 32 -99.36 27.25 16.18
C ASP A 32 -99.69 26.75 14.79
N ALA A 33 -98.72 26.17 14.10
CA ALA A 33 -98.89 25.78 12.71
C ALA A 33 -98.57 24.30 12.55
N MET A 34 -99.22 23.68 11.57
CA MET A 34 -98.97 22.29 11.23
C MET A 34 -98.60 22.22 9.76
N ALA A 35 -97.45 21.63 9.47
CA ALA A 35 -97.03 21.39 8.10
C ALA A 35 -97.64 20.10 7.60
N TYR A 36 -98.27 20.15 6.43
CA TYR A 36 -98.87 18.97 5.81
C TYR A 36 -98.22 18.78 4.45
N VAL A 37 -97.35 17.79 4.36
CA VAL A 37 -96.60 17.53 3.14
C VAL A 37 -97.38 16.55 2.28
N LEU A 38 -97.49 16.85 0.99
CA LEU A 38 -98.12 15.96 0.03
C LEU A 38 -97.02 15.23 -0.73
N ALA A 39 -96.89 13.92 -0.48
CA ALA A 39 -95.84 13.11 -1.06
C ALA A 39 -96.43 11.88 -1.73
N GLY A 40 -97.56 12.06 -2.41
CA GLY A 40 -98.16 10.99 -3.17
C GLY A 40 -97.80 11.07 -4.65
N GLY A 41 -97.11 12.15 -5.02
CA GLY A 41 -96.72 12.38 -6.40
C GLY A 41 -95.89 11.27 -6.99
N ARG A 42 -96.31 10.77 -8.14
CA ARG A 42 -95.68 9.61 -8.74
C ARG A 42 -94.39 9.95 -9.49
N GLY A 43 -94.25 11.19 -9.97
CA GLY A 43 -93.09 11.59 -10.74
C GLY A 43 -92.93 10.78 -12.01
N SER A 44 -94.00 10.73 -12.82
CA SER A 44 -94.03 9.84 -13.98
C SER A 44 -92.99 10.20 -15.02
N ARG A 45 -92.63 11.49 -15.13
CA ARG A 45 -91.64 11.89 -16.11
C ARG A 45 -90.24 11.43 -15.74
N LEU A 46 -90.01 10.98 -14.50
CA LEU A 46 -88.74 10.37 -14.14
C LEU A 46 -88.61 8.93 -14.65
N LYS A 47 -89.68 8.39 -15.21
CA LYS A 47 -89.72 7.09 -15.90
C LYS A 47 -89.24 6.01 -14.93
N GLU A 48 -88.30 5.15 -15.31
CA GLU A 48 -87.97 3.99 -14.49
C GLU A 48 -87.43 4.36 -13.11
N LEU A 49 -86.89 5.58 -12.95
CA LEU A 49 -86.33 5.99 -11.67
C LEU A 49 -87.39 6.02 -10.57
N THR A 50 -88.67 6.12 -10.93
CA THR A 50 -89.76 6.10 -9.97
C THR A 50 -90.68 4.89 -10.18
N ASP A 51 -90.21 3.86 -10.88
CA ASP A 51 -91.01 2.66 -11.05
C ASP A 51 -91.31 1.99 -9.71
N ARG A 52 -90.33 2.00 -8.80
CA ARG A 52 -90.45 1.31 -7.53
C ARG A 52 -90.56 2.24 -6.33
N ARG A 53 -90.58 3.55 -6.56
CA ARG A 53 -90.62 4.52 -5.46
C ARG A 53 -91.28 5.80 -5.95
N ALA A 54 -92.00 6.45 -5.05
CA ALA A 54 -92.54 7.77 -5.36
C ALA A 54 -91.42 8.80 -5.41
N LYS A 55 -91.65 9.85 -6.20
CA LYS A 55 -90.66 10.92 -6.37
C LYS A 55 -90.13 11.48 -5.05
N PRO A 56 -90.94 11.78 -4.03
CA PRO A 56 -90.37 12.29 -2.77
C PRO A 56 -89.34 11.39 -2.14
N ALA A 57 -89.36 10.09 -2.44
CA ALA A 57 -88.36 9.18 -1.89
C ALA A 57 -87.12 9.05 -2.77
N VAL A 58 -87.03 9.82 -3.85
CA VAL A 58 -85.88 9.73 -4.73
C VAL A 58 -84.67 10.32 -4.03
N TYR A 59 -83.55 9.59 -4.06
CA TYR A 59 -82.32 10.10 -3.49
C TYR A 59 -81.88 11.37 -4.23
N PHE A 60 -81.09 12.20 -3.54
CA PHE A 60 -80.59 13.42 -4.15
C PHE A 60 -79.34 13.90 -3.43
N GLY A 61 -78.32 14.24 -4.22
CA GLY A 61 -77.21 15.04 -3.77
C GLY A 61 -76.28 14.39 -2.78
N GLY A 62 -76.34 13.07 -2.64
N GLY A 62 -76.33 13.08 -2.62
CA GLY A 62 -75.57 12.36 -1.63
CA GLY A 62 -75.36 12.41 -1.76
C GLY A 62 -75.88 12.91 -0.26
C GLY A 62 -75.93 11.47 -0.73
N LYS A 63 -77.04 13.53 -0.16
N LYS A 63 -77.02 11.85 -0.06
CA LYS A 63 -77.40 14.40 0.95
CA LYS A 63 -77.53 11.03 1.04
C LYS A 63 -78.59 13.89 1.73
C LYS A 63 -79.02 11.20 1.28
N ALA A 64 -79.69 13.58 1.05
N ALA A 64 -79.49 12.44 1.34
CA ALA A 64 -80.96 13.19 1.66
CA ALA A 64 -80.86 12.72 1.73
C ALA A 64 -81.87 12.70 0.55
C ALA A 64 -81.83 12.31 0.61
N ARG A 65 -83.13 12.45 0.89
CA ARG A 65 -84.17 12.23 -0.09
C ARG A 65 -84.89 13.54 -0.34
N ILE A 66 -85.59 13.63 -1.48
CA ILE A 66 -86.24 14.87 -1.87
C ILE A 66 -87.21 15.33 -0.79
N ILE A 67 -87.95 14.40 -0.19
CA ILE A 67 -88.91 14.78 0.85
C ILE A 67 -88.22 15.47 2.01
N ASP A 68 -86.94 15.17 2.24
CA ASP A 68 -86.25 15.69 3.43
C ASP A 68 -86.08 17.20 3.40
N PHE A 69 -86.26 17.84 2.25
CA PHE A 69 -86.07 19.30 2.23
C PHE A 69 -87.29 20.02 2.79
N ALA A 70 -88.49 19.68 2.30
CA ALA A 70 -89.69 20.30 2.86
C ALA A 70 -89.86 19.96 4.33
N LEU A 71 -89.51 18.73 4.72
CA LEU A 71 -89.58 18.38 6.13
C LEU A 71 -88.60 19.20 6.95
N SER A 72 -87.41 19.45 6.40
CA SER A 72 -86.40 20.18 7.15
C SER A 72 -86.76 21.66 7.23
N ASN A 73 -87.29 22.22 6.13
CA ASN A 73 -87.79 23.59 6.17
C ASN A 73 -88.83 23.76 7.27
N ALA A 74 -89.76 22.79 7.37
CA ALA A 74 -90.74 22.82 8.47
C ALA A 74 -90.05 22.79 9.82
N LEU A 75 -89.13 21.84 10.01
CA LEU A 75 -88.43 21.70 11.27
C LEU A 75 -87.69 22.99 11.64
N ASN A 76 -86.85 23.48 10.73
CA ASN A 76 -86.05 24.67 11.01
C ASN A 76 -86.92 25.92 11.15
N SER A 77 -88.09 25.93 10.52
CA SER A 77 -88.99 27.07 10.68
C SER A 77 -89.73 27.04 12.00
N GLY A 78 -89.53 26.02 12.82
CA GLY A 78 -90.17 25.95 14.12
C GLY A 78 -91.52 25.27 14.14
N ILE A 79 -91.95 24.66 13.04
CA ILE A 79 -93.21 23.92 13.00
C ILE A 79 -92.95 22.53 13.57
N ARG A 80 -93.57 22.24 14.72
CA ARG A 80 -93.34 21.00 15.45
C ARG A 80 -94.37 19.92 15.15
N ARG A 81 -95.40 20.22 14.35
CA ARG A 81 -96.40 19.24 13.96
C ARG A 81 -96.34 19.07 12.44
N ILE A 82 -96.15 17.83 12.00
CA ILE A 82 -95.95 17.51 10.59
C ILE A 82 -96.83 16.33 10.24
N GLY A 83 -97.60 16.47 9.17
CA GLY A 83 -98.31 15.36 8.56
C GLY A 83 -97.79 15.14 7.15
N VAL A 84 -97.71 13.88 6.74
CA VAL A 84 -97.24 13.51 5.41
C VAL A 84 -98.26 12.57 4.79
N ALA A 85 -98.78 12.95 3.63
CA ALA A 85 -99.70 12.09 2.88
C ALA A 85 -98.91 11.34 1.82
N THR A 86 -99.04 10.02 1.82
CA THR A 86 -98.43 9.19 0.79
C THR A 86 -99.52 8.49 0.00
N GLN A 87 -99.12 7.97 -1.16
CA GLN A 87 -100.05 7.30 -2.05
C GLN A 87 -99.31 6.28 -2.90
N TYR A 88 -98.79 6.71 -4.05
CA TYR A 88 -98.09 5.81 -4.95
C TYR A 88 -96.85 5.22 -4.30
N LYS A 89 -96.68 3.89 -4.47
CA LYS A 89 -95.56 3.08 -3.95
C LYS A 89 -94.78 3.77 -2.85
N ALA A 90 -95.33 3.77 -1.63
CA ALA A 90 -94.77 4.52 -0.51
C ALA A 90 -93.89 3.69 0.41
N HIS A 91 -93.69 2.40 0.09
CA HIS A 91 -93.00 1.52 1.03
C HIS A 91 -91.64 2.06 1.43
N ASP A 92 -90.80 2.38 0.43
CA ASP A 92 -89.53 3.03 0.71
C ASP A 92 -89.74 4.32 1.47
N LEU A 93 -90.71 5.13 1.02
CA LEU A 93 -90.95 6.43 1.61
C LEU A 93 -91.32 6.31 3.09
N ILE A 94 -92.37 5.53 3.37
CA ILE A 94 -92.83 5.38 4.76
C ILE A 94 -91.70 4.86 5.64
N ARG A 95 -90.99 3.83 5.16
CA ARG A 95 -89.89 3.26 5.93
C ARG A 95 -88.80 4.31 6.18
N HIS A 96 -88.55 5.19 5.21
CA HIS A 96 -87.58 6.26 5.42
C HIS A 96 -88.07 7.25 6.46
N LEU A 97 -89.36 7.58 6.43
CA LEU A 97 -89.91 8.50 7.44
C LEU A 97 -89.92 7.85 8.82
N GLN A 98 -90.24 6.55 8.88
CA GLN A 98 -90.23 5.83 10.15
C GLN A 98 -88.87 5.88 10.82
N ARG A 99 -87.80 5.66 10.06
CA ARG A 99 -86.47 5.53 10.61
C ARG A 99 -85.74 6.86 10.71
N GLY A 100 -86.16 7.88 9.97
CA GLY A 100 -85.48 9.15 9.95
C GLY A 100 -86.10 10.22 10.83
N TRP A 101 -87.43 10.32 10.80
CA TRP A 101 -88.14 11.41 11.45
C TRP A 101 -88.88 10.87 12.68
N ASP A 102 -88.09 10.40 13.66
CA ASP A 102 -88.58 9.65 14.80
C ASP A 102 -88.29 10.34 16.14
N PHE A 103 -88.06 11.65 16.15
CA PHE A 103 -87.63 12.36 17.35
C PHE A 103 -88.68 13.36 17.83
N PHE A 104 -89.92 13.20 17.42
CA PHE A 104 -91.01 14.05 17.87
C PHE A 104 -91.75 13.33 18.99
N ARG A 105 -92.09 14.07 20.05
CA ARG A 105 -92.80 13.50 21.19
C ARG A 105 -94.09 14.28 21.43
N PRO A 106 -95.24 13.62 21.51
CA PRO A 106 -96.49 14.36 21.70
C PRO A 106 -96.54 15.12 23.01
N GLU A 107 -95.91 14.60 24.07
CA GLU A 107 -95.98 15.32 25.33
C GLU A 107 -95.15 16.60 25.31
N ARG A 108 -94.35 16.82 24.26
CA ARG A 108 -93.70 18.10 24.01
C ARG A 108 -94.42 18.91 22.93
N ASN A 109 -95.67 18.55 22.62
CA ASN A 109 -96.45 19.21 21.56
C ASN A 109 -95.80 19.07 20.19
N GLU A 110 -95.22 17.91 19.93
CA GLU A 110 -94.66 17.57 18.62
C GLU A 110 -95.34 16.30 18.11
N SER A 111 -95.58 16.25 16.81
CA SER A 111 -96.18 15.05 16.22
C SER A 111 -95.69 14.90 14.79
N PHE A 112 -95.55 13.65 14.36
CA PHE A 112 -95.16 13.32 12.99
C PHE A 112 -96.05 12.18 12.53
N ASP A 113 -97.08 12.52 11.75
CA ASP A 113 -98.06 11.54 11.30
C ASP A 113 -97.80 11.15 9.87
N ILE A 114 -97.65 9.85 9.63
CA ILE A 114 -97.50 9.28 8.31
C ILE A 114 -98.86 8.73 7.89
N LEU A 115 -99.43 9.27 6.80
CA LEU A 115 -100.83 9.10 6.48
C LEU A 115 -101.05 8.56 5.07
N PRO A 116 -100.87 7.26 4.87
CA PRO A 116 -101.16 6.66 3.58
C PRO A 116 -102.65 6.42 3.41
N ALA A 117 -103.06 6.34 2.14
CA ALA A 117 -104.42 5.93 1.84
C ALA A 117 -104.56 4.45 2.12
N SER A 118 -105.51 4.10 2.98
CA SER A 118 -105.67 2.71 3.39
C SER A 118 -107.12 2.48 3.83
N GLN A 119 -107.38 1.27 4.31
CA GLN A 119 -108.63 0.96 5.01
C GLN A 119 -108.50 1.50 6.43
N ARG A 120 -109.05 2.69 6.66
CA ARG A 120 -108.97 3.37 7.94
C ARG A 120 -110.29 4.05 8.26
N VAL A 121 -110.65 5.03 7.41
CA VAL A 121 -111.92 5.73 7.52
C VAL A 121 -112.81 5.47 6.30
N SER A 122 -112.32 4.78 5.28
CA SER A 122 -113.06 4.48 4.07
C SER A 122 -112.35 3.36 3.33
N GLU A 123 -113.11 2.64 2.50
CA GLU A 123 -112.55 1.56 1.69
C GLU A 123 -111.47 2.10 0.76
N THR A 124 -111.90 2.83 -0.29
CA THR A 124 -111.05 3.61 -1.19
C THR A 124 -109.69 2.96 -1.48
N GLN A 125 -108.77 3.06 -0.53
CA GLN A 125 -107.37 2.63 -0.68
C GLN A 125 -106.63 3.46 -1.72
N TRP A 126 -107.14 4.66 -2.02
CA TRP A 126 -106.49 5.61 -2.93
C TRP A 126 -107.13 6.99 -2.79
N TYR A 127 -106.36 7.98 -2.36
CA TYR A 127 -106.87 9.35 -2.29
C TYR A 127 -107.30 9.82 -3.68
N GLU A 128 -108.35 10.64 -3.71
CA GLU A 128 -108.84 11.19 -4.96
C GLU A 128 -108.05 12.40 -5.44
N GLY A 129 -107.14 12.93 -4.63
CA GLY A 129 -106.35 14.07 -5.04
C GLY A 129 -105.68 14.71 -3.84
N THR A 130 -104.96 15.79 -4.13
CA THR A 130 -104.17 16.46 -3.09
C THR A 130 -105.05 17.08 -2.00
N ALA A 131 -106.23 17.57 -2.37
CA ALA A 131 -107.15 18.10 -1.37
C ALA A 131 -107.80 16.98 -0.57
N ASP A 132 -108.19 15.89 -1.23
CA ASP A 132 -108.76 14.74 -0.52
C ASP A 132 -107.75 14.11 0.42
N ALA A 133 -106.45 14.22 0.12
CA ALA A 133 -105.44 13.70 1.02
C ALA A 133 -105.37 14.48 2.32
N VAL A 134 -105.80 15.74 2.33
CA VAL A 134 -106.00 16.47 3.57
C VAL A 134 -107.38 16.20 4.16
N TYR A 135 -108.39 16.15 3.29
CA TYR A 135 -109.76 16.03 3.75
C TYR A 135 -109.98 14.72 4.51
N GLN A 136 -109.45 13.62 4.00
N GLN A 136 -109.46 13.62 3.99
CA GLN A 136 -109.67 12.31 4.61
CA GLN A 136 -109.69 12.32 4.62
C GLN A 136 -109.04 12.19 5.99
C GLN A 136 -109.00 12.18 5.98
N ASN A 137 -108.14 13.11 6.35
CA ASN A 137 -107.44 13.07 7.64
C ASN A 137 -107.73 14.30 8.49
N ILE A 138 -108.92 14.90 8.32
CA ILE A 138 -109.40 15.91 9.26
C ILE A 138 -109.34 15.39 10.70
N ASP A 139 -109.66 14.12 10.89
CA ASP A 139 -109.73 13.57 12.23
C ASP A 139 -108.37 13.46 12.86
N ILE A 140 -107.30 13.54 12.07
CA ILE A 140 -105.95 13.58 12.64
C ILE A 140 -105.61 15.00 13.08
N ILE A 141 -105.99 16.01 12.29
CA ILE A 141 -105.51 17.37 12.54
C ILE A 141 -106.29 18.05 13.65
N GLU A 142 -107.62 17.96 13.61
CA GLU A 142 -108.45 18.69 14.56
C GLU A 142 -108.11 18.44 16.03
N PRO A 143 -107.76 17.22 16.47
CA PRO A 143 -107.34 17.09 17.89
C PRO A 143 -106.12 17.93 18.24
N TYR A 144 -105.21 18.16 17.29
CA TYR A 144 -104.10 19.06 17.53
C TYR A 144 -104.56 20.51 17.58
N ALA A 145 -105.66 20.82 16.91
CA ALA A 145 -106.20 22.17 16.77
C ALA A 145 -105.10 23.17 16.45
N PRO A 146 -104.32 22.96 15.40
CA PRO A 146 -103.35 24.00 15.03
C PRO A 146 -104.08 25.22 14.53
N GLU A 147 -103.50 26.39 14.77
CA GLU A 147 -104.10 27.60 14.26
C GLU A 147 -103.89 27.76 12.75
N TYR A 148 -102.78 27.23 12.21
CA TYR A 148 -102.47 27.43 10.80
C TYR A 148 -102.04 26.12 10.16
N MET A 149 -102.31 26.01 8.87
CA MET A 149 -101.90 24.87 8.06
C MET A 149 -100.91 25.34 7.00
N VAL A 150 -99.76 24.70 6.93
CA VAL A 150 -98.76 24.94 5.90
C VAL A 150 -98.77 23.72 5.00
N ILE A 151 -99.42 23.84 3.84
CA ILE A 151 -99.53 22.74 2.88
C ILE A 151 -98.30 22.80 1.98
N LEU A 152 -97.54 21.70 1.94
CA LEU A 152 -96.26 21.68 1.24
C LEU A 152 -96.24 20.59 0.18
N ALA A 153 -95.60 20.89 -0.95
CA ALA A 153 -95.25 19.88 -1.93
C ALA A 153 -93.96 19.19 -1.52
N GLY A 154 -93.96 17.87 -1.54
CA GLY A 154 -92.82 17.11 -1.06
C GLY A 154 -91.84 16.65 -2.12
N ASP A 155 -91.95 17.15 -3.36
CA ASP A 155 -91.09 16.69 -4.43
C ASP A 155 -90.26 17.83 -5.04
N HIS A 156 -89.90 18.82 -4.23
CA HIS A 156 -89.02 19.91 -4.65
C HIS A 156 -87.88 20.08 -3.66
N ILE A 157 -86.74 20.54 -4.18
CA ILE A 157 -85.54 20.76 -3.39
C ILE A 157 -85.36 22.26 -3.26
N TYR A 158 -85.49 22.77 -2.04
CA TYR A 158 -85.43 24.20 -1.79
C TYR A 158 -85.32 24.43 -0.29
N LYS A 159 -84.95 25.65 0.08
CA LYS A 159 -84.81 26.03 1.48
C LYS A 159 -85.60 27.30 1.72
N MET A 160 -86.41 27.30 2.79
CA MET A 160 -87.42 28.35 2.93
C MET A 160 -87.87 28.45 4.38
N ASP A 161 -87.87 29.67 4.91
CA ASP A 161 -88.29 29.95 6.29
C ASP A 161 -89.78 30.26 6.28
N TYR A 162 -90.60 29.27 6.62
CA TYR A 162 -92.04 29.41 6.52
C TYR A 162 -92.62 30.44 7.48
N GLU A 163 -91.83 30.91 8.46
CA GLU A 163 -92.36 31.92 9.38
C GLU A 163 -92.67 33.21 8.67
N TYR A 164 -91.95 33.53 7.58
CA TYR A 164 -92.25 34.72 6.81
C TYR A 164 -93.64 34.62 6.19
N MET A 165 -93.92 33.50 5.53
CA MET A 165 -95.26 33.29 4.97
C MET A 165 -96.33 33.41 6.05
N LEU A 166 -96.08 32.85 7.23
CA LEU A 166 -97.06 32.88 8.30
C LEU A 166 -97.43 34.32 8.69
N GLN A 167 -96.43 35.18 8.83
CA GLN A 167 -96.71 36.58 9.16
C GLN A 167 -97.51 37.24 8.04
N GLN A 168 -97.03 37.13 6.80
CA GLN A 168 -97.75 37.73 5.67
C GLN A 168 -99.20 37.28 5.65
N HIS A 169 -99.44 35.98 5.83
CA HIS A 169 -100.81 35.46 5.74
C HIS A 169 -101.74 36.16 6.72
N VAL A 170 -101.32 36.30 7.98
CA VAL A 170 -102.23 36.91 8.96
C VAL A 170 -102.20 38.43 8.85
N ASP A 171 -101.03 39.01 8.59
CA ASP A 171 -100.96 40.46 8.38
C ASP A 171 -101.75 40.88 7.16
N SER A 172 -101.76 40.04 6.13
CA SER A 172 -102.58 40.29 4.95
C SER A 172 -104.07 40.07 5.16
N GLY A 173 -104.46 39.34 6.21
CA GLY A 173 -105.85 38.89 6.30
C GLY A 173 -106.28 37.94 5.19
N ALA A 174 -105.34 37.36 4.47
CA ALA A 174 -105.68 36.51 3.32
C ALA A 174 -106.49 35.30 3.75
N ASP A 175 -107.20 34.73 2.78
CA ASP A 175 -107.76 33.40 2.95
C ASP A 175 -106.78 32.31 2.58
N VAL A 176 -105.86 32.56 1.63
CA VAL A 176 -104.72 31.66 1.46
C VAL A 176 -103.56 32.44 0.85
N THR A 177 -102.38 32.22 1.43
CA THR A 177 -101.11 32.73 0.95
C THR A 177 -100.44 31.64 0.13
N ILE A 178 -99.87 32.02 -1.01
CA ILE A 178 -99.37 31.04 -1.98
C ILE A 178 -97.91 31.36 -2.29
N GLY A 179 -97.02 30.42 -2.00
CA GLY A 179 -95.62 30.59 -2.35
C GLY A 179 -95.42 30.56 -3.85
N CYS A 180 -94.71 31.54 -4.39
CA CYS A 180 -94.53 31.71 -5.83
C CYS A 180 -93.07 31.99 -6.15
N LEU A 181 -92.57 31.32 -7.19
CA LEU A 181 -91.28 31.68 -7.76
C LEU A 181 -91.44 32.85 -8.72
N GLU A 182 -90.46 33.76 -8.70
CA GLU A 182 -90.40 34.87 -9.66
C GLU A 182 -89.51 34.41 -10.81
N VAL A 183 -90.13 34.08 -11.94
CA VAL A 183 -89.44 33.41 -13.04
C VAL A 183 -89.68 34.18 -14.34
N PRO A 184 -88.70 34.28 -15.23
CA PRO A 184 -88.97 34.81 -16.56
C PRO A 184 -90.14 34.10 -17.23
N ARG A 185 -90.88 34.84 -18.06
CA ARG A 185 -92.21 34.41 -18.46
C ARG A 185 -92.18 33.11 -19.27
N MET A 186 -91.26 32.98 -20.22
CA MET A 186 -91.27 31.77 -21.04
C MET A 186 -91.05 30.51 -20.22
N GLU A 187 -90.31 30.60 -19.11
CA GLU A 187 -90.14 29.43 -18.25
C GLU A 187 -91.36 29.18 -17.37
N ALA A 188 -92.22 30.18 -17.17
CA ALA A 188 -93.46 29.92 -16.45
C ALA A 188 -94.45 29.10 -17.27
N THR A 189 -94.11 28.76 -18.51
CA THR A 189 -95.00 28.02 -19.39
C THR A 189 -95.37 26.66 -18.81
N GLY A 190 -94.55 26.09 -17.93
CA GLY A 190 -94.80 24.80 -17.35
C GLY A 190 -95.45 24.81 -15.99
N PHE A 191 -95.71 25.98 -15.41
CA PHE A 191 -96.21 26.09 -14.05
C PHE A 191 -97.67 26.55 -14.03
N GLY A 192 -98.33 26.24 -12.91
CA GLY A 192 -99.54 26.96 -12.59
C GLY A 192 -99.12 28.37 -12.25
N VAL A 193 -99.70 29.36 -12.92
CA VAL A 193 -99.21 30.74 -12.86
C VAL A 193 -100.29 31.62 -12.25
N MET A 194 -99.89 32.47 -11.31
CA MET A 194 -100.80 33.38 -10.62
C MET A 194 -100.71 34.76 -11.25
N HIS A 195 -101.83 35.25 -11.79
CA HIS A 195 -101.90 36.63 -12.25
C HIS A 195 -102.19 37.52 -11.05
N VAL A 196 -101.37 38.55 -10.88
CA VAL A 196 -101.33 39.36 -9.67
C VAL A 196 -101.55 40.81 -10.02
N ASN A 197 -101.96 41.59 -9.03
CA ASN A 197 -102.10 43.02 -9.21
C ASN A 197 -100.88 43.72 -8.61
N GLU A 198 -101.01 45.02 -8.32
CA GLU A 198 -99.85 45.79 -7.91
C GLU A 198 -99.40 45.44 -6.50
N LYS A 199 -100.30 44.98 -5.64
CA LYS A 199 -99.95 44.63 -4.26
C LYS A 199 -99.99 43.12 -4.03
N ASP A 200 -99.70 42.36 -5.08
CA ASP A 200 -99.48 40.91 -5.04
C ASP A 200 -100.72 40.11 -4.63
N GLU A 201 -101.90 40.72 -4.67
CA GLU A 201 -103.13 39.94 -4.57
C GLU A 201 -103.39 39.25 -5.90
N ILE A 202 -103.81 38.00 -5.84
CA ILE A 202 -103.97 37.17 -7.03
C ILE A 202 -105.34 37.44 -7.62
N ILE A 203 -105.37 37.85 -8.90
CA ILE A 203 -106.62 38.11 -9.59
C ILE A 203 -107.03 37.00 -10.54
N ASP A 204 -106.14 36.04 -10.81
CA ASP A 204 -106.45 34.94 -11.71
C ASP A 204 -105.32 33.91 -11.62
N PHE A 205 -105.65 32.68 -12.03
CA PHE A 205 -104.69 31.59 -12.05
C PHE A 205 -104.90 30.77 -13.32
N ILE A 206 -103.81 30.43 -13.99
CA ILE A 206 -103.84 29.70 -15.25
C ILE A 206 -102.95 28.48 -15.13
N GLU A 207 -103.45 27.34 -15.58
CA GLU A 207 -102.68 26.10 -15.59
C GLU A 207 -101.86 26.05 -16.87
N LYS A 208 -100.54 26.21 -16.73
CA LYS A 208 -99.62 26.20 -17.86
C LYS A 208 -100.07 27.16 -18.96
N PRO A 209 -100.06 28.47 -18.71
CA PRO A 209 -100.46 29.41 -19.76
C PRO A 209 -99.48 29.41 -20.91
N ALA A 210 -100.00 29.41 -22.13
CA ALA A 210 -99.14 29.49 -23.30
C ALA A 210 -98.31 30.76 -23.27
N ASP A 211 -98.90 31.86 -22.79
CA ASP A 211 -98.17 33.11 -22.56
C ASP A 211 -98.52 33.63 -21.17
N PRO A 212 -97.66 33.40 -20.19
CA PRO A 212 -98.02 33.66 -18.79
C PRO A 212 -98.24 35.13 -18.53
N PRO A 213 -99.25 35.45 -17.72
CA PRO A 213 -99.44 36.85 -17.30
C PRO A 213 -98.22 37.36 -16.55
N GLY A 214 -97.72 38.51 -16.98
CA GLY A 214 -96.56 39.08 -16.34
C GLY A 214 -96.91 39.79 -15.05
N ILE A 215 -95.89 40.01 -14.23
CA ILE A 215 -96.09 40.80 -13.02
C ILE A 215 -96.27 42.26 -13.39
N PRO A 216 -97.22 42.98 -12.81
CA PRO A 216 -97.35 44.41 -13.12
C PRO A 216 -96.08 45.16 -12.74
N GLY A 217 -95.56 45.95 -13.68
CA GLY A 217 -94.39 46.77 -13.46
C GLY A 217 -93.09 46.16 -13.94
N ASN A 218 -92.97 44.82 -13.96
CA ASN A 218 -91.86 44.13 -14.61
C ASN A 218 -92.46 42.97 -15.40
N GLU A 219 -92.98 43.29 -16.58
CA GLU A 219 -93.70 42.35 -17.43
C GLU A 219 -92.80 41.23 -17.94
N GLY A 220 -91.53 41.24 -17.55
CA GLY A 220 -90.65 40.17 -17.97
C GLY A 220 -90.69 38.94 -17.11
N PHE A 221 -91.43 38.98 -16.00
CA PHE A 221 -91.44 37.89 -15.03
C PHE A 221 -92.86 37.50 -14.68
N ALA A 222 -93.04 36.24 -14.32
CA ALA A 222 -94.32 35.70 -13.91
C ALA A 222 -94.17 35.00 -12.58
N LEU A 223 -95.25 34.98 -11.80
CA LEU A 223 -95.27 34.30 -10.50
C LEU A 223 -95.73 32.86 -10.71
N ALA A 224 -94.80 31.92 -10.63
CA ALA A 224 -95.09 30.50 -10.84
C ALA A 224 -95.35 29.84 -9.51
N SER A 225 -96.40 29.03 -9.44
CA SER A 225 -96.85 28.47 -8.16
C SER A 225 -95.91 27.35 -7.70
N MET A 226 -95.52 27.42 -6.43
CA MET A 226 -94.69 26.40 -5.80
C MET A 226 -95.52 25.27 -5.18
N GLY A 227 -96.84 25.35 -5.24
CA GLY A 227 -97.65 24.38 -4.53
C GLY A 227 -97.47 24.43 -3.04
N ILE A 228 -97.26 25.64 -2.50
CA ILE A 228 -97.10 25.87 -1.07
C ILE A 228 -98.21 26.82 -0.64
N TYR A 229 -99.02 26.39 0.32
CA TYR A 229 -100.20 27.15 0.72
C TYR A 229 -100.26 27.28 2.24
N VAL A 230 -100.67 28.45 2.70
CA VAL A 230 -100.89 28.73 4.11
C VAL A 230 -102.34 29.14 4.28
N PHE A 231 -103.09 28.37 5.08
CA PHE A 231 -104.44 28.70 5.45
C PHE A 231 -104.53 28.85 6.96
N HIS A 232 -105.57 29.55 7.41
CA HIS A 232 -106.10 29.30 8.73
C HIS A 232 -106.73 27.92 8.74
N THR A 233 -106.44 27.13 9.77
CA THR A 233 -106.91 25.75 9.77
C THR A 233 -108.42 25.68 9.65
N LYS A 234 -109.15 26.57 10.35
CA LYS A 234 -110.60 26.51 10.30
C LYS A 234 -111.14 26.79 8.90
N PHE A 235 -110.56 27.76 8.21
CA PHE A 235 -111.04 28.07 6.86
C PHE A 235 -110.68 26.95 5.89
N LEU A 236 -109.50 26.36 6.04
CA LEU A 236 -109.10 25.27 5.16
C LEU A 236 -110.05 24.08 5.30
N MET A 237 -110.37 23.68 6.55
CA MET A 237 -111.20 22.49 6.71
C MET A 237 -112.59 22.73 6.15
N GLU A 238 -113.11 23.96 6.24
CA GLU A 238 -114.36 24.29 5.56
C GLU A 238 -114.19 24.15 4.05
N ALA A 239 -113.15 24.80 3.50
CA ALA A 239 -112.92 24.74 2.06
C ALA A 239 -112.74 23.31 1.59
N LEU A 240 -112.13 22.45 2.41
CA LEU A 240 -111.99 21.05 2.04
C LEU A 240 -113.34 20.34 2.01
N ARG A 241 -114.23 20.67 2.95
CA ARG A 241 -115.52 20.01 3.02
C ARG A 241 -116.46 20.47 1.90
N ARG A 242 -116.43 21.76 1.58
CA ARG A 242 -117.15 22.22 0.40
C ARG A 242 -116.63 21.53 -0.85
N ASP A 243 -115.30 21.42 -0.96
CA ASP A 243 -114.68 20.72 -2.08
C ASP A 243 -115.13 19.27 -2.16
N ALA A 244 -115.22 18.59 -1.00
CA ALA A 244 -115.58 17.18 -1.00
C ALA A 244 -117.03 16.95 -1.41
N ALA A 245 -117.90 17.96 -1.25
CA ALA A 245 -119.29 17.85 -1.65
C ALA A 245 -119.53 18.33 -3.07
N ASP A 246 -118.49 18.81 -3.74
CA ASP A 246 -118.64 19.35 -5.06
C ASP A 246 -118.24 18.30 -6.08
N PRO A 247 -119.12 17.94 -7.01
CA PRO A 247 -118.73 16.99 -8.07
C PRO A 247 -117.95 17.61 -9.21
N THR A 248 -117.99 18.95 -9.40
CA THR A 248 -117.18 19.59 -10.43
C THR A 248 -115.71 19.67 -10.05
N SER A 249 -115.36 19.32 -8.81
CA SER A 249 -114.00 19.46 -8.31
C SER A 249 -113.21 18.16 -8.49
N SER A 250 -112.03 18.28 -9.08
CA SER A 250 -111.09 17.17 -9.20
C SER A 250 -110.30 16.93 -7.92
N ARG A 251 -110.70 17.57 -6.82
CA ARG A 251 -110.13 17.32 -5.48
C ARG A 251 -108.62 17.56 -5.46
N ASP A 252 -108.20 18.68 -6.02
CA ASP A 252 -106.78 19.04 -6.06
C ASP A 252 -106.61 20.49 -5.65
N PHE A 253 -105.58 20.75 -4.83
CA PHE A 253 -105.38 22.08 -4.26
C PHE A 253 -105.20 23.14 -5.35
N GLY A 254 -104.31 22.88 -6.31
CA GLY A 254 -103.97 23.91 -7.29
C GLY A 254 -105.06 24.13 -8.33
N LYS A 255 -105.86 23.11 -8.62
CA LYS A 255 -106.89 23.21 -9.64
C LYS A 255 -108.27 23.53 -9.10
N ASP A 256 -108.51 23.35 -7.81
CA ASP A 256 -109.87 23.47 -7.30
C ASP A 256 -109.95 24.33 -6.04
N ILE A 257 -109.11 24.05 -5.05
CA ILE A 257 -109.14 24.82 -3.81
C ILE A 257 -108.76 26.27 -4.06
N ILE A 258 -107.55 26.49 -4.55
CA ILE A 258 -107.10 27.88 -4.80
C ILE A 258 -107.96 28.57 -5.83
N PRO A 259 -108.29 27.97 -6.99
CA PRO A 259 -109.13 28.70 -7.95
C PRO A 259 -110.46 29.18 -7.38
N TYR A 260 -111.07 28.41 -6.49
CA TYR A 260 -112.27 28.91 -5.81
C TYR A 260 -111.96 30.17 -5.02
N ILE A 261 -110.86 30.15 -4.25
CA ILE A 261 -110.57 31.24 -3.33
C ILE A 261 -110.24 32.52 -4.08
N VAL A 262 -109.40 32.45 -5.10
CA VAL A 262 -109.04 33.66 -5.84
C VAL A 262 -110.29 34.32 -6.40
N GLU A 263 -111.26 33.52 -6.84
CA GLU A 263 -112.52 34.08 -7.33
C GLU A 263 -113.29 34.78 -6.20
N HIS A 264 -113.70 34.02 -5.18
CA HIS A 264 -114.67 34.49 -4.21
C HIS A 264 -114.06 35.04 -2.92
N GLY A 265 -112.80 34.75 -2.64
CA GLY A 265 -112.16 35.25 -1.44
C GLY A 265 -110.93 36.10 -1.72
N LYS A 266 -110.02 36.18 -0.75
CA LYS A 266 -108.76 36.90 -0.93
C LYS A 266 -107.62 35.90 -0.94
N ALA A 267 -106.84 35.93 -2.03
CA ALA A 267 -105.67 35.06 -2.20
C ALA A 267 -104.47 35.94 -2.53
N VAL A 268 -103.41 35.80 -1.74
CA VAL A 268 -102.23 36.65 -1.87
C VAL A 268 -101.02 35.80 -2.20
N ALA A 269 -100.08 36.38 -2.96
CA ALA A 269 -98.85 35.71 -3.35
C ALA A 269 -97.70 36.08 -2.42
N HIS A 270 -96.92 35.08 -2.05
CA HIS A 270 -95.67 35.27 -1.33
C HIS A 270 -94.53 34.79 -2.21
N ARG A 271 -93.55 35.64 -2.43
CA ARG A 271 -92.48 35.34 -3.37
C ARG A 271 -91.34 34.61 -2.68
N PHE A 272 -90.84 33.56 -3.36
CA PHE A 272 -89.83 32.68 -2.78
C PHE A 272 -88.59 33.46 -2.32
N ALA A 273 -88.23 34.54 -3.00
CA ALA A 273 -87.03 35.29 -2.63
C ALA A 273 -87.21 36.07 -1.33
N ASP A 274 -88.45 36.33 -0.91
CA ASP A 274 -88.64 37.01 0.36
C ASP A 274 -88.22 36.14 1.55
N SER A 275 -88.42 34.83 1.46
CA SER A 275 -88.25 33.93 2.59
C SER A 275 -87.25 32.80 2.35
N CYS A 276 -86.72 32.67 1.14
CA CYS A 276 -85.74 31.62 0.87
C CYS A 276 -84.49 31.82 1.73
N VAL A 277 -83.99 30.73 2.29
CA VAL A 277 -82.80 30.77 3.12
C VAL A 277 -81.62 30.38 2.25
N ARG A 278 -80.76 31.35 1.95
CA ARG A 278 -79.55 31.10 1.17
C ARG A 278 -78.35 31.12 2.10
N SER A 279 -77.47 30.12 1.94
CA SER A 279 -76.19 30.20 2.62
C SER A 279 -75.32 31.27 1.96
N ASP A 280 -74.21 31.62 2.62
CA ASP A 280 -73.29 32.63 2.07
C ASP A 280 -72.69 32.20 0.73
N PHE A 281 -72.72 30.91 0.42
CA PHE A 281 -72.09 30.39 -0.78
C PHE A 281 -73.10 30.05 -1.87
N GLU A 282 -74.32 30.55 -1.75
CA GLU A 282 -75.36 30.37 -2.75
C GLU A 282 -75.66 31.72 -3.37
N HIS A 283 -75.30 31.87 -4.66
CA HIS A 283 -75.39 33.15 -5.36
C HIS A 283 -76.82 33.55 -5.69
N GLU A 284 -77.80 32.69 -5.45
CA GLU A 284 -79.16 32.91 -5.91
C GLU A 284 -80.08 32.05 -5.08
N PRO A 285 -81.35 32.42 -4.93
CA PRO A 285 -82.31 31.50 -4.30
C PRO A 285 -82.41 30.21 -5.10
N TYR A 286 -82.36 29.09 -4.39
CA TYR A 286 -82.25 27.78 -5.01
C TYR A 286 -83.57 27.04 -4.89
N TRP A 287 -84.19 26.74 -6.03
CA TRP A 287 -85.36 25.88 -6.08
C TRP A 287 -85.28 25.02 -7.34
N ARG A 288 -85.45 23.71 -7.18
CA ARG A 288 -85.41 22.76 -8.29
C ARG A 288 -86.52 21.75 -8.10
N ASP A 289 -87.15 21.34 -9.20
CA ASP A 289 -88.17 20.31 -9.15
C ASP A 289 -87.71 18.96 -9.68
N VAL A 290 -86.51 18.88 -10.27
CA VAL A 290 -85.90 17.67 -10.84
C VAL A 290 -86.97 16.74 -11.43
N GLY A 291 -87.83 17.29 -12.29
CA GLY A 291 -88.96 16.55 -12.81
C GLY A 291 -88.68 15.64 -13.98
N THR A 292 -87.50 15.74 -14.58
CA THR A 292 -87.11 14.86 -15.68
C THR A 292 -85.77 14.21 -15.36
N ILE A 293 -85.45 13.15 -16.09
CA ILE A 293 -84.14 12.52 -15.95
C ILE A 293 -83.04 13.55 -16.15
N ASP A 294 -83.18 14.40 -17.17
CA ASP A 294 -82.18 15.44 -17.43
C ASP A 294 -82.06 16.39 -16.27
N ALA A 295 -83.19 16.94 -15.80
CA ALA A 295 -83.17 17.88 -14.68
C ALA A 295 -82.62 17.22 -13.42
N TYR A 296 -82.99 15.97 -13.19
CA TYR A 296 -82.46 15.24 -12.03
C TYR A 296 -80.96 15.04 -12.14
N TRP A 297 -80.50 14.55 -13.29
CA TRP A 297 -79.07 14.41 -13.51
C TRP A 297 -78.38 15.76 -13.41
N GLN A 298 -78.99 16.78 -14.00
CA GLN A 298 -78.41 18.13 -13.95
C GLN A 298 -78.17 18.61 -12.53
N ALA A 299 -79.20 18.54 -11.67
CA ALA A 299 -79.06 19.13 -10.34
C ALA A 299 -78.06 18.36 -9.48
N ASN A 300 -77.99 17.04 -9.65
CA ASN A 300 -77.00 16.25 -8.94
C ASN A 300 -75.60 16.56 -9.42
N ILE A 301 -75.39 16.57 -10.74
CA ILE A 301 -74.05 16.73 -11.28
C ILE A 301 -73.50 18.13 -11.02
N ASP A 302 -74.37 19.14 -10.99
CA ASP A 302 -73.94 20.50 -10.65
C ASP A 302 -73.30 20.58 -9.28
N LEU A 303 -73.62 19.67 -8.36
CA LEU A 303 -73.00 19.69 -7.05
C LEU A 303 -71.51 19.37 -7.10
N THR A 304 -71.02 18.83 -8.21
CA THR A 304 -69.58 18.64 -8.35
C THR A 304 -68.87 19.90 -8.82
N ASP A 305 -69.59 21.00 -9.00
CA ASP A 305 -68.98 22.25 -9.42
C ASP A 305 -68.04 22.78 -8.35
N VAL A 306 -67.06 23.58 -8.78
CA VAL A 306 -66.19 24.29 -7.83
C VAL A 306 -67.02 25.17 -6.92
N VAL A 307 -67.90 25.98 -7.49
CA VAL A 307 -68.85 26.79 -6.74
C VAL A 307 -70.28 26.33 -7.07
N PRO A 308 -70.84 25.39 -6.32
CA PRO A 308 -72.18 24.88 -6.66
C PRO A 308 -73.31 25.84 -6.29
N ASP A 309 -74.43 25.70 -7.00
CA ASP A 309 -75.60 26.52 -6.71
C ASP A 309 -76.21 26.19 -5.35
N LEU A 310 -76.21 24.91 -4.99
CA LEU A 310 -76.64 24.46 -3.66
C LEU A 310 -75.39 24.12 -2.86
N ASP A 311 -75.23 24.78 -1.72
CA ASP A 311 -74.15 24.43 -0.80
C ASP A 311 -74.69 23.42 0.19
N ILE A 312 -74.34 22.15 -0.03
CA ILE A 312 -74.71 21.07 0.88
C ILE A 312 -73.82 21.01 2.10
N TYR A 313 -72.86 21.91 2.23
CA TYR A 313 -72.03 21.99 3.43
C TYR A 313 -72.49 23.08 4.39
N ASP A 314 -73.64 23.68 4.11
CA ASP A 314 -74.21 24.67 5.01
C ASP A 314 -74.71 23.99 6.28
N LYS A 315 -74.43 24.62 7.43
CA LYS A 315 -74.93 24.14 8.71
C LYS A 315 -75.94 25.09 9.34
N SER A 316 -76.18 26.26 8.74
CA SER A 316 -77.12 27.22 9.30
C SER A 316 -78.58 26.81 9.07
N TRP A 317 -78.89 26.15 7.95
CA TRP A 317 -80.23 25.65 7.66
C TRP A 317 -80.09 24.19 7.26
N PRO A 318 -79.87 23.31 8.23
CA PRO A 318 -79.48 21.94 7.91
C PRO A 318 -80.65 21.07 7.44
N ILE A 319 -80.32 20.08 6.62
CA ILE A 319 -81.29 19.16 6.05
C ILE A 319 -81.19 17.86 6.84
N TRP A 320 -82.16 17.60 7.69
CA TRP A 320 -82.18 16.35 8.42
C TRP A 320 -82.61 15.22 7.49
N THR A 321 -82.13 14.01 7.80
CA THR A 321 -82.38 12.84 6.96
C THR A 321 -82.15 11.59 7.79
N TYR A 322 -82.48 10.45 7.22
CA TYR A 322 -82.08 9.18 7.80
C TYR A 322 -80.62 8.91 7.44
N ALA A 323 -79.77 8.77 8.46
CA ALA A 323 -78.36 8.51 8.25
C ALA A 323 -77.92 7.40 9.19
N GLU A 324 -77.18 6.44 8.65
CA GLU A 324 -76.59 5.37 9.44
C GLU A 324 -75.11 5.65 9.63
N ILE A 325 -74.55 5.07 10.69
CA ILE A 325 -73.10 5.14 10.86
C ILE A 325 -72.44 4.39 9.72
N THR A 326 -71.67 5.12 8.91
CA THR A 326 -71.06 4.51 7.73
C THR A 326 -69.55 4.62 7.78
N PRO A 327 -68.83 3.58 7.38
CA PRO A 327 -67.38 3.70 7.24
C PRO A 327 -67.01 4.74 6.21
N PRO A 328 -65.80 5.27 6.24
CA PRO A 328 -65.42 6.33 5.31
C PRO A 328 -65.19 5.79 3.91
N ALA A 329 -64.96 6.71 2.99
CA ALA A 329 -64.61 6.33 1.63
C ALA A 329 -63.15 5.88 1.57
N LYS A 330 -62.86 5.03 0.59
CA LYS A 330 -61.55 4.42 0.45
C LYS A 330 -61.17 4.37 -1.02
N PHE A 331 -59.95 4.78 -1.33
CA PHE A 331 -59.39 4.68 -2.67
C PHE A 331 -58.16 3.78 -2.62
N VAL A 332 -58.05 2.84 -3.55
CA VAL A 332 -56.95 1.87 -3.52
C VAL A 332 -56.42 1.61 -4.92
N HIS A 333 -55.15 1.19 -4.98
CA HIS A 333 -54.34 0.91 -6.18
C HIS A 333 -53.90 2.18 -6.90
N ASP A 334 -52.65 2.16 -7.37
CA ASP A 334 -52.00 3.33 -7.93
C ASP A 334 -50.81 2.87 -8.76
N ASP A 335 -51.05 2.32 -9.94
CA ASP A 335 -49.99 1.60 -10.66
C ASP A 335 -49.90 2.16 -12.08
N GLU A 336 -49.22 1.43 -12.94
CA GLU A 336 -49.12 1.83 -14.35
C GLU A 336 -50.44 1.64 -15.09
N ASP A 337 -51.28 0.72 -14.63
CA ASP A 337 -52.49 0.30 -15.33
C ASP A 337 -53.78 0.78 -14.68
N ARG A 338 -53.80 0.94 -13.35
CA ARG A 338 -55.01 1.32 -12.62
C ARG A 338 -54.66 2.26 -11.47
N ARG A 339 -55.65 3.06 -11.09
CA ARG A 339 -55.54 3.96 -9.95
C ARG A 339 -56.94 4.25 -9.44
N GLY A 340 -57.16 4.05 -8.14
CA GLY A 340 -58.42 4.40 -7.53
C GLY A 340 -58.41 5.85 -7.07
N SER A 341 -59.14 6.71 -7.77
CA SER A 341 -59.14 8.12 -7.40
C SER A 341 -60.39 8.79 -7.92
N ALA A 342 -60.68 9.96 -7.36
CA ALA A 342 -61.81 10.77 -7.77
C ALA A 342 -61.35 12.20 -8.03
N VAL A 343 -61.86 12.78 -9.11
CA VAL A 343 -61.53 14.14 -9.52
C VAL A 343 -62.84 14.87 -9.81
N SER A 344 -62.94 16.12 -9.35
CA SER A 344 -64.14 16.93 -9.54
C SER A 344 -65.40 16.14 -9.16
N SER A 345 -65.32 15.43 -8.05
CA SER A 345 -66.36 14.48 -7.72
C SER A 345 -66.78 14.61 -6.26
N VAL A 346 -67.99 14.14 -5.99
CA VAL A 346 -68.54 14.06 -4.65
C VAL A 346 -68.69 12.59 -4.31
N VAL A 347 -68.06 12.15 -3.22
CA VAL A 347 -68.01 10.73 -2.87
C VAL A 347 -68.52 10.57 -1.44
N SER A 348 -69.53 9.72 -1.27
CA SER A 348 -70.11 9.45 0.04
C SER A 348 -69.31 8.38 0.78
N GLY A 349 -69.65 8.20 2.05
CA GLY A 349 -69.05 7.15 2.84
C GLY A 349 -69.37 5.77 2.29
N ASP A 350 -68.71 4.77 2.87
CA ASP A 350 -68.88 3.39 2.47
C ASP A 350 -68.72 3.21 0.95
N CYS A 351 -67.89 4.05 0.35
CA CYS A 351 -67.52 3.90 -1.06
C CYS A 351 -66.08 3.42 -1.12
N ILE A 352 -65.86 2.30 -1.80
CA ILE A 352 -64.52 1.76 -2.01
C ILE A 352 -64.22 1.89 -3.49
N ILE A 353 -63.36 2.84 -3.83
CA ILE A 353 -62.98 3.12 -5.21
C ILE A 353 -61.68 2.36 -5.46
N SER A 354 -61.79 1.18 -6.08
CA SER A 354 -60.69 0.22 -6.21
C SER A 354 -60.22 0.20 -7.66
N GLY A 355 -59.10 0.86 -7.94
CA GLY A 355 -58.58 0.86 -9.30
C GLY A 355 -59.48 1.53 -10.33
N ALA A 356 -60.47 2.30 -9.88
CA ALA A 356 -61.44 2.95 -10.74
C ALA A 356 -61.16 4.44 -10.81
N ALA A 357 -61.45 5.04 -11.96
CA ALA A 357 -61.22 6.46 -12.18
C ALA A 357 -62.56 7.19 -12.24
N LEU A 358 -62.71 8.23 -11.43
CA LEU A 358 -63.93 9.00 -11.34
C LEU A 358 -63.65 10.45 -11.73
N ASN A 359 -64.47 10.99 -12.63
CA ASN A 359 -64.39 12.40 -12.96
C ASN A 359 -65.79 12.97 -13.10
N ARG A 360 -66.03 14.11 -12.44
CA ARG A 360 -67.30 14.80 -12.47
C ARG A 360 -68.46 13.85 -12.22
N SER A 361 -68.36 13.08 -11.15
CA SER A 361 -69.40 12.15 -10.77
C SER A 361 -69.83 12.41 -9.32
N LEU A 362 -71.05 11.99 -9.00
CA LEU A 362 -71.56 12.04 -7.64
C LEU A 362 -71.98 10.63 -7.22
N LEU A 363 -71.44 10.17 -6.10
CA LEU A 363 -71.72 8.83 -5.59
C LEU A 363 -72.39 8.93 -4.23
N PHE A 364 -73.52 8.22 -4.09
CA PHE A 364 -74.16 8.02 -2.80
C PHE A 364 -73.41 6.93 -2.03
N THR A 365 -73.93 6.60 -0.84
N THR A 365 -73.90 6.61 -0.82
CA THR A 365 -73.29 5.63 0.04
CA THR A 365 -73.20 5.65 0.02
C THR A 365 -73.31 4.22 -0.56
C THR A 365 -73.29 4.24 -0.55
N GLY A 366 -72.26 3.46 -0.28
CA GLY A 366 -72.25 2.04 -0.61
C GLY A 366 -71.75 1.67 -1.99
N VAL A 367 -71.20 2.61 -2.76
CA VAL A 367 -70.76 2.30 -4.11
C VAL A 367 -69.47 1.49 -4.05
N ARG A 368 -69.36 0.49 -4.92
CA ARG A 368 -68.17 -0.34 -5.07
C ARG A 368 -67.77 -0.28 -6.54
N ALA A 369 -66.72 0.48 -6.84
CA ALA A 369 -66.18 0.60 -8.18
C ALA A 369 -64.84 -0.10 -8.24
N ASN A 370 -64.64 -0.93 -9.26
CA ASN A 370 -63.53 -1.87 -9.29
C ASN A 370 -62.58 -1.58 -10.44
N SER A 371 -61.52 -2.39 -10.52
CA SER A 371 -60.33 -2.05 -11.28
C SER A 371 -60.63 -1.75 -12.74
N TYR A 372 -59.98 -0.71 -13.26
CA TYR A 372 -59.99 -0.33 -14.67
C TYR A 372 -61.32 0.23 -15.14
N SER A 373 -62.29 0.42 -14.25
CA SER A 373 -63.52 1.08 -14.64
C SER A 373 -63.35 2.60 -14.62
N ARG A 374 -64.11 3.27 -15.47
CA ARG A 374 -64.06 4.73 -15.62
C ARG A 374 -65.48 5.28 -15.56
N LEU A 375 -65.70 6.29 -14.73
CA LEU A 375 -66.99 6.96 -14.63
C LEU A 375 -66.81 8.45 -14.90
N GLU A 376 -67.66 9.00 -15.77
CA GLU A 376 -67.63 10.44 -16.04
C GLU A 376 -69.06 10.96 -16.17
N ASN A 377 -69.30 12.14 -15.61
CA ASN A 377 -70.65 12.71 -15.53
C ASN A 377 -71.66 11.65 -15.10
N ALA A 378 -71.30 10.85 -14.11
CA ALA A 378 -72.18 9.80 -13.60
C ALA A 378 -72.82 10.25 -12.30
N VAL A 379 -74.12 10.08 -12.19
CA VAL A 379 -74.82 10.15 -10.91
C VAL A 379 -75.08 8.72 -10.46
N VAL A 380 -74.45 8.32 -9.36
CA VAL A 380 -74.42 6.93 -8.93
C VAL A 380 -75.17 6.82 -7.61
N LEU A 381 -76.34 6.20 -7.65
CA LEU A 381 -77.20 6.05 -6.47
C LEU A 381 -76.64 4.99 -5.53
N PRO A 382 -77.20 4.81 -4.33
CA PRO A 382 -76.54 3.97 -3.33
C PRO A 382 -76.37 2.52 -3.76
N SER A 383 -75.28 1.93 -3.26
CA SER A 383 -75.02 0.49 -3.30
C SER A 383 -74.74 -0.03 -4.71
N VAL A 384 -74.44 0.84 -5.66
CA VAL A 384 -74.16 0.40 -7.01
C VAL A 384 -72.82 -0.32 -7.06
N LYS A 385 -72.74 -1.36 -7.88
CA LYS A 385 -71.50 -2.08 -8.13
C LYS A 385 -71.06 -1.79 -9.56
N ILE A 386 -69.83 -1.33 -9.72
CA ILE A 386 -69.24 -1.05 -11.03
C ILE A 386 -68.22 -2.14 -11.31
N GLY A 387 -68.54 -3.02 -12.26
CA GLY A 387 -67.64 -4.10 -12.60
C GLY A 387 -66.37 -3.61 -13.26
N ARG A 388 -65.35 -4.46 -13.18
CA ARG A 388 -64.06 -4.16 -13.77
C ARG A 388 -64.19 -3.71 -15.22
N HIS A 389 -63.32 -2.79 -15.62
CA HIS A 389 -63.19 -2.27 -16.98
C HIS A 389 -64.46 -1.66 -17.58
N ALA A 390 -65.53 -1.53 -16.80
CA ALA A 390 -66.71 -0.83 -17.30
C ALA A 390 -66.41 0.65 -17.47
N GLN A 391 -66.99 1.27 -18.51
CA GLN A 391 -66.78 2.68 -18.77
C GLN A 391 -68.12 3.33 -19.10
N LEU A 392 -68.50 4.32 -18.30
CA LEU A 392 -69.84 4.90 -18.32
C LEU A 392 -69.74 6.42 -18.31
N SER A 393 -70.51 7.08 -19.19
CA SER A 393 -70.49 8.54 -19.24
C SER A 393 -71.89 9.06 -19.51
N ASN A 394 -72.24 10.16 -18.82
CA ASN A 394 -73.55 10.81 -18.95
C ASN A 394 -74.67 9.86 -18.50
N VAL A 395 -74.65 9.58 -17.21
CA VAL A 395 -75.30 8.39 -16.67
C VAL A 395 -75.95 8.71 -15.34
N VAL A 396 -77.14 8.16 -15.13
CA VAL A 396 -77.76 8.05 -13.81
C VAL A 396 -77.94 6.56 -13.54
N ILE A 397 -77.22 6.04 -12.54
CA ILE A 397 -77.33 4.64 -12.17
C ILE A 397 -78.27 4.51 -10.98
N ASP A 398 -79.33 3.73 -11.15
CA ASP A 398 -80.32 3.49 -10.12
C ASP A 398 -79.71 2.74 -8.94
N HIS A 399 -80.40 2.81 -7.80
CA HIS A 399 -79.98 2.17 -6.56
C HIS A 399 -79.66 0.69 -6.76
N GLY A 400 -78.53 0.26 -6.21
CA GLY A 400 -78.20 -1.16 -6.12
C GLY A 400 -77.92 -1.86 -7.43
N VAL A 401 -77.89 -1.14 -8.55
CA VAL A 401 -77.61 -1.77 -9.84
C VAL A 401 -76.20 -2.34 -9.86
N VAL A 402 -76.08 -3.56 -10.40
CA VAL A 402 -74.79 -4.21 -10.59
C VAL A 402 -74.42 -4.05 -12.06
N ILE A 403 -73.49 -3.14 -12.35
CA ILE A 403 -73.06 -2.93 -13.73
C ILE A 403 -72.09 -4.05 -14.12
N PRO A 404 -72.40 -4.84 -15.15
CA PRO A 404 -71.54 -5.97 -15.51
C PRO A 404 -70.17 -5.49 -15.94
N GLU A 405 -69.18 -6.35 -15.75
CA GLU A 405 -67.81 -6.04 -16.13
C GLU A 405 -67.73 -5.69 -17.61
N GLY A 406 -66.90 -4.70 -17.92
CA GLY A 406 -66.66 -4.32 -19.30
C GLY A 406 -67.81 -3.63 -20.02
N LEU A 407 -68.89 -3.28 -19.31
CA LEU A 407 -69.98 -2.55 -19.95
C LEU A 407 -69.48 -1.20 -20.43
N ILE A 408 -69.98 -0.77 -21.59
CA ILE A 408 -69.62 0.51 -22.18
C ILE A 408 -70.89 1.28 -22.46
N VAL A 409 -71.02 2.46 -21.86
CA VAL A 409 -72.18 3.31 -22.01
C VAL A 409 -71.69 4.73 -22.30
N GLY A 410 -72.45 5.44 -23.14
CA GLY A 410 -72.10 6.79 -23.52
C GLY A 410 -71.22 6.89 -24.73
N GLU A 411 -70.93 5.76 -25.39
CA GLU A 411 -70.10 5.74 -26.59
C GLU A 411 -70.92 5.64 -27.86
N ASP A 412 -71.96 4.81 -27.89
CA ASP A 412 -72.81 4.64 -29.06
C ASP A 412 -74.25 4.95 -28.68
N PRO A 413 -74.79 6.08 -29.12
CA PRO A 413 -76.15 6.46 -28.67
C PRO A 413 -77.24 5.46 -29.07
N GLU A 414 -77.21 4.95 -30.30
CA GLU A 414 -78.28 4.05 -30.72
C GLU A 414 -78.25 2.75 -29.92
N LEU A 415 -77.06 2.20 -29.67
CA LEU A 415 -76.97 1.03 -28.81
C LEU A 415 -77.44 1.39 -27.41
N ASP A 416 -76.90 2.48 -26.84
CA ASP A 416 -77.31 2.89 -25.50
C ASP A 416 -78.82 3.05 -25.42
N ALA A 417 -79.41 3.72 -26.41
CA ALA A 417 -80.85 3.95 -26.38
C ALA A 417 -81.66 2.67 -26.53
N LYS A 418 -81.11 1.67 -27.22
CA LYS A 418 -81.80 0.39 -27.29
C LYS A 418 -81.73 -0.34 -25.94
N ARG A 419 -80.54 -0.43 -25.34
CA ARG A 419 -80.47 -1.12 -24.06
C ARG A 419 -81.09 -0.31 -22.94
N PHE A 420 -81.05 1.02 -23.03
CA PHE A 420 -81.32 1.87 -21.89
C PHE A 420 -82.33 2.95 -22.22
N ARG A 421 -82.82 3.59 -21.15
CA ARG A 421 -83.68 4.76 -21.21
C ARG A 421 -82.76 5.97 -21.42
N ARG A 422 -82.68 6.44 -22.66
CA ARG A 422 -81.70 7.46 -23.04
C ARG A 422 -82.41 8.78 -23.30
N THR A 423 -81.91 9.84 -22.69
CA THR A 423 -82.52 11.15 -22.87
C THR A 423 -82.17 11.69 -24.25
N GLU A 424 -82.87 12.76 -24.65
CA GLU A 424 -82.59 13.42 -25.91
C GLU A 424 -81.20 14.05 -25.90
N SER A 425 -80.74 14.46 -24.72
CA SER A 425 -79.45 15.11 -24.53
C SER A 425 -78.31 14.14 -24.18
N GLY A 426 -78.53 12.82 -24.22
CA GLY A 426 -77.46 11.86 -24.03
C GLY A 426 -77.37 11.15 -22.68
N ILE A 427 -78.13 11.57 -21.67
CA ILE A 427 -78.15 10.91 -20.37
C ILE A 427 -78.87 9.57 -20.47
N CYS A 428 -78.24 8.53 -19.93
CA CYS A 428 -78.83 7.20 -19.82
C CYS A 428 -79.13 6.89 -18.36
N LEU A 429 -80.40 6.62 -18.06
CA LEU A 429 -80.78 6.07 -16.77
C LEU A 429 -80.70 4.56 -16.84
N ILE A 430 -80.00 3.95 -15.89
CA ILE A 430 -79.71 2.52 -15.93
C ILE A 430 -80.30 1.84 -14.70
N THR A 431 -81.27 0.94 -14.92
CA THR A 431 -81.86 0.13 -13.87
CA THR A 431 -81.85 0.12 -13.85
C THR A 431 -81.39 -1.32 -14.00
N GLN A 432 -81.52 -2.07 -12.90
CA GLN A 432 -81.15 -3.48 -12.92
C GLN A 432 -82.03 -4.27 -13.87
N SER A 433 -83.26 -3.79 -14.10
CA SER A 433 -84.15 -4.49 -15.01
C SER A 433 -83.60 -4.48 -16.43
N MET A 434 -82.89 -3.41 -16.80
CA MET A 434 -82.32 -3.33 -18.14
C MET A 434 -81.03 -4.14 -18.23
N ILE A 435 -80.21 -4.11 -17.18
CA ILE A 435 -79.00 -4.93 -17.14
C ILE A 435 -79.36 -6.40 -17.26
N ASP A 436 -80.44 -6.82 -16.59
CA ASP A 436 -80.83 -8.23 -16.58
C ASP A 436 -81.18 -8.74 -17.98
N LYS A 437 -81.58 -7.86 -18.90
CA LYS A 437 -82.00 -8.24 -20.23
C LYS A 437 -80.89 -8.18 -21.27
N LEU A 438 -79.62 -8.15 -20.85
CA LEU A 438 -78.55 -7.68 -21.71
C LEU A 438 -77.76 -8.82 -22.36
N ASP A 439 -77.39 -8.61 -23.62
CA ASP A 439 -76.41 -9.40 -24.35
C ASP A 439 -75.40 -8.46 -25.01
N LEU A 440 -75.49 -8.31 -26.34
CA LEU A 440 -74.72 -7.29 -27.06
C LEU A 440 -75.63 -6.13 -27.47
N VAL B 26 17.82 -47.33 5.64
CA VAL B 26 18.26 -46.16 6.40
C VAL B 26 17.33 -44.98 6.13
N GLN B 27 17.17 -44.62 4.86
CA GLN B 27 16.35 -43.47 4.54
C GLN B 27 14.86 -43.81 4.69
N PRO B 28 14.07 -42.90 5.24
CA PRO B 28 12.62 -43.13 5.32
C PRO B 28 12.02 -43.24 3.92
N LEU B 29 11.01 -44.09 3.81
CA LEU B 29 10.39 -44.33 2.51
C LEU B 29 9.50 -43.17 2.06
N ALA B 30 8.97 -42.39 3.00
CA ALA B 30 8.11 -41.26 2.64
C ALA B 30 8.83 -40.24 1.77
N ARG B 31 10.17 -40.22 1.79
CA ARG B 31 10.90 -39.27 0.96
C ARG B 31 10.57 -39.45 -0.51
N ASP B 32 10.17 -40.66 -0.90
CA ASP B 32 9.95 -41.00 -2.31
C ASP B 32 8.50 -41.32 -2.58
N ALA B 33 7.60 -40.92 -1.70
CA ALA B 33 6.19 -41.22 -1.83
C ALA B 33 5.43 -39.95 -2.20
N MET B 34 4.32 -40.14 -2.91
CA MET B 34 3.36 -39.08 -3.18
C MET B 34 2.01 -39.49 -2.59
N ALA B 35 1.41 -38.60 -1.81
CA ALA B 35 0.06 -38.82 -1.34
C ALA B 35 -0.91 -38.30 -2.39
N TYR B 36 -1.96 -39.07 -2.63
CA TYR B 36 -3.01 -38.67 -3.57
C TYR B 36 -4.36 -38.83 -2.88
N VAL B 37 -4.95 -37.71 -2.48
CA VAL B 37 -6.19 -37.72 -1.72
C VAL B 37 -7.36 -37.53 -2.67
N LEU B 38 -8.35 -38.42 -2.59
CA LEU B 38 -9.58 -38.30 -3.38
C LEU B 38 -10.61 -37.58 -2.52
N ALA B 39 -10.89 -36.33 -2.85
CA ALA B 39 -11.81 -35.47 -2.12
C ALA B 39 -12.93 -34.99 -3.02
N GLY B 40 -13.45 -35.90 -3.84
CA GLY B 40 -14.51 -35.53 -4.77
C GLY B 40 -15.86 -36.11 -4.37
N GLY B 41 -15.86 -36.88 -3.29
CA GLY B 41 -17.08 -37.53 -2.86
C GLY B 41 -18.12 -36.53 -2.38
N ARG B 42 -19.37 -36.79 -2.76
CA ARG B 42 -20.48 -35.91 -2.39
C ARG B 42 -20.68 -35.87 -0.88
N GLY B 43 -21.01 -37.02 -0.31
CA GLY B 43 -21.50 -37.09 1.06
C GLY B 43 -22.99 -36.82 1.08
N SER B 44 -23.73 -37.54 0.23
CA SER B 44 -25.14 -37.23 0.03
C SER B 44 -25.97 -37.60 1.26
N ARG B 45 -25.50 -38.55 2.06
CA ARG B 45 -26.21 -38.88 3.30
C ARG B 45 -26.18 -37.74 4.31
N LEU B 46 -25.30 -36.76 4.14
CA LEU B 46 -25.32 -35.57 4.98
C LEU B 46 -26.34 -34.55 4.49
N LYS B 47 -27.05 -34.86 3.41
CA LYS B 47 -28.17 -34.08 2.87
C LYS B 47 -27.78 -32.60 2.78
N GLU B 48 -28.57 -31.69 3.36
CA GLU B 48 -28.35 -30.25 3.13
C GLU B 48 -26.95 -29.80 3.53
N LEU B 49 -26.33 -30.51 4.47
CA LEU B 49 -24.99 -30.11 4.94
C LEU B 49 -23.95 -30.18 3.82
N THR B 50 -24.23 -30.92 2.74
CA THR B 50 -23.32 -30.99 1.61
C THR B 50 -23.97 -30.50 0.32
N ASP B 51 -25.07 -29.75 0.42
CA ASP B 51 -25.71 -29.19 -0.77
C ASP B 51 -24.81 -28.17 -1.47
N ARG B 52 -24.00 -27.44 -0.70
CA ARG B 52 -23.18 -26.36 -1.23
C ARG B 52 -21.69 -26.60 -1.10
N ARG B 53 -21.29 -27.78 -0.59
N ARG B 53 -21.28 -27.76 -0.57
CA ARG B 53 -19.88 -28.09 -0.41
CA ARG B 53 -19.87 -28.09 -0.45
C ARG B 53 -19.72 -29.60 -0.41
C ARG B 53 -19.71 -29.60 -0.42
N ALA B 54 -18.60 -30.07 -0.96
CA ALA B 54 -18.26 -31.49 -0.87
C ALA B 54 -17.92 -31.87 0.57
N LYS B 55 -18.20 -33.12 0.92
CA LYS B 55 -17.93 -33.61 2.27
C LYS B 55 -16.53 -33.33 2.79
N PRO B 56 -15.45 -33.54 2.02
CA PRO B 56 -14.11 -33.24 2.56
C PRO B 56 -13.94 -31.81 3.02
N ALA B 57 -14.78 -30.90 2.56
CA ALA B 57 -14.72 -29.50 2.96
C ALA B 57 -15.61 -29.18 4.16
N VAL B 58 -16.34 -30.17 4.68
CA VAL B 58 -17.23 -29.93 5.81
C VAL B 58 -16.40 -29.59 7.05
N TYR B 59 -16.78 -28.52 7.73
CA TYR B 59 -16.11 -28.15 8.98
C TYR B 59 -16.20 -29.28 10.00
N PHE B 60 -15.22 -29.33 10.91
CA PHE B 60 -15.26 -30.32 11.98
C PHE B 60 -14.48 -29.84 13.20
N GLY B 61 -15.07 -30.04 14.37
CA GLY B 61 -14.36 -29.96 15.64
C GLY B 61 -13.96 -28.59 16.10
N GLY B 62 -14.35 -27.55 15.37
N GLY B 62 -14.41 -27.53 15.43
CA GLY B 62 -13.82 -26.21 15.60
CA GLY B 62 -14.20 -26.17 15.90
C GLY B 62 -12.32 -26.23 15.39
C GLY B 62 -13.36 -25.30 15.00
N LYS B 63 -11.86 -27.25 14.69
N LYS B 63 -12.63 -25.86 14.03
CA LYS B 63 -10.44 -27.55 14.55
CA LYS B 63 -11.81 -25.03 13.15
C LYS B 63 -9.93 -27.36 13.13
C LYS B 63 -11.54 -25.69 11.81
N ALA B 64 -10.67 -27.85 12.14
N ALA B 64 -10.84 -26.82 11.83
CA ALA B 64 -10.21 -27.90 10.76
CA ALA B 64 -10.33 -27.44 10.62
C ALA B 64 -11.37 -28.35 9.88
C ALA B 64 -11.46 -28.03 9.78
N ARG B 65 -11.11 -28.50 8.59
CA ARG B 65 -12.03 -29.19 7.72
C ARG B 65 -11.63 -30.67 7.65
N ILE B 66 -12.57 -31.51 7.22
CA ILE B 66 -12.35 -32.95 7.19
C ILE B 66 -11.10 -33.31 6.41
N ILE B 67 -10.91 -32.69 5.24
CA ILE B 67 -9.76 -33.02 4.42
C ILE B 67 -8.45 -32.77 5.14
N ASP B 68 -8.44 -31.89 6.14
CA ASP B 68 -7.17 -31.50 6.76
C ASP B 68 -6.52 -32.64 7.53
N PHE B 69 -7.26 -33.70 7.84
CA PHE B 69 -6.65 -34.79 8.59
C PHE B 69 -5.76 -35.65 7.69
N ALA B 70 -6.31 -36.14 6.58
CA ALA B 70 -5.52 -36.91 5.64
C ALA B 70 -4.33 -36.10 5.10
N LEU B 71 -4.57 -34.82 4.79
CA LEU B 71 -3.45 -33.97 4.37
C LEU B 71 -2.42 -33.85 5.48
N SER B 72 -2.87 -33.77 6.74
CA SER B 72 -1.95 -33.61 7.87
C SER B 72 -1.22 -34.89 8.20
N ASN B 73 -1.88 -36.04 8.06
CA ASN B 73 -1.17 -37.31 8.24
C ASN B 73 -0.06 -37.45 7.22
N ALA B 74 -0.30 -37.02 5.98
CA ALA B 74 0.74 -37.07 4.96
C ALA B 74 1.91 -36.18 5.33
N LEU B 75 1.63 -34.92 5.64
CA LEU B 75 2.65 -33.99 6.11
C LEU B 75 3.48 -34.59 7.24
N ASN B 76 2.82 -34.94 8.35
CA ASN B 76 3.54 -35.41 9.53
C ASN B 76 4.24 -36.74 9.28
N SER B 77 3.77 -37.54 8.34
CA SER B 77 4.46 -38.77 7.97
C SER B 77 5.68 -38.52 7.09
N GLY B 78 5.94 -37.29 6.68
CA GLY B 78 7.08 -36.98 5.85
C GLY B 78 6.83 -36.97 4.36
N ILE B 79 5.59 -37.21 3.93
CA ILE B 79 5.25 -37.16 2.50
C ILE B 79 5.04 -35.71 2.11
N ARG B 80 5.87 -35.22 1.20
CA ARG B 80 5.87 -33.80 0.87
C ARG B 80 5.41 -33.52 -0.56
N ARG B 81 4.97 -34.53 -1.28
CA ARG B 81 4.28 -34.37 -2.57
C ARG B 81 2.85 -34.86 -2.39
N ILE B 82 1.90 -33.95 -2.58
CA ILE B 82 0.48 -34.24 -2.36
C ILE B 82 -0.32 -33.82 -3.58
N GLY B 83 -1.22 -34.68 -4.01
CA GLY B 83 -2.21 -34.36 -5.03
C GLY B 83 -3.60 -34.53 -4.44
N VAL B 84 -4.48 -33.58 -4.76
CA VAL B 84 -5.86 -33.58 -4.27
C VAL B 84 -6.79 -33.63 -5.46
N ALA B 85 -7.61 -34.67 -5.56
CA ALA B 85 -8.63 -34.77 -6.59
C ALA B 85 -9.95 -34.18 -6.07
N THR B 86 -10.55 -33.28 -6.85
CA THR B 86 -11.84 -32.71 -6.52
C THR B 86 -12.80 -32.90 -7.68
N GLN B 87 -14.08 -32.79 -7.38
CA GLN B 87 -15.13 -32.95 -8.38
C GLN B 87 -16.38 -32.20 -7.95
N TYR B 88 -17.18 -32.82 -7.08
CA TYR B 88 -18.43 -32.21 -6.67
C TYR B 88 -18.17 -30.92 -5.92
N LYS B 89 -18.92 -29.87 -6.30
CA LYS B 89 -19.07 -28.62 -5.57
C LYS B 89 -17.81 -28.25 -4.81
N ALA B 90 -16.72 -28.01 -5.54
CA ALA B 90 -15.40 -27.91 -4.95
C ALA B 90 -14.93 -26.47 -4.80
N HIS B 91 -15.81 -25.49 -5.02
CA HIS B 91 -15.41 -24.10 -4.88
C HIS B 91 -14.85 -23.82 -3.49
N ASP B 92 -15.58 -24.27 -2.46
CA ASP B 92 -15.09 -24.07 -1.10
C ASP B 92 -13.84 -24.91 -0.85
N LEU B 93 -13.83 -26.14 -1.34
CA LEU B 93 -12.70 -27.04 -1.11
C LEU B 93 -11.41 -26.43 -1.66
N ILE B 94 -11.44 -26.00 -2.91
CA ILE B 94 -10.21 -25.51 -3.55
C ILE B 94 -9.75 -24.21 -2.91
N ARG B 95 -10.69 -23.31 -2.61
CA ARG B 95 -10.31 -22.05 -1.96
C ARG B 95 -9.66 -22.32 -0.61
N HIS B 96 -10.09 -23.38 0.10
CA HIS B 96 -9.43 -23.75 1.36
C HIS B 96 -8.04 -24.33 1.12
N LEU B 97 -7.90 -25.16 0.09
CA LEU B 97 -6.59 -25.72 -0.23
C LEU B 97 -5.61 -24.64 -0.64
N GLN B 98 -6.05 -23.68 -1.46
CA GLN B 98 -5.17 -22.62 -1.96
C GLN B 98 -4.64 -21.75 -0.83
N ARG B 99 -5.48 -21.45 0.16
CA ARG B 99 -5.11 -20.50 1.19
C ARG B 99 -4.54 -21.17 2.43
N GLY B 100 -4.82 -22.44 2.65
CA GLY B 100 -4.30 -23.12 3.82
C GLY B 100 -3.05 -23.94 3.56
N TRP B 101 -2.97 -24.55 2.38
CA TRP B 101 -1.90 -25.49 2.07
C TRP B 101 -0.97 -24.91 1.01
N ASP B 102 -0.34 -23.79 1.34
CA ASP B 102 0.38 -22.95 0.38
C ASP B 102 1.85 -22.80 0.71
N PHE B 103 2.42 -23.72 1.49
CA PHE B 103 3.77 -23.57 1.99
C PHE B 103 4.73 -24.62 1.43
N PHE B 104 4.31 -25.34 0.38
CA PHE B 104 5.19 -26.25 -0.33
C PHE B 104 5.89 -25.50 -1.45
N ARG B 105 7.17 -25.80 -1.66
CA ARG B 105 7.95 -25.16 -2.72
C ARG B 105 8.64 -26.24 -3.54
N PRO B 106 8.54 -26.20 -4.88
CA PRO B 106 9.14 -27.26 -5.68
C PRO B 106 10.66 -27.30 -5.60
N GLU B 107 11.32 -26.18 -5.29
CA GLU B 107 12.78 -26.21 -5.20
C GLU B 107 13.25 -27.05 -4.02
N ARG B 108 12.38 -27.29 -3.03
CA ARG B 108 12.66 -28.21 -1.94
C ARG B 108 12.06 -29.59 -2.20
N ASN B 109 11.68 -29.87 -3.45
CA ASN B 109 11.10 -31.14 -3.86
C ASN B 109 9.80 -31.43 -3.11
N GLU B 110 9.02 -30.37 -2.88
CA GLU B 110 7.66 -30.48 -2.37
C GLU B 110 6.68 -30.05 -3.45
N SER B 111 5.45 -30.52 -3.32
CA SER B 111 4.43 -30.13 -4.28
C SER B 111 3.06 -30.32 -3.64
N PHE B 112 2.16 -29.40 -3.97
CA PHE B 112 0.76 -29.50 -3.64
C PHE B 112 -0.04 -29.19 -4.89
N ASP B 113 -0.70 -30.21 -5.39
CA ASP B 113 -1.38 -30.18 -6.67
C ASP B 113 -2.89 -30.30 -6.45
N ILE B 114 -3.66 -29.25 -6.77
CA ILE B 114 -5.12 -29.30 -6.70
C ILE B 114 -5.66 -29.65 -8.07
N LEU B 115 -6.35 -30.79 -8.18
CA LEU B 115 -6.63 -31.43 -9.47
C LEU B 115 -8.13 -31.61 -9.69
N PRO B 116 -8.84 -30.56 -10.06
CA PRO B 116 -10.26 -30.70 -10.41
C PRO B 116 -10.43 -31.25 -11.81
N ALA B 117 -11.61 -31.80 -12.06
CA ALA B 117 -11.99 -32.21 -13.40
C ALA B 117 -12.43 -30.98 -14.18
N SER B 118 -11.74 -30.70 -15.29
CA SER B 118 -12.04 -29.51 -16.08
C SER B 118 -11.58 -29.76 -17.51
N GLN B 119 -11.86 -28.79 -18.38
CA GLN B 119 -11.32 -28.77 -19.73
C GLN B 119 -9.81 -28.57 -19.66
N ARG B 120 -9.06 -29.59 -20.04
CA ARG B 120 -7.60 -29.56 -19.96
C ARG B 120 -7.01 -30.68 -20.81
N VAL B 121 -7.02 -31.91 -20.28
CA VAL B 121 -6.56 -33.07 -21.04
C VAL B 121 -7.69 -33.74 -21.79
N SER B 122 -8.94 -33.41 -21.49
CA SER B 122 -10.10 -33.96 -22.15
C SER B 122 -11.30 -33.08 -21.86
N GLU B 123 -12.27 -33.12 -22.78
CA GLU B 123 -13.55 -32.44 -22.53
C GLU B 123 -14.23 -33.03 -21.29
N THR B 124 -14.62 -34.31 -21.36
CA THR B 124 -15.08 -35.14 -20.25
C THR B 124 -15.98 -34.48 -19.20
N GLN B 125 -15.65 -33.24 -18.81
CA GLN B 125 -16.35 -32.49 -17.77
C GLN B 125 -16.00 -33.03 -16.38
N TRP B 126 -16.26 -34.31 -16.12
CA TRP B 126 -16.09 -34.87 -14.79
C TRP B 126 -15.27 -36.16 -14.86
N TYR B 127 -14.68 -36.52 -13.72
CA TYR B 127 -14.03 -37.82 -13.59
C TYR B 127 -15.09 -38.92 -13.58
N GLU B 128 -14.66 -40.14 -13.95
CA GLU B 128 -15.55 -41.28 -13.95
C GLU B 128 -15.55 -42.06 -12.64
N GLY B 129 -14.63 -41.78 -11.73
CA GLY B 129 -14.58 -42.47 -10.46
C GLY B 129 -13.23 -42.33 -9.79
N THR B 130 -13.11 -42.99 -8.62
CA THR B 130 -11.88 -42.88 -7.83
C THR B 130 -10.63 -43.14 -8.67
N ALA B 131 -10.69 -44.12 -9.57
CA ALA B 131 -9.51 -44.49 -10.32
C ALA B 131 -9.26 -43.52 -11.47
N ASP B 132 -10.34 -43.07 -12.12
CA ASP B 132 -10.19 -42.09 -13.21
C ASP B 132 -9.64 -40.76 -12.69
N ALA B 133 -9.88 -40.46 -11.41
CA ALA B 133 -9.33 -39.24 -10.83
C ALA B 133 -7.82 -39.27 -10.81
N VAL B 134 -7.22 -40.45 -10.67
CA VAL B 134 -5.77 -40.57 -10.75
C VAL B 134 -5.31 -40.79 -12.19
N TYR B 135 -6.12 -41.49 -12.99
CA TYR B 135 -5.75 -41.79 -14.37
C TYR B 135 -5.62 -40.52 -15.20
N GLN B 136 -6.63 -39.65 -15.13
N GLN B 136 -6.62 -39.64 -15.12
CA GLN B 136 -6.62 -38.44 -15.94
CA GLN B 136 -6.60 -38.44 -15.96
C GLN B 136 -5.44 -37.53 -15.61
C GLN B 136 -5.45 -37.51 -15.61
N ASN B 137 -4.85 -37.66 -14.43
CA ASN B 137 -3.81 -36.76 -13.97
C ASN B 137 -2.43 -37.38 -13.97
N ILE B 138 -2.28 -38.53 -14.62
CA ILE B 138 -1.01 -39.26 -14.67
C ILE B 138 0.14 -38.37 -15.15
N ASP B 139 -0.14 -37.41 -16.02
CA ASP B 139 0.91 -36.51 -16.48
C ASP B 139 1.36 -35.52 -15.40
N ILE B 140 0.74 -35.55 -14.22
CA ILE B 140 1.20 -34.74 -13.09
C ILE B 140 2.15 -35.54 -12.20
N ILE B 141 1.81 -36.80 -11.92
CA ILE B 141 2.71 -37.66 -11.16
C ILE B 141 3.94 -37.98 -11.99
N GLU B 142 3.78 -38.02 -13.33
CA GLU B 142 4.82 -38.37 -14.29
C GLU B 142 6.13 -37.67 -13.95
N PRO B 143 6.21 -36.33 -14.01
CA PRO B 143 7.51 -35.67 -13.82
C PRO B 143 8.01 -35.64 -12.38
N TYR B 144 7.20 -36.03 -11.40
CA TYR B 144 7.71 -36.14 -10.03
C TYR B 144 8.49 -37.44 -9.82
N ALA B 145 8.13 -38.48 -10.56
CA ALA B 145 8.74 -39.80 -10.46
C ALA B 145 8.82 -40.32 -9.01
N PRO B 146 7.70 -40.35 -8.30
CA PRO B 146 7.75 -40.93 -6.95
C PRO B 146 7.83 -42.43 -7.02
N GLU B 147 8.54 -43.02 -6.06
CA GLU B 147 8.59 -44.47 -5.98
C GLU B 147 7.23 -45.03 -5.56
N TYR B 148 6.54 -44.37 -4.64
CA TYR B 148 5.31 -44.91 -4.07
C TYR B 148 4.19 -43.89 -4.14
N MET B 149 3.00 -44.39 -4.44
CA MET B 149 1.77 -43.61 -4.31
C MET B 149 1.05 -44.05 -3.04
N VAL B 150 0.52 -43.07 -2.30
CA VAL B 150 -0.28 -43.33 -1.12
C VAL B 150 -1.66 -42.75 -1.41
N ILE B 151 -2.60 -43.62 -1.75
CA ILE B 151 -3.96 -43.19 -2.07
C ILE B 151 -4.75 -43.09 -0.78
N LEU B 152 -5.39 -41.94 -0.55
CA LEU B 152 -6.09 -41.66 0.69
C LEU B 152 -7.51 -41.19 0.40
N ALA B 153 -8.46 -41.68 1.18
CA ALA B 153 -9.79 -41.07 1.19
C ALA B 153 -9.73 -39.75 1.93
N GLY B 154 -10.31 -38.71 1.36
CA GLY B 154 -10.21 -37.41 2.01
C GLY B 154 -11.41 -37.05 2.86
N ASP B 155 -12.23 -38.03 3.23
CA ASP B 155 -13.48 -37.75 3.94
C ASP B 155 -13.57 -38.48 5.27
N HIS B 156 -12.44 -38.78 5.90
CA HIS B 156 -12.41 -39.44 7.19
C HIS B 156 -11.58 -38.63 8.17
N ILE B 157 -11.93 -38.73 9.45
CA ILE B 157 -11.21 -38.06 10.54
C ILE B 157 -10.43 -39.13 11.30
N TYR B 158 -9.11 -38.99 11.33
CA TYR B 158 -8.22 -40.01 11.87
C TYR B 158 -6.79 -39.52 11.73
N LYS B 159 -5.91 -40.06 12.59
CA LYS B 159 -4.49 -39.74 12.57
C LYS B 159 -3.70 -41.04 12.42
N MET B 160 -2.70 -41.03 11.53
CA MET B 160 -2.00 -42.26 11.20
C MET B 160 -0.69 -41.93 10.49
N ASP B 161 0.37 -42.65 10.88
CA ASP B 161 1.72 -42.45 10.36
C ASP B 161 1.91 -43.39 9.17
N TYR B 162 1.90 -42.84 7.95
CA TYR B 162 1.93 -43.68 6.76
C TYR B 162 3.29 -44.33 6.54
N GLU B 163 4.31 -43.98 7.33
CA GLU B 163 5.60 -44.63 7.16
C GLU B 163 5.48 -46.13 7.44
N TYR B 164 4.64 -46.51 8.40
CA TYR B 164 4.46 -47.93 8.72
C TYR B 164 3.91 -48.69 7.51
N MET B 165 2.85 -48.16 6.88
CA MET B 165 2.28 -48.82 5.71
C MET B 165 3.28 -48.95 4.59
N LEU B 166 4.10 -47.91 4.36
CA LEU B 166 5.09 -47.97 3.29
C LEU B 166 6.13 -49.05 3.55
N GLN B 167 6.61 -49.16 4.79
CA GLN B 167 7.60 -50.18 5.11
C GLN B 167 7.01 -51.58 4.97
N GLN B 168 5.77 -51.78 5.43
CA GLN B 168 5.13 -53.07 5.24
C GLN B 168 4.98 -53.40 3.77
N HIS B 169 4.55 -52.41 2.97
CA HIS B 169 4.32 -52.65 1.54
C HIS B 169 5.58 -53.15 0.85
N VAL B 170 6.73 -52.52 1.12
CA VAL B 170 7.95 -52.92 0.43
C VAL B 170 8.48 -54.24 0.99
N ASP B 171 8.34 -54.46 2.30
CA ASP B 171 8.83 -55.70 2.89
C ASP B 171 7.93 -56.87 2.50
N SER B 172 6.62 -56.65 2.47
CA SER B 172 5.69 -57.67 2.01
C SER B 172 5.89 -58.05 0.54
N GLY B 173 6.45 -57.16 -0.26
CA GLY B 173 6.41 -57.38 -1.70
C GLY B 173 5.03 -57.32 -2.31
N ALA B 174 4.05 -56.71 -1.63
CA ALA B 174 2.69 -56.73 -2.13
C ALA B 174 2.53 -55.82 -3.34
N ASP B 175 1.50 -56.13 -4.14
CA ASP B 175 1.08 -55.22 -5.19
C ASP B 175 0.24 -54.07 -4.64
N VAL B 176 -0.52 -54.30 -3.57
CA VAL B 176 -1.20 -53.21 -2.88
C VAL B 176 -1.32 -53.57 -1.40
N THR B 177 -0.95 -52.62 -0.55
CA THR B 177 -1.19 -52.70 0.88
C THR B 177 -2.36 -51.79 1.20
N ILE B 178 -3.31 -52.30 1.99
CA ILE B 178 -4.59 -51.64 2.19
C ILE B 178 -4.78 -51.40 3.68
N GLY B 179 -5.01 -50.14 4.06
CA GLY B 179 -5.30 -49.83 5.44
C GLY B 179 -6.69 -50.31 5.83
N CYS B 180 -6.79 -50.91 7.00
CA CYS B 180 -8.02 -51.57 7.42
C CYS B 180 -8.31 -51.33 8.89
N LEU B 181 -9.58 -51.05 9.18
CA LEU B 181 -10.06 -51.04 10.55
C LEU B 181 -10.33 -52.46 11.01
N GLU B 182 -10.18 -52.69 12.31
CA GLU B 182 -10.54 -53.96 12.94
C GLU B 182 -11.80 -53.71 13.76
N VAL B 183 -12.94 -54.12 13.20
CA VAL B 183 -14.25 -53.70 13.68
C VAL B 183 -15.06 -54.95 13.99
N PRO B 184 -16.01 -54.91 14.92
CA PRO B 184 -16.96 -56.02 15.04
C PRO B 184 -17.74 -56.23 13.75
N ARG B 185 -17.93 -57.50 13.38
CA ARG B 185 -18.51 -57.82 12.08
C ARG B 185 -19.85 -57.14 11.88
N MET B 186 -20.69 -57.12 12.91
CA MET B 186 -22.00 -56.49 12.81
C MET B 186 -21.88 -55.06 12.29
N GLU B 187 -20.85 -54.34 12.71
CA GLU B 187 -20.61 -52.97 12.26
C GLU B 187 -19.83 -52.89 10.95
N ALA B 188 -19.30 -54.02 10.46
CA ALA B 188 -18.55 -54.01 9.21
C ALA B 188 -19.45 -54.10 7.98
N THR B 189 -20.78 -54.22 8.16
CA THR B 189 -21.68 -54.44 7.04
C THR B 189 -21.81 -53.22 6.13
N GLY B 190 -21.38 -52.05 6.59
CA GLY B 190 -21.41 -50.87 5.76
C GLY B 190 -20.15 -50.61 4.97
N PHE B 191 -19.11 -51.40 5.17
CA PHE B 191 -17.82 -51.17 4.56
C PHE B 191 -17.57 -52.16 3.43
N GLY B 192 -16.56 -51.84 2.62
CA GLY B 192 -15.89 -52.87 1.86
C GLY B 192 -14.99 -53.67 2.80
N VAL B 193 -15.16 -54.98 2.80
CA VAL B 193 -14.54 -55.83 3.81
C VAL B 193 -13.54 -56.77 3.15
N MET B 194 -12.36 -56.88 3.76
CA MET B 194 -11.29 -57.74 3.27
C MET B 194 -11.30 -59.07 4.02
N HIS B 195 -11.66 -60.13 3.32
CA HIS B 195 -11.40 -61.48 3.79
C HIS B 195 -9.91 -61.77 3.69
N VAL B 196 -9.29 -62.20 4.80
CA VAL B 196 -7.84 -62.39 4.82
C VAL B 196 -7.48 -63.76 5.39
N ASN B 197 -6.23 -64.15 5.17
CA ASN B 197 -5.72 -65.45 5.56
C ASN B 197 -4.96 -65.36 6.89
N GLU B 198 -4.24 -66.44 7.19
CA GLU B 198 -3.39 -66.50 8.38
C GLU B 198 -2.41 -65.33 8.44
N LYS B 199 -1.90 -64.88 7.30
CA LYS B 199 -0.84 -63.90 7.23
C LYS B 199 -1.33 -62.54 6.77
N ASP B 200 -2.60 -62.23 7.04
CA ASP B 200 -3.23 -60.96 6.68
C ASP B 200 -3.13 -60.66 5.19
N GLU B 201 -2.95 -61.68 4.36
CA GLU B 201 -3.05 -61.50 2.90
C GLU B 201 -4.50 -61.63 2.48
N ILE B 202 -4.95 -60.70 1.64
CA ILE B 202 -6.36 -60.57 1.31
C ILE B 202 -6.73 -61.65 0.29
N ILE B 203 -7.60 -62.59 0.70
CA ILE B 203 -8.02 -63.68 -0.18
C ILE B 203 -9.31 -63.37 -0.93
N ASP B 204 -10.03 -62.32 -0.56
CA ASP B 204 -11.30 -61.94 -1.19
C ASP B 204 -11.69 -60.57 -0.66
N PHE B 205 -12.61 -59.94 -1.37
CA PHE B 205 -13.17 -58.65 -0.97
C PHE B 205 -14.66 -58.65 -1.28
N ILE B 206 -15.46 -58.16 -0.33
CA ILE B 206 -16.91 -58.09 -0.48
C ILE B 206 -17.35 -56.67 -0.15
N GLU B 207 -18.22 -56.11 -0.99
CA GLU B 207 -18.78 -54.79 -0.77
C GLU B 207 -20.04 -54.90 0.09
N LYS B 208 -19.99 -54.33 1.29
CA LYS B 208 -21.09 -54.38 2.23
C LYS B 208 -21.65 -55.80 2.39
N PRO B 209 -20.84 -56.74 2.87
CA PRO B 209 -21.39 -58.07 3.16
C PRO B 209 -22.41 -57.99 4.28
N ALA B 210 -23.56 -58.62 4.09
CA ALA B 210 -24.51 -58.72 5.19
C ALA B 210 -23.96 -59.59 6.31
N ASP B 211 -23.11 -60.56 5.97
CA ASP B 211 -22.49 -61.46 6.94
C ASP B 211 -20.99 -61.41 6.73
N PRO B 212 -20.31 -60.41 7.29
CA PRO B 212 -18.92 -60.15 6.95
C PRO B 212 -18.02 -61.30 7.34
N PRO B 213 -17.00 -61.60 6.52
CA PRO B 213 -16.04 -62.65 6.86
C PRO B 213 -15.13 -62.21 7.99
N GLY B 214 -15.06 -63.03 9.03
CA GLY B 214 -14.23 -62.71 10.19
C GLY B 214 -12.76 -62.99 9.95
N ILE B 215 -11.94 -62.41 10.82
CA ILE B 215 -10.50 -62.63 10.76
C ILE B 215 -10.18 -64.03 11.28
N PRO B 216 -9.23 -64.76 10.67
CA PRO B 216 -8.86 -66.07 11.21
C PRO B 216 -8.28 -65.97 12.62
N GLY B 217 -8.60 -66.95 13.45
CA GLY B 217 -8.18 -66.94 14.83
C GLY B 217 -8.94 -65.98 15.73
N ASN B 218 -9.69 -65.04 15.17
CA ASN B 218 -10.70 -64.32 15.92
C ASN B 218 -11.92 -64.00 15.05
N GLU B 219 -12.86 -64.94 14.98
CA GLU B 219 -14.00 -64.72 14.10
C GLU B 219 -14.92 -63.64 14.62
N GLY B 220 -14.58 -62.98 15.73
CA GLY B 220 -15.39 -61.93 16.29
C GLY B 220 -15.13 -60.54 15.74
N PHE B 221 -14.26 -60.41 14.76
CA PHE B 221 -13.95 -59.10 14.20
C PHE B 221 -13.68 -59.22 12.71
N ALA B 222 -13.81 -58.10 12.01
CA ALA B 222 -13.63 -58.06 10.56
C ALA B 222 -12.70 -56.90 10.21
N LEU B 223 -12.14 -56.98 9.00
CA LEU B 223 -11.21 -55.97 8.49
C LEU B 223 -11.96 -55.12 7.47
N ALA B 224 -12.30 -53.89 7.89
CA ALA B 224 -13.06 -52.96 7.06
C ALA B 224 -12.11 -51.98 6.38
N SER B 225 -12.29 -51.78 5.08
CA SER B 225 -11.34 -50.98 4.32
C SER B 225 -11.53 -49.50 4.62
N MET B 226 -10.46 -48.84 5.06
CA MET B 226 -10.44 -47.40 5.22
C MET B 226 -10.27 -46.65 3.91
N GLY B 227 -10.20 -47.36 2.79
CA GLY B 227 -9.99 -46.70 1.52
C GLY B 227 -8.60 -46.09 1.41
N ILE B 228 -7.59 -46.79 1.92
CA ILE B 228 -6.21 -46.31 1.92
C ILE B 228 -5.35 -47.39 1.27
N TYR B 229 -4.68 -47.02 0.19
CA TYR B 229 -3.93 -47.96 -0.63
C TYR B 229 -2.53 -47.43 -0.90
N VAL B 230 -1.54 -48.30 -0.76
CA VAL B 230 -0.16 -47.97 -1.08
C VAL B 230 0.27 -48.87 -2.23
N PHE B 231 0.72 -48.26 -3.32
CA PHE B 231 1.26 -48.97 -4.48
C PHE B 231 2.69 -48.52 -4.73
N HIS B 232 3.43 -49.37 -5.43
CA HIS B 232 4.54 -48.88 -6.24
C HIS B 232 3.96 -48.07 -7.39
N THR B 233 4.58 -46.93 -7.67
CA THR B 233 3.99 -45.99 -8.62
C THR B 233 3.82 -46.62 -9.98
N LYS B 234 4.87 -47.26 -10.51
CA LYS B 234 4.79 -47.83 -11.85
C LYS B 234 3.68 -48.88 -11.94
N PHE B 235 3.58 -49.76 -10.95
CA PHE B 235 2.52 -50.75 -10.96
C PHE B 235 1.14 -50.12 -10.97
N LEU B 236 0.96 -49.05 -10.17
CA LEU B 236 -0.35 -48.41 -10.10
C LEU B 236 -0.75 -47.82 -11.44
N MET B 237 0.19 -47.16 -12.12
CA MET B 237 -0.19 -46.49 -13.36
C MET B 237 -0.47 -47.52 -14.45
N GLU B 238 0.20 -48.68 -14.39
CA GLU B 238 -0.18 -49.79 -15.26
C GLU B 238 -1.61 -50.23 -14.99
N ALA B 239 -1.93 -50.44 -13.71
CA ALA B 239 -3.29 -50.85 -13.34
C ALA B 239 -4.31 -49.82 -13.78
N LEU B 240 -3.97 -48.53 -13.64
CA LEU B 240 -4.92 -47.48 -14.01
C LEU B 240 -5.12 -47.43 -15.53
N ARG B 241 -4.07 -47.69 -16.30
CA ARG B 241 -4.22 -47.74 -17.75
C ARG B 241 -5.06 -48.95 -18.17
N ARG B 242 -4.82 -50.11 -17.56
CA ARG B 242 -5.63 -51.27 -17.88
C ARG B 242 -7.08 -51.04 -17.47
N ASP B 243 -7.30 -50.33 -16.36
CA ASP B 243 -8.66 -50.01 -15.95
C ASP B 243 -9.32 -49.02 -16.91
N ALA B 244 -8.52 -48.19 -17.57
CA ALA B 244 -9.09 -47.21 -18.51
C ALA B 244 -9.58 -47.87 -19.80
N ALA B 245 -8.99 -49.01 -20.18
CA ALA B 245 -9.43 -49.73 -21.36
C ALA B 245 -10.55 -50.72 -21.08
N ASP B 246 -10.84 -50.99 -19.82
CA ASP B 246 -11.87 -51.96 -19.47
C ASP B 246 -13.24 -51.31 -19.51
N PRO B 247 -14.14 -51.74 -20.39
CA PRO B 247 -15.50 -51.20 -20.36
C PRO B 247 -16.32 -51.74 -19.21
N THR B 248 -15.97 -52.90 -18.66
CA THR B 248 -16.67 -53.44 -17.51
C THR B 248 -16.39 -52.61 -16.26
N SER B 249 -15.22 -51.98 -16.17
CA SER B 249 -14.80 -51.31 -14.96
C SER B 249 -15.61 -50.05 -14.70
N SER B 250 -16.19 -49.94 -13.51
CA SER B 250 -16.83 -48.71 -13.09
C SER B 250 -15.82 -47.64 -12.68
N ARG B 251 -14.54 -47.90 -12.94
CA ARG B 251 -13.45 -46.94 -12.75
C ARG B 251 -13.33 -46.52 -11.29
N ASP B 252 -13.24 -47.51 -10.40
CA ASP B 252 -13.16 -47.23 -8.97
C ASP B 252 -12.13 -48.12 -8.30
N PHE B 253 -11.43 -47.55 -7.32
CA PHE B 253 -10.33 -48.26 -6.65
C PHE B 253 -10.85 -49.46 -5.87
N GLY B 254 -11.74 -49.24 -4.90
CA GLY B 254 -12.24 -50.33 -4.09
C GLY B 254 -13.09 -51.32 -4.87
N LYS B 255 -13.86 -50.84 -5.85
CA LYS B 255 -14.74 -51.72 -6.61
C LYS B 255 -14.02 -52.46 -7.73
N ASP B 256 -12.95 -51.88 -8.28
CA ASP B 256 -12.36 -52.46 -9.48
C ASP B 256 -10.87 -52.75 -9.35
N ILE B 257 -10.05 -51.72 -9.11
CA ILE B 257 -8.61 -51.94 -9.06
C ILE B 257 -8.30 -53.01 -8.01
N ILE B 258 -8.65 -52.75 -6.76
CA ILE B 258 -8.37 -53.67 -5.64
C ILE B 258 -8.84 -55.09 -5.96
N PRO B 259 -10.12 -55.34 -6.29
CA PRO B 259 -10.53 -56.74 -6.50
C PRO B 259 -9.76 -57.41 -7.62
N TYR B 260 -9.32 -56.64 -8.62
CA TYR B 260 -8.47 -57.21 -9.67
C TYR B 260 -7.18 -57.74 -9.08
N ILE B 261 -6.47 -56.92 -8.28
CA ILE B 261 -5.21 -57.40 -7.75
C ILE B 261 -5.43 -58.53 -6.74
N VAL B 262 -6.49 -58.44 -5.92
CA VAL B 262 -6.78 -59.54 -5.01
C VAL B 262 -6.89 -60.85 -5.80
N GLU B 263 -7.62 -60.81 -6.91
CA GLU B 263 -7.75 -61.99 -7.76
C GLU B 263 -6.39 -62.47 -8.26
N HIS B 264 -5.70 -61.63 -9.03
CA HIS B 264 -4.55 -62.05 -9.83
C HIS B 264 -3.20 -61.74 -9.19
N GLY B 265 -3.11 -60.71 -8.36
CA GLY B 265 -1.86 -60.32 -7.75
C GLY B 265 -1.83 -60.55 -6.26
N LYS B 266 -0.95 -59.84 -5.58
CA LYS B 266 -0.75 -59.97 -4.14
C LYS B 266 -1.22 -58.69 -3.46
N ALA B 267 -2.18 -58.82 -2.55
CA ALA B 267 -2.72 -57.72 -1.78
C ALA B 267 -2.66 -58.08 -0.31
N VAL B 268 -2.03 -57.22 0.49
CA VAL B 268 -1.93 -57.44 1.94
C VAL B 268 -2.67 -56.34 2.67
N ALA B 269 -3.21 -56.69 3.83
CA ALA B 269 -3.92 -55.74 4.68
C ALA B 269 -2.97 -55.17 5.73
N HIS B 270 -3.12 -53.88 6.01
CA HIS B 270 -2.43 -53.24 7.13
C HIS B 270 -3.48 -52.71 8.11
N ARG B 271 -3.28 -53.01 9.39
CA ARG B 271 -4.29 -52.73 10.41
C ARG B 271 -4.06 -51.35 11.01
N PHE B 272 -5.14 -50.56 11.06
CA PHE B 272 -5.07 -49.19 11.56
C PHE B 272 -4.40 -49.09 12.92
N ALA B 273 -4.61 -50.09 13.78
CA ALA B 273 -4.07 -50.04 15.13
C ALA B 273 -2.54 -50.06 15.13
N ASP B 274 -1.90 -50.61 14.09
CA ASP B 274 -0.45 -50.69 14.07
C ASP B 274 0.22 -49.37 13.73
N SER B 275 -0.49 -48.43 13.10
CA SER B 275 0.10 -47.18 12.68
C SER B 275 -0.71 -45.96 13.09
N CYS B 276 -1.84 -46.16 13.78
CA CYS B 276 -2.58 -45.02 14.30
C CYS B 276 -1.70 -44.21 15.24
N VAL B 277 -1.86 -42.89 15.20
CA VAL B 277 -1.09 -41.99 16.05
C VAL B 277 -2.02 -41.53 17.16
N ARG B 278 -1.91 -42.18 18.32
CA ARG B 278 -2.73 -41.84 19.47
C ARG B 278 -2.00 -40.84 20.35
N SER B 279 -2.68 -39.76 20.73
CA SER B 279 -2.15 -38.94 21.81
C SER B 279 -2.28 -39.69 23.12
N ASP B 280 -1.63 -39.18 24.16
CA ASP B 280 -1.70 -39.81 25.47
C ASP B 280 -3.08 -39.70 26.11
N PHE B 281 -3.96 -38.87 25.55
CA PHE B 281 -5.30 -38.67 26.09
C PHE B 281 -6.37 -39.29 25.21
N GLU B 282 -5.99 -40.20 24.32
CA GLU B 282 -6.92 -40.91 23.46
C GLU B 282 -6.88 -42.40 23.85
N HIS B 283 -7.99 -42.88 24.43
CA HIS B 283 -8.01 -44.21 25.02
C HIS B 283 -8.01 -45.32 23.97
N GLU B 284 -8.35 -45.02 22.73
CA GLU B 284 -8.37 -46.02 21.68
C GLU B 284 -8.07 -45.34 20.35
N PRO B 285 -7.66 -46.09 19.34
CA PRO B 285 -7.44 -45.48 18.02
C PRO B 285 -8.71 -44.85 17.49
N TYR B 286 -8.59 -43.61 17.02
CA TYR B 286 -9.73 -42.79 16.64
C TYR B 286 -9.87 -42.78 15.12
N TRP B 287 -11.10 -43.02 14.66
CA TRP B 287 -11.42 -42.93 13.24
C TRP B 287 -12.92 -42.72 13.13
N ARG B 288 -13.32 -41.70 12.37
CA ARG B 288 -14.72 -41.38 12.15
C ARG B 288 -14.91 -41.04 10.68
N ASP B 289 -15.99 -41.54 10.09
CA ASP B 289 -16.34 -41.12 8.74
C ASP B 289 -17.48 -40.10 8.73
N VAL B 290 -18.07 -39.82 9.89
CA VAL B 290 -19.17 -38.86 10.09
C VAL B 290 -20.09 -38.82 8.87
N GLY B 291 -20.61 -39.99 8.48
CA GLY B 291 -21.36 -40.10 7.24
C GLY B 291 -22.82 -39.72 7.34
N THR B 292 -23.36 -39.71 8.56
CA THR B 292 -24.73 -39.32 8.85
C THR B 292 -24.74 -37.93 9.45
N ILE B 293 -25.91 -37.29 9.41
CA ILE B 293 -26.10 -36.09 10.23
C ILE B 293 -25.96 -36.44 11.71
N ASP B 294 -26.51 -37.59 12.11
CA ASP B 294 -26.41 -38.04 13.50
C ASP B 294 -24.95 -38.27 13.90
N ALA B 295 -24.16 -38.87 13.00
CA ALA B 295 -22.78 -39.20 13.37
C ALA B 295 -21.90 -37.97 13.38
N TYR B 296 -22.13 -37.07 12.42
CA TYR B 296 -21.42 -35.80 12.40
C TYR B 296 -21.70 -34.98 13.67
N TRP B 297 -22.98 -34.85 14.04
CA TRP B 297 -23.29 -34.20 15.31
C TRP B 297 -22.72 -34.98 16.48
N GLN B 298 -22.69 -36.31 16.39
CA GLN B 298 -22.12 -37.12 17.46
C GLN B 298 -20.63 -36.82 17.66
N ALA B 299 -19.86 -36.84 16.57
CA ALA B 299 -18.42 -36.68 16.72
C ALA B 299 -18.04 -35.26 17.14
N ASN B 300 -18.84 -34.27 16.73
CA ASN B 300 -18.60 -32.90 17.17
C ASN B 300 -18.92 -32.72 18.65
N ILE B 301 -20.12 -33.17 19.06
CA ILE B 301 -20.55 -32.97 20.45
C ILE B 301 -19.70 -33.80 21.41
N ASP B 302 -19.15 -34.92 20.96
CA ASP B 302 -18.31 -35.73 21.84
C ASP B 302 -17.07 -34.98 22.31
N LEU B 303 -16.65 -33.95 21.58
CA LEU B 303 -15.53 -33.13 21.99
C LEU B 303 -15.82 -32.28 23.22
N THR B 304 -17.09 -32.04 23.52
CA THR B 304 -17.41 -31.31 24.75
C THR B 304 -17.21 -32.18 25.99
N ASP B 305 -17.00 -33.48 25.83
CA ASP B 305 -16.82 -34.36 26.98
C ASP B 305 -15.61 -33.90 27.82
N VAL B 306 -15.60 -34.32 29.08
CA VAL B 306 -14.47 -34.01 29.93
C VAL B 306 -13.24 -34.80 29.50
N VAL B 307 -13.43 -36.07 29.12
CA VAL B 307 -12.37 -36.90 28.53
C VAL B 307 -12.78 -37.29 27.10
N PRO B 308 -12.48 -36.49 26.10
CA PRO B 308 -12.93 -36.81 24.74
C PRO B 308 -12.12 -37.95 24.12
N ASP B 309 -12.77 -38.65 23.17
CA ASP B 309 -12.08 -39.65 22.39
C ASP B 309 -10.99 -39.03 21.51
N LEU B 310 -11.25 -37.82 21.00
CA LEU B 310 -10.32 -37.09 20.15
C LEU B 310 -9.68 -35.98 20.95
N ASP B 311 -8.34 -35.94 20.93
CA ASP B 311 -7.57 -34.92 21.65
C ASP B 311 -7.22 -33.81 20.65
N ILE B 312 -8.09 -32.80 20.57
CA ILE B 312 -7.82 -31.68 19.67
C ILE B 312 -6.80 -30.72 20.24
N TYR B 313 -6.26 -30.99 21.42
CA TYR B 313 -5.19 -30.19 22.01
C TYR B 313 -3.84 -30.87 21.94
N ASP B 314 -3.75 -32.03 21.29
CA ASP B 314 -2.46 -32.66 21.08
C ASP B 314 -1.62 -31.84 20.13
N LYS B 315 -0.32 -31.72 20.45
CA LYS B 315 0.65 -31.05 19.60
C LYS B 315 1.65 -32.01 19.00
N SER B 316 1.62 -33.28 19.40
CA SER B 316 2.51 -34.29 18.85
C SER B 316 2.25 -34.60 17.38
N TRP B 317 0.99 -34.71 16.97
CA TRP B 317 0.62 -35.03 15.59
C TRP B 317 -0.35 -33.95 15.15
N PRO B 318 0.15 -32.76 14.84
CA PRO B 318 -0.74 -31.61 14.69
C PRO B 318 -1.52 -31.63 13.39
N ILE B 319 -2.69 -30.99 13.43
CA ILE B 319 -3.60 -30.92 12.29
C ILE B 319 -3.48 -29.52 11.72
N TRP B 320 -2.75 -29.39 10.61
CA TRP B 320 -2.67 -28.10 9.94
C TRP B 320 -3.98 -27.80 9.22
N THR B 321 -4.36 -26.52 9.20
CA THR B 321 -5.51 -26.08 8.45
C THR B 321 -5.33 -24.60 8.11
N TYR B 322 -6.26 -24.06 7.34
CA TYR B 322 -6.26 -22.63 7.07
C TYR B 322 -6.84 -21.90 8.29
N ALA B 323 -6.05 -21.01 8.87
CA ALA B 323 -6.46 -20.24 10.04
C ALA B 323 -6.15 -18.77 9.82
N GLU B 324 -7.07 -17.91 10.23
CA GLU B 324 -6.87 -16.48 10.19
C GLU B 324 -6.64 -15.96 11.60
N ILE B 325 -5.98 -14.80 11.69
CA ILE B 325 -5.83 -14.14 12.98
C ILE B 325 -7.22 -13.79 13.49
N THR B 326 -7.55 -14.27 14.69
CA THR B 326 -8.91 -14.24 15.16
C THR B 326 -8.96 -13.62 16.55
N PRO B 327 -9.81 -12.63 16.78
CA PRO B 327 -9.97 -12.07 18.13
C PRO B 327 -10.47 -13.13 19.10
N PRO B 328 -10.23 -12.96 20.39
CA PRO B 328 -10.64 -13.99 21.36
C PRO B 328 -12.15 -14.10 21.46
N ALA B 329 -12.63 -15.05 22.26
CA ALA B 329 -14.05 -15.17 22.56
C ALA B 329 -14.41 -14.27 23.74
N LYS B 330 -15.66 -13.82 23.76
CA LYS B 330 -16.10 -12.84 24.75
C LYS B 330 -17.51 -13.16 25.23
N PHE B 331 -17.71 -13.13 26.54
CA PHE B 331 -19.00 -13.38 27.16
C PHE B 331 -19.42 -12.12 27.91
N VAL B 332 -20.62 -11.61 27.65
CA VAL B 332 -21.07 -10.36 28.29
C VAL B 332 -22.41 -10.55 28.99
N HIS B 333 -22.63 -9.70 30.02
CA HIS B 333 -23.83 -9.61 30.85
C HIS B 333 -23.99 -10.74 31.85
N ASP B 334 -24.52 -10.40 33.02
CA ASP B 334 -24.51 -11.27 34.17
C ASP B 334 -25.47 -10.74 35.23
N ASP B 335 -26.75 -10.63 34.89
CA ASP B 335 -27.77 -10.21 35.85
C ASP B 335 -28.78 -11.34 36.05
N GLU B 336 -29.86 -11.03 36.75
CA GLU B 336 -30.82 -12.05 37.14
C GLU B 336 -31.68 -12.54 35.98
N ASP B 337 -31.65 -11.87 34.83
CA ASP B 337 -32.45 -12.26 33.67
C ASP B 337 -31.62 -12.85 32.54
N ARG B 338 -30.41 -12.35 32.32
CA ARG B 338 -29.55 -12.87 31.27
C ARG B 338 -28.14 -13.03 31.81
N ARG B 339 -27.42 -13.98 31.24
CA ARG B 339 -26.01 -14.18 31.56
C ARG B 339 -25.35 -14.86 30.37
N GLY B 340 -24.38 -14.18 29.76
CA GLY B 340 -23.58 -14.80 28.72
C GLY B 340 -22.52 -15.69 29.34
N SER B 341 -22.68 -17.01 29.17
CA SER B 341 -21.71 -17.94 29.71
C SER B 341 -21.83 -19.27 28.97
N ALA B 342 -20.72 -20.00 28.95
CA ALA B 342 -20.64 -21.30 28.32
C ALA B 342 -20.31 -22.36 29.37
N VAL B 343 -20.99 -23.49 29.29
CA VAL B 343 -20.81 -24.59 30.23
C VAL B 343 -20.67 -25.89 29.43
N SER B 344 -19.70 -26.71 29.83
CA SER B 344 -19.44 -28.00 29.18
C SER B 344 -19.42 -27.86 27.66
N SER B 345 -18.75 -26.82 27.19
CA SER B 345 -18.83 -26.41 25.79
C SER B 345 -17.44 -26.16 25.23
N VAL B 346 -17.38 -26.12 23.90
CA VAL B 346 -16.18 -25.75 23.17
C VAL B 346 -16.51 -24.51 22.36
N VAL B 347 -15.80 -23.42 22.62
CA VAL B 347 -16.08 -22.13 21.99
C VAL B 347 -14.82 -21.66 21.26
N SER B 348 -14.97 -21.36 19.97
CA SER B 348 -13.87 -20.92 19.15
C SER B 348 -13.68 -19.41 19.24
N GLY B 349 -12.69 -18.89 18.53
CA GLY B 349 -12.43 -17.47 18.53
C GLY B 349 -13.51 -16.70 17.80
N ASP B 350 -13.41 -15.38 17.91
CA ASP B 350 -14.37 -14.46 17.28
C ASP B 350 -15.80 -14.82 17.66
N CYS B 351 -15.99 -15.36 18.85
CA CYS B 351 -17.32 -15.70 19.36
C CYS B 351 -17.69 -14.72 20.46
N ILE B 352 -18.81 -14.04 20.29
CA ILE B 352 -19.32 -13.11 21.29
C ILE B 352 -20.61 -13.70 21.85
N ILE B 353 -20.55 -14.20 23.08
CA ILE B 353 -21.69 -14.82 23.75
C ILE B 353 -22.36 -13.75 24.58
N SER B 354 -23.38 -13.10 24.02
CA SER B 354 -23.95 -11.88 24.59
C SER B 354 -25.24 -12.22 25.34
N GLY B 355 -25.14 -12.41 26.65
CA GLY B 355 -26.32 -12.71 27.43
C GLY B 355 -26.98 -14.02 27.09
N ALA B 356 -26.27 -14.91 26.40
CA ALA B 356 -26.79 -16.19 25.97
C ALA B 356 -26.25 -17.31 26.85
N ALA B 357 -27.01 -18.40 26.92
CA ALA B 357 -26.69 -19.55 27.76
C ALA B 357 -26.32 -20.74 26.90
N LEU B 358 -25.11 -21.25 27.09
CA LEU B 358 -24.57 -22.36 26.29
C LEU B 358 -24.29 -23.55 27.19
N ASN B 359 -24.78 -24.72 26.79
CA ASN B 359 -24.48 -25.95 27.50
C ASN B 359 -24.28 -27.07 26.50
N ARG B 360 -23.19 -27.82 26.66
CA ARG B 360 -22.85 -28.96 25.81
C ARG B 360 -22.95 -28.59 24.33
N SER B 361 -22.29 -27.52 23.94
CA SER B 361 -22.28 -27.09 22.55
C SER B 361 -20.86 -26.87 22.08
N LEU B 362 -20.65 -27.01 20.77
CA LEU B 362 -19.37 -26.70 20.13
C LEU B 362 -19.64 -25.62 19.09
N LEU B 363 -18.91 -24.50 19.19
CA LEU B 363 -19.13 -23.34 18.33
C LEU B 363 -17.87 -23.04 17.55
N PHE B 364 -18.00 -22.99 16.23
CA PHE B 364 -16.88 -22.62 15.37
C PHE B 364 -16.68 -21.11 15.46
N THR B 365 -15.77 -20.59 14.62
N THR B 365 -15.76 -20.58 14.64
CA THR B 365 -15.38 -19.19 14.66
CA THR B 365 -15.40 -19.18 14.72
C THR B 365 -16.54 -18.26 14.26
C THR B 365 -16.56 -18.28 14.33
N GLY B 366 -16.51 -17.03 14.79
CA GLY B 366 -17.42 -16.01 14.32
C GLY B 366 -18.86 -16.12 14.75
N VAL B 367 -19.18 -16.90 15.79
CA VAL B 367 -20.57 -17.03 16.20
C VAL B 367 -20.97 -15.80 17.01
N ARG B 368 -22.22 -15.34 16.82
CA ARG B 368 -22.82 -14.28 17.63
C ARG B 368 -24.12 -14.82 18.23
N ALA B 369 -24.14 -14.98 19.55
CA ALA B 369 -25.33 -15.44 20.27
C ALA B 369 -25.76 -14.35 21.24
N ASN B 370 -27.04 -14.01 21.20
CA ASN B 370 -27.51 -12.78 21.81
C ASN B 370 -28.46 -13.07 22.96
N SER B 371 -28.90 -11.98 23.60
CA SER B 371 -29.47 -12.06 24.94
C SER B 371 -30.68 -12.98 25.01
N TYR B 372 -30.72 -13.79 26.06
CA TYR B 372 -31.81 -14.68 26.42
C TYR B 372 -31.92 -15.88 25.48
N SER B 373 -30.99 -16.03 24.55
CA SER B 373 -30.96 -17.23 23.72
C SER B 373 -30.24 -18.36 24.45
N ARG B 374 -30.75 -19.58 24.28
CA ARG B 374 -30.16 -20.73 24.95
C ARG B 374 -29.86 -21.82 23.95
N LEU B 375 -28.71 -22.49 24.13
CA LEU B 375 -28.28 -23.57 23.27
C LEU B 375 -27.91 -24.78 24.10
N GLU B 376 -28.41 -25.94 23.72
CA GLU B 376 -28.03 -27.18 24.38
C GLU B 376 -27.83 -28.24 23.32
N ASN B 377 -26.71 -28.96 23.41
CA ASN B 377 -26.36 -30.02 22.46
C ASN B 377 -26.29 -29.48 21.03
N ALA B 378 -25.67 -28.33 20.85
CA ALA B 378 -25.65 -27.65 19.56
C ALA B 378 -24.27 -27.68 18.94
N VAL B 379 -24.20 -28.10 17.68
CA VAL B 379 -23.02 -27.93 16.85
C VAL B 379 -23.26 -26.74 15.94
N VAL B 380 -22.46 -25.70 16.09
CA VAL B 380 -22.77 -24.39 15.52
C VAL B 380 -21.61 -23.99 14.62
N LEU B 381 -21.82 -24.12 13.30
CA LEU B 381 -20.76 -23.88 12.30
C LEU B 381 -20.46 -22.38 12.23
N PRO B 382 -19.41 -21.99 11.49
CA PRO B 382 -18.92 -20.61 11.62
C PRO B 382 -19.96 -19.55 11.31
N SER B 383 -19.73 -18.37 11.89
CA SER B 383 -20.41 -17.12 11.54
C SER B 383 -21.91 -17.16 11.78
N VAL B 384 -22.37 -18.08 12.62
CA VAL B 384 -23.80 -18.21 12.88
C VAL B 384 -24.25 -17.12 13.84
N LYS B 385 -25.43 -16.56 13.59
CA LYS B 385 -26.02 -15.56 14.47
C LYS B 385 -27.29 -16.13 15.10
N ILE B 386 -27.37 -16.08 16.42
CA ILE B 386 -28.52 -16.59 17.17
C ILE B 386 -29.24 -15.40 17.79
N GLY B 387 -30.40 -15.05 17.24
CA GLY B 387 -31.13 -13.91 17.73
C GLY B 387 -31.64 -14.09 19.15
N ARG B 388 -32.05 -12.98 19.74
CA ARG B 388 -32.48 -12.99 21.14
C ARG B 388 -33.68 -13.90 21.33
N HIS B 389 -33.71 -14.57 22.49
CA HIS B 389 -34.80 -15.41 22.95
C HIS B 389 -34.91 -16.73 22.19
N ALA B 390 -34.07 -16.96 21.19
CA ALA B 390 -34.09 -18.23 20.47
C ALA B 390 -33.57 -19.36 21.36
N GLN B 391 -34.18 -20.53 21.25
CA GLN B 391 -33.84 -21.67 22.09
C GLN B 391 -33.74 -22.92 21.23
N LEU B 392 -32.59 -23.59 21.27
CA LEU B 392 -32.26 -24.67 20.36
C LEU B 392 -31.68 -25.84 21.12
N SER B 393 -32.12 -27.05 20.80
CA SER B 393 -31.62 -28.25 21.45
C SER B 393 -31.44 -29.34 20.40
N ASN B 394 -30.32 -30.07 20.48
CA ASN B 394 -30.00 -31.17 19.56
C ASN B 394 -30.01 -30.72 18.10
N VAL B 395 -29.10 -29.81 17.76
CA VAL B 395 -29.13 -29.23 16.43
C VAL B 395 -27.73 -29.17 15.83
N VAL B 396 -27.71 -29.13 14.49
CA VAL B 396 -26.56 -28.73 13.71
C VAL B 396 -26.97 -27.47 12.95
N ILE B 397 -26.26 -26.37 13.19
CA ILE B 397 -26.55 -25.10 12.54
C ILE B 397 -25.50 -24.87 11.47
N ASP B 398 -25.92 -24.87 10.22
CA ASP B 398 -25.01 -24.76 9.08
C ASP B 398 -24.32 -23.39 9.07
N HIS B 399 -23.24 -23.32 8.29
CA HIS B 399 -22.43 -22.12 8.18
C HIS B 399 -23.27 -20.89 7.86
N GLY B 400 -23.02 -19.80 8.58
CA GLY B 400 -23.57 -18.50 8.26
C GLY B 400 -25.04 -18.31 8.56
N VAL B 401 -25.73 -19.34 9.06
CA VAL B 401 -27.17 -19.27 9.25
C VAL B 401 -27.51 -18.18 10.27
N VAL B 402 -28.54 -17.41 9.98
CA VAL B 402 -29.10 -16.45 10.91
C VAL B 402 -30.35 -17.07 11.53
N ILE B 403 -30.30 -17.32 12.83
CA ILE B 403 -31.42 -17.91 13.56
C ILE B 403 -32.36 -16.78 13.98
N PRO B 404 -33.61 -16.78 13.54
CA PRO B 404 -34.49 -15.66 13.87
C PRO B 404 -34.74 -15.55 15.38
N GLU B 405 -34.90 -14.32 15.83
CA GLU B 405 -35.18 -14.08 17.23
C GLU B 405 -36.43 -14.83 17.69
N GLY B 406 -36.31 -15.55 18.80
CA GLY B 406 -37.42 -16.29 19.36
C GLY B 406 -37.64 -17.68 18.81
N LEU B 407 -36.83 -18.14 17.86
CA LEU B 407 -37.02 -19.47 17.29
C LEU B 407 -36.82 -20.55 18.35
N ILE B 408 -37.67 -21.57 18.32
CA ILE B 408 -37.63 -22.68 19.25
C ILE B 408 -37.48 -23.97 18.47
N VAL B 409 -36.41 -24.71 18.75
CA VAL B 409 -36.09 -25.95 18.04
C VAL B 409 -35.65 -27.00 19.05
N GLY B 410 -36.27 -28.17 19.00
CA GLY B 410 -36.04 -29.21 19.98
C GLY B 410 -37.17 -29.39 20.98
N GLU B 411 -38.25 -28.64 20.86
CA GLU B 411 -39.40 -28.77 21.74
C GLU B 411 -40.51 -29.62 21.13
N ASP B 412 -40.81 -29.42 19.84
CA ASP B 412 -41.90 -30.09 19.17
C ASP B 412 -41.36 -30.87 17.98
N PRO B 413 -41.25 -32.20 18.09
CA PRO B 413 -40.69 -32.98 16.97
C PRO B 413 -41.46 -32.80 15.67
N GLU B 414 -42.79 -32.76 15.72
CA GLU B 414 -43.58 -32.62 14.50
C GLU B 414 -43.30 -31.28 13.82
N LEU B 415 -43.41 -30.19 14.58
CA LEU B 415 -43.10 -28.87 14.04
C LEU B 415 -41.68 -28.81 13.52
N ASP B 416 -40.73 -29.38 14.27
CA ASP B 416 -39.34 -29.32 13.85
C ASP B 416 -39.10 -30.09 12.56
N ALA B 417 -39.65 -31.29 12.44
CA ALA B 417 -39.42 -32.12 11.25
C ALA B 417 -40.00 -31.47 10.00
N LYS B 418 -41.08 -30.70 10.14
CA LYS B 418 -41.63 -30.01 8.98
C LYS B 418 -40.69 -28.93 8.48
N ARG B 419 -40.25 -28.04 9.38
CA ARG B 419 -39.44 -26.90 8.96
C ARG B 419 -38.00 -27.30 8.65
N PHE B 420 -37.49 -28.35 9.30
CA PHE B 420 -36.07 -28.66 9.25
C PHE B 420 -35.84 -30.06 8.71
N ARG B 421 -34.55 -30.36 8.55
CA ARG B 421 -34.08 -31.72 8.37
C ARG B 421 -33.88 -32.31 9.75
N ARG B 422 -34.75 -33.22 10.15
CA ARG B 422 -34.71 -33.82 11.47
C ARG B 422 -34.38 -35.29 11.34
N THR B 423 -33.33 -35.74 12.03
CA THR B 423 -33.04 -37.16 12.05
C THR B 423 -34.13 -37.88 12.82
N GLU B 424 -34.11 -39.21 12.76
CA GLU B 424 -35.05 -39.98 13.57
C GLU B 424 -34.71 -39.93 15.05
N SER B 425 -33.48 -39.56 15.40
CA SER B 425 -33.06 -39.51 16.80
C SER B 425 -33.13 -38.12 17.41
N GLY B 426 -33.56 -37.11 16.65
CA GLY B 426 -33.92 -35.81 17.19
C GLY B 426 -33.03 -34.64 16.81
N ILE B 427 -31.89 -34.89 16.16
CA ILE B 427 -31.03 -33.82 15.67
C ILE B 427 -31.71 -33.15 14.49
N CYS B 428 -31.87 -31.82 14.57
CA CYS B 428 -32.31 -31.01 13.45
C CYS B 428 -31.10 -30.35 12.80
N LEU B 429 -31.05 -30.40 11.47
CA LEU B 429 -30.03 -29.69 10.70
C LEU B 429 -30.67 -28.43 10.12
N ILE B 430 -30.18 -27.26 10.53
CA ILE B 430 -30.80 -25.99 10.18
C ILE B 430 -29.94 -25.27 9.15
N THR B 431 -30.48 -25.09 7.95
CA THR B 431 -29.87 -24.33 6.87
CA THR B 431 -29.83 -24.30 6.93
C THR B 431 -30.56 -22.97 6.75
N GLN B 432 -29.88 -22.02 6.11
CA GLN B 432 -30.50 -20.73 5.88
C GLN B 432 -31.69 -20.87 4.94
N SER B 433 -31.64 -21.84 4.03
CA SER B 433 -32.75 -22.09 3.11
C SER B 433 -34.05 -22.37 3.86
N MET B 434 -33.98 -23.25 4.86
CA MET B 434 -35.18 -23.58 5.63
C MET B 434 -35.69 -22.38 6.41
N ILE B 435 -34.78 -21.63 7.06
CA ILE B 435 -35.19 -20.44 7.79
C ILE B 435 -35.92 -19.47 6.87
N ASP B 436 -35.49 -19.37 5.61
CA ASP B 436 -36.11 -18.45 4.66
C ASP B 436 -37.59 -18.75 4.48
N LYS B 437 -37.96 -20.04 4.53
CA LYS B 437 -39.34 -20.46 4.28
C LYS B 437 -40.24 -20.38 5.50
N LEU B 438 -39.85 -19.71 6.58
CA LEU B 438 -40.47 -19.94 7.89
C LEU B 438 -41.56 -18.91 8.23
N ASP B 439 -42.63 -19.42 8.85
CA ASP B 439 -43.74 -18.65 9.42
C ASP B 439 -43.99 -19.23 10.81
N LEU B 440 -45.00 -20.09 10.93
CA LEU B 440 -45.22 -20.86 12.16
C LEU B 440 -45.08 -22.36 11.87
N VAL C 26 -1.97 13.52 -6.43
CA VAL C 26 -2.54 12.27 -6.94
C VAL C 26 -2.09 11.08 -6.12
N GLN C 27 -0.83 10.66 -6.32
CA GLN C 27 -0.32 9.48 -5.67
C GLN C 27 -0.38 9.64 -4.16
N PRO C 28 -0.74 8.59 -3.42
CA PRO C 28 -0.66 8.67 -1.96
C PRO C 28 0.79 8.84 -1.52
N LEU C 29 0.99 9.70 -0.53
CA LEU C 29 2.34 9.96 -0.07
C LEU C 29 2.96 8.76 0.63
N ALA C 30 2.14 7.84 1.16
CA ALA C 30 2.67 6.69 1.87
C ALA C 30 3.58 5.84 1.00
N ARG C 31 3.32 5.81 -0.31
CA ARG C 31 4.19 5.07 -1.24
C ARG C 31 5.65 5.47 -1.07
N ASP C 32 5.91 6.70 -0.64
CA ASP C 32 7.25 7.25 -0.57
C ASP C 32 7.72 7.48 0.85
N ALA C 33 7.05 6.90 1.84
CA ALA C 33 7.42 7.06 3.23
C ALA C 33 8.06 5.78 3.75
N MET C 34 8.95 5.95 4.73
CA MET C 34 9.49 4.83 5.50
C MET C 34 9.16 5.07 6.97
N ALA C 35 8.39 4.15 7.55
CA ALA C 35 8.11 4.23 8.98
C ALA C 35 9.28 3.67 9.77
N TYR C 36 9.64 4.35 10.85
CA TYR C 36 10.76 3.97 11.70
C TYR C 36 10.29 3.94 13.15
N VAL C 37 10.12 2.74 13.70
CA VAL C 37 9.57 2.54 15.03
C VAL C 37 10.71 2.45 16.04
N LEU C 38 10.62 3.24 17.11
CA LEU C 38 11.59 3.17 18.20
C LEU C 38 11.02 2.24 19.27
N ALA C 39 11.62 1.06 19.39
CA ALA C 39 11.17 0.03 20.34
C ALA C 39 12.27 -0.33 21.32
N GLY C 40 13.10 0.64 21.71
CA GLY C 40 14.18 0.38 22.62
C GLY C 40 13.90 0.65 24.08
N GLY C 41 12.72 1.21 24.39
CA GLY C 41 12.44 1.65 25.75
C GLY C 41 12.12 0.49 26.68
N ARG C 42 12.62 0.59 27.91
CA ARG C 42 12.46 -0.48 28.89
C ARG C 42 11.06 -0.53 29.47
N GLY C 43 10.45 0.62 29.73
CA GLY C 43 9.20 0.64 30.47
C GLY C 43 9.43 0.27 31.92
N SER C 44 10.11 1.16 32.65
CA SER C 44 10.59 0.86 33.99
C SER C 44 9.47 0.87 35.03
N ARG C 45 8.45 1.69 34.84
CA ARG C 45 7.36 1.75 35.81
C ARG C 45 6.41 0.57 35.71
N LEU C 46 6.64 -0.34 34.76
CA LEU C 46 5.91 -1.60 34.72
C LEU C 46 6.60 -2.70 35.52
N LYS C 47 7.76 -2.41 36.08
CA LYS C 47 8.41 -3.24 37.11
C LYS C 47 8.74 -4.61 36.53
N GLU C 48 8.45 -5.71 37.23
CA GLU C 48 8.88 -7.03 36.77
C GLU C 48 8.19 -7.47 35.51
N LEU C 49 7.10 -6.80 35.13
CA LEU C 49 6.46 -7.08 33.85
C LEU C 49 7.42 -6.86 32.69
N THR C 50 8.41 -5.99 32.85
CA THR C 50 9.39 -5.72 31.80
C THR C 50 10.80 -6.15 32.19
N ASP C 51 10.94 -7.01 33.21
CA ASP C 51 12.27 -7.43 33.63
C ASP C 51 12.93 -8.34 32.60
N ARG C 52 12.13 -9.07 31.81
CA ARG C 52 12.66 -9.99 30.81
C ARG C 52 12.29 -9.59 29.39
N ARG C 53 11.71 -8.41 29.19
CA ARG C 53 11.28 -8.01 27.85
C ARG C 53 11.03 -6.50 27.84
N ALA C 54 11.31 -5.89 26.69
CA ALA C 54 11.01 -4.48 26.49
C ALA C 54 9.51 -4.25 26.46
N LYS C 55 9.10 -3.05 26.85
CA LYS C 55 7.69 -2.67 26.80
C LYS C 55 7.03 -2.88 25.44
N PRO C 56 7.64 -2.55 24.30
CA PRO C 56 6.95 -2.79 23.01
C PRO C 56 6.65 -4.25 22.76
N ALA C 57 7.30 -5.17 23.48
CA ALA C 57 7.05 -6.60 23.32
C ALA C 57 6.03 -7.14 24.30
N VAL C 58 5.56 -6.31 25.24
CA VAL C 58 4.63 -6.80 26.25
C VAL C 58 3.27 -7.07 25.60
N TYR C 59 2.65 -8.18 26.01
CA TYR C 59 1.36 -8.56 25.44
C TYR C 59 0.28 -7.52 25.78
N PHE C 60 -0.74 -7.46 24.94
CA PHE C 60 -1.86 -6.56 25.16
C PHE C 60 -3.11 -7.08 24.48
N GLY C 61 -4.23 -7.01 25.19
CA GLY C 61 -5.55 -7.11 24.63
C GLY C 61 -6.00 -8.50 24.22
N GLY C 62 -5.26 -9.54 24.58
N GLY C 62 -5.25 -9.53 24.56
CA GLY C 62 -5.46 -10.82 23.92
CA GLY C 62 -5.66 -10.90 24.33
C GLY C 62 -5.41 -10.72 22.42
C GLY C 62 -4.86 -11.63 23.27
N LYS C 63 -4.78 -9.67 21.89
N LYS C 63 -4.01 -10.95 22.51
CA LYS C 63 -4.90 -9.22 20.51
CA LYS C 63 -3.23 -11.65 21.49
C LYS C 63 -3.57 -9.18 19.79
C LYS C 63 -1.97 -10.88 21.12
N ALA C 64 -2.54 -8.65 20.43
N ALA C 64 -2.15 -9.69 20.53
CA ALA C 64 -1.20 -8.52 19.87
CA ALA C 64 -1.04 -8.94 19.96
C ALA C 64 -0.24 -8.17 21.00
C ALA C 64 -0.09 -8.45 21.06
N ARG C 65 0.96 -7.76 20.63
CA ARG C 65 1.85 -7.09 21.53
C ARG C 65 1.77 -5.60 21.22
N ILE C 66 2.23 -4.77 22.16
CA ILE C 66 2.00 -3.34 22.04
C ILE C 66 2.61 -2.81 20.73
N ILE C 67 3.78 -3.31 20.36
CA ILE C 67 4.45 -2.77 19.17
C ILE C 67 3.61 -2.98 17.92
N ASP C 68 2.78 -4.03 17.89
CA ASP C 68 2.07 -4.36 16.67
C ASP C 68 1.10 -3.26 16.24
N PHE C 69 0.64 -2.42 17.15
CA PHE C 69 -0.31 -1.37 16.78
C PHE C 69 0.34 -0.35 15.87
N ALA C 70 1.47 0.22 16.28
CA ALA C 70 2.17 1.18 15.45
C ALA C 70 2.56 0.55 14.11
N LEU C 71 3.09 -0.68 14.15
CA LEU C 71 3.47 -1.37 12.92
C LEU C 71 2.26 -1.59 12.02
N SER C 72 1.12 -1.92 12.62
CA SER C 72 -0.10 -2.11 11.82
C SER C 72 -0.57 -0.79 11.23
N ASN C 73 -0.38 0.31 11.95
CA ASN C 73 -0.78 1.62 11.44
C ASN C 73 0.00 1.97 10.18
N ALA C 74 1.32 1.72 10.18
CA ALA C 74 2.12 1.92 8.98
C ALA C 74 1.60 1.07 7.83
N LEU C 75 1.43 -0.23 8.09
CA LEU C 75 0.85 -1.15 7.11
C LEU C 75 -0.48 -0.63 6.57
N ASN C 76 -1.44 -0.33 7.46
CA ASN C 76 -2.76 0.09 7.02
C ASN C 76 -2.74 1.47 6.38
N SER C 77 -1.78 2.31 6.74
CA SER C 77 -1.65 3.63 6.11
C SER C 77 -1.02 3.55 4.73
N GLY C 78 -0.54 2.37 4.32
CA GLY C 78 0.12 2.21 3.04
C GLY C 78 1.63 2.30 3.07
N ILE C 79 2.23 2.46 4.24
CA ILE C 79 3.68 2.48 4.36
C ILE C 79 4.20 1.05 4.30
N ARG C 80 4.96 0.74 3.26
CA ARG C 80 5.51 -0.60 3.05
C ARG C 80 6.98 -0.71 3.42
N ARG C 81 7.59 0.35 3.90
CA ARG C 81 8.97 0.33 4.40
C ARG C 81 8.95 0.61 5.88
N ILE C 82 9.43 -0.36 6.68
CA ILE C 82 9.42 -0.24 8.14
C ILE C 82 10.80 -0.58 8.67
N GLY C 83 11.30 0.25 9.59
CA GLY C 83 12.47 -0.08 10.38
C GLY C 83 12.10 -0.16 11.85
N VAL C 84 12.79 -1.05 12.57
CA VAL C 84 12.53 -1.25 14.01
C VAL C 84 13.85 -1.18 14.75
N ALA C 85 14.01 -0.19 15.60
CA ALA C 85 15.20 -0.08 16.43
C ALA C 85 14.91 -0.67 17.81
N THR C 86 15.68 -1.67 18.20
CA THR C 86 15.55 -2.31 19.51
C THR C 86 16.80 -2.05 20.32
N GLN C 87 16.69 -2.33 21.62
CA GLN C 87 17.79 -2.12 22.56
C GLN C 87 17.60 -2.95 23.82
N TYR C 88 16.73 -2.50 24.73
CA TYR C 88 16.56 -3.19 26.01
C TYR C 88 15.91 -4.56 25.79
N LYS C 89 16.48 -5.58 26.47
CA LYS C 89 16.03 -6.97 26.45
C LYS C 89 15.17 -7.31 25.24
N ALA C 90 15.79 -7.48 24.08
CA ALA C 90 15.09 -7.50 22.81
C ALA C 90 14.93 -8.90 22.21
N HIS C 91 15.41 -9.94 22.88
CA HIS C 91 15.34 -11.30 22.35
C HIS C 91 13.91 -11.69 21.97
N ASP C 92 12.97 -11.48 22.90
CA ASP C 92 11.58 -11.85 22.66
C ASP C 92 10.95 -10.95 21.60
N LEU C 93 11.23 -9.65 21.68
CA LEU C 93 10.72 -8.70 20.69
C LEU C 93 11.24 -9.05 19.29
N ILE C 94 12.50 -9.41 19.18
CA ILE C 94 13.07 -9.65 17.85
C ILE C 94 12.52 -10.95 17.26
N ARG C 95 12.40 -12.00 18.08
CA ARG C 95 11.82 -13.24 17.58
C ARG C 95 10.39 -13.01 17.11
N HIS C 96 9.67 -12.09 17.75
CA HIS C 96 8.30 -11.80 17.38
C HIS C 96 8.23 -11.05 16.05
N LEU C 97 9.06 -10.03 15.89
CA LEU C 97 9.14 -9.36 14.59
C LEU C 97 9.52 -10.34 13.47
N GLN C 98 10.52 -11.20 13.71
CA GLN C 98 10.95 -12.12 12.67
C GLN C 98 9.84 -13.07 12.26
N ARG C 99 9.02 -13.50 13.22
CA ARG C 99 8.03 -14.53 12.96
C ARG C 99 6.70 -13.95 12.48
N GLY C 100 6.28 -12.82 13.06
CA GLY C 100 5.02 -12.22 12.68
C GLY C 100 5.10 -11.35 11.45
N TRP C 101 6.14 -10.51 11.36
CA TRP C 101 6.21 -9.48 10.32
C TRP C 101 7.21 -9.91 9.24
N ASP C 102 6.81 -10.95 8.51
CA ASP C 102 7.71 -11.66 7.59
C ASP C 102 7.17 -11.72 6.16
N PHE C 103 6.22 -10.87 5.79
CA PHE C 103 5.57 -10.98 4.50
C PHE C 103 5.93 -9.83 3.57
N PHE C 104 7.02 -9.14 3.84
CA PHE C 104 7.48 -8.04 2.99
C PHE C 104 8.58 -8.58 2.07
N ARG C 105 8.50 -8.23 0.79
CA ARG C 105 9.47 -8.71 -0.18
C ARG C 105 10.14 -7.51 -0.87
N PRO C 106 11.46 -7.41 -0.83
CA PRO C 106 12.14 -6.29 -1.50
C PRO C 106 11.83 -6.16 -2.98
N GLU C 107 11.46 -7.24 -3.66
CA GLU C 107 11.13 -7.12 -5.08
C GLU C 107 9.93 -6.21 -5.29
N ARG C 108 8.98 -6.19 -4.35
CA ARG C 108 7.82 -5.33 -4.40
C ARG C 108 8.04 -3.99 -3.71
N ASN C 109 9.30 -3.61 -3.49
CA ASN C 109 9.66 -2.38 -2.75
C ASN C 109 9.03 -2.36 -1.36
N GLU C 110 8.94 -3.55 -0.76
CA GLU C 110 8.67 -3.73 0.66
C GLU C 110 10.00 -3.95 1.38
N SER C 111 10.05 -3.56 2.64
CA SER C 111 11.16 -3.94 3.50
C SER C 111 10.70 -3.94 4.96
N PHE C 112 11.28 -4.84 5.74
CA PHE C 112 11.09 -4.84 7.20
C PHE C 112 12.44 -5.09 7.85
N ASP C 113 13.07 -4.02 8.31
CA ASP C 113 14.42 -4.06 8.88
C ASP C 113 14.34 -4.01 10.40
N ILE C 114 14.96 -4.99 11.06
CA ILE C 114 15.05 -5.01 12.51
C ILE C 114 16.48 -4.65 12.90
N LEU C 115 16.62 -3.56 13.68
CA LEU C 115 17.88 -2.82 13.78
C LEU C 115 18.29 -2.71 15.24
N PRO C 116 18.84 -3.79 15.81
CA PRO C 116 19.33 -3.72 17.18
C PRO C 116 20.73 -3.13 17.23
N ALA C 117 21.02 -2.43 18.32
CA ALA C 117 22.36 -1.93 18.55
C ALA C 117 23.31 -3.11 18.75
N SER C 118 24.39 -3.15 17.96
CA SER C 118 25.30 -4.28 18.00
C SER C 118 26.62 -3.88 17.33
N GLN C 119 27.56 -4.83 17.29
CA GLN C 119 28.91 -4.59 16.79
C GLN C 119 28.92 -4.73 15.26
N ARG C 120 28.30 -3.75 14.61
CA ARG C 120 28.17 -3.75 13.16
C ARG C 120 29.28 -2.92 12.50
N VAL C 121 29.17 -1.60 12.59
CA VAL C 121 30.22 -0.71 12.11
C VAL C 121 30.57 0.23 13.26
N SER C 122 30.13 -0.11 14.47
CA SER C 122 30.47 0.61 15.67
C SER C 122 30.48 -0.37 16.83
N GLU C 123 31.48 -0.24 17.71
CA GLU C 123 31.58 -1.13 18.87
C GLU C 123 30.35 -0.96 19.77
N THR C 124 30.17 0.24 20.31
CA THR C 124 28.98 0.71 21.03
C THR C 124 28.15 -0.40 21.69
N GLN C 125 27.46 -1.20 20.88
CA GLN C 125 26.46 -2.17 21.35
C GLN C 125 25.35 -1.50 22.14
N TRP C 126 25.18 -0.19 21.95
CA TRP C 126 24.28 0.63 22.75
C TRP C 126 23.95 1.86 21.93
N TYR C 127 22.69 2.04 21.55
CA TYR C 127 22.28 3.32 21.00
C TYR C 127 22.33 4.36 22.10
N GLU C 128 22.82 5.56 21.78
CA GLU C 128 22.94 6.62 22.77
C GLU C 128 21.66 7.40 22.97
N GLY C 129 20.62 7.10 22.19
CA GLY C 129 19.37 7.82 22.32
C GLY C 129 18.50 7.55 21.11
N THR C 130 17.26 8.06 21.19
CA THR C 130 16.30 7.82 20.12
C THR C 130 16.76 8.42 18.80
N ALA C 131 17.54 9.50 18.87
CA ALA C 131 18.09 10.08 17.65
C ALA C 131 19.27 9.27 17.12
N ASP C 132 20.11 8.76 18.03
CA ASP C 132 21.24 7.94 17.61
C ASP C 132 20.77 6.62 17.02
N ALA C 133 19.62 6.12 17.46
CA ALA C 133 19.10 4.86 16.93
C ALA C 133 18.78 4.97 15.44
N VAL C 134 18.36 6.14 14.98
CA VAL C 134 18.15 6.35 13.55
C VAL C 134 19.44 6.76 12.85
N TYR C 135 20.29 7.55 13.52
CA TYR C 135 21.50 8.03 12.86
C TYR C 135 22.47 6.88 12.60
N GLN C 136 22.49 5.88 13.47
N GLN C 136 22.49 5.88 13.47
CA GLN C 136 23.39 4.75 13.26
CA GLN C 136 23.38 4.74 13.27
C GLN C 136 22.98 3.91 12.06
C GLN C 136 22.94 3.83 12.14
N ASN C 137 21.72 4.03 11.62
CA ASN C 137 21.18 3.24 10.53
C ASN C 137 20.87 4.09 9.31
N ILE C 138 21.60 5.20 9.15
CA ILE C 138 21.55 5.96 7.91
C ILE C 138 21.77 5.04 6.72
N ASP C 139 22.79 4.20 6.78
CA ASP C 139 23.17 3.36 5.64
C ASP C 139 22.12 2.29 5.35
N ILE C 140 21.21 2.00 6.29
CA ILE C 140 20.08 1.15 5.99
C ILE C 140 19.01 1.93 5.24
N ILE C 141 18.85 3.20 5.56
CA ILE C 141 17.76 3.99 5.03
C ILE C 141 18.07 4.47 3.62
N GLU C 142 19.26 5.06 3.41
CA GLU C 142 19.54 5.76 2.16
C GLU C 142 19.44 4.90 0.90
N PRO C 143 19.87 3.62 0.87
CA PRO C 143 19.60 2.79 -0.31
C PRO C 143 18.13 2.71 -0.71
N TYR C 144 17.21 2.92 0.23
CA TYR C 144 15.80 2.96 -0.12
C TYR C 144 15.36 4.33 -0.61
N ALA C 145 16.07 5.39 -0.22
CA ALA C 145 15.74 6.78 -0.55
C ALA C 145 14.26 7.09 -0.40
N PRO C 146 13.63 6.80 0.73
CA PRO C 146 12.23 7.21 0.90
C PRO C 146 12.15 8.72 0.90
N GLU C 147 11.04 9.26 0.37
CA GLU C 147 10.86 10.70 0.41
C GLU C 147 10.55 11.18 1.81
N TYR C 148 9.85 10.36 2.59
CA TYR C 148 9.35 10.74 3.90
C TYR C 148 9.78 9.72 4.93
N MET C 149 9.98 10.18 6.15
CA MET C 149 10.22 9.27 7.25
C MET C 149 9.30 9.61 8.40
N VAL C 150 8.55 8.61 8.85
CA VAL C 150 7.59 8.73 9.94
C VAL C 150 8.20 8.03 11.14
N ILE C 151 8.68 8.82 12.10
CA ILE C 151 9.28 8.29 13.32
C ILE C 151 8.17 7.94 14.29
N LEU C 152 8.13 6.67 14.71
CA LEU C 152 7.02 6.13 15.49
C LEU C 152 7.50 5.72 16.88
N ALA C 153 6.75 6.10 17.90
CA ALA C 153 6.90 5.46 19.20
C ALA C 153 6.29 4.08 19.14
N GLY C 154 7.01 3.08 19.65
CA GLY C 154 6.55 1.71 19.60
C GLY C 154 5.91 1.17 20.87
N ASP C 155 5.57 2.02 21.84
CA ASP C 155 5.10 1.54 23.14
C ASP C 155 3.72 2.09 23.51
N HIS C 156 2.92 2.44 22.51
CA HIS C 156 1.57 2.95 22.75
C HIS C 156 0.56 2.16 21.94
N ILE C 157 -0.70 2.21 22.37
CA ILE C 157 -1.78 1.44 21.77
C ILE C 157 -2.78 2.41 21.17
N TYR C 158 -2.79 2.50 19.84
CA TYR C 158 -3.54 3.52 19.14
C TYR C 158 -3.60 3.16 17.66
N LYS C 159 -4.70 3.57 17.02
CA LYS C 159 -4.88 3.42 15.58
C LYS C 159 -4.90 4.81 14.94
N MET C 160 -4.11 4.98 13.88
CA MET C 160 -4.01 6.27 13.22
C MET C 160 -3.59 6.07 11.77
N ASP C 161 -4.18 6.84 10.87
CA ASP C 161 -3.86 6.79 9.43
C ASP C 161 -2.80 7.83 9.13
N TYR C 162 -1.55 7.39 8.96
CA TYR C 162 -0.44 8.31 8.78
C TYR C 162 -0.48 9.08 7.47
N GLU C 163 -1.39 8.75 6.55
CA GLU C 163 -1.50 9.52 5.33
C GLU C 163 -1.89 10.97 5.62
N TYR C 164 -2.74 11.18 6.62
CA TYR C 164 -3.14 12.55 6.97
C TYR C 164 -1.96 13.38 7.43
N MET C 165 -1.07 12.79 8.26
CA MET C 165 0.10 13.52 8.72
C MET C 165 1.04 13.86 7.57
N LEU C 166 1.18 12.94 6.62
CA LEU C 166 2.06 13.19 5.48
C LEU C 166 1.56 14.35 4.64
N GLN C 167 0.26 14.35 4.31
CA GLN C 167 -0.34 15.44 3.56
C GLN C 167 -0.11 16.78 4.26
N GLN C 168 -0.52 16.88 5.53
CA GLN C 168 -0.35 18.12 6.28
C GLN C 168 1.12 18.55 6.29
N HIS C 169 2.03 17.61 6.51
CA HIS C 169 3.46 17.93 6.54
C HIS C 169 3.89 18.60 5.24
N VAL C 170 3.48 18.03 4.11
CA VAL C 170 4.01 18.50 2.82
C VAL C 170 3.39 19.83 2.44
N ASP C 171 2.09 20.00 2.71
CA ASP C 171 1.41 21.22 2.28
C ASP C 171 1.66 22.39 3.23
N SER C 172 1.92 22.12 4.51
CA SER C 172 2.29 23.18 5.44
C SER C 172 3.74 23.62 5.27
N GLY C 173 4.56 22.81 4.60
CA GLY C 173 5.98 23.13 4.43
C GLY C 173 6.81 23.05 5.68
N ALA C 174 6.29 22.46 6.75
CA ALA C 174 7.03 22.39 8.01
C ALA C 174 8.30 21.57 7.84
N ASP C 175 9.27 21.83 8.74
CA ASP C 175 10.42 20.96 8.83
C ASP C 175 10.10 19.67 9.59
N VAL C 176 9.15 19.73 10.52
CA VAL C 176 8.71 18.53 11.22
C VAL C 176 7.25 18.69 11.62
N THR C 177 6.47 17.66 11.34
CA THR C 177 5.10 17.54 11.84
C THR C 177 5.14 16.60 13.04
N ILE C 178 4.47 17.00 14.12
CA ILE C 178 4.47 16.24 15.36
C ILE C 178 3.04 15.84 15.68
N GLY C 179 2.83 14.54 15.86
CA GLY C 179 1.53 14.07 16.34
C GLY C 179 1.34 14.47 17.79
N CYS C 180 0.19 15.05 18.09
CA CYS C 180 -0.13 15.47 19.44
C CYS C 180 -1.55 15.05 19.78
N LEU C 181 -1.73 14.57 21.00
CA LEU C 181 -3.07 14.36 21.55
C LEU C 181 -3.56 15.64 22.19
N GLU C 182 -4.87 15.86 22.11
CA GLU C 182 -5.52 17.03 22.70
C GLU C 182 -6.08 16.60 24.05
N VAL C 183 -5.35 16.95 25.12
CA VAL C 183 -5.64 16.42 26.45
C VAL C 183 -6.03 17.56 27.38
N PRO C 184 -6.81 17.30 28.43
CA PRO C 184 -6.97 18.30 29.48
C PRO C 184 -5.63 18.61 30.12
N ARG C 185 -5.39 19.89 30.40
CA ARG C 185 -4.09 20.32 30.90
C ARG C 185 -3.66 19.50 32.11
N MET C 186 -4.56 19.28 33.08
CA MET C 186 -4.18 18.48 34.24
C MET C 186 -3.55 17.18 33.83
N GLU C 187 -4.02 16.61 32.72
CA GLU C 187 -3.50 15.35 32.25
C GLU C 187 -2.31 15.51 31.32
N ALA C 188 -1.93 16.74 30.98
CA ALA C 188 -0.72 16.97 30.18
C ALA C 188 0.52 17.07 31.05
N THR C 189 0.38 16.92 32.36
CA THR C 189 1.47 17.17 33.29
C THR C 189 2.61 16.17 33.14
N GLY C 190 2.38 15.06 32.45
CA GLY C 190 3.40 14.04 32.31
C GLY C 190 4.02 13.95 30.92
N PHE C 191 3.51 14.72 29.97
CA PHE C 191 3.95 14.64 28.59
C PHE C 191 4.85 15.82 28.22
N GLY C 192 5.65 15.60 27.18
CA GLY C 192 6.28 16.72 26.50
C GLY C 192 5.21 17.46 25.73
N VAL C 193 4.91 18.69 26.14
CA VAL C 193 3.73 19.39 25.66
C VAL C 193 4.16 20.46 24.68
N MET C 194 3.23 20.84 23.82
CA MET C 194 3.48 21.67 22.66
C MET C 194 2.71 22.98 22.80
N HIS C 195 3.42 24.08 23.10
CA HIS C 195 2.80 25.40 23.16
C HIS C 195 2.59 25.92 21.74
N VAL C 196 1.34 26.22 21.40
CA VAL C 196 0.91 26.33 20.02
C VAL C 196 0.19 27.66 19.82
N ASN C 197 0.22 28.15 18.57
CA ASN C 197 -0.49 29.37 18.22
C ASN C 197 -1.82 29.02 17.54
N GLU C 198 -2.48 30.04 16.97
CA GLU C 198 -3.79 29.84 16.36
C GLU C 198 -3.71 28.99 15.10
N LYS C 199 -2.57 29.03 14.40
CA LYS C 199 -2.35 28.25 13.20
C LYS C 199 -1.70 26.90 13.49
N ASP C 200 -1.81 26.43 14.73
CA ASP C 200 -1.20 25.17 15.19
C ASP C 200 0.29 25.09 14.89
N GLU C 201 0.93 26.22 14.61
CA GLU C 201 2.39 26.23 14.61
C GLU C 201 2.90 26.45 16.02
N ILE C 202 4.11 25.96 16.26
CA ILE C 202 4.56 25.64 17.61
C ILE C 202 5.59 26.66 18.06
N ILE C 203 5.43 27.17 19.27
CA ILE C 203 6.31 28.22 19.77
C ILE C 203 7.46 27.67 20.60
N ASP C 204 7.22 26.56 21.32
CA ASP C 204 8.17 26.08 22.31
C ASP C 204 7.74 24.68 22.73
N PHE C 205 8.71 23.93 23.25
CA PHE C 205 8.48 22.59 23.81
C PHE C 205 8.83 22.60 25.29
N ILE C 206 7.88 22.16 26.12
CA ILE C 206 8.12 22.02 27.55
C ILE C 206 8.07 20.53 27.89
N GLU C 207 9.03 20.08 28.68
CA GLU C 207 9.16 18.69 29.07
C GLU C 207 8.56 18.52 30.46
N LYS C 208 7.38 17.90 30.54
CA LYS C 208 6.70 17.67 31.80
C LYS C 208 6.44 18.99 32.55
N PRO C 209 5.56 19.85 32.05
CA PRO C 209 5.23 21.06 32.82
C PRO C 209 4.22 20.75 33.91
N ALA C 210 4.37 21.43 35.04
CA ALA C 210 3.35 21.35 36.08
C ALA C 210 2.04 21.98 35.60
N ASP C 211 2.09 23.26 35.22
CA ASP C 211 0.96 23.99 34.67
C ASP C 211 1.13 24.10 33.16
N PRO C 212 0.58 23.17 32.39
CA PRO C 212 0.89 23.10 30.96
C PRO C 212 0.27 24.25 30.20
N PRO C 213 0.97 24.79 29.20
CA PRO C 213 0.41 25.92 28.43
C PRO C 213 -0.89 25.56 27.73
N GLY C 214 -1.64 26.60 27.37
CA GLY C 214 -2.95 26.41 26.78
C GLY C 214 -2.93 26.36 25.26
N ILE C 215 -3.96 25.75 24.70
CA ILE C 215 -4.23 25.87 23.26
C ILE C 215 -5.01 27.15 23.02
N PRO C 216 -4.60 28.01 22.09
CA PRO C 216 -5.36 29.24 21.83
C PRO C 216 -6.73 28.93 21.26
N GLY C 217 -7.76 29.45 21.94
CA GLY C 217 -9.15 29.14 21.64
C GLY C 217 -9.77 28.20 22.65
N ASN C 218 -8.95 27.35 23.31
CA ASN C 218 -9.40 26.44 24.39
C ASN C 218 -8.23 26.24 25.38
N GLU C 219 -8.07 27.16 26.31
CA GLU C 219 -7.05 26.78 27.27
C GLU C 219 -7.56 25.67 28.20
N GLY C 220 -8.76 25.14 27.99
CA GLY C 220 -9.12 23.94 28.72
C GLY C 220 -8.31 22.71 28.37
N PHE C 221 -7.55 22.73 27.27
CA PHE C 221 -6.89 21.54 26.77
C PHE C 221 -5.45 21.82 26.41
N ALA C 222 -4.68 20.73 26.29
CA ALA C 222 -3.26 20.79 25.99
C ALA C 222 -2.92 19.85 24.85
N LEU C 223 -1.80 20.15 24.19
CA LEU C 223 -1.28 19.36 23.08
C LEU C 223 -0.09 18.57 23.60
N ALA C 224 -0.29 17.28 23.83
CA ALA C 224 0.75 16.40 24.35
C ALA C 224 1.39 15.64 23.19
N SER C 225 2.72 15.62 23.15
CA SER C 225 3.44 15.02 22.05
C SER C 225 3.36 13.51 22.12
N MET C 226 2.87 12.90 21.05
CA MET C 226 2.80 11.44 20.92
C MET C 226 4.15 10.80 20.67
N GLY C 227 5.20 11.57 20.44
CA GLY C 227 6.44 11.01 19.97
C GLY C 227 6.39 10.55 18.53
N ILE C 228 5.51 11.15 17.73
CA ILE C 228 5.30 10.78 16.35
C ILE C 228 5.72 11.95 15.49
N TYR C 229 6.78 11.76 14.71
CA TYR C 229 7.40 12.83 13.95
C TYR C 229 7.42 12.49 12.46
N VAL C 230 7.10 13.48 11.64
CA VAL C 230 7.21 13.35 10.20
C VAL C 230 8.23 14.38 9.72
N PHE C 231 9.18 13.92 8.90
CA PHE C 231 10.19 14.77 8.28
C PHE C 231 10.20 14.52 6.79
N HIS C 232 10.93 15.37 6.08
CA HIS C 232 11.51 15.00 4.80
C HIS C 232 12.80 14.23 5.07
N THR C 233 12.98 13.11 4.37
CA THR C 233 14.14 12.26 4.62
C THR C 233 15.43 13.05 4.60
N LYS C 234 15.63 13.91 3.59
CA LYS C 234 16.90 14.61 3.50
C LYS C 234 17.10 15.53 4.70
N PHE C 235 16.07 16.28 5.05
CA PHE C 235 16.18 17.17 6.21
C PHE C 235 16.44 16.37 7.49
N LEU C 236 15.87 15.18 7.61
CA LEU C 236 16.12 14.39 8.81
C LEU C 236 17.55 13.87 8.86
N MET C 237 18.08 13.42 7.72
CA MET C 237 19.46 12.93 7.70
C MET C 237 20.44 14.05 8.02
N GLU C 238 20.17 15.26 7.53
CA GLU C 238 20.99 16.41 7.88
C GLU C 238 20.93 16.66 9.38
N ALA C 239 19.71 16.65 9.95
CA ALA C 239 19.55 16.89 11.38
C ALA C 239 20.28 15.85 12.21
N LEU C 240 20.16 14.58 11.84
CA LEU C 240 20.80 13.52 12.63
C LEU C 240 22.31 13.66 12.64
N ARG C 241 22.89 14.10 11.51
CA ARG C 241 24.33 14.35 11.50
C ARG C 241 24.67 15.63 12.24
N ARG C 242 23.83 16.66 12.09
CA ARG C 242 23.94 17.85 12.93
C ARG C 242 24.02 17.47 14.40
N ASP C 243 23.17 16.53 14.82
CA ASP C 243 23.07 16.14 16.23
C ASP C 243 24.19 15.22 16.67
N ALA C 244 24.66 14.35 15.77
CA ALA C 244 25.75 13.44 16.12
C ALA C 244 27.09 14.17 16.28
N ALA C 245 27.21 15.38 15.76
CA ALA C 245 28.42 16.16 15.95
C ALA C 245 28.37 17.04 17.19
N ASP C 246 27.17 17.43 17.61
CA ASP C 246 27.00 18.29 18.76
C ASP C 246 27.18 17.49 20.05
N PRO C 247 28.01 17.96 20.99
CA PRO C 247 28.17 17.23 22.25
C PRO C 247 27.19 17.66 23.34
N THR C 248 26.61 18.86 23.23
CA THR C 248 25.55 19.20 24.19
C THR C 248 24.30 18.37 23.97
N SER C 249 24.22 17.64 22.85
CA SER C 249 23.05 16.83 22.55
C SER C 249 23.09 15.52 23.34
N SER C 250 21.95 15.19 23.95
CA SER C 250 21.76 13.89 24.58
C SER C 250 21.31 12.83 23.59
N ARG C 251 21.28 13.16 22.30
CA ARG C 251 20.99 12.25 21.20
C ARG C 251 19.56 11.71 21.25
N ASP C 252 18.60 12.53 21.67
CA ASP C 252 17.19 12.11 21.75
C ASP C 252 16.32 13.04 20.91
N PHE C 253 15.29 12.46 20.29
CA PHE C 253 14.40 13.22 19.41
C PHE C 253 13.64 14.30 20.18
N GLY C 254 13.03 13.93 21.30
CA GLY C 254 12.18 14.88 22.03
C GLY C 254 12.96 15.99 22.70
N LYS C 255 14.14 15.67 23.22
CA LYS C 255 14.94 16.66 23.94
C LYS C 255 15.84 17.50 23.05
N ASP C 256 16.23 16.99 21.88
CA ASP C 256 17.32 17.63 21.16
C ASP C 256 16.96 17.97 19.72
N ILE C 257 16.44 17.00 18.96
CA ILE C 257 16.08 17.27 17.56
C ILE C 257 14.85 18.17 17.50
N ILE C 258 13.79 17.82 18.23
CA ILE C 258 12.57 18.63 18.18
C ILE C 258 12.80 20.07 18.62
N PRO C 259 13.37 20.35 19.80
CA PRO C 259 13.44 21.76 20.23
C PRO C 259 14.29 22.63 19.33
N TYR C 260 15.33 22.07 18.72
CA TYR C 260 16.13 22.82 17.75
C TYR C 260 15.26 23.34 16.62
N ILE C 261 14.49 22.45 15.99
CA ILE C 261 13.61 22.87 14.89
C ILE C 261 12.62 23.92 15.37
N VAL C 262 12.08 23.76 16.58
CA VAL C 262 11.11 24.72 17.09
C VAL C 262 11.71 26.12 17.12
N GLU C 263 12.94 26.23 17.63
CA GLU C 263 13.57 27.53 17.75
C GLU C 263 13.93 28.09 16.38
N HIS C 264 14.64 27.31 15.57
CA HIS C 264 15.20 27.79 14.32
C HIS C 264 14.33 27.50 13.11
N GLY C 265 13.67 26.35 13.07
CA GLY C 265 12.93 26.00 11.87
C GLY C 265 11.42 26.08 12.02
N LYS C 266 10.72 25.18 11.33
CA LYS C 266 9.26 25.16 11.33
C LYS C 266 8.80 23.83 11.92
N ALA C 267 8.05 23.89 13.02
CA ALA C 267 7.43 22.72 13.59
C ALA C 267 5.93 22.99 13.73
N VAL C 268 5.13 22.07 13.19
CA VAL C 268 3.69 22.19 13.13
C VAL C 268 3.09 21.01 13.88
N ALA C 269 1.93 21.26 14.50
CA ALA C 269 1.28 20.28 15.34
C ALA C 269 0.18 19.56 14.56
N HIS C 270 0.24 18.24 14.57
CA HIS C 270 -0.85 17.43 14.06
C HIS C 270 -1.65 16.86 15.23
N ARG C 271 -2.96 17.04 15.20
CA ARG C 271 -3.83 16.59 16.28
C ARG C 271 -4.35 15.20 15.96
N PHE C 272 -4.20 14.27 16.92
CA PHE C 272 -4.59 12.87 16.79
C PHE C 272 -5.97 12.71 16.21
N ALA C 273 -6.93 13.51 16.70
CA ALA C 273 -8.33 13.35 16.30
C ALA C 273 -8.50 13.51 14.80
N ASP C 274 -7.63 14.27 14.14
CA ASP C 274 -7.80 14.48 12.71
C ASP C 274 -7.49 13.22 11.90
N SER C 275 -6.60 12.36 12.39
CA SER C 275 -6.18 11.17 11.65
C SER C 275 -6.48 9.87 12.37
N CYS C 276 -6.99 9.93 13.60
CA CYS C 276 -7.29 8.73 14.36
C CYS C 276 -8.30 7.85 13.63
N VAL C 277 -8.11 6.54 13.70
CA VAL C 277 -8.96 5.56 13.01
C VAL C 277 -9.91 4.95 14.03
N ARG C 278 -11.11 5.51 14.13
CA ARG C 278 -12.16 4.96 14.99
C ARG C 278 -13.01 3.95 14.23
N SER C 279 -13.45 2.93 14.94
CA SER C 279 -14.56 2.13 14.47
C SER C 279 -15.86 2.77 14.97
N ASP C 280 -16.99 2.27 14.47
CA ASP C 280 -18.26 2.82 14.93
C ASP C 280 -18.61 2.40 16.36
N PHE C 281 -17.79 1.54 16.97
CA PHE C 281 -18.00 1.07 18.34
C PHE C 281 -16.97 1.64 19.30
N GLU C 282 -16.34 2.76 18.96
CA GLU C 282 -15.39 3.45 19.82
C GLU C 282 -15.85 4.89 19.98
N HIS C 283 -16.25 5.27 21.20
CA HIS C 283 -16.93 6.53 21.43
C HIS C 283 -16.00 7.74 21.44
N GLU C 284 -14.69 7.53 21.31
CA GLU C 284 -13.73 8.62 21.29
C GLU C 284 -12.42 8.08 20.74
N PRO C 285 -11.52 8.96 20.30
CA PRO C 285 -10.19 8.48 19.90
C PRO C 285 -9.52 7.70 21.02
N TYR C 286 -9.00 6.53 20.69
CA TYR C 286 -8.38 5.65 21.67
C TYR C 286 -6.88 5.70 21.54
N TRP C 287 -6.21 5.99 22.65
CA TRP C 287 -4.76 5.93 22.75
C TRP C 287 -4.44 5.67 24.21
N ARG C 288 -3.53 4.74 24.47
CA ARG C 288 -3.10 4.48 25.83
C ARG C 288 -1.60 4.27 25.89
N ASP C 289 -1.04 4.64 27.04
CA ASP C 289 0.38 4.55 27.34
C ASP C 289 0.76 3.28 28.07
N VAL C 290 -0.19 2.65 28.78
CA VAL C 290 0.00 1.52 29.68
C VAL C 290 1.34 1.60 30.42
N GLY C 291 1.70 2.81 30.85
CA GLY C 291 3.01 3.05 31.44
C GLY C 291 3.18 2.51 32.85
N THR C 292 2.09 2.32 33.58
CA THR C 292 2.12 1.78 34.92
C THR C 292 1.34 0.47 34.97
N ILE C 293 1.58 -0.31 36.04
CA ILE C 293 0.90 -1.58 36.20
C ILE C 293 -0.59 -1.35 36.36
N ASP C 294 -0.95 -0.23 36.99
CA ASP C 294 -2.34 0.18 37.11
C ASP C 294 -2.95 0.48 35.75
N ALA C 295 -2.24 1.25 34.92
CA ALA C 295 -2.75 1.59 33.58
C ALA C 295 -2.84 0.35 32.69
N TYR C 296 -1.85 -0.53 32.78
CA TYR C 296 -1.87 -1.76 32.00
C TYR C 296 -3.07 -2.62 32.35
N TRP C 297 -3.18 -3.00 33.63
CA TRP C 297 -4.34 -3.74 34.10
C TRP C 297 -5.64 -3.07 33.67
N GLN C 298 -5.74 -1.76 33.88
CA GLN C 298 -6.96 -1.05 33.55
C GLN C 298 -7.31 -1.19 32.07
N ALA C 299 -6.34 -0.92 31.18
CA ALA C 299 -6.61 -0.94 29.76
C ALA C 299 -7.02 -2.33 29.27
N ASN C 300 -6.45 -3.39 29.86
CA ASN C 300 -6.82 -4.75 29.46
C ASN C 300 -8.19 -5.14 30.00
N ILE C 301 -8.42 -4.94 31.31
CA ILE C 301 -9.69 -5.33 31.91
C ILE C 301 -10.84 -4.57 31.28
N ASP C 302 -10.61 -3.30 30.89
CA ASP C 302 -11.66 -2.52 30.25
C ASP C 302 -12.23 -3.21 29.02
N LEU C 303 -11.45 -4.10 28.40
CA LEU C 303 -11.93 -4.86 27.26
C LEU C 303 -13.05 -5.82 27.62
N THR C 304 -13.23 -6.13 28.90
CA THR C 304 -14.33 -6.99 29.31
C THR C 304 -15.65 -6.24 29.43
N ASP C 305 -15.65 -4.92 29.27
CA ASP C 305 -16.89 -4.16 29.31
C ASP C 305 -17.89 -4.70 28.30
N VAL C 306 -19.16 -4.36 28.53
CA VAL C 306 -20.17 -4.55 27.51
C VAL C 306 -19.82 -3.75 26.26
N VAL C 307 -19.54 -2.47 26.44
CA VAL C 307 -19.16 -1.56 25.37
C VAL C 307 -17.77 -1.03 25.67
N PRO C 308 -16.70 -1.72 25.27
CA PRO C 308 -15.36 -1.21 25.55
C PRO C 308 -14.99 -0.04 24.65
N ASP C 309 -13.97 0.71 25.10
CA ASP C 309 -13.49 1.86 24.36
C ASP C 309 -12.65 1.46 23.15
N LEU C 310 -11.99 0.30 23.21
CA LEU C 310 -11.22 -0.22 22.08
C LEU C 310 -11.95 -1.41 21.49
N ASP C 311 -12.17 -1.38 20.17
CA ASP C 311 -12.92 -2.42 19.47
C ASP C 311 -11.93 -3.42 18.87
N ILE C 312 -11.64 -4.49 19.62
CA ILE C 312 -10.74 -5.54 19.15
C ILE C 312 -11.40 -6.46 18.14
N TYR C 313 -12.67 -6.24 17.81
CA TYR C 313 -13.39 -7.01 16.80
C TYR C 313 -13.55 -6.24 15.50
N ASP C 314 -13.01 -5.02 15.43
CA ASP C 314 -12.96 -4.24 14.21
C ASP C 314 -12.12 -4.95 13.15
N LYS C 315 -12.66 -5.01 11.92
CA LYS C 315 -11.93 -5.53 10.76
C LYS C 315 -11.55 -4.44 9.77
N SER C 316 -11.97 -3.20 10.01
CA SER C 316 -11.71 -2.10 9.08
C SER C 316 -10.29 -1.55 9.17
N TRP C 317 -9.64 -1.66 10.33
CA TRP C 317 -8.27 -1.19 10.52
C TRP C 317 -7.54 -2.25 11.35
N PRO C 318 -7.30 -3.41 10.76
CA PRO C 318 -6.96 -4.58 11.56
C PRO C 318 -5.57 -4.48 12.18
N ILE C 319 -5.41 -5.19 13.28
CA ILE C 319 -4.15 -5.29 14.01
C ILE C 319 -3.47 -6.58 13.58
N TRP C 320 -2.42 -6.47 12.76
CA TRP C 320 -1.62 -7.65 12.44
C TRP C 320 -0.72 -7.99 13.61
N THR C 321 -0.48 -9.30 13.79
CA THR C 321 0.40 -9.79 14.84
C THR C 321 0.86 -11.18 14.46
N TYR C 322 1.77 -11.73 15.27
CA TYR C 322 2.15 -13.13 15.14
C TYR C 322 1.09 -13.99 15.81
N ALA C 323 0.46 -14.88 15.03
CA ALA C 323 -0.57 -15.75 15.55
C ALA C 323 -0.36 -17.16 15.01
N GLU C 324 -0.59 -18.14 15.87
CA GLU C 324 -0.46 -19.54 15.50
C GLU C 324 -1.84 -20.16 15.42
N ILE C 325 -1.96 -21.22 14.62
CA ILE C 325 -3.18 -22.01 14.65
C ILE C 325 -3.35 -22.55 16.06
N THR C 326 -4.41 -22.12 16.73
CA THR C 326 -4.66 -22.57 18.08
C THR C 326 -6.03 -23.21 18.18
N PRO C 327 -6.16 -24.31 18.91
CA PRO C 327 -7.47 -24.91 19.16
C PRO C 327 -8.38 -23.93 19.90
N PRO C 328 -9.67 -24.21 19.99
CA PRO C 328 -10.60 -23.29 20.64
C PRO C 328 -10.50 -23.38 22.15
N ALA C 329 -11.25 -22.50 22.81
CA ALA C 329 -11.38 -22.56 24.27
C ALA C 329 -12.33 -23.66 24.66
N LYS C 330 -12.14 -24.21 25.86
CA LYS C 330 -12.89 -25.34 26.36
C LYS C 330 -13.34 -25.06 27.78
N PHE C 331 -14.60 -25.40 28.08
CA PHE C 331 -15.18 -25.20 29.41
C PHE C 331 -15.68 -26.54 29.92
N VAL C 332 -15.20 -26.94 31.10
CA VAL C 332 -15.32 -28.32 31.57
C VAL C 332 -15.98 -28.36 32.96
N HIS C 333 -16.73 -29.45 33.21
CA HIS C 333 -17.42 -29.77 34.46
C HIS C 333 -18.54 -28.81 34.83
N ASP C 334 -19.61 -29.36 35.38
CA ASP C 334 -20.79 -28.60 35.74
C ASP C 334 -21.52 -29.43 36.79
N ASP C 335 -21.06 -29.33 38.04
CA ASP C 335 -21.77 -29.96 39.13
C ASP C 335 -22.02 -28.99 40.27
N GLU C 336 -22.45 -29.52 41.42
CA GLU C 336 -22.73 -28.71 42.58
C GLU C 336 -21.48 -28.04 43.13
N ASP C 337 -20.32 -28.68 42.97
CA ASP C 337 -19.08 -28.21 43.58
C ASP C 337 -18.23 -27.37 42.64
N ARG C 338 -18.22 -27.68 41.34
CA ARG C 338 -17.33 -27.03 40.39
C ARG C 338 -18.06 -26.83 39.08
N ARG C 339 -17.82 -25.69 38.44
CA ARG C 339 -18.36 -25.41 37.12
C ARG C 339 -17.34 -24.56 36.37
N GLY C 340 -16.70 -25.13 35.35
CA GLY C 340 -15.81 -24.39 34.50
C GLY C 340 -16.60 -23.44 33.61
N SER C 341 -16.46 -22.14 33.86
CA SER C 341 -17.22 -21.17 33.07
C SER C 341 -16.63 -19.80 33.30
N ALA C 342 -16.89 -18.92 32.35
CA ALA C 342 -16.42 -17.54 32.39
C ALA C 342 -17.60 -16.62 32.12
N VAL C 343 -17.63 -15.49 32.81
CA VAL C 343 -18.68 -14.50 32.61
C VAL C 343 -18.04 -13.11 32.61
N SER C 344 -18.65 -12.20 31.85
CA SER C 344 -18.13 -10.85 31.67
C SER C 344 -16.63 -10.85 31.41
N SER C 345 -16.16 -11.78 30.58
CA SER C 345 -14.73 -11.99 30.45
C SER C 345 -14.35 -12.34 29.02
N VAL C 346 -13.06 -12.24 28.72
CA VAL C 346 -12.51 -12.44 27.38
C VAL C 346 -11.53 -13.61 27.43
N VAL C 347 -11.82 -14.66 26.68
CA VAL C 347 -11.07 -15.92 26.76
C VAL C 347 -10.48 -16.24 25.39
N SER C 348 -9.16 -16.30 25.30
CA SER C 348 -8.52 -16.62 24.05
C SER C 348 -8.59 -18.12 23.77
N GLY C 349 -8.00 -18.53 22.66
CA GLY C 349 -7.96 -19.92 22.30
C GLY C 349 -6.91 -20.70 23.05
N ASP C 350 -6.94 -22.02 22.88
CA ASP C 350 -6.06 -22.94 23.59
C ASP C 350 -6.15 -22.74 25.12
N CYS C 351 -7.28 -22.22 25.58
CA CYS C 351 -7.55 -22.07 27.01
C CYS C 351 -8.56 -23.13 27.42
N ILE C 352 -8.21 -23.92 28.43
CA ILE C 352 -9.09 -24.95 28.98
C ILE C 352 -9.44 -24.54 30.40
N ILE C 353 -10.68 -24.12 30.60
CA ILE C 353 -11.17 -23.71 31.92
C ILE C 353 -11.88 -24.92 32.51
N SER C 354 -11.17 -25.62 33.40
CA SER C 354 -11.63 -26.91 33.92
C SER C 354 -12.15 -26.72 35.33
N GLY C 355 -13.48 -26.73 35.49
CA GLY C 355 -14.09 -26.54 36.79
C GLY C 355 -13.66 -25.26 37.49
N ALA C 356 -13.28 -24.25 36.71
CA ALA C 356 -12.76 -23.00 37.23
C ALA C 356 -13.71 -21.86 36.94
N ALA C 357 -13.89 -20.98 37.92
CA ALA C 357 -14.78 -19.83 37.77
C ALA C 357 -13.96 -18.60 37.33
N LEU C 358 -14.41 -17.95 36.27
CA LEU C 358 -13.76 -16.74 35.76
C LEU C 358 -14.79 -15.63 35.65
N ASN C 359 -14.44 -14.44 36.13
CA ASN C 359 -15.33 -13.31 35.94
C ASN C 359 -14.53 -12.03 35.75
N ARG C 360 -15.06 -11.15 34.92
CA ARG C 360 -14.41 -9.89 34.53
C ARG C 360 -12.91 -10.08 34.33
N SER C 361 -12.56 -11.06 33.51
CA SER C 361 -11.18 -11.44 33.35
C SER C 361 -10.80 -11.50 31.87
N LEU C 362 -9.55 -11.23 31.57
CA LEU C 362 -9.06 -11.35 30.20
C LEU C 362 -7.93 -12.38 30.19
N LEU C 363 -8.10 -13.43 29.39
CA LEU C 363 -7.14 -14.53 29.31
C LEU C 363 -6.53 -14.61 27.93
N PHE C 364 -5.19 -14.64 27.87
CA PHE C 364 -4.46 -14.84 26.62
C PHE C 364 -4.44 -16.34 26.27
N THR C 365 -3.78 -16.65 25.15
N THR C 365 -3.81 -16.66 25.13
CA THR C 365 -3.72 -18.02 24.63
CA THR C 365 -3.78 -18.04 24.65
C THR C 365 -3.01 -18.95 25.60
C THR C 365 -3.06 -18.94 25.63
N GLY C 366 -3.45 -20.21 25.62
CA GLY C 366 -2.73 -21.24 26.34
C GLY C 366 -2.98 -21.35 27.82
N VAL C 367 -3.96 -20.62 28.37
CA VAL C 367 -4.21 -20.69 29.81
C VAL C 367 -4.86 -22.01 30.16
N ARG C 368 -4.43 -22.60 31.29
CA ARG C 368 -5.08 -23.77 31.86
C ARG C 368 -5.53 -23.42 33.28
N ALA C 369 -6.85 -23.32 33.49
CA ALA C 369 -7.43 -23.01 34.79
C ALA C 369 -8.11 -24.26 35.32
N ASN C 370 -7.58 -24.84 36.40
CA ASN C 370 -8.02 -26.14 36.87
C ASN C 370 -9.04 -26.00 38.00
N SER C 371 -9.56 -27.14 38.44
CA SER C 371 -10.83 -27.19 39.15
C SER C 371 -10.76 -26.43 40.48
N TYR C 372 -11.90 -25.84 40.84
CA TYR C 372 -12.15 -25.10 42.07
C TYR C 372 -11.37 -23.80 42.13
N SER C 373 -10.58 -23.47 41.11
CA SER C 373 -9.91 -22.19 41.08
C SER C 373 -10.90 -21.08 40.70
N ARG C 374 -10.55 -19.86 41.07
CA ARG C 374 -11.43 -18.71 40.85
C ARG C 374 -10.59 -17.53 40.37
N LEU C 375 -11.07 -16.84 39.35
CA LEU C 375 -10.39 -15.65 38.83
C LEU C 375 -11.40 -14.53 38.65
N GLU C 376 -11.11 -13.40 39.28
CA GLU C 376 -11.92 -12.19 39.15
C GLU C 376 -11.01 -11.00 38.96
N ASN C 377 -11.37 -10.13 38.01
CA ASN C 377 -10.56 -8.94 37.72
C ASN C 377 -9.12 -9.32 37.39
N ALA C 378 -8.96 -10.40 36.63
CA ALA C 378 -7.64 -10.98 36.40
C ALA C 378 -7.24 -10.79 34.94
N VAL C 379 -6.04 -10.28 34.72
CA VAL C 379 -5.42 -10.25 33.40
C VAL C 379 -4.40 -11.38 33.36
N VAL C 380 -4.66 -12.40 32.54
CA VAL C 380 -3.85 -13.61 32.54
C VAL C 380 -3.12 -13.71 31.21
N LEU C 381 -1.79 -13.66 31.26
CA LEU C 381 -0.94 -13.68 30.07
C LEU C 381 -0.79 -15.11 29.55
N PRO C 382 -0.15 -15.30 28.38
CA PRO C 382 -0.19 -16.63 27.75
C PRO C 382 0.40 -17.77 28.58
N SER C 383 -0.21 -18.94 28.40
CA SER C 383 0.30 -20.22 28.92
C SER C 383 0.41 -20.25 30.45
N VAL C 384 -0.45 -19.55 31.14
CA VAL C 384 -0.41 -19.57 32.59
C VAL C 384 -1.25 -20.74 33.09
N LYS C 385 -0.77 -21.42 34.12
CA LYS C 385 -1.51 -22.51 34.74
C LYS C 385 -2.07 -22.06 36.09
N ILE C 386 -3.36 -22.29 36.29
CA ILE C 386 -4.05 -21.97 37.53
C ILE C 386 -4.28 -23.29 38.26
N GLY C 387 -3.48 -23.55 39.30
CA GLY C 387 -3.65 -24.76 40.07
C GLY C 387 -5.00 -24.83 40.77
N ARG C 388 -5.37 -26.06 41.14
CA ARG C 388 -6.65 -26.29 41.81
C ARG C 388 -6.77 -25.41 43.04
N HIS C 389 -7.97 -24.93 43.28
CA HIS C 389 -8.42 -24.25 44.49
C HIS C 389 -7.85 -22.84 44.61
N ALA C 390 -6.91 -22.44 43.76
CA ALA C 390 -6.39 -21.08 43.81
C ALA C 390 -7.50 -20.06 43.63
N GLN C 391 -7.38 -18.92 44.31
CA GLN C 391 -8.34 -17.83 44.20
C GLN C 391 -7.58 -16.53 44.07
N LEU C 392 -7.70 -15.90 42.89
CA LEU C 392 -6.94 -14.71 42.55
C LEU C 392 -7.89 -13.61 42.13
N SER C 393 -7.75 -12.42 42.74
CA SER C 393 -8.57 -11.26 42.43
C SER C 393 -7.67 -10.05 42.24
N ASN C 394 -8.00 -9.24 41.22
CA ASN C 394 -7.28 -8.00 40.91
C ASN C 394 -5.79 -8.28 40.68
N VAL C 395 -5.50 -9.02 39.61
CA VAL C 395 -4.15 -9.48 39.38
C VAL C 395 -3.75 -9.34 37.92
N VAL C 396 -2.45 -9.14 37.71
CA VAL C 396 -1.80 -9.31 36.42
C VAL C 396 -0.87 -10.51 36.57
N ILE C 397 -1.11 -11.56 35.80
CA ILE C 397 -0.30 -12.77 35.87
C ILE C 397 0.64 -12.79 34.67
N ASP C 398 1.95 -12.79 34.97
CA ASP C 398 2.99 -12.78 33.94
C ASP C 398 2.90 -14.04 33.07
N HIS C 399 3.50 -13.92 31.88
CA HIS C 399 3.52 -15.02 30.91
C HIS C 399 4.12 -16.28 31.53
N GLY C 400 3.44 -17.41 31.29
CA GLY C 400 3.95 -18.72 31.68
C GLY C 400 3.88 -19.06 33.15
N VAL C 401 3.28 -18.22 33.99
CA VAL C 401 3.35 -18.41 35.43
C VAL C 401 2.52 -19.62 35.85
N VAL C 402 3.05 -20.39 36.81
CA VAL C 402 2.34 -21.50 37.42
C VAL C 402 1.84 -21.06 38.79
N ILE C 403 0.54 -20.83 38.90
CA ILE C 403 -0.05 -20.47 40.20
C ILE C 403 -0.26 -21.72 41.03
N PRO C 404 0.47 -21.89 42.14
CA PRO C 404 0.34 -23.12 42.93
C PRO C 404 -1.08 -23.35 43.42
N GLU C 405 -1.41 -24.62 43.60
CA GLU C 405 -2.70 -25.01 44.15
C GLU C 405 -2.99 -24.22 45.43
N GLY C 406 -4.19 -23.67 45.52
CA GLY C 406 -4.67 -23.07 46.75
C GLY C 406 -4.21 -21.66 47.05
N LEU C 407 -3.33 -21.09 46.22
CA LEU C 407 -2.85 -19.74 46.48
C LEU C 407 -4.00 -18.74 46.47
N ILE C 408 -3.95 -17.79 47.41
CA ILE C 408 -4.97 -16.75 47.53
C ILE C 408 -4.29 -15.40 47.38
N VAL C 409 -4.85 -14.56 46.52
CA VAL C 409 -4.37 -13.19 46.32
C VAL C 409 -5.59 -12.28 46.29
N GLY C 410 -5.48 -11.12 46.92
CA GLY C 410 -6.57 -10.16 46.93
C GLY C 410 -7.42 -10.17 48.19
N GLU C 411 -7.15 -11.08 49.14
CA GLU C 411 -7.88 -11.10 50.40
C GLU C 411 -7.16 -10.36 51.51
N ASP C 412 -5.84 -10.52 51.62
CA ASP C 412 -5.01 -9.85 52.63
C ASP C 412 -4.02 -8.95 51.89
N PRO C 413 -4.21 -7.63 51.92
CA PRO C 413 -3.27 -6.72 51.21
C PRO C 413 -1.87 -6.78 51.80
N GLU C 414 -1.78 -6.91 53.12
CA GLU C 414 -0.48 -6.97 53.78
C GLU C 414 0.38 -8.11 53.26
N LEU C 415 -0.21 -9.28 53.10
CA LEU C 415 0.56 -10.46 52.71
C LEU C 415 0.79 -10.48 51.20
N ASP C 416 -0.23 -10.07 50.43
CA ASP C 416 -0.06 -9.92 49.00
C ASP C 416 1.08 -8.97 48.67
N ALA C 417 1.20 -7.87 49.44
CA ALA C 417 2.24 -6.88 49.15
C ALA C 417 3.63 -7.38 49.56
N LYS C 418 3.71 -8.15 50.65
CA LYS C 418 4.97 -8.79 50.99
C LYS C 418 5.36 -9.83 49.96
N ARG C 419 4.38 -10.43 49.29
CA ARG C 419 4.60 -11.53 48.36
C ARG C 419 4.82 -11.07 46.93
N PHE C 420 4.02 -10.12 46.47
CA PHE C 420 4.02 -9.74 45.07
C PHE C 420 4.11 -8.24 44.93
N ARG C 421 4.47 -7.81 43.72
CA ARG C 421 4.41 -6.41 43.34
C ARG C 421 2.96 -5.95 43.38
N ARG C 422 2.60 -5.17 44.39
CA ARG C 422 1.22 -4.73 44.58
C ARG C 422 1.15 -3.22 44.45
N THR C 423 0.19 -2.74 43.67
CA THR C 423 -0.03 -1.31 43.55
C THR C 423 -0.84 -0.81 44.74
N GLU C 424 -0.79 0.51 44.96
CA GLU C 424 -1.55 1.11 46.04
C GLU C 424 -3.05 0.95 45.84
N SER C 425 -3.49 0.85 44.59
CA SER C 425 -4.89 0.67 44.27
C SER C 425 -5.34 -0.80 44.26
N GLY C 426 -4.47 -1.73 44.64
CA GLY C 426 -4.89 -3.09 44.89
C GLY C 426 -4.60 -4.12 43.82
N ILE C 427 -3.82 -3.80 42.80
CA ILE C 427 -3.47 -4.77 41.78
C ILE C 427 -2.16 -5.44 42.15
N CYS C 428 -2.12 -6.76 41.99
CA CYS C 428 -0.91 -7.54 42.21
C CYS C 428 -0.39 -8.05 40.87
N LEU C 429 0.85 -7.70 40.54
CA LEU C 429 1.54 -8.33 39.42
C LEU C 429 2.29 -9.54 39.95
N ILE C 430 2.01 -10.72 39.39
CA ILE C 430 2.54 -11.98 39.89
C ILE C 430 3.46 -12.58 38.85
N THR C 431 4.72 -12.80 39.23
CA THR C 431 5.73 -13.40 38.38
CA THR C 431 5.69 -13.43 38.34
C THR C 431 6.15 -14.75 38.94
N GLN C 432 6.80 -15.56 38.11
CA GLN C 432 7.29 -16.84 38.57
C GLN C 432 8.46 -16.69 39.52
N SER C 433 9.24 -15.61 39.40
CA SER C 433 10.22 -15.29 40.43
C SER C 433 9.56 -15.12 41.77
N MET C 434 8.34 -14.57 41.81
CA MET C 434 7.63 -14.39 43.07
C MET C 434 7.10 -15.72 43.60
N ILE C 435 6.43 -16.49 42.75
CA ILE C 435 5.91 -17.79 43.19
C ILE C 435 7.03 -18.67 43.72
N ASP C 436 8.21 -18.59 43.10
CA ASP C 436 9.31 -19.48 43.46
C ASP C 436 9.76 -19.29 44.90
N LYS C 437 9.57 -18.10 45.48
CA LYS C 437 10.09 -17.82 46.82
C LYS C 437 8.99 -17.80 47.87
N LEU C 438 7.94 -18.59 47.68
CA LEU C 438 6.76 -18.51 48.54
C LEU C 438 6.75 -19.64 49.57
N ASP C 439 6.50 -19.26 50.83
CA ASP C 439 6.16 -20.19 51.88
C ASP C 439 4.77 -19.81 52.42
N LEU C 440 4.71 -19.30 53.64
CA LEU C 440 3.47 -18.71 54.14
C LEU C 440 3.62 -17.20 54.19
N VAL D 26 11.29 -48.07 12.78
CA VAL D 26 10.50 -47.83 11.59
C VAL D 26 10.43 -46.32 11.34
N GLN D 27 10.40 -45.54 12.42
CA GLN D 27 10.34 -44.10 12.18
C GLN D 27 11.73 -43.52 11.96
N PRO D 28 11.86 -42.59 11.03
CA PRO D 28 13.16 -41.91 10.84
C PRO D 28 13.54 -41.10 12.06
N LEU D 29 14.83 -41.14 12.41
CA LEU D 29 15.29 -40.46 13.61
C LEU D 29 15.35 -38.94 13.43
N ALA D 30 15.43 -38.45 12.18
CA ALA D 30 15.47 -37.01 11.94
C ALA D 30 14.23 -36.32 12.49
N ARG D 31 13.12 -37.05 12.61
CA ARG D 31 11.91 -36.48 13.19
C ARG D 31 12.17 -35.93 14.57
N ASP D 32 13.04 -36.59 15.35
CA ASP D 32 13.32 -36.20 16.73
C ASP D 32 14.71 -35.59 16.88
N ALA D 33 15.27 -35.05 15.80
CA ALA D 33 16.58 -34.41 15.84
C ALA D 33 16.42 -32.91 15.72
N MET D 34 17.32 -32.19 16.41
CA MET D 34 17.50 -30.76 16.22
C MET D 34 18.90 -30.51 15.70
N ALA D 35 19.01 -29.80 14.58
CA ALA D 35 20.31 -29.39 14.10
C ALA D 35 20.69 -28.05 14.74
N TYR D 36 21.94 -27.96 15.19
CA TYR D 36 22.49 -26.74 15.78
C TYR D 36 23.74 -26.35 15.01
N VAL D 37 23.72 -25.18 14.38
CA VAL D 37 24.77 -24.75 13.47
C VAL D 37 25.61 -23.68 14.16
N LEU D 38 26.92 -23.91 14.24
CA LEU D 38 27.87 -22.95 14.81
C LEU D 38 28.33 -22.03 13.69
N ALA D 39 27.83 -20.80 13.68
CA ALA D 39 28.13 -19.86 12.60
C ALA D 39 28.80 -18.60 13.14
N GLY D 40 29.58 -18.74 14.20
CA GLY D 40 30.27 -17.61 14.79
C GLY D 40 31.68 -17.40 14.31
N GLY D 41 32.18 -18.27 13.44
CA GLY D 41 33.58 -18.22 13.06
C GLY D 41 33.87 -17.00 12.20
N ARG D 42 34.96 -16.29 12.54
CA ARG D 42 35.35 -15.13 11.76
C ARG D 42 35.94 -15.53 10.40
N GLY D 43 36.69 -16.62 10.36
CA GLY D 43 37.43 -16.98 9.17
C GLY D 43 38.54 -15.99 8.90
N SER D 44 39.51 -15.92 9.82
CA SER D 44 40.50 -14.84 9.81
C SER D 44 41.41 -14.90 8.59
N ARG D 45 41.67 -16.10 8.05
CA ARG D 45 42.59 -16.20 6.93
C ARG D 45 41.94 -15.90 5.59
N LEU D 46 40.67 -15.52 5.56
CA LEU D 46 40.09 -14.92 4.37
C LEU D 46 40.32 -13.41 4.32
N LYS D 47 40.98 -12.87 5.34
CA LYS D 47 41.50 -11.49 5.37
C LYS D 47 40.33 -10.52 5.19
N GLU D 48 40.41 -9.57 4.27
CA GLU D 48 39.38 -8.53 4.18
C GLU D 48 38.07 -9.06 3.64
N LEU D 49 38.07 -10.24 3.01
CA LEU D 49 36.81 -10.83 2.56
C LEU D 49 35.84 -11.09 3.72
N THR D 50 36.36 -11.24 4.94
CA THR D 50 35.51 -11.38 6.13
C THR D 50 35.65 -10.20 7.08
N ASP D 51 36.10 -9.05 6.60
CA ASP D 51 36.21 -7.87 7.45
C ASP D 51 34.83 -7.37 7.89
N ARG D 52 33.82 -7.55 7.05
CA ARG D 52 32.49 -7.02 7.32
C ARG D 52 31.43 -8.11 7.44
N ARG D 53 31.83 -9.37 7.55
CA ARG D 53 30.89 -10.47 7.51
C ARG D 53 31.59 -11.71 8.06
N ALA D 54 30.82 -12.57 8.72
CA ALA D 54 31.36 -13.85 9.17
C ALA D 54 31.48 -14.81 7.99
N LYS D 55 32.45 -15.70 8.08
CA LYS D 55 32.67 -16.68 7.01
C LYS D 55 31.41 -17.43 6.58
N PRO D 56 30.48 -17.83 7.47
CA PRO D 56 29.26 -18.49 6.96
C PRO D 56 28.39 -17.60 6.10
N ALA D 57 28.57 -16.28 6.14
CA ALA D 57 27.76 -15.38 5.33
C ALA D 57 28.42 -15.07 3.99
N VAL D 58 29.61 -15.59 3.75
CA VAL D 58 30.29 -15.35 2.49
C VAL D 58 29.54 -16.04 1.36
N TYR D 59 29.41 -15.33 0.24
CA TYR D 59 28.76 -15.91 -0.93
C TYR D 59 29.60 -17.04 -1.50
N PHE D 60 28.94 -17.97 -2.18
CA PHE D 60 29.64 -19.06 -2.84
C PHE D 60 28.80 -19.59 -4.00
N GLY D 61 29.47 -19.79 -5.14
CA GLY D 61 28.94 -20.59 -6.21
C GLY D 61 27.94 -19.92 -7.14
N GLY D 62 27.73 -18.61 -7.02
N GLY D 62 27.68 -18.63 -6.95
CA GLY D 62 26.55 -18.01 -7.61
CA GLY D 62 26.82 -17.88 -7.85
C GLY D 62 25.28 -18.73 -7.22
C GLY D 62 25.53 -17.37 -7.25
N LYS D 63 25.26 -19.32 -6.02
N LYS D 63 25.17 -17.79 -6.04
CA LYS D 63 24.32 -20.37 -5.66
CA LYS D 63 23.94 -17.30 -5.43
C LYS D 63 23.63 -20.06 -4.34
C LYS D 63 23.87 -17.52 -3.92
N ALA D 64 24.42 -19.65 -3.35
N ALA D 64 24.11 -18.75 -3.47
CA ALA D 64 23.98 -19.47 -1.98
CA ALA D 64 23.93 -19.10 -2.08
C ALA D 64 25.11 -18.80 -1.22
C ALA D 64 25.08 -18.55 -1.23
N ARG D 65 24.93 -18.68 0.08
CA ARG D 65 26.03 -18.37 1.00
C ARG D 65 26.49 -19.68 1.63
N ILE D 66 27.63 -19.63 2.33
CA ILE D 66 28.24 -20.87 2.79
C ILE D 66 27.35 -21.58 3.80
N ILE D 67 26.70 -20.84 4.71
CA ILE D 67 25.92 -21.50 5.74
C ILE D 67 24.75 -22.28 5.15
N ASP D 68 24.31 -21.93 3.94
CA ASP D 68 23.14 -22.57 3.37
C ASP D 68 23.34 -24.04 3.06
N PHE D 69 24.58 -24.51 2.91
CA PHE D 69 24.79 -25.93 2.63
C PHE D 69 24.47 -26.77 3.85
N ALA D 70 25.04 -26.42 5.01
CA ALA D 70 24.70 -27.11 6.25
C ALA D 70 23.20 -27.01 6.55
N LEU D 71 22.61 -25.83 6.37
CA LEU D 71 21.18 -25.69 6.63
C LEU D 71 20.35 -26.53 5.67
N SER D 72 20.77 -26.59 4.40
CA SER D 72 20.05 -27.40 3.42
C SER D 72 20.20 -28.88 3.72
N ASN D 73 21.36 -29.30 4.23
CA ASN D 73 21.56 -30.70 4.59
C ASN D 73 20.61 -31.10 5.70
N ALA D 74 20.50 -30.27 6.74
CA ALA D 74 19.54 -30.55 7.81
C ALA D 74 18.12 -30.63 7.26
N LEU D 75 17.75 -29.66 6.43
CA LEU D 75 16.45 -29.69 5.76
C LEU D 75 16.26 -30.96 4.95
N ASN D 76 17.15 -31.19 3.98
CA ASN D 76 17.00 -32.33 3.06
C ASN D 76 17.02 -33.66 3.80
N SER D 77 17.74 -33.72 4.92
CA SER D 77 17.75 -34.93 5.75
C SER D 77 16.49 -35.08 6.59
N GLY D 78 15.60 -34.09 6.58
CA GLY D 78 14.38 -34.17 7.35
C GLY D 78 14.46 -33.62 8.76
N ILE D 79 15.55 -32.95 9.11
CA ILE D 79 15.64 -32.25 10.38
C ILE D 79 14.90 -30.92 10.25
N ARG D 80 13.83 -30.76 11.03
CA ARG D 80 12.94 -29.61 10.91
C ARG D 80 13.10 -28.60 12.04
N ARG D 81 14.02 -28.83 12.97
CA ARG D 81 14.32 -27.88 14.04
C ARG D 81 15.78 -27.47 13.92
N ILE D 82 16.02 -26.18 13.75
CA ILE D 82 17.36 -25.67 13.50
C ILE D 82 17.62 -24.50 14.42
N GLY D 83 18.76 -24.52 15.10
CA GLY D 83 19.30 -23.35 15.79
C GLY D 83 20.58 -22.91 15.10
N VAL D 84 20.82 -21.60 15.08
CA VAL D 84 22.04 -21.04 14.49
C VAL D 84 22.67 -20.10 15.52
N ALA D 85 23.85 -20.44 16.00
CA ALA D 85 24.59 -19.58 16.92
C ALA D 85 25.44 -18.61 16.12
N THR D 86 25.25 -17.32 16.35
CA THR D 86 26.04 -16.30 15.66
C THR D 86 26.88 -15.53 16.66
N GLN D 87 27.87 -14.81 16.14
CA GLN D 87 28.72 -13.98 16.98
C GLN D 87 29.39 -12.88 16.16
N TYR D 88 30.53 -13.19 15.55
CA TYR D 88 31.30 -12.21 14.81
C TYR D 88 30.48 -11.62 13.67
N LYS D 89 30.51 -10.28 13.58
CA LYS D 89 29.82 -9.46 12.58
C LYS D 89 28.69 -10.21 11.88
N ALA D 90 27.56 -10.32 12.56
CA ALA D 90 26.51 -11.26 12.16
C ALA D 90 25.27 -10.58 11.59
N HIS D 91 25.29 -9.24 11.41
CA HIS D 91 24.09 -8.57 10.94
C HIS D 91 23.69 -9.03 9.55
N ASP D 92 24.67 -9.15 8.64
CA ASP D 92 24.38 -9.65 7.31
C ASP D 92 23.90 -11.10 7.38
N LEU D 93 24.60 -11.92 8.16
CA LEU D 93 24.20 -13.32 8.32
C LEU D 93 22.80 -13.42 8.90
N ILE D 94 22.51 -12.66 9.96
CA ILE D 94 21.20 -12.75 10.60
C ILE D 94 20.11 -12.27 9.65
N ARG D 95 20.37 -11.18 8.92
CA ARG D 95 19.39 -10.69 7.96
C ARG D 95 19.11 -11.72 6.88
N HIS D 96 20.14 -12.45 6.45
CA HIS D 96 19.99 -13.46 5.40
C HIS D 96 19.23 -14.69 5.92
N LEU D 97 19.55 -15.12 7.14
CA LEU D 97 18.75 -16.13 7.82
C LEU D 97 17.29 -15.68 7.96
N GLN D 98 17.08 -14.42 8.33
CA GLN D 98 15.72 -13.89 8.50
C GLN D 98 14.92 -13.99 7.19
N ARG D 99 15.55 -13.66 6.07
CA ARG D 99 14.80 -13.46 4.85
C ARG D 99 14.74 -14.71 3.97
N GLY D 100 15.72 -15.61 4.10
CA GLY D 100 15.72 -16.84 3.35
C GLY D 100 15.08 -18.02 4.07
N TRP D 101 15.35 -18.16 5.38
CA TRP D 101 14.95 -19.35 6.13
C TRP D 101 13.74 -19.04 7.01
N ASP D 102 12.67 -18.61 6.33
CA ASP D 102 11.49 -18.04 6.96
C ASP D 102 10.26 -18.93 6.92
N PHE D 103 10.41 -20.20 6.51
CA PHE D 103 9.26 -21.03 6.18
C PHE D 103 9.02 -22.15 7.20
N PHE D 104 9.55 -22.02 8.40
CA PHE D 104 9.29 -23.00 9.46
C PHE D 104 8.18 -22.46 10.35
N ARG D 105 7.22 -23.32 10.70
CA ARG D 105 6.18 -22.87 11.61
C ARG D 105 6.10 -23.79 12.82
N PRO D 106 5.94 -23.23 14.02
CA PRO D 106 5.87 -24.08 15.21
C PRO D 106 4.71 -25.04 15.20
N GLU D 107 3.59 -24.68 14.57
CA GLU D 107 2.41 -25.55 14.59
C GLU D 107 2.70 -26.89 13.94
N ARG D 108 3.61 -26.91 12.96
CA ARG D 108 4.07 -28.13 12.31
C ARG D 108 5.27 -28.74 13.01
N ASN D 109 5.55 -28.34 14.26
CA ASN D 109 6.72 -28.79 15.00
C ASN D 109 8.01 -28.52 14.23
N GLU D 110 8.06 -27.37 13.55
CA GLU D 110 9.26 -26.88 12.90
C GLU D 110 9.72 -25.62 13.62
N SER D 111 11.02 -25.34 13.59
CA SER D 111 11.50 -24.08 14.16
C SER D 111 12.83 -23.70 13.55
N PHE D 112 13.06 -22.40 13.45
CA PHE D 112 14.34 -21.84 13.05
C PHE D 112 14.68 -20.72 14.04
N ASP D 113 15.61 -20.99 14.94
CA ASP D 113 16.02 -20.03 15.96
C ASP D 113 17.34 -19.42 15.57
N ILE D 114 17.38 -18.09 15.50
CA ILE D 114 18.62 -17.34 15.28
C ILE D 114 19.05 -16.80 16.62
N LEU D 115 20.17 -17.29 17.14
CA LEU D 115 20.56 -17.01 18.52
C LEU D 115 21.92 -16.33 18.56
N PRO D 116 21.95 -15.01 18.49
CA PRO D 116 23.21 -14.28 18.62
C PRO D 116 23.65 -14.15 20.07
N ALA D 117 24.95 -13.91 20.23
CA ALA D 117 25.46 -13.52 21.52
C ALA D 117 24.90 -12.14 21.86
N SER D 118 24.03 -12.07 22.86
CA SER D 118 23.42 -10.81 23.26
C SER D 118 23.08 -10.88 24.74
N GLN D 119 22.63 -9.75 25.28
CA GLN D 119 22.23 -9.66 26.69
C GLN D 119 21.14 -10.69 27.03
N GLU D 123 25.15 -10.69 30.66
CA GLU D 123 25.89 -9.53 30.17
C GLU D 123 26.75 -9.90 28.97
N THR D 124 28.00 -10.28 29.25
CA THR D 124 29.09 -10.52 28.29
C THR D 124 28.79 -10.11 26.85
N GLN D 125 27.75 -10.70 26.26
CA GLN D 125 27.40 -10.55 24.84
C GLN D 125 28.41 -11.22 23.92
N TRP D 126 29.19 -12.16 24.45
CA TRP D 126 30.13 -12.94 23.64
C TRP D 126 30.16 -14.36 24.19
N TYR D 127 29.89 -15.34 23.33
CA TYR D 127 30.06 -16.73 23.71
C TYR D 127 31.52 -17.03 24.00
N GLU D 128 31.78 -17.78 25.08
CA GLU D 128 33.15 -18.14 25.40
C GLU D 128 33.72 -19.15 24.39
N GLY D 129 32.88 -19.83 23.63
CA GLY D 129 33.34 -20.80 22.67
C GLY D 129 32.18 -21.54 22.05
N THR D 130 32.53 -22.54 21.23
CA THR D 130 31.51 -23.31 20.52
C THR D 130 30.62 -24.08 21.48
N ALA D 131 31.18 -24.59 22.58
CA ALA D 131 30.36 -25.25 23.58
C ALA D 131 29.49 -24.24 24.34
N ASP D 132 29.99 -23.03 24.54
CA ASP D 132 29.18 -22.03 25.23
C ASP D 132 28.05 -21.53 24.33
N ALA D 133 28.28 -21.52 23.01
CA ALA D 133 27.23 -21.15 22.08
C ALA D 133 26.00 -22.01 22.27
N VAL D 134 26.20 -23.29 22.58
CA VAL D 134 25.07 -24.18 22.82
C VAL D 134 24.60 -24.10 24.26
N TYR D 135 25.54 -23.99 25.21
CA TYR D 135 25.17 -24.01 26.62
C TYR D 135 24.26 -22.84 26.99
N GLN D 136 24.57 -21.65 26.47
N GLN D 136 24.57 -21.65 26.47
CA GLN D 136 23.77 -20.47 26.80
CA GLN D 136 23.78 -20.46 26.79
C GLN D 136 22.34 -20.55 26.27
C GLN D 136 22.36 -20.51 26.24
N ASN D 137 22.06 -21.47 25.37
CA ASN D 137 20.72 -21.58 24.77
C ASN D 137 20.08 -22.93 25.05
N ILE D 138 20.52 -23.62 26.10
CA ILE D 138 19.83 -24.81 26.57
C ILE D 138 18.35 -24.50 26.81
N ASP D 139 18.05 -23.30 27.32
CA ASP D 139 16.67 -22.94 27.57
C ASP D 139 15.86 -22.79 26.28
N ILE D 140 16.51 -22.64 25.13
CA ILE D 140 15.80 -22.65 23.86
C ILE D 140 15.59 -24.08 23.36
N ILE D 141 16.50 -24.99 23.70
CA ILE D 141 16.39 -26.37 23.22
C ILE D 141 15.37 -27.14 24.06
N GLU D 142 15.47 -27.04 25.38
CA GLU D 142 14.74 -27.98 26.23
C GLU D 142 13.23 -27.99 26.04
N PRO D 143 12.54 -26.86 25.84
CA PRO D 143 11.11 -26.96 25.50
C PRO D 143 10.81 -27.79 24.26
N TYR D 144 11.69 -27.78 23.25
CA TYR D 144 11.51 -28.65 22.10
C TYR D 144 11.69 -30.11 22.47
N ALA D 145 12.61 -30.39 23.40
CA ALA D 145 12.94 -31.74 23.84
C ALA D 145 13.21 -32.71 22.69
N PRO D 146 14.10 -32.36 21.76
CA PRO D 146 14.45 -33.31 20.70
C PRO D 146 15.24 -34.47 21.26
N GLU D 147 15.08 -35.64 20.63
CA GLU D 147 15.82 -36.80 21.10
C GLU D 147 17.31 -36.67 20.82
N TYR D 148 17.68 -36.11 19.66
CA TYR D 148 19.06 -36.07 19.23
C TYR D 148 19.48 -34.66 18.85
N MET D 149 20.74 -34.34 19.10
CA MET D 149 21.32 -33.07 18.66
C MET D 149 22.39 -33.32 17.60
N VAL D 150 22.33 -32.55 16.53
CA VAL D 150 23.29 -32.64 15.43
C VAL D 150 24.01 -31.30 15.35
N ILE D 151 25.24 -31.28 15.85
CA ILE D 151 26.06 -30.07 15.90
C ILE D 151 26.80 -29.95 14.58
N LEU D 152 26.70 -28.80 13.93
CA LEU D 152 27.21 -28.64 12.58
C LEU D 152 28.06 -27.39 12.45
N ALA D 153 29.25 -27.54 11.86
CA ALA D 153 30.02 -26.39 11.42
C ALA D 153 29.29 -25.68 10.29
N GLY D 154 29.19 -24.37 10.38
CA GLY D 154 28.46 -23.58 9.41
C GLY D 154 29.31 -23.00 8.29
N ASP D 155 30.56 -23.41 8.14
CA ASP D 155 31.47 -22.72 7.24
C ASP D 155 32.13 -23.67 6.25
N HIS D 156 31.47 -24.77 5.93
CA HIS D 156 31.97 -25.71 4.92
C HIS D 156 30.90 -25.97 3.87
N ILE D 157 31.35 -26.31 2.66
CA ILE D 157 30.47 -26.56 1.51
C ILE D 157 30.48 -28.06 1.25
N TYR D 158 29.35 -28.71 1.50
CA TYR D 158 29.25 -30.16 1.38
C TYR D 158 27.78 -30.56 1.43
N LYS D 159 27.49 -31.75 0.91
CA LYS D 159 26.15 -32.32 0.92
C LYS D 159 26.17 -33.64 1.70
N MET D 160 25.20 -33.83 2.59
CA MET D 160 25.27 -34.95 3.51
C MET D 160 23.89 -35.28 4.06
N ASP D 161 23.52 -36.57 4.01
CA ASP D 161 22.28 -37.06 4.59
C ASP D 161 22.54 -37.45 6.03
N TYR D 162 22.06 -36.63 6.97
CA TYR D 162 22.38 -36.83 8.38
C TYR D 162 21.66 -38.02 8.98
N GLU D 163 20.63 -38.54 8.31
CA GLU D 163 19.90 -39.68 8.84
C GLU D 163 20.80 -40.90 8.98
N TYR D 164 21.79 -41.05 8.10
CA TYR D 164 22.74 -42.15 8.20
C TYR D 164 23.51 -42.08 9.51
N MET D 165 24.01 -40.89 9.86
CA MET D 165 24.81 -40.76 11.08
C MET D 165 23.95 -40.91 12.33
N LEU D 166 22.70 -40.44 12.28
CA LEU D 166 21.80 -40.64 13.41
C LEU D 166 21.62 -42.11 13.72
N GLN D 167 21.34 -42.91 12.69
CA GLN D 167 21.09 -44.33 12.91
C GLN D 167 22.35 -45.04 13.39
N GLN D 168 23.51 -44.68 12.85
CA GLN D 168 24.76 -45.26 13.35
C GLN D 168 25.01 -44.84 14.79
N HIS D 169 24.69 -43.59 15.12
CA HIS D 169 24.78 -43.15 16.52
C HIS D 169 23.94 -44.03 17.42
N VAL D 170 22.67 -44.26 17.03
CA VAL D 170 21.78 -45.03 17.90
C VAL D 170 22.18 -46.50 17.92
N ASP D 171 22.42 -47.08 16.73
CA ASP D 171 22.73 -48.50 16.64
C ASP D 171 24.10 -48.86 17.22
N SER D 172 24.96 -47.89 17.47
CA SER D 172 26.28 -48.17 18.04
C SER D 172 26.35 -47.95 19.54
N GLY D 173 25.39 -47.24 20.13
CA GLY D 173 25.46 -46.91 21.54
C GLY D 173 26.50 -45.87 21.89
N ALA D 174 26.97 -45.10 20.91
CA ALA D 174 28.01 -44.11 21.15
C ALA D 174 27.48 -42.96 21.99
N ASP D 175 28.39 -42.33 22.74
CA ASP D 175 28.07 -41.10 23.45
C ASP D 175 28.21 -39.88 22.54
N VAL D 176 29.11 -39.93 21.57
CA VAL D 176 29.16 -38.95 20.48
C VAL D 176 29.60 -39.67 19.21
N THR D 177 28.92 -39.36 18.11
CA THR D 177 29.36 -39.80 16.79
C THR D 177 29.87 -38.58 16.04
N ILE D 178 31.03 -38.73 15.42
CA ILE D 178 31.78 -37.62 14.84
C ILE D 178 31.93 -37.86 13.35
N GLY D 179 31.53 -36.87 12.56
CA GLY D 179 31.70 -36.93 11.12
C GLY D 179 33.15 -36.70 10.73
N CYS D 180 33.67 -37.56 9.86
CA CYS D 180 35.08 -37.53 9.55
C CYS D 180 35.25 -37.69 8.05
N LEU D 181 36.14 -36.90 7.46
CA LEU D 181 36.58 -37.15 6.11
C LEU D 181 37.72 -38.16 6.10
N GLU D 182 37.77 -38.97 5.06
CA GLU D 182 38.90 -39.85 4.80
C GLU D 182 39.84 -39.11 3.86
N VAL D 183 40.96 -38.61 4.40
CA VAL D 183 41.91 -37.83 3.62
C VAL D 183 43.27 -38.52 3.59
N PRO D 184 44.08 -38.32 2.55
CA PRO D 184 45.46 -38.82 2.58
C PRO D 184 46.20 -38.25 3.77
N ARG D 185 47.14 -39.04 4.29
CA ARG D 185 47.82 -38.70 5.55
C ARG D 185 48.39 -37.29 5.54
N MET D 186 49.18 -36.94 4.51
CA MET D 186 49.87 -35.66 4.58
C MET D 186 48.90 -34.49 4.52
N GLU D 187 47.77 -34.65 3.83
CA GLU D 187 46.77 -33.59 3.84
C GLU D 187 46.05 -33.47 5.17
N ALA D 188 46.07 -34.51 6.00
CA ALA D 188 45.44 -34.49 7.31
C ALA D 188 46.24 -33.72 8.34
N THR D 189 47.43 -33.22 7.99
CA THR D 189 48.24 -32.50 8.94
C THR D 189 47.62 -31.19 9.38
N GLY D 190 46.70 -30.64 8.58
CA GLY D 190 46.03 -29.40 8.90
C GLY D 190 44.70 -29.56 9.60
N PHE D 191 44.31 -30.79 9.90
CA PHE D 191 43.02 -31.11 10.48
C PHE D 191 43.20 -31.61 11.91
N GLY D 192 42.12 -31.47 12.70
CA GLY D 192 41.98 -32.30 13.88
C GLY D 192 41.61 -33.71 13.46
N VAL D 193 42.36 -34.69 13.97
CA VAL D 193 42.33 -36.04 13.42
C VAL D 193 41.98 -37.04 14.52
N MET D 194 41.14 -38.01 14.19
CA MET D 194 40.72 -39.04 15.13
C MET D 194 41.51 -40.33 14.88
N HIS D 195 42.15 -40.82 15.94
CA HIS D 195 42.76 -42.13 15.97
C HIS D 195 41.70 -43.17 16.28
N VAL D 196 41.43 -44.09 15.35
CA VAL D 196 40.39 -45.10 15.55
C VAL D 196 40.98 -46.50 15.43
N ASN D 197 40.28 -47.46 16.02
CA ASN D 197 40.59 -48.87 15.89
C ASN D 197 39.83 -49.45 14.70
N GLU D 198 39.82 -50.78 14.59
CA GLU D 198 39.19 -51.44 13.45
C GLU D 198 37.67 -51.44 13.53
N LYS D 199 37.10 -51.11 14.67
CA LYS D 199 35.66 -50.91 14.69
C LYS D 199 35.28 -49.43 14.63
N ASP D 200 36.26 -48.58 14.31
CA ASP D 200 36.09 -47.14 14.13
C ASP D 200 35.74 -46.42 15.45
N GLU D 201 36.12 -46.99 16.60
CA GLU D 201 36.10 -46.27 17.87
C GLU D 201 37.28 -45.31 17.96
N ILE D 202 36.95 -44.06 18.25
CA ILE D 202 37.97 -43.03 18.43
C ILE D 202 38.76 -43.37 19.70
N ILE D 203 40.03 -43.71 19.54
CA ILE D 203 40.89 -44.00 20.69
C ILE D 203 41.73 -42.80 21.10
N ASP D 204 41.96 -41.85 20.21
CA ASP D 204 42.58 -40.58 20.56
C ASP D 204 42.23 -39.56 19.49
N PHE D 205 42.44 -38.30 19.83
CA PHE D 205 42.29 -37.19 18.91
C PHE D 205 43.51 -36.29 19.06
N ILE D 206 44.03 -35.81 17.94
CA ILE D 206 45.21 -34.94 17.93
C ILE D 206 44.90 -33.72 17.08
N GLU D 207 45.33 -32.55 17.55
CA GLU D 207 45.18 -31.30 16.80
C GLU D 207 46.38 -31.14 15.88
N LYS D 208 46.14 -31.22 14.58
CA LYS D 208 47.16 -31.04 13.55
C LYS D 208 48.42 -31.88 13.82
N PRO D 209 48.30 -33.20 13.83
CA PRO D 209 49.49 -34.03 14.09
C PRO D 209 50.50 -33.91 12.96
N ALA D 210 51.78 -33.89 13.33
CA ALA D 210 52.85 -33.85 12.34
C ALA D 210 52.83 -35.08 11.45
N ASP D 211 52.43 -36.23 11.98
CA ASP D 211 52.18 -37.43 11.18
C ASP D 211 50.87 -38.02 11.68
N PRO D 212 49.82 -37.95 10.89
CA PRO D 212 48.49 -38.33 11.38
C PRO D 212 48.35 -39.84 11.48
N PRO D 213 47.78 -40.34 12.58
CA PRO D 213 47.52 -41.77 12.69
C PRO D 213 46.69 -42.27 11.52
N GLY D 214 47.00 -43.47 11.05
CA GLY D 214 46.37 -44.01 9.87
C GLY D 214 45.18 -44.91 10.20
N ILE D 215 44.27 -45.00 9.25
CA ILE D 215 43.14 -45.93 9.37
C ILE D 215 43.67 -47.35 9.39
N PRO D 216 43.30 -48.18 10.38
CA PRO D 216 43.73 -49.59 10.36
C PRO D 216 43.40 -50.27 9.04
N GLY D 217 44.38 -51.02 8.53
CA GLY D 217 44.21 -51.71 7.27
C GLY D 217 44.19 -50.82 6.04
N ASN D 218 44.51 -49.54 6.20
CA ASN D 218 44.51 -48.57 5.11
C ASN D 218 45.19 -47.32 5.64
N GLU D 219 46.43 -47.50 6.11
CA GLU D 219 47.16 -46.43 6.76
C GLU D 219 47.59 -45.32 5.81
N GLY D 220 47.26 -45.39 4.53
CA GLY D 220 47.48 -44.25 3.67
C GLY D 220 46.48 -43.11 3.84
N PHE D 221 45.48 -43.29 4.70
CA PHE D 221 44.44 -42.29 4.88
C PHE D 221 44.21 -42.06 6.36
N ALA D 222 43.80 -40.84 6.70
CA ALA D 222 43.48 -40.47 8.06
C ALA D 222 42.06 -39.91 8.10
N LEU D 223 41.45 -40.01 9.28
CA LEU D 223 40.10 -39.51 9.50
C LEU D 223 40.22 -38.06 9.97
N ALA D 224 39.81 -37.13 9.10
CA ALA D 224 39.85 -35.71 9.43
C ALA D 224 38.48 -35.30 9.96
N SER D 225 38.44 -34.79 11.18
CA SER D 225 37.17 -34.43 11.78
C SER D 225 36.56 -33.24 11.06
N MET D 226 35.25 -33.30 10.84
CA MET D 226 34.51 -32.28 10.12
C MET D 226 33.91 -31.21 11.01
N GLY D 227 33.88 -31.41 12.33
CA GLY D 227 33.12 -30.52 13.17
C GLY D 227 31.64 -30.82 13.18
N ILE D 228 31.26 -32.06 12.85
CA ILE D 228 29.88 -32.52 12.89
C ILE D 228 29.76 -33.51 14.03
N TYR D 229 28.98 -33.16 15.04
CA TYR D 229 28.83 -34.00 16.24
C TYR D 229 27.38 -34.37 16.43
N VAL D 230 27.13 -35.63 16.77
CA VAL D 230 25.78 -36.10 17.05
C VAL D 230 25.77 -36.70 18.44
N PHE D 231 24.84 -36.24 19.27
CA PHE D 231 24.63 -36.74 20.63
C PHE D 231 23.16 -37.09 20.80
N HIS D 232 22.88 -37.89 21.82
CA HIS D 232 21.56 -37.82 22.44
C HIS D 232 21.45 -36.49 23.16
N THR D 233 20.29 -35.85 23.04
CA THR D 233 20.10 -34.53 23.65
C THR D 233 20.48 -34.52 25.12
N LYS D 234 19.95 -35.48 25.89
CA LYS D 234 20.13 -35.44 27.34
C LYS D 234 21.60 -35.58 27.71
N PHE D 235 22.34 -36.42 26.99
CA PHE D 235 23.76 -36.58 27.27
C PHE D 235 24.54 -35.31 26.96
N LEU D 236 24.18 -34.61 25.87
CA LEU D 236 24.87 -33.36 25.54
C LEU D 236 24.63 -32.30 26.60
N MET D 237 23.38 -32.16 27.07
CA MET D 237 23.07 -31.17 28.10
C MET D 237 23.89 -31.41 29.36
N GLU D 238 23.93 -32.66 29.82
CA GLU D 238 24.79 -33.07 30.92
C GLU D 238 26.23 -32.60 30.70
N ALA D 239 26.74 -32.83 29.49
CA ALA D 239 28.12 -32.52 29.18
C ALA D 239 28.37 -31.01 29.19
N LEU D 240 27.51 -30.26 28.50
CA LEU D 240 27.67 -28.81 28.44
C LEU D 240 27.64 -28.20 29.84
N ARG D 241 26.75 -28.70 30.70
CA ARG D 241 26.71 -28.18 32.06
C ARG D 241 28.01 -28.46 32.79
N ARG D 242 28.57 -29.66 32.62
CA ARG D 242 29.86 -29.97 33.24
C ARG D 242 30.96 -29.09 32.67
N ASP D 243 30.95 -28.88 31.35
CA ASP D 243 31.96 -28.04 30.71
C ASP D 243 31.94 -26.62 31.26
N ALA D 244 30.75 -26.10 31.55
CA ALA D 244 30.63 -24.74 32.05
C ALA D 244 31.08 -24.63 33.51
N ALA D 245 30.87 -25.68 34.30
CA ALA D 245 31.37 -25.67 35.67
C ALA D 245 32.89 -25.79 35.72
N ASP D 246 33.47 -26.45 34.71
CA ASP D 246 34.90 -26.67 34.67
C ASP D 246 35.63 -25.40 34.22
N PRO D 247 36.57 -24.87 35.00
CA PRO D 247 37.33 -23.69 34.56
C PRO D 247 38.51 -24.04 33.68
N THR D 248 38.98 -25.29 33.80
CA THR D 248 39.96 -25.81 32.84
C THR D 248 39.48 -25.63 31.41
N SER D 249 38.18 -25.72 31.19
CA SER D 249 37.61 -25.76 29.85
C SER D 249 37.79 -24.44 29.11
N SER D 250 38.21 -24.53 27.86
CA SER D 250 38.13 -23.40 26.93
C SER D 250 36.75 -23.28 26.29
N ARG D 251 35.76 -24.03 26.80
CA ARG D 251 34.38 -23.94 26.33
C ARG D 251 34.26 -24.24 24.84
N ASP D 252 35.01 -25.23 24.36
CA ASP D 252 34.98 -25.56 22.95
C ASP D 252 34.72 -27.05 22.77
N PHE D 253 33.83 -27.34 21.81
CA PHE D 253 33.54 -28.73 21.45
C PHE D 253 34.80 -29.49 21.10
N GLY D 254 35.59 -28.95 20.16
CA GLY D 254 36.71 -29.70 19.62
C GLY D 254 37.85 -29.92 20.59
N LYS D 255 38.08 -28.97 21.50
CA LYS D 255 39.21 -29.07 22.41
C LYS D 255 38.82 -29.59 23.79
N ASP D 256 37.58 -29.35 24.23
CA ASP D 256 37.16 -29.73 25.57
C ASP D 256 36.09 -30.81 25.59
N ILE D 257 35.04 -30.68 24.78
CA ILE D 257 33.90 -31.60 24.87
C ILE D 257 34.29 -32.98 24.36
N ILE D 258 34.65 -33.06 23.08
CA ILE D 258 34.94 -34.34 22.42
C ILE D 258 36.16 -35.02 23.04
N PRO D 259 37.25 -34.32 23.35
CA PRO D 259 38.38 -35.00 24.01
C PRO D 259 37.99 -35.70 25.30
N TYR D 260 37.23 -35.03 26.17
CA TYR D 260 36.76 -35.66 27.40
C TYR D 260 36.03 -36.96 27.11
N ILE D 261 35.17 -36.95 26.09
CA ILE D 261 34.36 -38.12 25.78
C ILE D 261 35.22 -39.26 25.25
N VAL D 262 36.22 -38.95 24.43
CA VAL D 262 37.07 -40.00 23.87
C VAL D 262 37.79 -40.77 24.97
N GLU D 263 38.17 -40.08 26.05
CA GLU D 263 38.85 -40.74 27.16
C GLU D 263 37.89 -41.53 28.04
N HIS D 264 36.88 -40.85 28.58
CA HIS D 264 35.99 -41.46 29.58
C HIS D 264 34.72 -42.07 29.00
N GLY D 265 34.36 -41.77 27.76
CA GLY D 265 33.14 -42.31 27.18
C GLY D 265 33.40 -43.10 25.91
N LYS D 266 32.39 -43.17 25.04
CA LYS D 266 32.48 -43.89 23.77
C LYS D 266 32.26 -42.91 22.63
N ALA D 267 33.30 -42.68 21.83
CA ALA D 267 33.26 -41.78 20.69
C ALA D 267 33.53 -42.59 19.44
N VAL D 268 32.64 -42.51 18.47
CA VAL D 268 32.75 -43.30 17.24
C VAL D 268 32.81 -42.35 16.05
N ALA D 269 33.57 -42.76 15.03
CA ALA D 269 33.71 -41.98 13.81
C ALA D 269 32.68 -42.44 12.78
N HIS D 270 32.03 -41.49 12.12
CA HIS D 270 31.24 -41.73 10.93
C HIS D 270 31.99 -41.17 9.72
N ARG D 271 31.89 -41.85 8.58
CA ARG D 271 32.73 -41.54 7.42
C ARG D 271 31.91 -40.85 6.34
N PHE D 272 32.35 -39.65 5.95
CA PHE D 272 31.64 -38.84 4.95
C PHE D 272 31.20 -39.65 3.75
N ALA D 273 32.09 -40.50 3.23
CA ALA D 273 31.79 -41.22 1.99
C ALA D 273 30.50 -42.02 2.11
N ASP D 274 30.13 -42.45 3.32
CA ASP D 274 28.94 -43.29 3.43
C ASP D 274 27.65 -42.48 3.46
N SER D 275 27.70 -41.22 3.88
CA SER D 275 26.48 -40.42 3.94
C SER D 275 26.52 -39.18 3.06
N CYS D 276 27.62 -38.95 2.34
CA CYS D 276 27.67 -37.85 1.39
C CYS D 276 26.67 -38.09 0.27
N VAL D 277 26.02 -37.02 -0.17
CA VAL D 277 25.06 -37.08 -1.26
C VAL D 277 25.76 -36.61 -2.53
N ARG D 278 25.91 -37.52 -3.49
CA ARG D 278 26.54 -37.24 -4.77
C ARG D 278 25.49 -37.22 -5.87
N SER D 279 25.45 -36.14 -6.64
CA SER D 279 24.75 -36.21 -7.91
C SER D 279 25.52 -37.12 -8.86
N ASP D 280 24.84 -37.64 -9.87
CA ASP D 280 25.51 -38.51 -10.82
C ASP D 280 26.49 -37.77 -11.72
N PHE D 281 26.68 -36.47 -11.51
CA PHE D 281 27.67 -35.67 -12.23
C PHE D 281 28.80 -35.22 -11.31
N GLU D 282 28.98 -35.89 -10.17
CA GLU D 282 30.03 -35.57 -9.19
C GLU D 282 30.88 -36.81 -8.98
N HIS D 283 32.13 -36.77 -9.44
CA HIS D 283 32.96 -37.96 -9.51
C HIS D 283 33.49 -38.42 -8.16
N GLU D 284 33.48 -37.57 -7.15
CA GLU D 284 33.90 -37.95 -5.80
C GLU D 284 33.09 -37.16 -4.80
N PRO D 285 33.07 -37.57 -3.53
CA PRO D 285 32.38 -36.75 -2.52
C PRO D 285 32.97 -35.35 -2.49
N TYR D 286 32.11 -34.36 -2.31
CA TYR D 286 32.51 -32.96 -2.40
C TYR D 286 32.47 -32.35 -1.01
N TRP D 287 33.60 -31.81 -0.59
CA TRP D 287 33.72 -31.08 0.67
C TRP D 287 34.82 -30.05 0.51
N ARG D 288 34.52 -28.80 0.88
CA ARG D 288 35.47 -27.71 0.80
C ARG D 288 35.26 -26.82 2.01
N ASP D 289 36.36 -26.34 2.61
CA ASP D 289 36.26 -25.41 3.71
C ASP D 289 36.62 -23.99 3.32
N VAL D 290 37.04 -23.79 2.06
CA VAL D 290 37.42 -22.49 1.48
C VAL D 290 38.03 -21.56 2.53
N GLY D 291 39.07 -22.05 3.21
CA GLY D 291 39.61 -21.34 4.35
C GLY D 291 40.58 -20.23 4.01
N THR D 292 41.11 -20.22 2.79
CA THR D 292 42.05 -19.21 2.32
C THR D 292 41.52 -18.57 1.05
N ILE D 293 42.08 -17.39 0.73
CA ILE D 293 41.63 -16.66 -0.45
C ILE D 293 41.84 -17.51 -1.70
N ASP D 294 42.99 -18.16 -1.81
CA ASP D 294 43.24 -19.08 -2.92
C ASP D 294 42.18 -20.18 -2.97
N ALA D 295 41.94 -20.84 -1.84
CA ALA D 295 41.01 -21.97 -1.81
C ALA D 295 39.60 -21.52 -2.14
N TYR D 296 39.20 -20.35 -1.64
CA TYR D 296 37.91 -19.79 -2.01
C TYR D 296 37.85 -19.52 -3.50
N TRP D 297 38.86 -18.82 -4.04
CA TRP D 297 38.90 -18.54 -5.48
C TRP D 297 38.82 -19.81 -6.29
N GLN D 298 39.62 -20.82 -5.93
CA GLN D 298 39.70 -22.03 -6.75
C GLN D 298 38.37 -22.76 -6.81
N ALA D 299 37.73 -22.95 -5.65
CA ALA D 299 36.47 -23.69 -5.59
C ALA D 299 35.38 -22.97 -6.37
N ASN D 300 35.34 -21.65 -6.31
CA ASN D 300 34.43 -20.89 -7.15
C ASN D 300 34.77 -21.02 -8.62
N ILE D 301 36.04 -20.82 -8.98
CA ILE D 301 36.38 -20.79 -10.40
C ILE D 301 36.25 -22.17 -11.02
N ASP D 302 36.40 -23.24 -10.21
CA ASP D 302 36.27 -24.59 -10.74
C ASP D 302 34.86 -24.88 -11.21
N LEU D 303 33.89 -24.04 -10.84
CA LEU D 303 32.53 -24.18 -11.36
C LEU D 303 32.43 -23.81 -12.83
N THR D 304 33.45 -23.16 -13.38
CA THR D 304 33.43 -22.84 -14.81
C THR D 304 33.86 -24.01 -15.69
N ASP D 305 34.36 -25.11 -15.11
CA ASP D 305 34.85 -26.22 -15.92
C ASP D 305 33.72 -26.88 -16.71
N VAL D 306 34.12 -27.70 -17.68
CA VAL D 306 33.15 -28.47 -18.45
C VAL D 306 32.49 -29.52 -17.57
N VAL D 307 33.26 -30.22 -16.75
CA VAL D 307 32.73 -31.17 -15.77
C VAL D 307 33.17 -30.74 -14.38
N PRO D 308 32.41 -29.89 -13.70
CA PRO D 308 32.81 -29.43 -12.37
C PRO D 308 32.66 -30.53 -11.32
N ASP D 309 33.45 -30.38 -10.25
CA ASP D 309 33.36 -31.30 -9.12
C ASP D 309 32.08 -31.09 -8.32
N LEU D 310 31.52 -29.88 -8.32
CA LEU D 310 30.24 -29.60 -7.69
C LEU D 310 29.20 -29.35 -8.75
N ASP D 311 28.07 -30.05 -8.66
CA ASP D 311 26.97 -29.90 -9.62
C ASP D 311 25.93 -28.97 -8.98
N ILE D 312 25.95 -27.71 -9.40
CA ILE D 312 25.04 -26.70 -8.89
C ILE D 312 23.75 -26.73 -9.70
N TYR D 313 23.60 -27.74 -10.54
CA TYR D 313 22.41 -27.91 -11.36
C TYR D 313 21.59 -29.12 -10.94
N ASP D 314 22.04 -29.84 -9.91
CA ASP D 314 21.32 -31.00 -9.41
C ASP D 314 20.09 -30.57 -8.62
N LYS D 315 18.98 -31.29 -8.80
CA LYS D 315 17.75 -30.98 -8.10
C LYS D 315 17.39 -31.99 -7.02
N SER D 316 18.15 -33.08 -6.90
CA SER D 316 17.80 -34.15 -5.97
C SER D 316 18.18 -33.85 -4.53
N TRP D 317 19.16 -32.98 -4.30
CA TRP D 317 19.56 -32.56 -2.95
C TRP D 317 19.74 -31.05 -2.97
N PRO D 318 18.66 -30.31 -3.13
CA PRO D 318 18.77 -28.90 -3.49
C PRO D 318 19.28 -28.03 -2.34
N ILE D 319 20.02 -26.99 -2.72
CA ILE D 319 20.54 -26.01 -1.77
C ILE D 319 19.59 -24.83 -1.76
N TRP D 320 18.80 -24.71 -0.70
CA TRP D 320 17.94 -23.54 -0.53
C TRP D 320 18.77 -22.33 -0.07
N THR D 321 18.27 -21.15 -0.41
CA THR D 321 18.95 -19.92 -0.02
C THR D 321 17.96 -18.78 -0.20
N TYR D 322 18.36 -17.59 0.22
CA TYR D 322 17.56 -16.41 -0.06
C TYR D 322 17.79 -15.99 -1.50
N ALA D 323 16.72 -15.93 -2.28
CA ALA D 323 16.81 -15.50 -3.67
C ALA D 323 15.65 -14.58 -3.97
N GLU D 324 15.88 -13.58 -4.79
CA GLU D 324 14.84 -12.68 -5.23
C GLU D 324 14.53 -12.91 -6.70
N ILE D 325 13.35 -12.45 -7.12
CA ILE D 325 13.04 -12.42 -8.53
C ILE D 325 14.01 -11.47 -9.21
N THR D 326 14.84 -12.01 -10.12
CA THR D 326 15.82 -11.17 -10.79
C THR D 326 15.69 -11.29 -12.30
N PRO D 327 15.81 -10.19 -13.01
CA PRO D 327 15.76 -10.22 -14.48
C PRO D 327 16.87 -11.11 -15.03
N PRO D 328 16.78 -11.52 -16.28
CA PRO D 328 17.82 -12.38 -16.85
C PRO D 328 19.13 -11.64 -17.09
N ALA D 329 20.11 -12.37 -17.60
CA ALA D 329 21.40 -11.80 -17.97
C ALA D 329 21.35 -11.28 -19.41
N LYS D 330 22.07 -10.19 -19.66
CA LYS D 330 22.04 -9.51 -20.95
C LYS D 330 23.45 -9.30 -21.48
N PHE D 331 23.65 -9.58 -22.76
CA PHE D 331 24.91 -9.34 -23.45
C PHE D 331 24.64 -8.42 -24.62
N VAL D 332 25.28 -7.25 -24.65
CA VAL D 332 25.08 -6.33 -25.78
C VAL D 332 26.41 -5.91 -26.38
N HIS D 333 26.29 -5.23 -27.51
CA HIS D 333 27.38 -4.74 -28.33
C HIS D 333 28.11 -5.88 -29.00
N ASP D 334 28.35 -5.71 -30.30
CA ASP D 334 28.94 -6.74 -31.15
C ASP D 334 29.49 -6.07 -32.40
N ASP D 335 30.42 -5.15 -32.24
CA ASP D 335 31.01 -4.43 -33.37
C ASP D 335 32.50 -4.78 -33.46
N GLU D 336 33.22 -4.03 -34.31
CA GLU D 336 34.63 -4.34 -34.55
C GLU D 336 35.46 -4.17 -33.29
N ASP D 337 35.07 -3.26 -32.39
CA ASP D 337 35.90 -2.93 -31.23
C ASP D 337 35.36 -3.43 -29.90
N ARG D 338 34.08 -3.76 -29.79
CA ARG D 338 33.54 -4.26 -28.53
C ARG D 338 32.48 -5.32 -28.77
N ARG D 339 32.57 -6.42 -28.06
CA ARG D 339 31.50 -7.40 -28.03
C ARG D 339 31.30 -7.83 -26.59
N GLY D 340 30.05 -7.74 -26.12
CA GLY D 340 29.73 -8.31 -24.83
C GLY D 340 29.46 -9.80 -24.96
N SER D 341 30.25 -10.62 -24.27
CA SER D 341 30.05 -12.06 -24.31
C SER D 341 30.88 -12.72 -23.21
N ALA D 342 30.49 -13.94 -22.89
CA ALA D 342 31.10 -14.74 -21.83
C ALA D 342 31.40 -16.11 -22.39
N VAL D 343 32.61 -16.63 -22.11
CA VAL D 343 33.00 -17.95 -22.57
C VAL D 343 33.63 -18.72 -21.41
N SER D 344 33.31 -20.02 -21.33
CA SER D 344 33.72 -20.84 -20.20
C SER D 344 33.47 -20.12 -18.87
N SER D 345 32.28 -19.54 -18.75
CA SER D 345 31.96 -18.71 -17.60
C SER D 345 30.59 -19.08 -17.04
N VAL D 346 30.37 -18.69 -15.79
CA VAL D 346 29.09 -18.85 -15.11
C VAL D 346 28.57 -17.45 -14.79
N VAL D 347 27.39 -17.12 -15.32
CA VAL D 347 26.84 -15.77 -15.19
C VAL D 347 25.46 -15.84 -14.54
N SER D 348 25.23 -14.98 -13.56
CA SER D 348 23.96 -14.96 -12.83
C SER D 348 22.98 -13.98 -13.45
N GLY D 349 21.77 -13.95 -12.90
CA GLY D 349 20.77 -13.01 -13.36
C GLY D 349 21.12 -11.58 -13.02
N ASP D 350 20.33 -10.67 -13.57
CA ASP D 350 20.52 -9.22 -13.46
C ASP D 350 21.99 -8.83 -13.70
N CYS D 351 22.64 -9.55 -14.61
CA CYS D 351 23.99 -9.21 -15.04
C CYS D 351 23.91 -8.64 -16.45
N ILE D 352 24.43 -7.44 -16.64
CA ILE D 352 24.47 -6.82 -17.96
C ILE D 352 25.92 -6.77 -18.42
N ILE D 353 26.21 -7.53 -19.47
CA ILE D 353 27.56 -7.63 -20.04
C ILE D 353 27.61 -6.78 -21.30
N SER D 354 28.01 -5.53 -21.17
CA SER D 354 27.87 -4.53 -22.23
C SER D 354 29.24 -4.28 -22.85
N GLY D 355 29.50 -4.88 -24.00
CA GLY D 355 30.76 -4.69 -24.67
C GLY D 355 31.96 -5.22 -23.92
N ALA D 356 31.72 -6.08 -22.94
CA ALA D 356 32.77 -6.62 -22.10
C ALA D 356 33.01 -8.09 -22.42
N ALA D 357 34.25 -8.52 -22.27
CA ALA D 357 34.64 -9.90 -22.55
C ALA D 357 34.89 -10.62 -21.22
N LEU D 358 34.14 -11.70 -20.99
CA LEU D 358 34.32 -12.56 -19.83
C LEU D 358 34.90 -13.90 -20.24
N ASN D 359 35.91 -14.37 -19.51
CA ASN D 359 36.52 -15.66 -19.78
C ASN D 359 36.88 -16.34 -18.47
N ARG D 360 36.47 -17.60 -18.33
CA ARG D 360 36.71 -18.41 -17.13
C ARG D 360 36.41 -17.63 -15.85
N SER D 361 35.23 -17.00 -15.81
CA SER D 361 34.86 -16.21 -14.65
C SER D 361 33.52 -16.67 -14.10
N LEU D 362 33.31 -16.42 -12.81
CA LEU D 362 32.02 -16.59 -12.16
C LEU D 362 31.52 -15.23 -11.71
N LEU D 363 30.30 -14.88 -12.13
CA LEU D 363 29.63 -13.64 -11.69
C LEU D 363 28.40 -13.99 -10.85
N PHE D 364 28.30 -13.40 -9.67
CA PHE D 364 27.07 -13.44 -8.90
C PHE D 364 26.08 -12.41 -9.48
N THR D 365 24.95 -12.25 -8.80
N THR D 365 24.93 -12.27 -8.83
CA THR D 365 23.86 -11.41 -9.31
CA THR D 365 23.87 -11.42 -9.37
C THR D 365 24.24 -9.93 -9.29
C THR D 365 24.26 -9.94 -9.31
N GLY D 366 23.76 -9.19 -10.29
CA GLY D 366 23.83 -7.74 -10.26
C GLY D 366 25.02 -7.09 -10.92
N VAL D 367 25.88 -7.86 -11.60
CA VAL D 367 27.13 -7.30 -12.13
C VAL D 367 26.85 -6.47 -13.37
N ARG D 368 27.50 -5.32 -13.46
CA ARG D 368 27.51 -4.52 -14.68
C ARG D 368 28.94 -4.45 -15.18
N ALA D 369 29.22 -5.13 -16.28
CA ALA D 369 30.51 -5.02 -16.95
C ALA D 369 30.30 -4.16 -18.20
N ASN D 370 31.03 -3.07 -18.30
CA ASN D 370 30.83 -2.13 -19.41
C ASN D 370 31.95 -2.17 -20.44
N SER D 371 31.75 -1.36 -21.47
CA SER D 371 32.42 -1.56 -22.75
C SER D 371 33.93 -1.64 -22.60
N TYR D 372 34.53 -2.55 -23.36
CA TYR D 372 35.97 -2.71 -23.53
C TYR D 372 36.65 -3.27 -22.29
N SER D 373 35.91 -3.58 -21.23
CA SER D 373 36.49 -4.25 -20.09
C SER D 373 36.66 -5.75 -20.38
N ARG D 374 37.63 -6.36 -19.71
CA ARG D 374 37.93 -7.77 -19.85
C ARG D 374 38.07 -8.43 -18.49
N LEU D 375 37.43 -9.58 -18.32
CA LEU D 375 37.55 -10.39 -17.12
C LEU D 375 38.11 -11.75 -17.48
N GLU D 376 39.20 -12.13 -16.81
CA GLU D 376 39.75 -13.48 -16.94
C GLU D 376 40.03 -14.04 -15.55
N ASN D 377 39.59 -15.28 -15.32
CA ASN D 377 39.81 -15.95 -14.04
C ASN D 377 39.25 -15.13 -12.87
N ALA D 378 38.09 -14.52 -13.07
CA ALA D 378 37.54 -13.61 -12.07
C ALA D 378 36.41 -14.28 -11.29
N VAL D 379 36.46 -14.17 -9.96
CA VAL D 379 35.31 -14.45 -9.11
C VAL D 379 34.70 -13.11 -8.72
N VAL D 380 33.52 -12.81 -9.24
CA VAL D 380 32.94 -11.48 -9.10
C VAL D 380 31.68 -11.60 -8.25
N LEU D 381 31.71 -11.03 -7.05
CA LEU D 381 30.61 -11.18 -6.10
C LEU D 381 29.48 -10.21 -6.46
N PRO D 382 28.33 -10.27 -5.76
CA PRO D 382 27.16 -9.55 -6.23
C PRO D 382 27.37 -8.05 -6.38
N SER D 383 26.69 -7.48 -7.37
CA SER D 383 26.49 -6.04 -7.51
C SER D 383 27.79 -5.29 -7.81
N VAL D 384 28.72 -5.93 -8.48
CA VAL D 384 29.99 -5.32 -8.81
C VAL D 384 29.84 -4.55 -10.12
N LYS D 385 30.46 -3.38 -10.20
CA LYS D 385 30.48 -2.60 -11.43
C LYS D 385 31.91 -2.58 -11.99
N ILE D 386 32.05 -2.95 -13.25
CA ILE D 386 33.35 -2.97 -13.91
C ILE D 386 33.38 -1.84 -14.92
N GLY D 387 34.18 -0.82 -14.63
CA GLY D 387 34.23 0.34 -15.50
C GLY D 387 34.86 0.04 -16.84
N ARG D 388 34.60 0.96 -17.78
CA ARG D 388 35.10 0.82 -19.14
C ARG D 388 36.61 0.61 -19.18
N HIS D 389 37.05 -0.23 -20.12
CA HIS D 389 38.45 -0.52 -20.43
C HIS D 389 39.22 -1.18 -19.29
N ALA D 390 38.58 -1.49 -18.17
CA ALA D 390 39.27 -2.22 -17.10
C ALA D 390 39.66 -3.63 -17.57
N GLN D 391 40.78 -4.13 -17.04
CA GLN D 391 41.25 -5.47 -17.39
C GLN D 391 41.65 -6.16 -16.10
N LEU D 392 40.92 -7.22 -15.73
CA LEU D 392 41.14 -7.91 -14.47
C LEU D 392 41.44 -9.38 -14.74
N SER D 393 42.52 -9.88 -14.13
CA SER D 393 42.92 -11.27 -14.24
C SER D 393 43.20 -11.86 -12.86
N ASN D 394 42.73 -13.09 -12.64
CA ASN D 394 43.00 -13.84 -11.41
C ASN D 394 42.56 -13.07 -10.16
N VAL D 395 41.28 -12.73 -10.11
CA VAL D 395 40.83 -11.86 -9.03
C VAL D 395 39.64 -12.46 -8.29
N VAL D 396 39.48 -12.03 -7.05
CA VAL D 396 38.23 -12.08 -6.31
C VAL D 396 37.82 -10.63 -6.07
N ILE D 397 36.66 -10.24 -6.57
CA ILE D 397 36.14 -8.88 -6.38
C ILE D 397 35.01 -8.94 -5.36
N ASP D 398 35.17 -8.22 -4.26
CA ASP D 398 34.20 -8.30 -3.18
C ASP D 398 32.88 -7.64 -3.59
N HIS D 399 31.86 -7.93 -2.78
CA HIS D 399 30.50 -7.44 -3.02
C HIS D 399 30.47 -5.93 -3.25
N GLY D 400 29.67 -5.51 -4.23
CA GLY D 400 29.38 -4.10 -4.44
C GLY D 400 30.52 -3.24 -4.94
N VAL D 401 31.68 -3.82 -5.21
CA VAL D 401 32.84 -3.02 -5.55
C VAL D 401 32.65 -2.35 -6.90
N VAL D 402 33.10 -1.10 -7.00
CA VAL D 402 33.05 -0.32 -8.23
C VAL D 402 34.48 -0.18 -8.73
N ILE D 403 34.82 -0.93 -9.79
CA ILE D 403 36.16 -0.91 -10.34
C ILE D 403 36.30 0.25 -11.33
N PRO D 404 37.24 1.16 -11.10
CA PRO D 404 37.32 2.37 -11.94
C PRO D 404 37.70 2.05 -13.37
N GLU D 405 37.26 2.92 -14.28
CA GLU D 405 37.55 2.75 -15.69
C GLU D 405 39.06 2.74 -15.94
N GLY D 406 39.52 1.74 -16.68
CA GLY D 406 40.91 1.64 -17.04
C GLY D 406 41.80 0.85 -16.10
N LEU D 407 41.28 0.38 -14.97
CA LEU D 407 42.12 -0.31 -14.00
C LEU D 407 42.66 -1.61 -14.60
N ILE D 408 43.89 -1.95 -14.25
CA ILE D 408 44.51 -3.20 -14.66
C ILE D 408 44.93 -3.94 -13.41
N VAL D 409 44.50 -5.20 -13.29
CA VAL D 409 44.89 -6.07 -12.19
C VAL D 409 45.29 -7.41 -12.77
N GLY D 410 46.49 -7.87 -12.40
CA GLY D 410 47.00 -9.14 -12.88
C GLY D 410 48.11 -9.03 -13.89
N GLU D 411 48.55 -7.82 -14.22
CA GLU D 411 49.64 -7.65 -15.17
C GLU D 411 50.98 -7.38 -14.48
N ASP D 412 50.99 -6.65 -13.37
CA ASP D 412 52.23 -6.37 -12.63
C ASP D 412 52.06 -6.84 -11.20
N PRO D 413 52.74 -7.92 -10.80
CA PRO D 413 52.56 -8.47 -9.44
C PRO D 413 52.87 -7.47 -8.33
N GLU D 414 53.96 -6.72 -8.46
CA GLU D 414 54.35 -5.82 -7.37
C GLU D 414 53.36 -4.66 -7.21
N LEU D 415 52.91 -4.08 -8.32
CA LEU D 415 51.86 -3.06 -8.24
C LEU D 415 50.59 -3.64 -7.65
N ASP D 416 50.19 -4.83 -8.11
CA ASP D 416 48.98 -5.46 -7.60
C ASP D 416 49.13 -5.78 -6.11
N ALA D 417 50.32 -6.22 -5.70
CA ALA D 417 50.54 -6.52 -4.29
C ALA D 417 50.49 -5.26 -3.42
N LYS D 418 50.90 -4.12 -3.96
CA LYS D 418 50.84 -2.88 -3.20
C LYS D 418 49.40 -2.40 -3.04
N ARG D 419 48.62 -2.49 -4.11
CA ARG D 419 47.26 -1.96 -4.10
C ARG D 419 46.27 -2.88 -3.41
N PHE D 420 46.45 -4.19 -3.52
CA PHE D 420 45.43 -5.14 -3.14
C PHE D 420 45.98 -6.15 -2.14
N ARG D 421 45.12 -7.07 -1.73
CA ARG D 421 45.52 -8.27 -1.02
C ARG D 421 45.81 -9.33 -2.08
N ARG D 422 47.10 -9.64 -2.28
CA ARG D 422 47.52 -10.56 -3.33
C ARG D 422 48.08 -11.82 -2.69
N THR D 423 47.56 -12.97 -3.10
CA THR D 423 48.10 -14.23 -2.59
C THR D 423 49.49 -14.47 -3.17
N GLU D 424 50.19 -15.45 -2.59
CA GLU D 424 51.44 -15.89 -3.18
C GLU D 424 51.19 -16.61 -4.50
N SER D 425 50.01 -17.20 -4.63
CA SER D 425 49.59 -17.86 -5.86
C SER D 425 49.29 -16.91 -7.01
N GLY D 426 49.15 -15.61 -6.75
CA GLY D 426 48.78 -14.65 -7.78
C GLY D 426 47.31 -14.24 -7.79
N ILE D 427 46.54 -14.58 -6.76
CA ILE D 427 45.16 -14.15 -6.66
C ILE D 427 45.12 -12.81 -5.95
N CYS D 428 44.37 -11.87 -6.51
CA CYS D 428 44.14 -10.57 -5.89
C CYS D 428 42.71 -10.49 -5.39
N LEU D 429 42.54 -10.17 -4.12
CA LEU D 429 41.24 -9.87 -3.56
C LEU D 429 41.08 -8.36 -3.53
N ILE D 430 39.99 -7.86 -4.09
CA ILE D 430 39.78 -6.42 -4.27
C ILE D 430 38.54 -5.99 -3.49
N THR D 431 38.74 -5.15 -2.48
CA THR D 431 37.65 -4.55 -1.72
CA THR D 431 37.65 -4.55 -1.72
C THR D 431 37.49 -3.08 -2.10
N GLN D 432 36.33 -2.52 -1.72
CA GLN D 432 36.10 -1.11 -2.03
C GLN D 432 37.02 -0.20 -1.20
N SER D 433 37.48 -0.68 -0.05
CA SER D 433 38.41 0.11 0.74
C SER D 433 39.76 0.25 0.04
N MET D 434 40.21 -0.78 -0.67
N MET D 434 40.21 -0.82 -0.63
CA MET D 434 41.48 -0.67 -1.36
CA MET D 434 41.45 -0.75 -1.40
C MET D 434 41.35 0.13 -2.66
C MET D 434 41.31 0.20 -2.59
N ILE D 435 40.18 0.11 -3.29
CA ILE D 435 39.95 0.98 -4.43
C ILE D 435 39.94 2.44 -3.99
N ASP D 436 39.28 2.73 -2.85
CA ASP D 436 39.16 4.08 -2.35
C ASP D 436 40.50 4.75 -2.08
N LYS D 437 41.60 3.99 -2.08
CA LYS D 437 42.91 4.49 -1.70
C LYS D 437 43.84 4.67 -2.89
N LEU D 438 43.31 4.61 -4.11
CA LEU D 438 44.13 4.38 -5.30
C LEU D 438 44.47 5.65 -6.05
N ASP D 439 45.69 5.68 -6.59
CA ASP D 439 46.13 6.68 -7.56
C ASP D 439 46.83 5.97 -8.72
N LEU D 440 48.15 5.83 -8.63
CA LEU D 440 48.91 4.99 -9.57
C LEU D 440 49.51 3.79 -8.84
N VAL E 26 -8.24 12.99 0.81
CA VAL E 26 -6.94 12.65 1.40
C VAL E 26 -6.60 11.18 1.13
N GLN E 27 -7.53 10.29 1.47
CA GLN E 27 -7.28 8.86 1.36
C GLN E 27 -7.15 8.45 -0.10
N PRO E 28 -6.19 7.60 -0.43
CA PRO E 28 -6.16 7.04 -1.80
C PRO E 28 -7.36 6.16 -2.05
N LEU E 29 -7.83 6.18 -3.30
CA LEU E 29 -9.05 5.46 -3.64
C LEU E 29 -8.79 3.98 -3.88
N ALA E 30 -7.56 3.60 -4.26
CA ALA E 30 -7.23 2.20 -4.43
C ALA E 30 -7.44 1.40 -3.14
N ARG E 31 -7.45 2.08 -1.98
CA ARG E 31 -7.83 1.41 -0.74
C ARG E 31 -9.21 0.77 -0.84
N ASP E 32 -10.12 1.40 -1.60
CA ASP E 32 -11.51 0.96 -1.70
C ASP E 32 -11.81 0.40 -3.09
N ALA E 33 -10.80 0.00 -3.84
CA ALA E 33 -10.99 -0.53 -5.18
C ALA E 33 -10.73 -2.02 -5.20
N MET E 34 -11.39 -2.71 -6.11
CA MET E 34 -11.16 -4.11 -6.39
C MET E 34 -10.79 -4.27 -7.87
N ALA E 35 -9.69 -4.96 -8.13
CA ALA E 35 -9.28 -5.24 -9.50
C ALA E 35 -9.83 -6.58 -9.93
N TYR E 36 -10.54 -6.59 -11.06
CA TYR E 36 -11.09 -7.81 -11.64
C TYR E 36 -10.44 -8.01 -13.01
N VAL E 37 -9.62 -9.03 -13.12
CA VAL E 37 -8.89 -9.33 -14.35
C VAL E 37 -9.70 -10.34 -15.16
N LEU E 38 -9.89 -10.04 -16.44
CA LEU E 38 -10.55 -10.95 -17.38
C LEU E 38 -9.46 -11.76 -18.09
N ALA E 39 -9.37 -13.05 -17.77
CA ALA E 39 -8.26 -13.87 -18.24
C ALA E 39 -8.75 -15.13 -18.93
N GLY E 40 -9.95 -15.07 -19.51
CA GLY E 40 -10.47 -16.19 -20.27
C GLY E 40 -10.15 -16.17 -21.75
N GLY E 41 -9.54 -15.09 -22.25
CA GLY E 41 -9.24 -14.98 -23.66
C GLY E 41 -8.28 -16.03 -24.17
N ARG E 42 -8.68 -16.75 -25.22
CA ARG E 42 -7.83 -17.81 -25.76
C ARG E 42 -6.66 -17.25 -26.56
N GLY E 43 -6.83 -16.10 -27.21
CA GLY E 43 -5.80 -15.57 -28.07
C GLY E 43 -5.62 -16.45 -29.30
N SER E 44 -6.66 -16.52 -30.11
CA SER E 44 -6.71 -17.51 -31.18
C SER E 44 -5.73 -17.21 -32.30
N ARG E 45 -5.44 -15.94 -32.55
CA ARG E 45 -4.52 -15.60 -33.61
C ARG E 45 -3.08 -15.95 -33.28
N LEU E 46 -2.80 -16.31 -32.02
CA LEU E 46 -1.47 -16.81 -31.67
C LEU E 46 -1.32 -18.29 -32.02
N LYS E 47 -2.40 -18.93 -32.46
CA LYS E 47 -2.39 -20.26 -33.07
C LYS E 47 -1.84 -21.29 -32.08
N GLU E 48 -0.91 -22.17 -32.47
CA GLU E 48 -0.48 -23.27 -31.60
C GLU E 48 0.15 -22.80 -30.30
N LEU E 49 0.57 -21.54 -30.24
CA LEU E 49 1.15 -20.99 -29.01
C LEU E 49 0.16 -21.01 -27.85
N THR E 50 -1.15 -20.98 -28.13
CA THR E 50 -2.17 -21.02 -27.10
C THR E 50 -3.10 -22.22 -27.26
N ASP E 51 -2.62 -23.30 -27.87
CA ASP E 51 -3.43 -24.51 -27.94
C ASP E 51 -3.48 -25.25 -26.61
N ARG E 52 -2.53 -25.01 -25.72
CA ARG E 52 -2.46 -25.69 -24.44
C ARG E 52 -2.57 -24.75 -23.25
N ARG E 53 -2.86 -23.47 -23.48
CA ARG E 53 -2.87 -22.46 -22.45
C ARG E 53 -3.52 -21.21 -23.00
N ALA E 54 -4.29 -20.52 -22.16
CA ALA E 54 -4.88 -19.25 -22.57
C ALA E 54 -3.81 -18.19 -22.72
N LYS E 55 -4.10 -17.18 -23.54
CA LYS E 55 -3.16 -16.10 -23.78
C LYS E 55 -2.62 -15.44 -22.52
N PRO E 56 -3.41 -15.18 -21.48
CA PRO E 56 -2.82 -14.62 -20.24
C PRO E 56 -1.69 -15.46 -19.67
N ALA E 57 -1.67 -16.76 -19.91
CA ALA E 57 -0.65 -17.61 -19.33
C ALA E 57 0.61 -17.69 -20.18
N VAL E 58 0.66 -16.97 -21.31
CA VAL E 58 1.79 -17.07 -22.22
C VAL E 58 3.02 -16.40 -21.61
N TYR E 59 4.16 -17.07 -21.70
CA TYR E 59 5.41 -16.50 -21.20
C TYR E 59 5.79 -15.25 -21.99
N PHE E 60 6.47 -14.32 -21.33
CA PHE E 60 6.92 -13.12 -22.02
C PHE E 60 8.16 -12.55 -21.36
N GLY E 61 9.10 -12.11 -22.21
CA GLY E 61 10.20 -11.26 -21.81
C GLY E 61 11.29 -11.91 -20.99
N GLY E 62 11.33 -13.24 -20.90
N GLY E 62 11.30 -13.24 -20.88
CA GLY E 62 12.17 -13.87 -19.90
CA GLY E 62 12.34 -13.97 -20.19
C GLY E 62 11.90 -13.33 -18.52
C GLY E 62 11.96 -14.57 -18.86
N LYS E 63 10.69 -12.80 -18.29
N LYS E 63 10.74 -14.35 -18.37
CA LYS E 63 10.37 -12.01 -17.12
CA LYS E 63 10.40 -14.84 -17.03
C LYS E 63 9.20 -12.59 -16.33
C LYS E 63 8.90 -14.86 -16.77
N ALA E 64 8.11 -12.91 -17.00
N ALA E 64 8.28 -13.68 -16.66
CA ALA E 64 6.87 -13.31 -16.34
CA ALA E 64 6.90 -13.58 -16.21
C ALA E 64 5.91 -13.92 -17.35
C ALA E 64 5.94 -14.06 -17.30
N ARG E 65 4.65 -14.04 -16.96
CA ARG E 65 3.59 -14.33 -17.90
C ARG E 65 2.77 -13.06 -18.10
N ILE E 66 2.00 -13.05 -19.19
CA ILE E 66 1.36 -11.81 -19.64
C ILE E 66 0.43 -11.27 -18.56
N ILE E 67 -0.32 -12.16 -17.92
CA ILE E 67 -1.26 -11.74 -16.88
C ILE E 67 -0.55 -10.98 -15.77
N ASP E 68 0.73 -11.31 -15.52
CA ASP E 68 1.43 -10.70 -14.39
C ASP E 68 1.57 -9.19 -14.53
N PHE E 69 1.43 -8.63 -15.73
CA PHE E 69 1.60 -7.19 -15.87
C PHE E 69 0.40 -6.44 -15.29
N ALA E 70 -0.81 -6.80 -15.72
CA ALA E 70 -2.01 -6.19 -15.13
C ALA E 70 -2.08 -6.46 -13.63
N LEU E 71 -1.75 -7.69 -13.22
CA LEU E 71 -1.74 -8.01 -11.80
C LEU E 71 -0.74 -7.14 -11.04
N SER E 72 0.43 -6.90 -11.63
CA SER E 72 1.42 -6.08 -10.97
C SER E 72 1.02 -4.62 -10.99
N ASN E 73 0.28 -4.19 -12.01
CA ASN E 73 -0.24 -2.83 -12.00
C ASN E 73 -1.23 -2.63 -10.86
N ALA E 74 -2.15 -3.58 -10.66
CA ALA E 74 -3.05 -3.50 -9.53
C ALA E 74 -2.27 -3.42 -8.22
N LEU E 75 -1.30 -4.32 -8.06
CA LEU E 75 -0.51 -4.36 -6.83
C LEU E 75 0.24 -3.06 -6.59
N ASN E 76 1.01 -2.62 -7.58
CA ASN E 76 1.79 -1.39 -7.42
C ASN E 76 0.91 -0.18 -7.24
N SER E 77 -0.31 -0.20 -7.78
CA SER E 77 -1.22 0.94 -7.66
C SER E 77 -1.93 0.97 -6.30
N GLY E 78 -1.72 -0.03 -5.45
CA GLY E 78 -2.34 -0.05 -4.13
C GLY E 78 -3.62 -0.86 -4.03
N ILE E 79 -4.07 -1.48 -5.12
CA ILE E 79 -5.28 -2.28 -5.08
C ILE E 79 -4.93 -3.64 -4.46
N ARG E 80 -5.56 -3.93 -3.32
CA ARG E 80 -5.25 -5.10 -2.51
C ARG E 80 -6.23 -6.25 -2.73
N ARG E 81 -7.27 -6.04 -3.53
CA ARG E 81 -8.28 -7.05 -3.81
C ARG E 81 -8.27 -7.31 -5.30
N ILE E 82 -7.89 -8.52 -5.70
CA ILE E 82 -7.86 -8.91 -7.10
C ILE E 82 -8.67 -10.18 -7.27
N GLY E 83 -9.61 -10.16 -8.23
CA GLY E 83 -10.23 -11.36 -8.75
C GLY E 83 -9.76 -11.60 -10.17
N VAL E 84 -9.68 -12.88 -10.55
CA VAL E 84 -9.22 -13.26 -11.89
C VAL E 84 -10.21 -14.27 -12.45
N ALA E 85 -10.97 -13.87 -13.47
CA ALA E 85 -11.89 -14.78 -14.15
C ALA E 85 -11.14 -15.55 -15.24
N THR E 86 -11.23 -16.88 -15.18
CA THR E 86 -10.58 -17.74 -16.15
C THR E 86 -11.60 -18.63 -16.83
N GLN E 87 -11.18 -19.24 -17.95
CA GLN E 87 -12.06 -20.10 -18.73
C GLN E 87 -11.26 -21.04 -19.61
N TYR E 88 -10.87 -20.56 -20.79
CA TYR E 88 -10.17 -21.40 -21.76
C TYR E 88 -8.88 -21.97 -21.16
N LYS E 89 -8.69 -23.28 -21.33
CA LYS E 89 -7.51 -24.04 -20.92
C LYS E 89 -6.70 -23.35 -19.84
N ALA E 90 -7.33 -23.16 -18.68
CA ALA E 90 -6.77 -22.34 -17.62
C ALA E 90 -5.97 -23.15 -16.60
N HIS E 91 -5.56 -24.36 -16.97
CA HIS E 91 -4.87 -25.23 -16.01
C HIS E 91 -3.54 -24.62 -15.58
N ASP E 92 -2.64 -24.37 -16.54
CA ASP E 92 -1.38 -23.71 -16.23
C ASP E 92 -1.64 -22.37 -15.57
N LEU E 93 -2.63 -21.63 -16.08
CA LEU E 93 -2.88 -20.27 -15.59
C LEU E 93 -3.24 -20.29 -14.11
N ILE E 94 -4.21 -21.11 -13.74
CA ILE E 94 -4.60 -21.22 -12.34
C ILE E 94 -3.44 -21.70 -11.48
N ARG E 95 -2.68 -22.69 -11.98
CA ARG E 95 -1.50 -23.17 -11.26
C ARG E 95 -0.49 -22.07 -11.02
N HIS E 96 -0.24 -21.25 -12.04
CA HIS E 96 0.66 -20.12 -11.91
C HIS E 96 0.15 -19.12 -10.86
N LEU E 97 -1.14 -18.77 -10.94
CA LEU E 97 -1.68 -17.83 -9.97
C LEU E 97 -1.67 -18.41 -8.56
N GLN E 98 -1.95 -19.70 -8.43
CA GLN E 98 -1.95 -20.33 -7.11
C GLN E 98 -0.59 -20.23 -6.45
N ARG E 99 0.49 -20.34 -7.23
CA ARG E 99 1.81 -20.42 -6.64
C ARG E 99 2.55 -19.09 -6.64
N GLY E 100 2.27 -18.20 -7.60
CA GLY E 100 2.91 -16.90 -7.62
C GLY E 100 2.23 -15.82 -6.80
N TRP E 101 0.90 -15.78 -6.83
CA TRP E 101 0.14 -14.69 -6.20
C TRP E 101 -0.52 -15.17 -4.90
N ASP E 102 0.33 -15.66 -4.01
CA ASP E 102 -0.09 -16.37 -2.81
C ASP E 102 0.24 -15.62 -1.53
N PHE E 103 0.46 -14.30 -1.62
CA PHE E 103 0.93 -13.53 -0.47
C PHE E 103 -0.10 -12.53 0.04
N PHE E 104 -1.38 -12.72 -0.30
CA PHE E 104 -2.46 -11.88 0.19
C PHE E 104 -3.14 -12.57 1.38
N ARG E 105 -3.51 -11.80 2.39
CA ARG E 105 -4.24 -12.39 3.52
C ARG E 105 -5.46 -11.55 3.85
N PRO E 106 -6.60 -12.20 4.11
CA PRO E 106 -7.84 -11.45 4.40
C PRO E 106 -7.80 -10.65 5.69
N GLU E 107 -7.01 -11.05 6.69
CA GLU E 107 -6.95 -10.24 7.91
C GLU E 107 -6.32 -8.88 7.65
N ARG E 108 -5.57 -8.72 6.56
CA ARG E 108 -5.03 -7.44 6.16
C ARG E 108 -5.91 -6.73 5.14
N ASN E 109 -7.13 -7.22 4.92
CA ASN E 109 -8.05 -6.70 3.91
C ASN E 109 -7.45 -6.84 2.51
N GLU E 110 -6.78 -7.97 2.30
CA GLU E 110 -6.30 -8.37 0.98
C GLU E 110 -7.00 -9.67 0.58
N SER E 111 -7.16 -9.86 -0.73
CA SER E 111 -7.79 -11.07 -1.22
C SER E 111 -7.38 -11.27 -2.68
N PHE E 112 -7.16 -12.53 -3.04
CA PHE E 112 -6.86 -12.91 -4.42
C PHE E 112 -7.70 -14.15 -4.72
N ASP E 113 -8.80 -13.95 -5.43
CA ASP E 113 -9.72 -15.02 -5.77
C ASP E 113 -9.53 -15.42 -7.23
N ILE E 114 -9.24 -16.69 -7.47
CA ILE E 114 -9.23 -17.26 -8.81
C ILE E 114 -10.60 -17.86 -9.07
N LEU E 115 -11.27 -17.38 -10.12
CA LEU E 115 -12.70 -17.63 -10.33
C LEU E 115 -12.94 -18.33 -11.67
N PRO E 116 -12.68 -19.63 -11.74
CA PRO E 116 -12.95 -20.37 -12.98
C PRO E 116 -14.45 -20.62 -13.16
N ALA E 117 -14.80 -21.02 -14.37
CA ALA E 117 -16.18 -21.39 -14.68
C ALA E 117 -16.36 -22.89 -14.43
N SER E 118 -17.41 -23.23 -13.69
CA SER E 118 -17.66 -24.63 -13.35
C SER E 118 -19.12 -24.85 -12.94
N GLN E 119 -19.33 -25.70 -11.94
CA GLN E 119 -20.66 -26.00 -11.41
C GLN E 119 -20.67 -25.61 -9.93
N ARG E 120 -20.98 -24.34 -9.66
CA ARG E 120 -20.95 -23.79 -8.32
C ARG E 120 -22.25 -23.05 -8.03
N VAL E 121 -22.48 -21.95 -8.77
CA VAL E 121 -23.75 -21.23 -8.70
C VAL E 121 -24.65 -21.56 -9.89
N SER E 122 -24.15 -22.25 -10.90
CA SER E 122 -24.92 -22.66 -12.06
C SER E 122 -24.20 -23.78 -12.78
N GLU E 123 -24.96 -24.55 -13.57
CA GLU E 123 -24.40 -25.66 -14.33
C GLU E 123 -23.37 -25.17 -15.33
N THR E 124 -23.84 -24.39 -16.32
CA THR E 124 -23.03 -23.69 -17.31
C THR E 124 -21.70 -24.36 -17.63
N GLN E 125 -20.76 -24.30 -16.67
CA GLN E 125 -19.34 -24.64 -16.83
C GLN E 125 -18.63 -23.74 -17.83
N TRP E 126 -19.29 -22.71 -18.35
CA TRP E 126 -18.70 -21.77 -19.29
C TRP E 126 -19.38 -20.42 -19.10
N TYR E 127 -18.59 -19.35 -19.01
CA TYR E 127 -19.15 -18.00 -19.05
C TYR E 127 -19.59 -17.66 -20.47
N GLU E 128 -20.71 -16.95 -20.59
CA GLU E 128 -21.21 -16.55 -21.89
C GLU E 128 -20.63 -15.23 -22.38
N GLY E 129 -19.73 -14.62 -21.62
CA GLY E 129 -19.13 -13.37 -22.02
C GLY E 129 -18.25 -12.85 -20.90
N THR E 130 -17.57 -11.74 -21.18
CA THR E 130 -16.75 -11.12 -20.15
C THR E 130 -17.60 -10.55 -19.04
N ALA E 131 -18.79 -10.03 -19.37
CA ALA E 131 -19.67 -9.49 -18.35
C ALA E 131 -20.22 -10.60 -17.46
N ASP E 132 -20.59 -11.73 -18.07
CA ASP E 132 -21.06 -12.86 -17.28
C ASP E 132 -19.97 -13.41 -16.38
N ALA E 133 -18.70 -13.25 -16.78
CA ALA E 133 -17.60 -13.64 -15.90
C ALA E 133 -17.58 -12.79 -14.64
N VAL E 134 -18.00 -11.53 -14.74
CA VAL E 134 -18.15 -10.71 -13.54
C VAL E 134 -19.52 -10.87 -12.89
N TYR E 135 -20.57 -11.16 -13.68
CA TYR E 135 -21.90 -11.27 -13.12
C TYR E 135 -22.07 -12.51 -12.25
N GLN E 136 -21.39 -13.61 -12.60
N GLN E 136 -21.40 -13.62 -12.61
CA GLN E 136 -21.61 -14.86 -11.89
CA GLN E 136 -21.59 -14.88 -11.91
C GLN E 136 -20.96 -14.87 -10.50
C GLN E 136 -20.91 -14.91 -10.54
N ASN E 137 -19.99 -14.00 -10.27
CA ASN E 137 -19.27 -13.96 -8.99
C ASN E 137 -19.56 -12.67 -8.22
N ILE E 138 -20.75 -12.09 -8.45
CA ILE E 138 -21.22 -10.99 -7.61
C ILE E 138 -21.21 -11.38 -6.14
N ASP E 139 -21.61 -12.62 -5.84
CA ASP E 139 -21.63 -13.10 -4.46
C ASP E 139 -20.24 -13.20 -3.85
N ILE E 140 -19.19 -13.11 -4.67
CA ILE E 140 -17.82 -13.05 -4.16
C ILE E 140 -17.40 -11.60 -3.90
N ILE E 141 -17.79 -10.71 -4.81
CA ILE E 141 -17.42 -9.30 -4.69
C ILE E 141 -18.11 -8.65 -3.50
N GLU E 142 -19.43 -8.80 -3.41
CA GLU E 142 -20.21 -8.00 -2.48
C GLU E 142 -19.81 -8.16 -1.02
N PRO E 143 -19.45 -9.35 -0.51
CA PRO E 143 -18.91 -9.41 0.86
C PRO E 143 -17.69 -8.54 1.10
N TYR E 144 -16.94 -8.18 0.06
CA TYR E 144 -15.85 -7.21 0.23
C TYR E 144 -16.37 -5.79 0.26
N ALA E 145 -17.50 -5.54 -0.40
CA ALA E 145 -18.08 -4.22 -0.54
C ALA E 145 -17.05 -3.14 -0.91
N PRO E 146 -16.37 -3.31 -2.05
CA PRO E 146 -15.47 -2.24 -2.50
C PRO E 146 -16.27 -1.09 -3.10
N GLU E 147 -15.72 0.10 -2.97
CA GLU E 147 -16.38 1.26 -3.57
C GLU E 147 -16.23 1.27 -5.09
N TYR E 148 -15.14 0.74 -5.62
CA TYR E 148 -14.85 0.83 -7.05
C TYR E 148 -14.36 -0.51 -7.58
N MET E 149 -14.73 -0.81 -8.82
CA MET E 149 -14.24 -1.97 -9.55
C MET E 149 -13.41 -1.55 -10.75
N VAL E 150 -12.21 -2.09 -10.86
CA VAL E 150 -11.29 -1.81 -11.97
C VAL E 150 -11.24 -3.08 -12.81
N ILE E 151 -11.97 -3.08 -13.92
CA ILE E 151 -12.03 -4.24 -14.81
C ILE E 151 -10.89 -4.14 -15.80
N LEU E 152 -10.07 -5.19 -15.87
CA LEU E 152 -8.84 -5.17 -16.64
C LEU E 152 -8.80 -6.33 -17.62
N ALA E 153 -8.26 -6.07 -18.80
CA ALA E 153 -7.83 -7.14 -19.69
C ALA E 153 -6.56 -7.77 -19.16
N GLY E 154 -6.47 -9.10 -19.25
CA GLY E 154 -5.31 -9.79 -18.73
C GLY E 154 -4.33 -10.26 -19.79
N ASP E 155 -4.41 -9.68 -20.99
CA ASP E 155 -3.64 -10.20 -22.12
C ASP E 155 -2.80 -9.11 -22.78
N HIS E 156 -2.42 -8.09 -22.03
CA HIS E 156 -1.59 -7.00 -22.55
C HIS E 156 -0.40 -6.80 -21.64
N ILE E 157 0.68 -6.26 -22.20
CA ILE E 157 1.91 -6.00 -21.45
C ILE E 157 2.10 -4.50 -21.39
N TYR E 158 2.01 -3.94 -20.19
CA TYR E 158 2.00 -2.49 -20.01
C TYR E 158 2.04 -2.19 -18.52
N LYS E 159 2.50 -0.99 -18.22
CA LYS E 159 2.65 -0.52 -16.85
C LYS E 159 1.84 0.75 -16.64
N MET E 160 1.00 0.76 -15.60
CA MET E 160 -0.06 1.76 -15.47
C MET E 160 -0.41 1.92 -14.00
N ASP E 161 -0.58 3.17 -13.58
CA ASP E 161 -0.92 3.52 -12.21
C ASP E 161 -2.42 3.83 -12.16
N TYR E 162 -3.21 2.88 -11.67
CA TYR E 162 -4.67 2.97 -11.76
C TYR E 162 -5.25 4.02 -10.82
N GLU E 163 -4.48 4.56 -9.89
CA GLU E 163 -5.01 5.59 -9.00
C GLU E 163 -5.43 6.82 -9.78
N TYR E 164 -4.72 7.13 -10.87
CA TYR E 164 -5.09 8.22 -11.75
C TYR E 164 -6.50 8.03 -12.31
N MET E 165 -6.78 6.81 -12.80
CA MET E 165 -8.09 6.51 -13.37
C MET E 165 -9.19 6.66 -12.32
N LEU E 166 -8.95 6.14 -11.12
CA LEU E 166 -9.97 6.19 -10.09
C LEU E 166 -10.24 7.62 -9.65
N GLN E 167 -9.19 8.44 -9.58
CA GLN E 167 -9.38 9.84 -9.19
C GLN E 167 -10.16 10.61 -10.24
N GLN E 168 -9.90 10.35 -11.53
CA GLN E 168 -10.67 11.03 -12.55
C GLN E 168 -12.10 10.52 -12.59
N HIS E 169 -12.31 9.22 -12.38
CA HIS E 169 -13.66 8.68 -12.40
C HIS E 169 -14.52 9.32 -11.33
N VAL E 170 -13.99 9.43 -10.10
CA VAL E 170 -14.80 10.01 -9.04
C VAL E 170 -15.00 11.50 -9.28
N ASP E 171 -14.01 12.18 -9.84
CA ASP E 171 -14.13 13.62 -10.04
C ASP E 171 -14.91 13.99 -11.30
N SER E 172 -15.00 13.08 -12.27
CA SER E 172 -15.78 13.31 -13.47
C SER E 172 -17.24 12.93 -13.32
N GLY E 173 -17.61 12.22 -12.26
CA GLY E 173 -18.97 11.76 -12.08
C GLY E 173 -19.44 10.74 -13.08
N ALA E 174 -18.53 10.22 -13.92
CA ALA E 174 -18.91 9.30 -14.97
C ALA E 174 -19.48 8.01 -14.39
N ASP E 175 -20.29 7.33 -15.20
CA ASP E 175 -20.72 5.98 -14.87
C ASP E 175 -19.62 4.96 -15.16
N VAL E 176 -18.75 5.25 -16.14
CA VAL E 176 -17.63 4.38 -16.46
C VAL E 176 -16.50 5.23 -17.00
N THR E 177 -15.28 4.88 -16.61
CA THR E 177 -14.06 5.45 -17.15
C THR E 177 -13.34 4.36 -17.93
N ILE E 178 -12.87 4.70 -19.13
CA ILE E 178 -12.34 3.73 -20.06
C ILE E 178 -10.91 4.12 -20.42
N GLY E 179 -9.96 3.24 -20.13
CA GLY E 179 -8.59 3.47 -20.52
C GLY E 179 -8.43 3.35 -22.02
N CYS E 180 -7.75 4.31 -22.63
CA CYS E 180 -7.58 4.35 -24.07
C CYS E 180 -6.17 4.73 -24.44
N LEU E 181 -5.65 4.11 -25.49
CA LEU E 181 -4.38 4.51 -26.08
C LEU E 181 -4.61 5.66 -27.06
N GLU E 182 -3.67 6.61 -27.07
CA GLU E 182 -3.59 7.59 -28.13
C GLU E 182 -2.75 6.98 -29.25
N VAL E 183 -3.40 6.62 -30.35
CA VAL E 183 -2.68 5.98 -31.44
C VAL E 183 -2.94 6.75 -32.74
N PRO E 184 -2.02 6.69 -33.70
CA PRO E 184 -2.34 7.18 -35.03
C PRO E 184 -3.55 6.44 -35.59
N ARG E 185 -4.44 7.18 -36.27
CA ARG E 185 -5.68 6.58 -36.78
C ARG E 185 -5.39 5.38 -37.65
N MET E 186 -4.31 5.42 -38.43
CA MET E 186 -4.02 4.31 -39.33
C MET E 186 -3.81 3.00 -38.56
N GLU E 187 -3.20 3.06 -37.38
CA GLU E 187 -3.18 1.89 -36.51
C GLU E 187 -4.49 1.68 -35.77
N ALA E 188 -5.31 2.72 -35.64
CA ALA E 188 -6.53 2.59 -34.86
C ALA E 188 -7.60 1.78 -35.58
N THR E 189 -7.38 1.44 -36.86
CA THR E 189 -8.35 0.66 -37.62
C THR E 189 -8.56 -0.73 -37.04
N GLY E 190 -7.68 -1.18 -36.14
CA GLY E 190 -7.80 -2.51 -35.57
C GLY E 190 -8.44 -2.56 -34.20
N PHE E 191 -8.73 -1.40 -33.60
CA PHE E 191 -9.23 -1.32 -32.25
C PHE E 191 -10.69 -0.88 -32.22
N GLY E 192 -11.37 -1.23 -31.13
CA GLY E 192 -12.60 -0.55 -30.77
C GLY E 192 -12.25 0.87 -30.36
N VAL E 193 -12.87 1.85 -30.99
CA VAL E 193 -12.40 3.24 -30.91
C VAL E 193 -13.46 4.10 -30.23
N MET E 194 -13.01 5.01 -29.37
CA MET E 194 -13.90 5.94 -28.67
C MET E 194 -13.87 7.28 -29.36
N HIS E 195 -15.03 7.70 -29.88
CA HIS E 195 -15.25 9.05 -30.38
C HIS E 195 -15.60 9.95 -29.21
N VAL E 196 -14.80 10.99 -28.99
CA VAL E 196 -14.93 11.86 -27.82
C VAL E 196 -15.13 13.30 -28.26
N ASN E 197 -15.76 14.07 -27.38
CA ASN E 197 -15.77 15.52 -27.51
C ASN E 197 -14.52 16.10 -26.87
N GLU E 198 -14.42 17.43 -26.88
CA GLU E 198 -13.24 18.09 -26.33
C GLU E 198 -13.17 18.04 -24.81
N LYS E 199 -14.13 17.38 -24.16
CA LYS E 199 -14.04 17.07 -22.73
C LYS E 199 -13.67 15.62 -22.48
N ASP E 200 -13.16 14.93 -23.51
CA ASP E 200 -12.85 13.50 -23.47
C ASP E 200 -14.05 12.66 -23.04
N GLU E 201 -15.27 13.19 -23.19
CA GLU E 201 -16.48 12.43 -22.92
C GLU E 201 -16.85 11.63 -24.16
N ILE E 202 -17.11 10.35 -23.97
CA ILE E 202 -17.29 9.42 -25.08
C ILE E 202 -18.71 9.54 -25.60
N ILE E 203 -18.85 9.96 -26.86
CA ILE E 203 -20.17 10.11 -27.47
C ILE E 203 -20.48 9.01 -28.48
N ASP E 204 -19.51 8.17 -28.84
CA ASP E 204 -19.77 7.02 -29.69
C ASP E 204 -18.68 5.99 -29.49
N PHE E 205 -18.96 4.76 -29.92
CA PHE E 205 -18.01 3.66 -29.89
C PHE E 205 -18.16 2.87 -31.19
N ILE E 206 -17.06 2.68 -31.90
CA ILE E 206 -17.04 1.93 -33.15
C ILE E 206 -16.08 0.77 -32.98
N GLU E 207 -16.44 -0.39 -33.54
CA GLU E 207 -15.55 -1.54 -33.57
C GLU E 207 -14.78 -1.54 -34.89
N LYS E 208 -13.48 -1.23 -34.81
CA LYS E 208 -12.58 -1.24 -35.96
C LYS E 208 -13.12 -0.38 -37.09
N PRO E 209 -13.09 0.94 -36.95
CA PRO E 209 -13.57 1.80 -38.05
C PRO E 209 -12.56 1.87 -39.18
N ALA E 210 -13.08 1.90 -40.41
CA ALA E 210 -12.21 2.08 -41.57
C ALA E 210 -11.47 3.41 -41.51
N ASP E 211 -12.20 4.49 -41.16
CA ASP E 211 -11.61 5.80 -40.92
C ASP E 211 -11.92 6.19 -39.49
N PRO E 212 -11.01 5.94 -38.55
CA PRO E 212 -11.29 6.19 -37.13
C PRO E 212 -11.55 7.67 -36.87
N PRO E 213 -12.60 7.99 -36.11
CA PRO E 213 -12.79 9.38 -35.69
C PRO E 213 -11.58 9.88 -34.94
N GLY E 214 -11.30 11.17 -35.10
CA GLY E 214 -10.12 11.76 -34.51
C GLY E 214 -10.42 12.49 -33.22
N ILE E 215 -9.37 12.70 -32.44
CA ILE E 215 -9.47 13.51 -31.22
C ILE E 215 -9.76 14.96 -31.64
N PRO E 216 -10.75 15.61 -31.02
CA PRO E 216 -11.00 17.02 -31.35
C PRO E 216 -9.76 17.87 -31.13
N GLY E 217 -9.42 18.67 -32.14
CA GLY E 217 -8.21 19.47 -32.11
C GLY E 217 -6.94 18.71 -32.32
N ASN E 218 -6.96 17.39 -32.23
CA ASN E 218 -5.80 16.55 -32.49
C ASN E 218 -6.23 15.42 -33.42
N GLU E 219 -6.66 15.81 -34.62
CA GLU E 219 -7.25 14.87 -35.56
C GLU E 219 -6.26 13.82 -36.04
N GLY E 220 -4.97 14.02 -35.80
CA GLY E 220 -3.99 13.02 -36.14
C GLY E 220 -3.92 11.84 -35.20
N PHE E 221 -4.83 11.70 -34.23
CA PHE E 221 -4.78 10.56 -33.33
C PHE E 221 -6.19 10.12 -32.95
N ALA E 222 -6.32 8.83 -32.68
CA ALA E 222 -7.58 8.22 -32.26
C ALA E 222 -7.39 7.49 -30.93
N LEU E 223 -8.45 7.50 -30.12
CA LEU E 223 -8.44 6.82 -28.82
C LEU E 223 -8.87 5.37 -29.00
N ALA E 224 -7.94 4.45 -28.81
CA ALA E 224 -8.20 3.02 -28.92
C ALA E 224 -8.46 2.45 -27.54
N SER E 225 -9.56 1.71 -27.40
CA SER E 225 -9.93 1.17 -26.10
C SER E 225 -8.95 0.08 -25.67
N MET E 226 -8.48 0.18 -24.44
CA MET E 226 -7.59 -0.81 -23.84
C MET E 226 -8.32 -2.00 -23.25
N GLY E 227 -9.64 -1.95 -23.13
CA GLY E 227 -10.35 -2.95 -22.38
C GLY E 227 -10.27 -2.78 -20.88
N ILE E 228 -10.04 -1.55 -20.43
CA ILE E 228 -9.87 -1.22 -19.02
C ILE E 228 -11.02 -0.31 -18.61
N TYR E 229 -11.86 -0.78 -17.68
CA TYR E 229 -13.05 -0.04 -17.29
C TYR E 229 -13.07 0.15 -15.78
N VAL E 230 -13.42 1.36 -15.37
CA VAL E 230 -13.59 1.72 -13.96
C VAL E 230 -15.05 2.04 -13.73
N PHE E 231 -15.63 1.45 -12.68
CA PHE E 231 -16.99 1.75 -12.24
C PHE E 231 -17.01 1.97 -10.74
N HIS E 232 -18.08 2.61 -10.28
CA HIS E 232 -18.52 2.43 -8.90
C HIS E 232 -19.17 1.05 -8.80
N THR E 233 -18.76 0.28 -7.79
CA THR E 233 -19.24 -1.09 -7.68
C THR E 233 -20.76 -1.15 -7.73
N LYS E 234 -21.42 -0.30 -6.94
CA LYS E 234 -22.89 -0.34 -6.89
C LYS E 234 -23.50 -0.10 -8.26
N PHE E 235 -22.93 0.83 -9.03
CA PHE E 235 -23.43 1.05 -10.37
C PHE E 235 -23.19 -0.16 -11.25
N LEU E 236 -22.03 -0.81 -11.10
CA LEU E 236 -21.70 -1.92 -11.99
C LEU E 236 -22.59 -3.13 -11.70
N MET E 237 -22.97 -3.35 -10.44
CA MET E 237 -23.85 -4.47 -10.13
C MET E 237 -25.19 -4.33 -10.83
N GLU E 238 -25.87 -3.20 -10.63
CA GLU E 238 -27.16 -2.99 -11.29
C GLU E 238 -27.01 -3.01 -12.81
N ALA E 239 -25.86 -2.57 -13.33
CA ALA E 239 -25.60 -2.67 -14.75
C ALA E 239 -25.40 -4.13 -15.18
N LEU E 240 -24.67 -4.90 -14.37
CA LEU E 240 -24.47 -6.31 -14.68
C LEU E 240 -25.79 -7.08 -14.64
N ARG E 241 -26.66 -6.73 -13.69
CA ARG E 241 -27.93 -7.44 -13.57
C ARG E 241 -28.88 -7.05 -14.69
N ARG E 242 -28.92 -5.76 -15.03
CA ARG E 242 -29.69 -5.31 -16.18
C ARG E 242 -29.28 -6.07 -17.45
N ASP E 243 -27.99 -6.37 -17.58
CA ASP E 243 -27.50 -7.07 -18.77
C ASP E 243 -27.78 -8.57 -18.70
N ALA E 244 -27.81 -9.15 -17.50
CA ALA E 244 -28.07 -10.57 -17.38
C ALA E 244 -29.52 -10.92 -17.65
N ALA E 245 -30.43 -9.95 -17.53
CA ALA E 245 -31.83 -10.18 -17.85
C ALA E 245 -32.12 -9.98 -19.33
N ASP E 246 -31.34 -9.12 -19.98
CA ASP E 246 -31.49 -8.87 -21.41
C ASP E 246 -31.10 -10.12 -22.19
N PRO E 247 -32.02 -10.75 -22.92
CA PRO E 247 -31.62 -11.89 -23.76
C PRO E 247 -31.01 -11.48 -25.08
N THR E 248 -31.22 -10.23 -25.52
CA THR E 248 -30.57 -9.73 -26.72
C THR E 248 -29.08 -9.47 -26.51
N SER E 249 -28.65 -9.29 -25.25
CA SER E 249 -27.27 -8.94 -24.98
C SER E 249 -26.33 -10.13 -25.20
N SER E 250 -25.11 -9.82 -25.63
CA SER E 250 -24.08 -10.81 -25.84
C SER E 250 -23.19 -11.01 -24.62
N ARG E 251 -23.54 -10.39 -23.50
CA ARG E 251 -22.89 -10.59 -22.20
C ARG E 251 -21.44 -10.11 -22.22
N ASP E 252 -21.14 -9.11 -23.03
CA ASP E 252 -19.78 -8.63 -23.22
C ASP E 252 -19.68 -7.17 -22.82
N PHE E 253 -18.60 -6.80 -22.14
CA PHE E 253 -18.42 -5.42 -21.69
C PHE E 253 -18.39 -4.45 -22.87
N GLY E 254 -17.41 -4.61 -23.77
CA GLY E 254 -17.23 -3.67 -24.85
C GLY E 254 -18.35 -3.64 -25.86
N LYS E 255 -19.12 -4.73 -25.97
CA LYS E 255 -20.20 -4.80 -26.95
C LYS E 255 -21.58 -4.55 -26.34
N ASP E 256 -21.76 -4.76 -25.04
CA ASP E 256 -23.06 -4.61 -24.41
C ASP E 256 -23.06 -3.62 -23.25
N ILE E 257 -22.17 -3.79 -22.27
CA ILE E 257 -22.15 -2.87 -21.14
C ILE E 257 -21.73 -1.48 -21.59
N ILE E 258 -20.57 -1.38 -22.25
CA ILE E 258 -20.05 -0.08 -22.67
C ILE E 258 -20.99 0.64 -23.63
N PRO E 259 -21.45 0.04 -24.73
CA PRO E 259 -22.34 0.78 -25.64
C PRO E 259 -23.63 1.24 -25.00
N TYR E 260 -24.16 0.48 -24.03
CA TYR E 260 -25.31 0.97 -23.29
C TYR E 260 -24.96 2.24 -22.55
N ILE E 261 -23.80 2.28 -21.90
CA ILE E 261 -23.42 3.46 -21.11
C ILE E 261 -23.27 4.68 -22.00
N VAL E 262 -22.70 4.49 -23.20
CA VAL E 262 -22.44 5.66 -24.05
C VAL E 262 -23.73 6.35 -24.43
N GLU E 263 -24.84 5.61 -24.50
CA GLU E 263 -26.12 6.18 -24.90
C GLU E 263 -26.85 6.84 -23.74
N HIS E 264 -27.10 6.10 -22.67
CA HIS E 264 -27.96 6.55 -21.58
C HIS E 264 -27.20 7.20 -20.44
N GLY E 265 -25.91 6.91 -20.29
CA GLY E 265 -25.15 7.40 -19.17
C GLY E 265 -23.96 8.26 -19.55
N LYS E 266 -23.02 8.42 -18.62
CA LYS E 266 -21.82 9.24 -18.82
C LYS E 266 -20.61 8.32 -18.91
N ALA E 267 -20.02 8.23 -20.11
CA ALA E 267 -18.82 7.46 -20.37
C ALA E 267 -17.68 8.41 -20.72
N VAL E 268 -16.59 8.34 -19.96
CA VAL E 268 -15.46 9.25 -20.11
C VAL E 268 -14.21 8.43 -20.38
N ALA E 269 -13.39 8.91 -21.31
CA ALA E 269 -12.16 8.22 -21.67
C ALA E 269 -11.00 8.68 -20.78
N HIS E 270 -10.12 7.75 -20.46
CA HIS E 270 -8.87 8.04 -19.77
C HIS E 270 -7.72 7.68 -20.69
N ARG E 271 -6.77 8.59 -20.85
CA ARG E 271 -5.70 8.42 -21.81
C ARG E 271 -4.52 7.69 -21.18
N PHE E 272 -3.93 6.76 -21.94
CA PHE E 272 -2.86 5.92 -21.40
C PHE E 272 -1.61 6.71 -21.07
N ALA E 273 -1.30 7.76 -21.83
CA ALA E 273 -0.09 8.54 -21.56
C ALA E 273 -0.16 9.27 -20.22
N ASP E 274 -1.36 9.52 -19.70
CA ASP E 274 -1.49 10.30 -18.47
C ASP E 274 -1.16 9.48 -17.22
N SER E 275 -1.36 8.16 -17.27
CA SER E 275 -1.10 7.31 -16.11
C SER E 275 -0.07 6.23 -16.36
N CYS E 276 0.46 6.12 -17.57
CA CYS E 276 1.47 5.11 -17.86
C CYS E 276 2.68 5.32 -16.96
N VAL E 277 3.30 4.21 -16.56
CA VAL E 277 4.48 4.24 -15.71
C VAL E 277 5.68 3.95 -16.59
N ARG E 278 6.51 4.96 -16.82
CA ARG E 278 7.67 4.84 -17.69
C ARG E 278 8.93 4.89 -16.85
N SER E 279 9.83 3.93 -17.06
CA SER E 279 11.14 4.04 -16.44
C SER E 279 11.96 5.11 -17.17
N ASP E 280 13.08 5.49 -16.57
CA ASP E 280 13.97 6.48 -17.19
C ASP E 280 14.54 5.98 -18.51
N PHE E 281 14.49 4.68 -18.78
CA PHE E 281 15.09 4.09 -19.97
C PHE E 281 14.04 3.58 -20.95
N GLU E 282 12.81 4.06 -20.84
CA GLU E 282 11.76 3.79 -21.80
C GLU E 282 11.37 5.11 -22.43
N HIS E 283 11.52 5.20 -23.76
CA HIS E 283 11.43 6.50 -24.43
C HIS E 283 9.98 6.92 -24.71
N GLU E 284 9.02 6.01 -24.66
CA GLU E 284 7.62 6.32 -24.87
C GLU E 284 6.79 5.40 -24.01
N PRO E 285 5.52 5.71 -23.78
CA PRO E 285 4.64 4.75 -23.09
C PRO E 285 4.65 3.41 -23.83
N TYR E 286 4.78 2.34 -23.06
CA TYR E 286 4.92 1.00 -23.63
C TYR E 286 3.61 0.25 -23.43
N TRP E 287 3.03 -0.22 -24.54
CA TRP E 287 1.85 -1.07 -24.51
C TRP E 287 1.96 -2.03 -25.68
N ARG E 288 1.72 -3.31 -25.43
CA ARG E 288 1.73 -4.32 -26.47
C ARG E 288 0.62 -5.31 -26.17
N ASP E 289 -0.06 -5.78 -27.22
CA ASP E 289 -1.04 -6.85 -27.05
C ASP E 289 -0.56 -8.17 -27.60
N VAL E 290 0.65 -8.22 -28.19
CA VAL E 290 1.29 -9.39 -28.77
C VAL E 290 0.25 -10.37 -29.28
N GLY E 291 -0.65 -9.89 -30.13
CA GLY E 291 -1.80 -10.66 -30.55
C GLY E 291 -1.53 -11.66 -31.64
N THR E 292 -0.43 -11.51 -32.37
CA THR E 292 -0.04 -12.42 -33.44
C THR E 292 1.33 -13.01 -33.15
N ILE E 293 1.66 -14.07 -33.90
CA ILE E 293 2.97 -14.70 -33.79
C ILE E 293 4.08 -13.72 -34.17
N ASP E 294 3.83 -12.90 -35.20
CA ASP E 294 4.77 -11.84 -35.52
C ASP E 294 4.97 -10.90 -34.35
N ALA E 295 3.86 -10.39 -33.81
CA ALA E 295 3.94 -9.37 -32.77
C ALA E 295 4.54 -9.94 -31.49
N TYR E 296 4.18 -11.17 -31.13
CA TYR E 296 4.79 -11.82 -29.97
C TYR E 296 6.30 -11.95 -30.13
N TRP E 297 6.74 -12.47 -31.28
CA TRP E 297 8.18 -12.58 -31.52
C TRP E 297 8.86 -11.22 -31.46
N GLN E 298 8.29 -10.24 -32.15
CA GLN E 298 8.92 -8.91 -32.20
C GLN E 298 9.11 -8.35 -30.80
N ALA E 299 8.06 -8.37 -29.98
CA ALA E 299 8.14 -7.77 -28.65
C ALA E 299 9.18 -8.48 -27.79
N ASN E 300 9.27 -9.81 -27.88
CA ASN E 300 10.30 -10.49 -27.11
C ASN E 300 11.71 -10.21 -27.61
N ILE E 301 11.94 -10.24 -28.93
CA ILE E 301 13.31 -10.13 -29.38
C ILE E 301 13.76 -8.68 -29.40
N ASP E 302 12.82 -7.71 -29.36
CA ASP E 302 13.17 -6.30 -29.18
C ASP E 302 13.88 -6.05 -27.86
N LEU E 303 13.78 -6.98 -26.91
CA LEU E 303 14.46 -6.86 -25.64
C LEU E 303 15.96 -7.10 -25.76
N THR E 304 16.42 -7.70 -26.85
CA THR E 304 17.85 -7.87 -27.04
C THR E 304 18.55 -6.61 -27.57
N ASP E 305 17.78 -5.54 -27.81
CA ASP E 305 18.35 -4.30 -28.31
C ASP E 305 19.23 -3.64 -27.26
N VAL E 306 20.19 -2.83 -27.74
CA VAL E 306 21.03 -2.02 -26.87
C VAL E 306 20.17 -1.13 -25.97
N VAL E 307 19.19 -0.45 -26.57
CA VAL E 307 18.26 0.39 -25.82
C VAL E 307 16.84 -0.09 -26.10
N PRO E 308 16.34 -1.06 -25.34
CA PRO E 308 15.01 -1.61 -25.63
C PRO E 308 13.88 -0.71 -25.13
N ASP E 309 12.72 -0.83 -25.80
CA ASP E 309 11.57 0.01 -25.47
C ASP E 309 11.01 -0.30 -24.09
N LEU E 310 11.16 -1.54 -23.62
CA LEU E 310 10.70 -1.94 -22.29
C LEU E 310 11.91 -2.25 -21.43
N ASP E 311 11.99 -1.60 -20.26
CA ASP E 311 13.12 -1.80 -19.35
C ASP E 311 12.73 -2.88 -18.34
N ILE E 312 13.21 -4.11 -18.57
CA ILE E 312 12.94 -5.20 -17.63
C ILE E 312 13.93 -5.22 -16.48
N TYR E 313 14.81 -4.23 -16.38
CA TYR E 313 15.71 -4.07 -15.25
C TYR E 313 15.27 -2.95 -14.32
N ASP E 314 14.08 -2.39 -14.54
CA ASP E 314 13.58 -1.33 -13.69
C ASP E 314 13.00 -1.91 -12.40
N LYS E 315 13.31 -1.25 -11.28
CA LYS E 315 12.82 -1.68 -9.97
C LYS E 315 11.80 -0.72 -9.37
N SER E 316 11.51 0.39 -10.04
CA SER E 316 10.56 1.34 -9.51
C SER E 316 9.11 0.89 -9.66
N TRP E 317 8.79 0.14 -10.71
CA TRP E 317 7.45 -0.40 -10.94
C TRP E 317 7.56 -1.88 -11.27
N PRO E 318 7.88 -2.71 -10.28
CA PRO E 318 8.30 -4.08 -10.56
C PRO E 318 7.14 -4.96 -11.00
N ILE E 319 7.51 -6.02 -11.72
CA ILE E 319 6.58 -7.03 -12.20
C ILE E 319 6.75 -8.26 -11.31
N TRP E 320 5.81 -8.49 -10.41
CA TRP E 320 5.82 -9.71 -9.63
C TRP E 320 5.35 -10.87 -10.49
N THR E 321 5.93 -12.04 -10.24
CA THR E 321 5.57 -13.25 -10.96
C THR E 321 5.98 -14.44 -10.13
N TYR E 322 5.60 -15.63 -10.59
CA TYR E 322 6.06 -16.86 -9.96
C TYR E 322 7.49 -17.12 -10.41
N ALA E 323 8.41 -17.22 -9.45
CA ALA E 323 9.81 -17.46 -9.76
C ALA E 323 10.35 -18.45 -8.74
N GLU E 324 11.18 -19.37 -9.21
CA GLU E 324 11.85 -20.29 -8.30
C GLU E 324 13.32 -19.94 -8.19
N ILE E 325 13.93 -20.43 -7.12
CA ILE E 325 15.39 -20.36 -7.00
C ILE E 325 15.99 -21.15 -8.15
N THR E 326 16.70 -20.47 -9.05
CA THR E 326 17.32 -21.16 -10.17
C THR E 326 18.83 -20.93 -10.20
N PRO E 327 19.60 -21.93 -10.59
CA PRO E 327 21.05 -21.75 -10.73
C PRO E 327 21.37 -20.79 -11.86
N PRO E 328 22.57 -20.23 -11.89
CA PRO E 328 22.91 -19.25 -12.93
C PRO E 328 23.07 -19.91 -14.28
N ALA E 329 23.21 -19.08 -15.31
CA ALA E 329 23.49 -19.57 -16.65
C ALA E 329 24.97 -19.94 -16.77
N LYS E 330 25.25 -20.94 -17.61
CA LYS E 330 26.60 -21.46 -17.80
C LYS E 330 26.93 -21.51 -19.29
N PHE E 331 28.15 -21.11 -19.63
CA PHE E 331 28.65 -21.15 -21.01
C PHE E 331 29.91 -22.00 -21.02
N VAL E 332 29.92 -23.07 -21.82
CA VAL E 332 31.04 -24.01 -21.79
C VAL E 332 31.53 -24.28 -23.21
N HIS E 333 32.77 -24.79 -23.28
CA HIS E 333 33.50 -25.13 -24.50
C HIS E 333 34.00 -23.89 -25.22
N ASP E 334 35.28 -23.91 -25.61
CA ASP E 334 35.93 -22.76 -26.26
C ASP E 334 37.16 -23.29 -27.01
N ASP E 335 36.93 -23.87 -28.18
CA ASP E 335 38.04 -24.39 -28.97
C ASP E 335 37.75 -24.13 -30.43
N GLU E 336 38.54 -24.81 -31.28
CA GLU E 336 38.55 -24.56 -32.72
C GLU E 336 37.17 -24.74 -33.32
N ASP E 337 36.44 -25.74 -32.85
CA ASP E 337 35.20 -26.16 -33.49
C ASP E 337 33.94 -25.78 -32.73
N ARG E 338 34.02 -25.52 -31.43
CA ARG E 338 32.84 -25.14 -30.66
C ARG E 338 33.19 -24.09 -29.62
N ARG E 339 32.20 -23.26 -29.33
CA ARG E 339 32.32 -22.28 -28.25
C ARG E 339 30.91 -21.95 -27.79
N GLY E 340 30.63 -22.16 -26.50
CA GLY E 340 29.36 -21.77 -25.94
C GLY E 340 29.37 -20.30 -25.60
N SER E 341 28.55 -19.50 -26.28
CA SER E 341 28.60 -18.06 -26.08
C SER E 341 27.32 -17.44 -26.59
N ALA E 342 27.03 -16.25 -26.09
CA ALA E 342 25.86 -15.49 -26.49
C ALA E 342 26.27 -14.05 -26.76
N VAL E 343 25.69 -13.46 -27.80
CA VAL E 343 25.89 -12.05 -28.12
C VAL E 343 24.55 -11.45 -28.47
N SER E 344 24.40 -10.15 -28.19
CA SER E 344 23.14 -9.43 -28.39
C SER E 344 21.95 -10.27 -27.93
N SER E 345 22.10 -10.86 -26.76
CA SER E 345 21.16 -11.90 -26.33
C SER E 345 20.75 -11.69 -24.88
N VAL E 346 19.62 -12.29 -24.53
CA VAL E 346 19.10 -12.29 -23.17
C VAL E 346 18.97 -13.75 -22.74
N VAL E 347 19.70 -14.13 -21.70
CA VAL E 347 19.79 -15.52 -21.25
C VAL E 347 19.36 -15.58 -19.80
N SER E 348 18.34 -16.38 -19.51
CA SER E 348 17.84 -16.53 -18.15
C SER E 348 18.69 -17.55 -17.39
N GLY E 349 18.38 -17.70 -16.10
CA GLY E 349 19.07 -18.68 -15.29
C GLY E 349 18.76 -20.10 -15.74
N ASP E 350 19.44 -21.04 -15.09
CA ASP E 350 19.27 -22.46 -15.37
C ASP E 350 19.43 -22.76 -16.86
N CYS E 351 20.19 -21.92 -17.56
CA CYS E 351 20.50 -22.14 -18.98
C CYS E 351 21.95 -22.58 -19.10
N ILE E 352 22.17 -23.68 -19.79
CA ILE E 352 23.51 -24.19 -20.04
C ILE E 352 23.71 -24.14 -21.55
N ILE E 353 24.57 -23.23 -21.99
CA ILE E 353 24.86 -23.02 -23.41
C ILE E 353 26.18 -23.74 -23.68
N SER E 354 26.05 -24.99 -24.13
CA SER E 354 27.16 -25.94 -24.18
C SER E 354 27.65 -26.02 -25.62
N GLY E 355 28.72 -25.30 -25.93
CA GLY E 355 29.25 -25.29 -27.29
C GLY E 355 28.31 -24.69 -28.32
N ALA E 356 27.29 -23.97 -27.89
CA ALA E 356 26.28 -23.42 -28.77
C ALA E 356 26.45 -21.91 -28.90
N ALA E 357 26.18 -21.38 -30.09
CA ALA E 357 26.34 -19.96 -30.36
C ALA E 357 24.97 -19.33 -30.45
N LEU E 358 24.74 -18.33 -29.61
CA LEU E 358 23.48 -17.58 -29.58
C LEU E 358 23.72 -16.16 -30.07
N ASN E 359 22.90 -15.71 -31.01
CA ASN E 359 22.91 -14.33 -31.47
C ASN E 359 21.48 -13.81 -31.50
N ARG E 360 21.32 -12.55 -31.08
CA ARG E 360 20.04 -11.87 -31.02
C ARG E 360 18.91 -12.84 -30.67
N SER E 361 19.03 -13.43 -29.48
CA SER E 361 18.08 -14.44 -29.02
C SER E 361 17.67 -14.12 -27.58
N LEU E 362 16.50 -14.63 -27.21
CA LEU E 362 16.00 -14.53 -25.83
C LEU E 362 15.63 -15.93 -25.36
N LEU E 363 16.26 -16.36 -24.26
CA LEU E 363 16.03 -17.69 -23.71
C LEU E 363 15.44 -17.57 -22.31
N PHE E 364 14.28 -18.18 -22.10
CA PHE E 364 13.71 -18.31 -20.77
C PHE E 364 14.52 -19.34 -19.98
N THR E 365 14.09 -19.59 -18.74
N THR E 365 14.12 -19.56 -18.73
CA THR E 365 14.79 -20.47 -17.82
CA THR E 365 14.86 -20.45 -17.84
C THR E 365 14.78 -21.92 -18.31
C THR E 365 14.82 -21.89 -18.33
N GLY E 366 15.83 -22.65 -17.95
CA GLY E 366 15.84 -24.08 -18.15
C GLY E 366 16.31 -24.58 -19.50
N VAL E 367 16.79 -23.70 -20.38
CA VAL E 367 17.19 -24.13 -21.71
C VAL E 367 18.52 -24.88 -21.64
N ARG E 368 18.65 -25.93 -22.44
CA ARG E 368 19.91 -26.63 -22.63
C ARG E 368 20.23 -26.59 -24.12
N ALA E 369 21.27 -25.83 -24.48
CA ALA E 369 21.73 -25.72 -25.86
C ALA E 369 23.03 -26.50 -25.99
N ASN E 370 23.06 -27.47 -26.90
CA ASN E 370 24.18 -28.39 -26.99
C ASN E 370 25.10 -28.04 -28.16
N SER E 371 26.17 -28.81 -28.28
CA SER E 371 27.34 -28.44 -29.07
C SER E 371 27.00 -28.26 -30.54
N TYR E 372 27.70 -27.31 -31.17
CA TYR E 372 27.63 -27.00 -32.60
C TYR E 372 26.25 -26.54 -33.03
N SER E 373 25.36 -26.26 -32.09
CA SER E 373 24.06 -25.72 -32.42
C SER E 373 24.13 -24.20 -32.44
N ARG E 374 23.27 -23.60 -33.26
CA ARG E 374 23.30 -22.16 -33.47
C ARG E 374 21.87 -21.65 -33.43
N LEU E 375 21.64 -20.59 -32.67
CA LEU E 375 20.34 -19.94 -32.60
C LEU E 375 20.49 -18.47 -32.97
N GLU E 376 19.66 -18.01 -33.90
CA GLU E 376 19.62 -16.61 -34.28
C GLU E 376 18.17 -16.14 -34.34
N ASN E 377 17.92 -14.94 -33.81
CA ASN E 377 16.58 -14.33 -33.85
C ASN E 377 15.53 -15.27 -33.26
N ALA E 378 15.88 -15.85 -32.11
CA ALA E 378 15.14 -16.97 -31.55
C ALA E 378 14.53 -16.56 -30.21
N VAL E 379 13.24 -16.83 -30.06
CA VAL E 379 12.56 -16.70 -28.77
C VAL E 379 12.36 -18.11 -28.22
N VAL E 380 13.10 -18.44 -27.18
CA VAL E 380 13.19 -19.81 -26.69
C VAL E 380 12.53 -19.87 -25.31
N LEU E 381 11.41 -20.56 -25.23
CA LEU E 381 10.59 -20.60 -24.03
C LEU E 381 11.13 -21.64 -23.07
N PRO E 382 10.61 -21.71 -21.84
CA PRO E 382 11.30 -22.50 -20.80
C PRO E 382 11.51 -23.97 -21.17
N SER E 383 12.64 -24.49 -20.68
CA SER E 383 12.97 -25.91 -20.68
C SER E 383 13.16 -26.49 -22.09
N VAL E 384 13.39 -25.66 -23.09
CA VAL E 384 13.69 -26.19 -24.42
C VAL E 384 15.06 -26.85 -24.41
N LYS E 385 15.18 -27.98 -25.12
CA LYS E 385 16.47 -28.62 -25.37
C LYS E 385 16.80 -28.50 -26.85
N ILE E 386 17.99 -27.99 -27.15
CA ILE E 386 18.47 -27.83 -28.52
C ILE E 386 19.56 -28.86 -28.78
N GLY E 387 19.28 -29.83 -29.65
CA GLY E 387 20.22 -30.89 -29.94
C GLY E 387 21.45 -30.41 -30.71
N ARG E 388 22.45 -31.29 -30.76
CA ARG E 388 23.72 -30.94 -31.38
C ARG E 388 23.54 -30.61 -32.86
N HIS E 389 24.35 -29.66 -33.33
CA HIS E 389 24.43 -29.27 -34.73
C HIS E 389 23.16 -28.62 -35.29
N ALA E 390 22.16 -28.38 -34.44
CA ALA E 390 20.92 -27.76 -34.94
C ALA E 390 21.13 -26.27 -35.19
N GLN E 391 20.41 -25.74 -36.19
CA GLN E 391 20.56 -24.34 -36.57
C GLN E 391 19.18 -23.76 -36.83
N LEU E 392 18.86 -22.69 -36.11
CA LEU E 392 17.50 -22.13 -36.11
C LEU E 392 17.58 -20.62 -36.23
N SER E 393 16.84 -20.05 -37.18
CA SER E 393 16.73 -18.61 -37.31
C SER E 393 15.28 -18.19 -37.37
N ASN E 394 14.97 -17.05 -36.74
CA ASN E 394 13.65 -16.42 -36.81
C ASN E 394 12.55 -17.38 -36.35
N VAL E 395 12.57 -17.68 -35.05
CA VAL E 395 11.71 -18.73 -34.53
C VAL E 395 11.15 -18.36 -33.16
N VAL E 396 9.98 -18.90 -32.87
CA VAL E 396 9.45 -19.00 -31.52
C VAL E 396 9.42 -20.48 -31.18
N ILE E 397 10.10 -20.88 -30.11
CA ILE E 397 10.14 -22.27 -29.69
C ILE E 397 9.32 -22.41 -28.41
N ASP E 398 8.26 -23.22 -28.48
CA ASP E 398 7.28 -23.35 -27.40
C ASP E 398 7.90 -24.07 -26.19
N HIS E 399 7.19 -23.99 -25.06
CA HIS E 399 7.68 -24.53 -23.80
C HIS E 399 7.95 -26.03 -23.91
N GLY E 400 9.06 -26.47 -23.31
CA GLY E 400 9.40 -27.87 -23.21
C GLY E 400 9.89 -28.54 -24.48
N VAL E 401 10.04 -27.82 -25.59
CA VAL E 401 10.29 -28.46 -26.87
C VAL E 401 11.69 -29.06 -26.91
N VAL E 402 11.80 -30.25 -27.50
CA VAL E 402 13.09 -30.90 -27.69
C VAL E 402 13.40 -30.84 -29.18
N ILE E 403 14.35 -29.98 -29.55
CA ILE E 403 14.74 -29.79 -30.95
C ILE E 403 15.70 -30.90 -31.36
N PRO E 404 15.35 -31.72 -32.36
CA PRO E 404 16.21 -32.84 -32.74
C PRO E 404 17.57 -32.40 -33.23
N GLU E 405 18.51 -33.33 -33.18
CA GLU E 405 19.88 -33.07 -33.62
C GLU E 405 19.94 -32.78 -35.10
N GLY E 406 20.67 -31.74 -35.47
CA GLY E 406 20.86 -31.36 -36.86
C GLY E 406 19.72 -30.62 -37.50
N LEU E 407 18.69 -30.27 -36.73
CA LEU E 407 17.50 -29.63 -37.29
C LEU E 407 17.85 -28.24 -37.84
N ILE E 408 17.28 -27.92 -39.01
CA ILE E 408 17.47 -26.64 -39.67
C ILE E 408 16.11 -25.96 -39.84
N VAL E 409 16.01 -24.72 -39.37
CA VAL E 409 14.84 -23.86 -39.61
C VAL E 409 15.34 -22.48 -40.00
N GLY E 410 14.64 -21.86 -40.95
CA GLY E 410 14.98 -20.52 -41.39
C GLY E 410 15.77 -20.45 -42.67
N GLU E 411 16.12 -21.60 -43.25
CA GLU E 411 16.89 -21.66 -44.48
C GLU E 411 16.03 -21.97 -45.70
N ASP E 412 15.02 -22.83 -45.54
CA ASP E 412 14.17 -23.26 -46.64
C ASP E 412 12.74 -22.84 -46.34
N PRO E 413 12.27 -21.73 -46.90
CA PRO E 413 10.93 -21.23 -46.52
C PRO E 413 9.81 -22.20 -46.83
N GLU E 414 9.85 -22.83 -48.00
CA GLU E 414 8.83 -23.81 -48.36
C GLU E 414 8.84 -24.98 -47.38
N LEU E 415 10.02 -25.57 -47.16
CA LEU E 415 10.13 -26.68 -46.22
C LEU E 415 9.67 -26.27 -44.83
N ASP E 416 10.07 -25.08 -44.36
CA ASP E 416 9.73 -24.65 -43.01
C ASP E 416 8.23 -24.47 -42.83
N ALA E 417 7.56 -23.89 -43.83
CA ALA E 417 6.12 -23.67 -43.71
C ALA E 417 5.34 -24.98 -43.76
N LYS E 418 5.92 -26.00 -44.38
CA LYS E 418 5.27 -27.32 -44.35
C LYS E 418 5.45 -27.97 -42.99
N ARG E 419 6.66 -27.94 -42.44
CA ARG E 419 6.90 -28.61 -41.16
C ARG E 419 6.30 -27.86 -39.99
N PHE E 420 6.29 -26.53 -40.05
CA PHE E 420 5.91 -25.71 -38.91
C PHE E 420 4.88 -24.66 -39.32
N ARG E 421 4.49 -23.83 -38.37
CA ARG E 421 3.64 -22.68 -38.63
C ARG E 421 4.54 -21.49 -38.93
N ARG E 422 4.52 -21.03 -40.18
CA ARG E 422 5.36 -19.94 -40.63
C ARG E 422 4.50 -18.72 -40.92
N THR E 423 4.88 -17.58 -40.36
CA THR E 423 4.22 -16.32 -40.68
C THR E 423 4.65 -15.84 -42.06
N GLU E 424 4.02 -14.75 -42.51
CA GLU E 424 4.44 -14.14 -43.78
C GLU E 424 5.85 -13.60 -43.69
N SER E 425 6.19 -12.95 -42.58
CA SER E 425 7.52 -12.40 -42.37
C SER E 425 8.55 -13.46 -42.02
N GLY E 426 8.24 -14.76 -42.13
CA GLY E 426 9.27 -15.78 -42.06
C GLY E 426 9.65 -16.24 -40.68
N ILE E 427 8.81 -16.01 -39.68
CA ILE E 427 9.04 -16.53 -38.33
C ILE E 427 8.34 -17.87 -38.22
N CYS E 428 9.03 -18.87 -37.70
CA CYS E 428 8.45 -20.18 -37.46
C CYS E 428 8.11 -20.35 -35.99
N LEU E 429 6.89 -20.80 -35.72
CA LEU E 429 6.49 -21.22 -34.39
C LEU E 429 6.65 -22.73 -34.35
N ILE E 430 7.47 -23.22 -33.41
CA ILE E 430 7.85 -24.62 -33.37
C ILE E 430 7.32 -25.23 -32.07
N THR E 431 6.37 -26.14 -32.18
CA THR E 431 5.85 -26.91 -31.06
CA THR E 431 5.86 -26.91 -31.05
C THR E 431 6.35 -28.35 -31.13
N GLN E 432 6.22 -29.06 -30.00
CA GLN E 432 6.65 -30.45 -29.98
C GLN E 432 5.76 -31.34 -30.85
N SER E 433 4.48 -30.99 -30.98
CA SER E 433 3.59 -31.76 -31.84
C SER E 433 4.04 -31.68 -33.31
N MET E 434 4.58 -30.55 -33.73
CA MET E 434 5.13 -30.42 -35.07
C MET E 434 6.39 -31.27 -35.23
N ILE E 435 7.25 -31.26 -34.19
CA ILE E 435 8.50 -32.01 -34.23
C ILE E 435 8.23 -33.51 -34.33
N ASP E 436 7.19 -33.99 -33.64
CA ASP E 436 6.87 -35.41 -33.66
C ASP E 436 6.47 -35.90 -35.06
N LYS E 437 6.13 -34.99 -35.97
CA LYS E 437 5.71 -35.35 -37.32
C LYS E 437 6.85 -35.35 -38.34
N LEU E 438 8.10 -35.26 -37.90
CA LEU E 438 9.19 -34.90 -38.80
C LEU E 438 9.99 -36.09 -39.31
N ASP E 439 10.29 -36.07 -40.61
CA ASP E 439 11.22 -36.99 -41.24
C ASP E 439 12.22 -36.18 -42.07
N LEU E 440 11.88 -35.87 -43.32
CA LEU E 440 12.66 -34.95 -44.14
C LEU E 440 11.79 -33.78 -44.59
N VAL F 26 -20.76 2.83 83.50
CA VAL F 26 -21.43 3.33 82.29
C VAL F 26 -21.15 4.82 82.11
N GLN F 27 -21.41 5.60 83.15
CA GLN F 27 -21.30 7.04 83.03
C GLN F 27 -19.86 7.46 82.79
N PRO F 28 -19.63 8.42 81.89
CA PRO F 28 -18.27 8.97 81.75
C PRO F 28 -17.86 9.64 83.04
N LEU F 29 -16.58 9.50 83.39
CA LEU F 29 -16.14 10.01 84.69
C LEU F 29 -15.96 11.52 84.67
N ALA F 30 -15.75 12.12 83.50
CA ALA F 30 -15.62 13.58 83.40
C ALA F 30 -16.83 14.31 83.96
N ARG F 31 -17.99 13.65 84.04
CA ARG F 31 -19.15 14.25 84.69
C ARG F 31 -18.85 14.62 86.14
N ASP F 32 -17.96 13.86 86.78
CA ASP F 32 -17.70 13.99 88.21
C ASP F 32 -16.34 14.61 88.50
N ALA F 33 -15.70 15.20 87.50
CA ALA F 33 -14.37 15.76 87.65
C ALA F 33 -14.43 17.28 87.66
N MET F 34 -13.49 17.89 88.38
CA MET F 34 -13.20 19.31 88.23
C MET F 34 -11.83 19.49 87.62
N ALA F 35 -11.73 20.39 86.66
CA ALA F 35 -10.44 20.77 86.10
C ALA F 35 -9.92 22.00 86.84
N TYR F 36 -8.64 21.97 87.23
CA TYR F 36 -8.02 23.07 87.95
C TYR F 36 -6.71 23.43 87.24
N VAL F 37 -6.72 24.56 86.52
CA VAL F 37 -5.62 24.96 85.66
C VAL F 37 -4.73 25.92 86.42
N LEU F 38 -3.45 25.59 86.53
CA LEU F 38 -2.48 26.46 87.18
C LEU F 38 -1.90 27.40 86.12
N ALA F 39 -2.31 28.66 86.15
CA ALA F 39 -1.88 29.65 85.17
C ALA F 39 -1.16 30.82 85.81
N GLY F 40 -0.44 30.58 86.91
CA GLY F 40 0.27 31.65 87.57
C GLY F 40 1.73 31.81 87.20
N GLY F 41 2.24 30.95 86.31
CA GLY F 41 3.65 30.96 85.99
C GLY F 41 4.05 32.15 85.14
N ARG F 42 5.16 32.79 85.52
CA ARG F 42 5.60 33.99 84.81
C ARG F 42 6.05 33.66 83.39
N GLY F 43 6.85 32.62 83.22
CA GLY F 43 7.48 32.33 81.94
C GLY F 43 8.62 33.29 81.72
N SER F 44 9.58 33.28 82.65
CA SER F 44 10.60 34.32 82.70
C SER F 44 11.63 34.18 81.59
N ARG F 45 11.86 32.98 81.05
CA ARG F 45 12.78 32.92 79.93
C ARG F 45 12.19 33.58 78.71
N LEU F 46 10.86 33.62 78.56
CA LEU F 46 10.35 34.37 77.41
C LEU F 46 10.67 35.86 77.49
N LYS F 47 11.29 36.32 78.57
CA LYS F 47 11.94 37.64 78.67
C LYS F 47 10.88 38.72 78.52
N GLU F 48 11.09 39.74 77.67
CA GLU F 48 10.19 40.89 77.62
C GLU F 48 8.81 40.53 77.06
N LEU F 49 8.68 39.40 76.37
CA LEU F 49 7.37 39.03 75.85
C LEU F 49 6.39 38.67 76.97
N THR F 50 6.90 38.30 78.16
CA THR F 50 6.05 38.11 79.33
C THR F 50 6.27 39.20 80.38
N ASP F 51 6.64 40.41 79.96
CA ASP F 51 6.81 41.49 80.92
C ASP F 51 5.48 42.13 81.31
N ARG F 52 4.52 42.21 80.39
CA ARG F 52 3.19 42.74 80.64
C ARG F 52 2.14 41.65 80.79
N ARG F 53 2.53 40.38 80.75
CA ARG F 53 1.56 39.28 80.75
C ARG F 53 2.22 37.99 81.21
N ALA F 54 1.45 37.17 81.92
CA ALA F 54 1.88 35.84 82.30
C ALA F 54 1.88 34.93 81.09
N LYS F 55 2.75 33.91 81.13
CA LYS F 55 2.89 32.98 80.01
C LYS F 55 1.58 32.39 79.52
N PRO F 56 0.66 31.91 80.36
CA PRO F 56 -0.60 31.38 79.82
C PRO F 56 -1.40 32.38 79.01
N ALA F 57 -1.11 33.67 79.12
CA ALA F 57 -1.82 34.70 78.37
C ALA F 57 -1.14 35.00 77.04
N VAL F 58 0.01 34.37 76.78
CA VAL F 58 0.75 34.63 75.56
C VAL F 58 -0.05 34.12 74.36
N TYR F 59 -0.17 34.96 73.34
CA TYR F 59 -0.85 34.59 72.11
C TYR F 59 -0.09 33.47 71.41
N PHE F 60 -0.81 32.68 70.61
CA PHE F 60 -0.18 31.59 69.88
C PHE F 60 -1.02 31.15 68.69
N GLY F 61 -0.35 30.95 67.55
CA GLY F 61 -0.89 30.30 66.39
C GLY F 61 -1.82 31.12 65.52
N GLY F 62 -2.01 32.41 65.84
N GLY F 62 -2.04 32.39 65.86
CA GLY F 62 -3.14 33.11 65.27
CA GLY F 62 -2.84 33.28 65.03
C GLY F 62 -4.46 32.46 65.60
C GLY F 62 -4.06 33.85 65.71
N LYS F 63 -4.48 31.68 66.68
N LYS F 63 -4.52 33.25 66.80
CA LYS F 63 -5.53 30.72 66.98
CA LYS F 63 -5.68 33.78 67.50
C LYS F 63 -6.15 30.96 68.34
C LYS F 63 -5.64 33.45 68.98
N ALA F 64 -5.34 31.18 69.35
N ALA F 64 -5.75 32.16 69.31
CA ALA F 64 -5.79 31.32 70.73
CA ALA F 64 -5.89 31.72 70.69
C ALA F 64 -4.63 31.87 71.54
C ALA F 64 -4.68 32.11 71.52
N ARG F 65 -4.85 32.00 72.85
CA ARG F 65 -3.74 32.15 73.76
C ARG F 65 -3.35 30.76 74.28
N ILE F 66 -2.25 30.70 75.01
CA ILE F 66 -1.70 29.40 75.38
C ILE F 66 -2.64 28.67 76.35
N ILE F 67 -3.28 29.41 77.27
CA ILE F 67 -4.12 28.74 78.26
C ILE F 67 -5.30 28.03 77.60
N ASP F 68 -5.75 28.53 76.45
CA ASP F 68 -6.98 28.01 75.86
C ASP F 68 -6.87 26.55 75.46
N PHE F 69 -5.65 26.03 75.29
CA PHE F 69 -5.48 24.63 74.90
C PHE F 69 -5.86 23.69 76.04
N ALA F 70 -5.29 23.91 77.23
CA ALA F 70 -5.70 23.15 78.40
C ALA F 70 -7.20 23.31 78.65
N LEU F 71 -7.68 24.56 78.64
CA LEU F 71 -9.10 24.82 78.90
C LEU F 71 -9.98 24.11 77.89
N SER F 72 -9.56 24.08 76.62
CA SER F 72 -10.34 23.41 75.60
C SER F 72 -10.32 21.90 75.81
N ASN F 73 -9.20 21.37 76.33
CA ASN F 73 -9.10 19.94 76.56
C ASN F 73 -10.10 19.49 77.62
N ALA F 74 -10.26 20.26 78.70
CA ALA F 74 -11.24 19.93 79.72
C ALA F 74 -12.66 19.98 79.17
N LEU F 75 -13.01 21.08 78.51
CA LEU F 75 -14.27 21.19 77.79
C LEU F 75 -14.51 20.00 76.87
N ASN F 76 -13.60 19.80 75.89
CA ASN F 76 -13.78 18.76 74.89
C ASN F 76 -13.84 17.36 75.49
N SER F 77 -13.18 17.15 76.63
CA SER F 77 -13.27 15.88 77.34
C SER F 77 -14.48 15.80 78.26
N GLY F 78 -15.39 16.76 78.21
CA GLY F 78 -16.62 16.68 78.98
C GLY F 78 -16.53 17.16 80.41
N ILE F 79 -15.38 17.67 80.85
CA ILE F 79 -15.28 18.33 82.15
C ILE F 79 -15.89 19.71 82.01
N ARG F 80 -16.90 20.00 82.83
CA ARG F 80 -17.58 21.29 82.75
C ARG F 80 -17.45 22.10 84.03
N ARG F 81 -16.60 21.66 84.95
CA ARG F 81 -16.22 22.44 86.13
C ARG F 81 -14.74 22.77 86.01
N ILE F 82 -14.41 24.06 85.91
CA ILE F 82 -13.05 24.52 85.67
C ILE F 82 -12.67 25.60 86.67
N GLY F 83 -11.51 25.45 87.30
CA GLY F 83 -10.90 26.50 88.08
C GLY F 83 -9.60 26.94 87.43
N VAL F 84 -9.25 28.21 87.59
CA VAL F 84 -8.03 28.77 87.01
C VAL F 84 -7.36 29.64 88.06
N ALA F 85 -6.19 29.21 88.54
CA ALA F 85 -5.44 29.99 89.50
C ALA F 85 -4.45 30.89 88.77
N THR F 86 -4.46 32.18 89.10
CA THR F 86 -3.56 33.15 88.52
C THR F 86 -2.78 33.86 89.63
N GLN F 87 -1.78 34.62 89.21
CA GLN F 87 -0.93 35.34 90.15
C GLN F 87 -0.13 36.42 89.43
N TYR F 88 0.96 36.01 88.78
CA TYR F 88 1.80 36.96 88.07
C TYR F 88 1.00 37.69 87.03
N LYS F 89 1.18 39.02 86.99
CA LYS F 89 0.66 39.92 85.97
C LYS F 89 -0.58 39.33 85.29
N ALA F 90 -1.72 39.39 85.97
CA ALA F 90 -2.87 38.59 85.56
C ALA F 90 -4.01 39.37 84.94
N HIS F 91 -3.91 40.71 84.89
CA HIS F 91 -5.06 41.51 84.45
C HIS F 91 -5.51 41.13 83.05
N ASP F 92 -4.56 40.89 82.14
CA ASP F 92 -4.93 40.53 80.78
C ASP F 92 -5.37 39.07 80.70
N LEU F 93 -4.74 38.19 81.48
CA LEU F 93 -5.19 36.81 81.59
C LEU F 93 -6.62 36.74 82.07
N ILE F 94 -6.91 37.40 83.19
CA ILE F 94 -8.26 37.37 83.75
C ILE F 94 -9.25 38.02 82.79
N ARG F 95 -8.83 39.09 82.11
CA ARG F 95 -9.76 39.76 81.21
C ARG F 95 -10.08 38.89 80.01
N HIS F 96 -9.12 38.04 79.59
CA HIS F 96 -9.41 37.09 78.51
C HIS F 96 -10.34 35.97 78.99
N LEU F 97 -10.10 35.45 80.19
CA LEU F 97 -10.98 34.43 80.75
C LEU F 97 -12.42 34.94 80.89
N GLN F 98 -12.59 36.17 81.39
CA GLN F 98 -13.93 36.68 81.63
C GLN F 98 -14.73 36.79 80.35
N ARG F 99 -14.07 37.16 79.25
CA ARG F 99 -14.79 37.51 78.02
C ARG F 99 -14.92 36.33 77.07
N GLY F 100 -14.02 35.36 77.15
CA GLY F 100 -14.08 34.22 76.27
C GLY F 100 -14.73 32.99 76.87
N TRP F 101 -14.52 32.77 78.16
CA TRP F 101 -14.99 31.56 78.84
C TRP F 101 -16.20 31.87 79.72
N ASP F 102 -17.25 32.37 79.09
CA ASP F 102 -18.40 32.93 79.80
C ASP F 102 -19.70 32.21 79.48
N PHE F 103 -19.64 30.94 79.08
CA PHE F 103 -20.85 30.24 78.63
C PHE F 103 -21.21 29.08 79.55
N PHE F 104 -20.68 29.05 80.77
CA PHE F 104 -21.01 28.03 81.76
C PHE F 104 -22.07 28.62 82.69
N ARG F 105 -23.14 27.85 82.96
CA ARG F 105 -24.16 28.30 83.91
C ARG F 105 -24.29 27.28 85.04
N PRO F 106 -24.21 27.71 86.30
CA PRO F 106 -24.36 26.77 87.42
C PRO F 106 -25.66 25.96 87.40
N GLU F 107 -26.71 26.45 86.74
CA GLU F 107 -27.95 25.68 86.69
C GLU F 107 -27.76 24.39 85.92
N ARG F 108 -26.81 24.36 84.99
CA ARG F 108 -26.47 23.15 84.27
C ARG F 108 -25.31 22.40 84.92
N ASN F 109 -24.98 22.73 86.17
CA ASN F 109 -23.83 22.15 86.86
C ASN F 109 -22.56 22.35 86.06
N GLU F 110 -22.43 23.54 85.48
CA GLU F 110 -21.21 24.03 84.90
C GLU F 110 -20.67 25.16 85.78
N SER F 111 -19.35 25.27 85.81
CA SER F 111 -18.75 26.35 86.58
C SER F 111 -17.47 26.76 85.90
N PHE F 112 -17.17 28.05 85.94
CA PHE F 112 -15.87 28.59 85.56
C PHE F 112 -15.48 29.64 86.59
N ASP F 113 -14.52 29.29 87.44
CA ASP F 113 -14.08 30.12 88.55
C ASP F 113 -12.68 30.64 88.27
N ILE F 114 -12.51 31.95 88.29
CA ILE F 114 -11.22 32.60 88.08
C ILE F 114 -10.68 33.00 89.45
N LEU F 115 -9.52 32.44 89.82
CA LEU F 115 -9.04 32.44 91.21
C LEU F 115 -7.70 33.15 91.33
N PRO F 116 -7.70 34.48 91.41
CA PRO F 116 -6.46 35.19 91.71
C PRO F 116 -6.14 35.13 93.19
N ALA F 117 -4.86 35.32 93.50
CA ALA F 117 -4.43 35.49 94.89
C ALA F 117 -4.79 36.90 95.33
N SER F 118 -5.67 37.01 96.32
CA SER F 118 -6.23 38.31 96.69
C SER F 118 -6.47 38.36 98.19
N GLN F 119 -7.00 39.51 98.64
CA GLN F 119 -7.29 39.74 100.06
C GLN F 119 -8.73 39.31 100.36
N ARG F 120 -8.94 37.99 100.30
CA ARG F 120 -10.26 37.39 100.51
C ARG F 120 -10.24 36.46 101.71
N VAL F 121 -9.60 35.30 101.62
CA VAL F 121 -9.46 34.41 102.77
C VAL F 121 -8.22 34.72 103.58
N SER F 122 -7.28 35.48 103.04
CA SER F 122 -6.05 35.85 103.74
C SER F 122 -5.50 37.13 103.12
N GLU F 123 -4.72 37.87 103.91
CA GLU F 123 -4.09 39.11 103.43
C GLU F 123 -3.14 38.81 102.28
N THR F 124 -1.95 38.28 102.61
CA THR F 124 -1.00 37.67 101.68
C THR F 124 -0.99 38.27 100.28
N GLN F 125 -2.07 38.04 99.53
CA GLN F 125 -2.15 38.43 98.11
C GLN F 125 -1.04 37.77 97.30
N TRP F 126 -0.70 36.54 97.67
CA TRP F 126 0.37 35.81 97.01
C TRP F 126 0.22 34.33 97.32
N TYR F 127 0.06 33.51 96.28
CA TYR F 127 0.10 32.06 96.47
C TYR F 127 1.54 31.61 96.75
N GLU F 128 1.68 30.67 97.70
CA GLU F 128 3.00 30.17 98.05
C GLU F 128 3.56 29.17 97.03
N GLY F 129 2.72 28.58 96.19
CA GLY F 129 3.19 27.61 95.22
C GLY F 129 2.04 26.94 94.50
N THR F 130 2.41 25.99 93.62
CA THR F 130 1.39 25.25 92.87
C THR F 130 0.31 24.71 93.80
N ALA F 131 0.73 24.10 94.92
CA ALA F 131 -0.25 23.47 95.81
C ALA F 131 -1.07 24.52 96.54
N ASP F 132 -0.41 25.56 97.05
CA ASP F 132 -1.12 26.64 97.73
C ASP F 132 -2.20 27.24 96.86
N ALA F 133 -1.97 27.31 95.54
CA ALA F 133 -2.97 27.86 94.63
C ALA F 133 -4.26 27.08 94.68
N VAL F 134 -4.20 25.77 94.93
CA VAL F 134 -5.40 24.99 95.11
C VAL F 134 -5.87 25.01 96.57
N TYR F 135 -4.92 24.89 97.51
CA TYR F 135 -5.29 24.77 98.92
C TYR F 135 -6.09 25.96 99.39
N GLN F 136 -5.73 27.17 98.96
N GLN F 136 -5.73 27.17 98.95
CA GLN F 136 -6.44 28.37 99.39
CA GLN F 136 -6.43 28.37 99.38
C GLN F 136 -7.85 28.44 98.81
C GLN F 136 -7.84 28.47 98.79
N ASN F 137 -8.17 27.64 97.79
CA ASN F 137 -9.48 27.65 97.18
C ASN F 137 -10.23 26.34 97.41
N ILE F 138 -9.88 25.63 98.48
CA ILE F 138 -10.61 24.43 98.87
C ILE F 138 -12.08 24.77 99.12
N ASP F 139 -12.35 25.91 99.75
CA ASP F 139 -13.73 26.29 100.07
C ASP F 139 -14.54 26.63 98.83
N ILE F 140 -13.90 26.79 97.68
CA ILE F 140 -14.61 26.94 96.42
C ILE F 140 -14.91 25.57 95.81
N ILE F 141 -14.00 24.61 95.97
CA ILE F 141 -14.14 23.30 95.36
C ILE F 141 -15.18 22.46 96.08
N GLU F 142 -15.12 22.43 97.41
CA GLU F 142 -15.96 21.50 98.17
C GLU F 142 -17.47 21.72 98.01
N PRO F 143 -18.00 22.93 97.86
CA PRO F 143 -19.42 23.05 97.44
C PRO F 143 -19.76 22.26 96.17
N TYR F 144 -18.85 22.19 95.20
CA TYR F 144 -19.12 21.42 94.00
C TYR F 144 -19.03 19.92 94.26
N ALA F 145 -18.20 19.52 95.22
CA ALA F 145 -18.01 18.12 95.58
C ALA F 145 -17.72 17.24 94.36
N PRO F 146 -16.78 17.61 93.50
CA PRO F 146 -16.44 16.74 92.38
C PRO F 146 -15.78 15.48 92.91
N GLU F 147 -16.03 14.37 92.24
CA GLU F 147 -15.33 13.16 92.65
C GLU F 147 -13.84 13.25 92.35
N TYR F 148 -13.45 13.95 91.29
CA TYR F 148 -12.07 14.00 90.82
C TYR F 148 -11.61 15.41 90.51
N MET F 149 -10.32 15.64 90.74
CA MET F 149 -9.63 16.85 90.30
C MET F 149 -8.68 16.49 89.17
N VAL F 150 -8.74 17.25 88.10
CA VAL F 150 -7.77 17.19 87.02
C VAL F 150 -6.93 18.45 87.15
N ILE F 151 -5.70 18.29 87.66
CA ILE F 151 -4.79 19.42 87.85
C ILE F 151 -3.99 19.60 86.56
N LEU F 152 -4.08 20.78 85.97
CA LEU F 152 -3.51 21.03 84.64
C LEU F 152 -2.54 22.19 84.67
N ALA F 153 -1.48 22.09 83.88
CA ALA F 153 -0.60 23.21 83.62
C ALA F 153 -1.20 24.07 82.52
N GLY F 154 -1.33 25.37 82.79
CA GLY F 154 -1.92 26.27 81.83
C GLY F 154 -0.97 26.87 80.81
N ASP F 155 0.27 26.38 80.72
CA ASP F 155 1.26 27.03 79.88
C ASP F 155 1.83 26.10 78.80
N HIS F 156 1.09 25.06 78.42
CA HIS F 156 1.52 24.15 77.36
C HIS F 156 0.47 24.11 76.25
N ILE F 157 0.95 23.86 75.03
CA ILE F 157 0.11 23.76 73.83
C ILE F 157 0.04 22.30 73.44
N TYR F 158 -1.13 21.70 73.60
CA TYR F 158 -1.31 20.26 73.38
C TYR F 158 -2.80 19.94 73.39
N LYS F 159 -3.16 18.83 72.74
CA LYS F 159 -4.51 18.33 72.71
C LYS F 159 -4.57 16.98 73.39
N MET F 160 -5.54 16.80 74.30
CA MET F 160 -5.62 15.63 75.16
C MET F 160 -7.04 15.37 75.60
N ASP F 161 -7.44 14.10 75.54
CA ASP F 161 -8.76 13.65 76.02
C ASP F 161 -8.59 13.14 77.45
N TYR F 162 -8.94 13.97 78.43
CA TYR F 162 -8.70 13.60 79.82
C TYR F 162 -9.54 12.43 80.28
N GLU F 163 -10.53 12.00 79.49
CA GLU F 163 -11.33 10.85 79.90
C GLU F 163 -10.47 9.61 80.10
N TYR F 164 -9.42 9.46 79.29
CA TYR F 164 -8.54 8.31 79.42
C TYR F 164 -7.79 8.32 80.75
N MET F 165 -7.26 9.49 81.15
CA MET F 165 -6.55 9.58 82.41
C MET F 165 -7.47 9.30 83.60
N LEU F 166 -8.69 9.82 83.55
CA LEU F 166 -9.65 9.57 84.64
C LEU F 166 -9.90 8.09 84.82
N GLN F 167 -10.09 7.36 83.72
CA GLN F 167 -10.37 5.93 83.83
C GLN F 167 -9.14 5.19 84.35
N GLN F 168 -7.95 5.52 83.85
CA GLN F 168 -6.74 4.87 84.33
C GLN F 168 -6.56 5.10 85.83
N HIS F 169 -6.83 6.32 86.30
CA HIS F 169 -6.70 6.62 87.71
C HIS F 169 -7.63 5.75 88.55
N VAL F 170 -8.89 5.60 88.12
CA VAL F 170 -9.85 4.86 88.92
C VAL F 170 -9.56 3.36 88.87
N ASP F 171 -9.27 2.83 87.68
CA ASP F 171 -9.04 1.39 87.55
C ASP F 171 -7.72 0.96 88.21
N SER F 172 -6.71 1.83 88.18
CA SER F 172 -5.43 1.49 88.79
C SER F 172 -5.43 1.61 90.30
N GLY F 173 -6.46 2.22 90.88
CA GLY F 173 -6.49 2.43 92.32
C GLY F 173 -5.44 3.40 92.83
N ALA F 174 -4.84 4.19 91.94
CA ALA F 174 -3.70 5.02 92.30
C ALA F 174 -4.12 6.19 93.17
N ASP F 175 -3.16 6.69 93.95
CA ASP F 175 -3.36 7.93 94.69
C ASP F 175 -3.13 9.15 93.81
N VAL F 176 -2.32 9.02 92.77
CA VAL F 176 -2.18 10.08 91.77
C VAL F 176 -1.73 9.47 90.45
N THR F 177 -2.34 9.94 89.37
CA THR F 177 -1.93 9.59 88.02
C THR F 177 -1.31 10.82 87.38
N ILE F 178 -0.19 10.63 86.72
CA ILE F 178 0.65 11.73 86.26
C ILE F 178 0.82 11.63 84.75
N GLY F 179 0.45 12.69 84.05
CA GLY F 179 0.63 12.71 82.60
C GLY F 179 2.10 12.88 82.25
N CYS F 180 2.58 12.08 81.31
CA CYS F 180 4.01 12.02 81.01
C CYS F 180 4.24 11.94 79.51
N LEU F 181 5.21 12.72 79.04
CA LEU F 181 5.69 12.59 77.67
C LEU F 181 6.77 11.52 77.60
N GLU F 182 6.68 10.67 76.59
CA GLU F 182 7.71 9.67 76.33
C GLU F 182 8.71 10.29 75.35
N VAL F 183 9.78 10.88 75.88
CA VAL F 183 10.75 11.62 75.08
C VAL F 183 12.10 10.92 75.21
N PRO F 184 13.01 11.14 74.26
CA PRO F 184 14.38 10.64 74.44
C PRO F 184 15.00 11.26 75.68
N ARG F 185 15.90 10.52 76.31
CA ARG F 185 16.36 10.90 77.64
C ARG F 185 17.18 12.20 77.62
N MET F 186 17.89 12.48 76.53
CA MET F 186 18.71 13.68 76.52
C MET F 186 17.89 14.95 76.47
N GLU F 187 16.66 14.89 75.99
CA GLU F 187 15.76 16.04 76.05
C GLU F 187 14.80 15.97 77.23
N ALA F 188 14.86 14.91 78.04
CA ALA F 188 14.14 14.90 79.31
C ALA F 188 14.91 15.60 80.42
N THR F 189 16.10 16.12 80.12
CA THR F 189 16.95 16.71 81.14
C THR F 189 16.39 18.03 81.69
N GLY F 190 15.44 18.64 80.99
CA GLY F 190 14.80 19.84 81.46
C GLY F 190 13.51 19.63 82.21
N PHE F 191 13.03 18.40 82.27
CA PHE F 191 11.74 18.08 82.86
C PHE F 191 11.91 17.46 84.23
N GLY F 192 10.84 17.52 85.01
CA GLY F 192 10.69 16.58 86.12
C GLY F 192 10.40 15.20 85.55
N VAL F 193 11.22 14.22 85.92
CA VAL F 193 11.26 12.94 85.22
C VAL F 193 10.75 11.84 86.15
N MET F 194 9.87 11.00 85.60
CA MET F 194 9.32 9.86 86.32
C MET F 194 10.17 8.62 86.08
N HIS F 195 10.62 8.00 87.17
CA HIS F 195 11.30 6.72 87.15
C HIS F 195 10.26 5.64 87.36
N VAL F 196 10.09 4.75 86.39
CA VAL F 196 9.01 3.79 86.43
C VAL F 196 9.54 2.36 86.41
N ASN F 197 8.73 1.45 86.94
CA ASN F 197 8.95 0.01 86.81
C ASN F 197 8.23 -0.46 85.54
N GLU F 198 8.03 -1.77 85.42
CA GLU F 198 7.43 -2.30 84.20
C GLU F 198 5.93 -2.11 84.15
N LYS F 199 5.29 -1.86 85.29
CA LYS F 199 3.86 -1.59 85.37
C LYS F 199 3.55 -0.11 85.26
N ASP F 200 4.51 0.72 84.85
CA ASP F 200 4.40 2.17 84.78
C ASP F 200 4.03 2.78 86.14
N GLU F 201 4.33 2.08 87.23
CA GLU F 201 4.22 2.66 88.56
C GLU F 201 5.50 3.44 88.84
N ILE F 202 5.33 4.68 89.34
CA ILE F 202 6.47 5.55 89.55
C ILE F 202 7.26 5.06 90.75
N ILE F 203 8.50 4.64 90.50
CA ILE F 203 9.40 4.26 91.59
C ILE F 203 10.03 5.50 92.22
N ASP F 204 10.22 6.56 91.43
CA ASP F 204 10.96 7.72 91.89
C ASP F 204 10.62 8.93 91.01
N PHE F 205 10.96 10.11 91.50
CA PHE F 205 10.85 11.33 90.72
C PHE F 205 12.11 12.16 90.92
N ILE F 206 12.73 12.57 89.82
CA ILE F 206 13.93 13.39 89.85
C ILE F 206 13.64 14.67 89.07
N GLU F 207 14.12 15.79 89.60
CA GLU F 207 13.86 17.10 89.00
C GLU F 207 15.05 17.50 88.13
N LYS F 208 14.80 17.59 86.83
CA LYS F 208 15.82 17.96 85.85
C LYS F 208 17.09 17.13 85.99
N PRO F 209 17.00 15.81 85.93
CA PRO F 209 18.22 14.98 86.06
C PRO F 209 19.14 15.21 84.87
N ALA F 210 20.44 15.31 85.17
CA ALA F 210 21.43 15.41 84.10
C ALA F 210 21.40 14.16 83.24
N ASP F 211 21.21 13.00 83.86
CA ASP F 211 21.18 11.71 83.18
C ASP F 211 19.89 10.99 83.56
N PRO F 212 18.80 11.26 82.84
CA PRO F 212 17.50 10.81 83.30
C PRO F 212 17.39 9.29 83.30
N PRO F 213 16.54 8.73 84.15
CA PRO F 213 16.30 7.27 84.11
C PRO F 213 15.48 6.90 82.88
N GLY F 214 15.92 5.85 82.19
CA GLY F 214 15.18 5.36 81.05
C GLY F 214 14.01 4.46 81.45
N ILE F 215 13.17 4.16 80.45
CA ILE F 215 11.98 3.35 80.64
C ILE F 215 12.35 1.88 80.52
N PRO F 216 11.84 1.00 81.40
CA PRO F 216 12.14 -0.44 81.28
C PRO F 216 11.73 -1.00 79.92
N GLY F 217 12.65 -1.74 79.30
CA GLY F 217 12.43 -2.30 77.98
C GLY F 217 12.56 -1.32 76.83
N ASN F 218 13.03 -0.10 77.11
CA ASN F 218 13.09 0.99 76.14
C ASN F 218 13.78 2.17 76.80
N GLU F 219 14.93 1.90 77.36
CA GLU F 219 15.75 2.83 78.11
C GLU F 219 16.45 3.89 77.23
N GLY F 220 16.09 3.97 75.95
CA GLY F 220 16.40 5.11 75.10
C GLY F 220 15.52 6.32 75.33
N PHE F 221 14.43 6.14 76.06
CA PHE F 221 13.45 7.18 76.28
C PHE F 221 13.12 7.30 77.76
N ALA F 222 12.57 8.46 78.13
CA ALA F 222 12.24 8.74 79.52
C ALA F 222 10.87 9.41 79.59
N LEU F 223 10.17 9.16 80.69
CA LEU F 223 8.85 9.74 80.92
C LEU F 223 9.05 11.10 81.56
N ALA F 224 8.76 12.16 80.81
CA ALA F 224 8.87 13.52 81.29
C ALA F 224 7.49 14.01 81.72
N SER F 225 7.40 14.52 82.95
CA SER F 225 6.12 14.95 83.49
C SER F 225 5.62 16.18 82.75
N MET F 226 4.40 16.10 82.22
CA MET F 226 3.76 17.26 81.63
C MET F 226 3.09 18.16 82.66
N GLY F 227 3.10 17.78 83.94
CA GLY F 227 2.43 18.57 84.95
C GLY F 227 0.93 18.40 84.97
N ILE F 228 0.44 17.22 84.60
CA ILE F 228 -0.97 16.89 84.64
C ILE F 228 -1.13 15.78 85.66
N TYR F 229 -1.88 16.07 86.72
CA TYR F 229 -2.15 15.11 87.78
C TYR F 229 -3.65 14.93 87.97
N VAL F 230 -4.06 13.68 88.15
CA VAL F 230 -5.44 13.35 88.53
C VAL F 230 -5.42 12.71 89.90
N PHE F 231 -6.27 13.19 90.79
CA PHE F 231 -6.45 12.64 92.13
C PHE F 231 -7.91 12.24 92.31
N HIS F 232 -8.19 11.56 93.44
CA HIS F 232 -9.52 11.60 94.02
C HIS F 232 -9.66 12.87 94.84
N THR F 233 -10.78 13.57 94.69
CA THR F 233 -10.91 14.91 95.26
C THR F 233 -10.61 14.93 96.75
N LYS F 234 -11.21 14.00 97.49
CA LYS F 234 -10.98 13.98 98.93
C LYS F 234 -9.51 13.71 99.24
N PHE F 235 -8.91 12.73 98.57
CA PHE F 235 -7.49 12.48 98.77
C PHE F 235 -6.65 13.72 98.46
N LEU F 236 -7.05 14.51 97.47
CA LEU F 236 -6.29 15.72 97.16
C LEU F 236 -6.44 16.76 98.26
N MET F 237 -7.68 17.02 98.70
CA MET F 237 -7.88 17.88 99.87
C MET F 237 -7.06 17.40 101.05
N GLU F 238 -7.04 16.09 101.30
CA GLU F 238 -6.22 15.54 102.37
C GLU F 238 -4.75 15.92 102.16
N ALA F 239 -4.19 15.58 101.00
CA ALA F 239 -2.79 15.87 100.73
C ALA F 239 -2.49 17.35 100.83
N LEU F 240 -3.43 18.19 100.40
CA LEU F 240 -3.19 19.63 100.42
C LEU F 240 -3.06 20.17 101.84
N ARG F 241 -3.94 19.73 102.74
CA ARG F 241 -3.87 20.20 104.13
C ARG F 241 -2.61 19.70 104.82
N ARG F 242 -2.21 18.46 104.57
CA ARG F 242 -0.95 17.96 105.10
C ARG F 242 0.22 18.78 104.57
N ASP F 243 0.19 19.12 103.28
CA ASP F 243 1.22 19.96 102.69
C ASP F 243 1.22 21.35 103.32
N ALA F 244 0.04 21.89 103.61
CA ALA F 244 -0.04 23.25 104.11
C ALA F 244 0.52 23.37 105.54
N ALA F 245 0.44 22.30 106.33
CA ALA F 245 0.95 22.32 107.69
C ALA F 245 2.45 22.03 107.76
N ASP F 246 2.99 21.27 106.82
CA ASP F 246 4.42 21.00 106.80
C ASP F 246 5.19 22.29 106.53
N PRO F 247 6.18 22.62 107.35
CA PRO F 247 6.97 23.85 107.09
C PRO F 247 8.06 23.68 106.05
N THR F 248 8.59 22.48 105.84
CA THR F 248 9.65 22.31 104.85
C THR F 248 9.11 22.33 103.43
N SER F 249 7.83 22.00 103.26
CA SER F 249 7.24 21.89 101.93
C SER F 249 7.17 23.27 101.28
N SER F 250 7.81 23.42 100.11
CA SER F 250 7.75 24.65 99.32
C SER F 250 6.40 24.84 98.63
N ARG F 251 5.40 24.04 99.01
CA ARG F 251 4.03 24.18 98.52
C ARG F 251 3.93 23.94 97.01
N ASP F 252 4.75 23.02 96.50
CA ASP F 252 4.77 22.70 95.08
C ASP F 252 4.10 21.35 94.84
N PHE F 253 3.42 21.24 93.69
CA PHE F 253 2.85 19.96 93.29
C PHE F 253 3.93 18.98 92.87
N GLY F 254 4.77 19.39 91.91
CA GLY F 254 5.81 18.50 91.43
C GLY F 254 6.91 18.24 92.47
N LYS F 255 7.26 19.26 93.25
CA LYS F 255 8.38 19.14 94.19
C LYS F 255 7.96 18.62 95.56
N ASP F 256 6.70 18.81 95.97
CA ASP F 256 6.27 18.45 97.31
C ASP F 256 5.13 17.44 97.33
N ILE F 257 4.08 17.68 96.54
CA ILE F 257 2.91 16.79 96.59
C ILE F 257 3.24 15.43 95.99
N ILE F 258 3.69 15.43 94.73
CA ILE F 258 3.91 14.17 94.02
C ILE F 258 4.95 13.31 94.71
N PRO F 259 6.16 13.80 95.03
CA PRO F 259 7.18 12.90 95.60
C PRO F 259 6.80 12.32 96.95
N TYR F 260 6.06 13.05 97.77
CA TYR F 260 5.52 12.45 99.00
C TYR F 260 4.70 11.21 98.66
N ILE F 261 3.71 11.36 97.77
CA ILE F 261 2.90 10.22 97.33
C ILE F 261 3.78 9.15 96.70
N VAL F 262 4.77 9.57 95.91
CA VAL F 262 5.72 8.61 95.32
C VAL F 262 6.31 7.73 96.40
N GLU F 263 6.67 8.31 97.54
CA GLU F 263 7.33 7.54 98.59
C GLU F 263 6.33 6.65 99.32
N HIS F 264 5.28 7.24 99.88
CA HIS F 264 4.41 6.55 100.83
C HIS F 264 3.11 6.05 100.22
N GLY F 265 2.85 6.30 98.94
CA GLY F 265 1.61 5.86 98.35
C GLY F 265 1.76 5.25 96.97
N LYS F 266 0.72 5.36 96.14
CA LYS F 266 0.73 4.80 94.80
C LYS F 266 0.57 5.92 93.78
N ALA F 267 1.56 6.05 92.91
CA ALA F 267 1.52 6.98 91.79
C ALA F 267 1.76 6.20 90.50
N VAL F 268 0.89 6.40 89.51
CA VAL F 268 1.03 5.74 88.22
C VAL F 268 1.22 6.80 87.14
N ALA F 269 1.91 6.41 86.07
CA ALA F 269 2.19 7.30 84.96
C ALA F 269 1.20 7.04 83.84
N HIS F 270 0.63 8.11 83.29
CA HIS F 270 -0.16 8.03 82.08
C HIS F 270 0.64 8.62 80.92
N ARG F 271 0.69 7.91 79.79
CA ARG F 271 1.50 8.32 78.66
C ARG F 271 0.68 9.18 77.70
N PHE F 272 1.21 10.38 77.41
CA PHE F 272 0.56 11.31 76.49
C PHE F 272 0.10 10.63 75.21
N ALA F 273 0.89 9.67 74.70
CA ALA F 273 0.55 8.99 73.46
C ALA F 273 -0.73 8.18 73.56
N ASP F 274 -1.21 7.90 74.77
CA ASP F 274 -2.42 7.10 74.92
C ASP F 274 -3.70 7.95 74.82
N SER F 275 -3.67 9.20 75.28
CA SER F 275 -4.85 10.04 75.28
C SER F 275 -4.73 11.27 74.38
N CYS F 276 -3.62 11.42 73.67
CA CYS F 276 -3.44 12.59 72.82
C CYS F 276 -4.47 12.56 71.68
N VAL F 277 -5.03 13.72 71.38
CA VAL F 277 -5.99 13.86 70.28
C VAL F 277 -5.24 14.36 69.05
N ARG F 278 -5.11 13.51 68.04
CA ARG F 278 -4.35 13.80 66.84
C ARG F 278 -5.30 13.98 65.67
N SER F 279 -5.19 15.11 64.99
CA SER F 279 -5.87 15.25 63.71
C SER F 279 -5.31 14.25 62.71
N ASP F 280 -6.10 13.96 61.67
CA ASP F 280 -5.59 13.13 60.58
C ASP F 280 -4.40 13.77 59.90
N PHE F 281 -4.20 15.08 60.07
CA PHE F 281 -3.12 15.81 59.45
C PHE F 281 -2.00 16.14 60.43
N GLU F 282 -1.85 15.31 61.47
CA GLU F 282 -0.82 15.49 62.49
C GLU F 282 -0.06 14.18 62.62
N HIS F 283 1.18 14.16 62.15
CA HIS F 283 1.94 12.93 62.00
C HIS F 283 2.45 12.36 63.33
N GLU F 284 2.23 13.03 64.44
CA GLU F 284 2.72 12.57 65.73
C GLU F 284 2.03 13.38 66.83
N PRO F 285 2.02 12.86 68.06
CA PRO F 285 1.45 13.64 69.16
C PRO F 285 2.15 14.97 69.32
N TYR F 286 1.36 16.04 69.39
CA TYR F 286 1.88 17.41 69.40
C TYR F 286 1.85 17.95 70.82
N TRP F 287 3.00 18.43 71.29
CA TRP F 287 3.10 19.04 72.60
C TRP F 287 4.27 20.01 72.58
N ARG F 288 4.01 21.24 73.01
CA ARG F 288 5.01 22.31 73.01
C ARG F 288 4.85 23.13 74.27
N ASP F 289 5.97 23.49 74.90
CA ASP F 289 5.94 24.35 76.06
C ASP F 289 6.47 25.75 75.77
N VAL F 290 6.91 26.02 74.54
CA VAL F 290 7.33 27.33 74.03
C VAL F 290 8.02 28.16 75.10
N GLY F 291 8.98 27.55 75.81
CA GLY F 291 9.60 28.18 76.95
C GLY F 291 10.69 29.19 76.63
N THR F 292 11.08 29.33 75.36
CA THR F 292 12.12 30.27 74.96
C THR F 292 11.65 31.05 73.74
N ILE F 293 12.30 32.20 73.51
CA ILE F 293 12.00 32.99 72.32
C ILE F 293 12.17 32.15 71.06
N ASP F 294 13.27 31.39 70.98
CA ASP F 294 13.49 30.49 69.84
C ASP F 294 12.36 29.48 69.73
N ALA F 295 12.04 28.80 70.83
CA ALA F 295 11.01 27.76 70.80
C ALA F 295 9.64 28.33 70.51
N TYR F 296 9.33 29.50 71.09
CA TYR F 296 8.07 30.18 70.77
C TYR F 296 8.00 30.52 69.29
N TRP F 297 9.02 31.21 68.78
CA TRP F 297 9.00 31.57 67.37
C TRP F 297 8.96 30.33 66.48
N GLN F 298 9.77 29.32 66.82
CA GLN F 298 9.75 28.06 66.06
C GLN F 298 8.34 27.50 65.96
N ALA F 299 7.64 27.39 67.09
CA ALA F 299 6.33 26.75 67.11
C ALA F 299 5.31 27.54 66.31
N ASN F 300 5.36 28.88 66.39
CA ASN F 300 4.49 29.69 65.55
C ASN F 300 4.93 29.67 64.09
N ILE F 301 6.24 29.75 63.84
CA ILE F 301 6.71 29.80 62.47
C ILE F 301 6.47 28.47 61.76
N ASP F 302 6.46 27.36 62.51
CA ASP F 302 6.28 26.04 61.91
C ASP F 302 4.91 25.89 61.26
N LEU F 303 3.94 26.72 61.65
CA LEU F 303 2.61 26.61 61.07
C LEU F 303 2.54 27.16 59.65
N THR F 304 3.59 27.84 59.18
CA THR F 304 3.62 28.24 57.76
C THR F 304 3.95 27.07 56.84
N ASP F 305 4.47 25.98 57.38
CA ASP F 305 4.85 24.83 56.56
C ASP F 305 3.68 24.32 55.74
N VAL F 306 3.98 23.58 54.68
CA VAL F 306 2.93 23.02 53.84
C VAL F 306 2.12 21.99 54.61
N VAL F 307 2.81 21.11 55.32
CA VAL F 307 2.19 20.15 56.23
C VAL F 307 2.74 20.42 57.62
N PRO F 308 2.03 21.21 58.42
CA PRO F 308 2.52 21.55 59.76
C PRO F 308 2.25 20.42 60.75
N ASP F 309 3.03 20.44 61.82
CA ASP F 309 2.84 19.45 62.88
C ASP F 309 1.55 19.70 63.65
N LEU F 310 1.07 20.93 63.68
CA LEU F 310 -0.19 21.28 64.32
C LEU F 310 -1.21 21.62 63.23
N ASP F 311 -2.38 21.00 63.30
CA ASP F 311 -3.49 21.29 62.41
C ASP F 311 -4.39 22.28 63.12
N ILE F 312 -4.25 23.55 62.77
CA ILE F 312 -5.06 24.61 63.36
C ILE F 312 -6.38 24.73 62.60
N TYR F 313 -6.60 23.81 61.65
CA TYR F 313 -7.84 23.78 60.88
C TYR F 313 -8.71 22.59 61.24
N ASP F 314 -8.29 21.76 62.19
CA ASP F 314 -9.09 20.62 62.58
C ASP F 314 -10.29 21.08 63.42
N LYS F 315 -11.45 20.45 63.16
CA LYS F 315 -12.70 20.80 63.84
C LYS F 315 -13.18 19.71 64.78
N SER F 316 -12.50 18.58 64.83
CA SER F 316 -12.92 17.47 65.67
C SER F 316 -12.49 17.61 67.12
N TRP F 317 -11.48 18.44 67.40
CA TRP F 317 -11.06 18.74 68.77
C TRP F 317 -10.73 20.23 68.83
N PRO F 318 -11.75 21.07 68.75
CA PRO F 318 -11.51 22.50 68.51
C PRO F 318 -10.98 23.21 69.75
N ILE F 319 -10.25 24.30 69.49
CA ILE F 319 -9.67 25.14 70.51
C ILE F 319 -10.56 26.36 70.65
N TRP F 320 -11.39 26.38 71.69
CA TRP F 320 -12.20 27.56 71.96
C TRP F 320 -11.32 28.70 72.48
N THR F 321 -11.62 29.92 72.04
CA THR F 321 -10.87 31.09 72.48
C THR F 321 -11.79 32.30 72.41
N TYR F 322 -11.32 33.41 72.97
CA TYR F 322 -12.01 34.68 72.83
C TYR F 322 -11.77 35.23 71.43
N ALA F 323 -12.84 35.47 70.70
CA ALA F 323 -12.75 35.95 69.33
C ALA F 323 -13.90 36.92 69.10
N GLU F 324 -13.60 37.98 68.35
CA GLU F 324 -14.60 38.98 68.00
C GLU F 324 -14.85 38.95 66.50
N ILE F 325 -15.96 39.55 66.10
CA ILE F 325 -16.25 39.71 64.68
C ILE F 325 -15.19 40.59 64.06
N THR F 326 -14.34 40.01 63.21
CA THR F 326 -13.29 40.79 62.57
C THR F 326 -13.45 40.75 61.06
N PRO F 327 -13.23 41.88 60.38
CA PRO F 327 -13.27 41.90 58.92
C PRO F 327 -12.15 41.06 58.33
N PRO F 328 -12.23 40.70 57.04
CA PRO F 328 -11.21 39.81 56.46
C PRO F 328 -9.87 40.48 56.26
N ALA F 329 -8.91 39.73 55.71
CA ALA F 329 -7.59 40.27 55.39
C ALA F 329 -7.61 40.90 54.00
N LYS F 330 -6.74 41.90 53.82
CA LYS F 330 -6.73 42.72 52.61
C LYS F 330 -5.32 42.87 52.06
N PHE F 331 -5.20 42.79 50.73
CA PHE F 331 -3.90 42.91 50.06
C PHE F 331 -4.04 43.95 48.96
N VAL F 332 -3.25 45.02 49.04
CA VAL F 332 -3.44 46.18 48.19
C VAL F 332 -2.14 46.54 47.48
N HIS F 333 -2.27 47.07 46.26
CA HIS F 333 -1.20 47.53 45.37
C HIS F 333 -0.46 46.38 44.71
N ASP F 334 -0.12 46.57 43.43
CA ASP F 334 0.48 45.51 42.62
C ASP F 334 1.11 46.11 41.37
N ASP F 335 2.23 46.80 41.52
CA ASP F 335 2.90 47.42 40.39
C ASP F 335 4.36 47.00 40.39
N GLU F 336 5.20 47.76 39.68
CA GLU F 336 6.60 47.37 39.50
C GLU F 336 7.41 47.54 40.79
N ASP F 337 7.01 48.45 41.66
CA ASP F 337 7.79 48.77 42.85
C ASP F 337 7.23 48.20 44.14
N ARG F 338 5.91 48.02 44.25
CA ARG F 338 5.30 47.53 45.48
C ARG F 338 4.19 46.56 45.14
N ARG F 339 4.03 45.55 45.99
CA ARG F 339 2.94 44.60 45.84
C ARG F 339 2.64 44.03 47.22
N GLY F 340 1.45 44.30 47.72
CA GLY F 340 1.00 43.67 48.95
C GLY F 340 0.53 42.25 48.70
N SER F 341 1.25 41.27 49.25
CA SER F 341 0.79 39.88 49.23
C SER F 341 1.70 39.06 50.12
N ALA F 342 1.22 37.88 50.48
CA ALA F 342 1.89 36.99 51.41
C ALA F 342 2.15 35.66 50.73
N VAL F 343 3.29 35.06 51.02
CA VAL F 343 3.69 33.80 50.42
C VAL F 343 4.23 32.91 51.53
N SER F 344 3.91 31.63 51.46
CA SER F 344 4.20 30.68 52.54
C SER F 344 3.88 31.26 53.90
N SER F 345 2.72 31.90 54.04
CA SER F 345 2.42 32.71 55.21
C SER F 345 1.05 32.35 55.77
N VAL F 346 0.84 32.72 57.03
CA VAL F 346 -0.43 32.58 57.72
C VAL F 346 -0.87 34.00 58.10
N VAL F 347 -1.98 34.47 57.53
CA VAL F 347 -2.44 35.83 57.72
C VAL F 347 -3.82 35.80 58.36
N SER F 348 -3.97 36.50 59.49
CA SER F 348 -5.23 36.56 60.21
C SER F 348 -6.14 37.65 59.65
N GLY F 349 -7.31 37.80 60.26
CA GLY F 349 -8.24 38.81 59.85
C GLY F 349 -7.91 40.17 60.42
N ASP F 350 -8.65 41.17 59.94
CA ASP F 350 -8.36 42.58 60.22
C ASP F 350 -6.91 42.92 59.89
N CYS F 351 -6.34 42.25 58.89
CA CYS F 351 -4.98 42.51 58.45
C CYS F 351 -5.02 43.18 57.08
N ILE F 352 -4.36 44.32 56.95
CA ILE F 352 -4.29 45.04 55.69
C ILE F 352 -2.84 45.04 55.24
N ILE F 353 -2.54 44.19 54.26
CA ILE F 353 -1.19 44.04 53.72
C ILE F 353 -1.08 44.99 52.53
N SER F 354 -0.52 46.17 52.78
CA SER F 354 -0.62 47.31 51.84
C SER F 354 0.75 47.56 51.22
N GLY F 355 0.94 47.08 49.99
CA GLY F 355 2.22 47.22 49.34
C GLY F 355 3.36 46.56 50.07
N ALA F 356 3.07 45.58 50.93
CA ALA F 356 4.06 44.93 51.77
C ALA F 356 4.26 43.48 51.33
N ALA F 357 5.50 43.01 51.42
CA ALA F 357 5.83 41.63 51.09
C ALA F 357 5.97 40.82 52.37
N LEU F 358 5.32 39.66 52.40
CA LEU F 358 5.28 38.76 53.55
C LEU F 358 5.66 37.36 53.09
N ASN F 359 6.74 36.82 53.66
CA ASN F 359 7.14 35.46 53.31
C ASN F 359 7.53 34.69 54.57
N ARG F 360 7.10 33.43 54.61
CA ARG F 360 7.26 32.57 55.77
C ARG F 360 6.97 33.30 57.08
N SER F 361 5.82 33.96 57.13
CA SER F 361 5.46 34.72 58.33
C SER F 361 4.07 34.31 58.81
N LEU F 362 3.81 34.59 60.08
CA LEU F 362 2.50 34.40 60.71
C LEU F 362 2.08 35.72 61.33
N LEU F 363 0.89 36.19 60.97
CA LEU F 363 0.36 37.46 61.46
C LEU F 363 -0.93 37.20 62.24
N PHE F 364 -1.01 37.77 63.43
CA PHE F 364 -2.23 37.69 64.22
C PHE F 364 -3.20 38.78 63.73
N THR F 365 -4.29 38.97 64.47
N THR F 365 -4.32 38.95 64.43
CA THR F 365 -5.33 39.92 64.07
CA THR F 365 -5.32 39.90 63.98
C THR F 365 -4.84 41.35 64.15
C THR F 365 -4.81 41.33 64.09
N GLY F 366 -5.39 42.20 63.27
CA GLY F 366 -5.18 43.64 63.40
C GLY F 366 -3.89 44.21 62.84
N VAL F 367 -3.09 43.41 62.13
CA VAL F 367 -1.81 43.92 61.61
C VAL F 367 -2.06 44.88 60.47
N ARG F 368 -1.25 45.94 60.39
CA ARG F 368 -1.20 46.84 59.24
C ARG F 368 0.24 46.96 58.76
N ALA F 369 0.53 46.45 57.57
CA ALA F 369 1.88 46.49 57.00
C ALA F 369 1.86 47.38 55.76
N ASN F 370 2.65 48.44 55.77
CA ASN F 370 2.54 49.47 54.75
C ASN F 370 3.59 49.29 53.66
N SER F 371 3.54 50.18 52.67
CA SER F 371 4.19 49.95 51.39
C SER F 371 5.70 49.78 51.55
N TYR F 372 6.27 48.96 50.66
CA TYR F 372 7.69 48.67 50.58
C TYR F 372 8.25 48.07 51.85
N SER F 373 7.41 47.73 52.82
CA SER F 373 7.85 46.95 53.96
C SER F 373 7.95 45.49 53.57
N ARG F 374 8.89 44.79 54.20
CA ARG F 374 9.09 43.37 53.93
C ARG F 374 9.26 42.65 55.26
N LEU F 375 8.56 41.53 55.41
CA LEU F 375 8.65 40.70 56.60
C LEU F 375 8.98 39.28 56.18
N GLU F 376 10.01 38.71 56.77
CA GLU F 376 10.39 37.34 56.46
C GLU F 376 10.68 36.60 57.75
N ASN F 377 10.19 35.38 57.85
CA ASN F 377 10.41 34.55 59.03
C ASN F 377 9.93 35.28 60.29
N ALA F 378 8.82 35.98 60.17
CA ALA F 378 8.34 36.85 61.23
C ALA F 378 7.12 36.24 61.92
N VAL F 379 7.05 36.41 63.22
CA VAL F 379 5.85 36.14 64.01
C VAL F 379 5.35 37.48 64.51
N VAL F 380 4.18 37.90 64.03
CA VAL F 380 3.67 39.25 64.26
C VAL F 380 2.39 39.15 65.08
N LEU F 381 2.45 39.61 66.32
CA LEU F 381 1.34 39.47 67.26
C LEU F 381 0.30 40.57 67.01
N PRO F 382 -0.85 40.53 67.70
CA PRO F 382 -1.97 41.40 67.29
C PRO F 382 -1.65 42.90 67.27
N SER F 383 -2.26 43.58 66.29
CA SER F 383 -2.38 45.03 66.23
C SER F 383 -1.07 45.75 65.88
N VAL F 384 -0.09 45.03 65.38
CA VAL F 384 1.21 45.63 65.12
C VAL F 384 1.16 46.40 63.81
N LYS F 385 1.80 47.57 63.80
CA LYS F 385 1.95 48.37 62.59
C LYS F 385 3.38 48.28 62.09
N ILE F 386 3.56 48.11 60.78
CA ILE F 386 4.88 48.04 60.15
C ILE F 386 5.00 49.19 59.18
N GLY F 387 5.78 50.20 59.54
CA GLY F 387 5.89 51.38 58.70
C GLY F 387 6.45 51.07 57.32
N ARG F 388 6.27 52.04 56.43
CA ARG F 388 6.80 51.91 55.07
C ARG F 388 8.29 51.63 55.12
N HIS F 389 8.76 50.85 54.15
CA HIS F 389 10.17 50.59 53.87
C HIS F 389 10.87 49.82 54.98
N ALA F 390 10.18 49.49 56.07
CA ALA F 390 10.77 48.66 57.11
C ALA F 390 11.04 47.25 56.59
N GLN F 391 12.08 46.63 57.12
CA GLN F 391 12.47 45.30 56.68
C GLN F 391 12.87 44.50 57.91
N LEU F 392 12.13 43.41 58.16
CA LEU F 392 12.29 42.63 59.38
C LEU F 392 12.43 41.16 59.00
N SER F 393 13.48 40.53 59.51
CA SER F 393 13.74 39.11 59.26
C SER F 393 14.03 38.41 60.58
N ASN F 394 13.53 37.19 60.72
CA ASN F 394 13.72 36.37 61.92
C ASN F 394 13.37 37.14 63.19
N VAL F 395 12.09 37.47 63.33
CA VAL F 395 11.67 38.32 64.44
C VAL F 395 10.42 37.78 65.13
N VAL F 396 10.27 38.17 66.39
CA VAL F 396 9.01 38.14 67.11
C VAL F 396 8.65 39.58 67.45
N ILE F 397 7.50 40.04 66.97
CA ILE F 397 7.04 41.40 67.22
C ILE F 397 5.91 41.35 68.25
N ASP F 398 6.13 41.97 69.41
CA ASP F 398 5.18 41.96 70.51
C ASP F 398 3.87 42.67 70.13
N HIS F 399 2.87 42.48 70.98
CA HIS F 399 1.54 43.03 70.75
C HIS F 399 1.56 44.55 70.67
N GLY F 400 0.79 45.10 69.72
CA GLY F 400 0.61 46.53 69.58
C GLY F 400 1.80 47.33 69.08
N VAL F 401 2.93 46.68 68.80
CA VAL F 401 4.18 47.38 68.55
C VAL F 401 4.10 48.16 67.24
N VAL F 402 4.65 49.36 67.24
CA VAL F 402 4.72 50.21 66.05
C VAL F 402 6.16 50.21 65.57
N ILE F 403 6.38 49.61 64.39
CA ILE F 403 7.70 49.55 63.78
C ILE F 403 7.88 50.81 62.94
N PRO F 404 8.83 51.68 63.27
CA PRO F 404 8.99 52.93 62.52
C PRO F 404 9.39 52.67 61.07
N GLU F 405 9.11 53.66 60.23
CA GLU F 405 9.43 53.58 58.81
C GLU F 405 10.92 53.30 58.60
N GLY F 406 11.20 52.31 57.76
CA GLY F 406 12.56 52.06 57.31
C GLY F 406 13.45 51.29 58.25
N LEU F 407 12.94 50.87 59.41
CA LEU F 407 13.75 50.11 60.34
C LEU F 407 14.22 48.81 59.69
N ILE F 408 15.45 48.41 60.04
CA ILE F 408 16.05 47.18 59.53
C ILE F 408 16.41 46.30 60.72
N VAL F 409 15.91 45.07 60.71
CA VAL F 409 16.29 44.06 61.69
C VAL F 409 16.51 42.74 60.95
N GLY F 410 17.58 42.06 61.31
CA GLY F 410 17.97 40.85 60.62
C GLY F 410 19.09 41.01 59.60
N GLU F 411 19.72 42.18 59.53
CA GLU F 411 20.86 42.39 58.66
C GLU F 411 22.17 42.42 59.41
N ASP F 412 22.20 43.11 60.55
CA ASP F 412 23.43 43.29 61.30
C ASP F 412 23.20 42.77 62.71
N PRO F 413 23.83 41.66 63.11
CA PRO F 413 23.57 41.08 64.44
C PRO F 413 24.07 41.94 65.60
N GLU F 414 25.19 42.66 65.44
CA GLU F 414 25.73 43.45 66.54
C GLU F 414 24.71 44.47 67.02
N LEU F 415 24.22 45.31 66.09
CA LEU F 415 23.29 46.39 66.34
C LEU F 415 21.91 45.85 66.71
N ASP F 416 21.45 44.79 66.02
CA ASP F 416 20.21 44.12 66.39
C ASP F 416 20.24 43.69 67.85
N ALA F 417 21.39 43.19 68.31
CA ALA F 417 21.51 42.76 69.70
C ALA F 417 21.50 43.94 70.66
N LYS F 418 22.01 45.10 70.25
CA LYS F 418 21.98 46.27 71.11
C LYS F 418 20.60 46.91 71.14
N ARG F 419 19.90 46.92 70.00
CA ARG F 419 18.59 47.55 69.96
C ARG F 419 17.52 46.71 70.62
N PHE F 420 17.57 45.40 70.43
CA PHE F 420 16.49 44.50 70.81
C PHE F 420 17.06 43.33 71.61
N ARG F 421 16.17 42.40 71.96
CA ARG F 421 16.54 41.15 72.60
C ARG F 421 16.73 40.10 71.51
N ARG F 422 17.97 39.65 71.32
CA ARG F 422 18.29 38.77 70.20
C ARG F 422 18.76 37.43 70.75
N THR F 423 18.15 36.35 70.26
CA THR F 423 18.58 35.00 70.61
C THR F 423 19.95 34.71 70.00
N GLU F 424 20.55 33.61 70.46
CA GLU F 424 21.80 33.16 69.84
C GLU F 424 21.57 32.77 68.39
N SER F 425 20.49 32.07 68.11
CA SER F 425 20.13 31.65 66.77
C SER F 425 19.61 32.80 65.89
N GLY F 426 19.66 34.05 66.33
CA GLY F 426 19.39 35.18 65.44
C GLY F 426 17.96 35.66 65.38
N ILE F 427 17.12 35.36 66.36
CA ILE F 427 15.76 35.85 66.41
C ILE F 427 15.69 37.01 67.39
N CYS F 428 15.13 38.13 66.93
CA CYS F 428 14.98 39.32 67.75
C CYS F 428 13.52 39.47 68.15
N LEU F 429 13.27 39.51 69.46
CA LEU F 429 11.97 39.92 69.97
C LEU F 429 11.96 41.44 70.07
N ILE F 430 10.92 42.05 69.50
CA ILE F 430 10.80 43.51 69.45
C ILE F 430 9.61 43.94 70.29
N THR F 431 9.86 44.80 71.27
CA THR F 431 8.83 45.40 72.11
CA THR F 431 8.80 45.39 72.08
C THR F 431 8.76 46.89 71.85
N GLN F 432 7.63 47.50 72.21
CA GLN F 432 7.52 48.94 72.05
C GLN F 432 8.49 49.67 72.98
N SER F 433 8.86 49.04 74.10
CA SER F 433 9.82 49.66 75.01
C SER F 433 11.19 49.80 74.37
N MET F 434 11.54 48.91 73.43
CA MET F 434 12.83 49.04 72.74
C MET F 434 12.76 50.06 71.61
N ILE F 435 11.70 50.00 70.81
CA ILE F 435 11.51 50.98 69.74
C ILE F 435 11.59 52.40 70.29
N ASP F 436 10.98 52.63 71.45
CA ASP F 436 10.97 53.95 72.07
C ASP F 436 12.37 54.49 72.35
N LYS F 437 13.38 53.62 72.40
CA LYS F 437 14.71 53.96 72.86
C LYS F 437 15.69 54.26 71.73
N LEU F 438 15.27 54.19 70.48
CA LEU F 438 16.16 54.05 69.34
C LEU F 438 16.40 55.36 68.61
N ASP F 439 17.66 55.59 68.23
CA ASP F 439 18.01 56.60 67.24
C ASP F 439 18.74 55.88 66.13
N LEU F 440 20.08 55.91 66.12
CA LEU F 440 20.86 55.15 65.15
C LEU F 440 21.51 53.94 65.82
N VAL G 26 -35.52 65.68 75.46
CA VAL G 26 -34.28 65.19 76.08
C VAL G 26 -34.02 63.75 75.65
N GLN G 27 -34.94 62.85 76.01
CA GLN G 27 -34.73 61.43 75.78
C GLN G 27 -34.63 61.15 74.27
N PRO G 28 -33.71 60.29 73.86
CA PRO G 28 -33.70 59.87 72.45
C PRO G 28 -35.00 59.16 72.10
N LEU G 29 -35.47 59.39 70.88
CA LEU G 29 -36.75 58.81 70.49
C LEU G 29 -36.65 57.32 70.17
N ALA G 30 -35.46 56.84 69.78
CA ALA G 30 -35.27 55.41 69.53
C ALA G 30 -35.62 54.55 70.74
N ARG G 31 -35.61 55.10 71.95
CA ARG G 31 -36.03 54.34 73.12
C ARG G 31 -37.45 53.82 72.96
N ASP G 32 -38.28 54.55 72.21
CA ASP G 32 -39.69 54.24 72.05
C ASP G 32 -40.02 53.71 70.67
N ALA G 33 -39.01 53.28 69.92
CA ALA G 33 -39.17 52.87 68.54
C ALA G 33 -39.14 51.35 68.43
N MET G 34 -39.96 50.82 67.55
CA MET G 34 -39.82 49.45 67.07
C MET G 34 -39.30 49.50 65.62
N ALA G 35 -38.27 48.73 65.35
CA ALA G 35 -37.82 48.51 63.98
C ALA G 35 -38.52 47.26 63.43
N TYR G 36 -38.96 47.35 62.19
CA TYR G 36 -39.65 46.25 61.54
C TYR G 36 -39.05 46.04 60.15
N VAL G 37 -38.25 44.99 60.00
CA VAL G 37 -37.51 44.70 58.78
C VAL G 37 -38.36 43.80 57.90
N LEU G 38 -38.60 44.23 56.66
CA LEU G 38 -39.26 43.40 55.66
C LEU G 38 -38.19 42.65 54.87
N ALA G 39 -38.08 41.35 55.11
CA ALA G 39 -37.06 40.50 54.51
C ALA G 39 -37.70 39.33 53.79
N GLY G 40 -38.84 39.55 53.16
CA GLY G 40 -39.56 38.49 52.48
C GLY G 40 -39.41 38.45 50.99
N GLY G 41 -38.67 39.39 50.40
CA GLY G 41 -38.57 39.47 48.95
C GLY G 41 -37.60 38.44 48.39
N ARG G 42 -37.97 37.90 47.22
CA ARG G 42 -37.17 36.85 46.61
C ARG G 42 -35.88 37.38 46.02
N GLY G 43 -35.92 38.56 45.42
CA GLY G 43 -34.78 39.03 44.65
C GLY G 43 -34.57 38.17 43.42
N SER G 44 -35.57 38.17 42.53
CA SER G 44 -35.58 37.25 41.42
C SER G 44 -34.61 37.63 40.32
N ARG G 45 -34.20 38.89 40.23
CA ARG G 45 -33.23 39.27 39.22
C ARG G 45 -31.81 38.83 39.58
N LEU G 46 -31.61 38.25 40.76
CA LEU G 46 -30.36 37.58 41.08
C LEU G 46 -30.36 36.11 40.66
N LYS G 47 -31.46 35.63 40.08
CA LYS G 47 -31.54 34.34 39.38
C LYS G 47 -31.09 33.23 40.32
N GLU G 48 -30.14 32.39 39.91
CA GLU G 48 -29.73 31.23 40.71
C GLU G 48 -29.15 31.61 42.06
N LEU G 49 -28.60 32.82 42.18
CA LEU G 49 -28.04 33.26 43.45
C LEU G 49 -29.07 33.22 44.57
N THR G 50 -30.37 33.34 44.24
CA THR G 50 -31.43 33.28 45.25
C THR G 50 -32.38 32.11 45.01
N ASP G 51 -31.90 31.03 44.39
CA ASP G 51 -32.74 29.84 44.21
C ASP G 51 -33.01 29.16 45.54
N ARG G 52 -32.02 29.17 46.44
CA ARG G 52 -32.14 28.54 47.74
C ARG G 52 -32.45 29.54 48.85
N ARG G 53 -32.09 30.81 48.68
CA ARG G 53 -32.18 31.80 49.73
C ARG G 53 -32.84 33.09 49.24
N ALA G 54 -33.64 33.68 50.12
CA ALA G 54 -34.15 35.03 49.89
C ALA G 54 -33.00 36.04 49.86
N LYS G 55 -33.22 37.11 49.12
CA LYS G 55 -32.20 38.14 48.95
C LYS G 55 -31.63 38.67 50.27
N PRO G 56 -32.42 38.98 51.31
CA PRO G 56 -31.80 39.48 52.55
C PRO G 56 -30.80 38.52 53.17
N ALA G 57 -30.85 37.23 52.82
CA ALA G 57 -29.90 36.27 53.36
C ALA G 57 -28.65 36.13 52.50
N VAL G 58 -28.57 36.84 51.38
CA VAL G 58 -27.41 36.74 50.50
C VAL G 58 -26.19 37.31 51.20
N TYR G 59 -25.08 36.58 51.16
CA TYR G 59 -23.84 37.03 51.75
C TYR G 59 -23.32 38.28 51.02
N PHE G 60 -22.52 39.07 51.73
CA PHE G 60 -21.97 40.29 51.13
C PHE G 60 -20.73 40.74 51.89
N GLY G 61 -19.68 41.11 51.13
CA GLY G 61 -18.56 41.82 51.67
C GLY G 61 -17.52 41.01 52.39
N GLY G 62 -17.68 39.69 52.44
N GLY G 62 -17.69 39.69 52.48
CA GLY G 62 -16.94 38.90 53.42
CA GLY G 62 -16.72 38.82 53.11
C GLY G 62 -17.22 39.35 54.84
C GLY G 62 -17.20 38.10 54.35
N LYS G 63 -18.32 40.06 55.05
N LYS G 63 -18.36 38.44 54.90
CA LYS G 63 -18.59 40.90 56.20
CA LYS G 63 -18.85 37.73 56.08
C LYS G 63 -19.85 40.51 56.95
C LYS G 63 -20.35 37.93 56.28
N ALA G 64 -20.91 40.17 56.22
N ALA G 64 -20.77 39.17 56.50
CA ALA G 64 -22.22 39.91 56.80
CA ALA G 64 -22.14 39.48 56.85
C ALA G 64 -23.11 39.37 55.68
C ALA G 64 -23.09 39.17 55.69
N ARG G 65 -24.38 39.18 56.00
CA ARG G 65 -25.41 39.06 54.98
C ARG G 65 -26.09 40.43 54.84
N ILE G 66 -26.83 40.58 53.74
CA ILE G 66 -27.37 41.89 53.40
C ILE G 66 -28.28 42.40 54.52
N ILE G 67 -29.04 41.50 55.14
CA ILE G 67 -30.00 41.97 56.14
C ILE G 67 -29.29 42.56 57.34
N ASP G 68 -28.06 42.11 57.63
CA ASP G 68 -27.35 42.58 58.81
C ASP G 68 -27.11 44.09 58.80
N PHE G 69 -27.17 44.74 57.63
CA PHE G 69 -26.93 46.17 57.58
C PHE G 69 -28.11 46.95 58.15
N ALA G 70 -29.32 46.63 57.69
CA ALA G 70 -30.51 47.23 58.28
C ALA G 70 -30.60 46.94 59.77
N LEU G 71 -30.41 45.68 60.16
CA LEU G 71 -30.49 45.31 61.57
C LEU G 71 -29.45 46.06 62.38
N SER G 72 -28.26 46.29 61.81
CA SER G 72 -27.19 46.91 62.57
C SER G 72 -27.46 48.39 62.79
N ASN G 73 -28.11 49.05 61.84
CA ASN G 73 -28.42 50.46 62.01
C ASN G 73 -29.52 50.67 63.03
N ALA G 74 -30.50 49.76 63.10
CA ALA G 74 -31.45 49.78 64.20
C ALA G 74 -30.73 49.68 65.54
N LEU G 75 -29.90 48.65 65.69
CA LEU G 75 -29.07 48.48 66.88
C LEU G 75 -28.26 49.74 67.18
N ASN G 76 -27.43 50.16 66.22
CA ASN G 76 -26.55 51.30 66.45
C ASN G 76 -27.31 52.60 66.62
N SER G 77 -28.53 52.69 66.09
CA SER G 77 -29.34 53.88 66.34
C SER G 77 -30.08 53.83 67.67
N GLY G 78 -29.87 52.79 68.47
CA GLY G 78 -30.49 52.70 69.77
C GLY G 78 -31.86 52.06 69.81
N ILE G 79 -32.37 51.57 68.67
CA ILE G 79 -33.62 50.81 68.66
C ILE G 79 -33.32 49.38 69.08
N ARG G 80 -33.88 48.96 70.21
CA ARG G 80 -33.61 47.63 70.75
C ARG G 80 -34.80 46.68 70.63
N ARG G 81 -35.83 47.08 69.89
CA ARG G 81 -36.97 46.22 69.57
C ARG G 81 -36.99 46.04 68.06
N ILE G 82 -36.74 44.81 67.59
CA ILE G 82 -36.67 44.51 66.16
C ILE G 82 -37.65 43.39 65.84
N GLY G 83 -38.43 43.58 64.78
CA GLY G 83 -39.19 42.51 64.16
C GLY G 83 -38.66 42.28 62.75
N VAL G 84 -38.73 41.01 62.29
CA VAL G 84 -38.28 40.62 60.97
C VAL G 84 -39.36 39.77 60.33
N ALA G 85 -39.89 40.23 59.20
CA ALA G 85 -40.87 39.47 58.44
C ALA G 85 -40.15 38.69 57.35
N THR G 86 -40.39 37.39 57.29
CA THR G 86 -39.83 36.52 56.26
C THR G 86 -40.96 35.81 55.54
N GLN G 87 -40.63 35.27 54.35
CA GLN G 87 -41.61 34.52 53.58
C GLN G 87 -40.92 33.57 52.60
N TYR G 88 -40.39 34.10 51.49
CA TYR G 88 -39.78 33.23 50.49
C TYR G 88 -38.52 32.59 51.06
N LYS G 89 -38.36 31.30 50.76
CA LYS G 89 -37.25 30.44 51.18
C LYS G 89 -36.41 31.03 52.31
N ALA G 90 -36.92 30.93 53.53
CA ALA G 90 -36.40 31.69 54.65
C ALA G 90 -35.63 30.85 55.66
N HIS G 91 -35.50 29.54 55.43
CA HIS G 91 -34.90 28.67 56.45
C HIS G 91 -33.48 29.10 56.76
N ASP G 92 -32.69 29.39 55.74
CA ASP G 92 -31.34 29.88 55.97
C ASP G 92 -31.37 31.27 56.60
N LEU G 93 -32.30 32.11 56.16
CA LEU G 93 -32.41 33.45 56.75
C LEU G 93 -32.79 33.35 58.21
N ILE G 94 -33.78 32.52 58.53
CA ILE G 94 -34.21 32.40 59.92
C ILE G 94 -33.10 31.81 60.78
N ARG G 95 -32.39 30.80 60.26
CA ARG G 95 -31.30 30.20 61.03
C ARG G 95 -30.19 31.20 61.30
N HIS G 96 -29.91 32.09 60.33
CA HIS G 96 -28.94 33.16 60.55
C HIS G 96 -29.40 34.12 61.63
N LEU G 97 -30.70 34.45 61.64
CA LEU G 97 -31.21 35.38 62.65
C LEU G 97 -31.14 34.75 64.04
N GLN G 98 -31.57 33.50 64.18
CA GLN G 98 -31.58 32.84 65.50
C GLN G 98 -30.18 32.80 66.11
N ARG G 99 -29.16 32.51 65.29
CA ARG G 99 -27.82 32.29 65.82
C ARG G 99 -27.02 33.57 65.96
N GLY G 100 -27.29 34.57 65.14
CA GLY G 100 -26.52 35.80 65.18
C GLY G 100 -27.13 36.87 66.04
N TRP G 101 -28.47 36.96 66.03
CA TRP G 101 -29.17 38.05 66.69
C TRP G 101 -29.88 37.55 67.95
N ASP G 102 -29.08 37.07 68.91
CA ASP G 102 -29.58 36.36 70.09
C ASP G 102 -29.14 37.01 71.39
N PHE G 103 -28.85 38.29 71.40
CA PHE G 103 -28.37 38.97 72.60
C PHE G 103 -29.38 39.99 73.12
N PHE G 104 -30.63 39.90 72.69
CA PHE G 104 -31.70 40.73 73.23
C PHE G 104 -32.39 39.99 74.37
N ARG G 105 -32.64 40.70 75.46
CA ARG G 105 -33.38 40.11 76.58
C ARG G 105 -34.61 40.95 76.88
N PRO G 106 -35.80 40.33 76.97
CA PRO G 106 -37.02 41.08 77.31
C PRO G 106 -36.97 41.80 78.63
N GLU G 107 -36.16 41.34 79.61
CA GLU G 107 -36.10 42.06 80.87
C GLU G 107 -35.37 43.38 80.73
N ARG G 108 -34.54 43.53 79.70
CA ARG G 108 -33.91 44.79 79.37
C ARG G 108 -34.77 45.65 78.44
N ASN G 109 -36.01 45.26 78.22
CA ASN G 109 -36.89 45.92 77.25
C ASN G 109 -36.31 45.84 75.84
N GLU G 110 -35.65 44.73 75.55
CA GLU G 110 -35.18 44.36 74.24
C GLU G 110 -36.03 43.22 73.70
N SER G 111 -36.19 43.16 72.39
CA SER G 111 -36.85 42.03 71.75
C SER G 111 -36.31 41.84 70.34
N PHE G 112 -36.25 40.58 69.92
CA PHE G 112 -35.97 40.23 68.53
C PHE G 112 -36.97 39.16 68.13
N ASP G 113 -38.00 39.57 67.39
CA ASP G 113 -39.05 38.67 66.92
C ASP G 113 -38.84 38.37 65.45
N ILE G 114 -38.78 37.08 65.12
CA ILE G 114 -38.67 36.64 63.73
C ILE G 114 -40.01 36.06 63.32
N LEU G 115 -40.63 36.65 62.30
CA LEU G 115 -42.05 36.50 62.02
C LEU G 115 -42.30 35.93 60.63
N PRO G 116 -42.20 34.61 60.46
CA PRO G 116 -42.52 34.01 59.17
C PRO G 116 -44.03 33.85 59.01
N ALA G 117 -44.45 33.71 57.75
CA ALA G 117 -45.84 33.40 57.45
C ALA G 117 -46.07 31.91 57.71
N SER G 118 -46.98 31.59 58.63
CA SER G 118 -47.16 30.22 59.08
C SER G 118 -48.59 30.00 59.56
N GLN G 119 -48.87 28.78 60.00
CA GLN G 119 -50.18 28.37 60.52
C GLN G 119 -50.24 28.73 61.99
N ARG G 120 -50.65 29.95 62.29
CA ARG G 120 -50.63 30.49 63.64
C ARG G 120 -51.89 31.29 63.92
N VAL G 121 -51.95 32.53 63.40
CA VAL G 121 -53.16 33.34 63.48
C VAL G 121 -54.08 33.12 62.30
N SER G 122 -53.58 32.48 61.23
CA SER G 122 -54.36 32.24 60.03
C SER G 122 -53.72 31.08 59.27
N GLU G 123 -54.55 30.37 58.49
CA GLU G 123 -54.04 29.30 57.64
C GLU G 123 -53.01 29.86 56.66
N THR G 124 -53.48 30.57 55.65
CA THR G 124 -52.66 31.37 54.72
C THR G 124 -51.32 30.74 54.37
N GLN G 125 -50.39 30.76 55.32
CA GLN G 125 -49.00 30.38 55.08
C GLN G 125 -48.38 31.27 54.00
N TRP G 126 -48.81 32.53 53.97
CA TRP G 126 -48.37 33.46 52.93
C TRP G 126 -48.83 34.88 53.22
N TYR G 127 -47.88 35.80 53.38
CA TYR G 127 -48.22 37.22 53.52
C TYR G 127 -48.72 37.76 52.19
N GLU G 128 -49.79 38.55 52.24
CA GLU G 128 -50.32 39.14 51.03
C GLU G 128 -49.46 40.28 50.49
N GLY G 129 -48.54 40.81 51.30
CA GLY G 129 -47.66 41.86 50.82
C GLY G 129 -46.90 42.51 51.96
N THR G 130 -46.18 43.58 51.61
CA THR G 130 -45.39 44.29 52.62
C THR G 130 -46.26 44.76 53.76
N ALA G 131 -47.47 45.27 53.46
CA ALA G 131 -48.32 45.78 54.51
C ALA G 131 -48.92 44.64 55.33
N ASP G 132 -49.34 43.57 54.66
CA ASP G 132 -49.89 42.42 55.36
C ASP G 132 -48.85 41.76 56.26
N ALA G 133 -47.57 41.88 55.91
CA ALA G 133 -46.52 41.32 56.76
C ALA G 133 -46.49 41.97 58.13
N VAL G 134 -46.90 43.24 58.24
CA VAL G 134 -47.02 43.87 59.54
C VAL G 134 -48.42 43.68 60.12
N TYR G 135 -49.45 43.74 59.27
CA TYR G 135 -50.82 43.66 59.76
C TYR G 135 -51.06 42.37 60.53
N GLN G 136 -50.50 41.25 60.04
N GLN G 136 -50.51 41.25 60.05
CA GLN G 136 -50.77 39.96 60.66
CA GLN G 136 -50.78 39.95 60.66
C GLN G 136 -50.11 39.81 62.02
C GLN G 136 -50.07 39.78 61.99
N ASN G 137 -49.11 40.64 62.33
CA ASN G 137 -48.41 40.55 63.61
C ASN G 137 -48.60 41.80 64.44
N ILE G 138 -49.77 42.42 64.32
CA ILE G 138 -50.13 43.54 65.19
C ILE G 138 -50.14 43.10 66.65
N ASP G 139 -50.66 41.90 66.91
CA ASP G 139 -50.70 41.37 68.28
C ASP G 139 -49.33 41.05 68.84
N ILE G 140 -48.29 41.06 68.01
CA ILE G 140 -46.92 40.96 68.52
C ILE G 140 -46.36 42.35 68.83
N ILE G 141 -46.84 43.38 68.14
CA ILE G 141 -46.34 44.73 68.32
C ILE G 141 -46.97 45.38 69.55
N GLU G 142 -48.30 45.30 69.66
CA GLU G 142 -49.00 46.11 70.66
C GLU G 142 -48.69 45.75 72.11
N PRO G 143 -48.39 44.51 72.49
CA PRO G 143 -47.84 44.28 73.84
C PRO G 143 -46.55 45.05 74.13
N TYR G 144 -45.79 45.45 73.12
CA TYR G 144 -44.62 46.29 73.38
C TYR G 144 -45.02 47.76 73.46
N ALA G 145 -46.13 48.13 72.84
CA ALA G 145 -46.60 49.51 72.77
C ALA G 145 -45.49 50.50 72.41
N PRO G 146 -44.70 50.24 71.37
CA PRO G 146 -43.69 51.23 70.98
C PRO G 146 -44.40 52.49 70.51
N GLU G 147 -43.79 53.64 70.80
CA GLU G 147 -44.37 54.87 70.29
C GLU G 147 -44.19 54.98 68.78
N TYR G 148 -43.13 54.39 68.23
CA TYR G 148 -42.79 54.58 66.82
C TYR G 148 -42.47 53.27 66.12
N MET G 149 -42.88 53.19 64.86
CA MET G 149 -42.51 52.09 63.98
C MET G 149 -41.52 52.63 62.95
N VAL G 150 -40.42 51.90 62.76
CA VAL G 150 -39.44 52.17 61.73
C VAL G 150 -39.49 50.99 60.77
N ILE G 151 -40.05 51.21 59.58
CA ILE G 151 -40.23 50.15 58.60
C ILE G 151 -39.03 50.17 57.65
N LEU G 152 -38.29 49.06 57.61
CA LEU G 152 -37.02 49.00 56.92
C LEU G 152 -37.02 47.90 55.87
N ALA G 153 -36.51 48.23 54.69
CA ALA G 153 -36.23 47.22 53.67
C ALA G 153 -34.99 46.44 54.08
N GLY G 154 -35.11 45.13 54.17
CA GLY G 154 -34.01 44.28 54.60
C GLY G 154 -33.07 43.84 53.51
N ASP G 155 -33.14 44.42 52.31
CA ASP G 155 -32.37 43.93 51.18
C ASP G 155 -31.45 44.99 50.58
N HIS G 156 -31.05 45.98 51.36
CA HIS G 156 -30.13 47.02 50.91
C HIS G 156 -28.92 47.07 51.83
N ILE G 157 -27.83 47.60 51.28
CA ILE G 157 -26.54 47.71 51.96
C ILE G 157 -26.24 49.19 52.16
N TYR G 158 -26.29 49.64 53.41
CA TYR G 158 -26.19 51.07 53.73
C TYR G 158 -26.12 51.25 55.24
N LYS G 159 -25.58 52.40 55.64
CA LYS G 159 -25.46 52.77 57.04
C LYS G 159 -26.21 54.07 57.27
N MET G 160 -27.06 54.09 58.31
CA MET G 160 -27.95 55.21 58.54
C MET G 160 -28.37 55.26 59.99
N ASP G 161 -28.32 56.45 60.58
CA ASP G 161 -28.74 56.66 61.96
C ASP G 161 -30.21 57.09 61.96
N TYR G 162 -31.09 56.18 62.39
CA TYR G 162 -32.53 56.42 62.32
C TYR G 162 -33.01 57.45 63.31
N GLU G 163 -32.18 57.89 64.25
CA GLU G 163 -32.63 58.92 65.20
C GLU G 163 -33.02 60.19 64.46
N TYR G 164 -32.29 60.52 63.39
CA TYR G 164 -32.60 61.69 62.58
C TYR G 164 -34.00 61.61 62.00
N MET G 165 -34.34 60.46 61.39
CA MET G 165 -35.68 60.31 60.82
C MET G 165 -36.76 60.38 61.88
N LEU G 166 -36.52 59.78 63.05
CA LEU G 166 -37.49 59.84 64.13
C LEU G 166 -37.79 61.28 64.52
N GLN G 167 -36.74 62.08 64.73
CA GLN G 167 -36.93 63.45 65.18
C GLN G 167 -37.58 64.31 64.10
N GLN G 168 -37.21 64.11 62.83
CA GLN G 168 -37.88 64.84 61.76
C GLN G 168 -39.36 64.49 61.71
N HIS G 169 -39.67 63.19 61.80
CA HIS G 169 -41.07 62.76 61.78
C HIS G 169 -41.87 63.41 62.89
N VAL G 170 -41.33 63.47 64.11
CA VAL G 170 -42.11 64.00 65.22
C VAL G 170 -42.23 65.52 65.12
N ASP G 171 -41.13 66.20 64.75
CA ASP G 171 -41.16 67.66 64.68
C ASP G 171 -41.90 68.17 63.44
N SER G 172 -41.98 67.38 62.38
CA SER G 172 -42.74 67.78 61.21
C SER G 172 -44.24 67.50 61.36
N GLY G 173 -44.63 66.71 62.35
CA GLY G 173 -46.03 66.34 62.48
C GLY G 173 -46.55 65.42 61.40
N ALA G 174 -45.66 64.76 60.67
CA ALA G 174 -46.07 63.99 59.51
C ALA G 174 -46.79 62.71 59.89
N ASP G 175 -47.68 62.26 58.99
CA ASP G 175 -48.27 60.94 59.13
C ASP G 175 -47.28 59.85 58.72
N VAL G 176 -46.40 60.15 57.76
CA VAL G 176 -45.34 59.22 57.40
C VAL G 176 -44.12 60.02 56.98
N THR G 177 -42.95 59.52 57.33
CA THR G 177 -41.68 60.04 56.85
C THR G 177 -41.00 58.95 56.07
N ILE G 178 -40.51 59.29 54.88
CA ILE G 178 -40.02 58.32 53.91
C ILE G 178 -38.57 58.64 53.60
N GLY G 179 -37.69 57.66 53.80
CA GLY G 179 -36.29 57.84 53.44
C GLY G 179 -36.12 57.81 51.94
N CYS G 180 -35.30 58.73 51.42
CA CYS G 180 -35.12 58.87 49.98
C CYS G 180 -33.66 59.13 49.66
N LEU G 181 -33.19 58.50 48.59
CA LEU G 181 -31.90 58.89 48.02
C LEU G 181 -32.09 60.08 47.09
N GLU G 182 -31.06 60.91 47.02
CA GLU G 182 -31.00 62.01 46.05
C GLU G 182 -30.18 61.50 44.88
N VAL G 183 -30.84 61.14 43.79
CA VAL G 183 -30.19 60.53 42.64
C VAL G 183 -30.50 61.37 41.42
N PRO G 184 -29.65 61.31 40.39
CA PRO G 184 -30.02 61.88 39.09
C PRO G 184 -31.29 61.21 38.58
N ARG G 185 -32.10 61.98 37.84
CA ARG G 185 -33.40 61.46 37.41
C ARG G 185 -33.26 60.25 36.51
N MET G 186 -32.21 60.21 35.68
CA MET G 186 -32.03 59.11 34.75
C MET G 186 -31.81 57.77 35.44
N GLU G 187 -31.41 57.78 36.72
CA GLU G 187 -31.27 56.57 37.50
C GLU G 187 -32.46 56.32 38.43
N ALA G 188 -33.32 57.31 38.62
CA ALA G 188 -34.53 57.10 39.42
C ALA G 188 -35.57 56.26 38.71
N THR G 189 -35.34 55.90 37.43
CA THR G 189 -36.33 55.19 36.63
C THR G 189 -36.71 53.86 37.26
N GLY G 190 -35.83 53.25 38.04
CA GLY G 190 -36.10 51.98 38.67
C GLY G 190 -36.66 52.06 40.08
N PHE G 191 -36.96 53.26 40.57
CA PHE G 191 -37.40 53.43 41.94
C PHE G 191 -38.81 53.97 41.99
N GLY G 192 -39.52 53.66 43.08
CA GLY G 192 -40.62 54.49 43.50
C GLY G 192 -40.11 55.87 43.87
N VAL G 193 -40.64 56.90 43.21
CA VAL G 193 -40.04 58.22 43.25
C VAL G 193 -41.01 59.22 43.88
N MET G 194 -40.46 60.09 44.73
CA MET G 194 -41.23 61.05 45.50
C MET G 194 -41.19 62.42 44.82
N HIS G 195 -42.36 62.88 44.38
CA HIS G 195 -42.55 64.24 43.89
C HIS G 195 -42.73 65.16 45.09
N VAL G 196 -41.80 66.09 45.29
CA VAL G 196 -41.87 66.96 46.45
C VAL G 196 -41.98 68.40 46.01
N ASN G 197 -42.40 69.23 46.96
CA ASN G 197 -42.43 70.68 46.82
C ASN G 197 -41.20 71.25 47.54
N GLU G 198 -41.26 72.54 47.87
CA GLU G 198 -40.13 73.25 48.49
C GLU G 198 -39.90 72.81 49.92
N LYS G 199 -40.94 72.37 50.61
CA LYS G 199 -40.83 71.95 52.00
C LYS G 199 -40.42 70.48 52.13
N ASP G 200 -40.03 69.84 51.02
CA ASP G 200 -39.81 68.40 50.96
C ASP G 200 -41.05 67.62 51.40
N GLU G 201 -42.23 68.24 51.30
CA GLU G 201 -43.48 67.53 51.48
C GLU G 201 -43.86 66.85 50.18
N ILE G 202 -44.34 65.61 50.28
CA ILE G 202 -44.46 64.72 49.14
C ILE G 202 -45.84 64.93 48.50
N ILE G 203 -45.86 65.63 47.37
CA ILE G 203 -47.10 65.92 46.67
C ILE G 203 -47.63 64.68 45.98
N ASP G 204 -46.75 63.93 45.31
CA ASP G 204 -47.13 62.75 44.55
C ASP G 204 -46.08 61.67 44.76
N PHE G 205 -46.43 60.45 44.35
CA PHE G 205 -45.47 59.37 44.26
C PHE G 205 -45.81 58.56 43.01
N ILE G 206 -44.80 58.35 42.16
CA ILE G 206 -44.96 57.56 40.95
C ILE G 206 -44.06 56.34 41.04
N GLU G 207 -44.54 55.20 40.56
CA GLU G 207 -43.81 53.95 40.62
C GLU G 207 -43.01 53.78 39.34
N LYS G 208 -41.68 53.84 39.46
CA LYS G 208 -40.77 53.73 38.32
C LYS G 208 -41.23 54.63 37.18
N PRO G 209 -41.15 55.95 37.33
CA PRO G 209 -41.52 56.84 36.23
C PRO G 209 -40.42 56.89 35.18
N ALA G 210 -40.84 56.94 33.91
CA ALA G 210 -39.86 56.98 32.81
C ALA G 210 -39.10 58.30 32.77
N ASP G 211 -39.81 59.42 32.94
CA ASP G 211 -39.20 60.74 33.14
C ASP G 211 -39.56 61.17 34.55
N PRO G 212 -38.70 60.89 35.54
CA PRO G 212 -39.10 61.10 36.93
C PRO G 212 -39.19 62.58 37.26
N PRO G 213 -40.04 62.95 38.22
CA PRO G 213 -40.11 64.36 38.63
C PRO G 213 -38.82 64.81 39.29
N GLY G 214 -38.37 66.01 38.94
CA GLY G 214 -37.20 66.57 39.57
C GLY G 214 -37.53 67.31 40.85
N ILE G 215 -36.49 67.56 41.63
CA ILE G 215 -36.61 68.26 42.91
C ILE G 215 -36.71 69.76 42.65
N PRO G 216 -37.58 70.49 43.34
CA PRO G 216 -37.63 71.96 43.19
C PRO G 216 -36.31 72.59 43.59
N GLY G 217 -35.78 73.47 42.73
CA GLY G 217 -34.49 74.07 42.93
C GLY G 217 -33.31 73.28 42.38
N ASN G 218 -33.54 72.05 41.93
CA ASN G 218 -32.50 71.21 41.38
C ASN G 218 -33.12 70.08 40.58
N GLU G 219 -33.75 70.41 39.46
CA GLU G 219 -34.49 69.38 38.75
C GLU G 219 -33.57 68.41 38.00
N GLY G 220 -32.26 68.46 38.20
CA GLY G 220 -31.40 67.39 37.72
C GLY G 220 -31.40 66.15 38.59
N PHE G 221 -32.08 66.20 39.73
CA PHE G 221 -32.09 65.10 40.68
C PHE G 221 -33.52 64.79 41.09
N ALA G 222 -33.72 63.55 41.51
CA ALA G 222 -35.01 63.06 41.95
C ALA G 222 -34.85 62.30 43.26
N LEU G 223 -35.93 62.31 44.06
CA LEU G 223 -35.95 61.63 45.35
C LEU G 223 -36.44 60.21 45.14
N ALA G 224 -35.54 59.24 45.30
CA ALA G 224 -35.86 57.83 45.12
C ALA G 224 -36.11 57.19 46.49
N SER G 225 -37.24 56.52 46.61
CA SER G 225 -37.63 55.95 47.90
C SER G 225 -36.77 54.75 48.27
N MET G 226 -36.21 54.78 49.48
CA MET G 226 -35.41 53.68 49.98
C MET G 226 -36.26 52.53 50.54
N GLY G 227 -37.57 52.71 50.64
CA GLY G 227 -38.39 51.74 51.34
C GLY G 227 -38.28 51.84 52.84
N ILE G 228 -38.06 53.04 53.36
CA ILE G 228 -37.85 53.27 54.78
C ILE G 228 -38.92 54.25 55.25
N TYR G 229 -39.82 53.77 56.09
CA TYR G 229 -40.97 54.55 56.53
C TYR G 229 -40.99 54.63 58.06
N VAL G 230 -41.24 55.83 58.57
CA VAL G 230 -41.42 56.06 60.00
C VAL G 230 -42.86 56.47 60.23
N PHE G 231 -43.51 55.84 61.22
CA PHE G 231 -44.88 56.14 61.61
C PHE G 231 -44.98 56.30 63.11
N HIS G 232 -46.00 57.04 63.55
CA HIS G 232 -46.52 56.84 64.90
C HIS G 232 -47.25 55.50 64.93
N THR G 233 -46.91 54.68 65.91
CA THR G 233 -47.42 53.31 65.96
C THR G 233 -48.93 53.25 65.84
N LYS G 234 -49.63 54.06 66.64
CA LYS G 234 -51.09 54.13 66.55
C LYS G 234 -51.54 54.41 65.12
N PHE G 235 -51.01 55.47 64.52
CA PHE G 235 -51.42 55.81 63.18
C PHE G 235 -51.18 54.67 62.20
N LEU G 236 -50.03 53.98 62.32
CA LEU G 236 -49.76 52.87 61.40
C LEU G 236 -50.72 51.72 61.64
N MET G 237 -51.06 51.44 62.91
CA MET G 237 -52.01 50.37 63.18
C MET G 237 -53.32 50.62 62.44
N GLU G 238 -53.91 51.80 62.62
CA GLU G 238 -55.13 52.15 61.90
C GLU G 238 -54.93 52.03 60.39
N ALA G 239 -53.83 52.58 59.87
CA ALA G 239 -53.57 52.54 58.43
C ALA G 239 -53.50 51.11 57.92
N LEU G 240 -52.92 50.20 58.70
CA LEU G 240 -52.87 48.80 58.30
C LEU G 240 -54.25 48.15 58.33
N ARG G 241 -55.10 48.56 59.28
CA ARG G 241 -56.43 47.97 59.39
C ARG G 241 -57.38 48.49 58.32
N ARG G 242 -57.25 49.74 57.91
CA ARG G 242 -58.02 50.21 56.77
C ARG G 242 -57.50 49.58 55.47
N ASP G 243 -56.19 49.31 55.40
CA ASP G 243 -55.65 48.59 54.25
C ASP G 243 -56.11 47.14 54.23
N ALA G 244 -56.36 46.55 55.40
CA ALA G 244 -56.80 45.16 55.44
C ALA G 244 -58.26 45.02 54.97
N ALA G 245 -59.10 46.02 55.25
CA ALA G 245 -60.51 45.93 54.87
C ALA G 245 -60.72 46.29 53.41
N ASP G 246 -59.95 47.24 52.89
CA ASP G 246 -60.03 47.64 51.49
C ASP G 246 -59.67 46.45 50.59
N PRO G 247 -60.54 46.06 49.65
CA PRO G 247 -60.21 44.97 48.73
C PRO G 247 -59.38 45.41 47.53
N THR G 248 -59.51 46.68 47.12
CA THR G 248 -58.69 47.16 46.00
C THR G 248 -57.21 47.17 46.33
N SER G 249 -56.87 47.25 47.61
CA SER G 249 -55.47 47.37 48.03
C SER G 249 -54.68 46.11 47.71
N SER G 250 -53.42 46.29 47.30
CA SER G 250 -52.52 45.18 47.04
C SER G 250 -51.68 44.82 48.26
N ARG G 251 -52.01 45.37 49.42
CA ARG G 251 -51.35 45.05 50.69
C ARG G 251 -49.86 45.38 50.65
N ASP G 252 -49.49 46.43 49.92
CA ASP G 252 -48.10 46.83 49.76
C ASP G 252 -47.88 48.21 50.35
N PHE G 253 -46.75 48.38 51.04
CA PHE G 253 -46.46 49.67 51.67
C PHE G 253 -46.26 50.76 50.63
N GLY G 254 -45.36 50.52 49.67
CA GLY G 254 -45.08 51.54 48.67
C GLY G 254 -46.22 51.75 47.69
N LYS G 255 -46.92 50.67 47.33
CA LYS G 255 -47.97 50.75 46.32
C LYS G 255 -49.27 51.27 46.89
N ASP G 256 -49.60 50.91 48.13
CA ASP G 256 -50.90 51.20 48.71
C ASP G 256 -50.84 52.14 49.91
N ILE G 257 -50.03 51.81 50.92
CA ILE G 257 -50.03 52.57 52.16
C ILE G 257 -49.56 54.00 51.91
N ILE G 258 -48.36 54.15 51.38
CA ILE G 258 -47.79 55.49 51.18
C ILE G 258 -48.67 56.35 50.28
N PRO G 259 -49.12 55.88 49.11
CA PRO G 259 -49.92 56.77 48.25
C PRO G 259 -51.25 57.20 48.85
N TYR G 260 -51.91 56.37 49.66
CA TYR G 260 -53.13 56.82 50.33
C TYR G 260 -52.86 58.02 51.22
N ILE G 261 -51.79 57.95 52.02
CA ILE G 261 -51.45 59.04 52.91
C ILE G 261 -51.04 60.28 52.12
N VAL G 262 -50.36 60.10 50.98
CA VAL G 262 -49.95 61.24 50.15
C VAL G 262 -51.16 62.09 49.78
N GLU G 263 -52.26 61.45 49.39
CA GLU G 263 -53.47 62.16 49.04
C GLU G 263 -54.11 62.84 50.24
N HIS G 264 -54.57 62.04 51.20
CA HIS G 264 -55.45 62.53 52.26
C HIS G 264 -54.70 63.01 53.50
N GLY G 265 -53.47 62.58 53.70
CA GLY G 265 -52.73 62.98 54.88
C GLY G 265 -51.47 63.77 54.59
N LYS G 266 -50.50 63.69 55.51
CA LYS G 266 -49.24 64.41 55.39
C LYS G 266 -48.10 63.40 55.31
N ALA G 267 -47.32 63.49 54.25
CA ALA G 267 -46.15 62.64 54.03
C ALA G 267 -44.95 63.53 53.71
N VAL G 268 -43.87 63.36 54.48
CA VAL G 268 -42.66 64.14 54.26
C VAL G 268 -41.54 63.20 53.82
N ALA G 269 -40.54 63.79 53.16
CA ALA G 269 -39.38 63.05 52.70
C ALA G 269 -38.18 63.35 53.58
N HIS G 270 -37.46 62.31 53.96
CA HIS G 270 -36.19 62.45 54.62
C HIS G 270 -35.09 61.99 53.66
N ARG G 271 -34.03 62.79 53.54
CA ARG G 271 -32.98 62.52 52.56
C ARG G 271 -31.85 61.73 53.19
N PHE G 272 -31.43 60.66 52.50
CA PHE G 272 -30.40 59.77 53.03
C PHE G 272 -29.13 60.52 53.39
N ALA G 273 -28.79 61.57 52.64
CA ALA G 273 -27.57 62.32 52.89
C ALA G 273 -27.55 63.02 54.23
N ASP G 274 -28.72 63.23 54.85
CA ASP G 274 -28.78 63.89 56.14
C ASP G 274 -28.61 62.92 57.30
N SER G 275 -28.90 61.64 57.11
CA SER G 275 -28.82 60.69 58.22
C SER G 275 -27.74 59.64 58.00
N CYS G 276 -27.11 59.62 56.83
CA CYS G 276 -26.14 58.58 56.51
C CYS G 276 -24.94 58.63 57.44
N VAL G 277 -24.40 57.46 57.77
CA VAL G 277 -23.21 57.36 58.61
C VAL G 277 -22.04 57.00 57.70
N ARG G 278 -21.14 57.96 57.51
CA ARG G 278 -19.95 57.77 56.68
C ARG G 278 -18.72 57.74 57.57
N SER G 279 -17.86 56.75 57.35
CA SER G 279 -16.55 56.80 57.96
C SER G 279 -15.67 57.79 57.21
N ASP G 280 -14.55 58.17 57.83
CA ASP G 280 -13.63 59.12 57.20
C ASP G 280 -13.03 58.58 55.92
N PHE G 281 -13.18 57.28 55.64
CA PHE G 281 -12.68 56.68 54.42
C PHE G 281 -13.83 56.35 53.47
N GLU G 282 -14.87 57.18 53.48
CA GLU G 282 -16.06 57.00 52.66
C GLU G 282 -16.35 58.33 51.98
N HIS G 283 -15.99 58.44 50.69
CA HIS G 283 -16.04 59.72 50.02
C HIS G 283 -17.46 60.18 49.69
N GLU G 284 -18.44 59.29 49.73
CA GLU G 284 -19.82 59.68 49.47
C GLU G 284 -20.77 58.85 50.32
N PRO G 285 -22.04 59.25 50.46
CA PRO G 285 -23.01 58.37 51.13
C PRO G 285 -23.20 57.08 50.36
N TYR G 286 -23.06 55.95 51.05
CA TYR G 286 -23.01 54.64 50.41
C TYR G 286 -24.37 53.95 50.52
N TRP G 287 -24.87 53.49 49.38
CA TRP G 287 -26.10 52.70 49.36
C TRP G 287 -26.09 51.89 48.07
N ARG G 288 -26.36 50.59 48.19
CA ARG G 288 -26.46 49.69 47.06
C ARG G 288 -27.59 48.72 47.32
N ASP G 289 -28.31 48.34 46.26
CA ASP G 289 -29.35 47.32 46.40
C ASP G 289 -28.98 46.01 45.74
N VAL G 290 -27.77 45.92 45.14
CA VAL G 290 -27.22 44.74 44.49
C VAL G 290 -28.29 43.88 43.84
N GLY G 291 -29.16 44.53 43.05
CA GLY G 291 -30.32 43.86 42.49
C GLY G 291 -30.05 42.95 41.31
N THR G 292 -28.88 43.10 40.66
CA THR G 292 -28.50 42.27 39.53
C THR G 292 -27.18 41.56 39.81
N ILE G 293 -26.94 40.48 39.07
CA ILE G 293 -25.68 39.76 39.18
C ILE G 293 -24.51 40.71 38.95
N ASP G 294 -24.64 41.59 37.96
CA ASP G 294 -23.62 42.61 37.70
C ASP G 294 -23.43 43.50 38.91
N ALA G 295 -24.53 44.06 39.44
CA ALA G 295 -24.43 45.00 40.56
C ALA G 295 -23.98 44.29 41.83
N TYR G 296 -24.39 43.04 42.03
CA TYR G 296 -23.86 42.27 43.15
C TYR G 296 -22.36 42.10 43.02
N TRP G 297 -21.92 41.51 41.89
CA TRP G 297 -20.50 41.32 41.66
C TRP G 297 -19.74 42.63 41.80
N GLN G 298 -20.22 43.68 41.13
CA GLN G 298 -19.54 44.97 41.20
C GLN G 298 -19.37 45.44 42.63
N ALA G 299 -20.47 45.45 43.41
CA ALA G 299 -20.43 45.98 44.77
C ALA G 299 -19.46 45.19 45.65
N ASN G 300 -19.40 43.87 45.46
CA ASN G 300 -18.41 43.06 46.18
C ASN G 300 -17.01 43.31 45.65
N ILE G 301 -16.83 43.30 44.33
CA ILE G 301 -15.49 43.47 43.80
C ILE G 301 -14.96 44.87 44.05
N ASP G 302 -15.82 45.85 44.29
CA ASP G 302 -15.27 47.18 44.53
C ASP G 302 -14.59 47.29 45.89
N LEU G 303 -14.81 46.33 46.79
CA LEU G 303 -14.02 46.23 48.00
C LEU G 303 -12.58 45.82 47.70
N THR G 304 -12.31 45.35 46.48
CA THR G 304 -10.95 45.12 45.98
C THR G 304 -10.10 46.39 46.09
N ASP G 305 -10.71 47.55 45.85
CA ASP G 305 -9.97 48.74 45.46
C ASP G 305 -9.03 49.23 46.56
N VAL G 306 -8.10 50.09 46.17
CA VAL G 306 -7.21 50.73 47.14
C VAL G 306 -8.02 51.59 48.09
N VAL G 307 -8.92 52.40 47.56
CA VAL G 307 -9.82 53.23 48.36
C VAL G 307 -11.24 52.81 48.04
N PRO G 308 -11.81 51.86 48.77
CA PRO G 308 -13.17 51.41 48.47
C PRO G 308 -14.21 52.44 48.88
N ASP G 309 -15.36 52.38 48.20
CA ASP G 309 -16.45 53.28 48.53
C ASP G 309 -17.07 52.92 49.89
N LEU G 310 -16.96 51.66 50.30
CA LEU G 310 -17.43 51.24 51.60
C LEU G 310 -16.25 50.81 52.46
N ASP G 311 -16.24 51.29 53.71
CA ASP G 311 -15.19 51.00 54.67
C ASP G 311 -15.66 49.85 55.55
N ILE G 312 -15.29 48.62 55.19
CA ILE G 312 -15.64 47.47 56.00
C ILE G 312 -14.74 47.32 57.22
N TYR G 313 -13.79 48.23 57.41
CA TYR G 313 -12.91 48.22 58.57
C TYR G 313 -13.27 49.28 59.60
N ASP G 314 -14.31 50.07 59.35
CA ASP G 314 -14.70 51.09 60.30
C ASP G 314 -15.36 50.47 61.53
N LYS G 315 -15.01 50.99 62.70
CA LYS G 315 -15.54 50.51 63.98
C LYS G 315 -16.56 51.44 64.60
N SER G 316 -16.75 52.63 64.04
CA SER G 316 -17.64 53.63 64.63
C SER G 316 -19.11 53.35 64.35
N TRP G 317 -19.43 52.55 63.34
CA TRP G 317 -20.82 52.16 63.06
C TRP G 317 -20.80 50.70 62.62
N PRO G 318 -20.54 49.79 63.54
CA PRO G 318 -20.18 48.42 63.17
C PRO G 318 -21.38 47.60 62.70
N ILE G 319 -21.09 46.68 61.78
CA ILE G 319 -22.08 45.77 61.21
C ILE G 319 -21.99 44.47 61.99
N TRP G 320 -22.96 44.22 62.87
CA TRP G 320 -23.04 42.95 63.59
C TRP G 320 -23.61 41.86 62.68
N THR G 321 -23.09 40.65 62.85
CA THR G 321 -23.46 39.51 62.02
C THR G 321 -23.16 38.24 62.79
N TYR G 322 -23.71 37.13 62.31
CA TYR G 322 -23.34 35.84 62.88
C TYR G 322 -21.91 35.50 62.44
N ALA G 323 -21.02 35.31 63.42
CA ALA G 323 -19.65 34.98 63.11
C ALA G 323 -19.17 33.91 64.08
N GLU G 324 -18.41 32.95 63.55
CA GLU G 324 -17.85 31.88 64.36
C GLU G 324 -16.34 32.06 64.47
N ILE G 325 -15.77 31.42 65.50
CA ILE G 325 -14.33 31.37 65.68
C ILE G 325 -13.73 30.63 64.49
N THR G 326 -12.99 31.35 63.64
CA THR G 326 -12.42 30.74 62.46
C THR G 326 -10.91 30.89 62.45
N PRO G 327 -10.18 29.85 62.07
CA PRO G 327 -8.73 29.96 61.94
C PRO G 327 -8.36 30.95 60.84
N PRO G 328 -7.11 31.45 60.83
CA PRO G 328 -6.75 32.47 59.83
C PRO G 328 -6.64 31.92 58.42
N ALA G 329 -6.35 32.79 57.46
CA ALA G 329 -6.10 32.38 56.10
C ALA G 329 -4.66 31.89 55.96
N LYS G 330 -4.44 30.98 55.00
CA LYS G 330 -3.14 30.36 54.79
C LYS G 330 -2.76 30.39 53.31
N PHE G 331 -1.52 30.78 53.03
CA PHE G 331 -1.00 30.83 51.68
C PHE G 331 0.20 29.90 51.60
N VAL G 332 0.12 28.87 50.76
CA VAL G 332 1.14 27.85 50.76
C VAL G 332 1.68 27.61 49.35
N HIS G 333 2.96 27.24 49.28
CA HIS G 333 3.73 26.88 48.08
C HIS G 333 4.24 28.11 47.34
N ASP G 334 5.47 28.03 46.82
CA ASP G 334 6.17 29.20 46.30
C ASP G 334 7.37 28.80 45.46
N ASP G 335 7.13 28.05 44.39
CA ASP G 335 8.22 27.66 43.50
C ASP G 335 8.04 28.32 42.14
N GLU G 336 8.77 27.80 41.15
CA GLU G 336 8.75 28.35 39.81
C GLU G 336 7.45 28.07 39.07
N ASP G 337 6.69 27.05 39.50
CA ASP G 337 5.50 26.64 38.79
C ASP G 337 4.20 26.94 39.51
N ARG G 338 4.21 26.94 40.84
CA ARG G 338 3.03 27.30 41.63
C ARG G 338 3.44 28.18 42.79
N ARG G 339 2.57 29.13 43.12
CA ARG G 339 2.75 29.93 44.32
C ARG G 339 1.36 30.35 44.79
N GLY G 340 1.02 30.00 46.03
CA GLY G 340 -0.21 30.46 46.62
C GLY G 340 -0.05 31.88 47.14
N SER G 341 -0.83 32.80 46.61
CA SER G 341 -0.87 34.17 47.10
C SER G 341 -2.00 34.91 46.42
N ALA G 342 -2.44 35.98 47.06
CA ALA G 342 -3.48 36.86 46.55
C ALA G 342 -2.89 38.25 46.40
N VAL G 343 -3.30 38.95 45.35
CA VAL G 343 -2.92 40.34 45.15
C VAL G 343 -4.17 41.13 44.80
N SER G 344 -4.23 42.37 45.28
CA SER G 344 -5.41 43.24 45.11
C SER G 344 -6.69 42.49 45.46
N SER G 345 -6.65 41.76 46.57
CA SER G 345 -7.73 40.84 46.92
C SER G 345 -8.13 41.00 48.38
N VAL G 346 -9.32 40.47 48.68
CA VAL G 346 -9.90 40.42 50.01
C VAL G 346 -10.11 38.96 50.36
N VAL G 347 -9.38 38.47 51.36
CA VAL G 347 -9.38 37.05 51.71
C VAL G 347 -9.87 36.90 53.15
N SER G 348 -10.98 36.19 53.31
CA SER G 348 -11.51 35.91 54.64
C SER G 348 -10.72 34.78 55.30
N GLY G 349 -11.09 34.48 56.54
CA GLY G 349 -10.46 33.44 57.30
C GLY G 349 -10.95 32.06 56.91
N ASP G 350 -10.28 31.06 57.50
CA ASP G 350 -10.49 29.65 57.12
C ASP G 350 -10.34 29.45 55.62
N CYS G 351 -9.54 30.29 54.98
CA CYS G 351 -9.20 30.16 53.57
C CYS G 351 -7.77 29.65 53.46
N ILE G 352 -7.58 28.58 52.70
CA ILE G 352 -6.26 28.03 52.44
C ILE G 352 -5.99 28.17 50.94
N ILE G 353 -5.10 29.10 50.59
CA ILE G 353 -4.75 29.41 49.21
C ILE G 353 -3.51 28.59 48.90
N SER G 354 -3.71 27.43 48.28
CA SER G 354 -2.67 26.41 48.16
C SER G 354 -2.16 26.41 46.72
N GLY G 355 -1.00 27.03 46.51
CA GLY G 355 -0.41 27.09 45.19
C GLY G 355 -1.33 27.72 44.17
N ALA G 356 -2.23 28.58 44.66
CA ALA G 356 -3.26 29.20 43.83
C ALA G 356 -3.04 30.70 43.79
N ALA G 357 -3.24 31.28 42.61
CA ALA G 357 -3.09 32.71 42.40
C ALA G 357 -4.45 33.39 42.41
N LEU G 358 -4.55 34.49 43.17
CA LEU G 358 -5.78 35.26 43.28
C LEU G 358 -5.48 36.72 42.98
N ASN G 359 -6.25 37.32 42.08
CA ASN G 359 -6.07 38.72 41.75
C ASN G 359 -7.44 39.37 41.63
N ARG G 360 -7.57 40.55 42.23
CA ARG G 360 -8.82 41.31 42.19
C ARG G 360 -10.03 40.45 42.56
N SER G 361 -9.93 39.74 43.68
CA SER G 361 -10.99 38.83 44.07
C SER G 361 -11.31 38.97 45.55
N LEU G 362 -12.56 38.66 45.90
CA LEU G 362 -13.02 38.65 47.28
C LEU G 362 -13.44 37.23 47.63
N LEU G 363 -12.84 36.67 48.66
CA LEU G 363 -13.13 35.31 49.10
C LEU G 363 -13.78 35.37 50.49
N PHE G 364 -14.95 34.74 50.60
CA PHE G 364 -15.60 34.57 51.88
C PHE G 364 -14.91 33.46 52.67
N THR G 365 -15.44 33.15 53.85
N THR G 365 -15.41 33.18 53.86
CA THR G 365 -14.84 32.18 54.75
CA THR G 365 -14.76 32.20 54.72
C THR G 365 -14.82 30.79 54.14
C THR G 365 -14.76 30.82 54.07
N GLY G 366 -13.80 30.00 54.51
CA GLY G 366 -13.82 28.58 54.22
C GLY G 366 -13.47 28.16 52.80
N VAL G 367 -12.89 29.03 51.99
CA VAL G 367 -12.54 28.67 50.63
C VAL G 367 -11.25 27.85 50.64
N ARG G 368 -11.16 26.88 49.72
CA ARG G 368 -9.93 26.11 49.49
C ARG G 368 -9.59 26.20 48.00
N ALA G 369 -8.52 26.92 47.69
CA ALA G 369 -8.07 27.12 46.31
C ALA G 369 -6.75 26.38 46.13
N ASN G 370 -6.76 25.33 45.31
CA ASN G 370 -5.62 24.44 45.24
C ASN G 370 -4.79 24.67 43.97
N SER G 371 -3.70 23.93 43.87
CA SER G 371 -2.53 24.33 43.08
C SER G 371 -2.88 24.58 41.61
N TYR G 372 -2.17 25.55 41.04
CA TYR G 372 -2.27 25.91 39.63
C TYR G 372 -3.65 26.43 39.26
N SER G 373 -4.55 26.53 40.24
CA SER G 373 -5.78 27.28 40.02
C SER G 373 -5.49 28.77 40.09
N ARG G 374 -6.26 29.54 39.32
CA ARG G 374 -6.11 30.99 39.29
C ARG G 374 -7.49 31.63 39.27
N LEU G 375 -7.63 32.72 40.02
CA LEU G 375 -8.90 33.41 40.15
C LEU G 375 -8.67 34.89 39.93
N GLU G 376 -9.36 35.46 38.96
CA GLU G 376 -9.29 36.89 38.67
C GLU G 376 -10.71 37.42 38.54
N ASN G 377 -10.94 38.61 39.09
CA ASN G 377 -12.26 39.25 39.04
C ASN G 377 -13.34 38.39 39.69
N ALA G 378 -12.97 37.62 40.71
CA ALA G 378 -13.83 36.57 41.26
C ALA G 378 -14.43 37.00 42.58
N VAL G 379 -15.72 36.74 42.75
CA VAL G 379 -16.40 36.83 44.03
C VAL G 379 -16.71 35.41 44.46
N VAL G 380 -16.07 34.97 45.54
CA VAL G 380 -16.08 33.56 45.94
C VAL G 380 -16.80 33.45 47.27
N LEU G 381 -18.00 32.88 47.25
CA LEU G 381 -18.85 32.78 48.45
C LEU G 381 -18.33 31.68 49.38
N PRO G 382 -18.92 31.50 50.57
CA PRO G 382 -18.28 30.63 51.58
C PRO G 382 -18.11 29.18 51.15
N SER G 383 -16.98 28.60 51.59
CA SER G 383 -16.73 27.16 51.54
C SER G 383 -16.69 26.61 50.12
N VAL G 384 -16.15 27.38 49.18
CA VAL G 384 -16.03 26.94 47.80
C VAL G 384 -14.71 26.21 47.64
N LYS G 385 -14.71 25.15 46.83
CA LYS G 385 -13.49 24.43 46.47
C LYS G 385 -13.13 24.77 45.03
N ILE G 386 -11.86 25.09 44.80
CA ILE G 386 -11.35 25.43 43.47
C ILE G 386 -10.29 24.39 43.13
N GLY G 387 -10.65 23.40 42.32
CA GLY G 387 -9.74 22.31 42.00
C GLY G 387 -8.47 22.78 41.33
N ARG G 388 -7.51 21.85 41.26
CA ARG G 388 -6.24 22.11 40.60
C ARG G 388 -6.44 22.58 39.16
N HIS G 389 -5.56 23.50 38.75
CA HIS G 389 -5.47 23.95 37.36
C HIS G 389 -6.72 24.66 36.87
N ALA G 390 -7.73 24.81 37.70
CA ALA G 390 -8.91 25.56 37.30
C ALA G 390 -8.55 27.03 37.10
N GLN G 391 -9.20 27.67 36.14
CA GLN G 391 -8.92 29.08 35.85
C GLN G 391 -10.26 29.78 35.63
N LEU G 392 -10.59 30.70 36.53
CA LEU G 392 -11.90 31.34 36.53
C LEU G 392 -11.72 32.86 36.57
N SER G 393 -12.53 33.55 35.77
CA SER G 393 -12.38 34.97 35.54
C SER G 393 -13.76 35.59 35.43
N ASN G 394 -13.92 36.77 36.03
CA ASN G 394 -15.20 37.49 36.05
C ASN G 394 -16.33 36.56 36.50
N VAL G 395 -16.25 36.11 37.75
CA VAL G 395 -17.14 35.07 38.23
C VAL G 395 -17.80 35.48 39.54
N VAL G 396 -18.98 34.92 39.77
CA VAL G 396 -19.59 34.82 41.10
C VAL G 396 -19.78 33.35 41.37
N ILE G 397 -19.14 32.84 42.41
CA ILE G 397 -19.21 31.42 42.75
C ILE G 397 -20.12 31.26 43.97
N ASP G 398 -21.19 30.48 43.79
CA ASP G 398 -22.21 30.27 44.82
C ASP G 398 -21.62 29.60 46.07
N HIS G 399 -22.38 29.66 47.16
CA HIS G 399 -21.98 29.02 48.41
C HIS G 399 -21.71 27.54 48.21
N GLY G 400 -20.59 27.06 48.76
CA GLY G 400 -20.30 25.64 48.81
C GLY G 400 -20.00 24.96 47.49
N VAL G 401 -19.86 25.71 46.40
CA VAL G 401 -19.64 25.11 45.09
C VAL G 401 -18.27 24.44 45.05
N VAL G 402 -18.23 23.26 44.45
CA VAL G 402 -16.99 22.55 44.16
C VAL G 402 -16.67 22.75 42.69
N ILE G 403 -15.54 23.40 42.40
CA ILE G 403 -15.13 23.68 41.03
C ILE G 403 -14.24 22.54 40.54
N PRO G 404 -14.65 21.79 39.53
CA PRO G 404 -13.84 20.66 39.06
C PRO G 404 -12.47 21.11 38.57
N GLU G 405 -11.50 20.21 38.73
CA GLU G 405 -10.13 20.51 38.32
C GLU G 405 -10.07 20.86 36.85
N GLY G 406 -9.33 21.93 36.55
CA GLY G 406 -9.03 22.40 35.21
C GLY G 406 -10.17 23.12 34.51
N LEU G 407 -11.29 23.32 35.18
CA LEU G 407 -12.39 24.10 34.60
C LEU G 407 -11.88 25.48 34.20
N ILE G 408 -12.40 25.99 33.09
CA ILE G 408 -12.02 27.31 32.58
C ILE G 408 -13.29 28.11 32.36
N VAL G 409 -13.31 29.34 32.88
CA VAL G 409 -14.42 30.26 32.70
C VAL G 409 -13.85 31.64 32.45
N GLY G 410 -14.46 32.37 31.52
CA GLY G 410 -13.94 33.67 31.12
C GLY G 410 -13.05 33.65 29.90
N GLU G 411 -12.85 32.49 29.27
CA GLU G 411 -12.09 32.42 28.02
C GLU G 411 -13.02 32.39 26.81
N ASP G 412 -14.07 31.58 26.89
CA ASP G 412 -14.98 31.34 25.77
C ASP G 412 -16.36 31.85 26.14
N PRO G 413 -16.72 33.07 25.76
CA PRO G 413 -18.05 33.60 26.12
C PRO G 413 -19.19 32.73 25.62
N GLU G 414 -19.04 32.09 24.47
CA GLU G 414 -20.06 31.18 23.96
C GLU G 414 -20.26 30.01 24.90
N LEU G 415 -19.17 29.29 25.17
CA LEU G 415 -19.24 28.12 26.05
C LEU G 415 -19.72 28.50 27.44
N ASP G 416 -19.18 29.59 27.99
CA ASP G 416 -19.52 29.99 29.35
C ASP G 416 -21.00 30.28 29.49
N ALA G 417 -21.58 30.95 28.49
CA ALA G 417 -23.01 31.24 28.53
C ALA G 417 -23.84 29.96 28.46
N LYS G 418 -23.34 28.93 27.76
CA LYS G 418 -24.08 27.68 27.67
C LYS G 418 -24.06 26.91 28.98
N ARG G 419 -22.98 27.00 29.74
CA ARG G 419 -22.82 26.21 30.96
C ARG G 419 -23.42 26.89 32.17
N PHE G 420 -23.26 28.21 32.27
CA PHE G 420 -23.60 28.94 33.48
C PHE G 420 -24.51 30.11 33.12
N ARG G 421 -24.90 30.85 34.15
CA ARG G 421 -25.64 32.10 33.99
C ARG G 421 -24.62 33.20 33.74
N ARG G 422 -24.65 33.78 32.54
CA ARG G 422 -23.72 34.82 32.14
C ARG G 422 -24.50 36.10 31.83
N THR G 423 -24.06 37.21 32.40
CA THR G 423 -24.65 38.50 32.08
C THR G 423 -24.07 39.05 30.78
N GLU G 424 -24.66 40.15 30.31
CA GLU G 424 -24.17 40.78 29.08
C GLU G 424 -22.71 41.21 29.23
N SER G 425 -22.31 41.61 30.43
CA SER G 425 -20.98 42.15 30.68
C SER G 425 -19.96 41.08 31.01
N GLY G 426 -20.35 39.80 31.06
CA GLY G 426 -19.38 38.73 31.15
C GLY G 426 -19.20 38.10 32.51
N ILE G 427 -20.04 38.43 33.48
CA ILE G 427 -19.99 37.78 34.79
C ILE G 427 -20.73 36.45 34.69
N CYS G 428 -20.09 35.39 35.15
CA CYS G 428 -20.70 34.07 35.21
C CYS G 428 -21.02 33.73 36.67
N LEU G 429 -22.27 33.41 36.93
CA LEU G 429 -22.71 32.95 38.24
C LEU G 429 -22.73 31.43 38.24
N ILE G 430 -21.90 30.83 39.08
CA ILE G 430 -21.67 29.39 39.06
C ILE G 430 -22.32 28.77 40.30
N THR G 431 -23.32 27.93 40.07
CA THR G 431 -23.96 27.12 41.10
CA THR G 431 -23.92 27.13 41.12
C THR G 431 -23.53 25.67 40.93
N GLN G 432 -23.71 24.86 41.98
CA GLN G 432 -23.34 23.46 41.84
C GLN G 432 -24.32 22.70 40.96
N SER G 433 -25.57 23.17 40.88
CA SER G 433 -26.53 22.53 39.99
C SER G 433 -26.10 22.66 38.53
N MET G 434 -25.35 23.71 38.20
CA MET G 434 -24.77 23.78 36.86
C MET G 434 -23.58 22.83 36.73
N ILE G 435 -22.59 22.98 37.62
CA ILE G 435 -21.42 22.10 37.63
C ILE G 435 -21.84 20.63 37.49
N ASP G 436 -22.91 20.25 38.17
CA ASP G 436 -23.35 18.86 38.15
C ASP G 436 -23.72 18.38 36.74
N LYS G 437 -24.16 19.30 35.88
CA LYS G 437 -24.63 18.95 34.54
C LYS G 437 -23.52 18.95 33.50
N LEU G 438 -22.27 19.04 33.90
CA LEU G 438 -21.22 19.51 33.02
C LEU G 438 -20.39 18.37 32.43
N ASP G 439 -20.14 18.46 31.12
CA ASP G 439 -19.16 17.62 30.44
C ASP G 439 -18.19 18.57 29.75
N LEU G 440 -18.30 18.76 28.44
CA LEU G 440 -17.48 19.71 27.70
C LEU G 440 -18.29 20.96 27.37
N VAL H 26 -78.59 -23.26 29.04
CA VAL H 26 -79.40 -22.85 27.89
C VAL H 26 -79.32 -21.33 27.68
N GLN H 27 -79.77 -20.58 28.67
CA GLN H 27 -79.77 -19.12 28.55
C GLN H 27 -78.34 -18.61 28.43
N PRO H 28 -78.08 -17.66 27.55
CA PRO H 28 -76.73 -17.09 27.45
C PRO H 28 -76.38 -16.36 28.74
N LEU H 29 -75.12 -16.50 29.15
CA LEU H 29 -74.68 -15.90 30.40
C LEU H 29 -74.59 -14.39 30.34
N ALA H 30 -74.44 -13.81 29.13
CA ALA H 30 -74.35 -12.36 29.00
C ALA H 30 -75.57 -11.67 29.57
N ARG H 31 -76.73 -12.34 29.58
CA ARG H 31 -77.92 -11.77 30.19
C ARG H 31 -77.65 -11.31 31.61
N ASP H 32 -76.81 -12.02 32.33
CA ASP H 32 -76.58 -11.79 33.75
C ASP H 32 -75.25 -11.11 34.04
N ALA H 33 -74.69 -10.42 33.05
CA ALA H 33 -73.37 -9.83 33.17
C ALA H 33 -73.44 -8.31 33.15
N MET H 34 -72.48 -7.68 33.82
CA MET H 34 -72.25 -6.25 33.74
C MET H 34 -70.81 -6.03 33.30
N ALA H 35 -70.63 -5.34 32.17
CA ALA H 35 -69.31 -4.98 31.70
C ALA H 35 -68.89 -3.67 32.38
N TYR H 36 -67.72 -3.70 33.01
CA TYR H 36 -67.17 -2.54 33.69
C TYR H 36 -65.86 -2.16 33.01
N VAL H 37 -65.84 -0.98 32.40
CA VAL H 37 -64.76 -0.52 31.54
C VAL H 37 -63.91 0.49 32.30
N LEU H 38 -62.61 0.21 32.41
CA LEU H 38 -61.67 1.14 33.01
C LEU H 38 -61.12 2.10 31.95
N ALA H 39 -61.53 3.36 32.02
CA ALA H 39 -61.17 4.37 31.04
C ALA H 39 -60.48 5.57 31.69
N GLY H 40 -59.74 5.34 32.76
CA GLY H 40 -59.03 6.43 33.41
C GLY H 40 -57.60 6.62 32.98
N GLY H 41 -57.07 5.73 32.15
CA GLY H 41 -55.66 5.76 31.84
C GLY H 41 -55.30 6.95 30.96
N ARG H 42 -54.21 7.63 31.31
CA ARG H 42 -53.83 8.86 30.60
C ARG H 42 -53.22 8.55 29.24
N GLY H 43 -52.45 7.47 29.13
CA GLY H 43 -51.73 7.18 27.90
C GLY H 43 -50.61 8.18 27.69
N SER H 44 -49.69 8.25 28.67
CA SER H 44 -48.68 9.31 28.68
C SER H 44 -47.61 9.11 27.63
N ARG H 45 -47.41 7.90 27.13
CA ARG H 45 -46.45 7.70 26.04
C ARG H 45 -46.95 8.26 24.72
N LEU H 46 -48.24 8.59 24.63
CA LEU H 46 -48.79 9.26 23.45
C LEU H 46 -48.57 10.78 23.49
N LYS H 47 -47.99 11.29 24.57
CA LYS H 47 -47.46 12.66 24.68
C LYS H 47 -48.57 13.66 24.41
N GLU H 48 -48.35 14.68 23.57
CA GLU H 48 -49.32 15.75 23.37
C GLU H 48 -50.66 15.23 22.88
N LEU H 49 -50.69 14.04 22.27
CA LEU H 49 -51.94 13.49 21.76
C LEU H 49 -52.95 13.25 22.88
N THR H 50 -52.48 13.04 24.11
CA THR H 50 -53.36 12.88 25.26
C THR H 50 -53.19 14.01 26.27
N ASP H 51 -52.67 15.17 25.86
CA ASP H 51 -52.51 16.26 26.82
C ASP H 51 -53.85 16.84 27.24
N ARG H 52 -54.87 16.75 26.39
CA ARG H 52 -56.17 17.32 26.67
C ARG H 52 -57.29 16.28 26.75
N ARG H 53 -56.97 15.00 26.61
CA ARG H 53 -57.99 13.94 26.62
C ARG H 53 -57.32 12.61 26.93
N ALA H 54 -58.00 11.80 27.73
CA ALA H 54 -57.50 10.48 28.11
C ALA H 54 -57.42 9.57 26.89
N LYS H 55 -56.53 8.58 26.97
CA LYS H 55 -56.32 7.66 25.85
C LYS H 55 -57.59 7.00 25.34
N PRO H 56 -58.53 6.53 26.17
CA PRO H 56 -59.74 5.91 25.61
C PRO H 56 -60.56 6.85 24.74
N ALA H 57 -60.41 8.17 24.89
CA ALA H 57 -61.13 9.13 24.08
C ALA H 57 -60.42 9.43 22.76
N VAL H 58 -59.20 8.93 22.57
CA VAL H 58 -58.44 9.24 21.37
C VAL H 58 -59.15 8.67 20.14
N TYR H 59 -59.23 9.47 19.08
CA TYR H 59 -59.84 9.02 17.85
C TYR H 59 -59.01 7.91 17.23
N PHE H 60 -59.68 7.01 16.52
CA PHE H 60 -59.00 5.94 15.80
C PHE H 60 -59.81 5.51 14.59
N GLY H 61 -59.15 5.48 13.43
CA GLY H 61 -59.61 4.68 12.33
C GLY H 61 -60.67 5.29 11.45
N GLY H 62 -60.93 6.59 11.60
N GLY H 62 -60.92 6.60 11.57
CA GLY H 62 -62.01 7.24 10.88
CA GLY H 62 -61.78 7.32 10.65
C GLY H 62 -63.31 6.54 11.20
C GLY H 62 -62.99 7.95 11.32
N LYS H 63 -63.29 5.82 12.31
N LYS H 63 -63.46 7.37 12.42
CA LYS H 63 -64.29 4.82 12.66
CA LYS H 63 -64.66 7.93 13.06
C LYS H 63 -64.99 5.16 13.96
C LYS H 63 -64.70 7.64 14.56
N ALA H 64 -64.24 5.36 15.03
N ALA H 64 -64.61 6.36 14.93
CA ALA H 64 -64.79 5.60 16.36
CA ALA H 64 -64.83 5.95 16.31
C ALA H 64 -63.64 6.12 17.23
C ALA H 64 -63.73 6.45 17.22
N ARG H 65 -63.91 6.23 18.52
CA ARG H 65 -62.86 6.45 19.50
C ARG H 65 -62.43 5.09 20.03
N ILE H 66 -61.29 5.07 20.73
CA ILE H 66 -60.72 3.79 21.13
C ILE H 66 -61.64 3.06 22.10
N ILE H 67 -62.26 3.80 23.02
CA ILE H 67 -63.16 3.17 23.99
C ILE H 67 -64.32 2.50 23.28
N ASP H 68 -64.69 2.99 22.08
CA ASP H 68 -65.81 2.44 21.35
C ASP H 68 -65.57 1.02 20.85
N PHE H 69 -64.41 0.41 21.09
CA PHE H 69 -64.29 -1.00 20.74
C PHE H 69 -64.70 -1.92 21.88
N ALA H 70 -64.27 -1.61 23.11
CA ALA H 70 -64.67 -2.43 24.25
C ALA H 70 -66.17 -2.34 24.52
N LEU H 71 -66.76 -1.14 24.43
CA LEU H 71 -68.20 -0.99 24.66
C LEU H 71 -69.01 -1.78 23.65
N SER H 72 -68.57 -1.79 22.39
CA SER H 72 -69.26 -2.51 21.33
C SER H 72 -69.08 -4.01 21.48
N ASN H 73 -67.93 -4.44 21.99
CA ASN H 73 -67.76 -5.86 22.31
C ASN H 73 -68.78 -6.29 23.35
N ALA H 74 -68.91 -5.50 24.43
CA ALA H 74 -69.96 -5.78 25.42
C ALA H 74 -71.33 -5.82 24.77
N LEU H 75 -71.64 -4.81 23.93
CA LEU H 75 -72.95 -4.74 23.28
C LEU H 75 -73.18 -5.94 22.39
N ASN H 76 -72.28 -6.16 21.41
CA ASN H 76 -72.44 -7.28 20.49
C ASN H 76 -72.44 -8.61 21.21
N SER H 77 -71.68 -8.74 22.31
CA SER H 77 -71.68 -9.97 23.08
C SER H 77 -72.96 -10.15 23.89
N GLY H 78 -73.86 -9.17 23.88
CA GLY H 78 -75.11 -9.29 24.60
C GLY H 78 -75.08 -8.80 26.03
N ILE H 79 -74.00 -8.16 26.45
CA ILE H 79 -73.95 -7.53 27.77
C ILE H 79 -74.69 -6.21 27.71
N ARG H 80 -75.76 -6.07 28.50
CA ARG H 80 -76.64 -4.92 28.42
C ARG H 80 -76.48 -3.94 29.57
N ARG H 81 -75.57 -4.20 30.50
CA ARG H 81 -75.28 -3.28 31.60
C ARG H 81 -73.81 -2.93 31.55
N ILE H 82 -73.51 -1.64 31.38
CA ILE H 82 -72.14 -1.17 31.21
C ILE H 82 -71.89 -0.03 32.18
N GLY H 83 -70.80 -0.15 32.95
CA GLY H 83 -70.25 0.96 33.71
C GLY H 83 -68.95 1.42 33.05
N VAL H 84 -68.70 2.72 33.12
CA VAL H 84 -67.46 3.30 32.58
C VAL H 84 -66.79 4.09 33.69
N ALA H 85 -65.63 3.62 34.13
CA ALA H 85 -64.83 4.34 35.11
C ALA H 85 -63.92 5.32 34.40
N THR H 86 -64.01 6.56 34.83
CA THR H 86 -63.37 7.71 34.24
C THR H 86 -62.37 8.26 35.25
N GLN H 87 -61.41 9.08 34.80
CA GLN H 87 -60.56 9.85 35.72
C GLN H 87 -59.79 10.98 35.03
N TYR H 88 -58.66 10.64 34.41
CA TYR H 88 -57.82 11.61 33.73
C TYR H 88 -58.59 12.33 32.62
N LYS H 89 -58.51 13.67 32.61
CA LYS H 89 -59.04 14.57 31.59
C LYS H 89 -60.19 13.99 30.78
N ALA H 90 -61.36 13.95 31.41
CA ALA H 90 -62.45 13.08 31.00
C ALA H 90 -63.55 13.80 30.27
N HIS H 91 -63.49 15.13 30.21
CA HIS H 91 -64.63 15.88 29.73
C HIS H 91 -65.02 15.46 28.33
N ASP H 92 -64.02 15.21 27.48
CA ASP H 92 -64.28 14.78 26.12
C ASP H 92 -64.85 13.37 26.10
N LEU H 93 -64.25 12.47 26.87
CA LEU H 93 -64.75 11.10 26.95
C LEU H 93 -66.18 11.08 27.43
N ILE H 94 -66.49 11.82 28.50
CA ILE H 94 -67.83 11.78 29.06
C ILE H 94 -68.84 12.37 28.09
N ARG H 95 -68.50 13.50 27.46
CA ARG H 95 -69.38 14.08 26.46
C ARG H 95 -69.65 13.11 25.31
N HIS H 96 -68.67 12.25 25.00
CA HIS H 96 -68.83 11.26 23.94
C HIS H 96 -69.76 10.13 24.37
N LEU H 97 -69.51 9.55 25.54
CA LEU H 97 -70.40 8.52 26.06
C LEU H 97 -71.83 9.04 26.21
N GLN H 98 -71.99 10.27 26.69
CA GLN H 98 -73.33 10.82 26.89
C GLN H 98 -74.09 10.89 25.57
N ARG H 99 -73.42 11.30 24.50
CA ARG H 99 -74.11 11.54 23.25
C ARG H 99 -74.11 10.33 22.33
N GLY H 100 -73.10 9.47 22.43
CA GLY H 100 -73.05 8.29 21.58
C GLY H 100 -73.73 7.07 22.17
N TRP H 101 -73.55 6.83 23.47
CA TRP H 101 -74.04 5.60 24.07
C TRP H 101 -75.27 5.85 24.91
N ASP H 102 -76.35 6.29 24.24
CA ASP H 102 -77.53 6.83 24.89
C ASP H 102 -78.79 6.00 24.64
N PHE H 103 -78.65 4.76 24.17
CA PHE H 103 -79.82 3.97 23.77
C PHE H 103 -80.19 2.89 24.78
N PHE H 104 -79.76 3.02 26.03
CA PHE H 104 -80.06 2.03 27.07
C PHE H 104 -81.18 2.55 27.96
N ARG H 105 -82.22 1.74 28.13
CA ARG H 105 -83.32 2.10 29.00
C ARG H 105 -83.43 1.11 30.15
N PRO H 106 -83.51 1.58 31.40
CA PRO H 106 -83.60 0.64 32.53
C PRO H 106 -84.82 -0.25 32.51
N GLU H 107 -85.92 0.18 31.89
CA GLU H 107 -87.11 -0.67 31.87
C GLU H 107 -86.84 -1.97 31.13
N ARG H 108 -85.93 -1.94 30.16
CA ARG H 108 -85.48 -3.14 29.46
C ARG H 108 -84.30 -3.80 30.14
N ASN H 109 -84.02 -3.43 31.40
CA ASN H 109 -82.87 -3.92 32.16
C ASN H 109 -81.56 -3.66 31.41
N GLU H 110 -81.52 -2.58 30.66
CA GLU H 110 -80.30 -2.02 30.11
C GLU H 110 -79.86 -0.87 31.00
N SER H 111 -78.56 -0.63 31.07
CA SER H 111 -78.08 0.51 31.83
C SER H 111 -76.68 0.88 31.34
N PHE H 112 -76.42 2.18 31.27
CA PHE H 112 -75.11 2.70 30.91
C PHE H 112 -74.74 3.76 31.94
N ASP H 113 -73.84 3.41 32.85
CA ASP H 113 -73.44 4.28 33.94
C ASP H 113 -72.08 4.89 33.67
N ILE H 114 -72.00 6.20 33.74
CA ILE H 114 -70.75 6.95 33.56
C ILE H 114 -70.31 7.37 34.95
N LEU H 115 -69.18 6.82 35.41
CA LEU H 115 -68.81 6.85 36.82
C LEU H 115 -67.45 7.53 37.00
N PRO H 116 -67.42 8.86 37.01
CA PRO H 116 -66.16 9.57 37.23
C PRO H 116 -65.82 9.67 38.70
N ALA H 117 -64.53 9.90 38.96
CA ALA H 117 -64.08 10.19 40.31
C ALA H 117 -64.46 11.63 40.65
N SER H 118 -65.30 11.80 41.67
CA SER H 118 -65.73 13.11 42.10
C SER H 118 -66.29 13.01 43.52
N GLN H 119 -66.53 14.17 44.13
CA GLN H 119 -67.08 14.25 45.47
C GLN H 119 -68.47 13.62 45.52
N ARG H 120 -68.51 12.28 45.62
CA ARG H 120 -69.73 11.51 45.46
C ARG H 120 -70.05 10.75 46.74
N VAL H 121 -69.42 9.58 46.91
CA VAL H 121 -69.47 8.84 48.17
C VAL H 121 -68.29 9.16 49.07
N SER H 122 -67.37 10.02 48.60
CA SER H 122 -66.17 10.40 49.34
C SER H 122 -65.64 11.69 48.74
N GLU H 123 -64.80 12.38 49.50
CA GLU H 123 -64.14 13.58 49.00
C GLU H 123 -63.22 13.23 47.83
N THR H 124 -62.08 12.59 48.15
CA THR H 124 -61.14 12.00 47.20
C THR H 124 -60.99 12.76 45.88
N GLN H 125 -62.03 12.74 45.03
CA GLN H 125 -61.96 13.30 43.69
C GLN H 125 -60.88 12.62 42.85
N TRP H 126 -60.59 11.35 43.17
CA TRP H 126 -59.55 10.58 42.52
C TRP H 126 -59.66 9.13 42.93
N TYR H 127 -59.74 8.21 41.97
CA TYR H 127 -59.64 6.79 42.29
C TYR H 127 -58.19 6.46 42.62
N GLU H 128 -57.99 5.56 43.57
CA GLU H 128 -56.66 5.17 44.00
C GLU H 128 -56.07 4.03 43.17
N GLY H 129 -56.81 3.54 42.20
CA GLY H 129 -56.36 2.43 41.37
C GLY H 129 -57.54 1.80 40.67
N THR H 130 -57.21 0.95 39.69
CA THR H 130 -58.26 0.31 38.89
C THR H 130 -59.25 -0.44 39.78
N ALA H 131 -58.76 -1.08 40.85
CA ALA H 131 -59.64 -1.78 41.77
C ALA H 131 -60.55 -0.80 42.51
N ASP H 132 -59.96 0.26 43.07
CA ASP H 132 -60.73 1.29 43.76
C ASP H 132 -61.83 1.86 42.87
N ALA H 133 -61.58 1.97 41.56
CA ALA H 133 -62.59 2.50 40.64
C ALA H 133 -63.85 1.65 40.63
N VAL H 134 -63.70 0.33 40.85
CA VAL H 134 -64.88 -0.52 40.98
C VAL H 134 -65.38 -0.50 42.42
N TYR H 135 -64.49 -0.26 43.39
CA TYR H 135 -64.88 -0.31 44.80
C TYR H 135 -65.84 0.81 45.14
N GLN H 136 -65.48 2.05 44.79
N GLN H 136 -65.48 2.05 44.79
CA GLN H 136 -66.29 3.20 45.14
CA GLN H 136 -66.29 3.20 45.14
C GLN H 136 -67.65 3.19 44.49
C GLN H 136 -67.65 3.21 44.46
N ASN H 137 -67.89 2.30 43.51
CA ASN H 137 -69.14 2.24 42.77
C ASN H 137 -69.90 0.94 43.02
N ILE H 138 -69.59 0.23 44.11
CA ILE H 138 -70.32 -0.98 44.46
C ILE H 138 -71.80 -0.68 44.67
N ASP H 139 -72.13 0.52 45.18
CA ASP H 139 -73.52 0.90 45.35
C ASP H 139 -74.24 1.17 44.03
N ILE H 140 -73.52 1.22 42.92
CA ILE H 140 -74.14 1.24 41.60
C ILE H 140 -74.35 -0.17 41.06
N ILE H 141 -73.39 -1.06 41.32
CA ILE H 141 -73.47 -2.42 40.81
C ILE H 141 -74.57 -3.22 41.53
N GLU H 142 -74.57 -3.16 42.87
CA GLU H 142 -75.39 -4.10 43.64
C GLU H 142 -76.90 -3.97 43.43
N PRO H 143 -77.50 -2.77 43.27
CA PRO H 143 -78.91 -2.72 42.87
C PRO H 143 -79.21 -3.50 41.59
N TYR H 144 -78.25 -3.58 40.66
CA TYR H 144 -78.46 -4.36 39.45
C TYR H 144 -78.36 -5.86 39.73
N ALA H 145 -77.60 -6.24 40.76
CA ALA H 145 -77.32 -7.62 41.12
C ALA H 145 -76.99 -8.50 39.92
N PRO H 146 -76.03 -8.13 39.06
CA PRO H 146 -75.64 -9.05 37.98
C PRO H 146 -74.90 -10.24 38.56
N GLU H 147 -75.01 -11.37 37.87
CA GLU H 147 -74.33 -12.57 38.34
C GLU H 147 -72.82 -12.52 38.12
N TYR H 148 -72.38 -11.85 37.05
CA TYR H 148 -70.98 -11.82 36.64
C TYR H 148 -70.57 -10.38 36.36
N MET H 149 -69.31 -10.06 36.68
CA MET H 149 -68.67 -8.82 36.28
C MET H 149 -67.63 -9.12 35.21
N VAL H 150 -67.64 -8.36 34.12
CA VAL H 150 -66.63 -8.45 33.07
C VAL H 150 -65.86 -7.14 33.14
N ILE H 151 -64.63 -7.19 33.65
CA ILE H 151 -63.79 -6.00 33.81
C ILE H 151 -62.96 -5.83 32.55
N LEU H 152 -63.04 -4.64 31.93
CA LEU H 152 -62.46 -4.41 30.61
C LEU H 152 -61.54 -3.20 30.63
N ALA H 153 -60.35 -3.34 30.04
CA ALA H 153 -59.53 -2.17 29.75
C ALA H 153 -60.17 -1.41 28.59
N GLY H 154 -60.25 -0.09 28.71
CA GLY H 154 -60.91 0.68 27.68
C GLY H 154 -60.00 1.40 26.70
N ASP H 155 -58.78 0.89 26.50
CA ASP H 155 -57.79 1.59 25.68
C ASP H 155 -57.12 0.66 24.68
N HIS H 156 -57.80 -0.40 24.27
CA HIS H 156 -57.28 -1.30 23.25
C HIS H 156 -58.30 -1.41 22.12
N ILE H 157 -57.79 -1.73 20.93
CA ILE H 157 -58.60 -1.85 19.73
C ILE H 157 -58.64 -3.33 19.35
N TYR H 158 -59.79 -3.95 19.59
CA TYR H 158 -59.95 -5.39 19.39
C TYR H 158 -61.43 -5.70 19.34
N LYS H 159 -61.75 -6.82 18.69
CA LYS H 159 -63.09 -7.37 18.66
C LYS H 159 -63.07 -8.72 19.37
N MET H 160 -64.03 -8.94 20.26
CA MET H 160 -64.04 -10.12 21.11
C MET H 160 -65.46 -10.41 21.57
N ASP H 161 -65.84 -11.69 21.54
CA ASP H 161 -67.15 -12.14 22.02
C ASP H 161 -66.99 -12.66 23.44
N TYR H 162 -67.46 -11.88 24.42
CA TYR H 162 -67.24 -12.22 25.82
C TYR H 162 -68.12 -13.37 26.32
N GLU H 163 -69.08 -13.85 25.52
CA GLU H 163 -69.84 -15.02 25.93
C GLU H 163 -68.93 -16.24 26.10
N TYR H 164 -67.83 -16.30 25.37
CA TYR H 164 -66.92 -17.44 25.47
C TYR H 164 -66.19 -17.46 26.81
N MET H 165 -65.64 -16.31 27.22
CA MET H 165 -64.95 -16.25 28.50
C MET H 165 -65.91 -16.51 29.66
N LEU H 166 -67.17 -16.09 29.52
CA LEU H 166 -68.15 -16.30 30.60
C LEU H 166 -68.37 -17.77 30.87
N GLN H 167 -68.75 -18.53 29.83
CA GLN H 167 -69.03 -19.95 30.00
C GLN H 167 -67.79 -20.74 30.38
N GLN H 168 -66.62 -20.33 29.86
CA GLN H 168 -65.37 -20.91 30.35
C GLN H 168 -65.19 -20.62 31.84
N HIS H 169 -65.56 -19.40 32.26
CA HIS H 169 -65.39 -19.03 33.65
C HIS H 169 -66.22 -19.91 34.57
N VAL H 170 -67.50 -20.12 34.27
CA VAL H 170 -68.34 -20.84 35.21
C VAL H 170 -68.10 -22.35 35.13
N ASP H 171 -67.74 -22.88 33.95
CA ASP H 171 -67.50 -24.31 33.84
C ASP H 171 -66.15 -24.71 34.43
N SER H 172 -65.18 -23.80 34.44
CA SER H 172 -63.89 -24.06 35.07
C SER H 172 -63.92 -23.85 36.57
N GLY H 173 -65.00 -23.30 37.12
CA GLY H 173 -65.05 -23.02 38.54
C GLY H 173 -64.03 -22.01 39.03
N ALA H 174 -63.40 -21.28 38.12
CA ALA H 174 -62.30 -20.39 38.49
C ALA H 174 -62.81 -19.19 39.29
N ASP H 175 -61.92 -18.65 40.13
CA ASP H 175 -62.21 -17.39 40.80
C ASP H 175 -62.00 -16.21 39.86
N VAL H 176 -61.08 -16.34 38.91
CA VAL H 176 -60.88 -15.35 37.85
C VAL H 176 -60.61 -16.08 36.54
N THR H 177 -61.20 -15.58 35.47
CA THR H 177 -60.79 -15.93 34.12
C THR H 177 -60.21 -14.68 33.48
N ILE H 178 -58.97 -14.78 33.01
CA ILE H 178 -58.19 -13.62 32.58
C ILE H 178 -57.95 -13.75 31.08
N GLY H 179 -58.40 -12.75 30.33
CA GLY H 179 -58.13 -12.72 28.90
C GLY H 179 -56.67 -12.43 28.66
N CYS H 180 -56.03 -13.26 27.83
CA CYS H 180 -54.60 -13.17 27.59
C CYS H 180 -54.30 -13.29 26.10
N LEU H 181 -53.34 -12.50 25.64
CA LEU H 181 -52.84 -12.58 24.28
C LEU H 181 -51.74 -13.63 24.17
N GLU H 182 -51.86 -14.50 23.18
CA GLU H 182 -50.83 -15.49 22.86
C GLU H 182 -49.83 -14.84 21.92
N VAL H 183 -48.67 -14.44 22.44
CA VAL H 183 -47.70 -13.64 21.70
C VAL H 183 -46.31 -14.27 21.73
N PRO H 184 -45.45 -14.00 20.74
CA PRO H 184 -44.04 -14.41 20.88
C PRO H 184 -43.44 -13.79 22.12
N ARG H 185 -42.71 -14.60 22.90
CA ARG H 185 -42.28 -14.17 24.22
C ARG H 185 -41.39 -12.95 24.15
N MET H 186 -40.68 -12.78 23.04
CA MET H 186 -39.98 -11.52 22.79
C MET H 186 -40.93 -10.33 22.81
N GLU H 187 -42.15 -10.49 22.28
CA GLU H 187 -43.11 -9.39 22.28
C GLU H 187 -43.75 -9.18 23.65
N ALA H 188 -43.78 -10.22 24.49
CA ALA H 188 -44.36 -10.11 25.82
C ALA H 188 -43.46 -9.37 26.80
N THR H 189 -42.32 -8.84 26.33
CA THR H 189 -41.39 -8.13 27.20
C THR H 189 -42.08 -7.01 27.97
N GLY H 190 -43.02 -6.32 27.33
CA GLY H 190 -43.72 -5.20 27.92
C GLY H 190 -45.09 -5.51 28.46
N PHE H 191 -45.47 -6.78 28.58
CA PHE H 191 -46.78 -7.16 29.09
C PHE H 191 -46.66 -7.80 30.46
N GLY H 192 -47.70 -7.62 31.27
CA GLY H 192 -47.84 -8.43 32.46
C GLY H 192 -48.14 -9.84 32.01
N VAL H 193 -47.32 -10.81 32.40
CA VAL H 193 -47.34 -12.14 31.81
C VAL H 193 -47.88 -13.13 32.82
N MET H 194 -48.81 -13.98 32.36
CA MET H 194 -49.36 -15.05 33.17
C MET H 194 -48.58 -16.33 32.92
N HIS H 195 -48.17 -16.99 34.00
CA HIS H 195 -47.45 -18.26 33.94
C HIS H 195 -48.44 -19.39 34.21
N VAL H 196 -48.68 -20.24 33.21
CA VAL H 196 -49.72 -21.26 33.28
C VAL H 196 -49.10 -22.64 33.05
N ASN H 197 -49.92 -23.67 33.28
CA ASN H 197 -49.58 -25.07 33.12
C ASN H 197 -50.34 -25.65 31.93
N GLU H 198 -50.32 -26.98 31.81
CA GLU H 198 -51.02 -27.63 30.70
C GLU H 198 -52.53 -27.45 30.79
N LYS H 199 -53.05 -27.07 31.95
CA LYS H 199 -54.47 -26.84 32.15
C LYS H 199 -54.85 -25.36 31.97
N ASP H 200 -53.90 -24.52 31.53
CA ASP H 200 -54.10 -23.08 31.37
C ASP H 200 -54.55 -22.43 32.68
N GLU H 201 -54.16 -23.01 33.81
CA GLU H 201 -54.34 -22.36 35.10
C GLU H 201 -53.06 -21.63 35.48
N ILE H 202 -53.22 -20.39 35.93
CA ILE H 202 -52.10 -19.50 36.14
C ILE H 202 -51.36 -19.87 37.42
N ILE H 203 -50.06 -20.09 37.31
CA ILE H 203 -49.24 -20.38 38.49
C ILE H 203 -48.72 -19.09 39.14
N ASP H 204 -48.32 -18.13 38.32
CA ASP H 204 -47.72 -16.89 38.80
C ASP H 204 -47.98 -15.80 37.78
N PHE H 205 -47.87 -14.56 38.22
CA PHE H 205 -47.97 -13.39 37.37
C PHE H 205 -46.68 -12.60 37.47
N ILE H 206 -46.11 -12.25 36.32
CA ILE H 206 -44.86 -11.49 36.25
C ILE H 206 -45.14 -10.20 35.50
N GLU H 207 -44.73 -9.08 36.10
CA GLU H 207 -44.91 -7.76 35.51
C GLU H 207 -43.70 -7.44 34.64
N LYS H 208 -43.88 -7.45 33.33
CA LYS H 208 -42.85 -7.16 32.33
C LYS H 208 -41.58 -7.98 32.54
N PRO H 209 -41.62 -9.30 32.38
CA PRO H 209 -40.39 -10.09 32.49
C PRO H 209 -39.43 -9.80 31.35
N ALA H 210 -38.14 -9.71 31.69
CA ALA H 210 -37.12 -9.54 30.66
C ALA H 210 -37.10 -10.73 29.70
N ASP H 211 -37.04 -11.94 30.26
CA ASP H 211 -37.29 -13.14 29.48
C ASP H 211 -38.55 -13.80 30.03
N PRO H 212 -39.67 -13.71 29.33
CA PRO H 212 -40.95 -14.14 29.89
C PRO H 212 -41.08 -15.65 29.89
N PRO H 213 -41.81 -16.21 30.86
CA PRO H 213 -42.05 -17.66 30.86
C PRO H 213 -42.75 -18.14 29.59
N GLY H 214 -42.59 -19.44 29.33
CA GLY H 214 -43.08 -20.15 28.17
C GLY H 214 -44.39 -20.89 28.42
N ILE H 215 -45.28 -20.93 27.42
CA ILE H 215 -46.41 -21.86 27.54
C ILE H 215 -45.84 -23.27 27.64
N PRO H 216 -46.26 -24.09 28.60
CA PRO H 216 -45.81 -25.49 28.63
C PRO H 216 -46.30 -26.22 27.39
N GLY H 217 -45.36 -26.82 26.67
CA GLY H 217 -45.67 -27.45 25.39
C GLY H 217 -45.55 -26.54 24.20
N ASN H 218 -45.18 -25.27 24.41
CA ASN H 218 -45.00 -24.28 23.37
C ASN H 218 -44.27 -23.07 23.96
N GLU H 219 -42.98 -23.23 24.31
CA GLU H 219 -42.28 -22.21 25.09
C GLU H 219 -41.98 -20.95 24.29
N GLY H 220 -42.10 -20.99 22.97
CA GLY H 220 -41.85 -19.80 22.17
C GLY H 220 -42.92 -18.74 22.27
N PHE H 221 -44.06 -19.03 22.90
CA PHE H 221 -45.14 -18.07 23.04
C PHE H 221 -45.44 -17.81 24.51
N ALA H 222 -45.80 -16.57 24.83
CA ALA H 222 -46.13 -16.18 26.21
C ALA H 222 -47.57 -15.68 26.31
N LEU H 223 -48.14 -15.86 27.50
CA LEU H 223 -49.50 -15.39 27.78
C LEU H 223 -49.41 -13.97 28.33
N ALA H 224 -49.87 -13.02 27.54
CA ALA H 224 -49.82 -11.61 27.87
C ALA H 224 -51.21 -11.14 28.30
N SER H 225 -51.30 -10.56 29.50
CA SER H 225 -52.59 -10.14 30.03
C SER H 225 -53.12 -8.94 29.27
N MET H 226 -54.35 -9.06 28.77
CA MET H 226 -55.09 -7.96 28.18
C MET H 226 -55.72 -7.02 29.19
N GLY H 227 -55.73 -7.39 30.47
CA GLY H 227 -56.48 -6.63 31.45
C GLY H 227 -57.97 -6.83 31.36
N ILE H 228 -58.41 -8.04 31.03
CA ILE H 228 -59.83 -8.36 30.90
C ILE H 228 -60.12 -9.51 31.86
N TYR H 229 -60.85 -9.19 32.93
CA TYR H 229 -61.10 -10.13 34.01
C TYR H 229 -62.58 -10.46 34.11
N VAL H 230 -62.88 -11.74 34.29
CA VAL H 230 -64.24 -12.21 34.52
C VAL H 230 -64.30 -12.78 35.93
N PHE H 231 -65.28 -12.33 36.71
CA PHE H 231 -65.54 -12.79 38.07
C PHE H 231 -66.97 -13.24 38.21
N HIS H 232 -67.25 -13.94 39.31
CA HIS H 232 -68.59 -13.95 39.89
C HIS H 232 -68.77 -12.68 40.72
N THR H 233 -69.88 -11.97 40.49
CA THR H 233 -70.05 -10.65 41.10
C THR H 233 -69.85 -10.70 42.62
N LYS H 234 -70.47 -11.68 43.28
CA LYS H 234 -70.32 -11.79 44.73
C LYS H 234 -68.85 -11.88 45.12
N PHE H 235 -68.11 -12.80 44.48
CA PHE H 235 -66.70 -12.97 44.84
C PHE H 235 -65.89 -11.71 44.56
N LEU H 236 -66.17 -11.01 43.46
CA LEU H 236 -65.43 -9.79 43.18
C LEU H 236 -65.69 -8.75 44.27
N MET H 237 -66.97 -8.56 44.63
CA MET H 237 -67.31 -7.66 45.73
C MET H 237 -66.48 -7.97 46.98
N GLU H 238 -66.31 -9.26 47.29
CA GLU H 238 -65.55 -9.64 48.47
C GLU H 238 -64.07 -9.31 48.32
N ALA H 239 -63.47 -9.70 47.19
CA ALA H 239 -62.08 -9.38 46.92
C ALA H 239 -61.81 -7.89 47.03
N LEU H 240 -62.82 -7.07 46.69
CA LEU H 240 -62.63 -5.63 46.58
C LEU H 240 -62.77 -4.96 47.94
N ARG H 241 -63.68 -5.46 48.80
CA ARG H 241 -63.72 -4.98 50.16
C ARG H 241 -62.48 -5.43 50.92
N ARG H 242 -62.00 -6.66 50.67
CA ARG H 242 -60.76 -7.09 51.32
C ARG H 242 -59.58 -6.25 50.84
N ASP H 243 -59.49 -6.01 49.52
CA ASP H 243 -58.41 -5.18 49.01
C ASP H 243 -58.52 -3.75 49.53
N ALA H 244 -59.75 -3.25 49.67
CA ALA H 244 -59.94 -1.88 50.15
C ALA H 244 -59.47 -1.71 51.59
N ALA H 245 -59.52 -2.78 52.38
CA ALA H 245 -59.06 -2.70 53.77
C ALA H 245 -57.59 -3.06 53.92
N ASP H 246 -56.97 -3.66 52.91
CA ASP H 246 -55.55 -3.98 52.96
C ASP H 246 -54.73 -2.73 52.70
N PRO H 247 -53.83 -2.35 53.61
CA PRO H 247 -52.93 -1.22 53.33
C PRO H 247 -51.70 -1.59 52.53
N THR H 248 -51.35 -2.88 52.43
CA THR H 248 -50.29 -3.31 51.51
C THR H 248 -50.68 -3.05 50.07
N SER H 249 -51.98 -3.10 49.78
CA SER H 249 -52.46 -3.02 48.40
C SER H 249 -52.26 -1.63 47.80
N SER H 250 -51.78 -1.59 46.57
CA SER H 250 -51.82 -0.39 45.74
C SER H 250 -53.16 -0.19 45.08
N ARG H 251 -54.17 -1.00 45.45
CA ARG H 251 -55.54 -0.88 44.96
C ARG H 251 -55.61 -1.01 43.45
N ASP H 252 -54.74 -1.84 42.86
CA ASP H 252 -54.70 -2.09 41.43
C ASP H 252 -55.15 -3.52 41.16
N PHE H 253 -55.88 -3.71 40.05
CA PHE H 253 -56.27 -5.06 39.66
C PHE H 253 -55.04 -5.91 39.39
N GLY H 254 -54.25 -5.53 38.38
CA GLY H 254 -53.18 -6.38 37.90
C GLY H 254 -52.11 -6.69 38.93
N LYS H 255 -51.88 -5.78 39.87
CA LYS H 255 -50.83 -5.96 40.87
C LYS H 255 -51.33 -6.40 42.24
N ASP H 256 -52.63 -6.33 42.51
CA ASP H 256 -53.11 -6.68 43.85
C ASP H 256 -54.23 -7.72 43.80
N ILE H 257 -55.33 -7.43 43.11
CA ILE H 257 -56.49 -8.32 43.15
C ILE H 257 -56.14 -9.68 42.55
N ILE H 258 -55.53 -9.66 41.36
CA ILE H 258 -55.28 -10.89 40.62
C ILE H 258 -54.13 -11.68 41.25
N PRO H 259 -52.97 -11.07 41.55
CA PRO H 259 -51.89 -11.86 42.19
C PRO H 259 -52.31 -12.53 43.49
N TYR H 260 -53.24 -11.94 44.25
CA TYR H 260 -53.75 -12.61 45.44
C TYR H 260 -54.44 -13.91 45.07
N ILE H 261 -55.26 -13.90 44.01
CA ILE H 261 -56.07 -15.06 43.67
C ILE H 261 -55.20 -16.17 43.07
N VAL H 262 -54.24 -15.81 42.20
CA VAL H 262 -53.35 -16.82 41.63
C VAL H 262 -52.61 -17.57 42.74
N GLU H 263 -52.46 -16.96 43.91
CA GLU H 263 -51.81 -17.59 45.06
C GLU H 263 -52.80 -18.41 45.89
N HIS H 264 -53.92 -17.80 46.29
CA HIS H 264 -54.83 -18.41 47.25
C HIS H 264 -56.07 -19.03 46.61
N GLY H 265 -56.46 -18.59 45.41
CA GLY H 265 -57.65 -19.13 44.77
C GLY H 265 -57.36 -19.87 43.48
N LYS H 266 -58.26 -19.74 42.50
CA LYS H 266 -58.10 -20.39 41.20
C LYS H 266 -58.16 -19.33 40.12
N ALA H 267 -57.11 -19.26 39.30
CA ALA H 267 -56.97 -18.27 38.24
C ALA H 267 -56.65 -18.99 36.94
N VAL H 268 -57.54 -18.85 35.95
CA VAL H 268 -57.41 -19.57 34.68
C VAL H 268 -57.35 -18.54 33.55
N ALA H 269 -56.39 -18.73 32.65
CA ALA H 269 -56.19 -17.80 31.54
C ALA H 269 -57.12 -18.16 30.38
N HIS H 270 -57.70 -17.13 29.78
CA HIS H 270 -58.45 -17.26 28.54
C HIS H 270 -57.65 -16.63 27.40
N ARG H 271 -57.55 -17.33 26.28
CA ARG H 271 -56.70 -16.92 25.17
C ARG H 271 -57.50 -16.17 24.12
N PHE H 272 -56.93 -15.06 23.62
CA PHE H 272 -57.64 -14.16 22.72
C PHE H 272 -58.18 -14.89 21.50
N ALA H 273 -57.42 -15.85 20.96
CA ALA H 273 -57.80 -16.47 19.71
C ALA H 273 -59.04 -17.34 19.84
N ASP H 274 -59.37 -17.77 21.05
CA ASP H 274 -60.56 -18.61 21.21
C ASP H 274 -61.84 -17.80 21.14
N SER H 275 -61.79 -16.52 21.48
CA SER H 275 -62.97 -15.67 21.47
C SER H 275 -62.88 -14.45 20.56
N CYS H 276 -61.78 -14.28 19.83
CA CYS H 276 -61.65 -13.11 18.97
C CYS H 276 -62.67 -13.18 17.84
N VAL H 277 -63.25 -12.03 17.50
CA VAL H 277 -64.21 -11.93 16.42
C VAL H 277 -63.47 -11.39 15.19
N ARG H 278 -63.24 -12.26 14.21
CA ARG H 278 -62.56 -11.88 12.98
C ARG H 278 -63.53 -11.89 11.81
N SER H 279 -63.46 -10.86 10.97
CA SER H 279 -64.18 -10.91 9.71
C SER H 279 -63.38 -11.72 8.69
N ASP H 280 -64.06 -12.12 7.61
CA ASP H 280 -63.42 -12.93 6.58
C ASP H 280 -62.28 -12.21 5.88
N PHE H 281 -62.07 -10.92 6.17
CA PHE H 281 -61.02 -10.13 5.54
C PHE H 281 -59.94 -9.72 6.53
N GLU H 282 -59.86 -10.39 7.68
CA GLU H 282 -58.81 -10.17 8.67
C GLU H 282 -58.01 -11.46 8.83
N HIS H 283 -56.75 -11.45 8.37
CA HIS H 283 -55.94 -12.66 8.26
C HIS H 283 -55.45 -13.19 9.61
N GLU H 284 -55.44 -12.37 10.64
CA GLU H 284 -55.01 -12.79 11.96
C GLU H 284 -55.89 -12.09 12.99
N PRO H 285 -56.02 -12.65 14.19
CA PRO H 285 -56.79 -11.95 15.23
C PRO H 285 -56.18 -10.58 15.50
N TYR H 286 -57.04 -9.57 15.59
CA TYR H 286 -56.59 -8.19 15.61
C TYR H 286 -56.65 -7.62 17.02
N TRP H 287 -55.52 -7.05 17.46
CA TRP H 287 -55.50 -6.36 18.74
C TRP H 287 -54.35 -5.35 18.70
N ARG H 288 -54.66 -4.12 19.09
CA ARG H 288 -53.67 -3.05 19.13
C ARG H 288 -53.91 -2.21 20.37
N ASP H 289 -52.83 -1.85 21.06
CA ASP H 289 -52.93 -0.93 22.18
C ASP H 289 -52.44 0.47 21.84
N VAL H 290 -51.94 0.68 20.61
CA VAL H 290 -51.37 1.93 20.12
C VAL H 290 -50.87 2.83 21.24
N GLY H 291 -49.94 2.29 22.05
CA GLY H 291 -49.44 2.99 23.21
C GLY H 291 -48.45 4.10 22.92
N THR H 292 -47.91 4.16 21.70
CA THR H 292 -46.90 5.14 21.32
C THR H 292 -47.36 5.88 20.07
N ILE H 293 -46.69 7.00 19.79
CA ILE H 293 -47.00 7.79 18.60
C ILE H 293 -46.87 6.93 17.34
N ASP H 294 -45.81 6.12 17.27
CA ASP H 294 -45.58 5.30 16.08
C ASP H 294 -46.57 4.16 15.99
N ALA H 295 -46.90 3.54 17.14
CA ALA H 295 -47.94 2.52 17.14
C ALA H 295 -49.27 3.09 16.67
N TYR H 296 -49.63 4.28 17.17
CA TYR H 296 -50.88 4.92 16.76
C TYR H 296 -50.87 5.28 15.29
N TRP H 297 -49.80 5.95 14.83
CA TRP H 297 -49.68 6.24 13.41
C TRP H 297 -49.78 4.97 12.59
N GLN H 298 -49.07 3.92 13.02
CA GLN H 298 -48.98 2.70 12.21
C GLN H 298 -50.35 2.03 12.08
N ALA H 299 -51.07 1.88 13.19
CA ALA H 299 -52.36 1.19 13.14
C ALA H 299 -53.37 1.95 12.28
N ASN H 300 -53.32 3.29 12.33
CA ASN H 300 -54.19 4.09 11.47
C ASN H 300 -53.77 3.98 10.01
N ILE H 301 -52.50 4.26 9.72
CA ILE H 301 -52.03 4.29 8.34
C ILE H 301 -52.15 2.92 7.69
N ASP H 302 -52.17 1.84 8.50
CA ASP H 302 -52.30 0.48 7.98
C ASP H 302 -53.65 0.23 7.34
N LEU H 303 -54.68 0.98 7.73
CA LEU H 303 -55.99 0.83 7.11
C LEU H 303 -56.06 1.43 5.71
N THR H 304 -55.00 2.11 5.24
CA THR H 304 -54.98 2.51 3.84
C THR H 304 -54.49 1.41 2.93
N ASP H 305 -53.96 0.31 3.49
CA ASP H 305 -53.54 -0.82 2.70
C ASP H 305 -54.67 -1.36 1.82
N VAL H 306 -54.28 -2.06 0.76
CA VAL H 306 -55.25 -2.75 -0.07
C VAL H 306 -55.94 -3.86 0.72
N VAL H 307 -55.17 -4.60 1.51
CA VAL H 307 -55.72 -5.66 2.36
C VAL H 307 -55.37 -5.35 3.81
N PRO H 308 -56.13 -4.50 4.49
CA PRO H 308 -55.75 -4.09 5.85
C PRO H 308 -55.99 -5.19 6.88
N ASP H 309 -55.23 -5.08 7.97
CA ASP H 309 -55.38 -6.02 9.08
C ASP H 309 -56.77 -5.93 9.70
N LEU H 310 -57.27 -4.71 9.92
CA LEU H 310 -58.58 -4.50 10.53
C LEU H 310 -59.58 -4.18 9.43
N ASP H 311 -60.71 -4.89 9.43
CA ASP H 311 -61.76 -4.65 8.46
C ASP H 311 -62.77 -3.68 9.06
N ILE H 312 -62.62 -2.39 8.72
CA ILE H 312 -63.57 -1.38 9.19
C ILE H 312 -64.83 -1.33 8.35
N TYR H 313 -64.95 -2.21 7.35
CA TYR H 313 -66.16 -2.29 6.54
C TYR H 313 -67.00 -3.51 6.88
N ASP H 314 -66.57 -4.32 7.84
CA ASP H 314 -67.37 -5.46 8.26
C ASP H 314 -68.59 -5.00 9.04
N LYS H 315 -69.74 -5.63 8.76
CA LYS H 315 -70.99 -5.31 9.43
C LYS H 315 -71.44 -6.38 10.41
N SER H 316 -70.67 -7.46 10.57
CA SER H 316 -71.14 -8.57 11.41
C SER H 316 -70.81 -8.38 12.88
N TRP H 317 -69.73 -7.68 13.21
CA TRP H 317 -69.41 -7.31 14.60
C TRP H 317 -69.20 -5.80 14.65
N PRO H 318 -70.26 -5.02 14.48
CA PRO H 318 -70.11 -3.59 14.20
C PRO H 318 -69.63 -2.80 15.41
N ILE H 319 -68.91 -1.72 15.12
CA ILE H 319 -68.41 -0.81 16.15
C ILE H 319 -69.39 0.36 16.23
N TRP H 320 -70.18 0.43 17.30
CA TRP H 320 -71.02 1.59 17.51
C TRP H 320 -70.16 2.76 18.01
N THR H 321 -70.57 3.97 17.63
CA THR H 321 -69.87 5.20 18.03
C THR H 321 -70.87 6.35 17.99
N TYR H 322 -70.41 7.51 18.47
CA TYR H 322 -71.10 8.75 18.20
C TYR H 322 -70.80 9.20 16.77
N ALA H 323 -71.86 9.41 15.99
CA ALA H 323 -71.71 9.83 14.61
C ALA H 323 -72.83 10.81 14.30
N GLU H 324 -72.50 11.83 13.51
CA GLU H 324 -73.47 12.82 13.09
C GLU H 324 -73.72 12.69 11.59
N ILE H 325 -74.90 13.10 11.15
CA ILE H 325 -75.14 13.19 9.72
C ILE H 325 -74.11 14.15 9.12
N THR H 326 -73.29 13.63 8.23
CA THR H 326 -72.28 14.48 7.63
C THR H 326 -72.42 14.49 6.11
N PRO H 327 -72.18 15.63 5.47
CA PRO H 327 -72.18 15.68 4.01
C PRO H 327 -71.07 14.82 3.44
N PRO H 328 -71.15 14.46 2.16
CA PRO H 328 -70.13 13.60 1.56
C PRO H 328 -68.81 14.32 1.39
N ALA H 329 -67.80 13.56 0.98
CA ALA H 329 -66.51 14.16 0.65
C ALA H 329 -66.55 14.77 -0.74
N LYS H 330 -65.80 15.85 -0.92
CA LYS H 330 -65.76 16.59 -2.16
C LYS H 330 -64.33 16.72 -2.63
N PHE H 331 -64.09 16.49 -3.92
CA PHE H 331 -62.80 16.70 -4.54
C PHE H 331 -62.99 17.69 -5.68
N VAL H 332 -62.27 18.82 -5.63
CA VAL H 332 -62.43 19.86 -6.65
C VAL H 332 -61.06 20.25 -7.20
N HIS H 333 -61.11 20.88 -8.38
CA HIS H 333 -59.99 21.38 -9.16
C HIS H 333 -59.29 20.26 -9.93
N ASP H 334 -59.05 20.51 -11.21
CA ASP H 334 -58.33 19.57 -12.06
C ASP H 334 -57.76 20.31 -13.26
N ASP H 335 -56.67 21.04 -13.06
CA ASP H 335 -55.98 21.65 -14.18
C ASP H 335 -54.50 21.30 -14.10
N GLU H 336 -53.68 22.01 -14.87
CA GLU H 336 -52.25 21.71 -14.89
C GLU H 336 -51.59 22.00 -13.54
N ASP H 337 -52.13 22.94 -12.78
CA ASP H 337 -51.46 23.43 -11.57
C ASP H 337 -51.97 22.81 -10.29
N ARG H 338 -53.24 22.39 -10.22
CA ARG H 338 -53.77 21.80 -9.01
C ARG H 338 -54.82 20.76 -9.35
N ARG H 339 -54.89 19.70 -8.55
CA ARG H 339 -55.96 18.73 -8.67
C ARG H 339 -56.22 18.15 -7.28
N GLY H 340 -57.45 18.33 -6.79
CA GLY H 340 -57.89 17.75 -5.54
C GLY H 340 -58.22 16.27 -5.72
N SER H 341 -57.43 15.40 -5.09
CA SER H 341 -57.56 13.98 -5.35
C SER H 341 -56.91 13.22 -4.21
N ALA H 342 -57.35 11.98 -4.05
CA ALA H 342 -56.86 11.10 -3.00
C ALA H 342 -56.51 9.74 -3.59
N VAL H 343 -55.35 9.22 -3.20
CA VAL H 343 -54.88 7.93 -3.67
C VAL H 343 -54.44 7.12 -2.45
N SER H 344 -54.74 5.82 -2.47
CA SER H 344 -54.31 4.90 -1.42
C SER H 344 -54.68 5.46 -0.05
N SER H 345 -55.82 6.11 0.00
CA SER H 345 -56.20 6.95 1.12
C SER H 345 -57.61 6.58 1.58
N VAL H 346 -57.90 6.95 2.83
CA VAL H 346 -59.22 6.77 3.41
C VAL H 346 -59.72 8.16 3.81
N VAL H 347 -60.84 8.58 3.23
CA VAL H 347 -61.37 9.93 3.39
C VAL H 347 -62.77 9.85 3.97
N SER H 348 -62.99 10.53 5.10
CA SER H 348 -64.29 10.54 5.75
C SER H 348 -65.20 11.59 5.11
N GLY H 349 -66.42 11.68 5.65
CA GLY H 349 -67.36 12.68 5.20
C GLY H 349 -67.01 14.06 5.73
N ASP H 350 -67.69 15.05 5.16
CA ASP H 350 -67.45 16.46 5.47
C ASP H 350 -66.00 16.86 5.21
N CYS H 351 -65.33 16.16 4.31
N CYS H 351 -65.31 16.12 4.34
CA CYS H 351 -63.96 16.47 3.90
CA CYS H 351 -63.97 16.46 3.90
C CYS H 351 -63.99 17.06 2.51
C CYS H 351 -64.05 17.10 2.51
N ILE H 352 -63.44 18.27 2.37
CA ILE H 352 -63.34 18.93 1.08
C ILE H 352 -61.86 18.99 0.74
N ILE H 353 -61.46 18.20 -0.25
CA ILE H 353 -60.10 18.19 -0.77
C ILE H 353 -60.11 19.14 -1.97
N SER H 354 -59.69 20.38 -1.76
CA SER H 354 -59.76 21.41 -2.79
C SER H 354 -58.38 21.59 -3.39
N GLY H 355 -58.17 21.06 -4.60
CA GLY H 355 -56.88 21.22 -5.26
C GLY H 355 -55.71 20.69 -4.46
N ALA H 356 -55.95 19.78 -3.53
CA ALA H 356 -54.93 19.22 -2.67
C ALA H 356 -54.70 17.76 -3.02
N ALA H 357 -53.46 17.31 -2.88
CA ALA H 357 -53.07 15.95 -3.24
C ALA H 357 -52.92 15.13 -1.98
N LEU H 358 -53.68 14.04 -1.88
CA LEU H 358 -53.59 13.11 -0.78
C LEU H 358 -52.99 11.78 -1.26
N ASN H 359 -52.10 11.20 -0.47
CA ASN H 359 -51.63 9.85 -0.75
C ASN H 359 -51.31 9.13 0.55
N ARG H 360 -51.73 7.88 0.64
CA ARG H 360 -51.52 7.03 1.81
C ARG H 360 -51.86 7.78 3.10
N SER H 361 -53.06 8.35 3.12
CA SER H 361 -53.48 9.18 4.23
C SER H 361 -54.86 8.75 4.72
N LEU H 362 -55.08 8.89 6.01
CA LEU H 362 -56.38 8.64 6.62
C LEU H 362 -56.86 9.93 7.25
N LEU H 363 -58.01 10.43 6.79
CA LEU H 363 -58.58 11.68 7.26
C LEU H 363 -59.91 11.43 7.95
N PHE H 364 -60.04 11.93 9.18
CA PHE H 364 -61.30 11.86 9.91
C PHE H 364 -62.27 12.89 9.32
N THR H 365 -63.43 13.04 9.96
N THR H 365 -63.44 13.02 9.94
CA THR H 365 -64.49 13.89 9.44
CA THR H 365 -64.47 13.92 9.41
C THR H 365 -64.16 15.38 9.58
C THR H 365 -64.07 15.38 9.53
N GLY H 366 -64.54 16.17 8.58
CA GLY H 366 -64.44 17.62 8.67
C GLY H 366 -63.18 18.26 8.13
N VAL H 367 -62.28 17.50 7.51
CA VAL H 367 -61.02 18.09 7.06
C VAL H 367 -61.26 19.01 5.87
N ARG H 368 -60.59 20.15 5.88
CA ARG H 368 -60.50 21.02 4.70
C ARG H 368 -59.04 21.07 4.27
N ALA H 369 -58.74 20.48 3.11
CA ALA H 369 -57.41 20.60 2.50
C ALA H 369 -57.56 21.47 1.26
N ASN H 370 -56.82 22.57 1.23
CA ASN H 370 -56.97 23.56 0.18
C ASN H 370 -55.78 23.54 -0.77
N SER H 371 -55.86 24.39 -1.79
CA SER H 371 -55.13 24.20 -3.04
C SER H 371 -53.62 24.10 -2.82
N TYR H 372 -52.98 23.30 -3.68
CA TYR H 372 -51.53 23.13 -3.77
C TYR H 372 -50.93 22.46 -2.54
N SER H 373 -51.74 22.05 -1.56
CA SER H 373 -51.20 21.32 -0.42
C SER H 373 -51.06 19.83 -0.75
N ARG H 374 -50.17 19.16 -0.03
CA ARG H 374 -49.89 17.76 -0.26
C ARG H 374 -49.81 17.01 1.05
N LEU H 375 -50.58 15.94 1.16
CA LEU H 375 -50.50 15.02 2.29
C LEU H 375 -49.94 13.69 1.82
N GLU H 376 -48.93 13.20 2.52
CA GLU H 376 -48.39 11.87 2.27
C GLU H 376 -48.10 11.21 3.61
N ASN H 377 -48.63 10.00 3.81
CA ASN H 377 -48.40 9.25 5.04
C ASN H 377 -48.99 9.96 6.26
N ALA H 378 -50.18 10.52 6.10
CA ALA H 378 -50.73 11.44 7.09
C ALA H 378 -51.96 10.85 7.77
N VAL H 379 -52.00 10.92 9.10
CA VAL H 379 -53.21 10.64 9.86
C VAL H 379 -53.78 11.97 10.32
N VAL H 380 -54.94 12.34 9.78
CA VAL H 380 -55.48 13.67 10.02
C VAL H 380 -56.78 13.54 10.82
N LEU H 381 -56.76 14.04 12.04
CA LEU H 381 -57.88 13.91 12.97
C LEU H 381 -58.99 14.89 12.60
N PRO H 382 -60.16 14.80 13.26
CA PRO H 382 -61.33 15.57 12.78
C PRO H 382 -61.11 17.08 12.72
N SER H 383 -61.64 17.68 11.66
CA SER H 383 -61.79 19.12 11.50
C SER H 383 -60.48 19.87 11.28
N VAL H 384 -59.42 19.18 10.86
CA VAL H 384 -58.17 19.86 10.56
C VAL H 384 -58.32 20.69 9.29
N LYS H 385 -57.66 21.85 9.27
CA LYS H 385 -57.54 22.66 8.07
C LYS H 385 -56.09 22.63 7.59
N ILE H 386 -55.89 22.37 6.30
CA ILE H 386 -54.57 22.40 5.66
C ILE H 386 -54.56 23.60 4.73
N GLY H 387 -53.73 24.59 5.04
CA GLY H 387 -53.66 25.78 4.22
C GLY H 387 -52.92 25.53 2.90
N ARG H 388 -53.09 26.48 1.99
CA ARG H 388 -52.52 26.33 0.66
C ARG H 388 -51.01 26.10 0.72
N HIS H 389 -50.51 25.33 -0.23
CA HIS H 389 -49.09 25.07 -0.48
C HIS H 389 -48.41 24.29 0.64
N ALA H 390 -49.14 23.90 1.68
CA ALA H 390 -48.54 23.12 2.76
C ALA H 390 -48.18 21.71 2.29
N GLN H 391 -47.02 21.23 2.72
CA GLN H 391 -46.54 19.92 2.32
C GLN H 391 -46.20 19.14 3.58
N LEU H 392 -46.90 18.05 3.80
CA LEU H 392 -46.74 17.27 5.02
C LEU H 392 -46.55 15.79 4.67
N SER H 393 -45.47 15.20 5.18
CA SER H 393 -45.17 13.79 4.98
C SER H 393 -44.86 13.15 6.33
N ASN H 394 -45.52 12.01 6.60
CA ASN H 394 -45.32 11.22 7.80
C ASN H 394 -45.71 12.01 9.05
N VAL H 395 -47.03 12.16 9.25
CA VAL H 395 -47.51 13.05 10.30
C VAL H 395 -48.75 12.52 10.99
N VAL H 396 -48.91 12.92 12.24
CA VAL H 396 -50.15 12.78 13.01
C VAL H 396 -50.63 14.19 13.29
N ILE H 397 -51.73 14.60 12.66
CA ILE H 397 -52.27 15.94 12.85
C ILE H 397 -53.43 15.87 13.84
N ASP H 398 -53.30 16.57 14.96
CA ASP H 398 -54.26 16.48 16.05
C ASP H 398 -55.58 17.14 15.65
N HIS H 399 -56.63 16.80 16.40
CA HIS H 399 -57.98 17.33 16.20
C HIS H 399 -57.98 18.86 16.19
N GLY H 400 -58.67 19.44 15.21
CA GLY H 400 -58.85 20.87 15.11
C GLY H 400 -57.68 21.68 14.56
N VAL H 401 -56.53 21.05 14.31
CA VAL H 401 -55.32 21.81 13.98
C VAL H 401 -55.49 22.56 12.67
N VAL H 402 -55.02 23.81 12.65
CA VAL H 402 -54.98 24.62 11.44
C VAL H 402 -53.53 24.69 10.99
N ILE H 403 -53.20 23.99 9.91
CA ILE H 403 -51.85 24.00 9.36
C ILE H 403 -51.67 25.27 8.54
N PRO H 404 -50.72 26.14 8.91
CA PRO H 404 -50.54 27.40 8.18
C PRO H 404 -50.10 27.17 6.73
N GLU H 405 -50.49 28.11 5.88
CA GLU H 405 -50.08 28.09 4.48
C GLU H 405 -48.57 27.93 4.35
N GLY H 406 -48.15 27.05 3.45
CA GLY H 406 -46.75 26.92 3.10
C GLY H 406 -45.91 26.08 4.05
N LEU H 407 -46.48 25.61 5.17
CA LEU H 407 -45.71 24.82 6.11
C LEU H 407 -45.20 23.54 5.45
N ILE H 408 -43.93 23.21 5.69
CA ILE H 408 -43.30 22.00 5.17
C ILE H 408 -42.91 21.13 6.36
N VAL H 409 -43.37 19.88 6.36
CA VAL H 409 -43.03 18.93 7.42
C VAL H 409 -42.65 17.60 6.78
N GLY H 410 -41.52 17.04 7.19
CA GLY H 410 -41.00 15.81 6.64
C GLY H 410 -39.82 15.97 5.71
N GLU H 411 -39.35 17.19 5.48
CA GLU H 411 -38.19 17.43 4.65
C GLU H 411 -36.91 17.59 5.47
N ASP H 412 -36.96 18.40 6.52
CA ASP H 412 -35.79 18.63 7.38
C ASP H 412 -36.06 18.04 8.76
N PRO H 413 -35.43 16.91 9.12
CA PRO H 413 -35.70 16.32 10.44
C PRO H 413 -35.33 17.23 11.60
N GLU H 414 -34.20 17.93 11.51
CA GLU H 414 -33.80 18.82 12.60
C GLU H 414 -34.81 19.93 12.81
N LEU H 415 -35.25 20.55 11.71
CA LEU H 415 -36.26 21.61 11.83
C LEU H 415 -37.57 21.05 12.36
N ASP H 416 -37.94 19.84 11.94
CA ASP H 416 -39.20 19.25 12.38
C ASP H 416 -39.14 18.85 13.85
N ALA H 417 -38.04 18.24 14.27
CA ALA H 417 -37.90 17.82 15.66
C ALA H 417 -37.90 19.02 16.60
N LYS H 418 -37.41 20.18 16.14
CA LYS H 418 -37.44 21.36 16.98
C LYS H 418 -38.84 21.97 17.06
N ARG H 419 -39.64 21.84 16.00
CA ARG H 419 -40.95 22.45 15.94
C ARG H 419 -42.05 21.58 16.54
N PHE H 420 -41.94 20.26 16.39
CA PHE H 420 -43.00 19.35 16.80
C PHE H 420 -42.40 18.15 17.50
N ARG H 421 -43.27 17.27 17.98
CA ARG H 421 -42.87 16.01 18.59
C ARG H 421 -42.56 15.02 17.49
N ARG H 422 -41.28 14.67 17.35
CA ARG H 422 -40.84 13.76 16.30
C ARG H 422 -40.36 12.47 16.94
N THR H 423 -40.89 11.35 16.47
CA THR H 423 -40.39 10.06 16.90
C THR H 423 -39.06 9.77 16.22
N GLU H 424 -38.33 8.80 16.77
CA GLU H 424 -37.07 8.38 16.17
C GLU H 424 -37.29 7.81 14.78
N SER H 425 -38.43 7.16 14.56
CA SER H 425 -38.76 6.61 13.24
C SER H 425 -39.19 7.66 12.23
N GLY H 426 -39.41 8.89 12.67
CA GLY H 426 -39.66 9.98 11.74
C GLY H 426 -41.10 10.45 11.63
N ILE H 427 -41.96 10.09 12.57
CA ILE H 427 -43.34 10.58 12.58
C ILE H 427 -43.38 11.84 13.45
N CYS H 428 -43.97 12.90 12.92
CA CYS H 428 -44.20 14.14 13.66
C CYS H 428 -45.67 14.20 14.06
N LEU H 429 -45.93 14.28 15.37
CA LEU H 429 -47.26 14.61 15.85
C LEU H 429 -47.37 16.13 15.94
N ILE H 430 -48.44 16.68 15.36
CA ILE H 430 -48.58 18.12 15.22
C ILE H 430 -49.81 18.58 15.99
N THR H 431 -49.60 19.42 17.00
CA THR H 431 -50.64 20.03 17.81
CA THR H 431 -50.70 20.01 17.74
C THR H 431 -50.77 21.50 17.49
N GLN H 432 -51.89 22.10 17.91
CA GLN H 432 -52.09 23.53 17.70
C GLN H 432 -51.17 24.36 18.59
N SER H 433 -50.79 23.83 19.75
CA SER H 433 -49.89 24.58 20.62
C SER H 433 -48.50 24.68 20.02
N MET H 434 -48.08 23.68 19.25
CA MET H 434 -46.80 23.81 18.53
C MET H 434 -46.92 24.83 17.40
N ILE H 435 -47.96 24.71 16.57
CA ILE H 435 -48.14 25.63 15.45
C ILE H 435 -48.16 27.08 15.94
N ASP H 436 -48.82 27.34 17.06
CA ASP H 436 -48.94 28.69 17.58
C ASP H 436 -47.58 29.28 17.97
N LYS H 437 -46.55 28.44 18.11
CA LYS H 437 -45.25 28.88 18.60
C LYS H 437 -44.20 29.07 17.51
N LEU H 438 -44.58 29.08 16.24
CA LEU H 438 -43.61 28.89 15.15
C LEU H 438 -43.31 30.18 14.41
N ASP H 439 -42.01 30.45 14.23
CA ASP H 439 -41.51 31.48 13.33
C ASP H 439 -40.84 30.74 12.19
N LEU H 440 -39.51 30.61 12.20
CA LEU H 440 -38.79 29.79 11.23
C LEU H 440 -38.13 28.60 11.92
N VAL I 26 70.45 -22.79 67.68
CA VAL I 26 69.59 -22.26 66.64
C VAL I 26 69.76 -20.76 66.48
N GLN I 27 69.51 -20.00 67.56
CA GLN I 27 69.45 -18.55 67.35
C GLN I 27 70.85 -17.94 67.35
N PRO I 28 71.10 -16.97 66.48
CA PRO I 28 72.44 -16.38 66.42
C PRO I 28 72.75 -15.56 67.65
N LEU I 29 74.04 -15.52 67.99
CA LEU I 29 74.50 -14.84 69.20
C LEU I 29 74.56 -13.32 69.04
N ALA I 30 74.66 -12.81 67.81
CA ALA I 30 74.69 -11.37 67.61
C ALA I 30 73.39 -10.72 68.08
N ARG I 31 72.30 -11.49 68.10
CA ARG I 31 71.03 -11.00 68.66
C ARG I 31 71.22 -10.45 70.07
N ASP I 32 72.07 -11.10 70.87
CA ASP I 32 72.29 -10.73 72.26
C ASP I 32 73.64 -10.04 72.46
N ALA I 33 74.20 -9.45 71.40
CA ALA I 33 75.51 -8.84 71.47
C ALA I 33 75.39 -7.32 71.37
N MET I 34 76.38 -6.64 71.93
CA MET I 34 76.49 -5.19 71.90
C MET I 34 77.88 -4.82 71.41
N ALA I 35 77.92 -4.00 70.36
CA ALA I 35 79.19 -3.53 69.81
C ALA I 35 79.59 -2.22 70.48
N TYR I 36 80.81 -2.20 71.01
CA TYR I 36 81.37 -1.00 71.64
C TYR I 36 82.65 -0.64 70.92
N VAL I 37 82.61 0.44 70.15
CA VAL I 37 83.73 0.88 69.34
C VAL I 37 84.49 1.96 70.09
N LEU I 38 85.81 1.79 70.19
CA LEU I 38 86.70 2.78 70.81
C LEU I 38 87.19 3.71 69.70
N ALA I 39 86.73 4.96 69.75
CA ALA I 39 87.01 5.94 68.69
C ALA I 39 87.67 7.19 69.27
N GLY I 40 88.43 7.04 70.35
CA GLY I 40 89.02 8.19 71.00
C GLY I 40 90.44 8.53 70.59
N GLY I 41 91.13 7.60 69.95
CA GLY I 41 92.54 7.82 69.64
C GLY I 41 92.76 8.87 68.57
N ARG I 42 93.88 9.59 68.70
CA ARG I 42 94.15 10.72 67.83
C ARG I 42 94.74 10.28 66.49
N GLY I 43 95.58 9.24 66.49
CA GLY I 43 96.31 8.88 65.29
C GLY I 43 97.43 9.88 65.07
N SER I 44 98.30 9.98 66.07
CA SER I 44 99.28 11.07 66.12
C SER I 44 100.27 10.99 64.97
N ARG I 45 100.68 9.77 64.59
CA ARG I 45 101.67 9.66 63.51
C ARG I 45 101.08 10.02 62.16
N LEU I 46 99.78 10.28 62.07
CA LEU I 46 99.23 10.86 60.86
C LEU I 46 99.45 12.38 60.78
N LYS I 47 100.08 12.96 61.80
CA LYS I 47 100.55 14.36 61.87
C LYS I 47 99.38 15.27 61.52
N GLU I 48 99.54 16.25 60.65
CA GLU I 48 98.52 17.26 60.40
C GLU I 48 97.19 16.69 59.91
N LEU I 49 97.18 15.43 59.45
CA LEU I 49 95.94 14.83 58.94
C LEU I 49 94.91 14.64 60.05
N THR I 50 95.36 14.51 61.30
CA THR I 50 94.47 14.35 62.45
C THR I 50 94.65 15.46 63.47
N ASP I 51 95.08 16.64 63.01
CA ASP I 51 95.14 17.79 63.91
C ASP I 51 93.75 18.35 64.21
N ARG I 52 92.77 18.06 63.36
CA ARG I 52 91.45 18.65 63.47
C ARG I 52 90.36 17.61 63.63
N ARG I 53 90.71 16.33 63.74
N ARG I 53 90.71 16.33 63.71
CA ARG I 53 89.75 15.23 63.79
CA ARG I 53 89.73 15.27 63.88
C ARG I 53 90.47 13.97 64.24
C ARG I 53 90.46 14.00 64.28
N ALA I 54 89.80 13.17 65.08
CA ALA I 54 90.36 11.91 65.50
C ALA I 54 90.45 10.96 64.32
N LYS I 55 91.47 10.09 64.34
CA LYS I 55 91.75 9.12 63.29
C LYS I 55 90.50 8.37 62.82
N PRO I 56 89.58 7.96 63.70
CA PRO I 56 88.36 7.32 63.20
C PRO I 56 87.53 8.19 62.26
N ALA I 57 87.66 9.51 62.34
CA ALA I 57 86.90 10.40 61.47
C ALA I 57 87.58 10.64 60.12
N VAL I 58 88.75 10.04 59.89
CA VAL I 58 89.51 10.30 58.67
C VAL I 58 88.80 9.68 57.47
N TYR I 59 88.66 10.45 56.40
CA TYR I 59 88.07 9.93 55.17
C TYR I 59 88.94 8.82 54.60
N PHE I 60 88.30 7.93 53.84
CA PHE I 60 89.04 6.83 53.22
C PHE I 60 88.27 6.30 52.02
N GLY I 61 89.00 6.00 50.96
CA GLY I 61 88.50 5.21 49.87
C GLY I 61 87.50 5.88 48.96
N GLY I 62 87.27 7.19 49.12
N GLY I 62 87.24 7.17 49.14
CA GLY I 62 86.18 7.84 48.43
CA GLY I 62 86.41 7.92 48.22
C GLY I 62 84.88 7.14 48.72
C GLY I 62 85.08 8.40 48.77
N LYS I 63 84.81 6.50 49.88
N LYS I 63 84.69 7.99 49.98
CA LYS I 63 83.72 5.59 50.24
CA LYS I 63 83.41 8.44 50.52
C LYS I 63 83.05 6.00 51.54
C LYS I 63 83.29 8.25 52.03
N ALA I 64 83.82 6.22 52.59
N ALA I 64 83.49 7.03 52.50
CA ALA I 64 83.31 6.43 53.93
CA ALA I 64 83.26 6.70 53.90
C ALA I 64 84.46 6.96 54.78
C ALA I 64 84.41 7.21 54.77
N ARG I 65 84.23 7.05 56.08
CA ARG I 65 85.31 7.31 57.02
C ARG I 65 85.67 6.01 57.74
N ILE I 66 86.87 6.01 58.31
CA ILE I 66 87.47 4.77 58.79
C ILE I 66 86.54 4.06 59.75
N ILE I 67 85.89 4.81 60.65
CA ILE I 67 85.03 4.21 61.66
C ILE I 67 83.89 3.42 61.03
N ASP I 68 83.49 3.77 59.81
CA ASP I 68 82.34 3.11 59.19
C ASP I 68 82.58 1.62 58.93
N PHE I 69 83.83 1.17 58.88
CA PHE I 69 84.07 -0.24 58.61
C PHE I 69 83.70 -1.09 59.82
N ALA I 70 84.27 -0.78 60.99
CA ALA I 70 83.90 -1.50 62.20
C ALA I 70 82.40 -1.43 62.45
N LEU I 71 81.81 -0.25 62.29
CA LEU I 71 80.37 -0.11 62.45
C LEU I 71 79.61 -0.94 61.44
N SER I 72 80.04 -0.92 60.18
CA SER I 72 79.37 -1.73 59.17
C SER I 72 79.59 -3.22 59.43
N ASN I 73 80.73 -3.59 60.02
CA ASN I 73 80.94 -4.98 60.40
C ASN I 73 79.94 -5.39 61.46
N ALA I 74 79.70 -4.54 62.45
CA ALA I 74 78.72 -4.86 63.48
C ALA I 74 77.32 -4.99 62.88
N LEU I 75 76.91 -3.98 62.11
CA LEU I 75 75.60 -4.00 61.48
C LEU I 75 75.41 -5.24 60.62
N ASN I 76 76.34 -5.49 59.68
CA ASN I 76 76.22 -6.66 58.81
C ASN I 76 76.21 -7.96 59.60
N SER I 77 76.94 -8.00 60.72
CA SER I 77 77.02 -9.21 61.53
C SER I 77 75.76 -9.47 62.36
N GLY I 78 74.80 -8.55 62.36
CA GLY I 78 73.59 -8.73 63.13
C GLY I 78 73.59 -8.06 64.49
N ILE I 79 74.69 -7.43 64.89
CA ILE I 79 74.74 -6.67 66.13
C ILE I 79 74.08 -5.31 65.85
N ARG I 80 72.92 -5.08 66.46
CA ARG I 80 72.21 -3.82 66.28
C ARG I 80 72.13 -3.01 67.57
N ARG I 81 73.01 -3.28 68.52
CA ARG I 81 73.28 -2.39 69.65
C ARG I 81 74.72 -1.94 69.52
N ILE I 82 74.93 -0.64 69.34
CA ILE I 82 76.26 -0.08 69.12
C ILE I 82 76.42 1.14 70.02
N GLY I 83 77.55 1.20 70.72
CA GLY I 83 77.98 2.41 71.43
C GLY I 83 79.35 2.80 70.93
N VAL I 84 79.58 4.11 70.82
CA VAL I 84 80.84 4.65 70.31
C VAL I 84 81.40 5.61 71.35
N ALA I 85 82.46 5.19 72.03
CA ALA I 85 83.17 6.07 72.94
C ALA I 85 84.14 6.95 72.15
N THR I 86 84.02 8.27 72.32
CA THR I 86 84.91 9.22 71.65
C THR I 86 85.61 10.09 72.69
N GLN I 87 86.57 10.89 72.22
CA GLN I 87 87.31 11.78 73.10
C GLN I 87 88.05 12.85 72.30
N TYR I 88 89.20 12.50 71.74
CA TYR I 88 89.99 13.43 70.96
C TYR I 88 89.18 14.06 69.85
N LYS I 89 89.22 15.39 69.79
CA LYS I 89 88.71 16.21 68.69
C LYS I 89 87.55 15.54 67.97
N ALA I 90 86.49 15.21 68.70
CA ALA I 90 85.44 14.33 68.21
C ALA I 90 84.30 15.07 67.53
N HIS I 91 84.45 16.37 67.26
CA HIS I 91 83.33 17.15 66.76
C HIS I 91 82.88 16.67 65.39
N ASP I 92 83.83 16.57 64.45
CA ASP I 92 83.53 15.97 63.16
C ASP I 92 82.95 14.58 63.34
N LEU I 93 83.58 13.79 64.22
CA LEU I 93 83.22 12.39 64.38
C LEU I 93 81.77 12.23 64.79
N ILE I 94 81.36 12.90 65.87
CA ILE I 94 80.00 12.75 66.37
C ILE I 94 78.99 13.33 65.40
N ARG I 95 79.33 14.46 64.75
CA ARG I 95 78.48 15.01 63.70
C ARG I 95 78.22 13.96 62.61
N HIS I 96 79.27 13.28 62.16
CA HIS I 96 79.13 12.22 61.19
C HIS I 96 78.28 11.07 61.73
N LEU I 97 78.58 10.64 62.96
CA LEU I 97 77.81 9.55 63.55
C LEU I 97 76.35 9.94 63.73
N GLN I 98 76.09 11.19 64.14
CA GLN I 98 74.72 11.66 64.30
C GLN I 98 73.96 11.62 62.97
N ARG I 99 74.61 12.05 61.89
CA ARG I 99 73.91 12.17 60.61
C ARG I 99 73.85 10.86 59.85
N GLY I 100 74.87 10.02 59.97
CA GLY I 100 74.92 8.80 59.18
C GLY I 100 74.29 7.58 59.82
N TRP I 101 74.48 7.40 61.11
CA TRP I 101 74.03 6.18 61.77
C TRP I 101 72.78 6.45 62.61
N ASP I 102 71.71 6.85 61.92
CA ASP I 102 70.52 7.40 62.55
C ASP I 102 69.28 6.58 62.25
N PHE I 103 69.43 5.30 61.94
CA PHE I 103 68.31 4.44 61.56
C PHE I 103 68.06 3.34 62.59
N PHE I 104 68.53 3.51 63.82
CA PHE I 104 68.30 2.55 64.89
C PHE I 104 67.15 3.05 65.76
N ARG I 105 66.22 2.16 66.09
CA ARG I 105 65.08 2.51 66.93
C ARG I 105 65.02 1.61 68.15
N PRO I 106 64.91 2.17 69.35
CA PRO I 106 64.82 1.32 70.56
C PRO I 106 63.64 0.36 70.55
N GLU I 107 62.48 0.75 69.99
CA GLU I 107 61.32 -0.14 70.01
C GLU I 107 61.57 -1.47 69.31
N ARG I 108 62.53 -1.53 68.38
CA ARG I 108 62.97 -2.77 67.78
C ARG I 108 64.25 -3.31 68.42
N ASN I 109 64.55 -2.86 69.64
CA ASN I 109 65.76 -3.26 70.36
C ASN I 109 67.01 -3.03 69.52
N GLU I 110 67.06 -1.88 68.86
CA GLU I 110 68.28 -1.35 68.29
C GLU I 110 68.67 -0.10 69.07
N SER I 111 69.96 0.19 69.07
CA SER I 111 70.46 1.35 69.78
C SER I 111 71.75 1.81 69.14
N PHE I 112 71.97 3.12 69.16
CA PHE I 112 73.24 3.72 68.74
C PHE I 112 73.50 4.87 69.71
N ASP I 113 74.38 4.64 70.67
CA ASP I 113 74.74 5.62 71.68
C ASP I 113 76.10 6.22 71.33
N ILE I 114 76.13 7.53 71.17
CA ILE I 114 77.39 8.26 71.05
C ILE I 114 77.76 8.76 72.44
N LEU I 115 78.91 8.31 72.94
CA LEU I 115 79.29 8.45 74.35
C LEU I 115 80.57 9.25 74.49
N PRO I 116 80.51 10.58 74.31
CA PRO I 116 81.71 11.39 74.53
C PRO I 116 82.05 11.46 76.00
N ALA I 117 83.29 11.88 76.27
CA ALA I 117 83.72 12.15 77.63
C ALA I 117 83.33 13.59 77.98
N SER I 118 82.56 13.76 79.04
CA SER I 118 82.06 15.07 79.42
C SER I 118 81.75 15.08 80.92
N GLN I 119 81.00 16.09 81.37
CA GLN I 119 80.61 16.23 82.77
C GLN I 119 79.22 15.63 82.93
N ARG I 120 79.17 14.32 83.20
CA ARG I 120 77.93 13.58 83.28
C ARG I 120 77.89 12.73 84.55
N VAL I 121 78.66 11.64 84.56
CA VAL I 121 78.79 10.82 85.76
C VAL I 121 80.01 11.19 86.59
N SER I 122 80.86 12.09 86.10
CA SER I 122 82.01 12.58 86.85
C SER I 122 82.47 13.90 86.22
N GLU I 123 83.39 14.57 86.91
CA GLU I 123 83.97 15.81 86.39
C GLU I 123 84.88 15.50 85.21
N THR I 124 86.05 14.90 85.49
CA THR I 124 86.99 14.39 84.49
C THR I 124 87.01 15.17 83.19
N GLN I 125 86.01 14.90 82.34
CA GLN I 125 85.90 15.39 80.97
C GLN I 125 86.82 14.59 80.03
N TRP I 126 87.69 13.75 80.58
CA TRP I 126 88.53 12.88 79.77
C TRP I 126 88.45 11.45 80.30
N TYR I 127 88.37 10.50 79.38
CA TYR I 127 88.56 9.09 79.73
C TYR I 127 90.03 8.84 80.07
N GLU I 128 90.28 8.11 81.16
CA GLU I 128 91.65 7.80 81.53
C GLU I 128 92.25 6.69 80.69
N GLY I 129 91.45 6.02 79.87
CA GLY I 129 91.94 4.93 79.06
C GLY I 129 90.80 4.29 78.31
N THR I 130 91.14 3.26 77.53
CA THR I 130 90.14 2.57 76.73
C THR I 130 89.20 1.76 77.61
N ALA I 131 89.72 1.15 78.68
CA ALA I 131 88.86 0.42 79.60
C ALA I 131 87.95 1.37 80.37
N ASP I 132 88.47 2.53 80.77
CA ASP I 132 87.64 3.52 81.44
C ASP I 132 86.57 4.08 80.50
N ALA I 133 86.85 4.10 79.21
CA ALA I 133 85.83 4.53 78.24
C ALA I 133 84.63 3.59 78.25
N VAL I 134 84.84 2.32 78.63
CA VAL I 134 83.73 1.41 78.77
C VAL I 134 83.19 1.40 80.20
N TYR I 135 84.06 1.57 81.20
CA TYR I 135 83.63 1.50 82.59
C TYR I 135 82.72 2.67 82.96
N GLN I 136 83.01 3.86 82.43
N GLN I 136 83.00 3.86 82.43
CA GLN I 136 82.24 5.04 82.81
CA GLN I 136 82.25 5.05 82.79
C GLN I 136 80.80 4.98 82.31
C GLN I 136 80.82 5.03 82.27
N ASN I 137 80.52 4.19 81.28
CA ASN I 137 79.18 4.10 80.71
C ASN I 137 78.56 2.73 80.96
N ILE I 138 78.90 2.08 82.07
CA ILE I 138 78.15 0.91 82.52
C ILE I 138 76.66 1.23 82.58
N ASP I 139 76.31 2.39 83.13
CA ASP I 139 74.90 2.68 83.31
C ASP I 139 74.15 2.79 81.98
N ILE I 140 74.87 2.93 80.86
CA ILE I 140 74.22 2.89 79.56
C ILE I 140 74.08 1.45 79.08
N ILE I 141 75.02 0.58 79.44
CA ILE I 141 75.00 -0.80 78.95
C ILE I 141 74.00 -1.65 79.75
N GLU I 142 74.07 -1.63 81.08
CA GLU I 142 73.24 -2.54 81.88
C GLU I 142 71.76 -2.51 81.54
N PRO I 143 71.13 -1.36 81.29
CA PRO I 143 69.71 -1.41 80.92
C PRO I 143 69.44 -2.23 79.67
N TYR I 144 70.39 -2.32 78.74
CA TYR I 144 70.21 -3.22 77.61
C TYR I 144 70.38 -4.68 78.01
N ALA I 145 71.19 -4.92 79.04
CA ALA I 145 71.57 -6.27 79.47
C ALA I 145 71.92 -7.19 78.31
N PRO I 146 72.91 -6.82 77.49
CA PRO I 146 73.36 -7.76 76.45
C PRO I 146 74.07 -8.94 77.08
N GLU I 147 73.98 -10.09 76.42
CA GLU I 147 74.71 -11.25 76.88
C GLU I 147 76.21 -11.16 76.54
N TYR I 148 76.57 -10.39 75.52
CA TYR I 148 77.95 -10.35 75.04
C TYR I 148 78.34 -8.93 74.67
N MET I 149 79.58 -8.58 74.98
CA MET I 149 80.18 -7.31 74.59
C MET I 149 81.29 -7.55 73.57
N VAL I 150 81.22 -6.88 72.43
CA VAL I 150 82.26 -6.98 71.41
C VAL I 150 82.96 -5.63 71.33
N ILE I 151 84.13 -5.56 71.94
CA ILE I 151 84.92 -4.33 71.97
C ILE I 151 85.72 -4.25 70.68
N LEU I 152 85.62 -3.11 69.99
CA LEU I 152 86.17 -2.93 68.66
C LEU I 152 87.01 -1.67 68.62
N ALA I 153 88.21 -1.79 68.06
CA ALA I 153 88.96 -0.60 67.65
C ALA I 153 88.21 0.09 66.51
N GLY I 154 88.24 1.41 66.49
CA GLY I 154 87.54 2.17 65.47
C GLY I 154 88.40 2.74 64.37
N ASP I 155 89.68 2.35 64.28
CA ASP I 155 90.62 3.05 63.42
C ASP I 155 91.27 2.12 62.39
N HIS I 156 90.63 1.01 62.03
CA HIS I 156 91.14 0.05 61.06
C HIS I 156 90.12 -0.12 59.93
N ILE I 157 90.62 -0.54 58.77
CA ILE I 157 89.78 -0.76 57.60
C ILE I 157 89.82 -2.24 57.29
N TYR I 158 88.67 -2.91 57.47
CA TYR I 158 88.60 -4.36 57.34
C TYR I 158 87.13 -4.76 57.42
N LYS I 159 86.85 -5.97 56.91
CA LYS I 159 85.51 -6.52 56.90
C LYS I 159 85.53 -7.91 57.53
N MET I 160 84.67 -8.09 58.52
CA MET I 160 84.70 -9.26 59.39
C MET I 160 83.30 -9.50 59.93
N ASP I 161 82.89 -10.78 59.99
CA ASP I 161 81.58 -11.18 60.52
C ASP I 161 81.81 -11.68 61.95
N TYR I 162 81.38 -10.86 62.92
CA TYR I 162 81.66 -11.11 64.33
C TYR I 162 80.85 -12.25 64.93
N GLU I 163 79.90 -12.84 64.20
CA GLU I 163 79.17 -13.96 64.78
C GLU I 163 80.07 -15.19 64.91
N TYR I 164 81.08 -15.29 64.04
CA TYR I 164 82.09 -16.33 64.19
C TYR I 164 82.80 -16.21 65.52
N MET I 165 83.24 -14.99 65.86
CA MET I 165 83.97 -14.78 67.11
C MET I 165 83.11 -15.14 68.32
N LEU I 166 81.84 -14.74 68.30
CA LEU I 166 80.97 -15.04 69.43
C LEU I 166 80.71 -16.53 69.56
N GLN I 167 80.70 -17.26 68.45
CA GLN I 167 80.51 -18.70 68.53
C GLN I 167 81.75 -19.38 69.11
N GLN I 168 82.93 -18.92 68.71
CA GLN I 168 84.16 -19.43 69.33
C GLN I 168 84.22 -19.06 70.80
N HIS I 169 83.90 -17.81 71.12
CA HIS I 169 83.92 -17.39 72.52
C HIS I 169 83.00 -18.26 73.37
N VAL I 170 81.75 -18.44 72.93
CA VAL I 170 80.79 -19.21 73.71
C VAL I 170 81.26 -20.65 73.88
N ASP I 171 81.64 -21.29 72.77
CA ASP I 171 81.96 -22.71 72.81
C ASP I 171 83.31 -22.99 73.47
N SER I 172 84.29 -22.09 73.30
CA SER I 172 85.56 -22.27 73.99
C SER I 172 85.45 -22.07 75.49
N GLY I 173 84.33 -21.54 75.99
CA GLY I 173 84.19 -21.27 77.41
C GLY I 173 85.20 -20.30 77.98
N ALA I 174 85.85 -19.52 77.13
CA ALA I 174 86.95 -18.68 77.55
C ALA I 174 86.46 -17.32 78.09
N ASP I 175 87.38 -16.58 78.69
CA ASP I 175 87.04 -15.34 79.37
C ASP I 175 87.06 -14.11 78.45
N VAL I 176 88.04 -13.99 77.55
CA VAL I 176 88.04 -12.97 76.51
C VAL I 176 88.59 -13.58 75.22
N THR I 177 87.88 -13.40 74.12
CA THR I 177 88.33 -13.85 72.82
C THR I 177 88.88 -12.65 72.07
N ILE I 178 90.06 -12.81 71.47
CA ILE I 178 90.80 -11.71 70.90
C ILE I 178 91.02 -11.95 69.42
N GLY I 179 90.58 -11.00 68.60
CA GLY I 179 90.84 -11.08 67.17
C GLY I 179 92.30 -10.78 66.89
N CYS I 180 92.93 -11.62 66.09
CA CYS I 180 94.33 -11.45 65.73
C CYS I 180 94.54 -11.67 64.24
N LEU I 181 95.41 -10.86 63.65
CA LEU I 181 95.89 -11.11 62.29
C LEU I 181 96.99 -12.15 62.31
N GLU I 182 97.01 -13.00 61.28
CA GLU I 182 98.12 -13.93 61.07
C GLU I 182 99.11 -13.23 60.17
N VAL I 183 100.21 -12.77 60.75
CA VAL I 183 101.17 -11.95 60.01
C VAL I 183 102.51 -12.68 60.00
N PRO I 184 103.30 -12.58 58.93
CA PRO I 184 104.67 -13.05 58.99
C PRO I 184 105.40 -12.38 60.14
N ARG I 185 106.27 -13.14 60.81
CA ARG I 185 106.85 -12.66 62.05
C ARG I 185 107.60 -11.34 61.86
N MET I 186 108.25 -11.17 60.71
CA MET I 186 109.05 -9.96 60.50
C MET I 186 108.23 -8.69 60.63
N GLU I 187 107.02 -8.69 60.09
CA GLU I 187 106.18 -7.51 60.22
C GLU I 187 105.39 -7.49 61.54
N ALA I 188 105.40 -8.57 62.31
CA ALA I 188 104.70 -8.60 63.59
C ALA I 188 105.45 -7.86 64.69
N THR I 189 106.68 -7.41 64.42
CA THR I 189 107.42 -6.67 65.44
C THR I 189 106.77 -5.36 65.80
N GLY I 190 105.77 -4.89 65.04
CA GLY I 190 105.14 -3.62 65.35
C GLY I 190 103.80 -3.76 66.04
N PHE I 191 103.34 -4.99 66.23
CA PHE I 191 102.05 -5.26 66.86
C PHE I 191 102.24 -5.76 68.28
N GLY I 192 101.14 -5.71 69.03
CA GLY I 192 101.02 -6.47 70.26
C GLY I 192 100.72 -7.91 69.90
N VAL I 193 101.56 -8.83 70.35
CA VAL I 193 101.60 -10.19 69.82
C VAL I 193 101.09 -11.16 70.88
N MET I 194 100.19 -12.06 70.47
CA MET I 194 99.72 -13.16 71.32
C MET I 194 100.58 -14.38 71.05
N HIS I 195 101.44 -14.72 72.01
CA HIS I 195 102.06 -16.04 72.06
C HIS I 195 101.01 -17.07 72.49
N VAL I 196 100.91 -18.17 71.74
CA VAL I 196 99.75 -19.05 71.79
C VAL I 196 100.18 -20.50 71.61
N ASN I 197 99.43 -21.42 72.24
CA ASN I 197 99.70 -22.86 72.21
C ASN I 197 98.88 -23.56 71.12
N GLU I 198 99.02 -24.89 71.08
CA GLU I 198 98.38 -25.71 70.06
C GLU I 198 96.87 -25.52 70.06
N LYS I 199 96.30 -25.09 71.18
CA LYS I 199 94.86 -24.96 71.33
C LYS I 199 94.37 -23.61 70.85
N ASP I 200 95.23 -22.83 70.17
CA ASP I 200 95.05 -21.40 69.94
C ASP I 200 94.75 -20.64 71.25
N GLU I 201 95.04 -21.26 72.39
CA GLU I 201 94.90 -20.58 73.67
C GLU I 201 96.13 -19.73 73.95
N ILE I 202 95.91 -18.60 74.60
CA ILE I 202 96.92 -17.56 74.71
C ILE I 202 97.66 -17.72 76.04
N ILE I 203 98.99 -17.88 75.94
CA ILE I 203 99.82 -18.08 77.11
C ILE I 203 100.67 -16.87 77.46
N ASP I 204 100.76 -15.88 76.57
CA ASP I 204 101.57 -14.71 76.83
C ASP I 204 101.16 -13.61 75.85
N PHE I 205 101.44 -12.37 76.26
CA PHE I 205 101.18 -11.17 75.48
C PHE I 205 102.44 -10.33 75.52
N ILE I 206 102.90 -9.90 74.35
CA ILE I 206 104.12 -9.11 74.24
C ILE I 206 103.79 -7.89 73.39
N GLU I 207 104.25 -6.73 73.83
CA GLU I 207 104.11 -5.51 73.05
C GLU I 207 105.36 -5.33 72.20
N LYS I 208 105.18 -5.42 70.90
CA LYS I 208 106.24 -5.16 69.93
C LYS I 208 107.48 -6.00 70.23
N PRO I 209 107.41 -7.31 70.06
CA PRO I 209 108.59 -8.14 70.28
C PRO I 209 109.59 -8.00 69.13
N ALA I 210 110.88 -7.93 69.49
CA ALA I 210 111.92 -7.93 68.47
C ALA I 210 111.94 -9.24 67.70
N ASP I 211 111.58 -10.33 68.36
CA ASP I 211 111.45 -11.65 67.73
C ASP I 211 110.10 -12.22 68.16
N PRO I 212 109.07 -12.00 67.36
CA PRO I 212 107.71 -12.40 67.76
C PRO I 212 107.60 -13.91 67.91
N PRO I 213 107.01 -14.40 69.00
CA PRO I 213 106.77 -15.84 69.11
C PRO I 213 105.84 -16.31 68.02
N GLY I 214 106.23 -17.35 67.33
CA GLY I 214 105.43 -17.81 66.22
C GLY I 214 104.36 -18.80 66.65
N ILE I 215 103.53 -19.15 65.69
CA ILE I 215 102.45 -20.12 65.92
C ILE I 215 103.04 -21.52 66.00
N PRO I 216 102.65 -22.34 66.98
CA PRO I 216 103.13 -23.73 67.01
C PRO I 216 102.81 -24.44 65.71
N GLY I 217 103.82 -25.10 65.15
CA GLY I 217 103.66 -25.79 63.90
C GLY I 217 103.67 -24.92 62.67
N ASN I 218 103.49 -23.60 62.83
CA ASN I 218 103.60 -22.66 61.73
C ASN I 218 104.40 -21.43 62.20
N GLU I 219 105.68 -21.66 62.38
CA GLU I 219 106.60 -20.67 62.95
C GLU I 219 107.02 -19.60 61.95
N GLY I 220 106.45 -19.57 60.75
CA GLY I 220 106.66 -18.42 59.89
C GLY I 220 105.74 -17.25 60.19
N PHE I 221 104.71 -17.45 61.00
CA PHE I 221 103.73 -16.40 61.24
C PHE I 221 103.50 -16.22 62.73
N ALA I 222 103.12 -15.00 63.09
CA ALA I 222 102.75 -14.64 64.44
C ALA I 222 101.34 -14.08 64.44
N LEU I 223 100.68 -14.16 65.59
CA LEU I 223 99.34 -13.65 65.77
C LEU I 223 99.42 -12.24 66.34
N ALA I 224 98.93 -11.27 65.57
CA ALA I 224 98.96 -9.86 65.95
C ALA I 224 97.56 -9.40 66.36
N SER I 225 97.46 -8.80 67.54
CA SER I 225 96.14 -8.47 68.07
C SER I 225 95.57 -7.26 67.34
N MET I 226 94.35 -7.40 66.82
CA MET I 226 93.64 -6.33 66.14
C MET I 226 92.98 -5.36 67.11
N GLY I 227 93.06 -5.60 68.41
CA GLY I 227 92.33 -4.78 69.35
C GLY I 227 90.84 -5.06 69.35
N ILE I 228 90.46 -6.30 69.06
CA ILE I 228 89.06 -6.72 69.05
C ILE I 228 88.89 -7.77 70.13
N TYR I 229 87.97 -7.51 71.05
CA TYR I 229 87.81 -8.36 72.22
C TYR I 229 86.35 -8.73 72.41
N VAL I 230 86.12 -10.00 72.70
CA VAL I 230 84.80 -10.53 72.98
C VAL I 230 84.76 -10.94 74.44
N PHE I 231 83.71 -10.54 75.15
CA PHE I 231 83.48 -10.93 76.52
C PHE I 231 82.03 -11.37 76.69
N HIS I 232 81.78 -12.14 77.76
CA HIS I 232 80.47 -12.14 78.37
C HIS I 232 80.28 -10.83 79.11
N THR I 233 79.09 -10.23 78.95
CA THR I 233 78.83 -8.92 79.53
C THR I 233 79.15 -8.87 81.02
N LYS I 234 78.54 -9.80 81.78
CA LYS I 234 78.73 -9.82 83.24
C LYS I 234 80.19 -9.89 83.61
N PHE I 235 80.95 -10.71 82.89
CA PHE I 235 82.36 -10.87 83.22
C PHE I 235 83.16 -9.60 82.93
N LEU I 236 82.86 -8.92 81.82
CA LEU I 236 83.63 -7.73 81.47
C LEU I 236 83.42 -6.64 82.49
N MET I 237 82.17 -6.44 82.91
CA MET I 237 81.92 -5.32 83.81
C MET I 237 82.48 -5.57 85.20
N GLU I 238 82.49 -6.81 85.67
CA GLU I 238 83.23 -7.13 86.89
C GLU I 238 84.72 -6.87 86.68
N ALA I 239 85.23 -7.17 85.49
CA ALA I 239 86.62 -6.87 85.17
C ALA I 239 86.85 -5.36 85.06
N LEU I 240 85.89 -4.64 84.49
CA LEU I 240 86.02 -3.18 84.41
C LEU I 240 86.08 -2.56 85.80
N ARG I 241 85.29 -3.07 86.75
CA ARG I 241 85.28 -2.51 88.09
C ARG I 241 86.55 -2.85 88.84
N ARG I 242 87.02 -4.09 88.73
CA ARG I 242 88.30 -4.45 89.32
C ARG I 242 89.41 -3.55 88.80
N ASP I 243 89.32 -3.16 87.53
CA ASP I 243 90.32 -2.29 86.94
C ASP I 243 90.23 -0.87 87.51
N ALA I 244 89.03 -0.32 87.57
CA ALA I 244 88.86 1.05 88.05
C ALA I 244 89.25 1.19 89.52
N ALA I 245 89.13 0.12 90.30
CA ALA I 245 89.55 0.15 91.70
C ALA I 245 91.06 -0.05 91.84
N ASP I 246 91.66 -0.77 90.90
CA ASP I 246 93.11 -0.95 90.86
C ASP I 246 93.79 0.36 90.51
N PRO I 247 94.66 0.90 91.37
CA PRO I 247 95.44 2.08 90.98
C PRO I 247 96.66 1.74 90.15
N THR I 248 97.13 0.49 90.18
CA THR I 248 98.19 0.06 89.27
C THR I 248 97.78 0.27 87.82
N SER I 249 96.47 0.25 87.54
CA SER I 249 95.98 0.19 86.17
C SER I 249 96.30 1.46 85.39
N SER I 250 96.71 1.28 84.14
CA SER I 250 96.74 2.35 83.17
C SER I 250 95.39 2.52 82.47
N ARG I 251 94.39 1.74 82.88
CA ARG I 251 93.00 1.85 82.39
C ARG I 251 92.89 1.53 80.91
N ASP I 252 93.74 0.63 80.40
CA ASP I 252 93.76 0.27 78.99
C ASP I 252 93.46 -1.22 78.84
N PHE I 253 92.62 -1.55 77.85
CA PHE I 253 92.31 -2.96 77.58
C PHE I 253 93.57 -3.76 77.30
N GLY I 254 94.40 -3.30 76.36
CA GLY I 254 95.54 -4.08 75.95
C GLY I 254 96.62 -4.23 77.02
N LYS I 255 96.80 -3.20 77.86
CA LYS I 255 97.86 -3.24 78.86
C LYS I 255 97.39 -3.78 80.21
N ASP I 256 96.11 -3.63 80.54
CA ASP I 256 95.60 -3.95 81.87
C ASP I 256 94.51 -5.01 81.88
N ILE I 257 93.53 -4.92 80.98
CA ILE I 257 92.45 -5.92 80.97
C ILE I 257 92.91 -7.23 80.36
N ILE I 258 93.55 -7.16 79.18
CA ILE I 258 93.96 -8.38 78.49
C ILE I 258 95.06 -9.14 79.23
N PRO I 259 96.16 -8.50 79.67
CA PRO I 259 97.21 -9.27 80.36
C PRO I 259 96.78 -9.97 81.65
N TYR I 260 95.99 -9.31 82.51
CA TYR I 260 95.42 -9.96 83.69
C TYR I 260 94.70 -11.25 83.32
N ILE I 261 93.83 -11.19 82.32
CA ILE I 261 93.11 -12.40 81.89
C ILE I 261 94.10 -13.45 81.40
N VAL I 262 95.13 -13.02 80.67
CA VAL I 262 96.14 -13.96 80.20
C VAL I 262 96.72 -14.75 81.37
N GLU I 263 97.04 -14.06 82.46
CA GLU I 263 97.58 -14.70 83.66
C GLU I 263 96.55 -15.59 84.35
N HIS I 264 95.52 -14.97 84.90
CA HIS I 264 94.61 -15.66 85.82
C HIS I 264 93.46 -16.36 85.13
N GLY I 265 93.02 -15.88 83.97
CA GLY I 265 91.85 -16.42 83.33
C GLY I 265 92.14 -17.24 82.08
N LYS I 266 91.18 -17.26 81.16
CA LYS I 266 91.29 -18.02 79.92
C LYS I 266 91.10 -17.07 78.74
N ALA I 267 92.18 -16.86 77.97
CA ALA I 267 92.16 -15.99 76.81
C ALA I 267 92.49 -16.81 75.58
N VAL I 268 91.61 -16.78 74.58
CA VAL I 268 91.82 -17.52 73.34
C VAL I 268 91.86 -16.53 72.18
N ALA I 269 92.78 -16.77 71.25
CA ALA I 269 92.88 -15.95 70.07
C ALA I 269 91.87 -16.41 69.02
N HIS I 270 91.39 -15.46 68.24
CA HIS I 270 90.56 -15.75 67.08
C HIS I 270 91.27 -15.21 65.84
N ARG I 271 91.27 -16.02 64.78
CA ARG I 271 92.07 -15.70 63.60
C ARG I 271 91.24 -14.90 62.60
N PHE I 272 91.82 -13.78 62.14
CA PHE I 272 91.13 -12.91 61.19
C PHE I 272 90.78 -13.63 59.90
N ALA I 273 91.60 -14.60 59.47
CA ALA I 273 91.30 -15.30 58.23
C ALA I 273 90.03 -16.11 58.33
N ASP I 274 89.74 -16.69 59.50
CA ASP I 274 88.56 -17.52 59.69
C ASP I 274 87.28 -16.72 59.62
N SER I 275 87.32 -15.44 59.88
CA SER I 275 86.11 -14.66 60.01
C SER I 275 86.00 -13.53 58.99
N CYS I 276 87.06 -13.21 58.26
CA CYS I 276 87.05 -12.08 57.34
C CYS I 276 86.13 -12.33 56.15
N VAL I 277 85.51 -11.26 55.69
CA VAL I 277 84.57 -11.32 54.56
C VAL I 277 85.31 -10.80 53.34
N ARG I 278 85.79 -11.71 52.51
CA ARG I 278 86.39 -11.35 51.24
C ARG I 278 85.34 -11.42 50.13
N SER I 279 85.40 -10.46 49.22
CA SER I 279 84.62 -10.58 48.00
C SER I 279 85.36 -11.49 47.02
N ASP I 280 84.68 -11.80 45.91
CA ASP I 280 85.31 -12.63 44.88
C ASP I 280 86.47 -11.92 44.20
N PHE I 281 86.57 -10.60 44.32
CA PHE I 281 87.61 -9.82 43.67
C PHE I 281 88.64 -9.31 44.66
N GLU I 282 88.71 -9.93 45.84
CA GLU I 282 89.71 -9.63 46.85
C GLU I 282 90.54 -10.91 47.02
N HIS I 283 91.82 -10.84 46.63
CA HIS I 283 92.67 -12.03 46.55
C HIS I 283 93.18 -12.53 47.90
N GLU I 284 92.95 -11.78 48.98
CA GLU I 284 93.40 -12.17 50.31
C GLU I 284 92.61 -11.36 51.33
N PRO I 285 92.58 -11.78 52.59
CA PRO I 285 91.93 -10.96 53.61
C PRO I 285 92.55 -9.58 53.64
N TYR I 286 91.69 -8.56 53.69
CA TYR I 286 92.12 -7.17 53.64
C TYR I 286 92.01 -6.55 55.03
N TRP I 287 93.12 -5.99 55.50
CA TRP I 287 93.14 -5.25 56.75
C TRP I 287 94.25 -4.22 56.66
N ARG I 288 93.94 -2.98 57.02
CA ARG I 288 94.93 -1.92 57.06
C ARG I 288 94.64 -1.01 58.24
N ASP I 289 95.69 -0.58 58.95
CA ASP I 289 95.52 0.37 60.03
C ASP I 289 95.87 1.80 59.64
N VAL I 290 96.28 2.02 58.38
CA VAL I 290 96.66 3.32 57.81
C VAL I 290 97.22 4.25 58.86
N GLY I 291 98.27 3.81 59.57
CA GLY I 291 98.77 4.56 60.71
C GLY I 291 99.72 5.69 60.36
N THR I 292 100.32 5.65 59.17
CA THR I 292 101.26 6.67 58.71
C THR I 292 100.72 7.34 57.45
N ILE I 293 101.26 8.52 57.17
CA ILE I 293 100.91 9.22 55.93
C ILE I 293 101.26 8.37 54.72
N ASP I 294 102.35 7.62 54.80
CA ASP I 294 102.69 6.67 53.74
C ASP I 294 101.62 5.60 53.61
N ALA I 295 101.29 4.94 54.72
CA ALA I 295 100.35 3.84 54.68
C ALA I 295 98.96 4.33 54.25
N TYR I 296 98.54 5.49 54.76
CA TYR I 296 97.27 6.07 54.34
C TYR I 296 97.26 6.34 52.84
N TRP I 297 98.25 7.10 52.36
CA TRP I 297 98.35 7.35 50.92
C TRP I 297 98.31 6.06 50.14
N GLN I 298 99.10 5.07 50.57
CA GLN I 298 99.19 3.82 49.82
C GLN I 298 97.84 3.14 49.70
N ALA I 299 97.13 2.99 50.82
CA ALA I 299 95.87 2.24 50.81
C ALA I 299 94.81 2.95 49.97
N ASN I 300 94.80 4.28 49.96
CA ASN I 300 93.88 5.00 49.07
C ASN I 300 94.31 4.87 47.62
N ILE I 301 95.59 5.13 47.32
CA ILE I 301 96.02 5.14 45.93
C ILE I 301 95.96 3.73 45.32
N ASP I 302 96.06 2.69 46.15
CA ASP I 302 95.97 1.33 45.62
C ASP I 302 94.57 1.00 45.11
N LEU I 303 93.59 1.85 45.38
CA LEU I 303 92.25 1.65 44.84
C LEU I 303 92.17 2.01 43.38
N THR I 304 93.13 2.75 42.84
CA THR I 304 93.15 3.00 41.41
C THR I 304 93.72 1.82 40.61
N ASP I 305 94.10 0.73 41.27
CA ASP I 305 94.61 -0.45 40.59
C ASP I 305 93.56 -1.06 39.67
N VAL I 306 94.02 -1.61 38.54
CA VAL I 306 93.16 -2.47 37.71
C VAL I 306 92.47 -3.51 38.57
N VAL I 307 93.25 -4.25 39.36
CA VAL I 307 92.71 -5.27 40.25
C VAL I 307 93.08 -4.89 41.69
N PRO I 308 92.27 -4.09 42.36
CA PRO I 308 92.67 -3.59 43.69
C PRO I 308 92.37 -4.59 44.80
N ASP I 309 93.18 -4.49 45.86
CA ASP I 309 93.07 -5.42 46.98
C ASP I 309 91.75 -5.29 47.73
N LEU I 310 91.17 -4.09 47.73
CA LEU I 310 89.88 -3.86 48.35
C LEU I 310 88.86 -3.63 47.25
N ASP I 311 87.75 -4.34 47.32
CA ASP I 311 86.67 -4.21 46.34
C ASP I 311 85.64 -3.23 46.89
N ILE I 312 85.76 -1.95 46.50
CA ILE I 312 84.79 -0.95 46.96
C ILE I 312 83.50 -0.98 46.16
N TYR I 313 83.40 -1.88 45.17
CA TYR I 313 82.18 -2.06 44.41
C TYR I 313 81.40 -3.30 44.85
N ASP I 314 81.78 -3.89 45.99
CA ASP I 314 81.11 -5.08 46.48
C ASP I 314 79.80 -4.72 47.16
N LYS I 315 78.78 -5.53 46.93
CA LYS I 315 77.47 -5.32 47.54
C LYS I 315 77.13 -6.35 48.61
N SER I 316 77.91 -7.43 48.73
CA SER I 316 77.58 -8.51 49.64
C SER I 316 77.90 -8.18 51.10
N TRP I 317 78.97 -7.42 51.37
CA TRP I 317 79.30 -6.94 52.72
C TRP I 317 79.46 -5.42 52.66
N PRO I 318 78.35 -4.69 52.58
CA PRO I 318 78.44 -3.26 52.26
C PRO I 318 78.84 -2.39 53.44
N ILE I 319 79.46 -1.27 53.12
CA ILE I 319 79.91 -0.27 54.09
C ILE I 319 78.89 0.85 54.13
N TRP I 320 78.10 0.93 55.19
CA TRP I 320 77.20 2.06 55.34
C TRP I 320 77.97 3.30 55.78
N THR I 321 77.47 4.45 55.37
CA THR I 321 78.13 5.72 55.70
C THR I 321 77.12 6.85 55.62
N TYR I 322 77.57 8.04 56.00
CA TYR I 322 76.81 9.24 55.71
C TYR I 322 77.09 9.67 54.28
N ALA I 323 76.05 9.77 53.47
CA ALA I 323 76.18 10.21 52.10
C ALA I 323 75.01 11.12 51.76
N GLU I 324 75.28 12.14 50.97
CA GLU I 324 74.24 13.04 50.51
C GLU I 324 73.97 12.76 49.04
N ILE I 325 72.81 13.24 48.58
CA ILE I 325 72.55 13.22 47.14
C ILE I 325 73.52 14.20 46.49
N THR I 326 74.46 13.68 45.70
CA THR I 326 75.43 14.54 45.06
C THR I 326 75.32 14.40 43.54
N PRO I 327 75.52 15.49 42.81
CA PRO I 327 75.47 15.43 41.33
C PRO I 327 76.59 14.57 40.77
N PRO I 328 76.51 14.18 39.50
CA PRO I 328 77.56 13.34 38.91
C PRO I 328 78.86 14.10 38.76
N ALA I 329 79.90 13.37 38.40
CA ALA I 329 81.16 14.00 38.04
C ALA I 329 81.07 14.55 36.61
N LYS I 330 81.92 15.54 36.34
CA LYS I 330 81.89 16.27 35.08
C LYS I 330 83.31 16.49 34.58
N PHE I 331 83.52 16.25 33.28
CA PHE I 331 84.80 16.50 32.63
C PHE I 331 84.53 17.44 31.46
N VAL I 332 85.21 18.59 31.42
CA VAL I 332 84.96 19.59 30.40
C VAL I 332 86.28 20.06 29.79
N HIS I 333 86.16 20.72 28.64
CA HIS I 333 87.25 21.26 27.83
C HIS I 333 87.98 20.15 27.08
N ASP I 334 88.17 20.34 25.78
CA ASP I 334 88.86 19.38 24.94
C ASP I 334 89.43 20.12 23.72
N ASP I 335 90.48 20.89 23.96
CA ASP I 335 91.13 21.61 22.86
C ASP I 335 92.61 21.26 22.78
N GLU I 336 93.37 22.06 22.01
CA GLU I 336 94.81 21.80 21.88
C GLU I 336 95.55 22.06 23.19
N ASP I 337 95.04 22.97 24.02
CA ASP I 337 95.75 23.44 25.20
C ASP I 337 95.27 22.83 26.50
N ARG I 338 94.04 22.32 26.55
CA ARG I 338 93.51 21.78 27.79
C ARG I 338 92.52 20.65 27.47
N ARG I 339 92.29 19.82 28.48
CA ARG I 339 91.38 18.69 28.38
C ARG I 339 91.11 18.15 29.77
N GLY I 340 89.85 18.18 30.19
CA GLY I 340 89.46 17.60 31.48
C GLY I 340 89.26 16.11 31.36
N SER I 341 90.12 15.33 32.02
CA SER I 341 90.11 13.89 31.83
C SER I 341 90.76 13.22 33.03
N ALA I 342 90.29 12.00 33.30
CA ALA I 342 90.85 11.16 34.35
C ALA I 342 91.21 9.80 33.78
N VAL I 343 92.42 9.33 34.09
CA VAL I 343 92.90 8.02 33.67
C VAL I 343 93.49 7.34 34.90
N SER I 344 93.32 6.01 34.95
CA SER I 344 93.79 5.21 36.07
C SER I 344 93.38 5.83 37.41
N SER I 345 92.15 6.34 37.47
CA SER I 345 91.76 7.17 38.59
C SER I 345 90.36 6.81 39.07
N VAL I 346 90.07 7.23 40.30
CA VAL I 346 88.78 7.06 40.96
C VAL I 346 88.26 8.45 41.30
N VAL I 347 87.09 8.80 40.76
CA VAL I 347 86.54 10.15 40.89
C VAL I 347 85.12 10.05 41.42
N SER I 348 84.86 10.74 42.52
CA SER I 348 83.54 10.71 43.16
C SER I 348 82.60 11.70 42.49
N GLY I 349 81.36 11.73 42.97
CA GLY I 349 80.40 12.69 42.48
C GLY I 349 80.76 14.11 42.91
N ASP I 350 79.99 15.05 42.38
CA ASP I 350 80.19 16.48 42.66
C ASP I 350 81.61 16.93 42.35
N CYS I 351 82.26 16.26 41.40
N CYS I 351 82.26 16.26 41.40
CA CYS I 351 83.59 16.64 40.95
CA CYS I 351 83.59 16.64 40.95
C CYS I 351 83.50 17.20 39.54
C CYS I 351 83.49 17.21 39.54
N ILE I 352 84.09 18.38 39.33
CA ILE I 352 84.12 19.01 38.03
C ILE I 352 85.59 19.09 37.63
N ILE I 353 85.98 18.26 36.68
CA ILE I 353 87.37 18.15 36.24
C ILE I 353 87.45 19.01 34.98
N SER I 354 87.81 20.28 35.18
CA SER I 354 87.65 21.30 34.15
C SER I 354 89.01 21.65 33.57
N GLY I 355 89.28 21.17 32.36
CA GLY I 355 90.56 21.41 31.72
C GLY I 355 91.76 20.84 32.46
N ALA I 356 91.52 19.97 33.43
CA ALA I 356 92.56 19.41 34.29
C ALA I 356 92.81 17.95 33.92
N ALA I 357 94.05 17.50 34.14
CA ALA I 357 94.44 16.13 33.81
C ALA I 357 94.64 15.38 35.11
N LEU I 358 93.95 14.26 35.26
CA LEU I 358 94.09 13.40 36.43
C LEU I 358 94.73 12.09 36.01
N ASN I 359 95.71 11.64 36.79
CA ASN I 359 96.35 10.34 36.56
C ASN I 359 96.60 9.69 37.91
N ARG I 360 96.31 8.40 37.98
CA ARG I 360 96.47 7.58 39.18
C ARG I 360 96.18 8.39 40.43
N SER I 361 94.95 8.92 40.48
CA SER I 361 94.52 9.76 41.59
C SER I 361 93.18 9.27 42.11
N LEU I 362 92.86 9.68 43.33
CA LEU I 362 91.60 9.36 43.97
C LEU I 362 91.00 10.64 44.56
N LEU I 363 89.85 11.04 44.04
CA LEU I 363 89.19 12.28 44.45
C LEU I 363 87.91 11.95 45.20
N PHE I 364 87.76 12.50 46.40
CA PHE I 364 86.51 12.43 47.16
C PHE I 364 85.52 13.42 46.54
N THR I 365 84.37 13.58 47.20
N THR I 365 84.34 13.57 47.16
CA THR I 365 83.28 14.40 46.67
CA THR I 365 83.31 14.40 46.56
C THR I 365 83.59 15.89 46.77
C THR I 365 83.61 15.88 46.73
N GLY I 366 83.05 16.67 45.84
CA GLY I 366 83.13 18.11 45.92
C GLY I 366 84.35 18.74 45.30
N VAL I 367 85.25 17.96 44.69
CA VAL I 367 86.49 18.53 44.17
C VAL I 367 86.20 19.38 42.95
N ARG I 368 86.91 20.50 42.82
CA ARG I 368 86.94 21.29 41.60
C ARG I 368 88.39 21.43 41.16
N ALA I 369 88.72 20.85 40.01
CA ALA I 369 90.04 20.99 39.41
C ALA I 369 89.92 21.84 38.16
N ASN I 370 90.72 22.89 38.07
CA ASN I 370 90.55 23.89 37.02
C ASN I 370 91.66 23.76 35.97
N SER I 371 91.58 24.59 34.95
CA SER I 371 92.26 24.34 33.68
C SER I 371 93.78 24.33 33.83
N TYR I 372 94.41 23.50 33.00
CA TYR I 372 95.85 23.33 32.93
C TYR I 372 96.45 22.82 34.23
N SER I 373 95.63 22.47 35.21
CA SER I 373 96.12 21.84 36.42
C SER I 373 96.26 20.33 36.20
N ARG I 374 97.21 19.73 36.90
CA ARG I 374 97.49 18.31 36.75
C ARG I 374 97.72 17.68 38.11
N LEU I 375 97.13 16.51 38.31
CA LEU I 375 97.23 15.75 39.55
C LEU I 375 97.78 14.37 39.24
N GLU I 376 98.77 13.94 40.02
CA GLU I 376 99.37 12.63 39.81
C GLU I 376 99.65 11.99 41.16
N ASN I 377 99.27 10.72 41.30
CA ASN I 377 99.49 9.98 42.54
C ASN I 377 98.91 10.75 43.72
N ALA I 378 97.71 11.28 43.51
CA ALA I 378 97.13 12.29 44.39
C ALA I 378 95.91 11.73 45.10
N VAL I 379 95.90 11.84 46.44
CA VAL I 379 94.74 11.51 47.26
C VAL I 379 94.09 12.83 47.66
N VAL I 380 92.91 13.11 47.10
CA VAL I 380 92.29 14.44 47.20
C VAL I 380 90.99 14.30 47.99
N LEU I 381 90.97 14.88 49.18
CA LEU I 381 89.88 14.74 50.13
C LEU I 381 88.75 15.72 49.78
N PRO I 382 87.60 15.64 50.45
CA PRO I 382 86.42 16.37 49.97
C PRO I 382 86.59 17.89 49.86
N SER I 383 85.97 18.44 48.82
CA SER I 383 85.81 19.88 48.60
C SER I 383 87.13 20.61 48.35
N VAL I 384 88.18 19.91 47.95
CA VAL I 384 89.42 20.58 47.59
C VAL I 384 89.24 21.31 46.27
N LYS I 385 89.84 22.49 46.16
CA LYS I 385 89.90 23.23 44.89
C LYS I 385 91.35 23.27 44.40
N ILE I 386 91.55 22.96 43.13
CA ILE I 386 92.87 23.01 42.50
C ILE I 386 92.87 24.18 41.53
N GLY I 387 93.67 25.20 41.83
CA GLY I 387 93.73 26.38 40.98
C GLY I 387 94.37 26.08 39.63
N ARG I 388 94.13 26.98 38.69
CA ARG I 388 94.65 26.81 37.33
C ARG I 388 96.16 26.65 37.34
N HIS I 389 96.66 25.82 36.42
CA HIS I 389 98.09 25.61 36.15
C HIS I 389 98.83 24.90 37.27
N ALA I 390 98.14 24.44 38.32
CA ALA I 390 98.86 23.79 39.41
C ALA I 390 99.22 22.35 39.04
N GLN I 391 100.36 21.90 39.54
CA GLN I 391 100.85 20.55 39.26
C GLN I 391 101.27 19.89 40.57
N LEU I 392 100.68 18.73 40.87
CA LEU I 392 100.88 18.11 42.16
C LEU I 392 101.12 16.61 42.00
N SER I 393 102.22 16.14 42.58
CA SER I 393 102.61 14.73 42.52
C SER I 393 102.77 14.19 43.92
N ASN I 394 102.31 12.95 44.12
CA ASN I 394 102.61 12.20 45.34
C ASN I 394 102.11 12.96 46.58
N VAL I 395 100.80 13.19 46.63
CA VAL I 395 100.25 14.12 47.61
C VAL I 395 99.01 13.55 48.28
N VAL I 396 98.84 13.92 49.55
CA VAL I 396 97.56 13.85 50.26
C VAL I 396 97.11 15.29 50.48
N ILE I 397 95.97 15.65 49.91
CA ILE I 397 95.43 17.01 50.01
C ILE I 397 94.23 16.96 50.96
N ASP I 398 94.39 17.58 52.13
CA ASP I 398 93.41 17.52 53.21
C ASP I 398 92.08 18.14 52.79
N HIS I 399 91.06 17.92 53.62
CA HIS I 399 89.71 18.40 53.34
C HIS I 399 89.68 19.91 53.16
N GLY I 400 88.89 20.37 52.17
CA GLY I 400 88.64 21.78 51.96
C GLY I 400 89.78 22.61 51.39
N VAL I 401 90.95 22.01 51.12
CA VAL I 401 92.15 22.79 50.82
C VAL I 401 92.01 23.49 49.47
N VAL I 402 92.51 24.72 49.40
CA VAL I 402 92.47 25.53 48.20
C VAL I 402 93.90 25.66 47.68
N ILE I 403 94.22 24.94 46.61
CA ILE I 403 95.56 24.93 46.04
C ILE I 403 95.74 26.16 45.15
N PRO I 404 96.68 27.05 45.45
CA PRO I 404 96.82 28.29 44.68
C PRO I 404 97.16 28.01 43.23
N GLU I 405 96.84 28.99 42.38
CA GLU I 405 97.18 28.90 40.96
C GLU I 405 98.68 28.79 40.76
N GLY I 406 99.08 27.81 39.95
CA GLY I 406 100.47 27.62 39.58
C GLY I 406 101.31 26.89 40.59
N LEU I 407 100.71 26.33 41.63
CA LEU I 407 101.49 25.69 42.68
C LEU I 407 102.10 24.38 42.18
N ILE I 408 103.32 24.10 42.62
CA ILE I 408 104.07 22.92 42.21
C ILE I 408 104.46 22.12 43.45
N VAL I 409 104.04 20.85 43.50
CA VAL I 409 104.46 19.93 44.54
C VAL I 409 104.88 18.62 43.90
N GLY I 410 106.00 18.07 44.36
CA GLY I 410 106.54 16.82 43.85
C GLY I 410 107.75 16.98 42.98
N GLU I 411 108.11 18.19 42.57
CA GLU I 411 109.23 18.40 41.67
C GLU I 411 110.55 18.65 42.41
N ASP I 412 110.51 19.46 43.47
CA ASP I 412 111.70 19.86 44.23
C ASP I 412 111.56 19.34 45.65
N PRO I 413 112.28 18.28 46.02
CA PRO I 413 112.05 17.66 47.34
C PRO I 413 112.27 18.60 48.53
N GLU I 414 113.41 19.30 48.59
CA GLU I 414 113.70 20.08 49.80
C GLU I 414 112.76 21.27 49.92
N LEU I 415 112.43 21.93 48.80
CA LEU I 415 111.42 22.98 48.87
C LEU I 415 110.09 22.40 49.32
N ASP I 416 109.70 21.25 48.76
CA ASP I 416 108.49 20.55 49.21
C ASP I 416 108.56 20.24 50.69
N ALA I 417 109.72 19.75 51.17
CA ALA I 417 109.86 19.41 52.57
C ALA I 417 109.80 20.65 53.47
N LYS I 418 110.18 21.81 52.94
CA LYS I 418 110.09 23.04 53.72
C LYS I 418 108.64 23.53 53.79
N ARG I 419 107.92 23.49 52.67
CA ARG I 419 106.58 24.07 52.62
C ARG I 419 105.54 23.14 53.23
N PHE I 420 105.74 21.84 53.18
CA PHE I 420 104.73 20.89 53.60
C PHE I 420 105.36 19.77 54.42
N ARG I 421 104.48 18.93 54.93
CA ARG I 421 104.84 17.71 55.62
C ARG I 421 105.17 16.62 54.60
N ARG I 422 106.45 16.31 54.41
CA ARG I 422 106.87 15.36 53.39
C ARG I 422 107.40 14.09 54.03
N THR I 423 106.90 12.94 53.59
CA THR I 423 107.38 11.66 54.10
C THR I 423 108.76 11.33 53.54
N GLU I 424 109.39 10.33 54.17
CA GLU I 424 110.61 9.79 53.62
C GLU I 424 110.41 9.27 52.20
N SER I 425 109.23 8.71 51.93
CA SER I 425 108.94 8.16 50.60
C SER I 425 108.73 9.24 49.55
N GLY I 426 108.54 10.49 49.97
CA GLY I 426 108.29 11.57 49.04
C GLY I 426 106.84 11.97 48.88
N ILE I 427 105.98 11.62 49.83
CA ILE I 427 104.57 12.02 49.79
C ILE I 427 104.41 13.29 50.61
N CYS I 428 103.87 14.33 49.99
CA CYS I 428 103.58 15.57 50.69
C CYS I 428 102.14 15.55 51.19
N LEU I 429 101.97 15.72 52.48
CA LEU I 429 100.66 16.00 53.04
C LEU I 429 100.46 17.51 53.03
N ILE I 430 99.36 17.96 52.42
CA ILE I 430 99.12 19.38 52.22
C ILE I 430 97.84 19.78 52.96
N THR I 431 97.97 20.69 53.93
CA THR I 431 96.83 21.27 54.63
CA THR I 431 96.81 21.27 54.60
C THR I 431 96.68 22.74 54.25
N GLN I 432 95.52 23.30 54.61
CA GLN I 432 95.31 24.73 54.38
C GLN I 432 96.24 25.56 55.26
N SER I 433 96.58 25.07 56.45
CA SER I 433 97.46 25.81 57.34
C SER I 433 98.84 26.00 56.73
N MET I 434 99.31 25.02 55.97
CA MET I 434 100.60 25.19 55.30
C MET I 434 100.48 26.13 54.11
N ILE I 435 99.36 26.06 53.38
CA ILE I 435 99.14 26.93 52.23
C ILE I 435 99.15 28.39 52.64
N ASP I 436 98.59 28.70 53.81
CA ASP I 436 98.53 30.07 54.29
C ASP I 436 99.90 30.66 54.54
N LYS I 437 100.94 29.82 54.67
CA LYS I 437 102.29 30.28 54.96
C LYS I 437 103.15 30.46 53.71
N LEU I 438 102.55 30.40 52.52
CA LEU I 438 103.29 30.21 51.28
C LEU I 438 103.79 31.53 50.69
N ASP I 439 105.07 31.54 50.32
CA ASP I 439 105.63 32.53 49.42
C ASP I 439 106.40 31.81 48.31
N LEU I 440 107.73 31.90 48.33
CA LEU I 440 108.56 31.16 47.37
C LEU I 440 109.21 29.94 48.04
N VAL J 26 50.93 38.29 56.03
CA VAL J 26 52.23 38.10 56.63
C VAL J 26 52.67 36.64 56.49
N GLN J 27 51.70 35.73 56.59
CA GLN J 27 52.08 34.33 56.51
C GLN J 27 52.17 33.88 55.05
N PRO J 28 53.18 33.07 54.72
CA PRO J 28 53.27 32.52 53.36
C PRO J 28 52.08 31.64 53.05
N LEU J 29 51.54 31.81 51.85
CA LEU J 29 50.33 31.07 51.47
C LEU J 29 50.61 29.59 51.26
N ALA J 30 51.86 29.23 50.95
CA ALA J 30 52.18 27.82 50.72
C ALA J 30 51.95 26.97 51.96
N ARG J 31 51.93 27.59 53.14
CA ARG J 31 51.55 26.87 54.35
C ARG J 31 50.18 26.20 54.20
N ASP J 32 49.27 26.84 53.45
CA ASP J 32 47.90 26.38 53.31
C ASP J 32 47.60 25.87 51.90
N ALA J 33 48.62 25.46 51.16
CA ALA J 33 48.43 24.92 49.83
C ALA J 33 48.75 23.43 49.80
N MET J 34 48.07 22.72 48.91
CA MET J 34 48.41 21.34 48.58
C MET J 34 48.81 21.25 47.11
N ALA J 35 49.93 20.60 46.84
CA ALA J 35 50.36 20.33 45.48
C ALA J 35 49.81 18.99 45.02
N TYR J 36 49.16 18.99 43.85
CA TYR J 36 48.60 17.77 43.26
C TYR J 36 49.26 17.57 41.91
N VAL J 37 50.07 16.52 41.79
CA VAL J 37 50.87 16.27 40.60
C VAL J 37 50.16 15.24 39.73
N LEU J 38 49.98 15.57 38.45
CA LEU J 38 49.35 14.67 37.48
C LEU J 38 50.45 13.90 36.79
N ALA J 39 50.60 12.62 37.13
CA ALA J 39 51.71 11.82 36.63
C ALA J 39 51.22 10.54 35.95
N GLY J 40 50.09 10.64 35.23
CA GLY J 40 49.53 9.49 34.56
C GLY J 40 49.86 9.40 33.08
N GLY J 41 50.42 10.45 32.51
CA GLY J 41 50.60 10.50 31.06
C GLY J 41 51.63 9.47 30.60
N ARG J 42 51.30 8.75 29.53
CA ARG J 42 52.24 7.78 28.99
C ARG J 42 53.44 8.46 28.33
N GLY J 43 53.21 9.58 27.65
CA GLY J 43 54.24 10.14 26.82
C GLY J 43 54.57 9.22 25.67
N SER J 44 53.61 9.01 24.76
CA SER J 44 53.76 7.99 23.74
C SER J 44 54.73 8.39 22.64
N ARG J 45 55.02 9.68 22.49
CA ARG J 45 55.99 10.11 21.49
C ARG J 45 57.42 9.78 21.89
N LEU J 46 57.65 9.32 23.12
CA LEU J 46 58.95 8.75 23.48
C LEU J 46 59.04 7.27 23.10
N LYS J 47 57.96 6.69 22.58
CA LYS J 47 57.95 5.36 21.96
C LYS J 47 58.48 4.33 22.93
N GLU J 48 59.55 3.59 22.61
CA GLU J 48 60.01 2.49 23.45
C GLU J 48 60.48 2.97 24.82
N LEU J 49 60.95 4.21 24.92
CA LEU J 49 61.44 4.72 26.20
C LEU J 49 60.36 4.70 27.29
N THR J 50 59.08 4.69 26.91
CA THR J 50 57.99 4.65 27.88
C THR J 50 57.07 3.45 27.67
N ASP J 51 57.58 2.39 27.02
CA ASP J 51 56.81 1.15 26.92
C ASP J 51 56.61 0.50 28.28
N ARG J 52 57.55 0.70 29.21
CA ARG J 52 57.53 0.02 30.49
C ARG J 52 57.39 0.97 31.67
N ARG J 53 57.24 2.27 31.44
CA ARG J 53 57.16 3.24 32.52
C ARG J 53 56.56 4.52 32.00
N ALA J 54 55.77 5.19 32.85
CA ALA J 54 55.20 6.47 32.46
C ALA J 54 56.30 7.52 32.33
N LYS J 55 56.04 8.50 31.48
CA LYS J 55 57.00 9.58 31.25
C LYS J 55 57.49 10.26 32.53
N PRO J 56 56.67 10.51 33.56
CA PRO J 56 57.22 11.10 34.79
C PRO J 56 58.29 10.27 35.46
N ALA J 57 58.33 8.96 35.20
CA ALA J 57 59.33 8.08 35.81
C ALA J 57 60.60 7.97 34.99
N VAL J 58 60.66 8.62 33.83
CA VAL J 58 61.85 8.53 32.99
C VAL J 58 63.00 9.27 33.64
N TYR J 59 64.17 8.66 33.64
CA TYR J 59 65.36 9.29 34.20
C TYR J 59 65.74 10.53 33.39
N PHE J 60 66.41 11.47 34.05
CA PHE J 60 66.88 12.68 33.40
C PHE J 60 68.08 13.24 34.16
N GLY J 61 69.05 13.75 33.39
CA GLY J 61 70.10 14.57 33.92
C GLY J 61 71.21 13.87 34.67
N GLY J 62 71.21 12.53 34.70
N GLY J 62 71.19 12.54 34.70
CA GLY J 62 72.00 11.84 35.71
CA GLY J 62 72.23 11.78 35.37
C GLY J 62 71.73 12.34 37.11
C GLY J 62 71.83 11.20 36.71
N LYS J 63 70.50 12.78 37.37
N LYS J 63 70.67 11.57 37.26
CA LYS J 63 70.22 13.70 38.47
CA LYS J 63 70.25 10.99 38.53
C LYS J 63 68.96 13.31 39.23
C LYS J 63 68.75 10.97 38.74
N ALA J 64 67.94 12.87 38.50
N ALA J 64 68.13 12.14 38.78
CA ALA J 64 66.64 12.57 39.09
CA ALA J 64 66.72 12.24 39.16
C ALA J 64 65.78 11.93 38.00
C ALA J 64 65.83 11.69 38.06
N ARG J 65 64.52 11.67 38.34
CA ARG J 65 63.52 11.34 37.36
C ARG J 65 62.74 12.62 37.05
N ILE J 66 61.99 12.61 35.94
CA ILE J 66 61.30 13.82 35.52
C ILE J 66 60.36 14.33 36.60
N ILE J 67 59.64 13.42 37.27
CA ILE J 67 58.66 13.87 38.26
C ILE J 67 59.33 14.64 39.39
N ASP J 68 60.61 14.35 39.67
CA ASP J 68 61.24 14.93 40.85
C ASP J 68 61.36 16.45 40.79
N PHE J 69 61.28 17.05 39.59
CA PHE J 69 61.41 18.50 39.50
C PHE J 69 60.17 19.18 40.05
N ALA J 70 58.99 18.83 39.54
CA ALA J 70 57.76 19.40 40.05
C ALA J 70 57.59 19.09 41.54
N LEU J 71 58.01 17.90 41.95
CA LEU J 71 57.96 17.58 43.37
C LEU J 71 58.91 18.48 44.17
N SER J 72 60.12 18.67 43.65
CA SER J 72 61.09 19.50 44.36
C SER J 72 60.67 20.96 44.36
N ASN J 73 59.95 21.39 43.31
CA ASN J 73 59.42 22.75 43.29
C ASN J 73 58.40 22.96 44.40
N ALA J 74 57.44 22.04 44.53
CA ALA J 74 56.50 22.10 45.65
C ALA J 74 57.24 22.18 46.98
N LEU J 75 58.18 21.27 47.20
CA LEU J 75 58.91 21.23 48.47
C LEU J 75 59.69 22.52 48.70
N ASN J 76 60.50 22.93 47.72
CA ASN J 76 61.30 24.14 47.86
C ASN J 76 60.44 25.38 48.02
N SER J 77 59.24 25.38 47.45
CA SER J 77 58.32 26.50 47.61
C SER J 77 57.59 26.47 48.94
N GLY J 78 57.82 25.45 49.77
CA GLY J 78 57.16 25.36 51.06
C GLY J 78 55.82 24.67 51.06
N ILE J 79 55.49 23.94 50.01
CA ILE J 79 54.27 23.14 49.95
C ILE J 79 54.64 21.75 50.44
N ARG J 80 54.10 21.36 51.61
CA ARG J 80 54.45 20.09 52.23
C ARG J 80 53.29 19.10 52.23
N ARG J 81 52.23 19.39 51.48
CA ARG J 81 51.13 18.46 51.24
C ARG J 81 51.14 18.16 49.75
N ILE J 82 51.43 16.92 49.39
CA ILE J 82 51.59 16.54 48.00
C ILE J 82 50.74 15.31 47.73
N GLY J 83 49.98 15.36 46.65
CA GLY J 83 49.30 14.18 46.13
C GLY J 83 49.79 13.94 44.71
N VAL J 84 49.94 12.66 44.36
CA VAL J 84 50.45 12.27 43.04
C VAL J 84 49.47 11.29 42.43
N ALA J 85 48.88 11.67 41.30
CA ALA J 85 47.97 10.81 40.58
C ALA J 85 48.75 10.02 39.53
N THR J 86 48.67 8.70 39.60
CA THR J 86 49.33 7.84 38.62
C THR J 86 48.29 7.02 37.89
N GLN J 87 48.68 6.49 36.74
CA GLN J 87 47.77 5.70 35.93
C GLN J 87 48.57 4.69 35.10
N TYR J 88 49.10 5.14 33.96
CA TYR J 88 49.82 4.26 33.06
C TYR J 88 51.12 3.78 33.67
N LYS J 89 51.45 2.51 33.40
CA LYS J 89 52.65 1.80 33.87
C LYS J 89 53.31 2.49 35.05
N ALA J 90 52.71 2.38 36.23
CA ALA J 90 53.09 3.19 37.37
C ALA J 90 53.88 2.45 38.43
N HIS J 91 54.16 1.16 38.23
CA HIS J 91 54.89 0.36 39.22
C HIS J 91 56.23 1.00 39.56
N ASP J 92 57.05 1.28 38.54
CA ASP J 92 58.36 1.90 38.77
C ASP J 92 58.21 3.27 39.39
N LEU J 93 57.28 4.07 38.86
CA LEU J 93 57.03 5.39 39.40
C LEU J 93 56.57 5.31 40.86
N ILE J 94 55.68 4.38 41.16
CA ILE J 94 55.18 4.29 42.55
C ILE J 94 56.30 3.85 43.48
N ARG J 95 57.11 2.87 43.05
CA ARG J 95 58.22 2.41 43.88
C ARG J 95 59.23 3.52 44.12
N HIS J 96 59.44 4.38 43.12
CA HIS J 96 60.38 5.49 43.27
C HIS J 96 59.81 6.57 44.17
N LEU J 97 58.51 6.84 44.05
CA LEU J 97 57.85 7.73 45.00
C LEU J 97 57.94 7.19 46.42
N GLN J 98 57.70 5.89 46.59
CA GLN J 98 57.71 5.29 47.93
C GLN J 98 59.07 5.44 48.62
N ARG J 99 60.16 5.33 47.86
CA ARG J 99 61.50 5.23 48.43
C ARG J 99 62.26 6.54 48.44
N GLY J 100 61.93 7.46 47.56
CA GLY J 100 62.55 8.76 47.57
C GLY J 100 61.81 9.74 48.45
N TRP J 101 60.48 9.73 48.40
CA TRP J 101 59.71 10.80 49.02
C TRP J 101 59.00 10.31 50.28
N ASP J 102 59.81 9.87 51.25
CA ASP J 102 59.34 9.14 52.42
C ASP J 102 59.53 9.93 53.71
N PHE J 103 59.78 11.23 53.64
CA PHE J 103 60.16 12.01 54.80
C PHE J 103 59.10 13.02 55.22
N PHE J 104 57.84 12.81 54.85
CA PHE J 104 56.74 13.65 55.29
C PHE J 104 56.01 12.94 56.43
N ARG J 105 55.75 13.66 57.52
CA ARG J 105 55.05 13.09 58.65
C ARG J 105 53.74 13.84 58.89
N PRO J 106 52.62 13.14 59.07
CA PRO J 106 51.36 13.86 59.31
C PRO J 106 51.37 14.69 60.57
N GLU J 107 52.11 14.27 61.61
CA GLU J 107 52.11 15.02 62.87
C GLU J 107 52.72 16.41 62.70
N ARG J 108 53.52 16.63 61.65
CA ARG J 108 54.03 17.94 61.29
C ARG J 108 53.18 18.60 60.21
N ASN J 109 51.96 18.11 60.00
CA ASN J 109 51.06 18.59 58.95
C ASN J 109 51.71 18.48 57.56
N GLU J 110 52.53 17.46 57.36
CA GLU J 110 53.06 17.10 56.06
C GLU J 110 52.38 15.82 55.59
N SER J 111 52.19 15.69 54.28
CA SER J 111 51.67 14.45 53.72
C SER J 111 52.17 14.26 52.29
N PHE J 112 52.33 12.99 51.92
CA PHE J 112 52.65 12.60 50.54
C PHE J 112 51.75 11.43 50.21
N ASP J 113 50.69 11.68 49.43
CA ASP J 113 49.73 10.66 49.04
C ASP J 113 50.00 10.22 47.60
N ILE J 114 50.25 8.93 47.42
CA ILE J 114 50.38 8.32 46.11
C ILE J 114 49.02 7.71 45.75
N LEU J 115 48.44 8.14 44.63
CA LEU J 115 47.03 7.88 44.32
C LEU J 115 46.87 7.25 42.95
N PRO J 116 47.09 5.93 42.84
CA PRO J 116 46.85 5.24 41.57
C PRO J 116 45.37 5.03 41.32
N ALA J 117 45.03 4.89 40.04
CA ALA J 117 43.65 4.73 39.61
C ALA J 117 43.10 3.39 40.05
N GLN J 125 39.36 1.64 37.90
CA GLN J 125 40.62 1.08 37.43
C GLN J 125 41.31 2.00 36.42
N TRP J 126 40.66 3.11 36.11
CA TRP J 126 41.15 4.03 35.08
C TRP J 126 40.55 5.40 35.34
N TYR J 127 41.39 6.39 35.60
CA TYR J 127 40.92 7.77 35.63
C TYR J 127 40.43 8.16 34.24
N GLU J 128 39.21 8.70 34.17
CA GLU J 128 38.69 9.12 32.88
C GLU J 128 39.42 10.34 32.33
N GLY J 129 40.26 10.98 33.14
CA GLY J 129 41.01 12.14 32.69
C GLY J 129 41.73 12.78 33.86
N THR J 130 42.35 13.93 33.56
CA THR J 130 43.12 14.65 34.59
C THR J 130 42.19 15.25 35.64
N ALA J 131 41.05 15.79 35.22
CA ALA J 131 40.07 16.27 36.19
C ALA J 131 39.52 15.12 37.03
N ASP J 132 39.34 13.96 36.41
CA ASP J 132 38.88 12.79 37.16
C ASP J 132 39.94 12.33 38.14
N ALA J 133 41.21 12.44 37.77
CA ALA J 133 42.29 12.05 38.67
C ALA J 133 42.25 12.82 39.98
N VAL J 134 41.82 14.07 39.94
CA VAL J 134 41.63 14.82 41.18
C VAL J 134 40.26 14.54 41.79
N TYR J 135 39.23 14.47 40.95
CA TYR J 135 37.86 14.33 41.46
C TYR J 135 37.70 13.07 42.30
N GLN J 136 38.26 11.95 41.84
N GLN J 136 38.26 11.95 41.84
CA GLN J 136 38.10 10.69 42.57
CA GLN J 136 38.12 10.68 42.55
C GLN J 136 38.79 10.73 43.93
C GLN J 136 38.82 10.70 43.91
N ASN J 137 39.71 11.66 44.14
CA ASN J 137 40.47 11.74 45.38
C ASN J 137 40.10 12.98 46.20
N ILE J 138 38.90 13.51 46.02
CA ILE J 138 38.41 14.57 46.87
C ILE J 138 38.37 14.12 48.33
N ASP J 139 37.98 12.86 48.57
CA ASP J 139 37.95 12.36 49.94
C ASP J 139 39.34 12.25 50.57
N ILE J 140 40.40 12.32 49.76
CA ILE J 140 41.76 12.40 50.31
C ILE J 140 42.13 13.84 50.63
N ILE J 141 41.50 14.81 49.97
CA ILE J 141 41.86 16.21 50.12
C ILE J 141 41.08 16.87 51.24
N GLU J 142 39.76 16.63 51.30
CA GLU J 142 38.91 17.29 52.28
C GLU J 142 39.45 17.19 53.71
N PRO J 143 39.89 16.03 54.22
CA PRO J 143 40.43 16.00 55.59
C PRO J 143 41.60 16.94 55.81
N TYR J 144 42.41 17.22 54.79
CA TYR J 144 43.49 18.17 54.95
C TYR J 144 43.01 19.61 54.96
N ALA J 145 41.89 19.88 54.29
CA ALA J 145 41.32 21.21 54.16
C ALA J 145 42.35 22.29 53.79
N PRO J 146 43.14 22.07 52.73
CA PRO J 146 44.09 23.12 52.33
C PRO J 146 43.36 24.28 51.70
N GLU J 147 43.86 25.49 51.96
CA GLU J 147 43.25 26.68 51.37
C GLU J 147 43.36 26.67 49.85
N TYR J 148 44.51 26.31 49.32
CA TYR J 148 44.78 26.39 47.89
C TYR J 148 45.22 25.03 47.35
N MET J 149 44.89 24.81 46.08
CA MET J 149 45.37 23.64 45.33
C MET J 149 46.26 24.12 44.21
N VAL J 150 47.43 23.49 44.09
CA VAL J 150 48.38 23.78 43.03
C VAL J 150 48.47 22.52 42.18
N ILE J 151 47.84 22.57 41.00
CA ILE J 151 47.78 21.43 40.08
C ILE J 151 49.01 21.48 39.18
N LEU J 152 49.81 20.42 39.19
CA LEU J 152 51.09 20.39 38.50
C LEU J 152 51.14 19.26 37.48
N ALA J 153 51.60 19.58 36.27
CA ALA J 153 52.01 18.56 35.33
C ALA J 153 53.30 17.91 35.80
N GLY J 154 53.34 16.59 35.79
CA GLY J 154 54.47 15.88 36.35
C GLY J 154 55.50 15.44 35.33
N ASP J 155 55.45 16.01 34.12
CA ASP J 155 56.27 15.50 33.03
C ASP J 155 57.17 16.55 32.39
N HIS J 156 57.54 17.61 33.13
CA HIS J 156 58.40 18.65 32.60
C HIS J 156 59.57 18.89 33.55
N ILE J 157 60.64 19.48 33.01
CA ILE J 157 61.87 19.76 33.74
C ILE J 157 62.00 21.27 33.86
N TYR J 158 61.82 21.79 35.07
CA TYR J 158 61.80 23.22 35.33
C TYR J 158 61.79 23.41 36.83
N LYS J 159 62.28 24.57 37.28
CA LYS J 159 62.19 24.96 38.67
C LYS J 159 61.43 26.28 38.79
N MET J 160 60.58 26.36 39.82
CA MET J 160 59.60 27.43 39.94
C MET J 160 59.24 27.60 41.41
N ASP J 161 59.15 28.85 41.86
CA ASP J 161 58.73 29.18 43.21
C ASP J 161 57.23 29.46 43.18
N TYR J 162 56.43 28.50 43.67
CA TYR J 162 54.98 28.59 43.55
C TYR J 162 54.37 29.61 44.50
N GLU J 163 55.13 30.14 45.44
CA GLU J 163 54.62 31.18 46.32
C GLU J 163 54.21 32.42 45.51
N TYR J 164 55.02 32.79 44.50
CA TYR J 164 54.68 33.93 43.66
C TYR J 164 53.30 33.76 43.04
N MET J 165 53.06 32.61 42.40
CA MET J 165 51.77 32.36 41.76
C MET J 165 50.64 32.35 42.78
N LEU J 166 50.88 31.76 43.96
CA LEU J 166 49.86 31.78 45.01
C LEU J 166 49.48 33.21 45.38
N GLN J 167 50.48 34.08 45.54
CA GLN J 167 50.20 35.48 45.85
C GLN J 167 49.39 36.14 44.75
N GLN J 168 49.82 35.97 43.49
CA GLN J 168 49.11 36.57 42.37
C GLN J 168 47.66 36.09 42.32
N HIS J 169 47.44 34.81 42.63
CA HIS J 169 46.08 34.28 42.62
C HIS J 169 45.18 34.98 43.63
N VAL J 170 45.66 35.12 44.87
CA VAL J 170 44.83 35.71 45.90
C VAL J 170 44.75 37.22 45.74
N ASP J 171 45.83 37.86 45.28
CA ASP J 171 45.79 39.29 45.06
C ASP J 171 45.00 39.66 43.81
N SER J 172 44.74 38.71 42.92
CA SER J 172 43.96 38.96 41.71
C SER J 172 42.49 38.66 41.87
N GLY J 173 42.12 37.82 42.82
CA GLY J 173 40.75 37.35 42.89
C GLY J 173 40.35 36.44 41.76
N ALA J 174 41.31 35.86 41.05
CA ALA J 174 41.00 34.96 39.96
C ALA J 174 40.40 33.65 40.47
N ASP J 175 39.54 33.07 39.63
CA ASP J 175 39.04 31.72 39.89
C ASP J 175 40.12 30.68 39.58
N VAL J 176 40.96 30.93 38.57
CA VAL J 176 42.10 30.07 38.31
C VAL J 176 43.26 30.93 37.82
N THR J 177 44.45 30.62 38.31
CA THR J 177 45.68 31.23 37.85
C THR J 177 46.47 30.18 37.11
N ILE J 178 46.98 30.53 35.92
CA ILE J 178 47.56 29.57 35.00
C ILE J 178 49.02 29.92 34.78
N GLY J 179 49.89 28.92 34.95
CA GLY J 179 51.30 29.10 34.62
C GLY J 179 51.50 28.98 33.12
N CYS J 180 52.17 29.97 32.55
CA CYS J 180 52.32 30.06 31.11
C CYS J 180 53.75 30.47 30.80
N LEU J 181 54.31 29.88 29.74
CA LEU J 181 55.59 30.29 29.19
C LEU J 181 55.39 31.47 28.23
N GLU J 182 56.43 32.29 28.10
CA GLU J 182 56.50 33.33 27.08
C GLU J 182 57.30 32.76 25.91
N VAL J 183 56.58 32.31 24.87
CA VAL J 183 57.18 31.58 23.76
C VAL J 183 57.10 32.45 22.51
N PRO J 184 58.14 32.47 21.66
CA PRO J 184 58.01 33.12 20.36
C PRO J 184 56.84 32.52 19.60
N ARG J 185 56.06 33.39 18.95
CA ARG J 185 54.75 32.98 18.44
C ARG J 185 54.83 31.72 17.57
N MET J 186 55.90 31.57 16.79
CA MET J 186 55.97 30.43 15.89
C MET J 186 56.05 29.12 16.64
N GLU J 187 56.85 29.07 17.72
CA GLU J 187 56.94 27.85 18.51
C GLU J 187 55.67 27.59 19.31
N ALA J 188 54.86 28.62 19.54
CA ALA J 188 53.61 28.45 20.28
C ALA J 188 52.59 27.63 19.52
N THR J 189 52.86 27.27 18.26
CA THR J 189 51.93 26.48 17.47
C THR J 189 51.81 25.04 17.98
N GLY J 190 52.69 24.60 18.87
CA GLY J 190 52.62 23.29 19.46
C GLY J 190 52.02 23.25 20.85
N PHE J 191 51.42 24.35 21.31
CA PHE J 191 50.98 24.49 22.70
C PHE J 191 49.52 24.84 22.75
N GLY J 192 48.90 24.59 23.91
CA GLY J 192 47.66 25.24 24.27
C GLY J 192 47.98 26.67 24.65
N VAL J 193 47.37 27.64 23.99
CA VAL J 193 47.75 29.03 24.12
C VAL J 193 46.58 29.83 24.69
N MET J 194 46.91 30.74 25.61
CA MET J 194 45.93 31.60 26.24
C MET J 194 45.97 32.98 25.59
N HIS J 195 44.87 33.39 24.97
CA HIS J 195 44.72 34.78 24.54
C HIS J 195 44.49 35.64 25.77
N VAL J 196 45.24 36.72 25.88
CA VAL J 196 45.35 37.49 27.13
C VAL J 196 45.24 38.98 26.81
N ASN J 197 44.62 39.74 27.70
CA ASN J 197 44.40 41.17 27.51
C ASN J 197 45.51 41.97 28.21
N GLU J 198 45.24 43.25 28.46
CA GLU J 198 46.24 44.13 29.06
C GLU J 198 46.51 43.78 30.52
N LYS J 199 45.52 43.20 31.21
CA LYS J 199 45.61 42.91 32.63
C LYS J 199 46.25 41.55 32.89
N ASP J 200 46.54 40.79 31.83
CA ASP J 200 46.96 39.40 31.85
C ASP J 200 45.79 38.45 32.08
N GLU J 201 44.55 38.88 31.79
CA GLU J 201 43.37 38.01 31.90
C GLU J 201 43.17 37.19 30.63
N ILE J 202 42.77 35.94 30.82
CA ILE J 202 42.63 34.99 29.73
C ILE J 202 41.26 35.19 29.10
N ILE J 203 41.25 35.66 27.85
CA ILE J 203 39.99 35.91 27.14
C ILE J 203 39.63 34.79 26.17
N ASP J 204 40.54 33.85 25.92
CA ASP J 204 40.24 32.66 25.12
C ASP J 204 41.39 31.68 25.30
N PHE J 205 41.11 30.42 25.01
CA PHE J 205 42.13 29.37 25.00
C PHE J 205 42.03 28.62 23.69
N ILE J 206 43.17 28.45 23.01
CA ILE J 206 43.23 27.76 21.73
C ILE J 206 44.22 26.60 21.86
N GLU J 207 43.83 25.43 21.38
CA GLU J 207 44.72 24.28 21.33
C GLU J 207 45.42 24.25 19.97
N LYS J 208 46.76 24.36 19.99
CA LYS J 208 47.60 24.39 18.80
C LYS J 208 47.05 25.37 17.76
N PRO J 209 47.08 26.67 18.04
CA PRO J 209 46.65 27.64 17.02
C PRO J 209 47.67 27.74 15.90
N ALA J 210 47.16 27.71 14.65
CA ALA J 210 48.05 27.90 13.51
C ALA J 210 48.68 29.28 13.52
N ASP J 211 47.97 30.28 14.01
CA ASP J 211 48.54 31.60 14.27
C ASP J 211 48.23 31.98 15.72
N PRO J 212 49.16 31.74 16.64
CA PRO J 212 48.90 31.98 18.06
C PRO J 212 48.68 33.45 18.36
N PRO J 213 47.64 33.79 19.11
CA PRO J 213 47.44 35.19 19.50
C PRO J 213 48.66 35.73 20.23
N GLY J 214 49.03 36.98 19.92
CA GLY J 214 50.18 37.59 20.53
C GLY J 214 49.86 38.29 21.84
N ILE J 215 50.89 38.49 22.64
CA ILE J 215 50.76 39.25 23.89
C ILE J 215 50.50 40.71 23.55
N PRO J 216 49.53 41.37 24.18
CA PRO J 216 49.31 42.80 23.89
C PRO J 216 50.57 43.62 24.12
N GLY J 217 50.95 44.39 23.11
CA GLY J 217 52.14 45.22 23.18
C GLY J 217 53.44 44.45 23.08
N ASN J 218 53.38 43.14 22.83
CA ASN J 218 54.55 42.32 22.54
C ASN J 218 54.04 41.17 21.65
N GLU J 219 53.67 41.53 20.43
CA GLU J 219 53.00 40.64 19.49
C GLU J 219 53.89 39.50 19.00
N GLY J 220 55.19 39.55 19.26
CA GLY J 220 56.07 38.46 18.83
C GLY J 220 56.15 37.28 19.77
N PHE J 221 55.43 37.32 20.89
CA PHE J 221 55.46 36.23 21.86
C PHE J 221 54.04 35.84 22.23
N ALA J 222 53.86 34.54 22.48
CA ALA J 222 52.58 34.01 22.93
C ALA J 222 52.75 33.34 24.29
N LEU J 223 51.65 33.27 25.03
CA LEU J 223 51.65 32.63 26.33
C LEU J 223 51.24 31.18 26.17
N ALA J 224 52.17 30.26 26.40
CA ALA J 224 51.94 28.83 26.25
C ALA J 224 51.61 28.22 27.61
N SER J 225 50.47 27.51 27.68
CA SER J 225 50.06 26.91 28.94
C SER J 225 51.05 25.83 29.38
N MET J 226 51.48 25.92 30.63
CA MET J 226 52.36 24.95 31.26
C MET J 226 51.60 23.77 31.86
N GLY J 227 50.29 23.86 31.97
CA GLY J 227 49.55 22.85 32.72
C GLY J 227 49.69 22.99 34.22
N ILE J 228 49.92 24.20 34.70
CA ILE J 228 50.04 24.52 36.12
C ILE J 228 48.88 25.42 36.50
N TYR J 229 48.02 24.95 37.39
CA TYR J 229 46.81 25.69 37.75
C TYR J 229 46.74 25.86 39.26
N VAL J 230 46.29 27.05 39.67
CA VAL J 230 46.10 27.39 41.07
C VAL J 230 44.63 27.70 41.28
N PHE J 231 44.02 27.05 42.26
CA PHE J 231 42.64 27.31 42.64
C PHE J 231 42.55 27.49 44.14
N HIS J 232 41.53 28.23 44.58
CA HIS J 232 41.00 28.02 45.91
C HIS J 232 40.42 26.62 45.98
N THR J 233 40.75 25.89 47.04
CA THR J 233 40.34 24.49 47.12
C THR J 233 38.83 24.33 46.94
N LYS J 234 38.03 25.14 47.64
CA LYS J 234 36.58 24.93 47.60
C LYS J 234 36.01 25.27 46.23
N PHE J 235 36.55 26.29 45.56
CA PHE J 235 36.13 26.55 44.19
C PHE J 235 36.48 25.38 43.27
N LEU J 236 37.64 24.74 43.50
CA LEU J 236 38.03 23.64 42.61
C LEU J 236 37.12 22.44 42.80
N MET J 237 36.80 22.09 44.06
CA MET J 237 35.96 20.92 44.32
C MET J 237 34.57 21.11 43.72
N GLU J 238 33.97 22.28 43.91
CA GLU J 238 32.69 22.56 43.26
C GLU J 238 32.81 22.43 41.74
N ALA J 239 33.94 22.86 41.18
CA ALA J 239 34.16 22.72 39.75
C ALA J 239 34.35 21.27 39.33
N LEU J 240 35.14 20.50 40.09
CA LEU J 240 35.32 19.10 39.77
C LEU J 240 33.98 18.35 39.80
N ARG J 241 33.09 18.72 40.73
CA ARG J 241 31.82 18.01 40.87
C ARG J 241 30.82 18.41 39.78
N ARG J 242 30.89 19.64 39.25
CA ARG J 242 30.07 19.95 38.09
C ARG J 242 30.64 19.30 36.83
N ASP J 243 31.96 19.10 36.77
CA ASP J 243 32.56 18.41 35.63
C ASP J 243 32.17 16.93 35.62
N ALA J 244 32.15 16.29 36.80
CA ALA J 244 31.76 14.89 36.88
C ALA J 244 30.28 14.69 36.56
N ALA J 245 29.43 15.65 36.94
CA ALA J 245 28.01 15.56 36.61
C ALA J 245 27.74 15.88 35.14
N ASP J 246 28.69 16.53 34.47
CA ASP J 246 28.51 16.92 33.07
C ASP J 246 28.95 15.78 32.16
N PRO J 247 28.05 15.24 31.33
CA PRO J 247 28.49 14.22 30.37
C PRO J 247 29.20 14.78 29.14
N THR J 248 28.99 16.07 28.81
CA THR J 248 29.76 16.69 27.74
C THR J 248 31.25 16.62 28.01
N SER J 249 31.64 16.66 29.28
CA SER J 249 33.05 16.80 29.65
C SER J 249 33.85 15.55 29.33
N SER J 250 35.03 15.74 28.75
CA SER J 250 36.03 14.68 28.64
C SER J 250 36.89 14.58 29.89
N ARG J 251 36.47 15.18 31.01
CA ARG J 251 37.07 14.96 32.32
C ARG J 251 38.52 15.43 32.40
N ASP J 252 38.88 16.43 31.60
CA ASP J 252 40.25 16.88 31.48
C ASP J 252 40.33 18.35 31.89
N PHE J 253 41.39 18.71 32.64
CA PHE J 253 41.59 20.09 33.07
C PHE J 253 41.68 21.04 31.88
N GLY J 254 42.58 20.74 30.94
CA GLY J 254 42.84 21.67 29.85
C GLY J 254 41.70 21.81 28.86
N LYS J 255 40.95 20.75 28.63
CA LYS J 255 39.88 20.81 27.64
C LYS J 255 38.52 21.15 28.23
N ASP J 256 38.31 20.90 29.52
CA ASP J 256 37.00 21.08 30.13
C ASP J 256 36.99 22.07 31.29
N ILE J 257 37.90 21.93 32.26
CA ILE J 257 37.84 22.79 33.44
C ILE J 257 38.22 24.22 33.09
N ILE J 258 39.40 24.39 32.51
CA ILE J 258 39.91 25.74 32.24
C ILE J 258 39.05 26.49 31.23
N PRO J 259 38.62 25.90 30.11
CA PRO J 259 37.77 26.67 29.18
C PRO J 259 36.49 27.19 29.82
N TYR J 260 35.78 26.33 30.55
CA TYR J 260 34.56 26.77 31.24
C TYR J 260 34.83 27.99 32.11
N ILE J 261 35.94 27.95 32.86
CA ILE J 261 36.27 29.07 33.74
C ILE J 261 36.58 30.31 32.91
N VAL J 262 37.29 30.14 31.79
CA VAL J 262 37.64 31.27 30.93
C VAL J 262 36.39 32.00 30.45
N GLU J 263 35.38 31.23 30.01
CA GLU J 263 34.16 31.85 29.52
C GLU J 263 33.34 32.46 30.66
N HIS J 264 33.14 31.72 31.74
CA HIS J 264 32.19 32.12 32.76
C HIS J 264 32.82 32.81 33.98
N GLY J 265 34.11 32.62 34.23
CA GLY J 265 34.74 33.13 35.43
C GLY J 265 35.95 33.98 35.09
N LYS J 266 36.85 34.09 36.07
CA LYS J 266 38.07 34.90 35.96
C LYS J 266 39.28 33.99 35.92
N ALA J 267 39.93 33.92 34.76
CA ALA J 267 41.15 33.16 34.56
C ALA J 267 42.27 34.13 34.24
N VAL J 268 43.35 34.07 35.00
CA VAL J 268 44.50 34.96 34.83
C VAL J 268 45.75 34.13 34.56
N ALA J 269 46.60 34.63 33.66
CA ALA J 269 47.86 33.99 33.35
C ALA J 269 48.96 34.52 34.26
N HIS J 270 49.85 33.64 34.70
CA HIS J 270 51.08 34.02 35.37
C HIS J 270 52.25 33.53 34.53
N ARG J 271 53.31 34.32 34.48
CA ARG J 271 54.40 34.11 33.54
C ARG J 271 55.58 33.43 34.21
N PHE J 272 56.12 32.41 33.54
CA PHE J 272 57.22 31.61 34.09
C PHE J 272 58.38 32.48 34.56
N ALA J 273 58.78 33.45 33.72
CA ALA J 273 59.97 34.24 34.00
C ALA J 273 59.84 35.00 35.31
N ASP J 274 58.62 35.29 35.75
CA ASP J 274 58.43 35.98 37.01
C ASP J 274 58.79 35.11 38.21
N SER J 275 58.54 33.79 38.13
CA SER J 275 58.69 32.91 39.28
C SER J 275 59.67 31.77 39.02
N CYS J 276 60.21 31.65 37.82
CA CYS J 276 61.28 30.70 37.56
C CYS J 276 62.44 30.97 38.51
N VAL J 277 63.08 29.90 38.98
CA VAL J 277 64.25 30.00 39.82
C VAL J 277 65.47 29.67 38.96
N ARG J 278 66.30 30.68 38.70
CA ARG J 278 67.51 30.52 37.93
C ARG J 278 68.72 30.60 38.86
N SER J 279 69.63 29.65 38.73
CA SER J 279 70.93 29.82 39.34
C SER J 279 71.71 30.90 38.59
N ASP J 280 72.79 31.38 39.21
CA ASP J 280 73.62 32.39 38.56
C ASP J 280 74.37 31.86 37.35
N PHE J 281 74.28 30.55 37.08
CA PHE J 281 74.92 29.94 35.91
C PHE J 281 73.90 29.50 34.87
N GLU J 282 72.72 30.11 34.86
CA GLU J 282 71.66 29.79 33.92
C GLU J 282 71.23 31.08 33.23
N HIS J 283 71.57 31.20 31.94
CA HIS J 283 71.39 32.44 31.19
C HIS J 283 69.94 32.72 30.82
N GLU J 284 69.02 31.80 31.09
CA GLU J 284 67.64 31.91 30.60
C GLU J 284 66.76 31.10 31.54
N PRO J 285 65.47 31.43 31.64
CA PRO J 285 64.56 30.51 32.33
C PRO J 285 64.59 29.16 31.64
N TYR J 286 64.65 28.11 32.45
CA TYR J 286 64.81 26.75 31.94
C TYR J 286 63.51 25.99 32.05
N TRP J 287 63.06 25.44 30.92
CA TRP J 287 61.88 24.59 30.86
C TRP J 287 62.02 23.69 29.66
N ARG J 288 61.80 22.39 29.85
CA ARG J 288 61.79 21.43 28.76
C ARG J 288 60.70 20.40 29.04
N ASP J 289 60.01 19.97 27.98
CA ASP J 289 59.03 18.89 28.11
C ASP J 289 59.55 17.56 27.61
N VAL J 290 60.75 17.54 27.02
CA VAL J 290 61.42 16.36 26.46
C VAL J 290 60.41 15.36 25.89
N GLY J 291 59.50 15.85 25.04
CA GLY J 291 58.40 15.03 24.56
C GLY J 291 58.78 14.05 23.46
N THR J 292 59.85 14.30 22.72
CA THR J 292 60.29 13.43 21.65
C THR J 292 61.66 12.85 21.97
N ILE J 293 62.00 11.76 21.27
CA ILE J 293 63.27 11.09 21.51
C ILE J 293 64.43 12.05 21.29
N ASP J 294 64.39 12.81 20.18
CA ASP J 294 65.43 13.80 19.91
C ASP J 294 65.52 14.83 21.02
N ALA J 295 64.36 15.37 21.45
CA ALA J 295 64.35 16.40 22.48
C ALA J 295 64.82 15.86 23.82
N TYR J 296 64.50 14.61 24.14
CA TYR J 296 65.04 13.99 25.34
C TYR J 296 66.55 13.85 25.25
N TRP J 297 67.04 13.31 24.12
CA TRP J 297 68.48 13.20 23.92
C TRP J 297 69.15 14.57 24.01
N GLN J 298 68.62 15.57 23.29
CA GLN J 298 69.22 16.90 23.27
C GLN J 298 69.38 17.47 24.67
N ALA J 299 68.28 17.51 25.44
CA ALA J 299 68.33 18.08 26.78
C ALA J 299 69.33 17.35 27.67
N ASN J 300 69.51 16.04 27.46
CA ASN J 300 70.48 15.30 28.26
C ASN J 300 71.91 15.61 27.83
N ILE J 301 72.18 15.54 26.52
CA ILE J 301 73.50 15.83 25.99
C ILE J 301 73.90 17.28 26.29
N ASP J 302 72.93 18.20 26.30
CA ASP J 302 73.25 19.60 26.55
C ASP J 302 73.93 19.81 27.89
N LEU J 303 73.74 18.90 28.84
CA LEU J 303 74.43 19.01 30.12
C LEU J 303 75.91 18.68 30.01
N THR J 304 76.37 18.15 28.87
CA THR J 304 77.79 17.94 28.66
C THR J 304 78.55 19.25 28.39
N ASP J 305 77.86 20.32 28.03
CA ASP J 305 78.55 21.51 27.55
C ASP J 305 79.30 22.24 28.66
N VAL J 306 80.25 23.08 28.23
CA VAL J 306 81.09 23.84 29.15
C VAL J 306 80.22 24.69 30.08
N VAL J 307 79.27 25.43 29.51
CA VAL J 307 78.25 26.14 30.29
C VAL J 307 76.88 25.63 29.84
N PRO J 308 76.31 24.67 30.55
CA PRO J 308 74.99 24.15 30.19
C PRO J 308 73.88 25.12 30.55
N ASP J 309 72.74 24.95 29.87
CA ASP J 309 71.56 25.76 30.16
C ASP J 309 70.96 25.40 31.51
N LEU J 310 71.17 24.17 31.98
CA LEU J 310 70.66 23.71 33.27
C LEU J 310 71.85 23.49 34.19
N ASP J 311 71.83 24.16 35.34
CA ASP J 311 72.91 24.00 36.32
C ASP J 311 72.48 22.92 37.30
N ILE J 312 72.95 21.69 37.07
CA ILE J 312 72.65 20.58 37.99
C ILE J 312 73.55 20.59 39.20
N TYR J 313 74.41 21.60 39.35
CA TYR J 313 75.30 21.71 40.50
C TYR J 313 74.85 22.78 41.48
N ASP J 314 73.70 23.39 41.22
CA ASP J 314 73.16 24.45 42.07
C ASP J 314 72.55 23.85 43.33
N LYS J 315 72.86 24.46 44.48
CA LYS J 315 72.31 24.04 45.75
C LYS J 315 71.26 25.01 46.29
N SER J 316 71.03 26.12 45.60
CA SER J 316 70.05 27.10 46.02
C SER J 316 68.63 26.55 45.96
N TRP J 317 68.32 25.79 44.92
CA TRP J 317 66.97 25.28 44.67
C TRP J 317 67.13 23.81 44.33
N PRO J 318 67.37 22.97 45.33
CA PRO J 318 67.86 21.62 45.05
C PRO J 318 66.75 20.68 44.58
N ILE J 319 67.15 19.75 43.73
CA ILE J 319 66.26 18.72 43.19
C ILE J 319 66.46 17.46 44.02
N TRP J 320 65.48 17.16 44.86
CA TRP J 320 65.51 15.91 45.61
C TRP J 320 65.08 14.75 44.73
N THR J 321 65.60 13.57 45.05
CA THR J 321 65.29 12.36 44.28
C THR J 321 65.60 11.15 45.15
N TYR J 322 65.32 9.97 44.63
CA TYR J 322 65.75 8.74 45.28
C TYR J 322 67.20 8.46 44.92
N ALA J 323 68.07 8.40 45.93
CA ALA J 323 69.47 8.09 45.71
C ALA J 323 69.99 7.12 46.76
N GLU J 324 70.85 6.21 46.33
CA GLU J 324 71.50 5.26 47.21
C GLU J 324 72.97 5.63 47.36
N ILE J 325 73.57 5.12 48.43
CA ILE J 325 75.01 5.24 48.60
C ILE J 325 75.69 4.50 47.45
N THR J 326 76.37 5.23 46.58
CA THR J 326 77.00 4.55 45.46
C THR J 326 78.50 4.75 45.48
N PRO J 327 79.29 3.72 45.16
CA PRO J 327 80.73 3.90 45.01
C PRO J 327 81.04 4.93 43.94
N PRO J 328 82.24 5.47 43.92
CA PRO J 328 82.60 6.47 42.90
C PRO J 328 82.80 5.87 41.53
N ALA J 329 83.05 6.72 40.55
CA ALA J 329 83.37 6.30 39.20
C ALA J 329 84.84 5.94 39.09
N LYS J 330 85.16 5.01 38.19
CA LYS J 330 86.50 4.48 38.04
C LYS J 330 86.90 4.42 36.57
N PHE J 331 88.15 4.76 36.27
CA PHE J 331 88.69 4.69 34.92
C PHE J 331 89.97 3.88 34.96
N VAL J 332 90.05 2.78 34.21
CA VAL J 332 91.26 1.96 34.22
C VAL J 332 91.75 1.71 32.81
N HIS J 333 92.97 1.19 32.74
CA HIS J 333 93.72 0.85 31.54
C HIS J 333 94.17 2.10 30.80
N ASP J 334 95.44 2.11 30.43
CA ASP J 334 96.08 3.25 29.82
C ASP J 334 97.34 2.77 29.10
N ASP J 335 97.16 1.99 28.04
CA ASP J 335 98.30 1.46 27.28
C ASP J 335 98.25 1.93 25.83
N GLU J 336 98.93 1.20 24.95
CA GLU J 336 98.95 1.59 23.55
C GLU J 336 97.59 1.37 22.88
N ASP J 337 96.87 0.33 23.31
CA ASP J 337 95.65 -0.08 22.61
C ASP J 337 94.36 0.35 23.30
N ARG J 338 94.38 0.57 24.62
CA ARG J 338 93.16 0.91 25.34
C ARG J 338 93.44 1.91 26.44
N ARG J 339 92.54 2.88 26.58
CA ARG J 339 92.55 3.78 27.73
C ARG J 339 91.11 4.06 28.12
N GLY J 340 90.80 3.85 29.39
CA GLY J 340 89.53 4.28 29.92
C GLY J 340 89.59 5.75 30.31
N SER J 341 88.76 6.57 29.69
CA SER J 341 88.68 7.98 30.04
C SER J 341 87.43 8.58 29.42
N ALA J 342 86.99 9.70 30.00
CA ALA J 342 85.81 10.43 29.56
C ALA J 342 86.19 11.87 29.28
N VAL J 343 85.77 12.39 28.14
CA VAL J 343 86.06 13.75 27.73
C VAL J 343 84.76 14.44 27.36
N SER J 344 84.60 15.69 27.83
CA SER J 344 83.37 16.45 27.59
C SER J 344 82.14 15.63 27.98
N SER J 345 82.25 14.91 29.09
CA SER J 345 81.21 13.96 29.48
C SER J 345 80.84 14.12 30.93
N VAL J 346 79.65 13.64 31.24
CA VAL J 346 79.09 13.62 32.59
C VAL J 346 79.01 12.15 33.01
N VAL J 347 79.68 11.80 34.11
CA VAL J 347 79.74 10.42 34.56
C VAL J 347 79.23 10.34 36.00
N SER J 348 78.30 9.43 36.24
CA SER J 348 77.73 9.20 37.55
C SER J 348 78.56 8.20 38.35
N GLY J 349 78.23 8.06 39.63
CA GLY J 349 78.89 7.09 40.47
C GLY J 349 78.63 5.67 40.02
N ASP J 350 79.44 4.76 40.55
CA ASP J 350 79.32 3.34 40.23
C ASP J 350 79.43 3.09 38.73
N CYS J 351 80.22 3.90 38.04
CA CYS J 351 80.52 3.69 36.63
C CYS J 351 81.97 3.25 36.53
N ILE J 352 82.21 2.08 35.92
CA ILE J 352 83.56 1.60 35.70
C ILE J 352 83.83 1.71 34.20
N ILE J 353 84.72 2.64 33.83
CA ILE J 353 85.13 2.87 32.45
C ILE J 353 86.45 2.15 32.27
N SER J 354 86.41 0.95 31.71
CA SER J 354 87.56 0.06 31.66
C SER J 354 88.08 -0.02 30.23
N GLY J 355 89.12 0.74 29.93
CA GLY J 355 89.67 0.74 28.59
C GLY J 355 88.74 1.27 27.54
N ALA J 356 87.73 2.03 27.95
CA ALA J 356 86.70 2.54 27.06
C ALA J 356 86.83 4.04 26.91
N ALA J 357 86.61 4.54 25.69
CA ALA J 357 86.68 5.96 25.40
C ALA J 357 85.27 6.55 25.40
N LEU J 358 85.06 7.56 26.24
CA LEU J 358 83.82 8.31 26.27
C LEU J 358 84.05 9.73 25.77
N ASN J 359 83.12 10.24 24.97
CA ASN J 359 83.19 11.61 24.52
C ASN J 359 81.78 12.17 24.35
N ARG J 360 81.58 13.38 24.87
CA ARG J 360 80.29 14.08 24.80
C ARG J 360 79.12 13.16 25.15
N SER J 361 79.26 12.45 26.26
CA SER J 361 78.25 11.49 26.68
C SER J 361 77.82 11.77 28.12
N LEU J 362 76.63 11.29 28.47
CA LEU J 362 76.14 11.31 29.84
C LEU J 362 75.86 9.88 30.26
N LEU J 363 76.45 9.47 31.39
CA LEU J 363 76.25 8.14 31.94
C LEU J 363 75.55 8.27 33.28
N PHE J 364 74.42 7.58 33.42
CA PHE J 364 73.77 7.43 34.73
C PHE J 364 74.53 6.40 35.56
N THR J 365 74.02 6.12 36.76
N THR J 365 74.05 6.13 36.77
CA THR J 365 74.71 5.25 37.71
CA THR J 365 74.75 5.24 37.68
C THR J 365 74.77 3.79 37.22
C THR J 365 74.80 3.81 37.16
N GLY J 366 75.87 3.13 37.52
CA GLY J 366 75.96 1.69 37.30
C GLY J 366 76.42 1.22 35.94
N VAL J 367 76.97 2.10 35.10
CA VAL J 367 77.36 1.70 33.75
C VAL J 367 78.71 0.99 33.79
N ARG J 368 78.85 -0.07 32.99
CA ARG J 368 80.14 -0.73 32.76
C ARG J 368 80.53 -0.60 31.29
N ALA J 369 81.56 0.19 31.00
CA ALA J 369 82.07 0.32 29.65
C ALA J 369 83.39 -0.44 29.56
N ASN J 370 83.44 -1.46 28.72
CA ASN J 370 84.56 -2.38 28.73
C ASN J 370 85.55 -2.10 27.59
N SER J 371 86.63 -2.87 27.58
CA SER J 371 87.82 -2.53 26.81
C SER J 371 87.52 -2.31 25.33
N TYR J 372 88.16 -1.29 24.77
CA TYR J 372 88.10 -0.94 23.35
C TYR J 372 86.72 -0.48 22.90
N SER J 373 85.76 -0.32 23.84
CA SER J 373 84.50 0.30 23.44
C SER J 373 84.65 1.81 23.31
N ARG J 374 83.76 2.39 22.51
CA ARG J 374 83.72 3.82 22.28
C ARG J 374 82.30 4.34 22.39
N LEU J 375 82.16 5.46 23.10
CA LEU J 375 80.90 6.17 23.24
C LEU J 375 81.09 7.60 22.77
N GLU J 376 80.24 8.03 21.85
CA GLU J 376 80.18 9.42 21.44
C GLU J 376 78.72 9.86 21.36
N ASN J 377 78.42 11.04 21.89
CA ASN J 377 77.06 11.57 21.87
C ASN J 377 76.06 10.55 22.42
N ALA J 378 76.44 9.91 23.52
CA ALA J 378 75.63 8.83 24.08
C ALA J 378 74.94 9.31 25.34
N VAL J 379 73.65 9.02 25.46
CA VAL J 379 72.94 9.18 26.72
C VAL J 379 72.70 7.76 27.23
N VAL J 380 73.36 7.40 28.32
CA VAL J 380 73.40 6.03 28.78
C VAL J 380 72.68 5.95 30.13
N LEU J 381 71.53 5.28 30.15
CA LEU J 381 70.70 5.20 31.35
C LEU J 381 71.28 4.18 32.32
N PRO J 382 70.72 4.03 33.53
CA PRO J 382 71.42 3.26 34.56
C PRO J 382 71.71 1.81 34.20
N SER J 383 72.82 1.31 34.74
CA SER J 383 73.12 -0.13 34.75
C SER J 383 73.27 -0.72 33.35
N VAL J 384 73.79 0.05 32.42
CA VAL J 384 74.00 -0.40 31.05
C VAL J 384 75.38 -1.03 30.97
N LYS J 385 75.52 -2.10 30.21
CA LYS J 385 76.81 -2.74 29.99
C LYS J 385 77.21 -2.59 28.53
N ILE J 386 78.39 -2.03 28.30
CA ILE J 386 78.89 -1.81 26.95
C ILE J 386 80.00 -2.82 26.70
N GLY J 387 79.71 -3.85 25.90
CA GLY J 387 80.68 -4.90 25.66
C GLY J 387 81.89 -4.40 24.88
N ARG J 388 82.92 -5.24 24.91
CA ARG J 388 84.21 -4.92 24.29
C ARG J 388 84.08 -4.60 22.80
N HIS J 389 84.88 -3.62 22.36
CA HIS J 389 84.98 -3.17 20.98
C HIS J 389 83.69 -2.59 20.41
N ALA J 390 82.64 -2.42 21.21
CA ALA J 390 81.45 -1.76 20.68
C ALA J 390 81.75 -0.29 20.40
N GLN J 391 81.05 0.27 19.42
CA GLN J 391 81.20 1.68 19.07
C GLN J 391 79.81 2.26 18.81
N LEU J 392 79.34 3.13 19.72
CA LEU J 392 78.01 3.72 19.63
C LEU J 392 78.12 5.24 19.54
N SER J 393 77.34 5.82 18.63
CA SER J 393 77.30 7.27 18.44
C SER J 393 75.86 7.74 18.31
N ASN J 394 75.58 8.91 18.88
CA ASN J 394 74.27 9.55 18.84
C ASN J 394 73.16 8.57 19.26
N VAL J 395 73.23 8.16 20.52
CA VAL J 395 72.31 7.13 21.00
C VAL J 395 71.70 7.53 22.33
N VAL J 396 70.52 6.99 22.57
CA VAL J 396 69.95 6.85 23.91
C VAL J 396 69.87 5.36 24.19
N ILE J 397 70.53 4.91 25.26
CA ILE J 397 70.51 3.50 25.64
C ILE J 397 69.64 3.35 26.87
N ASP J 398 68.61 2.52 26.74
CA ASP J 398 67.63 2.35 27.79
C ASP J 398 68.25 1.67 29.01
N HIS J 399 67.51 1.73 30.12
CA HIS J 399 67.97 1.21 31.40
C HIS J 399 68.34 -0.27 31.30
N GLY J 400 69.48 -0.63 31.89
CA GLY J 400 69.85 -2.03 32.03
C GLY J 400 70.25 -2.76 30.75
N VAL J 401 70.39 -2.06 29.63
CA VAL J 401 70.65 -2.72 28.35
C VAL J 401 72.07 -3.29 28.33
N VAL J 402 72.22 -4.48 27.76
CA VAL J 402 73.52 -5.10 27.57
C VAL J 402 73.88 -5.01 26.09
N ILE J 403 74.88 -4.20 25.77
CA ILE J 403 75.29 -3.97 24.38
C ILE J 403 76.31 -5.04 24.01
N PRO J 404 76.01 -5.93 23.06
CA PRO J 404 76.94 -7.02 22.76
C PRO J 404 78.28 -6.50 22.24
N GLU J 405 79.30 -7.32 22.44
CA GLU J 405 80.64 -6.98 21.96
C GLU J 405 80.64 -6.76 20.46
N GLY J 406 81.31 -5.69 20.03
CA GLY J 406 81.46 -5.37 18.63
C GLY J 406 80.32 -4.63 17.99
N LEU J 407 79.24 -4.33 18.73
CA LEU J 407 78.10 -3.64 18.13
C LEU J 407 78.52 -2.28 17.60
N ILE J 408 77.95 -1.90 16.46
CA ILE J 408 78.17 -0.59 15.87
C ILE J 408 76.82 0.08 15.66
N VAL J 409 76.72 1.33 16.09
CA VAL J 409 75.54 2.16 15.88
C VAL J 409 76.01 3.55 15.51
N GLY J 410 75.33 4.18 14.56
CA GLY J 410 75.69 5.52 14.15
C GLY J 410 76.61 5.60 12.96
N GLU J 411 76.84 4.49 12.27
CA GLU J 411 77.67 4.49 11.07
C GLU J 411 76.89 4.16 9.82
N ASP J 412 75.84 3.37 9.93
CA ASP J 412 75.02 2.92 8.80
C ASP J 412 73.57 3.28 9.12
N PRO J 413 73.06 4.40 8.59
CA PRO J 413 71.71 4.83 8.98
C PRO J 413 70.62 3.81 8.71
N GLU J 414 70.66 3.13 7.55
CA GLU J 414 69.60 2.17 7.25
C GLU J 414 69.75 0.88 8.06
N LEU J 415 70.98 0.47 8.37
CA LEU J 415 71.17 -0.66 9.27
C LEU J 415 70.67 -0.31 10.67
N ASP J 416 71.10 0.85 11.19
CA ASP J 416 70.66 1.29 12.51
C ASP J 416 69.14 1.47 12.54
N ALA J 417 68.57 2.05 11.49
CA ALA J 417 67.11 2.23 11.44
C ALA J 417 66.37 0.91 11.29
N LYS J 418 67.02 -0.14 10.79
CA LYS J 418 66.37 -1.44 10.79
C LYS J 418 66.34 -2.04 12.20
N ARG J 419 67.44 -1.94 12.92
CA ARG J 419 67.56 -2.62 14.19
C ARG J 419 66.90 -1.86 15.33
N PHE J 420 66.88 -0.53 15.27
CA PHE J 420 66.54 0.27 16.43
C PHE J 420 65.45 1.27 16.10
N ARG J 421 65.05 2.01 17.13
CA ARG J 421 64.28 3.24 17.01
C ARG J 421 65.22 4.35 16.56
N ARG J 422 65.11 4.77 15.31
CA ARG J 422 65.96 5.83 14.76
C ARG J 422 65.13 7.03 14.38
N THR J 423 65.52 8.21 14.87
CA THR J 423 64.81 9.44 14.56
C THR J 423 65.30 10.01 13.23
N GLU J 424 64.52 10.95 12.72
CA GLU J 424 64.89 11.64 11.48
C GLU J 424 66.23 12.36 11.64
N SER J 425 66.52 12.88 12.83
CA SER J 425 67.77 13.61 13.05
C SER J 425 68.96 12.69 13.25
N GLY J 426 68.76 11.38 13.37
CA GLY J 426 69.84 10.43 13.51
C GLY J 426 70.06 9.85 14.89
N ILE J 427 69.18 10.13 15.85
CA ILE J 427 69.32 9.56 17.18
C ILE J 427 68.72 8.16 17.19
N CYS J 428 69.46 7.22 17.75
CA CYS J 428 68.97 5.86 17.94
C CYS J 428 68.63 5.65 19.41
N LEU J 429 67.44 5.13 19.67
CA LEU J 429 67.05 4.72 21.00
C LEU J 429 67.13 3.20 21.08
N ILE J 430 67.94 2.68 21.99
CA ILE J 430 68.27 1.26 22.04
C ILE J 430 67.65 0.66 23.30
N THR J 431 66.78 -0.33 23.11
CA THR J 431 66.19 -1.09 24.19
CA THR J 431 66.20 -1.10 24.21
C THR J 431 66.70 -2.53 24.16
N GLN J 432 66.51 -3.24 25.27
CA GLN J 432 66.97 -4.63 25.34
C GLN J 432 66.14 -5.55 24.46
N SER J 433 64.87 -5.21 24.23
CA SER J 433 64.05 -6.02 23.34
C SER J 433 64.52 -5.91 21.89
N MET J 434 65.12 -4.79 21.52
N MET J 434 65.04 -4.74 21.52
CA MET J 434 65.65 -4.69 20.16
CA MET J 434 65.67 -4.59 20.21
C MET J 434 67.03 -5.31 20.04
C MET J 434 66.94 -5.44 20.11
N ILE J 435 67.79 -5.37 21.13
CA ILE J 435 69.04 -6.11 21.13
C ILE J 435 68.78 -7.60 21.02
N ASP J 436 67.71 -8.07 21.68
CA ASP J 436 67.39 -9.49 21.69
C ASP J 436 67.07 -10.04 20.30
N LYS J 437 66.72 -9.18 19.35
CA LYS J 437 66.37 -9.60 17.99
C LYS J 437 67.55 -9.56 17.04
N LEU J 438 68.77 -9.34 17.54
CA LEU J 438 69.87 -8.88 16.68
C LEU J 438 70.55 -10.03 15.95
N ASP J 439 70.78 -9.83 14.65
CA ASP J 439 71.74 -10.64 13.91
C ASP J 439 72.71 -9.71 13.19
N LEU J 440 72.71 -9.71 11.86
CA LEU J 440 73.45 -8.71 11.11
C LEU J 440 72.52 -7.58 10.68
N VAL K 26 -48.75 -74.44 -43.71
CA VAL K 26 -49.73 -74.15 -44.75
C VAL K 26 -49.72 -72.68 -45.14
N GLN K 27 -49.91 -71.79 -44.14
CA GLN K 27 -49.88 -70.37 -44.45
C GLN K 27 -48.44 -69.89 -44.65
N PRO K 28 -48.22 -68.96 -45.56
CA PRO K 28 -46.88 -68.37 -45.68
C PRO K 28 -46.53 -67.58 -44.43
N LEU K 29 -45.29 -67.73 -43.99
CA LEU K 29 -44.84 -67.11 -42.76
C LEU K 29 -44.54 -65.62 -42.90
N ALA K 30 -44.45 -65.11 -44.13
CA ALA K 30 -44.33 -63.67 -44.31
C ALA K 30 -45.55 -62.92 -43.81
N ARG K 31 -46.69 -63.61 -43.68
CA ARG K 31 -47.86 -63.00 -43.04
C ARG K 31 -47.55 -62.57 -41.63
N ASP K 32 -46.59 -63.23 -40.97
CA ASP K 32 -46.32 -63.04 -39.56
C ASP K 32 -44.95 -62.42 -39.30
N ALA K 33 -44.37 -61.77 -40.30
CA ALA K 33 -43.05 -61.21 -40.18
C ALA K 33 -43.12 -59.70 -40.34
N MET K 34 -42.11 -59.02 -39.81
CA MET K 34 -41.92 -57.59 -40.03
C MET K 34 -40.50 -57.36 -40.47
N ALA K 35 -40.34 -56.71 -41.61
CA ALA K 35 -39.01 -56.31 -42.08
C ALA K 35 -38.60 -55.02 -41.39
N TYR K 36 -37.38 -55.01 -40.84
CA TYR K 36 -36.81 -53.82 -40.21
C TYR K 36 -35.55 -53.45 -40.99
N VAL K 37 -35.58 -52.31 -41.66
CA VAL K 37 -34.53 -51.90 -42.58
C VAL K 37 -33.61 -50.91 -41.87
N LEU K 38 -32.31 -51.16 -41.92
CA LEU K 38 -31.31 -50.26 -41.35
C LEU K 38 -30.83 -49.32 -42.45
N ALA K 39 -31.18 -48.04 -42.35
CA ALA K 39 -30.85 -47.07 -43.39
C ALA K 39 -30.21 -45.82 -42.81
N GLY K 40 -29.50 -45.96 -41.69
CA GLY K 40 -28.73 -44.85 -41.17
C GLY K 40 -27.30 -44.81 -41.66
N GLY K 41 -26.90 -45.79 -42.47
CA GLY K 41 -25.54 -45.91 -42.96
C GLY K 41 -25.04 -44.70 -43.74
N ARG K 42 -23.86 -44.22 -43.37
CA ARG K 42 -23.31 -43.03 -44.03
C ARG K 42 -22.99 -43.29 -45.48
N GLY K 43 -22.22 -44.34 -45.77
CA GLY K 43 -21.63 -44.50 -47.08
C GLY K 43 -20.43 -43.60 -47.27
N SER K 44 -19.56 -43.51 -46.26
CA SER K 44 -18.54 -42.46 -46.21
C SER K 44 -17.58 -42.56 -47.38
N ARG K 45 -17.31 -43.77 -47.88
CA ARG K 45 -16.42 -43.89 -49.02
C ARG K 45 -17.06 -43.44 -50.32
N LEU K 46 -18.35 -43.10 -50.33
CA LEU K 46 -18.93 -42.42 -51.47
C LEU K 46 -18.61 -40.93 -51.49
N LYS K 47 -17.93 -40.45 -50.44
CA LYS K 47 -17.36 -39.10 -50.36
C LYS K 47 -18.49 -38.09 -50.60
N GLU K 48 -18.31 -37.07 -51.45
CA GLU K 48 -19.27 -35.98 -51.51
C GLU K 48 -20.63 -36.43 -52.04
N LEU K 49 -20.72 -37.61 -52.66
CA LEU K 49 -21.99 -38.13 -53.11
C LEU K 49 -22.95 -38.38 -51.94
N THR K 50 -22.42 -38.60 -50.74
CA THR K 50 -23.24 -38.77 -49.56
C THR K 50 -23.07 -37.63 -48.55
N ASP K 51 -22.49 -36.50 -48.97
CA ASP K 51 -22.35 -35.36 -48.08
C ASP K 51 -23.71 -34.85 -47.60
N ARG K 52 -24.69 -34.80 -48.50
CA ARG K 52 -26.01 -34.28 -48.17
C ARG K 52 -27.08 -35.37 -48.13
N ARG K 53 -26.73 -36.62 -48.38
CA ARG K 53 -27.69 -37.71 -48.43
C ARG K 53 -27.08 -38.95 -47.79
N ALA K 54 -27.89 -39.66 -47.00
CA ALA K 54 -27.51 -41.00 -46.58
C ALA K 54 -27.46 -41.93 -47.79
N LYS K 55 -26.57 -42.92 -47.73
CA LYS K 55 -26.39 -43.86 -48.83
C LYS K 55 -27.68 -44.52 -49.29
N PRO K 56 -28.55 -45.03 -48.41
CA PRO K 56 -29.80 -45.63 -48.92
C PRO K 56 -30.65 -44.68 -49.75
N ALA K 57 -30.43 -43.37 -49.64
CA ALA K 57 -31.20 -42.40 -50.40
C ALA K 57 -30.55 -42.02 -51.72
N VAL K 58 -29.37 -42.55 -52.04
CA VAL K 58 -28.73 -42.16 -53.28
C VAL K 58 -29.44 -42.84 -54.45
N TYR K 59 -29.59 -42.12 -55.55
CA TYR K 59 -30.29 -42.67 -56.70
C TYR K 59 -29.46 -43.78 -57.33
N PHE K 60 -30.15 -44.66 -58.06
CA PHE K 60 -29.49 -45.75 -58.78
C PHE K 60 -30.31 -46.17 -59.98
N GLY K 61 -29.64 -46.34 -61.11
CA GLY K 61 -30.19 -47.08 -62.23
C GLY K 61 -31.29 -46.42 -63.01
N GLY K 62 -31.56 -45.14 -62.74
N GLY K 62 -31.60 -45.15 -62.74
CA GLY K 62 -32.70 -44.45 -63.32
CA GLY K 62 -32.48 -44.37 -63.59
C GLY K 62 -33.98 -45.15 -62.94
C GLY K 62 -33.66 -43.72 -62.87
N LYS K 63 -33.90 -45.94 -61.86
N LYS K 63 -34.11 -44.31 -61.77
CA LYS K 63 -34.91 -46.92 -61.51
CA LYS K 63 -35.24 -43.72 -61.07
C LYS K 63 -35.55 -46.67 -60.16
C LYS K 63 -35.27 -44.05 -59.58
N ALA K 64 -34.75 -46.31 -59.16
N ALA K 64 -35.12 -45.32 -59.23
CA ALA K 64 -35.23 -46.11 -57.79
CA ALA K 64 -35.29 -45.74 -57.85
C ALA K 64 -34.06 -45.58 -56.97
C ALA K 64 -34.12 -45.26 -56.99
N ARG K 65 -34.30 -45.40 -55.67
CA ARG K 65 -33.23 -45.17 -54.72
C ARG K 65 -32.80 -46.52 -54.16
N ILE K 66 -31.57 -46.57 -53.64
CA ILE K 66 -31.01 -47.84 -53.19
C ILE K 66 -31.94 -48.52 -52.20
N ILE K 67 -32.52 -47.75 -51.28
CA ILE K 67 -33.37 -48.34 -50.25
C ILE K 67 -34.60 -49.03 -50.84
N ASP K 68 -34.97 -48.69 -52.08
CA ASP K 68 -36.20 -49.25 -52.65
C ASP K 68 -36.08 -50.74 -52.96
N PHE K 69 -34.87 -51.28 -53.05
CA PHE K 69 -34.74 -52.70 -53.35
C PHE K 69 -35.07 -53.55 -52.14
N ALA K 70 -34.45 -53.24 -50.99
CA ALA K 70 -34.79 -53.93 -49.76
C ALA K 70 -36.28 -53.80 -49.46
N LEU K 71 -36.84 -52.59 -49.60
CA LEU K 71 -38.26 -52.41 -49.33
C LEU K 71 -39.12 -53.19 -50.32
N SER K 72 -38.73 -53.22 -51.59
CA SER K 72 -39.50 -53.95 -52.59
C SER K 72 -39.40 -55.45 -52.36
N ASN K 73 -38.21 -55.95 -52.01
CA ASN K 73 -38.06 -57.37 -51.69
C ASN K 73 -39.04 -57.78 -50.59
N ALA K 74 -39.11 -56.98 -49.52
CA ALA K 74 -40.07 -57.25 -48.46
C ALA K 74 -41.49 -57.28 -49.00
N LEU K 75 -41.88 -56.21 -49.70
CA LEU K 75 -43.19 -56.13 -50.32
C LEU K 75 -43.49 -57.37 -51.15
N ASN K 76 -42.66 -57.63 -52.17
CA ASN K 76 -42.90 -58.76 -53.05
C ASN K 76 -42.88 -60.08 -52.29
N SER K 77 -42.17 -60.14 -51.16
CA SER K 77 -42.13 -61.36 -50.37
C SER K 77 -43.36 -61.52 -49.48
N GLY K 78 -44.31 -60.60 -49.53
CA GLY K 78 -45.49 -60.69 -48.70
C GLY K 78 -45.34 -60.14 -47.30
N ILE K 79 -44.25 -59.45 -47.00
CA ILE K 79 -44.07 -58.81 -45.69
C ILE K 79 -44.82 -57.48 -45.72
N ARG K 80 -45.89 -57.38 -44.92
CA ARG K 80 -46.76 -56.22 -44.92
C ARG K 80 -46.44 -55.21 -43.82
N ARG K 81 -45.54 -55.55 -42.90
CA ARG K 81 -45.10 -54.64 -41.85
C ARG K 81 -43.64 -54.30 -42.08
N ILE K 82 -43.33 -53.01 -42.20
CA ILE K 82 -42.00 -52.55 -42.51
C ILE K 82 -41.62 -51.42 -41.57
N GLY K 83 -40.45 -51.51 -40.97
CA GLY K 83 -39.88 -50.42 -40.20
C GLY K 83 -38.57 -49.99 -40.82
N VAL K 84 -38.31 -48.69 -40.82
CA VAL K 84 -37.10 -48.12 -41.39
C VAL K 84 -36.43 -47.25 -40.35
N ALA K 85 -35.20 -47.60 -39.97
CA ALA K 85 -34.43 -46.80 -39.04
C ALA K 85 -33.50 -45.88 -39.83
N THR K 86 -33.58 -44.57 -39.55
CA THR K 86 -32.74 -43.59 -40.22
C THR K 86 -31.91 -42.85 -39.18
N GLN K 87 -30.80 -42.29 -39.63
CA GLN K 87 -29.90 -41.55 -38.76
C GLN K 87 -29.22 -40.42 -39.54
N TYR K 88 -28.13 -40.74 -40.23
CA TYR K 88 -27.35 -39.74 -40.95
C TYR K 88 -28.22 -39.03 -41.99
N LYS K 89 -28.16 -37.69 -41.98
CA LYS K 89 -28.88 -36.77 -42.86
C LYS K 89 -30.00 -37.42 -43.64
N ALA K 90 -31.13 -37.65 -42.97
CA ALA K 90 -32.21 -38.48 -43.49
C ALA K 90 -33.36 -37.67 -44.08
N HIS K 91 -33.23 -36.34 -44.17
CA HIS K 91 -34.32 -35.52 -44.66
C HIS K 91 -34.81 -35.98 -46.03
N ASP K 92 -33.88 -36.16 -46.96
CA ASP K 92 -34.25 -36.66 -48.29
C ASP K 92 -34.81 -38.07 -48.20
N LEU K 93 -34.18 -38.93 -47.40
CA LEU K 93 -34.64 -40.31 -47.24
C LEU K 93 -36.07 -40.33 -46.73
N ILE K 94 -36.32 -39.69 -45.59
CA ILE K 94 -37.66 -39.70 -45.00
C ILE K 94 -38.67 -39.13 -45.98
N ARG K 95 -38.34 -38.01 -46.62
CA ARG K 95 -39.22 -37.45 -47.65
C ARG K 95 -39.54 -38.47 -48.72
N HIS K 96 -38.52 -39.19 -49.20
CA HIS K 96 -38.75 -40.22 -50.21
C HIS K 96 -39.66 -41.32 -49.68
N LEU K 97 -39.44 -41.77 -48.45
CA LEU K 97 -40.30 -42.79 -47.86
C LEU K 97 -41.71 -42.27 -47.65
N GLN K 98 -41.85 -41.02 -47.19
CA GLN K 98 -43.17 -40.44 -46.98
C GLN K 98 -44.00 -40.44 -48.25
N ARG K 99 -43.39 -40.06 -49.36
CA ARG K 99 -44.13 -39.84 -50.60
C ARG K 99 -44.25 -41.09 -51.43
N GLY K 100 -43.31 -42.04 -51.30
CA GLY K 100 -43.32 -43.23 -52.11
C GLY K 100 -44.00 -44.42 -51.45
N TRP K 101 -43.79 -44.60 -50.15
CA TRP K 101 -44.24 -45.79 -49.45
C TRP K 101 -45.44 -45.46 -48.56
N ASP K 102 -46.57 -45.11 -49.20
CA ASP K 102 -47.69 -44.50 -48.51
C ASP K 102 -48.99 -45.28 -48.72
N PHE K 103 -48.91 -46.54 -49.15
CA PHE K 103 -50.09 -47.32 -49.50
C PHE K 103 -50.40 -48.42 -48.50
N PHE K 104 -49.83 -48.35 -47.29
CA PHE K 104 -50.12 -49.33 -46.24
C PHE K 104 -51.22 -48.77 -45.35
N ARG K 105 -52.20 -49.61 -45.04
CA ARG K 105 -53.27 -49.22 -44.15
C ARG K 105 -53.28 -50.15 -42.95
N PRO K 106 -53.30 -49.60 -41.73
CA PRO K 106 -53.35 -50.48 -40.55
C PRO K 106 -54.56 -51.38 -40.52
N GLU K 107 -55.72 -50.92 -41.02
CA GLU K 107 -56.92 -51.75 -40.99
C GLU K 107 -56.79 -52.99 -41.87
N ARG K 108 -55.78 -53.05 -42.74
CA ARG K 108 -55.46 -54.25 -43.49
C ARG K 108 -54.25 -54.98 -42.91
N ASN K 109 -53.89 -54.67 -41.67
CA ASN K 109 -52.73 -55.24 -40.99
C ASN K 109 -51.42 -54.93 -41.73
N GLU K 110 -51.34 -53.76 -42.34
CA GLU K 110 -50.14 -53.25 -42.96
C GLU K 110 -49.63 -52.05 -42.19
N SER K 111 -48.32 -51.89 -42.12
CA SER K 111 -47.75 -50.72 -41.46
C SER K 111 -46.41 -50.38 -42.09
N PHE K 112 -46.12 -49.09 -42.19
CA PHE K 112 -44.82 -48.60 -42.66
C PHE K 112 -44.38 -47.51 -41.69
N ASP K 113 -43.48 -47.86 -40.78
CA ASP K 113 -43.03 -46.94 -39.74
C ASP K 113 -41.66 -46.40 -40.11
N ILE K 114 -41.55 -45.07 -40.11
CA ILE K 114 -40.27 -44.38 -40.31
C ILE K 114 -39.79 -43.96 -38.94
N LEU K 115 -38.60 -44.42 -38.54
CA LEU K 115 -38.15 -44.35 -37.15
C LEU K 115 -36.79 -43.67 -37.05
N PRO K 116 -36.74 -42.35 -37.20
CA PRO K 116 -35.47 -41.64 -36.98
C PRO K 116 -35.15 -41.55 -35.50
N ALA K 117 -33.88 -41.30 -35.22
CA ALA K 117 -33.45 -41.04 -33.86
C ALA K 117 -33.75 -39.58 -33.55
N SER K 118 -34.70 -39.34 -32.64
CA SER K 118 -35.03 -37.99 -32.20
C SER K 118 -35.42 -38.05 -30.73
N GLN K 119 -35.60 -36.86 -30.14
CA GLN K 119 -36.09 -36.78 -28.78
C GLN K 119 -37.49 -37.39 -28.73
N ARG K 120 -37.61 -38.56 -28.11
CA ARG K 120 -38.89 -39.25 -28.03
C ARG K 120 -38.94 -40.18 -26.83
N VAL K 121 -38.26 -41.32 -26.94
CA VAL K 121 -38.08 -42.22 -25.81
C VAL K 121 -36.86 -41.84 -24.99
N SER K 122 -35.94 -41.07 -25.55
CA SER K 122 -34.71 -40.68 -24.88
C SER K 122 -34.17 -39.41 -25.53
N GLU K 123 -33.41 -38.64 -24.75
CA GLU K 123 -32.77 -37.43 -25.27
C GLU K 123 -31.83 -37.78 -26.41
N THR K 124 -30.68 -38.39 -26.08
CA THR K 124 -29.72 -38.99 -27.01
C THR K 124 -29.63 -38.28 -28.36
N GLN K 125 -30.70 -38.37 -29.15
CA GLN K 125 -30.82 -37.78 -30.50
C GLN K 125 -30.17 -38.67 -31.55
N TRP K 126 -29.25 -39.55 -31.13
CA TRP K 126 -28.52 -40.44 -32.02
C TRP K 126 -28.72 -41.88 -31.56
N TYR K 127 -28.76 -42.81 -32.52
CA TYR K 127 -28.66 -44.22 -32.17
C TYR K 127 -27.21 -44.59 -31.90
N GLU K 128 -27.00 -45.64 -31.12
CA GLU K 128 -25.65 -46.09 -30.77
C GLU K 128 -25.10 -47.11 -31.75
N GLY K 129 -25.89 -47.55 -32.71
CA GLY K 129 -25.50 -48.59 -33.64
C GLY K 129 -26.72 -49.30 -34.16
N THR K 130 -26.47 -50.33 -34.97
CA THR K 130 -27.57 -51.01 -35.67
C THR K 130 -28.50 -51.70 -34.68
N ALA K 131 -27.95 -52.32 -33.64
CA ALA K 131 -28.79 -52.98 -32.64
C ALA K 131 -29.63 -51.98 -31.87
N ASP K 132 -29.02 -50.85 -31.49
CA ASP K 132 -29.76 -49.83 -30.74
C ASP K 132 -30.91 -49.27 -31.55
N ALA K 133 -30.74 -49.14 -32.87
CA ALA K 133 -31.77 -48.59 -33.74
C ALA K 133 -33.00 -49.49 -33.80
N VAL K 134 -32.88 -50.76 -33.43
CA VAL K 134 -34.06 -51.60 -33.23
C VAL K 134 -34.50 -51.56 -31.76
N TYR K 135 -33.53 -51.57 -30.85
CA TYR K 135 -33.85 -51.60 -29.42
C TYR K 135 -34.67 -50.40 -28.99
N GLN K 136 -34.31 -49.21 -29.48
N GLN K 136 -34.31 -49.21 -29.47
CA GLN K 136 -35.02 -48.00 -29.06
CA GLN K 136 -35.01 -47.99 -29.07
C GLN K 136 -36.47 -47.98 -29.53
C GLN K 136 -36.45 -47.96 -29.56
N ASN K 137 -36.83 -48.84 -30.49
CA ASN K 137 -38.18 -48.88 -31.05
C ASN K 137 -38.91 -50.18 -30.72
N ILE K 138 -38.53 -50.82 -29.62
CA ILE K 138 -39.23 -52.01 -29.15
C ILE K 138 -40.71 -51.71 -28.94
N ASP K 139 -41.03 -50.50 -28.48
CA ASP K 139 -42.42 -50.13 -28.24
C ASP K 139 -43.19 -49.93 -29.54
N ILE K 140 -42.53 -49.84 -30.68
CA ILE K 140 -43.23 -49.80 -31.96
C ILE K 140 -43.57 -51.22 -32.43
N ILE K 141 -42.65 -52.16 -32.21
CA ILE K 141 -42.81 -53.52 -32.72
C ILE K 141 -43.80 -54.31 -31.88
N GLU K 142 -43.68 -54.20 -30.56
CA GLU K 142 -44.54 -54.95 -29.65
C GLU K 142 -46.02 -54.90 -29.99
N PRO K 143 -46.64 -53.73 -30.20
CA PRO K 143 -48.09 -53.72 -30.50
C PRO K 143 -48.46 -54.53 -31.73
N TYR K 144 -47.56 -54.60 -32.72
CA TYR K 144 -47.84 -55.42 -33.89
C TYR K 144 -47.74 -56.90 -33.56
N ALA K 145 -46.95 -57.25 -32.56
CA ALA K 145 -46.69 -58.64 -32.18
C ALA K 145 -46.39 -59.54 -33.37
N PRO K 146 -45.42 -59.18 -34.21
CA PRO K 146 -45.06 -60.08 -35.31
C PRO K 146 -44.35 -61.30 -34.75
N GLU K 147 -44.49 -62.42 -35.47
CA GLU K 147 -43.78 -63.62 -35.03
C GLU K 147 -42.31 -63.57 -35.42
N TYR K 148 -42.00 -62.96 -36.57
CA TYR K 148 -40.65 -62.95 -37.10
C TYR K 148 -40.18 -61.51 -37.33
N MET K 149 -38.87 -61.33 -37.28
CA MET K 149 -38.22 -60.08 -37.64
C MET K 149 -37.21 -60.37 -38.76
N VAL K 150 -37.33 -59.62 -39.84
CA VAL K 150 -36.39 -59.71 -40.96
C VAL K 150 -35.58 -58.42 -40.96
N ILE K 151 -34.36 -58.50 -40.45
CA ILE K 151 -33.49 -57.33 -40.34
C ILE K 151 -32.70 -57.19 -41.65
N LEU K 152 -32.85 -56.05 -42.32
CA LEU K 152 -32.28 -55.86 -43.65
C LEU K 152 -31.34 -54.67 -43.68
N ALA K 153 -30.21 -54.84 -44.37
CA ALA K 153 -29.41 -53.70 -44.77
C ALA K 153 -30.13 -52.93 -45.87
N GLY K 154 -30.23 -51.61 -45.72
CA GLY K 154 -30.89 -50.77 -46.70
C GLY K 154 -29.99 -50.13 -47.73
N ASP K 155 -28.74 -50.58 -47.86
CA ASP K 155 -27.78 -49.92 -48.75
C ASP K 155 -27.20 -50.88 -49.80
N HIS K 156 -27.96 -51.91 -50.16
CA HIS K 156 -27.54 -52.86 -51.19
C HIS K 156 -28.63 -52.97 -52.26
N ILE K 157 -28.20 -53.30 -53.47
CA ILE K 157 -29.11 -53.50 -54.60
C ILE K 157 -29.13 -55.00 -54.87
N TYR K 158 -30.29 -55.62 -54.68
CA TYR K 158 -30.42 -57.07 -54.86
C TYR K 158 -31.89 -57.44 -54.83
N LYS K 159 -32.20 -58.58 -55.42
CA LYS K 159 -33.56 -59.12 -55.45
C LYS K 159 -33.57 -60.44 -54.70
N MET K 160 -34.51 -60.59 -53.76
CA MET K 160 -34.50 -61.73 -52.85
C MET K 160 -35.90 -61.97 -52.29
N ASP K 161 -36.35 -63.22 -52.34
CA ASP K 161 -37.63 -63.63 -51.77
C ASP K 161 -37.41 -64.11 -50.34
N TYR K 162 -37.81 -63.29 -49.37
CA TYR K 162 -37.52 -63.59 -47.98
C TYR K 162 -38.34 -64.75 -47.43
N GLU K 163 -39.33 -65.25 -48.18
CA GLU K 163 -40.10 -66.39 -47.67
C GLU K 163 -39.21 -67.62 -47.54
N TYR K 164 -38.20 -67.76 -48.41
CA TYR K 164 -37.28 -68.90 -48.29
C TYR K 164 -36.51 -68.87 -46.98
N MET K 165 -35.90 -67.73 -46.67
CA MET K 165 -35.19 -67.60 -45.40
C MET K 165 -36.09 -67.89 -44.22
N LEU K 166 -37.34 -67.41 -44.25
CA LEU K 166 -38.28 -67.66 -43.17
C LEU K 166 -38.54 -69.16 -43.01
N GLN K 167 -38.68 -69.88 -44.13
CA GLN K 167 -38.90 -71.33 -44.06
C GLN K 167 -37.71 -72.03 -43.40
N GLN K 168 -36.49 -71.75 -43.88
CA GLN K 168 -35.32 -72.38 -43.30
C GLN K 168 -35.20 -72.07 -41.82
N HIS K 169 -35.34 -70.79 -41.45
CA HIS K 169 -35.16 -70.40 -40.05
C HIS K 169 -36.06 -71.21 -39.12
N VAL K 170 -37.31 -71.43 -39.53
CA VAL K 170 -38.22 -72.18 -38.66
C VAL K 170 -37.97 -73.68 -38.78
N ASP K 171 -37.59 -74.17 -39.96
CA ASP K 171 -37.28 -75.59 -40.10
C ASP K 171 -35.92 -75.91 -39.51
N SER K 172 -35.00 -74.97 -39.52
CA SER K 172 -33.69 -75.18 -38.91
C SER K 172 -33.76 -75.24 -37.39
N GLY K 173 -34.70 -74.52 -36.79
CA GLY K 173 -34.66 -74.32 -35.36
C GLY K 173 -33.63 -73.31 -34.90
N ALA K 174 -33.14 -72.48 -35.81
CA ALA K 174 -32.06 -71.55 -35.47
C ALA K 174 -32.54 -70.44 -34.54
N ASP K 175 -31.56 -69.84 -33.85
CA ASP K 175 -31.77 -68.56 -33.20
C ASP K 175 -31.55 -67.39 -34.15
N VAL K 176 -30.68 -67.54 -35.15
CA VAL K 176 -30.57 -66.54 -36.21
C VAL K 176 -30.21 -67.23 -37.52
N THR K 177 -30.89 -66.82 -38.58
CA THR K 177 -30.56 -67.19 -39.95
C THR K 177 -30.05 -65.95 -40.65
N ILE K 178 -28.88 -66.07 -41.29
CA ILE K 178 -28.18 -64.92 -41.86
C ILE K 178 -27.87 -65.21 -43.34
N GLY K 179 -28.42 -64.39 -44.22
CA GLY K 179 -28.11 -64.53 -45.64
C GLY K 179 -26.65 -64.21 -45.92
N CYS K 180 -26.06 -65.00 -46.81
CA CYS K 180 -24.65 -64.84 -47.16
C CYS K 180 -24.48 -65.00 -48.66
N LEU K 181 -23.58 -64.20 -49.22
CA LEU K 181 -23.19 -64.38 -50.62
C LEU K 181 -22.10 -65.44 -50.72
N GLU K 182 -22.19 -66.28 -51.75
CA GLU K 182 -21.16 -67.26 -52.07
C GLU K 182 -20.09 -66.57 -52.92
N VAL K 183 -18.93 -66.29 -52.32
CA VAL K 183 -17.94 -65.39 -52.90
C VAL K 183 -16.60 -66.11 -52.97
N PRO K 184 -15.79 -65.93 -54.02
CA PRO K 184 -14.42 -66.45 -53.99
C PRO K 184 -13.68 -65.87 -52.79
N ARG K 185 -12.81 -66.69 -52.20
CA ARG K 185 -12.21 -66.36 -50.91
C ARG K 185 -11.59 -64.97 -50.90
N MET K 186 -10.79 -64.64 -51.92
CA MET K 186 -10.04 -63.39 -51.88
C MET K 186 -10.93 -62.16 -52.04
N GLU K 187 -12.16 -62.32 -52.52
CA GLU K 187 -13.09 -61.19 -52.58
C GLU K 187 -13.85 -60.99 -51.28
N ALA K 188 -13.88 -62.00 -50.41
CA ALA K 188 -14.46 -61.86 -49.07
C ALA K 188 -13.55 -61.11 -48.12
N THR K 189 -12.38 -60.68 -48.61
CA THR K 189 -11.48 -59.81 -47.86
C THR K 189 -12.21 -58.69 -47.12
N GLY K 190 -13.24 -58.11 -47.74
CA GLY K 190 -13.86 -56.93 -47.17
C GLY K 190 -15.19 -57.12 -46.49
N PHE K 191 -15.61 -58.37 -46.29
CA PHE K 191 -16.90 -58.66 -45.68
C PHE K 191 -16.74 -59.28 -44.31
N GLY K 192 -17.82 -59.24 -43.55
CA GLY K 192 -17.94 -60.14 -42.41
C GLY K 192 -18.21 -61.54 -42.91
N VAL K 193 -17.39 -62.50 -42.47
CA VAL K 193 -17.36 -63.83 -43.04
C VAL K 193 -17.81 -64.84 -41.99
N MET K 194 -18.68 -65.77 -42.41
CA MET K 194 -19.26 -66.78 -41.52
C MET K 194 -18.55 -68.11 -41.75
N HIS K 195 -17.72 -68.53 -40.80
CA HIS K 195 -17.16 -69.87 -40.83
C HIS K 195 -18.28 -70.88 -40.57
N VAL K 196 -18.47 -71.81 -41.48
CA VAL K 196 -19.58 -72.75 -41.42
C VAL K 196 -19.04 -74.16 -41.35
N ASN K 197 -19.93 -75.12 -41.07
CA ASN K 197 -19.57 -76.52 -41.13
C ASN K 197 -20.29 -77.19 -42.31
N GLU K 198 -20.40 -78.52 -42.26
CA GLU K 198 -20.93 -79.28 -43.39
C GLU K 198 -22.40 -79.02 -43.63
N LYS K 199 -23.15 -78.54 -42.65
CA LYS K 199 -24.57 -78.26 -42.81
C LYS K 199 -24.88 -76.79 -42.63
N ASP K 200 -23.91 -75.92 -42.97
CA ASP K 200 -24.07 -74.47 -43.04
C ASP K 200 -24.43 -73.84 -41.70
N GLU K 201 -24.20 -74.54 -40.59
CA GLU K 201 -24.27 -73.90 -39.29
C GLU K 201 -23.00 -73.11 -39.04
N ILE K 202 -23.14 -71.89 -38.52
CA ILE K 202 -21.97 -71.02 -38.38
C ILE K 202 -21.23 -71.39 -37.09
N ILE K 203 -19.95 -71.70 -37.23
CA ILE K 203 -19.10 -72.01 -36.10
C ILE K 203 -18.22 -70.84 -35.68
N ASP K 204 -18.08 -69.81 -36.51
CA ASP K 204 -17.23 -68.68 -36.20
C ASP K 204 -17.55 -67.55 -37.16
N PHE K 205 -17.36 -66.32 -36.69
CA PHE K 205 -17.53 -65.12 -37.50
C PHE K 205 -16.26 -64.29 -37.42
N ILE K 206 -15.79 -63.80 -38.57
CA ILE K 206 -14.59 -62.97 -38.65
C ILE K 206 -14.92 -61.73 -39.47
N GLU K 207 -14.59 -60.56 -38.93
CA GLU K 207 -14.78 -59.30 -39.63
C GLU K 207 -13.55 -59.02 -40.48
N LYS K 208 -13.75 -58.91 -41.78
CA LYS K 208 -12.72 -58.70 -42.79
C LYS K 208 -11.51 -59.60 -42.53
N PRO K 209 -11.65 -60.92 -42.66
CA PRO K 209 -10.49 -61.80 -42.48
C PRO K 209 -9.48 -61.60 -43.60
N ALA K 210 -8.19 -61.58 -43.22
CA ALA K 210 -7.14 -61.48 -44.23
C ALA K 210 -7.14 -62.69 -45.13
N ASP K 211 -7.31 -63.88 -44.56
CA ASP K 211 -7.53 -65.10 -45.35
C ASP K 211 -8.84 -65.72 -44.90
N PRO K 212 -9.93 -65.45 -45.61
CA PRO K 212 -11.25 -65.87 -45.15
C PRO K 212 -11.38 -67.37 -45.13
N PRO K 213 -12.12 -67.92 -44.16
CA PRO K 213 -12.39 -69.36 -44.16
C PRO K 213 -13.10 -69.78 -45.43
N GLY K 214 -12.85 -71.02 -45.84
CA GLY K 214 -13.47 -71.57 -47.02
C GLY K 214 -14.61 -72.51 -46.65
N ILE K 215 -15.60 -72.60 -47.54
CA ILE K 215 -16.71 -73.51 -47.28
C ILE K 215 -16.17 -74.93 -47.24
N PRO K 216 -16.59 -75.77 -46.29
CA PRO K 216 -16.13 -77.16 -46.29
C PRO K 216 -16.48 -77.88 -47.58
N GLY K 217 -15.48 -78.50 -48.20
CA GLY K 217 -15.66 -79.18 -49.47
C GLY K 217 -15.64 -78.29 -50.70
N ASN K 218 -15.45 -76.99 -50.53
CA ASN K 218 -15.38 -76.02 -51.62
C ASN K 218 -14.57 -74.83 -51.10
N GLU K 219 -13.30 -75.09 -50.78
CA GLU K 219 -12.45 -74.12 -50.10
C GLU K 219 -12.10 -72.92 -50.97
N GLY K 220 -12.57 -72.88 -52.20
CA GLY K 220 -12.36 -71.70 -53.01
C GLY K 220 -13.36 -70.60 -52.80
N PHE K 221 -14.31 -70.80 -51.90
CA PHE K 221 -15.38 -69.82 -51.70
C PHE K 221 -15.63 -69.61 -50.22
N ALA K 222 -16.07 -68.40 -49.90
CA ALA K 222 -16.43 -68.01 -48.54
C ALA K 222 -17.84 -67.43 -48.55
N LEU K 223 -18.55 -67.60 -47.44
CA LEU K 223 -19.88 -67.04 -47.28
C LEU K 223 -19.77 -65.71 -46.56
N ALA K 224 -20.05 -64.63 -47.30
CA ALA K 224 -19.90 -63.26 -46.83
C ALA K 224 -21.26 -62.72 -46.40
N SER K 225 -21.31 -62.11 -45.22
CA SER K 225 -22.57 -61.68 -44.64
C SER K 225 -23.14 -60.49 -45.41
N MET K 226 -24.39 -60.62 -45.87
CA MET K 226 -25.06 -59.48 -46.48
C MET K 226 -25.81 -58.63 -45.48
N GLY K 227 -25.64 -58.89 -44.19
CA GLY K 227 -26.34 -58.09 -43.20
C GLY K 227 -27.84 -58.31 -43.22
N ILE K 228 -28.27 -59.54 -43.49
CA ILE K 228 -29.67 -59.93 -43.50
C ILE K 228 -29.85 -60.97 -42.41
N TYR K 229 -30.70 -60.66 -41.42
CA TYR K 229 -30.89 -61.53 -40.28
C TYR K 229 -32.37 -61.85 -40.12
N VAL K 230 -32.67 -63.11 -39.80
CA VAL K 230 -34.02 -63.53 -39.47
C VAL K 230 -34.01 -64.05 -38.04
N PHE K 231 -34.85 -63.47 -37.20
CA PHE K 231 -35.03 -63.90 -35.83
C PHE K 231 -36.50 -64.27 -35.60
N HIS K 232 -36.73 -65.11 -34.59
CA HIS K 232 -38.00 -65.07 -33.89
C HIS K 232 -38.06 -63.77 -33.11
N THR K 233 -39.21 -63.09 -33.16
CA THR K 233 -39.29 -61.74 -32.60
C THR K 233 -38.94 -61.76 -31.12
N LYS K 234 -39.49 -62.71 -30.35
CA LYS K 234 -39.29 -62.64 -28.90
C LYS K 234 -37.86 -62.95 -28.49
N PHE K 235 -37.16 -63.82 -29.22
CA PHE K 235 -35.74 -64.00 -28.92
C PHE K 235 -34.97 -62.72 -29.25
N LEU K 236 -35.27 -62.11 -30.40
CA LEU K 236 -34.53 -60.93 -30.84
C LEU K 236 -34.57 -59.81 -29.80
N MET K 237 -35.76 -59.51 -29.25
CA MET K 237 -35.87 -58.42 -28.30
C MET K 237 -35.09 -58.73 -27.01
N GLU K 238 -35.17 -59.97 -26.53
CA GLU K 238 -34.32 -60.38 -25.42
C GLU K 238 -32.85 -60.20 -25.75
N ALA K 239 -32.45 -60.58 -26.97
CA ALA K 239 -31.07 -60.38 -27.40
C ALA K 239 -30.74 -58.89 -27.47
N LEU K 240 -31.69 -58.05 -27.86
CA LEU K 240 -31.47 -56.60 -27.82
C LEU K 240 -31.41 -56.09 -26.40
N ARG K 241 -32.29 -56.58 -25.53
CA ARG K 241 -32.25 -56.20 -24.12
C ARG K 241 -30.90 -56.56 -23.51
N ARG K 242 -30.50 -57.83 -23.62
CA ARG K 242 -29.22 -58.27 -23.10
C ARG K 242 -28.08 -57.42 -23.65
N ASP K 243 -28.16 -57.08 -24.94
CA ASP K 243 -27.11 -56.27 -25.57
C ASP K 243 -27.09 -54.84 -25.04
N ALA K 244 -28.26 -54.26 -24.76
CA ALA K 244 -28.29 -52.88 -24.30
C ALA K 244 -27.71 -52.73 -22.90
N ALA K 245 -27.78 -53.78 -22.09
CA ALA K 245 -27.22 -53.79 -20.75
C ALA K 245 -25.75 -54.22 -20.72
N ASP K 246 -25.16 -54.54 -21.88
CA ASP K 246 -23.77 -54.96 -21.95
C ASP K 246 -22.88 -53.77 -22.30
N PRO K 247 -21.87 -53.45 -21.50
CA PRO K 247 -20.88 -52.44 -21.91
C PRO K 247 -19.81 -52.96 -22.85
N THR K 248 -19.64 -54.28 -22.98
CA THR K 248 -18.72 -54.84 -23.97
C THR K 248 -19.20 -54.59 -25.39
N SER K 249 -20.40 -54.03 -25.53
CA SER K 249 -21.17 -54.06 -26.77
C SER K 249 -21.08 -52.73 -27.51
N SER K 250 -20.59 -52.77 -28.75
CA SER K 250 -20.71 -51.60 -29.59
C SER K 250 -22.10 -51.44 -30.21
N ARG K 251 -23.09 -52.21 -29.74
CA ARG K 251 -24.49 -52.09 -30.14
C ARG K 251 -24.66 -52.21 -31.66
N ASP K 252 -24.21 -53.34 -32.22
CA ASP K 252 -24.30 -53.53 -33.67
C ASP K 252 -24.48 -55.01 -33.98
N PHE K 253 -25.50 -55.31 -34.80
CA PHE K 253 -25.86 -56.70 -35.11
C PHE K 253 -24.66 -57.52 -35.56
N GLY K 254 -23.84 -56.97 -36.47
CA GLY K 254 -22.82 -57.78 -37.13
C GLY K 254 -21.68 -58.20 -36.24
N LYS K 255 -21.25 -57.31 -35.33
CA LYS K 255 -20.11 -57.59 -34.46
C LYS K 255 -20.51 -57.92 -33.03
N ASP K 256 -21.80 -57.83 -32.68
CA ASP K 256 -22.20 -58.10 -31.30
C ASP K 256 -23.34 -59.09 -31.20
N ILE K 257 -24.50 -58.74 -31.75
CA ILE K 257 -25.67 -59.62 -31.63
C ILE K 257 -25.36 -61.00 -32.19
N ILE K 258 -24.90 -61.05 -33.43
CA ILE K 258 -24.67 -62.31 -34.13
C ILE K 258 -23.51 -63.09 -33.51
N PRO K 259 -22.35 -62.47 -33.23
CA PRO K 259 -21.25 -63.25 -32.62
C PRO K 259 -21.65 -63.89 -31.31
N TYR K 260 -22.43 -63.20 -30.48
CA TYR K 260 -22.97 -63.82 -29.27
C TYR K 260 -23.71 -65.10 -29.62
N ILE K 261 -24.57 -65.05 -30.63
CA ILE K 261 -25.44 -66.20 -30.93
C ILE K 261 -24.62 -67.37 -31.46
N VAL K 262 -23.66 -67.10 -32.35
CA VAL K 262 -22.90 -68.20 -32.96
C VAL K 262 -22.12 -68.94 -31.89
N GLU K 263 -21.67 -68.23 -30.86
CA GLU K 263 -20.95 -68.88 -29.77
C GLU K 263 -21.90 -69.70 -28.91
N HIS K 264 -22.90 -69.06 -28.31
CA HIS K 264 -23.72 -69.71 -27.28
C HIS K 264 -25.06 -70.24 -27.80
N GLY K 265 -25.41 -69.98 -29.06
CA GLY K 265 -26.65 -70.49 -29.61
C GLY K 265 -26.45 -71.17 -30.95
N LYS K 266 -27.51 -71.25 -31.74
CA LYS K 266 -27.45 -71.85 -33.07
C LYS K 266 -27.70 -70.76 -34.11
N ALA K 267 -26.74 -70.55 -34.99
CA ALA K 267 -26.88 -69.62 -36.09
C ALA K 267 -26.58 -70.33 -37.39
N VAL K 268 -27.48 -70.23 -38.35
CA VAL K 268 -27.42 -70.99 -39.59
C VAL K 268 -27.32 -70.02 -40.76
N ALA K 269 -26.63 -70.47 -41.79
CA ALA K 269 -26.39 -69.68 -42.99
C ALA K 269 -27.40 -70.07 -44.06
N HIS K 270 -28.00 -69.07 -44.68
CA HIS K 270 -28.79 -69.25 -45.89
C HIS K 270 -28.07 -68.53 -47.02
N ARG K 271 -27.91 -69.22 -48.15
CA ARG K 271 -27.10 -68.71 -49.25
C ARG K 271 -27.97 -67.93 -50.24
N PHE K 272 -27.47 -66.77 -50.65
CA PHE K 272 -28.24 -65.86 -51.52
C PHE K 272 -28.71 -66.56 -52.80
N ALA K 273 -27.97 -67.55 -53.27
CA ALA K 273 -28.33 -68.22 -54.53
C ALA K 273 -29.59 -69.06 -54.40
N ASP K 274 -30.00 -69.41 -53.17
CA ASP K 274 -31.21 -70.21 -53.01
C ASP K 274 -32.48 -69.37 -53.07
N SER K 275 -32.41 -68.10 -52.66
CA SER K 275 -33.59 -67.25 -52.59
C SER K 275 -33.52 -66.03 -53.51
N CYS K 276 -32.41 -65.83 -54.22
CA CYS K 276 -32.33 -64.70 -55.13
C CYS K 276 -33.39 -64.81 -56.22
N VAL K 277 -33.99 -63.68 -56.57
CA VAL K 277 -34.94 -63.61 -57.67
C VAL K 277 -34.18 -63.11 -58.90
N ARG K 278 -34.02 -63.98 -59.89
CA ARG K 278 -33.42 -63.62 -61.16
C ARG K 278 -34.50 -63.57 -62.23
N SER K 279 -34.46 -62.53 -63.06
CA SER K 279 -35.31 -62.57 -64.24
C SER K 279 -34.68 -63.50 -65.28
N ASP K 280 -35.43 -63.81 -66.33
CA ASP K 280 -34.92 -64.64 -67.41
C ASP K 280 -33.75 -64.00 -68.15
N PHE K 281 -33.44 -62.73 -67.88
CA PHE K 281 -32.39 -62.01 -68.57
C PHE K 281 -31.23 -61.64 -67.65
N GLU K 282 -31.15 -62.26 -66.48
CA GLU K 282 -30.05 -62.06 -65.55
C GLU K 282 -29.30 -63.39 -65.43
N HIS K 283 -28.07 -63.41 -65.93
CA HIS K 283 -27.32 -64.66 -66.05
C HIS K 283 -26.81 -65.19 -64.71
N GLU K 284 -26.86 -64.41 -63.65
CA GLU K 284 -26.37 -64.83 -62.35
C GLU K 284 -27.12 -64.06 -61.28
N PRO K 285 -27.11 -64.52 -60.03
CA PRO K 285 -27.69 -63.73 -58.95
C PRO K 285 -26.97 -62.39 -58.82
N TYR K 286 -27.75 -61.31 -58.75
CA TYR K 286 -27.21 -59.96 -58.79
C TYR K 286 -27.22 -59.35 -57.40
N TRP K 287 -26.06 -58.89 -56.94
CA TRP K 287 -25.95 -58.20 -55.66
C TRP K 287 -24.83 -57.19 -55.78
N ARG K 288 -25.12 -55.93 -55.45
CA ARG K 288 -24.12 -54.88 -55.44
C ARG K 288 -24.30 -54.04 -54.19
N ASP K 289 -23.18 -53.59 -53.62
CA ASP K 289 -23.21 -52.66 -52.49
C ASP K 289 -22.78 -51.26 -52.87
N VAL K 290 -22.37 -51.03 -54.12
CA VAL K 290 -21.96 -49.75 -54.69
C VAL K 290 -21.32 -48.84 -53.64
N GLY K 291 -20.34 -49.37 -52.92
CA GLY K 291 -19.77 -48.66 -51.78
C GLY K 291 -18.76 -47.59 -52.12
N THR K 292 -18.13 -47.68 -53.29
CA THR K 292 -17.18 -46.67 -53.75
C THR K 292 -17.75 -45.94 -54.95
N ILE K 293 -17.18 -44.76 -55.22
CA ILE K 293 -17.57 -44.01 -56.41
C ILE K 293 -17.40 -44.88 -57.65
N ASP K 294 -16.26 -45.58 -57.74
CA ASP K 294 -15.99 -46.46 -58.88
C ASP K 294 -17.04 -47.55 -59.02
N ALA K 295 -17.40 -48.19 -57.91
CA ALA K 295 -18.34 -49.30 -57.98
C ALA K 295 -19.76 -48.81 -58.23
N TYR K 296 -20.10 -47.63 -57.71
CA TYR K 296 -21.37 -47.00 -58.03
C TYR K 296 -21.42 -46.60 -59.51
N TRP K 297 -20.34 -46.00 -60.01
CA TRP K 297 -20.29 -45.66 -61.42
C TRP K 297 -20.43 -46.90 -62.29
N GLN K 298 -19.68 -47.95 -61.95
CA GLN K 298 -19.70 -49.18 -62.75
C GLN K 298 -21.10 -49.78 -62.80
N ALA K 299 -21.76 -49.88 -61.64
CA ALA K 299 -23.07 -50.53 -61.60
C ALA K 299 -24.10 -49.77 -62.42
N ASN K 300 -24.05 -48.44 -62.38
CA ASN K 300 -24.95 -47.65 -63.23
C ASN K 300 -24.61 -47.82 -64.70
N ILE K 301 -23.32 -47.69 -65.05
CA ILE K 301 -22.94 -47.70 -66.46
C ILE K 301 -23.13 -49.08 -67.08
N ASP K 302 -22.99 -50.15 -66.28
CA ASP K 302 -23.25 -51.50 -66.79
C ASP K 302 -24.68 -51.68 -67.26
N LEU K 303 -25.62 -50.85 -66.78
CA LEU K 303 -26.99 -50.93 -67.26
C LEU K 303 -27.13 -50.49 -68.71
N THR K 304 -26.15 -49.77 -69.25
CA THR K 304 -26.21 -49.40 -70.66
C THR K 304 -25.77 -50.53 -71.58
N ASP K 305 -25.33 -51.66 -71.02
CA ASP K 305 -24.88 -52.79 -71.83
C ASP K 305 -26.02 -53.32 -72.71
N VAL K 306 -25.63 -54.07 -73.75
CA VAL K 306 -26.62 -54.76 -74.56
C VAL K 306 -27.36 -55.81 -73.73
N VAL K 307 -26.61 -56.66 -73.02
CA VAL K 307 -27.19 -57.62 -72.09
C VAL K 307 -26.75 -57.28 -70.67
N PRO K 308 -27.49 -56.45 -69.95
CA PRO K 308 -27.04 -56.01 -68.63
C PRO K 308 -27.16 -57.10 -67.57
N ASP K 309 -26.33 -56.97 -66.53
CA ASP K 309 -26.38 -57.91 -65.41
C ASP K 309 -27.70 -57.78 -64.64
N LEU K 310 -28.19 -56.56 -64.47
CA LEU K 310 -29.47 -56.30 -63.82
C LEU K 310 -30.50 -55.98 -64.90
N ASP K 311 -31.64 -56.66 -64.84
CA ASP K 311 -32.72 -56.42 -65.79
C ASP K 311 -33.71 -55.46 -65.14
N ILE K 312 -33.59 -54.17 -65.49
CA ILE K 312 -34.48 -53.15 -64.94
C ILE K 312 -35.81 -53.09 -65.67
N TYR K 313 -36.04 -53.98 -66.64
CA TYR K 313 -37.31 -54.05 -67.36
C TYR K 313 -38.13 -55.24 -66.92
N ASP K 314 -37.70 -55.96 -65.88
CA ASP K 314 -38.47 -57.08 -65.37
C ASP K 314 -39.72 -56.58 -64.66
N LYS K 315 -40.84 -57.26 -64.89
CA LYS K 315 -42.08 -56.98 -64.18
C LYS K 315 -42.48 -58.10 -63.23
N SER K 316 -41.68 -59.16 -63.13
CA SER K 316 -42.01 -60.28 -62.25
C SER K 316 -41.74 -59.96 -60.78
N TRP K 317 -40.62 -59.28 -60.48
CA TRP K 317 -40.25 -58.89 -59.12
C TRP K 317 -40.01 -57.38 -59.11
N PRO K 318 -41.08 -56.59 -59.18
CA PRO K 318 -40.93 -55.17 -59.50
C PRO K 318 -40.38 -54.34 -58.34
N ILE K 319 -39.66 -53.28 -58.70
CA ILE K 319 -39.05 -52.36 -57.75
C ILE K 319 -40.00 -51.17 -57.59
N TRP K 320 -40.70 -51.11 -56.47
CA TRP K 320 -41.51 -49.95 -56.18
C TRP K 320 -40.62 -48.76 -55.82
N THR K 321 -41.11 -47.56 -56.12
CA THR K 321 -40.37 -46.34 -55.85
C THR K 321 -41.36 -45.18 -55.80
N TYR K 322 -40.84 -43.98 -55.52
CA TYR K 322 -41.61 -42.77 -55.69
C TYR K 322 -41.41 -42.24 -57.10
N ALA K 323 -42.48 -42.18 -57.87
CA ALA K 323 -42.42 -41.67 -59.23
C ALA K 323 -43.51 -40.63 -59.44
N GLU K 324 -43.17 -39.58 -60.15
CA GLU K 324 -44.15 -38.58 -60.56
C GLU K 324 -44.47 -38.77 -62.03
N ILE K 325 -45.62 -38.20 -62.43
CA ILE K 325 -45.96 -38.19 -63.85
C ILE K 325 -44.95 -37.29 -64.55
N THR K 326 -44.11 -37.87 -65.42
CA THR K 326 -43.11 -37.05 -66.07
C THR K 326 -43.32 -37.06 -67.59
N PRO K 327 -43.14 -35.92 -68.26
CA PRO K 327 -43.18 -35.90 -69.72
C PRO K 327 -42.08 -36.77 -70.31
N PRO K 328 -42.21 -37.18 -71.55
CA PRO K 328 -41.22 -38.11 -72.11
C PRO K 328 -39.88 -37.44 -72.41
N ALA K 329 -38.91 -38.23 -72.85
CA ALA K 329 -37.64 -37.68 -73.31
C ALA K 329 -37.80 -37.12 -74.71
N LYS K 330 -36.99 -36.11 -75.02
CA LYS K 330 -37.05 -35.49 -76.35
C LYS K 330 -35.64 -35.16 -76.82
N PHE K 331 -35.39 -35.42 -78.10
CA PHE K 331 -34.13 -35.13 -78.76
C PHE K 331 -34.41 -34.16 -79.89
N VAL K 332 -33.57 -33.12 -80.03
CA VAL K 332 -33.78 -32.10 -81.05
C VAL K 332 -32.45 -31.71 -81.68
N HIS K 333 -32.56 -31.10 -82.86
CA HIS K 333 -31.46 -30.64 -83.71
C HIS K 333 -30.76 -31.80 -84.40
N ASP K 334 -30.47 -31.63 -85.68
CA ASP K 334 -29.90 -32.68 -86.52
C ASP K 334 -29.30 -32.07 -87.78
N ASP K 335 -28.28 -31.25 -87.62
CA ASP K 335 -27.62 -30.66 -88.79
C ASP K 335 -26.14 -31.00 -88.77
N GLU K 336 -25.38 -30.32 -89.63
CA GLU K 336 -23.98 -30.64 -89.83
C GLU K 336 -23.13 -30.30 -88.63
N ASP K 337 -23.62 -29.43 -87.74
CA ASP K 337 -22.86 -28.97 -86.58
C ASP K 337 -23.30 -29.61 -85.29
N ARG K 338 -24.59 -29.90 -85.12
CA ARG K 338 -25.10 -30.47 -83.88
C ARG K 338 -26.20 -31.47 -84.19
N ARG K 339 -26.37 -32.42 -83.27
CA ARG K 339 -27.45 -33.39 -83.34
C ARG K 339 -27.75 -33.87 -81.93
N GLY K 340 -29.01 -33.80 -81.53
CA GLY K 340 -29.40 -34.30 -80.23
C GLY K 340 -29.78 -35.76 -80.32
N SER K 341 -28.94 -36.66 -79.80
CA SER K 341 -29.22 -38.08 -79.89
C SER K 341 -28.49 -38.83 -78.80
N ALA K 342 -29.03 -39.99 -78.46
CA ALA K 342 -28.42 -40.90 -77.51
C ALA K 342 -28.08 -42.21 -78.19
N VAL K 343 -26.91 -42.75 -77.87
CA VAL K 343 -26.47 -44.06 -78.36
C VAL K 343 -25.94 -44.85 -77.17
N SER K 344 -26.27 -46.14 -77.12
CA SER K 344 -25.82 -47.04 -76.06
C SER K 344 -26.08 -46.43 -74.68
N SER K 345 -27.23 -45.79 -74.53
CA SER K 345 -27.51 -44.99 -73.35
C SER K 345 -28.88 -45.33 -72.80
N VAL K 346 -29.07 -44.95 -71.54
CA VAL K 346 -30.33 -45.10 -70.83
C VAL K 346 -30.79 -43.68 -70.47
N VAL K 347 -31.95 -43.29 -70.99
CA VAL K 347 -32.43 -41.92 -70.84
C VAL K 347 -33.81 -41.94 -70.19
N SER K 348 -33.95 -41.20 -69.08
CA SER K 348 -35.20 -41.12 -68.35
C SER K 348 -36.10 -40.06 -68.95
N GLY K 349 -37.34 -40.02 -68.45
CA GLY K 349 -38.28 -39.00 -68.85
C GLY K 349 -37.83 -37.60 -68.45
N ASP K 350 -38.58 -36.62 -68.94
CA ASP K 350 -38.27 -35.21 -68.75
C ASP K 350 -36.80 -34.91 -69.02
N CYS K 351 -36.21 -35.65 -69.97
CA CYS K 351 -34.88 -35.34 -70.47
C CYS K 351 -35.04 -34.72 -71.85
N ILE K 352 -34.44 -33.55 -72.05
CA ILE K 352 -34.46 -32.89 -73.34
C ILE K 352 -33.02 -32.84 -73.83
N ILE K 353 -32.73 -33.61 -74.87
CA ILE K 353 -31.38 -33.72 -75.41
C ILE K 353 -31.35 -32.78 -76.61
N SER K 354 -30.74 -31.61 -76.44
CA SER K 354 -30.81 -30.53 -77.42
C SER K 354 -29.44 -30.35 -78.06
N GLY K 355 -29.26 -30.93 -79.24
CA GLY K 355 -27.99 -30.82 -79.93
C GLY K 355 -26.83 -31.40 -79.16
N ALA K 356 -27.09 -32.30 -78.23
CA ALA K 356 -26.07 -32.92 -77.40
C ALA K 356 -25.87 -34.37 -77.82
N ALA K 357 -24.62 -34.82 -77.79
CA ALA K 357 -24.29 -36.18 -78.19
C ALA K 357 -24.02 -37.01 -76.93
N LEU K 358 -24.77 -38.10 -76.77
CA LEU K 358 -24.65 -38.98 -75.61
C LEU K 358 -24.18 -40.35 -76.07
N ASN K 359 -23.17 -40.87 -75.37
CA ASN K 359 -22.72 -42.24 -75.60
C ASN K 359 -22.47 -42.92 -74.27
N ARG K 360 -22.97 -44.15 -74.14
CA ARG K 360 -22.75 -45.00 -72.97
C ARG K 360 -22.93 -44.21 -71.68
N SER K 361 -24.09 -43.57 -71.54
CA SER K 361 -24.40 -42.76 -70.37
C SER K 361 -25.78 -43.14 -69.84
N LEU K 362 -25.96 -42.95 -68.53
CA LEU K 362 -27.25 -43.16 -67.89
C LEU K 362 -27.76 -41.82 -67.36
N LEU K 363 -28.94 -41.42 -67.78
CA LEU K 363 -29.55 -40.16 -67.38
C LEU K 363 -30.78 -40.43 -66.51
N PHE K 364 -30.82 -39.85 -65.33
CA PHE K 364 -32.03 -39.83 -64.53
C PHE K 364 -32.96 -38.74 -65.05
N THR K 365 -34.10 -38.57 -64.37
N THR K 365 -34.12 -38.59 -64.40
CA THR K 365 -35.13 -37.64 -64.81
CA THR K 365 -35.13 -37.67 -64.89
C THR K 365 -34.64 -36.20 -64.77
C THR K 365 -34.66 -36.22 -64.78
N GLY K 366 -35.19 -35.38 -65.66
CA GLY K 366 -34.98 -33.95 -65.59
C GLY K 366 -33.68 -33.42 -66.15
N VAL K 367 -32.90 -34.24 -66.85
CA VAL K 367 -31.63 -33.77 -67.39
C VAL K 367 -31.88 -32.86 -68.58
N ARG K 368 -31.09 -31.78 -68.67
CA ARG K 368 -31.10 -30.86 -69.80
C ARG K 368 -29.67 -30.76 -70.34
N ALA K 369 -29.45 -31.28 -71.55
CA ALA K 369 -28.17 -31.19 -72.22
C ALA K 369 -28.34 -30.37 -73.48
N ASN K 370 -27.43 -29.42 -73.71
CA ASN K 370 -27.65 -28.40 -74.72
C ASN K 370 -26.61 -28.47 -75.84
N SER K 371 -26.79 -27.61 -76.84
CA SER K 371 -26.14 -27.78 -78.14
C SER K 371 -24.62 -27.88 -78.03
N TYR K 372 -24.06 -28.86 -78.73
CA TYR K 372 -22.63 -29.10 -78.94
C TYR K 372 -21.97 -29.72 -77.73
N SER K 373 -22.74 -30.12 -76.72
CA SER K 373 -22.16 -30.83 -75.59
C SER K 373 -22.07 -32.33 -75.88
N ARG K 374 -21.12 -32.99 -75.22
CA ARG K 374 -20.82 -34.39 -75.47
C ARG K 374 -20.63 -35.11 -74.14
N LEU K 375 -21.39 -36.18 -73.93
CA LEU K 375 -21.27 -37.01 -72.74
C LEU K 375 -20.87 -38.42 -73.15
N GLU K 376 -19.86 -38.97 -72.48
CA GLU K 376 -19.51 -40.37 -72.68
C GLU K 376 -19.12 -40.99 -71.35
N ASN K 377 -19.59 -42.21 -71.09
CA ASN K 377 -19.30 -42.88 -69.82
C ASN K 377 -19.74 -42.04 -68.64
N ALA K 378 -20.90 -41.40 -68.76
CA ALA K 378 -21.38 -40.46 -67.76
C ALA K 378 -22.61 -41.02 -67.06
N VAL K 379 -22.60 -40.98 -65.72
CA VAL K 379 -23.78 -41.24 -64.91
C VAL K 379 -24.29 -39.88 -64.44
N VAL K 380 -25.49 -39.50 -64.91
CA VAL K 380 -26.01 -38.15 -64.77
C VAL K 380 -27.28 -38.19 -63.93
N LEU K 381 -27.19 -37.73 -62.69
CA LEU K 381 -28.26 -37.84 -61.73
C LEU K 381 -29.32 -36.75 -62.00
N PRO K 382 -30.46 -36.75 -61.28
CA PRO K 382 -31.59 -35.94 -61.75
C PRO K 382 -31.29 -34.45 -61.86
N SER K 383 -31.98 -33.82 -62.82
CA SER K 383 -32.05 -32.36 -63.00
C SER K 383 -30.70 -31.72 -63.31
N VAL K 384 -29.73 -32.49 -63.79
CA VAL K 384 -28.45 -31.94 -64.20
C VAL K 384 -28.63 -31.15 -65.50
N LYS K 385 -27.96 -29.99 -65.59
CA LYS K 385 -27.93 -29.20 -66.81
C LYS K 385 -26.51 -29.14 -67.35
N ILE K 386 -26.36 -29.46 -68.63
CA ILE K 386 -25.08 -29.54 -69.31
C ILE K 386 -25.04 -28.37 -70.29
N GLY K 387 -24.27 -27.34 -69.96
CA GLY K 387 -24.22 -26.17 -70.82
C GLY K 387 -23.60 -26.47 -72.16
N ARG K 388 -23.90 -25.59 -73.12
CA ARG K 388 -23.40 -25.74 -74.48
C ARG K 388 -21.90 -25.99 -74.49
N HIS K 389 -21.46 -26.86 -75.41
CA HIS K 389 -20.07 -27.16 -75.71
C HIS K 389 -19.34 -27.88 -74.58
N ALA K 390 -19.99 -28.21 -73.47
CA ALA K 390 -19.32 -28.99 -72.44
C ALA K 390 -19.05 -30.41 -72.93
N GLN K 391 -17.92 -30.97 -72.48
CA GLN K 391 -17.52 -32.32 -72.91
C GLN K 391 -16.96 -33.08 -71.71
N LEU K 392 -17.60 -34.19 -71.37
CA LEU K 392 -17.37 -34.91 -70.12
C LEU K 392 -17.24 -36.40 -70.40
N SER K 393 -16.23 -37.04 -69.79
CA SER K 393 -16.06 -38.47 -69.95
C SER K 393 -15.66 -39.08 -68.61
N ASN K 394 -16.23 -40.25 -68.33
CA ASN K 394 -15.98 -41.00 -67.09
C ASN K 394 -16.33 -40.17 -65.85
N VAL K 395 -17.61 -39.80 -65.75
CA VAL K 395 -18.04 -38.90 -64.70
C VAL K 395 -19.30 -39.41 -64.03
N VAL K 396 -19.42 -39.08 -62.75
CA VAL K 396 -20.65 -39.15 -61.98
C VAL K 396 -21.05 -37.71 -61.67
N ILE K 397 -22.21 -37.29 -62.17
CA ILE K 397 -22.68 -35.92 -61.97
C ILE K 397 -23.80 -35.92 -60.94
N ASP K 398 -23.54 -35.28 -59.81
CA ASP K 398 -24.47 -35.25 -58.70
C ASP K 398 -25.76 -34.53 -59.09
N HIS K 399 -26.80 -34.77 -58.30
CA HIS K 399 -28.12 -34.20 -58.52
C HIS K 399 -28.07 -32.69 -58.69
N GLY K 400 -28.84 -32.19 -59.65
CA GLY K 400 -29.07 -30.76 -59.80
C GLY K 400 -27.87 -29.94 -60.20
N VAL K 401 -26.72 -30.55 -60.47
CA VAL K 401 -25.50 -29.80 -60.78
C VAL K 401 -25.66 -29.12 -62.13
N VAL K 402 -25.29 -27.85 -62.20
CA VAL K 402 -25.27 -27.09 -63.45
C VAL K 402 -23.84 -27.11 -63.96
N ILE K 403 -23.61 -27.78 -65.08
CA ILE K 403 -22.27 -27.80 -65.67
C ILE K 403 -22.12 -26.55 -66.53
N PRO K 404 -21.13 -25.70 -66.25
CA PRO K 404 -20.98 -24.48 -67.03
C PRO K 404 -20.65 -24.78 -68.49
N GLU K 405 -21.02 -23.84 -69.36
CA GLU K 405 -20.74 -24.01 -70.77
C GLU K 405 -19.25 -24.17 -71.00
N GLY K 406 -18.89 -25.12 -71.86
CA GLY K 406 -17.51 -25.30 -72.25
C GLY K 406 -16.64 -26.08 -71.29
N LEU K 407 -17.20 -26.65 -70.23
CA LEU K 407 -16.40 -27.42 -69.30
C LEU K 407 -15.86 -28.69 -69.98
N ILE K 408 -14.59 -29.01 -69.69
CA ILE K 408 -13.95 -30.19 -70.23
C ILE K 408 -13.48 -31.04 -69.07
N VAL K 409 -13.97 -32.28 -69.02
CA VAL K 409 -13.70 -33.19 -67.93
C VAL K 409 -13.34 -34.55 -68.52
N GLY K 410 -12.27 -35.14 -68.01
CA GLY K 410 -11.80 -36.44 -68.45
C GLY K 410 -10.73 -36.38 -69.51
N GLU K 411 -10.25 -35.20 -69.85
CA GLU K 411 -9.14 -35.05 -70.78
C GLU K 411 -7.80 -34.91 -70.08
N ASP K 412 -7.72 -34.10 -69.02
CA ASP K 412 -6.49 -33.94 -68.24
C ASP K 412 -6.73 -34.41 -66.82
N PRO K 413 -6.08 -35.50 -66.39
CA PRO K 413 -6.35 -36.02 -65.03
C PRO K 413 -5.99 -35.04 -63.93
N GLU K 414 -4.80 -34.42 -63.98
CA GLU K 414 -4.35 -33.65 -62.83
C GLU K 414 -5.15 -32.36 -62.67
N LEU K 415 -5.58 -31.75 -63.78
CA LEU K 415 -6.55 -30.68 -63.68
C LEU K 415 -7.82 -31.18 -63.02
N ASP K 416 -8.46 -32.20 -63.64
CA ASP K 416 -9.69 -32.78 -63.10
C ASP K 416 -9.56 -33.14 -61.63
N ALA K 417 -8.43 -33.75 -61.24
CA ALA K 417 -8.24 -34.14 -59.85
C ALA K 417 -8.18 -32.92 -58.92
N LYS K 418 -7.68 -31.79 -59.42
CA LYS K 418 -7.68 -30.58 -58.61
C LYS K 418 -9.11 -30.07 -58.39
N ARG K 419 -9.89 -29.99 -59.46
CA ARG K 419 -11.22 -29.40 -59.36
C ARG K 419 -12.22 -30.30 -58.67
N PHE K 420 -12.13 -31.60 -58.94
CA PHE K 420 -13.18 -32.54 -58.59
C PHE K 420 -12.59 -33.72 -57.82
N ARG K 421 -13.49 -34.55 -57.29
CA ARG K 421 -13.13 -35.81 -56.64
C ARG K 421 -12.89 -36.85 -57.73
N ARG K 422 -11.62 -37.14 -58.00
CA ARG K 422 -11.23 -38.04 -59.08
C ARG K 422 -10.73 -39.35 -58.51
N THR K 423 -11.29 -40.46 -58.97
CA THR K 423 -10.90 -41.76 -58.47
C THR K 423 -9.56 -42.18 -59.08
N GLU K 424 -8.97 -43.22 -58.49
CA GLU K 424 -7.73 -43.77 -59.03
C GLU K 424 -7.93 -44.31 -60.44
N SER K 425 -9.07 -44.93 -60.71
CA SER K 425 -9.36 -45.45 -62.03
C SER K 425 -9.79 -44.37 -63.02
N GLY K 426 -10.03 -43.14 -62.56
CA GLY K 426 -10.30 -42.04 -63.46
C GLY K 426 -11.71 -41.49 -63.46
N ILE K 427 -12.55 -41.91 -62.52
CA ILE K 427 -13.90 -41.36 -62.41
C ILE K 427 -13.84 -40.04 -61.66
N CYS K 428 -14.55 -39.04 -62.18
CA CYS K 428 -14.70 -37.77 -61.48
C CYS K 428 -16.15 -37.62 -61.01
N LEU K 429 -16.34 -37.58 -59.70
CA LEU K 429 -17.62 -37.20 -59.13
C LEU K 429 -17.70 -35.68 -59.07
N ILE K 430 -18.76 -35.12 -59.64
CA ILE K 430 -18.90 -33.67 -59.80
C ILE K 430 -20.10 -33.17 -59.01
N THR K 431 -19.85 -32.28 -58.05
CA THR K 431 -20.90 -31.63 -57.26
CA THR K 431 -20.90 -31.64 -57.28
C THR K 431 -20.95 -30.15 -57.61
N GLN K 432 -22.05 -29.51 -57.19
CA GLN K 432 -22.18 -28.07 -57.45
C GLN K 432 -21.20 -27.26 -56.63
N SER K 433 -20.75 -27.78 -55.49
CA SER K 433 -19.77 -27.05 -54.69
C SER K 433 -18.41 -27.03 -55.37
N MET K 434 -18.06 -28.09 -56.09
CA MET K 434 -16.82 -28.05 -56.88
C MET K 434 -16.96 -27.09 -58.04
N ILE K 435 -18.15 -27.02 -58.65
CA ILE K 435 -18.38 -26.11 -59.77
C ILE K 435 -18.36 -24.67 -59.28
N ASP K 436 -18.93 -24.40 -58.11
CA ASP K 436 -19.02 -23.05 -57.59
C ASP K 436 -17.65 -22.43 -57.30
N LYS K 437 -16.59 -23.24 -57.23
CA LYS K 437 -15.26 -22.78 -56.90
C LYS K 437 -14.34 -22.62 -58.11
N LEU K 438 -14.91 -22.54 -59.31
CA LEU K 438 -14.12 -22.83 -60.50
C LEU K 438 -13.75 -21.58 -61.29
N ASP K 439 -12.54 -21.64 -61.87
CA ASP K 439 -12.05 -20.67 -62.86
C ASP K 439 -11.38 -21.44 -64.00
N LEU K 440 -10.06 -21.60 -63.92
CA LEU K 440 -9.32 -22.45 -64.86
C LEU K 440 -8.67 -23.61 -64.11
N VAL L 26 -65.75 -12.41 -53.37
CA VAL L 26 -64.45 -12.75 -52.79
C VAL L 26 -64.12 -14.20 -53.09
N GLN L 27 -64.97 -15.10 -52.63
CA GLN L 27 -64.74 -16.52 -52.84
C GLN L 27 -64.74 -16.84 -54.32
N PRO L 28 -63.80 -17.67 -54.80
CA PRO L 28 -63.84 -18.09 -56.20
C PRO L 28 -65.10 -18.88 -56.51
N LEU L 29 -65.60 -18.71 -57.74
CA LEU L 29 -66.85 -19.36 -58.12
C LEU L 29 -66.68 -20.85 -58.37
N ALA L 30 -65.47 -21.31 -58.64
CA ALA L 30 -65.26 -22.73 -58.91
C ALA L 30 -65.62 -23.58 -57.69
N ARG L 31 -65.49 -23.03 -56.49
CA ARG L 31 -65.94 -23.74 -55.29
C ARG L 31 -67.39 -24.18 -55.42
N ASP L 32 -68.19 -23.43 -56.16
CA ASP L 32 -69.63 -23.66 -56.27
C ASP L 32 -70.04 -24.31 -57.58
N ALA L 33 -69.08 -24.83 -58.35
CA ALA L 33 -69.35 -25.34 -59.69
C ALA L 33 -69.13 -26.85 -59.75
N MET L 34 -69.80 -27.47 -60.72
CA MET L 34 -69.61 -28.88 -61.05
C MET L 34 -69.33 -28.99 -62.54
N ALA L 35 -68.18 -29.56 -62.89
CA ALA L 35 -67.83 -29.74 -64.29
C ALA L 35 -68.41 -31.06 -64.79
N TYR L 36 -69.13 -30.99 -65.90
CA TYR L 36 -69.79 -32.15 -66.49
C TYR L 36 -69.23 -32.39 -67.89
N VAL L 37 -68.56 -33.53 -68.08
CA VAL L 37 -67.81 -33.81 -69.29
C VAL L 37 -68.60 -34.77 -70.17
N LEU L 38 -68.80 -34.38 -71.44
CA LEU L 38 -69.48 -35.24 -72.42
C LEU L 38 -68.42 -36.02 -73.19
N ALA L 39 -68.32 -37.32 -72.91
CA ALA L 39 -67.30 -38.19 -73.48
C ALA L 39 -67.93 -39.42 -74.12
N GLY L 40 -69.08 -39.25 -74.76
CA GLY L 40 -69.73 -40.33 -75.45
C GLY L 40 -69.52 -40.35 -76.95
N GLY L 41 -68.74 -39.39 -77.48
CA GLY L 41 -68.60 -39.25 -78.93
C GLY L 41 -67.63 -40.26 -79.50
N ARG L 42 -68.03 -40.90 -80.61
CA ARG L 42 -67.24 -41.98 -81.19
C ARG L 42 -66.05 -41.51 -81.98
N GLY L 43 -66.05 -40.26 -82.45
CA GLY L 43 -64.98 -39.78 -83.31
C GLY L 43 -64.85 -40.64 -84.56
N SER L 44 -65.91 -40.67 -85.37
CA SER L 44 -66.00 -41.62 -86.47
C SER L 44 -65.06 -41.26 -87.62
N ARG L 45 -64.66 -39.99 -87.73
CA ARG L 45 -63.73 -39.61 -88.79
C ARG L 45 -62.32 -40.12 -88.53
N LEU L 46 -62.05 -40.61 -87.32
CA LEU L 46 -60.76 -41.24 -87.00
C LEU L 46 -60.73 -42.71 -87.37
N LYS L 47 -61.85 -43.28 -87.80
CA LYS L 47 -61.95 -44.59 -88.45
C LYS L 47 -61.44 -45.67 -87.48
N GLU L 48 -60.55 -46.58 -87.91
CA GLU L 48 -60.16 -47.71 -87.08
C GLU L 48 -59.50 -47.29 -85.78
N LEU L 49 -59.03 -46.04 -85.70
CA LEU L 49 -58.41 -45.55 -84.48
C LEU L 49 -59.38 -45.53 -83.31
N THR L 50 -60.68 -45.42 -83.59
CA THR L 50 -61.71 -45.50 -82.55
C THR L 50 -62.75 -46.58 -82.84
N ASP L 51 -62.37 -47.61 -83.61
CA ASP L 51 -63.25 -48.76 -83.75
C ASP L 51 -63.45 -49.47 -82.41
N ARG L 52 -62.49 -49.36 -81.50
CA ARG L 52 -62.53 -50.09 -80.25
C ARG L 52 -62.55 -49.21 -79.00
N ARG L 53 -62.35 -47.89 -79.12
CA ARG L 53 -62.43 -46.97 -78.01
C ARG L 53 -63.11 -45.69 -78.49
N ALA L 54 -63.82 -45.01 -77.58
CA ALA L 54 -64.34 -43.70 -77.92
C ALA L 54 -63.20 -42.71 -78.13
N LYS L 55 -63.51 -41.61 -78.81
CA LYS L 55 -62.49 -40.58 -79.05
C LYS L 55 -61.89 -40.00 -77.78
N PRO L 56 -62.65 -39.72 -76.71
CA PRO L 56 -62.01 -39.17 -75.50
C PRO L 56 -60.97 -40.09 -74.87
N ALA L 57 -61.03 -41.39 -75.14
CA ALA L 57 -60.03 -42.31 -74.61
C ALA L 57 -58.79 -42.42 -75.48
N VAL L 58 -58.77 -41.75 -76.63
CA VAL L 58 -57.64 -41.87 -77.55
C VAL L 58 -56.40 -41.24 -76.94
N TYR L 59 -55.28 -41.94 -77.08
CA TYR L 59 -54.02 -41.41 -76.58
C TYR L 59 -53.61 -40.17 -77.37
N PHE L 60 -52.98 -39.23 -76.67
CA PHE L 60 -52.47 -38.03 -77.32
C PHE L 60 -51.22 -37.55 -76.61
N GLY L 61 -50.19 -37.20 -77.38
CA GLY L 61 -49.09 -36.43 -76.88
C GLY L 61 -47.99 -37.19 -76.17
N GLY L 62 -48.07 -38.51 -76.11
N GLY L 62 -48.07 -38.51 -76.13
CA GLY L 62 -47.23 -39.24 -75.18
CA GLY L 62 -47.00 -39.32 -75.58
C GLY L 62 -47.41 -38.78 -73.76
C GLY L 62 -47.32 -39.99 -74.27
N LYS L 63 -48.50 -38.08 -73.49
N LYS L 63 -48.48 -39.73 -73.68
CA LYS L 63 -48.69 -37.29 -72.27
CA LYS L 63 -48.81 -40.33 -72.39
C LYS L 63 -49.94 -37.67 -71.52
C LYS L 63 -50.29 -40.24 -72.06
N ALA L 64 -51.03 -37.99 -72.22
N ALA L 64 -50.82 -39.03 -72.00
CA ALA L 64 -52.32 -38.28 -71.60
CA ALA L 64 -52.19 -38.79 -71.56
C ALA L 64 -53.25 -38.82 -72.67
C ALA L 64 -53.19 -39.21 -72.62
N ARG L 65 -54.45 -39.17 -72.24
CA ARG L 65 -55.57 -39.36 -73.16
C ARG L 65 -56.22 -38.00 -73.36
N ILE L 66 -57.01 -37.88 -74.43
CA ILE L 66 -57.55 -36.58 -74.78
C ILE L 66 -58.47 -36.05 -73.69
N ILE L 67 -59.27 -36.94 -73.08
CA ILE L 67 -60.20 -36.47 -72.05
C ILE L 67 -59.46 -35.82 -70.89
N ASP L 68 -58.20 -36.20 -70.68
CA ASP L 68 -57.47 -35.70 -69.51
C ASP L 68 -57.31 -34.19 -69.53
N PHE L 69 -57.29 -33.57 -70.71
CA PHE L 69 -57.12 -32.11 -70.75
C PHE L 69 -58.34 -31.41 -70.16
N ALA L 70 -59.53 -31.77 -70.62
CA ALA L 70 -60.74 -31.15 -70.07
C ALA L 70 -60.87 -31.44 -68.57
N LEU L 71 -60.53 -32.67 -68.15
CA LEU L 71 -60.60 -33.00 -66.73
C LEU L 71 -59.58 -32.20 -65.93
N SER L 72 -58.36 -32.06 -66.47
CA SER L 72 -57.34 -31.28 -65.79
C SER L 72 -57.70 -29.81 -65.75
N ASN L 73 -58.48 -29.34 -66.73
CA ASN L 73 -58.90 -27.95 -66.75
C ASN L 73 -59.87 -27.66 -65.62
N ALA L 74 -60.86 -28.53 -65.41
CA ALA L 74 -61.70 -28.44 -64.22
C ALA L 74 -60.86 -28.42 -62.95
N LEU L 75 -59.98 -29.41 -62.81
CA LEU L 75 -59.17 -29.55 -61.60
C LEU L 75 -58.34 -28.29 -61.36
N ASN L 76 -57.55 -27.88 -62.36
CA ASN L 76 -56.68 -26.72 -62.21
C ASN L 76 -57.47 -25.44 -62.00
N SER L 77 -58.66 -25.35 -62.58
CA SER L 77 -59.52 -24.18 -62.35
C SER L 77 -60.21 -24.22 -60.98
N GLY L 78 -59.98 -25.26 -60.19
CA GLY L 78 -60.56 -25.35 -58.86
C GLY L 78 -61.92 -26.01 -58.78
N ILE L 79 -62.39 -26.62 -59.86
CA ILE L 79 -63.66 -27.34 -59.85
C ILE L 79 -63.41 -28.73 -59.28
N ARG L 80 -63.95 -28.99 -58.09
CA ARG L 80 -63.69 -30.23 -57.38
C ARG L 80 -64.79 -31.27 -57.56
N ARG L 81 -65.82 -30.98 -58.35
CA ARG L 81 -66.89 -31.91 -58.65
C ARG L 81 -66.92 -32.14 -60.16
N ILE L 82 -66.69 -33.38 -60.58
CA ILE L 82 -66.65 -33.73 -61.99
C ILE L 82 -67.60 -34.89 -62.25
N GLY L 83 -68.44 -34.74 -63.27
CA GLY L 83 -69.18 -35.85 -63.86
C GLY L 83 -68.67 -36.12 -65.26
N VAL L 84 -68.67 -37.39 -65.65
CA VAL L 84 -68.24 -37.80 -66.99
C VAL L 84 -69.31 -38.70 -67.57
N ALA L 85 -69.95 -38.26 -68.66
CA ALA L 85 -70.94 -39.07 -69.36
C ALA L 85 -70.24 -39.84 -70.48
N THR L 86 -70.34 -41.17 -70.45
CA THR L 86 -69.77 -42.03 -71.47
C THR L 86 -70.88 -42.81 -72.17
N GLN L 87 -70.55 -43.38 -73.32
CA GLN L 87 -71.49 -44.24 -74.04
C GLN L 87 -70.79 -45.17 -75.03
N TYR L 88 -70.26 -44.61 -76.12
CA TYR L 88 -69.67 -45.44 -77.17
C TYR L 88 -68.38 -46.10 -76.69
N LYS L 89 -68.28 -47.41 -76.91
CA LYS L 89 -67.11 -48.23 -76.57
C LYS L 89 -66.34 -47.66 -75.39
N ALA L 90 -66.93 -47.77 -74.18
CA ALA L 90 -66.50 -47.00 -73.03
C ALA L 90 -65.61 -47.75 -72.07
N HIS L 91 -65.28 -49.01 -72.37
CA HIS L 91 -64.57 -49.83 -71.38
C HIS L 91 -63.19 -49.28 -71.06
N ASP L 92 -62.42 -48.90 -72.09
CA ASP L 92 -61.10 -48.34 -71.84
C ASP L 92 -61.18 -46.99 -71.16
N LEU L 93 -62.08 -46.13 -71.65
CA LEU L 93 -62.29 -44.84 -71.04
C LEU L 93 -62.67 -44.99 -69.56
N ILE L 94 -63.58 -45.91 -69.26
CA ILE L 94 -64.03 -46.07 -67.89
C ILE L 94 -62.90 -46.62 -67.01
N ARG L 95 -62.21 -47.66 -67.49
CA ARG L 95 -61.09 -48.20 -66.72
C ARG L 95 -60.03 -47.14 -66.47
N HIS L 96 -59.83 -46.23 -67.43
CA HIS L 96 -58.84 -45.17 -67.29
C HIS L 96 -59.24 -44.15 -66.23
N LEU L 97 -60.50 -43.71 -66.24
CA LEU L 97 -60.96 -42.79 -65.21
C LEU L 97 -60.93 -43.43 -63.83
N GLN L 98 -61.35 -44.70 -63.72
CA GLN L 98 -61.32 -45.40 -62.44
C GLN L 98 -59.93 -45.34 -61.81
N ARG L 99 -58.90 -45.51 -62.64
CA ARG L 99 -57.55 -45.69 -62.12
C ARG L 99 -56.74 -44.40 -62.13
N GLY L 100 -56.99 -43.52 -63.10
CA GLY L 100 -56.28 -42.25 -63.13
C GLY L 100 -56.88 -41.17 -62.25
N TRP L 101 -58.21 -41.06 -62.19
CA TRP L 101 -58.88 -39.94 -61.53
C TRP L 101 -59.57 -40.43 -60.27
N ASP L 102 -58.75 -40.86 -59.30
CA ASP L 102 -59.24 -41.58 -58.13
C ASP L 102 -58.93 -40.88 -56.81
N PHE L 103 -58.54 -39.60 -56.83
CA PHE L 103 -58.08 -38.92 -55.62
C PHE L 103 -59.12 -37.95 -55.06
N PHE L 104 -60.37 -38.10 -55.44
CA PHE L 104 -61.44 -37.25 -54.93
C PHE L 104 -62.11 -37.97 -53.76
N ARG L 105 -62.31 -37.25 -52.66
CA ARG L 105 -62.95 -37.81 -51.47
C ARG L 105 -64.19 -36.99 -51.16
N PRO L 106 -65.37 -37.59 -51.14
CA PRO L 106 -66.59 -36.83 -50.86
C PRO L 106 -66.55 -36.03 -49.57
N GLU L 107 -65.86 -36.50 -48.54
CA GLU L 107 -65.85 -35.75 -47.28
C GLU L 107 -65.07 -34.46 -47.39
N ARG L 108 -64.27 -34.29 -48.45
CA ARG L 108 -63.65 -33.02 -48.79
C ARG L 108 -64.47 -32.21 -49.78
N ASN L 109 -65.73 -32.60 -50.02
CA ASN L 109 -66.62 -31.95 -50.99
C ASN L 109 -66.02 -32.00 -52.39
N GLU L 110 -65.34 -33.10 -52.69
CA GLU L 110 -64.91 -33.45 -54.03
C GLU L 110 -65.65 -34.71 -54.47
N SER L 111 -66.04 -34.76 -55.74
CA SER L 111 -66.67 -35.94 -56.30
C SER L 111 -66.15 -36.16 -57.71
N PHE L 112 -66.07 -37.43 -58.10
CA PHE L 112 -65.79 -37.81 -59.49
C PHE L 112 -66.76 -38.94 -59.85
N ASP L 113 -67.80 -38.60 -60.61
CA ASP L 113 -68.86 -39.54 -60.96
C ASP L 113 -68.71 -39.97 -62.41
N ILE L 114 -68.71 -41.28 -62.64
CA ILE L 114 -68.60 -41.87 -63.97
C ILE L 114 -69.98 -42.37 -64.35
N LEU L 115 -70.54 -41.83 -65.44
CA LEU L 115 -71.98 -41.87 -65.71
C LEU L 115 -72.26 -42.51 -67.06
N PRO L 116 -72.13 -43.83 -67.18
CA PRO L 116 -72.48 -44.49 -68.43
C PRO L 116 -73.98 -44.74 -68.55
N ALA L 117 -74.46 -44.69 -69.78
CA ALA L 117 -75.84 -45.06 -70.05
C ALA L 117 -76.04 -46.52 -69.71
N SER L 118 -76.96 -46.80 -68.79
CA SER L 118 -77.11 -48.15 -68.26
C SER L 118 -78.54 -48.37 -67.79
N GLN L 119 -78.86 -49.64 -67.55
CA GLN L 119 -80.13 -50.03 -66.94
C GLN L 119 -80.15 -49.65 -65.47
N ARG L 120 -80.19 -48.35 -65.22
CA ARG L 120 -80.17 -47.86 -63.85
C ARG L 120 -81.45 -47.13 -63.49
N VAL L 121 -81.58 -45.88 -63.96
CA VAL L 121 -82.82 -45.12 -63.80
C VAL L 121 -83.81 -45.41 -64.91
N SER L 122 -83.38 -46.11 -65.97
CA SER L 122 -84.24 -46.40 -67.12
C SER L 122 -83.62 -47.56 -67.90
N GLU L 123 -84.44 -48.18 -68.74
CA GLU L 123 -83.97 -49.26 -69.61
C GLU L 123 -82.93 -48.72 -70.59
N THR L 124 -83.41 -48.09 -71.68
CA THR L 124 -82.59 -47.45 -72.71
C THR L 124 -81.26 -48.14 -73.00
N GLN L 125 -80.30 -48.01 -72.09
CA GLN L 125 -78.89 -48.34 -72.35
C GLN L 125 -78.33 -47.47 -73.48
N TRP L 126 -78.78 -46.22 -73.53
CA TRP L 126 -78.45 -45.28 -74.61
C TRP L 126 -78.96 -43.90 -74.22
N TYR L 127 -78.06 -42.93 -74.09
CA TYR L 127 -78.51 -41.53 -74.00
C TYR L 127 -78.97 -41.08 -75.38
N GLU L 128 -80.06 -40.32 -75.42
CA GLU L 128 -80.62 -39.86 -76.68
C GLU L 128 -79.97 -38.57 -77.17
N GLY L 129 -78.90 -38.14 -76.53
CA GLY L 129 -78.22 -36.91 -76.93
C GLY L 129 -77.47 -36.33 -75.76
N THR L 130 -76.63 -35.34 -76.08
CA THR L 130 -75.81 -34.69 -75.05
C THR L 130 -76.68 -34.11 -73.95
N ALA L 131 -77.82 -33.54 -74.31
CA ALA L 131 -78.74 -33.00 -73.31
C ALA L 131 -79.25 -34.11 -72.40
N ASP L 132 -79.72 -35.20 -72.99
CA ASP L 132 -80.26 -36.31 -72.20
C ASP L 132 -79.20 -36.91 -71.29
N ALA L 133 -77.92 -36.87 -71.70
CA ALA L 133 -76.86 -37.42 -70.88
C ALA L 133 -76.74 -36.69 -69.54
N VAL L 134 -77.16 -35.43 -69.49
CA VAL L 134 -77.25 -34.73 -68.21
C VAL L 134 -78.64 -34.87 -67.60
N TYR L 135 -79.66 -35.09 -68.43
CA TYR L 135 -81.02 -35.29 -67.91
C TYR L 135 -81.07 -36.49 -67.01
N GLN L 136 -80.68 -37.65 -67.52
N GLN L 136 -80.68 -37.65 -67.52
CA GLN L 136 -80.78 -38.90 -66.79
CA GLN L 136 -80.79 -38.89 -66.78
C GLN L 136 -79.97 -38.90 -65.51
C GLN L 136 -79.96 -38.91 -65.51
N ASN L 137 -79.07 -37.94 -65.33
CA ASN L 137 -78.20 -37.88 -64.16
C ASN L 137 -78.51 -36.69 -63.26
N ILE L 138 -79.72 -36.13 -63.35
CA ILE L 138 -80.11 -35.05 -62.44
C ILE L 138 -80.06 -35.51 -61.00
N ASP L 139 -80.40 -36.78 -60.75
CA ASP L 139 -80.39 -37.30 -59.38
C ASP L 139 -78.97 -37.52 -58.86
N ILE L 140 -77.96 -37.47 -59.72
CA ILE L 140 -76.58 -37.45 -59.24
C ILE L 140 -76.11 -36.03 -58.95
N ILE L 141 -76.60 -35.05 -59.73
CA ILE L 141 -76.18 -33.67 -59.56
C ILE L 141 -76.82 -33.04 -58.33
N GLU L 142 -78.15 -33.12 -58.22
CA GLU L 142 -78.85 -32.28 -57.26
C GLU L 142 -78.51 -32.55 -55.80
N PRO L 143 -78.21 -33.76 -55.35
CA PRO L 143 -77.64 -33.92 -53.99
C PRO L 143 -76.40 -33.06 -53.75
N TYR L 144 -75.57 -32.84 -54.78
CA TYR L 144 -74.43 -31.94 -54.59
C TYR L 144 -74.86 -30.49 -54.54
N ALA L 145 -76.01 -30.17 -55.15
CA ALA L 145 -76.53 -28.81 -55.28
C ALA L 145 -75.44 -27.78 -55.63
N PRO L 146 -74.70 -28.00 -56.72
CA PRO L 146 -73.74 -26.99 -57.14
C PRO L 146 -74.48 -25.75 -57.62
N GLU L 147 -73.86 -24.58 -57.41
CA GLU L 147 -74.49 -23.35 -57.87
C GLU L 147 -74.36 -23.19 -59.37
N TYR L 148 -73.33 -23.77 -59.98
CA TYR L 148 -73.05 -23.63 -61.40
C TYR L 148 -72.63 -24.96 -61.99
N MET L 149 -72.96 -25.17 -63.26
CA MET L 149 -72.50 -26.33 -64.00
C MET L 149 -71.73 -25.87 -65.23
N VAL L 150 -70.55 -26.44 -65.41
CA VAL L 150 -69.73 -26.23 -66.60
C VAL L 150 -69.86 -27.47 -67.45
N ILE L 151 -70.52 -27.34 -68.60
CA ILE L 151 -70.73 -28.45 -69.52
C ILE L 151 -69.57 -28.46 -70.51
N LEU L 152 -68.86 -29.59 -70.58
CA LEU L 152 -67.58 -29.67 -71.27
C LEU L 152 -67.62 -30.76 -72.34
N ALA L 153 -67.09 -30.42 -73.52
CA ALA L 153 -66.77 -31.43 -74.51
C ALA L 153 -65.51 -32.15 -74.09
N GLY L 154 -65.52 -33.48 -74.15
CA GLY L 154 -64.38 -34.25 -73.69
C GLY L 154 -63.45 -34.75 -74.78
N ASP L 155 -63.46 -34.13 -75.96
CA ASP L 155 -62.70 -34.63 -77.10
C ASP L 155 -61.86 -33.54 -77.75
N HIS L 156 -61.42 -32.55 -76.99
CA HIS L 156 -60.53 -31.51 -77.50
C HIS L 156 -59.27 -31.45 -76.64
N ILE L 157 -58.19 -30.97 -77.24
CA ILE L 157 -56.94 -30.75 -76.52
C ILE L 157 -56.78 -29.25 -76.35
N TYR L 158 -56.88 -28.78 -75.11
CA TYR L 158 -56.81 -27.35 -74.82
C TYR L 158 -56.68 -27.16 -73.32
N LYS L 159 -56.08 -26.03 -72.95
CA LYS L 159 -55.96 -25.62 -71.56
C LYS L 159 -56.72 -24.31 -71.38
N MET L 160 -57.52 -24.23 -70.32
CA MET L 160 -58.38 -23.07 -70.11
C MET L 160 -58.70 -22.95 -68.63
N ASP L 161 -58.86 -21.71 -68.18
CA ASP L 161 -59.24 -21.41 -66.80
C ASP L 161 -60.73 -21.07 -66.78
N TYR L 162 -61.54 -22.00 -66.27
CA TYR L 162 -62.99 -21.84 -66.29
C TYR L 162 -63.50 -20.86 -65.24
N GLU L 163 -62.64 -20.36 -64.35
CA GLU L 163 -63.09 -19.33 -63.41
C GLU L 163 -63.42 -18.04 -64.14
N TYR L 164 -62.74 -17.79 -65.26
CA TYR L 164 -63.07 -16.62 -66.08
C TYR L 164 -64.47 -16.74 -66.66
N MET L 165 -64.76 -17.86 -67.33
CA MET L 165 -66.11 -18.09 -67.86
C MET L 165 -67.18 -17.94 -66.77
N LEU L 166 -66.92 -18.49 -65.58
CA LEU L 166 -67.92 -18.46 -64.51
C LEU L 166 -68.22 -17.03 -64.07
N GLN L 167 -67.17 -16.24 -63.82
CA GLN L 167 -67.39 -14.87 -63.37
C GLN L 167 -67.98 -14.00 -64.47
N GLN L 168 -67.59 -14.25 -65.72
CA GLN L 168 -68.27 -13.58 -66.84
C GLN L 168 -69.75 -13.95 -66.86
N HIS L 169 -70.06 -15.20 -66.54
CA HIS L 169 -71.44 -15.66 -66.60
C HIS L 169 -72.32 -14.95 -65.57
N VAL L 170 -71.85 -14.83 -64.33
CA VAL L 170 -72.70 -14.26 -63.29
C VAL L 170 -72.82 -12.74 -63.47
N ASP L 171 -71.72 -12.08 -63.82
CA ASP L 171 -71.78 -10.63 -64.02
C ASP L 171 -72.59 -10.27 -65.26
N SER L 172 -72.55 -11.11 -66.29
CA SER L 172 -73.36 -10.90 -67.48
C SER L 172 -74.84 -11.12 -67.23
N GLY L 173 -75.19 -11.90 -66.21
CA GLY L 173 -76.57 -12.27 -65.98
C GLY L 173 -77.12 -13.16 -67.06
N ALA L 174 -76.25 -13.73 -67.88
CA ALA L 174 -76.73 -14.52 -69.02
C ALA L 174 -77.35 -15.82 -68.54
N ASP L 175 -78.28 -16.32 -69.35
CA ASP L 175 -78.78 -17.67 -69.14
C ASP L 175 -77.73 -18.71 -69.52
N VAL L 176 -76.92 -18.44 -70.55
CA VAL L 176 -75.85 -19.33 -70.95
C VAL L 176 -74.62 -18.53 -71.31
N THR L 177 -73.47 -19.01 -70.85
CA THR L 177 -72.17 -18.60 -71.33
C THR L 177 -71.62 -19.72 -72.20
N ILE L 178 -71.17 -19.36 -73.40
CA ILE L 178 -70.75 -20.34 -74.38
C ILE L 178 -69.31 -20.06 -74.79
N GLY L 179 -68.43 -21.02 -74.52
CA GLY L 179 -67.05 -20.90 -74.94
C GLY L 179 -66.96 -20.98 -76.45
N CYS L 180 -66.21 -20.06 -77.04
CA CYS L 180 -66.11 -19.95 -78.49
C CYS L 180 -64.67 -19.68 -78.88
N LEU L 181 -64.30 -20.17 -80.06
CA LEU L 181 -62.99 -19.92 -80.63
C LEU L 181 -63.08 -18.79 -81.65
N GLU L 182 -62.07 -17.92 -81.65
CA GLU L 182 -61.94 -16.85 -82.64
C GLU L 182 -61.19 -17.44 -83.83
N VAL L 183 -61.89 -17.69 -84.93
CA VAL L 183 -61.27 -18.33 -86.09
C VAL L 183 -61.55 -17.54 -87.36
N PRO L 184 -60.66 -17.59 -88.36
CA PRO L 184 -61.01 -17.10 -89.69
C PRO L 184 -62.23 -17.85 -90.22
N ARG L 185 -63.17 -17.13 -90.83
CA ARG L 185 -64.47 -17.72 -91.14
C ARG L 185 -64.37 -18.92 -92.07
N MET L 186 -63.36 -18.96 -92.94
CA MET L 186 -63.24 -20.17 -93.74
C MET L 186 -62.62 -21.30 -92.92
N GLU L 187 -62.18 -21.05 -91.70
CA GLU L 187 -61.95 -22.17 -90.81
C GLU L 187 -63.19 -22.55 -90.03
N ALA L 188 -64.16 -21.64 -89.93
CA ALA L 188 -65.42 -21.91 -89.24
C ALA L 188 -66.41 -22.71 -90.07
N THR L 189 -66.05 -23.13 -91.29
CA THR L 189 -66.96 -23.91 -92.13
C THR L 189 -67.54 -25.11 -91.39
N GLY L 190 -66.71 -25.77 -90.58
CA GLY L 190 -67.13 -27.01 -89.98
C GLY L 190 -67.47 -26.91 -88.51
N PHE L 191 -67.78 -25.70 -88.04
CA PHE L 191 -68.16 -25.48 -86.65
C PHE L 191 -69.59 -24.98 -86.57
N GLY L 192 -70.24 -25.31 -85.46
CA GLY L 192 -71.40 -24.54 -85.06
C GLY L 192 -70.90 -23.14 -84.76
N VAL L 193 -71.51 -22.13 -85.36
CA VAL L 193 -70.99 -20.76 -85.32
C VAL L 193 -72.02 -19.85 -84.67
N MET L 194 -71.56 -19.02 -83.74
CA MET L 194 -72.41 -18.11 -82.99
C MET L 194 -72.37 -16.72 -83.62
N HIS L 195 -73.53 -16.25 -84.07
CA HIS L 195 -73.69 -14.88 -84.53
C HIS L 195 -73.89 -13.98 -83.31
N VAL L 196 -73.05 -12.95 -83.18
CA VAL L 196 -73.02 -12.12 -81.99
C VAL L 196 -73.18 -10.65 -82.37
N ASN L 197 -73.07 -9.80 -81.35
CA ASN L 197 -73.28 -8.37 -81.45
C ASN L 197 -72.07 -7.57 -81.01
N GLU L 198 -72.33 -6.29 -80.67
CA GLU L 198 -71.30 -5.39 -80.20
C GLU L 198 -70.89 -5.73 -78.77
N LYS L 199 -71.79 -6.34 -78.01
CA LYS L 199 -71.54 -6.74 -76.63
C LYS L 199 -71.41 -8.24 -76.49
N ASP L 200 -71.11 -8.94 -77.59
CA ASP L 200 -70.89 -10.39 -77.61
C ASP L 200 -72.09 -11.18 -77.12
N GLU L 201 -73.29 -10.61 -77.21
CA GLU L 201 -74.51 -11.39 -77.04
C GLU L 201 -74.86 -12.09 -78.35
N ILE L 202 -75.26 -13.35 -78.24
CA ILE L 202 -75.49 -14.20 -79.40
C ILE L 202 -76.91 -13.95 -79.91
N ILE L 203 -77.02 -13.50 -81.17
CA ILE L 203 -78.33 -13.31 -81.78
C ILE L 203 -78.85 -14.57 -82.45
N ASP L 204 -77.95 -15.44 -82.92
CA ASP L 204 -78.36 -16.65 -83.61
C ASP L 204 -77.19 -17.62 -83.59
N PHE L 205 -77.51 -18.88 -83.82
CA PHE L 205 -76.49 -19.92 -83.96
C PHE L 205 -76.75 -20.66 -85.26
N ILE L 206 -75.69 -20.86 -86.04
CA ILE L 206 -75.77 -21.50 -87.34
C ILE L 206 -74.93 -22.76 -87.31
N GLU L 207 -75.49 -23.86 -87.81
CA GLU L 207 -74.80 -25.15 -87.79
C GLU L 207 -74.01 -25.31 -89.09
N LYS L 208 -72.69 -25.16 -89.01
CA LYS L 208 -71.77 -25.31 -90.13
C LYS L 208 -72.14 -24.43 -91.31
N PRO L 209 -72.06 -23.11 -91.16
CA PRO L 209 -72.37 -22.21 -92.29
C PRO L 209 -71.32 -22.30 -93.39
N ALA L 210 -71.80 -22.25 -94.63
CA ALA L 210 -70.88 -22.23 -95.77
C ALA L 210 -70.12 -20.91 -95.86
N ASP L 211 -70.77 -19.80 -95.49
CA ASP L 211 -70.12 -18.50 -95.37
C ASP L 211 -70.54 -17.95 -94.01
N PRO L 212 -69.68 -18.03 -93.00
CA PRO L 212 -70.15 -17.83 -91.63
C PRO L 212 -70.41 -16.38 -91.33
N PRO L 213 -71.30 -16.06 -90.38
CA PRO L 213 -71.48 -14.67 -89.94
C PRO L 213 -70.24 -14.17 -89.22
N GLY L 214 -69.78 -12.99 -89.60
CA GLY L 214 -68.60 -12.43 -88.99
C GLY L 214 -68.89 -11.64 -87.75
N ILE L 215 -67.85 -11.34 -86.99
CA ILE L 215 -68.00 -10.55 -85.77
C ILE L 215 -68.20 -9.08 -86.16
N PRO L 216 -69.15 -8.38 -85.55
CA PRO L 216 -69.28 -6.94 -85.82
C PRO L 216 -67.99 -6.20 -85.48
N GLY L 217 -67.56 -5.34 -86.41
CA GLY L 217 -66.31 -4.64 -86.28
C GLY L 217 -65.07 -5.44 -86.61
N ASN L 218 -65.24 -6.71 -87.02
CA ASN L 218 -64.14 -7.59 -87.35
C ASN L 218 -64.70 -8.78 -88.12
N GLU L 219 -65.22 -8.52 -89.32
CA GLU L 219 -65.80 -9.58 -90.13
C GLU L 219 -64.77 -10.55 -90.66
N GLY L 220 -63.48 -10.31 -90.39
CA GLY L 220 -62.45 -11.28 -90.73
C GLY L 220 -62.38 -12.50 -89.84
N PHE L 221 -63.24 -12.57 -88.81
CA PHE L 221 -63.26 -13.71 -87.91
C PHE L 221 -64.70 -14.05 -87.53
N ALA L 222 -64.93 -15.34 -87.30
CA ALA L 222 -66.21 -15.83 -86.81
C ALA L 222 -65.98 -16.62 -85.52
N LEU L 223 -67.02 -16.65 -84.67
CA LEU L 223 -66.93 -17.30 -83.38
C LEU L 223 -67.44 -18.73 -83.51
N ALA L 224 -66.54 -19.69 -83.33
CA ALA L 224 -66.84 -21.11 -83.45
C ALA L 224 -67.08 -21.71 -82.07
N SER L 225 -68.09 -22.57 -81.97
CA SER L 225 -68.52 -23.07 -80.66
C SER L 225 -67.60 -24.17 -80.16
N MET L 226 -67.18 -24.05 -78.90
CA MET L 226 -66.32 -25.02 -78.25
C MET L 226 -67.09 -26.19 -77.67
N GLY L 227 -68.42 -26.13 -77.65
CA GLY L 227 -69.19 -27.08 -76.88
C GLY L 227 -68.99 -26.95 -75.39
N ILE L 228 -68.75 -25.74 -74.90
CA ILE L 228 -68.53 -25.47 -73.49
C ILE L 228 -69.60 -24.50 -73.03
N TYR L 229 -70.47 -24.95 -72.13
CA TYR L 229 -71.65 -24.21 -71.72
C TYR L 229 -71.64 -24.01 -70.21
N VAL L 230 -71.80 -22.76 -69.78
CA VAL L 230 -71.94 -22.42 -68.37
C VAL L 230 -73.40 -22.07 -68.11
N PHE L 231 -73.98 -22.63 -67.05
CA PHE L 231 -75.32 -22.32 -66.60
C PHE L 231 -75.33 -22.13 -65.09
N HIS L 232 -76.36 -21.45 -64.61
CA HIS L 232 -76.81 -21.64 -63.24
C HIS L 232 -77.51 -23.00 -63.16
N THR L 233 -77.15 -23.79 -62.15
CA THR L 233 -77.65 -25.17 -62.09
C THR L 233 -79.17 -25.21 -62.08
N LYS L 234 -79.82 -24.30 -61.35
CA LYS L 234 -81.28 -24.27 -61.37
C LYS L 234 -81.80 -24.01 -62.78
N PHE L 235 -81.14 -23.12 -63.54
CA PHE L 235 -81.60 -22.84 -64.89
C PHE L 235 -81.45 -24.05 -65.80
N LEU L 236 -80.29 -24.71 -65.77
CA LEU L 236 -80.10 -25.86 -66.64
C LEU L 236 -81.06 -26.98 -66.27
N MET L 237 -81.28 -27.20 -64.97
CA MET L 237 -82.25 -28.22 -64.54
C MET L 237 -83.63 -27.95 -65.14
N GLU L 238 -84.05 -26.68 -65.13
CA GLU L 238 -85.33 -26.32 -65.73
C GLU L 238 -85.31 -26.53 -67.24
N ALA L 239 -84.38 -25.87 -67.93
CA ALA L 239 -84.27 -25.99 -69.39
C ALA L 239 -84.15 -27.43 -69.83
N LEU L 240 -83.50 -28.25 -69.03
CA LEU L 240 -83.26 -29.63 -69.41
C LEU L 240 -84.55 -30.46 -69.29
N ARG L 241 -85.29 -30.30 -68.19
CA ARG L 241 -86.56 -31.02 -68.07
C ARG L 241 -87.57 -30.52 -69.09
N ARG L 242 -87.55 -29.23 -69.41
CA ARG L 242 -88.35 -28.72 -70.53
C ARG L 242 -87.92 -29.37 -71.85
N ASP L 243 -86.64 -29.66 -72.00
CA ASP L 243 -86.17 -30.34 -73.19
C ASP L 243 -86.68 -31.78 -73.23
N ALA L 244 -86.71 -32.45 -72.07
CA ALA L 244 -87.18 -33.83 -72.04
C ALA L 244 -88.68 -33.93 -72.29
N ALA L 245 -89.44 -32.92 -71.91
CA ALA L 245 -90.89 -32.90 -72.11
C ALA L 245 -91.28 -32.41 -73.48
N ASP L 246 -90.31 -32.17 -74.36
CA ASP L 246 -90.55 -31.65 -75.70
C ASP L 246 -90.28 -32.74 -76.72
N PRO L 247 -91.23 -33.07 -77.60
CA PRO L 247 -90.98 -34.14 -78.57
C PRO L 247 -90.28 -33.66 -79.84
N THR L 248 -90.35 -32.36 -80.14
CA THR L 248 -89.59 -31.84 -81.28
C THR L 248 -88.09 -31.85 -81.03
N SER L 249 -87.66 -32.17 -79.80
CA SER L 249 -86.26 -32.09 -79.41
C SER L 249 -85.49 -33.31 -79.88
N SER L 250 -84.31 -33.07 -80.46
CA SER L 250 -83.33 -34.13 -80.64
C SER L 250 -82.48 -34.34 -79.40
N ARG L 251 -82.82 -33.66 -78.29
CA ARG L 251 -82.21 -33.86 -76.98
C ARG L 251 -80.69 -33.70 -77.03
N ASP L 252 -80.22 -32.70 -77.76
CA ASP L 252 -78.80 -32.41 -77.80
C ASP L 252 -78.60 -30.94 -77.50
N PHE L 253 -77.59 -30.64 -76.68
CA PHE L 253 -77.25 -29.26 -76.37
C PHE L 253 -77.23 -28.44 -77.66
N GLY L 254 -76.21 -28.64 -78.50
CA GLY L 254 -75.96 -27.72 -79.61
C GLY L 254 -77.17 -27.48 -80.49
N LYS L 255 -77.99 -28.50 -80.72
CA LYS L 255 -79.11 -28.38 -81.65
C LYS L 255 -80.43 -27.97 -80.99
N ASP L 256 -80.55 -28.10 -79.67
CA ASP L 256 -81.84 -27.78 -79.05
C ASP L 256 -81.70 -26.82 -77.87
N ILE L 257 -80.96 -27.20 -76.84
CA ILE L 257 -80.91 -26.43 -75.61
C ILE L 257 -80.43 -25.00 -75.89
N ILE L 258 -79.28 -24.86 -76.54
CA ILE L 258 -78.83 -23.51 -76.88
C ILE L 258 -79.71 -22.83 -77.91
N PRO L 259 -80.17 -23.50 -78.99
CA PRO L 259 -81.10 -22.82 -79.91
C PRO L 259 -82.41 -22.39 -79.28
N TYR L 260 -82.70 -22.78 -78.04
CA TYR L 260 -83.87 -22.24 -77.36
C TYR L 260 -83.55 -20.92 -76.67
N ILE L 261 -82.34 -20.80 -76.13
CA ILE L 261 -82.03 -19.70 -75.23
C ILE L 261 -81.61 -18.46 -76.00
N VAL L 262 -80.86 -18.62 -77.09
CA VAL L 262 -80.52 -17.45 -77.91
C VAL L 262 -81.79 -16.71 -78.32
N GLU L 263 -82.83 -17.46 -78.67
CA GLU L 263 -84.12 -16.90 -79.06
C GLU L 263 -84.83 -16.25 -77.88
N HIS L 264 -85.28 -17.08 -76.92
CA HIS L 264 -86.12 -16.59 -75.85
C HIS L 264 -85.34 -16.01 -74.68
N GLY L 265 -84.11 -16.46 -74.44
CA GLY L 265 -83.39 -16.01 -73.26
C GLY L 265 -82.20 -15.12 -73.52
N LYS L 266 -81.12 -15.32 -72.79
CA LYS L 266 -79.91 -14.50 -72.89
C LYS L 266 -78.69 -15.42 -72.95
N ALA L 267 -78.00 -15.41 -74.10
CA ALA L 267 -76.83 -16.23 -74.32
C ALA L 267 -75.70 -15.35 -74.84
N VAL L 268 -74.54 -15.40 -74.17
CA VAL L 268 -73.42 -14.52 -74.48
C VAL L 268 -72.17 -15.35 -74.74
N ALA L 269 -71.40 -14.96 -75.75
CA ALA L 269 -70.21 -15.70 -76.13
C ALA L 269 -69.04 -15.37 -75.22
N HIS L 270 -68.36 -16.41 -74.74
CA HIS L 270 -67.02 -16.30 -74.18
C HIS L 270 -66.03 -16.85 -75.20
N ARG L 271 -64.96 -16.10 -75.44
CA ARG L 271 -63.98 -16.45 -76.46
C ARG L 271 -62.70 -17.01 -75.83
N PHE L 272 -62.15 -18.04 -76.47
CA PHE L 272 -61.07 -18.85 -75.90
C PHE L 272 -59.92 -18.00 -75.39
N ALA L 273 -59.53 -16.96 -76.13
CA ALA L 273 -58.36 -16.19 -75.75
C ALA L 273 -58.51 -15.48 -74.41
N ASP L 274 -59.75 -15.21 -73.99
CA ASP L 274 -59.95 -14.55 -72.70
C ASP L 274 -59.50 -15.43 -71.54
N SER L 275 -59.67 -16.75 -71.65
CA SER L 275 -59.41 -17.67 -70.56
C SER L 275 -58.42 -18.77 -70.91
N CYS L 276 -57.86 -18.76 -72.11
CA CYS L 276 -56.85 -19.75 -72.48
C CYS L 276 -55.63 -19.66 -71.58
N VAL L 277 -55.11 -20.81 -71.17
CA VAL L 277 -53.90 -20.90 -70.37
C VAL L 277 -52.75 -21.25 -71.30
N ARG L 278 -51.90 -20.26 -71.57
CA ARG L 278 -50.72 -20.44 -72.40
C ARG L 278 -49.46 -20.43 -71.53
N SER L 279 -48.56 -21.37 -71.80
CA SER L 279 -47.24 -21.30 -71.19
C SER L 279 -46.38 -20.27 -71.92
N ASP L 280 -45.25 -19.91 -71.31
CA ASP L 280 -44.35 -18.95 -71.94
C ASP L 280 -43.69 -19.50 -73.19
N PHE L 281 -43.89 -20.78 -73.50
CA PHE L 281 -43.36 -21.41 -74.71
C PHE L 281 -44.46 -21.81 -75.68
N GLU L 282 -45.62 -21.15 -75.62
CA GLU L 282 -46.71 -21.38 -76.57
C GLU L 282 -47.04 -20.03 -77.22
N HIS L 283 -46.79 -19.93 -78.53
CA HIS L 283 -46.81 -18.63 -79.20
C HIS L 283 -48.21 -18.10 -79.47
N GLU L 284 -49.27 -18.90 -79.27
CA GLU L 284 -50.63 -18.40 -79.32
C GLU L 284 -51.54 -19.45 -78.66
N PRO L 285 -52.81 -19.11 -78.40
CA PRO L 285 -53.69 -20.08 -77.73
C PRO L 285 -53.75 -21.41 -78.47
N TYR L 286 -53.70 -22.50 -77.71
CA TYR L 286 -53.64 -23.85 -78.28
C TYR L 286 -54.99 -24.54 -78.15
N TRP L 287 -55.46 -25.12 -79.25
CA TRP L 287 -56.71 -25.86 -79.28
C TRP L 287 -56.68 -26.75 -80.50
N ARG L 288 -56.97 -28.04 -80.33
CA ARG L 288 -57.05 -28.95 -81.46
C ARG L 288 -58.22 -29.90 -81.27
N ASP L 289 -58.94 -30.12 -82.37
CA ASP L 289 -60.03 -31.07 -82.44
C ASP L 289 -59.55 -32.49 -82.75
N VAL L 290 -58.38 -32.62 -83.40
CA VAL L 290 -57.84 -33.87 -83.95
C VAL L 290 -58.96 -34.76 -84.48
N GLY L 291 -59.90 -34.16 -85.22
CA GLY L 291 -61.05 -34.89 -85.73
C GLY L 291 -60.72 -35.82 -86.87
N THR L 292 -59.57 -35.63 -87.53
CA THR L 292 -59.16 -36.39 -88.69
C THR L 292 -57.96 -37.25 -88.35
N ILE L 293 -57.74 -38.29 -89.17
CA ILE L 293 -56.49 -39.04 -89.09
C ILE L 293 -55.31 -38.08 -89.27
N ASP L 294 -55.43 -37.15 -90.21
CA ASP L 294 -54.34 -36.22 -90.48
C ASP L 294 -54.13 -35.23 -89.33
N ALA L 295 -55.20 -34.65 -88.77
CA ALA L 295 -55.02 -33.73 -87.66
C ALA L 295 -54.52 -34.45 -86.41
N TYR L 296 -54.91 -35.70 -86.22
CA TYR L 296 -54.34 -36.48 -85.13
C TYR L 296 -52.85 -36.68 -85.34
N TRP L 297 -52.46 -37.20 -86.51
CA TRP L 297 -51.04 -37.34 -86.81
C TRP L 297 -50.31 -36.00 -86.71
N GLN L 298 -50.93 -34.94 -87.22
CA GLN L 298 -50.25 -33.64 -87.25
C GLN L 298 -50.02 -33.10 -85.84
N ALA L 299 -51.06 -33.13 -85.01
CA ALA L 299 -50.94 -32.60 -83.66
C ALA L 299 -49.89 -33.36 -82.85
N ASN L 300 -49.77 -34.67 -83.08
CA ASN L 300 -48.74 -35.45 -82.37
C ASN L 300 -47.36 -35.16 -82.91
N ILE L 301 -47.18 -35.29 -84.23
CA ILE L 301 -45.85 -35.12 -84.82
C ILE L 301 -45.34 -33.71 -84.61
N ASP L 302 -46.25 -32.75 -84.44
CA ASP L 302 -45.86 -31.37 -84.17
C ASP L 302 -45.09 -31.24 -82.86
N LEU L 303 -45.34 -32.14 -81.91
CA LEU L 303 -44.63 -32.10 -80.64
C LEU L 303 -43.14 -32.42 -80.76
N THR L 304 -42.69 -32.93 -81.90
CA THR L 304 -41.26 -33.15 -82.08
C THR L 304 -40.56 -31.94 -82.69
N ASP L 305 -41.30 -30.85 -82.92
CA ASP L 305 -40.69 -29.60 -83.35
C ASP L 305 -39.70 -29.10 -82.30
N VAL L 306 -38.70 -28.35 -82.77
CA VAL L 306 -37.82 -27.65 -81.84
C VAL L 306 -38.62 -26.72 -80.95
N VAL L 307 -39.58 -26.00 -81.52
CA VAL L 307 -40.47 -25.12 -80.76
C VAL L 307 -41.91 -25.53 -81.03
N PRO L 308 -42.44 -26.52 -80.31
CA PRO L 308 -43.79 -26.98 -80.59
C PRO L 308 -44.84 -25.99 -80.11
N ASP L 309 -46.03 -26.08 -80.71
CA ASP L 309 -47.12 -25.19 -80.36
C ASP L 309 -47.66 -25.47 -78.96
N LEU L 310 -47.64 -26.72 -78.52
CA LEU L 310 -48.07 -27.09 -77.17
C LEU L 310 -46.85 -27.50 -76.38
N ASP L 311 -46.71 -26.95 -75.18
CA ASP L 311 -45.57 -27.21 -74.31
C ASP L 311 -45.96 -28.30 -73.32
N ILE L 312 -45.62 -29.56 -73.67
CA ILE L 312 -45.89 -30.69 -72.78
C ILE L 312 -44.91 -30.78 -71.64
N TYR L 313 -43.98 -29.83 -71.52
CA TYR L 313 -43.03 -29.76 -70.42
C TYR L 313 -43.38 -28.67 -69.43
N ASP L 314 -44.47 -27.93 -69.64
CA ASP L 314 -44.89 -26.91 -68.70
C ASP L 314 -45.52 -27.55 -67.46
N LYS L 315 -45.26 -26.97 -66.29
CA LYS L 315 -45.79 -27.48 -65.04
C LYS L 315 -46.76 -26.51 -64.37
N SER L 316 -46.98 -25.33 -64.94
CA SER L 316 -47.86 -24.35 -64.32
C SER L 316 -49.34 -24.68 -64.54
N TRP L 317 -49.68 -25.36 -65.63
CA TRP L 317 -51.04 -25.86 -65.88
C TRP L 317 -50.92 -27.32 -66.26
N PRO L 318 -50.67 -28.19 -65.29
CA PRO L 318 -50.29 -29.57 -65.62
C PRO L 318 -51.48 -30.43 -66.00
N ILE L 319 -51.21 -31.40 -66.86
CA ILE L 319 -52.21 -32.36 -67.32
C ILE L 319 -52.08 -33.60 -66.47
N TRP L 320 -53.07 -33.86 -65.61
CA TRP L 320 -53.10 -35.10 -64.86
C TRP L 320 -53.61 -36.23 -65.74
N THR L 321 -53.11 -37.43 -65.50
CA THR L 321 -53.50 -38.62 -66.26
C THR L 321 -53.20 -39.84 -65.41
N TYR L 322 -53.58 -41.01 -65.93
CA TYR L 322 -53.13 -42.27 -65.36
C TYR L 322 -51.70 -42.55 -65.83
N ALA L 323 -50.79 -42.73 -64.89
CA ALA L 323 -49.41 -43.06 -65.20
C ALA L 323 -48.92 -44.11 -64.22
N GLU L 324 -48.06 -44.99 -64.71
CA GLU L 324 -47.46 -46.03 -63.90
C GLU L 324 -45.95 -45.82 -63.82
N ILE L 325 -45.37 -46.30 -62.73
CA ILE L 325 -43.91 -46.34 -62.62
C ILE L 325 -43.35 -47.10 -63.82
N THR L 326 -42.59 -46.42 -64.66
CA THR L 326 -42.03 -47.06 -65.83
C THR L 326 -40.52 -46.93 -65.85
N PRO L 327 -39.80 -47.95 -66.32
CA PRO L 327 -38.36 -47.84 -66.50
C PRO L 327 -38.04 -46.80 -67.55
N PRO L 328 -36.79 -46.33 -67.60
CA PRO L 328 -36.42 -45.32 -68.61
C PRO L 328 -36.32 -45.95 -69.99
N ALA L 329 -36.16 -45.08 -70.99
CA ALA L 329 -35.92 -45.55 -72.35
C ALA L 329 -34.47 -46.00 -72.50
N LYS L 330 -34.26 -46.94 -73.42
CA LYS L 330 -32.95 -47.54 -73.64
C LYS L 330 -32.63 -47.55 -75.13
N PHE L 331 -31.40 -47.15 -75.46
CA PHE L 331 -30.89 -47.19 -76.82
C PHE L 331 -29.69 -48.11 -76.84
N VAL L 332 -29.74 -49.16 -77.68
CA VAL L 332 -28.66 -50.14 -77.71
C VAL L 332 -28.19 -50.40 -79.12
N HIS L 333 -26.97 -50.94 -79.21
CA HIS L 333 -26.21 -51.23 -80.42
C HIS L 333 -25.73 -49.97 -81.13
N ASP L 334 -24.49 -50.03 -81.62
CA ASP L 334 -23.83 -48.93 -82.31
C ASP L 334 -22.66 -49.45 -83.14
N ASP L 335 -22.95 -50.05 -84.28
CA ASP L 335 -21.88 -50.50 -85.14
C ASP L 335 -22.12 -50.02 -86.58
N GLU L 336 -21.33 -50.58 -87.52
CA GLU L 336 -21.47 -50.24 -88.93
C GLU L 336 -22.85 -50.61 -89.46
N ASP L 337 -23.44 -51.68 -88.91
CA ASP L 337 -24.69 -52.21 -89.45
C ASP L 337 -25.94 -51.71 -88.73
N ARG L 338 -25.87 -51.39 -87.44
CA ARG L 338 -27.07 -51.00 -86.70
C ARG L 338 -26.70 -50.02 -85.59
N ARG L 339 -27.62 -49.11 -85.31
CA ARG L 339 -27.44 -48.11 -84.26
C ARG L 339 -28.81 -47.74 -83.74
N GLY L 340 -29.06 -47.99 -82.45
CA GLY L 340 -30.31 -47.60 -81.84
C GLY L 340 -30.29 -46.17 -81.38
N SER L 341 -31.05 -45.29 -82.04
CA SER L 341 -31.00 -43.88 -81.71
C SER L 341 -32.25 -43.19 -82.23
N ALA L 342 -32.51 -42.01 -81.67
CA ALA L 342 -33.66 -41.20 -82.02
C ALA L 342 -33.22 -39.76 -82.21
N VAL L 343 -33.63 -39.16 -83.32
CA VAL L 343 -33.35 -37.75 -83.60
C VAL L 343 -34.67 -37.05 -83.86
N SER L 344 -34.74 -35.80 -83.42
CA SER L 344 -35.92 -34.96 -83.63
C SER L 344 -37.18 -35.72 -83.22
N SER L 345 -37.05 -36.49 -82.15
CA SER L 345 -38.07 -37.43 -81.73
C SER L 345 -38.39 -37.22 -80.26
N VAL L 346 -39.50 -37.80 -79.85
CA VAL L 346 -39.96 -37.76 -78.46
C VAL L 346 -40.26 -39.19 -78.04
N VAL L 347 -39.54 -39.69 -77.04
CA VAL L 347 -39.54 -41.11 -76.69
C VAL L 347 -39.96 -41.25 -75.22
N SER L 348 -40.98 -42.06 -74.98
CA SER L 348 -41.50 -42.24 -73.63
C SER L 348 -40.65 -43.27 -72.89
N GLY L 349 -40.99 -43.46 -71.61
CA GLY L 349 -40.35 -44.49 -70.82
C GLY L 349 -40.80 -45.88 -71.23
N ASP L 350 -40.03 -46.88 -70.78
CA ASP L 350 -40.26 -48.29 -71.12
C ASP L 350 -40.18 -48.52 -72.62
N CYS L 351 -39.40 -47.70 -73.30
CA CYS L 351 -39.16 -47.81 -74.74
C CYS L 351 -37.73 -48.31 -74.92
N ILE L 352 -37.57 -49.48 -75.55
CA ILE L 352 -36.24 -49.99 -75.86
C ILE L 352 -36.07 -49.89 -77.38
N ILE L 353 -35.20 -48.97 -77.80
CA ILE L 353 -34.88 -48.76 -79.20
C ILE L 353 -33.61 -49.55 -79.46
N SER L 354 -33.76 -50.78 -79.98
CA SER L 354 -32.66 -51.74 -80.08
C SER L 354 -32.17 -51.77 -81.53
N GLY L 355 -31.11 -51.02 -81.83
CA GLY L 355 -30.56 -51.03 -83.17
C GLY L 355 -31.48 -50.47 -84.23
N ALA L 356 -32.49 -49.72 -83.82
CA ALA L 356 -33.49 -49.15 -84.71
C ALA L 356 -33.29 -47.65 -84.80
N ALA L 357 -33.45 -47.10 -86.01
CA ALA L 357 -33.27 -45.68 -86.27
C ALA L 357 -34.62 -44.97 -86.22
N LEU L 358 -34.74 -43.97 -85.35
CA LEU L 358 -35.94 -43.16 -85.25
C LEU L 358 -35.66 -41.73 -85.70
N ASN L 359 -36.58 -41.14 -86.45
CA ASN L 359 -36.49 -39.71 -86.73
C ASN L 359 -37.89 -39.12 -86.83
N ARG L 360 -38.04 -37.91 -86.30
CA ARG L 360 -39.31 -37.18 -86.34
C ARG L 360 -40.48 -38.08 -85.93
N SER L 361 -40.29 -38.80 -84.85
CA SER L 361 -41.27 -39.76 -84.37
C SER L 361 -41.62 -39.48 -82.93
N LEU L 362 -42.86 -39.81 -82.57
CA LEU L 362 -43.34 -39.68 -81.20
C LEU L 362 -43.81 -41.06 -80.75
N LEU L 363 -43.17 -41.59 -79.71
CA LEU L 363 -43.47 -42.93 -79.21
C LEU L 363 -44.05 -42.84 -77.81
N PHE L 364 -45.18 -43.52 -77.59
CA PHE L 364 -45.76 -43.65 -76.27
C PHE L 364 -44.99 -44.72 -75.49
N THR L 365 -45.48 -45.03 -74.28
N THR L 365 -45.44 -45.00 -74.26
CA THR L 365 -44.78 -45.91 -73.36
CA THR L 365 -44.72 -45.92 -73.39
C THR L 365 -44.86 -47.38 -73.81
C THR L 365 -44.82 -47.35 -73.90
N GLY L 366 -43.76 -48.12 -73.62
CA GLY L 366 -43.76 -49.54 -73.87
C GLY L 366 -43.34 -49.99 -75.26
N VAL L 367 -42.78 -49.10 -76.09
CA VAL L 367 -42.45 -49.48 -77.47
C VAL L 367 -41.16 -50.30 -77.48
N ARG L 368 -41.15 -51.37 -78.28
CA ARG L 368 -39.94 -52.11 -78.59
C ARG L 368 -39.65 -51.99 -80.09
N ALA L 369 -38.61 -51.26 -80.43
CA ALA L 369 -38.14 -51.16 -81.82
C ALA L 369 -36.87 -51.99 -81.94
N ASN L 370 -36.91 -53.01 -82.78
CA ASN L 370 -35.79 -53.97 -82.87
C ASN L 370 -34.91 -53.66 -84.07
N SER L 371 -33.81 -54.41 -84.15
CA SER L 371 -32.68 -54.05 -84.99
C SER L 371 -33.09 -53.86 -86.45
N TYR L 372 -32.39 -52.93 -87.11
CA TYR L 372 -32.50 -52.62 -88.52
C TYR L 372 -33.84 -52.01 -88.89
N SER L 373 -34.77 -51.88 -87.95
CA SER L 373 -36.00 -51.18 -88.26
C SER L 373 -35.77 -49.67 -88.29
N ARG L 374 -36.63 -48.97 -89.02
CA ARG L 374 -36.50 -47.53 -89.19
C ARG L 374 -37.88 -46.89 -89.07
N LEU L 375 -37.96 -45.83 -88.26
CA LEU L 375 -39.19 -45.06 -88.12
C LEU L 375 -38.94 -43.65 -88.61
N GLU L 376 -39.85 -43.13 -89.41
CA GLU L 376 -39.81 -41.72 -89.77
C GLU L 376 -41.22 -41.18 -89.83
N ASN L 377 -41.42 -39.98 -89.27
CA ASN L 377 -42.73 -39.33 -89.30
C ASN L 377 -43.79 -40.22 -88.67
N ALA L 378 -43.45 -40.87 -87.56
CA ALA L 378 -44.26 -41.95 -87.02
C ALA L 378 -44.87 -41.56 -85.68
N VAL L 379 -46.15 -41.83 -85.51
CA VAL L 379 -46.82 -41.70 -84.23
C VAL L 379 -47.07 -43.12 -83.71
N VAL L 380 -46.39 -43.49 -82.64
CA VAL L 380 -46.39 -44.87 -82.18
C VAL L 380 -47.07 -44.92 -80.81
N LEU L 381 -48.24 -45.55 -80.77
CA LEU L 381 -49.05 -45.64 -79.57
C LEU L 381 -48.48 -46.70 -78.62
N PRO L 382 -48.99 -46.79 -77.38
CA PRO L 382 -48.31 -47.60 -76.36
C PRO L 382 -48.19 -49.08 -76.72
N SER L 383 -47.04 -49.65 -76.35
CA SER L 383 -46.80 -51.10 -76.36
C SER L 383 -46.67 -51.69 -77.76
N VAL L 384 -46.27 -50.89 -78.74
CA VAL L 384 -46.09 -51.39 -80.09
C VAL L 384 -44.74 -52.08 -80.22
N LYS L 385 -44.68 -53.14 -81.01
CA LYS L 385 -43.43 -53.82 -81.33
C LYS L 385 -43.14 -53.65 -82.82
N ILE L 386 -41.97 -53.09 -83.13
CA ILE L 386 -41.49 -52.96 -84.50
C ILE L 386 -40.46 -54.07 -84.74
N GLY L 387 -40.81 -55.07 -85.54
CA GLY L 387 -39.91 -56.16 -85.81
C GLY L 387 -38.70 -55.72 -86.64
N ARG L 388 -37.71 -56.62 -86.69
CA ARG L 388 -36.47 -56.33 -87.40
C ARG L 388 -36.74 -55.92 -88.85
N HIS L 389 -35.90 -55.02 -89.34
CA HIS L 389 -35.88 -54.63 -90.77
C HIS L 389 -37.14 -53.91 -91.23
N ALA L 390 -38.14 -53.78 -90.36
CA ALA L 390 -39.32 -53.03 -90.72
C ALA L 390 -38.96 -51.57 -90.97
N GLN L 391 -39.53 -50.97 -92.01
CA GLN L 391 -39.29 -49.57 -92.32
C GLN L 391 -40.63 -48.88 -92.54
N LEU L 392 -40.90 -47.88 -91.72
CA LEU L 392 -42.22 -47.30 -91.62
C LEU L 392 -42.06 -45.79 -91.69
N SER L 393 -42.68 -45.16 -92.69
CA SER L 393 -42.68 -43.72 -92.80
C SER L 393 -44.11 -43.20 -92.88
N ASN L 394 -44.37 -42.11 -92.16
CA ASN L 394 -45.65 -41.39 -92.21
C ASN L 394 -46.81 -42.31 -91.79
N VAL L 395 -46.87 -42.60 -90.49
CA VAL L 395 -47.76 -43.62 -90.00
C VAL L 395 -48.32 -43.26 -88.64
N VAL L 396 -49.51 -43.81 -88.38
CA VAL L 396 -50.10 -43.86 -87.05
C VAL L 396 -50.22 -45.35 -86.72
N ILE L 397 -49.46 -45.81 -85.74
CA ILE L 397 -49.53 -47.20 -85.32
C ILE L 397 -50.34 -47.31 -84.04
N ASP L 398 -51.43 -48.07 -84.11
CA ASP L 398 -52.38 -48.21 -83.03
C ASP L 398 -51.75 -48.94 -81.85
N HIS L 399 -52.39 -48.78 -80.69
CA HIS L 399 -51.94 -49.39 -79.45
C HIS L 399 -51.72 -50.89 -79.60
N GLY L 400 -50.55 -51.36 -79.16
CA GLY L 400 -50.26 -52.78 -79.07
C GLY L 400 -49.96 -53.51 -80.36
N VAL L 401 -49.87 -52.80 -81.49
CA VAL L 401 -49.69 -53.46 -82.79
C VAL L 401 -48.32 -54.12 -82.84
N VAL L 402 -48.26 -55.30 -83.46
CA VAL L 402 -47.01 -56.01 -83.74
C VAL L 402 -46.70 -55.84 -85.21
N ILE L 403 -45.68 -55.03 -85.54
CA ILE L 403 -45.27 -54.82 -86.93
C ILE L 403 -44.39 -55.98 -87.37
N PRO L 404 -44.82 -56.79 -88.34
CA PRO L 404 -44.01 -57.93 -88.79
C PRO L 404 -42.66 -57.48 -89.33
N GLU L 405 -41.67 -58.33 -89.15
CA GLU L 405 -40.34 -58.07 -89.71
C GLU L 405 -40.43 -57.77 -91.19
N GLY L 406 -39.57 -56.85 -91.63
CA GLY L 406 -39.44 -56.52 -93.03
C GLY L 406 -40.53 -55.66 -93.61
N LEU L 407 -41.61 -55.40 -92.87
CA LEU L 407 -42.72 -54.62 -93.40
C LEU L 407 -42.25 -53.24 -93.85
N ILE L 408 -42.65 -52.85 -95.05
CA ILE L 408 -42.36 -51.53 -95.61
C ILE L 408 -43.67 -50.77 -95.76
N VAL L 409 -43.73 -49.59 -95.17
CA VAL L 409 -44.88 -48.69 -95.31
C VAL L 409 -44.37 -47.28 -95.61
N GLY L 410 -44.98 -46.64 -96.59
CA GLY L 410 -44.57 -45.34 -97.05
C GLY L 410 -43.70 -45.30 -98.29
N GLU L 411 -43.56 -46.42 -99.00
CA GLU L 411 -42.83 -46.44 -100.27
C GLU L 411 -43.73 -46.64 -101.49
N ASP L 412 -44.72 -47.53 -101.38
CA ASP L 412 -45.65 -47.84 -102.47
C ASP L 412 -47.04 -47.41 -102.04
N PRO L 413 -47.52 -46.22 -102.48
CA PRO L 413 -48.84 -45.75 -102.01
C PRO L 413 -49.98 -46.68 -102.38
N GLU L 414 -49.95 -47.23 -103.60
CA GLU L 414 -50.97 -48.18 -104.01
C GLU L 414 -51.04 -49.35 -103.06
N LEU L 415 -49.89 -49.98 -102.79
CA LEU L 415 -49.85 -51.13 -101.89
C LEU L 415 -50.31 -50.73 -100.50
N ASP L 416 -49.78 -49.60 -99.99
CA ASP L 416 -50.10 -49.16 -98.64
C ASP L 416 -51.59 -48.88 -98.48
N ALA L 417 -52.22 -48.27 -99.50
CA ALA L 417 -53.64 -47.98 -99.40
C ALA L 417 -54.47 -49.26 -99.40
N LYS L 418 -54.03 -50.30 -100.12
CA LYS L 418 -54.76 -51.55 -100.13
C LYS L 418 -54.62 -52.30 -98.81
N ARG L 419 -53.51 -52.10 -98.10
CA ARG L 419 -53.28 -52.85 -96.87
C ARG L 419 -53.75 -52.13 -95.62
N PHE L 420 -53.67 -50.80 -95.60
CA PHE L 420 -54.02 -50.02 -94.41
C PHE L 420 -54.93 -48.87 -94.81
N ARG L 421 -55.36 -48.11 -93.81
CA ARG L 421 -56.12 -46.89 -94.05
C ARG L 421 -55.15 -45.78 -94.37
N ARG L 422 -55.20 -45.26 -95.59
CA ARG L 422 -54.26 -44.24 -96.05
C ARG L 422 -55.02 -42.95 -96.29
N THR L 423 -54.57 -41.88 -95.65
CA THR L 423 -55.12 -40.57 -95.92
C THR L 423 -54.75 -40.14 -97.35
N GLU L 424 -55.40 -39.07 -97.80
CA GLU L 424 -55.03 -38.52 -99.11
C GLU L 424 -53.64 -37.90 -99.06
N SER L 425 -53.22 -37.43 -97.88
CA SER L 425 -51.92 -36.77 -97.73
C SER L 425 -50.77 -37.74 -97.51
N GLY L 426 -51.06 -39.03 -97.33
CA GLY L 426 -50.02 -40.04 -97.30
C GLY L 426 -49.78 -40.69 -95.96
N ILE L 427 -50.60 -40.40 -94.95
CA ILE L 427 -50.45 -41.01 -93.65
C ILE L 427 -51.26 -42.31 -93.62
N CYS L 428 -50.62 -43.38 -93.14
CA CYS L 428 -51.25 -44.68 -92.99
C CYS L 428 -51.53 -44.93 -91.51
N LEU L 429 -52.77 -45.30 -91.19
CA LEU L 429 -53.13 -45.74 -89.84
C LEU L 429 -53.08 -47.26 -89.82
N ILE L 430 -52.28 -47.82 -88.93
CA ILE L 430 -52.00 -49.25 -88.95
C ILE L 430 -52.57 -49.88 -87.68
N THR L 431 -53.49 -50.83 -87.87
CA THR L 431 -54.15 -51.59 -86.81
CA THR L 431 -54.07 -51.57 -86.76
C THR L 431 -53.70 -53.04 -86.89
N GLN L 432 -53.84 -53.76 -85.77
CA GLN L 432 -53.52 -55.18 -85.75
C GLN L 432 -54.47 -55.96 -86.64
N SER L 433 -55.73 -55.53 -86.72
CA SER L 433 -56.63 -56.11 -87.70
C SER L 433 -56.09 -56.02 -89.12
N MET L 434 -55.35 -54.96 -89.44
N MET L 434 -55.39 -54.94 -89.46
CA MET L 434 -54.81 -54.80 -90.78
CA MET L 434 -54.82 -54.83 -90.79
C MET L 434 -53.54 -55.63 -90.99
C MET L 434 -53.61 -55.74 -90.94
N ILE L 435 -52.74 -55.77 -89.94
CA ILE L 435 -51.56 -56.63 -90.00
C ILE L 435 -51.97 -58.10 -90.13
N ASP L 436 -53.06 -58.48 -89.46
CA ASP L 436 -53.48 -59.87 -89.44
C ASP L 436 -53.94 -60.38 -90.81
N LYS L 437 -54.33 -59.49 -91.71
CA LYS L 437 -54.86 -59.89 -93.02
C LYS L 437 -53.82 -59.78 -94.13
N LEU L 438 -52.54 -59.96 -93.79
CA LEU L 438 -51.46 -59.61 -94.70
C LEU L 438 -50.62 -60.82 -95.10
N ASP L 439 -50.27 -60.87 -96.39
CA ASP L 439 -49.09 -61.60 -96.85
C ASP L 439 -48.30 -60.69 -97.80
N LEU L 440 -48.89 -60.35 -98.95
CA LEU L 440 -48.29 -59.38 -99.87
C LEU L 440 -49.39 -58.68 -100.68
N VAL M 26 77.25 -21.83 60.80
CA VAL M 26 77.60 -20.68 61.64
C VAL M 26 76.64 -19.53 61.43
N GLN M 27 76.61 -19.01 60.21
CA GLN M 27 75.78 -17.85 59.91
C GLN M 27 74.31 -18.20 60.07
N PRO M 28 73.51 -17.31 60.68
CA PRO M 28 72.07 -17.54 60.72
C PRO M 28 71.52 -17.66 59.30
N LEU M 29 70.51 -18.52 59.15
CA LEU M 29 69.94 -18.69 57.82
C LEU M 29 69.07 -17.52 57.41
N ALA M 30 68.57 -16.74 58.38
CA ALA M 30 67.70 -15.61 58.07
C ALA M 30 68.42 -14.53 57.26
N ARG M 31 69.76 -14.47 57.33
CA ARG M 31 70.50 -13.56 56.46
C ARG M 31 70.21 -13.85 55.00
N ASP M 32 69.86 -15.08 54.68
CA ASP M 32 69.72 -15.55 53.31
C ASP M 32 68.27 -15.80 52.91
N ALA M 33 67.32 -15.32 53.72
CA ALA M 33 65.91 -15.62 53.50
C ALA M 33 65.15 -14.39 53.03
N MET M 34 64.09 -14.63 52.27
CA MET M 34 63.14 -13.59 51.91
C MET M 34 61.77 -14.01 52.43
N ALA M 35 61.18 -13.16 53.25
CA ALA M 35 59.81 -13.37 53.68
C ALA M 35 58.85 -12.83 52.64
N TYR M 36 57.78 -13.58 52.38
CA TYR M 36 56.77 -13.21 51.39
C TYR M 36 55.39 -13.33 52.05
N VAL M 37 54.76 -12.19 52.32
CA VAL M 37 53.49 -12.14 53.04
C VAL M 37 52.35 -12.06 52.03
N LEU M 38 51.41 -13.00 52.10
CA LEU M 38 50.21 -12.95 51.29
C LEU M 38 49.12 -12.26 52.08
N ALA M 39 48.77 -11.05 51.66
CA ALA M 39 47.84 -10.17 52.37
C ALA M 39 46.68 -9.78 51.47
N GLY M 40 46.18 -10.73 50.68
CA GLY M 40 45.14 -10.42 49.72
C GLY M 40 43.81 -11.03 50.10
N GLY M 41 43.82 -11.75 51.21
CA GLY M 41 42.60 -12.36 51.73
C GLY M 41 41.61 -11.32 52.17
N ARG M 42 40.34 -11.55 51.84
CA ARG M 42 39.31 -10.55 52.05
C ARG M 42 38.66 -10.62 53.41
N GLY M 43 38.73 -11.78 54.08
CA GLY M 43 38.06 -11.94 55.36
C GLY M 43 36.57 -11.75 55.25
N SER M 44 35.89 -12.68 54.58
CA SER M 44 34.48 -12.51 54.26
C SER M 44 33.61 -12.61 55.50
N ARG M 45 33.95 -13.51 56.42
CA ARG M 45 33.11 -13.73 57.59
C ARG M 45 33.29 -12.65 58.65
N LEU M 46 34.10 -11.64 58.38
CA LEU M 46 34.13 -10.43 59.20
C LEU M 46 33.15 -9.37 58.69
N LYS M 47 32.51 -9.62 57.55
CA LYS M 47 31.32 -8.89 57.08
C LYS M 47 31.68 -7.42 56.89
N GLU M 48 30.86 -6.48 57.37
CA GLU M 48 31.10 -5.06 57.11
C GLU M 48 32.45 -4.58 57.61
N LEU M 49 33.03 -5.25 58.61
CA LEU M 49 34.32 -4.84 59.15
C LEU M 49 35.41 -4.86 58.08
N THR M 50 35.26 -5.69 57.05
CA THR M 50 36.21 -5.71 55.95
C THR M 50 35.59 -5.24 54.64
N ASP M 51 34.47 -4.52 54.70
CA ASP M 51 33.87 -4.02 53.46
C ASP M 51 34.76 -2.99 52.76
N ARG M 52 35.56 -2.24 53.52
CA ARG M 52 36.41 -1.20 52.96
C ARG M 52 37.90 -1.47 53.16
N ARG M 53 38.28 -2.69 53.55
CA ARG M 53 39.69 -2.98 53.80
C ARG M 53 39.88 -4.48 53.88
N ALA M 54 41.02 -4.96 53.39
CA ALA M 54 41.37 -6.36 53.51
C ALA M 54 41.60 -6.73 54.98
N LYS M 55 41.33 -7.99 55.29
CA LYS M 55 41.57 -8.49 56.65
C LYS M 55 42.96 -8.16 57.20
N PRO M 56 44.07 -8.30 56.47
CA PRO M 56 45.38 -7.95 57.05
C PRO M 56 45.46 -6.51 57.53
N ALA M 57 44.62 -5.61 57.01
CA ALA M 57 44.65 -4.22 57.39
C ALA M 57 43.76 -3.92 58.58
N VAL M 58 43.01 -4.91 59.08
CA VAL M 58 42.13 -4.71 60.22
C VAL M 58 42.96 -4.39 61.46
N TYR M 59 42.57 -3.35 62.18
CA TYR M 59 43.26 -3.01 63.42
C TYR M 59 43.11 -4.15 64.43
N PHE M 60 44.07 -4.25 65.34
CA PHE M 60 43.98 -5.21 66.43
C PHE M 60 44.73 -4.70 67.64
N GLY M 61 44.11 -4.87 68.81
CA GLY M 61 44.78 -4.81 70.09
C GLY M 61 45.16 -3.44 70.60
N GLY M 62 44.67 -2.37 69.98
N GLY M 62 44.65 -2.37 69.99
CA GLY M 62 45.26 -1.06 70.23
CA GLY M 62 44.85 -1.03 70.50
C GLY M 62 46.76 -1.03 69.99
C GLY M 62 45.76 -0.14 69.66
N LYS M 63 47.28 -2.03 69.29
N LYS M 63 46.39 -0.67 68.62
CA LYS M 63 48.70 -2.35 69.23
CA LYS M 63 47.32 0.13 67.83
C LYS M 63 49.28 -2.19 67.84
C LYS M 63 47.65 -0.54 66.50
N ALA M 64 48.54 -2.62 66.82
N ALA M 64 48.34 -1.67 66.54
CA ALA M 64 48.97 -2.59 65.44
CA ALA M 64 48.88 -2.29 65.35
C ALA M 64 47.82 -2.98 64.52
C ALA M 64 47.75 -2.84 64.46
N ARG M 65 48.14 -3.30 63.28
CA ARG M 65 47.22 -3.97 62.38
C ARG M 65 47.62 -5.44 62.32
N ILE M 66 46.70 -6.28 61.83
CA ILE M 66 46.93 -7.71 61.89
C ILE M 66 48.21 -8.09 61.15
N ILE M 67 48.44 -7.49 59.98
CA ILE M 67 49.60 -7.89 59.18
C ILE M 67 50.90 -7.59 59.91
N ASP M 68 50.88 -6.61 60.82
CA ASP M 68 52.12 -6.18 61.47
C ASP M 68 52.76 -7.28 62.29
N PHE M 69 52.01 -8.32 62.70
CA PHE M 69 52.58 -9.38 63.50
C PHE M 69 53.48 -10.27 62.67
N ALA M 70 52.97 -10.73 61.53
CA ALA M 70 53.81 -11.50 60.61
C ALA M 70 55.00 -10.68 60.15
N LEU M 71 54.76 -9.40 59.82
CA LEU M 71 55.85 -8.52 59.40
C LEU M 71 56.94 -8.45 60.47
N SER M 72 56.53 -8.24 61.72
CA SER M 72 57.50 -8.10 62.81
C SER M 72 58.24 -9.41 63.06
N ASN M 73 57.60 -10.55 62.77
CA ASN M 73 58.23 -11.83 63.03
C ASN M 73 59.43 -12.04 62.11
N ALA M 74 59.25 -11.73 60.82
CA ALA M 74 60.38 -11.74 59.87
C ALA M 74 61.46 -10.78 60.32
N LEU M 75 61.07 -9.57 60.69
CA LEU M 75 62.01 -8.55 61.18
C LEU M 75 62.79 -9.07 62.38
N ASN M 76 62.08 -9.59 63.39
CA ASN M 76 62.72 -10.02 64.63
C ASN M 76 63.51 -11.31 64.42
N SER M 77 63.05 -12.19 63.55
CA SER M 77 63.85 -13.36 63.20
C SER M 77 65.07 -13.02 62.36
N GLY M 78 65.26 -11.76 61.96
CA GLY M 78 66.44 -11.38 61.22
C GLY M 78 66.30 -11.35 59.71
N ILE M 79 65.13 -11.69 59.19
CA ILE M 79 64.88 -11.62 57.75
C ILE M 79 64.70 -10.16 57.36
N ARG M 80 65.62 -9.63 56.55
CA ARG M 80 65.60 -8.22 56.18
C ARG M 80 65.02 -7.99 54.80
N ARG M 81 64.49 -9.02 54.14
CA ARG M 81 63.88 -8.91 52.82
C ARG M 81 62.44 -9.38 52.92
N ILE M 82 61.49 -8.48 52.64
CA ILE M 82 60.07 -8.76 52.81
C ILE M 82 59.32 -8.31 51.56
N GLY M 83 58.48 -9.21 51.03
CA GLY M 83 57.53 -8.86 49.99
C GLY M 83 56.12 -9.08 50.50
N VAL M 84 55.19 -8.24 50.03
CA VAL M 84 53.81 -8.26 50.53
C VAL M 84 52.85 -8.21 49.34
N ALA M 85 52.23 -9.33 49.02
CA ALA M 85 51.24 -9.37 47.93
C ALA M 85 49.88 -8.90 48.42
N THR M 86 49.28 -7.95 47.69
CA THR M 86 47.97 -7.41 48.04
C THR M 86 47.01 -7.53 46.86
N GLN M 87 45.72 -7.43 47.16
CA GLN M 87 44.69 -7.54 46.13
C GLN M 87 43.40 -6.83 46.55
N TYR M 88 42.61 -7.46 47.40
CA TYR M 88 41.30 -6.91 47.75
C TYR M 88 41.44 -5.65 48.60
N LYS M 89 40.76 -4.59 48.18
CA LYS M 89 40.62 -3.33 48.93
C LYS M 89 41.91 -2.97 49.67
N ALA M 90 42.96 -2.65 48.93
CA ALA M 90 44.30 -2.57 49.48
C ALA M 90 44.77 -1.15 49.74
N HIS M 91 43.95 -0.14 49.49
CA HIS M 91 44.39 1.25 49.64
C HIS M 91 44.89 1.51 51.06
N ASP M 92 44.08 1.19 52.08
CA ASP M 92 44.48 1.43 53.46
C ASP M 92 45.65 0.55 53.87
N LEU M 93 45.69 -0.70 53.39
CA LEU M 93 46.83 -1.57 53.68
C LEU M 93 48.11 -1.02 53.07
N ILE M 94 48.08 -0.69 51.77
CA ILE M 94 49.27 -0.17 51.11
C ILE M 94 49.72 1.14 51.76
N ARG M 95 48.75 2.04 52.02
CA ARG M 95 49.04 3.28 52.72
C ARG M 95 49.80 3.03 54.02
N HIS M 96 49.38 1.99 54.75
CA HIS M 96 49.98 1.66 56.04
C HIS M 96 51.39 1.08 55.86
N LEU M 97 51.54 0.11 54.96
CA LEU M 97 52.86 -0.42 54.67
C LEU M 97 53.83 0.69 54.25
N GLN M 98 53.40 1.60 53.38
CA GLN M 98 54.30 2.64 52.89
C GLN M 98 54.78 3.54 54.01
N ARG M 99 53.93 3.80 55.02
CA ARG M 99 54.24 4.76 56.06
C ARG M 99 54.94 4.11 57.24
N GLY M 100 54.52 2.91 57.62
CA GLY M 100 55.08 2.25 58.78
C GLY M 100 56.36 1.48 58.48
N TRP M 101 56.38 0.77 57.36
CA TRP M 101 57.47 -0.16 57.06
C TRP M 101 58.42 0.44 56.01
N ASP M 102 59.02 1.57 56.38
CA ASP M 102 59.79 2.39 55.44
C ASP M 102 61.26 2.53 55.83
N PHE M 103 61.77 1.68 56.72
CA PHE M 103 63.13 1.84 57.21
C PHE M 103 64.11 0.84 56.60
N PHE M 104 63.73 0.20 55.49
CA PHE M 104 64.60 -0.75 54.81
C PHE M 104 65.35 -0.03 53.68
N ARG M 105 66.68 -0.14 53.68
CA ARG M 105 67.47 0.49 52.62
C ARG M 105 68.21 -0.56 51.81
N PRO M 106 67.99 -0.60 50.50
CA PRO M 106 68.67 -1.59 49.63
C PRO M 106 70.18 -1.66 49.78
N GLU M 107 70.87 -0.57 50.12
CA GLU M 107 72.32 -0.69 50.20
C GLU M 107 72.76 -1.45 51.43
N ARG M 108 71.89 -1.65 52.42
CA ARG M 108 72.15 -2.53 53.54
C ARG M 108 71.64 -3.95 53.29
N ASN M 109 71.35 -4.30 52.03
CA ASN M 109 70.76 -5.59 51.66
C ASN M 109 69.46 -5.83 52.39
N GLU M 110 68.67 -4.77 52.52
CA GLU M 110 67.29 -4.84 52.99
C GLU M 110 66.37 -4.48 51.84
N SER M 111 65.14 -4.98 51.90
CA SER M 111 64.15 -4.64 50.91
C SER M 111 62.77 -4.78 51.53
N PHE M 112 61.83 -3.94 51.09
CA PHE M 112 60.43 -4.07 51.45
C PHE M 112 59.60 -3.74 50.21
N ASP M 113 59.13 -4.78 49.52
CA ASP M 113 58.42 -4.62 48.26
C ASP M 113 56.92 -4.80 48.48
N ILE M 114 56.14 -3.84 48.00
CA ILE M 114 54.69 -3.88 48.06
C ILE M 114 54.19 -4.22 46.66
N LEU M 115 53.51 -5.36 46.52
CA LEU M 115 53.32 -6.00 45.22
C LEU M 115 51.83 -6.24 44.93
N PRO M 116 51.09 -5.19 44.60
CA PRO M 116 49.68 -5.36 44.25
C PRO M 116 49.52 -5.91 42.84
N ALA M 117 48.35 -6.51 42.60
CA ALA M 117 47.98 -6.91 41.26
C ALA M 117 47.58 -5.67 40.46
N SER M 118 48.28 -5.43 39.36
CA SER M 118 48.05 -4.23 38.55
C SER M 118 48.58 -4.48 37.14
N GLN M 119 48.51 -3.42 36.32
CA GLN M 119 48.88 -3.51 34.90
C GLN M 119 50.39 -3.25 34.77
N ARG M 120 51.16 -4.30 35.03
CA ARG M 120 52.61 -4.21 35.02
C ARG M 120 53.22 -5.30 34.13
N VAL M 121 53.32 -6.52 34.64
CA VAL M 121 53.79 -7.64 33.84
C VAL M 121 52.67 -8.28 33.04
N SER M 122 51.42 -7.93 33.33
CA SER M 122 50.28 -8.51 32.66
C SER M 122 49.06 -7.63 32.90
N GLU M 123 48.00 -7.90 32.13
CA GLU M 123 46.74 -7.18 32.27
C GLU M 123 46.02 -7.60 33.55
N THR M 124 45.53 -8.85 33.58
CA THR M 124 44.66 -9.42 34.61
C THR M 124 44.18 -8.46 35.70
N GLN M 125 45.11 -7.75 36.35
CA GLN M 125 44.83 -6.86 37.46
C GLN M 125 44.29 -7.61 38.68
N TRP M 126 44.52 -8.93 38.72
CA TRP M 126 43.98 -9.77 39.78
C TRP M 126 44.79 -11.05 39.78
N TYR M 127 45.61 -11.26 40.82
CA TYR M 127 46.32 -12.52 40.96
C TYR M 127 45.32 -13.67 40.98
N GLU M 128 45.67 -14.77 40.30
CA GLU M 128 44.76 -15.90 40.25
C GLU M 128 44.76 -16.74 41.52
N GLY M 129 45.67 -16.50 42.45
CA GLY M 129 45.64 -17.23 43.69
C GLY M 129 46.91 -17.06 44.48
N THR M 130 46.94 -17.82 45.59
CA THR M 130 48.07 -17.80 46.51
C THR M 130 49.39 -18.00 45.77
N ALA M 131 49.43 -18.94 44.84
CA ALA M 131 50.68 -19.27 44.15
C ALA M 131 50.98 -18.28 43.03
N ASP M 132 49.96 -17.79 42.35
CA ASP M 132 50.17 -16.83 41.28
C ASP M 132 50.62 -15.49 41.83
N ALA M 133 50.24 -15.18 43.08
CA ALA M 133 50.72 -13.96 43.71
C ALA M 133 52.24 -13.96 43.83
N VAL M 134 52.85 -15.12 44.05
CA VAL M 134 54.31 -15.18 44.08
C VAL M 134 54.87 -15.38 42.68
N TYR M 135 54.18 -16.15 41.84
CA TYR M 135 54.67 -16.44 40.50
C TYR M 135 54.79 -15.17 39.66
N GLN M 136 53.81 -14.26 39.80
N GLN M 136 53.82 -14.26 39.80
CA GLN M 136 53.84 -13.04 39.01
CA GLN M 136 53.84 -13.04 39.01
C GLN M 136 54.98 -12.11 39.44
C GLN M 136 54.92 -12.06 39.47
N ASN M 137 55.54 -12.30 40.63
CA ASN M 137 56.60 -11.45 41.14
C ASN M 137 57.97 -12.12 41.13
N ILE M 138 58.12 -13.20 40.36
CA ILE M 138 59.41 -13.87 40.27
C ILE M 138 60.51 -12.90 39.87
N ASP M 139 60.20 -11.95 38.99
CA ASP M 139 61.22 -10.99 38.55
C ASP M 139 61.57 -9.98 39.64
N ILE M 140 60.73 -9.84 40.66
CA ILE M 140 61.11 -9.04 41.82
C ILE M 140 62.02 -9.85 42.74
N ILE M 141 61.83 -11.16 42.79
CA ILE M 141 62.53 -11.99 43.77
C ILE M 141 63.95 -12.29 43.33
N GLU M 142 64.13 -12.72 42.08
CA GLU M 142 65.39 -13.32 41.65
C GLU M 142 66.59 -12.37 41.63
N PRO M 143 66.42 -11.08 41.26
CA PRO M 143 67.52 -10.13 41.49
C PRO M 143 68.09 -10.17 42.91
N TYR M 144 67.25 -10.41 43.93
CA TYR M 144 67.77 -10.54 45.28
C TYR M 144 68.48 -11.87 45.49
N ALA M 145 68.06 -12.90 44.76
CA ALA M 145 68.58 -14.26 44.88
C ALA M 145 68.65 -14.74 46.32
N PRO M 146 67.58 -14.65 47.11
CA PRO M 146 67.63 -15.23 48.45
C PRO M 146 67.75 -16.74 48.34
N GLU M 147 68.45 -17.34 49.31
CA GLU M 147 68.54 -18.80 49.33
C GLU M 147 67.22 -19.44 49.72
N TYR M 148 66.43 -18.74 50.56
CA TYR M 148 65.21 -19.28 51.14
C TYR M 148 64.07 -18.31 50.92
N MET M 149 62.85 -18.84 50.99
CA MET M 149 61.64 -18.02 51.02
C MET M 149 60.72 -18.53 52.11
N VAL M 150 60.24 -17.60 52.94
CA VAL M 150 59.35 -17.91 54.05
C VAL M 150 57.99 -17.34 53.65
N ILE M 151 57.13 -18.20 53.12
CA ILE M 151 55.78 -17.78 52.72
C ILE M 151 54.93 -17.67 53.99
N LEU M 152 54.33 -16.50 54.19
CA LEU M 152 53.61 -16.20 55.41
C LEU M 152 52.18 -15.79 55.12
N ALA M 153 51.26 -16.33 55.92
CA ALA M 153 49.90 -15.78 55.97
C ALA M 153 49.93 -14.44 56.69
N GLY M 154 49.19 -13.48 56.17
CA GLY M 154 49.16 -12.15 56.74
C GLY M 154 47.94 -11.78 57.55
N ASP M 155 47.09 -12.75 57.92
CA ASP M 155 45.83 -12.46 58.60
C ASP M 155 45.71 -13.16 59.95
N HIS M 156 46.83 -13.47 60.58
CA HIS M 156 46.86 -14.17 61.85
C HIS M 156 47.70 -13.38 62.84
N ILE M 157 47.44 -13.59 64.13
CA ILE M 157 48.11 -12.86 65.21
C ILE M 157 48.92 -13.85 66.04
N TYR M 158 50.24 -13.81 65.91
CA TYR M 158 51.12 -14.79 66.53
C TYR M 158 52.55 -14.29 66.48
N LYS M 159 53.33 -14.67 67.49
CA LYS M 159 54.76 -14.40 67.54
C LYS M 159 55.54 -15.68 67.29
N MET M 160 56.49 -15.63 66.35
CA MET M 160 57.22 -16.81 65.92
C MET M 160 58.60 -16.41 65.42
N ASP M 161 59.61 -17.19 65.81
CA ASP M 161 60.99 -16.98 65.38
C ASP M 161 61.26 -17.93 64.22
N TYR M 162 61.26 -17.38 63.00
CA TYR M 162 61.38 -18.20 61.80
C TYR M 162 62.76 -18.82 61.64
N GLU M 163 63.73 -18.46 62.47
CA GLU M 163 65.03 -19.12 62.36
C GLU M 163 64.93 -20.61 62.61
N TYR M 164 64.06 -21.02 63.53
CA TYR M 164 63.90 -22.44 63.81
C TYR M 164 63.41 -23.19 62.58
N MET M 165 62.36 -22.68 61.94
CA MET M 165 61.82 -23.34 60.75
C MET M 165 62.90 -23.50 59.69
N LEU M 166 63.70 -22.45 59.46
CA LEU M 166 64.72 -22.50 58.42
C LEU M 166 65.73 -23.60 58.70
N GLN M 167 66.20 -23.71 59.95
CA GLN M 167 67.22 -24.70 60.27
C GLN M 167 66.66 -26.11 60.18
N GLN M 168 65.43 -26.33 60.68
CA GLN M 168 64.81 -27.63 60.48
C GLN M 168 64.64 -27.94 58.99
N HIS M 169 64.21 -26.94 58.21
CA HIS M 169 64.05 -27.14 56.78
C HIS M 169 65.35 -27.62 56.14
N VAL M 170 66.47 -26.96 56.47
CA VAL M 170 67.72 -27.28 55.80
C VAL M 170 68.26 -28.62 56.27
N ASP M 171 68.14 -28.91 57.56
CA ASP M 171 68.66 -30.17 58.09
C ASP M 171 67.76 -31.35 57.77
N SER M 172 66.44 -31.15 57.71
CA SER M 172 65.55 -32.25 57.37
C SER M 172 65.61 -32.59 55.89
N GLY M 173 66.15 -31.69 55.06
CA GLY M 173 66.24 -31.95 53.64
C GLY M 173 64.93 -31.85 52.89
N ALA M 174 63.93 -31.21 53.48
CA ALA M 174 62.61 -31.17 52.90
C ALA M 174 62.56 -30.29 51.66
N ASP M 175 61.62 -30.61 50.77
CA ASP M 175 61.22 -29.66 49.74
C ASP M 175 60.33 -28.56 50.31
N VAL M 176 59.61 -28.85 51.39
CA VAL M 176 58.81 -27.83 52.06
C VAL M 176 58.60 -28.16 53.53
N THR M 177 58.82 -27.17 54.39
CA THR M 177 58.51 -27.27 55.81
C THR M 177 57.29 -26.40 56.09
N ILE M 178 56.30 -26.96 56.78
CA ILE M 178 55.02 -26.30 57.00
C ILE M 178 54.85 -26.04 58.48
N GLY M 179 54.50 -24.81 58.82
CA GLY M 179 54.12 -24.50 60.19
C GLY M 179 52.78 -25.12 60.52
N CYS M 180 52.67 -25.73 61.69
CA CYS M 180 51.45 -26.39 62.09
C CYS M 180 51.19 -26.12 63.56
N LEU M 181 49.93 -25.83 63.89
CA LEU M 181 49.50 -25.72 65.28
C LEU M 181 49.11 -27.08 65.81
N GLU M 182 49.40 -27.33 67.09
CA GLU M 182 49.00 -28.54 67.78
C GLU M 182 47.59 -28.32 68.30
N VAL M 183 46.59 -28.80 67.56
CA VAL M 183 45.19 -28.50 67.83
C VAL M 183 44.53 -29.70 68.49
N PRO M 184 43.48 -29.53 69.31
CA PRO M 184 42.56 -30.65 69.53
C PRO M 184 41.77 -30.94 68.27
N ARG M 185 41.46 -32.23 68.06
CA ARG M 185 40.92 -32.68 66.78
C ARG M 185 39.60 -31.98 66.46
N MET M 186 38.70 -31.86 67.44
CA MET M 186 37.42 -31.20 67.20
C MET M 186 37.61 -29.80 66.66
N GLU M 187 38.67 -29.12 67.08
CA GLU M 187 38.95 -27.75 66.65
C GLU M 187 39.75 -27.68 65.36
N ALA M 188 40.36 -28.77 64.93
CA ALA M 188 41.07 -28.82 63.66
C ALA M 188 40.15 -28.96 62.47
N THR M 189 38.84 -29.01 62.69
CA THR M 189 37.91 -29.31 61.62
C THR M 189 37.80 -28.19 60.59
N GLY M 190 38.28 -27.00 60.92
CA GLY M 190 38.24 -25.88 60.00
C GLY M 190 39.53 -25.60 59.27
N PHE M 191 40.60 -26.33 59.57
CA PHE M 191 41.91 -26.07 58.99
C PHE M 191 42.24 -27.10 57.90
N GLY M 192 43.20 -26.72 57.06
CA GLY M 192 43.90 -27.71 56.26
C GLY M 192 44.84 -28.47 57.17
N VAL M 193 44.60 -29.76 57.36
CA VAL M 193 45.26 -30.55 58.39
C VAL M 193 46.28 -31.47 57.74
N MET M 194 47.48 -31.54 58.35
CA MET M 194 48.51 -32.45 57.85
C MET M 194 48.42 -33.76 58.62
N HIS M 195 48.26 -34.84 57.88
CA HIS M 195 48.42 -36.19 58.40
C HIS M 195 49.91 -36.45 58.59
N VAL M 196 50.32 -36.85 59.80
CA VAL M 196 51.74 -36.89 60.15
C VAL M 196 52.14 -38.28 60.62
N ASN M 197 53.43 -38.62 60.40
CA ASN M 197 53.95 -39.92 60.81
C ASN M 197 54.84 -39.74 62.04
N GLU M 198 55.65 -40.76 62.34
CA GLU M 198 56.38 -40.78 63.60
C GLU M 198 57.42 -39.67 63.66
N LYS M 199 58.05 -39.35 62.53
CA LYS M 199 59.11 -38.34 62.51
C LYS M 199 58.62 -37.04 61.90
N ASP M 200 57.33 -36.76 62.05
CA ASP M 200 56.72 -35.49 61.63
C ASP M 200 56.86 -35.24 60.14
N GLU M 201 56.89 -36.30 59.34
CA GLU M 201 56.79 -36.18 57.90
C GLU M 201 55.35 -36.40 57.47
N ILE M 202 54.88 -35.58 56.52
CA ILE M 202 53.46 -35.53 56.18
C ILE M 202 53.14 -36.56 55.11
N ILE M 203 52.13 -37.40 55.42
CA ILE M 203 51.72 -38.47 54.51
C ILE M 203 50.88 -37.91 53.36
N ASP M 204 49.84 -37.17 53.71
CA ASP M 204 49.04 -36.40 52.78
C ASP M 204 48.26 -35.40 53.61
N PHE M 205 47.30 -34.71 53.01
CA PHE M 205 46.56 -33.76 53.81
C PHE M 205 45.20 -33.45 53.22
N ILE M 206 44.33 -33.01 54.12
CA ILE M 206 42.91 -32.85 53.86
C ILE M 206 42.53 -31.41 54.18
N GLU M 207 41.63 -30.87 53.38
CA GLU M 207 41.11 -29.53 53.57
C GLU M 207 39.78 -29.62 54.30
N LYS M 208 39.75 -29.13 55.53
CA LYS M 208 38.57 -29.16 56.38
C LYS M 208 38.02 -30.58 56.52
N PRO M 209 38.75 -31.48 57.19
CA PRO M 209 38.18 -32.81 57.47
C PRO M 209 37.22 -32.74 58.65
N ALA M 210 36.14 -33.52 58.55
CA ALA M 210 35.19 -33.59 59.66
C ALA M 210 35.80 -34.34 60.84
N ASP M 211 36.35 -35.53 60.60
CA ASP M 211 37.06 -36.33 61.57
C ASP M 211 38.55 -36.24 61.27
N PRO M 212 39.25 -35.23 61.79
CA PRO M 212 40.61 -34.98 61.33
C PRO M 212 41.57 -36.06 61.82
N PRO M 213 42.59 -36.39 61.02
CA PRO M 213 43.59 -37.37 61.49
C PRO M 213 44.32 -36.89 62.72
N GLY M 214 44.82 -37.84 63.51
CA GLY M 214 45.51 -37.55 64.74
C GLY M 214 47.02 -37.76 64.64
N ILE M 215 47.71 -37.32 65.68
CA ILE M 215 49.17 -37.43 65.74
C ILE M 215 49.54 -38.81 66.27
N PRO M 216 50.51 -39.50 65.66
CA PRO M 216 50.97 -40.77 66.24
C PRO M 216 51.63 -40.56 67.60
N GLY M 217 51.16 -41.32 68.59
CA GLY M 217 51.60 -41.15 69.97
C GLY M 217 50.77 -40.18 70.78
N ASN M 218 49.90 -39.42 70.13
CA ASN M 218 49.01 -38.48 70.82
C ASN M 218 47.92 -38.17 69.80
N GLU M 219 46.90 -39.02 69.76
CA GLU M 219 45.83 -38.88 68.80
C GLU M 219 44.68 -38.05 69.32
N GLY M 220 44.82 -37.46 70.50
CA GLY M 220 43.89 -36.44 70.94
C GLY M 220 44.15 -35.07 70.34
N PHE M 221 45.18 -34.95 69.50
CA PHE M 221 45.53 -33.68 68.90
C PHE M 221 45.82 -33.88 67.41
N ALA M 222 45.60 -32.82 66.64
CA ALA M 222 45.90 -32.83 65.21
C ALA M 222 46.95 -31.76 64.92
N LEU M 223 47.39 -31.70 63.67
CA LEU M 223 48.33 -30.68 63.22
C LEU M 223 47.64 -29.83 62.16
N ALA M 224 47.50 -28.54 62.43
CA ALA M 224 46.72 -27.64 61.60
C ALA M 224 47.65 -26.63 60.92
N SER M 225 47.54 -26.55 59.59
CA SER M 225 48.45 -25.73 58.78
C SER M 225 48.25 -24.26 59.06
N MET M 226 49.30 -23.59 59.57
CA MET M 226 49.27 -22.15 59.75
C MET M 226 49.36 -21.38 58.44
N GLY M 227 49.49 -22.06 57.31
CA GLY M 227 49.73 -21.36 56.05
C GLY M 227 51.12 -20.78 55.95
N ILE M 228 52.08 -21.35 56.67
CA ILE M 228 53.46 -20.86 56.69
C ILE M 228 54.34 -21.92 56.06
N TYR M 229 54.97 -21.58 54.94
CA TYR M 229 55.78 -22.50 54.17
C TYR M 229 57.21 -22.00 54.10
N VAL M 230 58.15 -22.94 54.12
CA VAL M 230 59.57 -22.65 53.90
C VAL M 230 60.05 -23.53 52.77
N PHE M 231 60.61 -22.91 51.73
CA PHE M 231 61.24 -23.62 50.63
C PHE M 231 62.66 -23.11 50.45
N HIS M 232 63.43 -23.86 49.66
CA HIS M 232 64.55 -23.30 48.93
C HIS M 232 64.01 -22.49 47.76
N THR M 233 64.58 -21.29 47.56
CA THR M 233 64.06 -20.36 46.55
C THR M 233 64.03 -21.00 45.16
N LYS M 234 65.14 -21.65 44.77
CA LYS M 234 65.18 -22.32 43.48
C LYS M 234 64.02 -23.30 43.33
N PHE M 235 63.85 -24.17 44.32
CA PHE M 235 62.80 -25.19 44.22
C PHE M 235 61.41 -24.56 44.21
N LEU M 236 61.21 -23.47 44.93
CA LEU M 236 59.91 -22.80 44.89
C LEU M 236 59.66 -22.17 43.52
N MET M 237 60.69 -21.60 42.90
CA MET M 237 60.52 -21.00 41.58
C MET M 237 60.11 -22.04 40.55
N GLU M 238 60.77 -23.21 40.57
CA GLU M 238 60.39 -24.29 39.67
C GLU M 238 58.98 -24.78 39.96
N ALA M 239 58.60 -24.86 41.25
CA ALA M 239 57.25 -25.27 41.60
C ALA M 239 56.22 -24.27 41.09
N LEU M 240 56.51 -22.98 41.24
CA LEU M 240 55.60 -21.95 40.71
C LEU M 240 55.47 -22.06 39.19
N ARG M 241 56.58 -22.29 38.48
CA ARG M 241 56.53 -22.35 37.03
C ARG M 241 55.83 -23.62 36.54
N ARG M 242 55.93 -24.71 37.31
CA ARG M 242 55.14 -25.90 37.00
C ARG M 242 53.67 -25.66 37.27
N ASP M 243 53.35 -25.03 38.41
CA ASP M 243 51.96 -24.72 38.73
C ASP M 243 51.36 -23.78 37.70
N ALA M 244 52.13 -22.79 37.25
CA ALA M 244 51.64 -21.83 36.26
C ALA M 244 51.36 -22.49 34.92
N ALA M 245 51.86 -23.70 34.69
CA ALA M 245 51.63 -24.41 33.44
C ALA M 245 50.48 -25.40 33.52
N ASP M 246 50.19 -25.93 34.71
CA ASP M 246 49.13 -26.92 34.86
C ASP M 246 47.77 -26.23 34.87
N PRO M 247 46.86 -26.56 33.96
CA PRO M 247 45.52 -25.96 34.00
C PRO M 247 44.60 -26.55 35.06
N THR M 248 44.85 -27.76 35.53
CA THR M 248 44.08 -28.30 36.64
C THR M 248 44.33 -27.53 37.93
N SER M 249 45.32 -26.64 37.95
CA SER M 249 45.70 -25.93 39.16
C SER M 249 44.82 -24.71 39.39
N SER M 250 44.30 -24.60 40.60
CA SER M 250 43.62 -23.38 41.04
C SER M 250 44.60 -22.30 41.46
N ARG M 251 45.89 -22.50 41.19
CA ARG M 251 46.94 -21.53 41.50
C ARG M 251 46.96 -21.18 43.00
N ASP M 252 46.76 -22.19 43.85
CA ASP M 252 46.74 -21.99 45.29
C ASP M 252 47.88 -22.73 45.95
N PHE M 253 48.43 -22.14 47.02
CA PHE M 253 49.54 -22.77 47.74
C PHE M 253 49.06 -23.98 48.52
N GLY M 254 48.02 -23.81 49.34
CA GLY M 254 47.54 -24.91 50.15
C GLY M 254 46.82 -25.96 49.32
N LYS M 255 46.05 -25.54 48.33
CA LYS M 255 45.26 -26.48 47.54
C LYS M 255 46.07 -27.15 46.43
N ASP M 256 47.07 -26.45 45.86
CA ASP M 256 47.78 -26.94 44.68
C ASP M 256 49.27 -27.12 44.87
N ILE M 257 49.96 -26.24 45.60
CA ILE M 257 51.41 -26.37 45.70
C ILE M 257 51.80 -27.49 46.65
N ILE M 258 51.21 -27.52 47.84
CA ILE M 258 51.64 -28.40 48.93
C ILE M 258 51.21 -29.85 48.68
N PRO M 259 49.94 -30.13 48.34
CA PRO M 259 49.58 -31.50 47.90
C PRO M 259 50.55 -32.15 46.94
N TYR M 260 50.97 -31.42 45.90
CA TYR M 260 51.88 -31.99 44.92
C TYR M 260 53.16 -32.46 45.57
N ILE M 261 53.72 -31.65 46.48
CA ILE M 261 54.99 -31.99 47.10
C ILE M 261 54.83 -33.18 48.05
N VAL M 262 53.81 -33.14 48.92
CA VAL M 262 53.64 -34.22 49.88
C VAL M 262 53.47 -35.55 49.16
N GLU M 263 52.92 -35.53 47.95
CA GLU M 263 52.85 -36.75 47.14
C GLU M 263 54.19 -37.09 46.53
N HIS M 264 54.71 -36.22 45.66
CA HIS M 264 55.88 -36.53 44.86
C HIS M 264 57.21 -36.20 45.55
N GLY M 265 57.21 -35.30 46.53
CA GLY M 265 58.44 -34.93 47.20
C GLY M 265 58.39 -35.14 48.70
N LYS M 266 59.09 -34.30 49.45
CA LYS M 266 59.16 -34.40 50.90
C LYS M 266 58.56 -33.15 51.52
N ALA M 267 57.68 -33.35 52.51
CA ALA M 267 57.06 -32.28 53.26
C ALA M 267 57.14 -32.63 54.74
N VAL M 268 57.75 -31.76 55.53
CA VAL M 268 57.93 -31.97 56.96
C VAL M 268 57.13 -30.92 57.72
N ALA M 269 56.59 -31.33 58.86
CA ALA M 269 55.78 -30.44 59.69
C ALA M 269 56.65 -29.82 60.78
N HIS M 270 56.59 -28.50 60.90
CA HIS M 270 57.17 -27.79 62.02
C HIS M 270 56.05 -27.36 62.95
N ARG M 271 56.23 -27.57 64.25
CA ARG M 271 55.18 -27.31 65.23
C ARG M 271 55.39 -25.94 65.86
N PHE M 272 54.30 -25.16 65.89
CA PHE M 272 54.33 -23.80 66.42
C PHE M 272 55.00 -23.73 67.79
N ALA M 273 54.74 -24.72 68.64
CA ALA M 273 55.24 -24.66 70.01
C ALA M 273 56.77 -24.63 70.05
N ASP M 274 57.42 -25.22 69.05
CA ASP M 274 58.87 -25.28 69.07
C ASP M 274 59.53 -23.95 68.69
N SER M 275 58.83 -23.07 67.98
CA SER M 275 59.40 -21.79 67.60
C SER M 275 58.60 -20.58 68.08
N CYS M 276 57.45 -20.80 68.71
CA CYS M 276 56.65 -19.67 69.19
C CYS M 276 57.45 -18.84 70.19
N VAL M 277 57.36 -17.53 70.06
CA VAL M 277 58.00 -16.62 71.00
C VAL M 277 56.97 -16.27 72.07
N ARG M 278 57.22 -16.70 73.30
CA ARG M 278 56.29 -16.52 74.41
C ARG M 278 56.89 -15.55 75.42
N SER M 279 56.13 -14.51 75.75
CA SER M 279 56.46 -13.70 76.91
C SER M 279 56.35 -14.54 78.18
N ASP M 280 57.03 -14.10 79.24
CA ASP M 280 56.89 -14.78 80.52
C ASP M 280 55.51 -14.58 81.13
N PHE M 281 54.71 -13.66 80.59
CA PHE M 281 53.35 -13.42 81.03
C PHE M 281 52.32 -13.98 80.05
N GLU M 282 52.67 -15.06 79.36
CA GLU M 282 51.82 -15.70 78.36
C GLU M 282 51.84 -17.20 78.63
N HIS M 283 50.74 -17.72 79.17
CA HIS M 283 50.70 -19.06 79.74
C HIS M 283 50.67 -20.17 78.69
N GLU M 284 50.73 -19.84 77.41
CA GLU M 284 50.68 -20.84 76.35
C GLU M 284 51.05 -20.15 75.03
N PRO M 285 51.41 -20.91 74.00
CA PRO M 285 51.60 -20.32 72.68
C PRO M 285 50.34 -19.58 72.23
N TYR M 286 50.52 -18.34 71.79
CA TYR M 286 49.41 -17.51 71.37
C TYR M 286 49.28 -17.54 69.85
N TRP M 287 48.03 -17.71 69.40
CA TRP M 287 47.73 -17.69 67.98
C TRP M 287 46.24 -17.47 67.77
N ARG M 288 45.87 -16.46 66.99
CA ARG M 288 44.47 -16.20 66.72
C ARG M 288 44.27 -15.94 65.24
N ASP M 289 43.11 -16.36 64.74
CA ASP M 289 42.69 -16.20 63.36
C ASP M 289 41.69 -15.06 63.19
N VAL M 290 41.06 -14.62 64.29
CA VAL M 290 39.95 -13.68 64.35
C VAL M 290 39.13 -13.64 63.07
N GLY M 291 38.74 -14.82 62.59
CA GLY M 291 37.98 -14.92 61.36
C GLY M 291 36.53 -14.51 61.46
N THR M 292 35.98 -14.41 62.67
CA THR M 292 34.59 -14.02 62.86
C THR M 292 34.50 -12.81 63.78
N ILE M 293 33.39 -12.07 63.63
CA ILE M 293 33.11 -10.93 64.51
C ILE M 293 33.15 -11.35 65.97
N ASP M 294 32.65 -12.56 66.26
CA ASP M 294 32.78 -13.11 67.61
C ASP M 294 34.25 -13.32 67.98
N ALA M 295 35.04 -13.89 67.08
CA ALA M 295 36.44 -14.17 67.39
C ALA M 295 37.26 -12.90 67.50
N TYR M 296 36.93 -11.88 66.70
CA TYR M 296 37.66 -10.62 66.76
C TYR M 296 37.38 -9.90 68.07
N TRP M 297 36.11 -9.65 68.37
CA TRP M 297 35.76 -8.98 69.63
C TRP M 297 36.35 -9.72 70.82
N GLN M 298 36.21 -11.05 70.84
CA GLN M 298 36.76 -11.84 71.94
C GLN M 298 38.26 -11.60 72.09
N ALA M 299 39.00 -11.70 70.98
CA ALA M 299 40.44 -11.56 71.03
C ALA M 299 40.85 -10.18 71.53
N ASN M 300 40.14 -9.13 71.11
CA ASN M 300 40.45 -7.79 71.57
C ASN M 300 40.01 -7.55 73.01
N ILE M 301 38.80 -7.99 73.40
CA ILE M 301 38.36 -7.75 74.77
C ILE M 301 39.14 -8.62 75.75
N ASP M 302 39.67 -9.76 75.28
CA ASP M 302 40.51 -10.60 76.12
C ASP M 302 41.73 -9.85 76.65
N LEU M 303 42.18 -8.82 75.93
CA LEU M 303 43.27 -7.98 76.42
C LEU M 303 42.89 -7.15 77.64
N THR M 304 41.60 -7.03 77.96
CA THR M 304 41.20 -6.31 79.15
C THR M 304 41.35 -7.13 80.42
N ASP M 305 41.63 -8.43 80.31
CA ASP M 305 41.77 -9.29 81.48
C ASP M 305 42.94 -8.83 82.35
N VAL M 306 42.92 -9.29 83.61
CA VAL M 306 44.02 -9.03 84.52
C VAL M 306 45.29 -9.71 84.04
N VAL M 307 45.15 -10.93 83.51
CA VAL M 307 46.28 -11.70 82.99
C VAL M 307 45.97 -12.10 81.56
N PRO M 308 46.09 -11.18 80.60
CA PRO M 308 45.74 -11.52 79.22
C PRO M 308 46.66 -12.60 78.67
N ASP M 309 46.13 -13.36 77.70
CA ASP M 309 46.90 -14.42 77.08
C ASP M 309 47.95 -13.91 76.10
N LEU M 310 47.78 -12.68 75.58
CA LEU M 310 48.80 -12.03 74.76
C LEU M 310 49.32 -10.81 75.51
N ASP M 311 50.64 -10.77 75.73
CA ASP M 311 51.29 -9.68 76.44
C ASP M 311 51.69 -8.59 75.43
N ILE M 312 50.85 -7.55 75.33
CA ILE M 312 51.09 -6.46 74.40
C ILE M 312 52.09 -5.50 75.01
N TYR M 313 52.55 -5.81 76.21
CA TYR M 313 53.52 -4.97 76.89
C TYR M 313 54.93 -5.55 76.84
N ASP M 314 55.10 -6.70 76.19
CA ASP M 314 56.41 -7.32 76.09
C ASP M 314 57.30 -6.55 75.12
N LYS M 315 58.54 -6.29 75.54
CA LYS M 315 59.53 -5.60 74.72
C LYS M 315 60.52 -6.56 74.05
N SER M 316 60.48 -7.85 74.38
CA SER M 316 61.51 -8.77 73.93
C SER M 316 61.27 -9.30 72.51
N TRP M 317 60.03 -9.27 72.03
CA TRP M 317 59.70 -9.64 70.65
C TRP M 317 58.69 -8.63 70.13
N PRO M 318 59.12 -7.39 69.94
CA PRO M 318 58.17 -6.28 69.80
C PRO M 318 57.44 -6.29 68.48
N ILE M 319 56.28 -5.63 68.48
CA ILE M 319 55.42 -5.52 67.32
C ILE M 319 55.61 -4.13 66.73
N TRP M 320 56.31 -4.05 65.59
CA TRP M 320 56.42 -2.78 64.89
C TRP M 320 55.11 -2.45 64.17
N THR M 321 54.81 -1.16 64.08
CA THR M 321 53.60 -0.70 63.44
C THR M 321 53.79 0.75 63.03
N TYR M 322 52.83 1.27 62.26
CA TYR M 322 52.78 2.70 62.00
C TYR M 322 52.15 3.41 63.20
N ALA M 323 52.90 4.32 63.79
CA ALA M 323 52.48 4.99 65.01
C ALA M 323 52.86 6.46 64.94
N GLU M 324 51.93 7.33 65.27
CA GLU M 324 52.17 8.76 65.24
C GLU M 324 52.36 9.28 66.65
N ILE M 325 53.04 10.43 66.76
CA ILE M 325 53.14 11.12 68.03
C ILE M 325 51.73 11.50 68.45
N THR M 326 51.25 10.89 69.53
CA THR M 326 49.89 11.15 69.96
C THR M 326 49.86 11.68 71.38
N PRO M 327 48.96 12.61 71.67
CA PRO M 327 48.80 13.10 73.04
C PRO M 327 48.26 12.02 73.96
N PRO M 328 48.41 12.19 75.27
CA PRO M 328 47.95 11.16 76.21
C PRO M 328 46.43 11.09 76.28
N ALA M 329 45.95 10.08 76.99
CA ALA M 329 44.53 9.97 77.27
C ALA M 329 44.12 10.97 78.35
N LYS M 330 42.84 11.36 78.31
CA LYS M 330 42.32 12.36 79.25
C LYS M 330 41.00 11.88 79.83
N PHE M 331 40.88 11.98 81.14
CA PHE M 331 39.65 11.65 81.86
C PHE M 331 39.17 12.91 82.55
N VAL M 332 37.96 13.37 82.22
CA VAL M 332 37.46 14.65 82.73
C VAL M 332 36.05 14.46 83.26
N HIS M 333 35.69 15.33 84.23
CA HIS M 333 34.41 15.39 84.92
C HIS M 333 34.34 14.35 86.04
N ASP M 334 33.87 14.77 87.20
CA ASP M 334 33.62 13.83 88.29
C ASP M 334 32.69 14.50 89.31
N ASP M 335 31.40 14.30 89.10
CA ASP M 335 30.41 14.86 90.01
C ASP M 335 29.40 13.75 90.29
N GLU M 336 28.25 14.12 90.84
CA GLU M 336 27.23 13.14 91.20
C GLU M 336 26.62 12.47 89.97
N ASP M 337 26.63 13.14 88.83
CA ASP M 337 25.91 12.67 87.65
C ASP M 337 26.80 12.21 86.51
N ARG M 338 28.03 12.70 86.42
CA ARG M 338 28.92 12.30 85.33
C ARG M 338 30.33 12.13 85.85
N ARG M 339 30.99 11.06 85.41
CA ARG M 339 32.37 10.77 85.82
C ARG M 339 33.09 10.13 84.64
N GLY M 340 34.03 10.85 84.05
CA GLY M 340 34.84 10.29 82.99
C GLY M 340 35.91 9.36 83.52
N SER M 341 35.70 8.05 83.38
CA SER M 341 36.67 7.09 83.87
C SER M 341 36.50 5.77 83.15
N ALA M 342 37.53 4.94 83.25
CA ALA M 342 37.56 3.62 82.64
C ALA M 342 37.98 2.60 83.67
N VAL M 343 37.41 1.41 83.56
CA VAL M 343 37.66 0.32 84.49
C VAL M 343 37.82 -0.96 83.70
N SER M 344 38.75 -1.82 84.15
CA SER M 344 39.04 -3.10 83.50
C SER M 344 39.13 -2.89 82.01
N SER M 345 39.75 -1.78 81.62
CA SER M 345 39.74 -1.31 80.25
C SER M 345 41.16 -1.00 79.81
N VAL M 346 41.34 -0.95 78.50
CA VAL M 346 42.60 -0.55 77.87
C VAL M 346 42.30 0.65 76.98
N VAL M 347 42.96 1.76 77.24
CA VAL M 347 42.67 3.02 76.56
C VAL M 347 43.92 3.52 75.85
N SER M 348 43.77 3.87 74.57
CA SER M 348 44.90 4.34 73.79
C SER M 348 45.12 5.82 74.02
N GLY M 349 46.10 6.37 73.30
CA GLY M 349 46.37 7.79 73.35
C GLY M 349 45.42 8.58 72.48
N ASP M 350 45.48 9.90 72.62
CA ASP M 350 44.57 10.80 71.93
C ASP M 350 43.11 10.40 72.17
N CYS M 351 42.84 9.87 73.35
CA CYS M 351 41.50 9.47 73.77
C CYS M 351 41.06 10.38 74.91
N ILE M 352 39.94 11.08 74.72
CA ILE M 352 39.39 11.96 75.74
C ILE M 352 38.07 11.36 76.21
N ILE M 353 38.07 10.87 77.45
CA ILE M 353 36.92 10.21 78.05
C ILE M 353 36.24 11.26 78.91
N SER M 354 35.29 11.99 78.31
CA SER M 354 34.69 13.16 78.95
C SER M 354 33.35 12.78 79.59
N GLY M 355 33.33 12.74 80.93
CA GLY M 355 32.10 12.40 81.64
C GLY M 355 31.49 11.09 81.21
N ALA M 356 32.31 10.18 80.70
CA ALA M 356 31.87 8.94 80.09
C ALA M 356 32.36 7.75 80.91
N ALA M 357 31.53 6.72 80.99
CA ALA M 357 31.85 5.51 81.74
C ALA M 357 32.30 4.41 80.79
N LEU M 358 33.45 3.82 81.07
CA LEU M 358 34.01 2.74 80.27
C LEU M 358 34.34 1.56 81.16
N ASN M 359 33.88 0.37 80.78
CA ASN M 359 34.27 -0.83 81.50
C ASN M 359 34.45 -1.98 80.53
N ARG M 360 35.42 -2.83 80.86
CA ARG M 360 35.83 -3.96 80.02
C ARG M 360 35.75 -3.59 78.55
N SER M 361 36.46 -2.52 78.19
CA SER M 361 36.47 -2.02 76.83
C SER M 361 37.91 -1.75 76.39
N LEU M 362 38.12 -1.82 75.08
CA LEU M 362 39.41 -1.53 74.49
C LEU M 362 39.20 -0.42 73.47
N LEU M 363 39.92 0.69 73.65
CA LEU M 363 39.78 1.88 72.79
C LEU M 363 41.08 2.12 72.04
N PHE M 364 40.99 2.24 70.72
CA PHE M 364 42.15 2.61 69.91
C PHE M 364 42.33 4.12 69.95
N THR M 365 43.36 4.60 69.25
N THR M 365 43.38 4.62 69.28
CA THR M 365 43.72 6.01 69.25
CA THR M 365 43.71 6.04 69.35
C THR M 365 42.60 6.90 68.73
C THR M 365 42.59 6.89 68.78
N GLY M 366 42.47 8.09 69.31
CA GLY M 366 41.59 9.11 68.75
C GLY M 366 40.15 9.08 69.20
N VAL M 367 39.78 8.21 70.15
CA VAL M 367 38.38 8.14 70.55
C VAL M 367 38.00 9.39 71.35
N ARG M 368 36.81 9.92 71.07
CA ARG M 368 36.19 10.95 71.89
C ARG M 368 34.89 10.39 72.44
N ALA M 369 34.82 10.20 73.75
CA ALA M 369 33.62 9.70 74.42
C ALA M 369 33.07 10.80 75.32
N ASN M 370 31.86 11.27 75.00
CA ASN M 370 31.31 12.46 75.62
C ASN M 370 30.40 12.10 76.79
N SER M 371 29.86 13.14 77.42
CA SER M 371 29.28 13.02 78.76
C SER M 371 28.07 12.09 78.75
N TYR M 372 27.89 11.39 79.88
CA TYR M 372 26.78 10.49 80.16
C TYR M 372 26.75 9.27 79.25
N SER M 373 27.73 9.13 78.37
CA SER M 373 27.86 7.93 77.57
C SER M 373 28.40 6.78 78.42
N ARG M 374 28.02 5.57 78.06
CA ARG M 374 28.47 4.36 78.74
C ARG M 374 28.91 3.35 77.68
N LEU M 375 30.06 2.74 77.89
CA LEU M 375 30.53 1.63 77.05
C LEU M 375 30.95 0.48 77.93
N GLU M 376 30.38 -0.70 77.66
CA GLU M 376 30.75 -1.93 78.34
C GLU M 376 30.96 -3.01 77.28
N ASN M 377 32.03 -3.77 77.42
CA ASN M 377 32.34 -4.86 76.48
C ASN M 377 32.46 -4.34 75.05
N ALA M 378 33.10 -3.18 74.90
CA ALA M 378 33.16 -2.47 73.64
C ALA M 378 34.59 -2.43 73.13
N VAL M 379 34.78 -2.85 71.89
CA VAL M 379 36.04 -2.60 71.20
C VAL M 379 35.79 -1.44 70.26
N VAL M 380 36.54 -0.36 70.48
CA VAL M 380 36.31 0.90 69.79
C VAL M 380 37.53 1.18 68.93
N LEU M 381 37.32 1.20 67.61
CA LEU M 381 38.42 1.38 66.66
C LEU M 381 38.79 2.87 66.58
N PRO M 382 39.86 3.22 65.86
CA PRO M 382 40.38 4.60 65.95
C PRO M 382 39.37 5.68 65.56
N SER M 383 39.49 6.82 66.25
CA SER M 383 38.81 8.07 65.91
C SER M 383 37.29 7.98 66.05
N VAL M 384 36.78 7.11 66.90
CA VAL M 384 35.34 7.00 67.04
C VAL M 384 34.83 8.06 68.00
N LYS M 385 33.65 8.61 67.69
CA LYS M 385 33.00 9.59 68.54
C LYS M 385 31.76 8.97 69.19
N ILE M 386 31.68 9.03 70.51
CA ILE M 386 30.52 8.56 71.26
C ILE M 386 29.75 9.77 71.74
N GLY M 387 28.58 10.01 71.14
CA GLY M 387 27.75 11.13 71.54
C GLY M 387 27.26 11.00 72.97
N ARG M 388 26.77 12.12 73.48
CA ARG M 388 26.31 12.19 74.86
C ARG M 388 25.20 11.18 75.11
N HIS M 389 25.19 10.62 76.32
CA HIS M 389 24.15 9.74 76.85
C HIS M 389 24.04 8.42 76.10
N ALA M 390 24.81 8.22 75.03
CA ALA M 390 24.84 6.94 74.34
C ALA M 390 25.20 5.82 75.31
N GLN M 391 24.59 4.66 75.13
CA GLN M 391 24.88 3.49 75.96
C GLN M 391 25.07 2.31 75.04
N LEU M 392 26.26 1.71 75.07
CA LEU M 392 26.64 0.67 74.15
C LEU M 392 27.24 -0.48 74.93
N SER M 393 26.76 -1.70 74.67
CA SER M 393 27.21 -2.87 75.40
C SER M 393 27.42 -4.01 74.43
N ASN M 394 28.57 -4.70 74.56
CA ASN M 394 28.94 -5.83 73.71
C ASN M 394 28.91 -5.44 72.23
N VAL M 395 29.94 -4.68 71.82
CA VAL M 395 29.94 -4.10 70.47
C VAL M 395 31.35 -3.98 69.94
N VAL M 396 31.44 -3.94 68.61
CA VAL M 396 32.63 -3.52 67.89
C VAL M 396 32.24 -2.29 67.10
N ILE M 397 32.93 -1.18 67.34
CA ILE M 397 32.67 0.06 66.64
C ILE M 397 33.75 0.29 65.60
N ASP M 398 33.37 0.25 64.33
CA ASP M 398 34.29 0.40 63.21
C ASP M 398 35.01 1.74 63.27
N HIS M 399 36.11 1.84 62.52
CA HIS M 399 36.95 3.04 62.54
C HIS M 399 36.14 4.26 62.11
N GLY M 400 36.33 5.36 62.83
CA GLY M 400 35.77 6.66 62.46
C GLY M 400 34.30 6.87 62.77
N VAL M 401 33.63 5.89 63.38
CA VAL M 401 32.17 5.94 63.48
C VAL M 401 31.74 6.99 64.48
N VAL M 402 30.70 7.74 64.13
CA VAL M 402 30.08 8.72 65.00
C VAL M 402 28.81 8.09 65.56
N ILE M 403 28.80 7.82 66.86
CA ILE M 403 27.63 7.26 67.55
C ILE M 403 26.69 8.39 67.95
N PRO M 404 25.49 8.48 67.36
CA PRO M 404 24.60 9.59 67.69
C PRO M 404 24.22 9.57 69.17
N GLU M 405 23.94 10.77 69.68
CA GLU M 405 23.69 10.92 71.10
C GLU M 405 22.45 10.14 71.51
N GLY M 406 22.54 9.50 72.67
CA GLY M 406 21.41 8.75 73.20
C GLY M 406 21.08 7.46 72.49
N LEU M 407 21.96 6.94 71.66
CA LEU M 407 21.74 5.63 71.05
C LEU M 407 22.03 4.53 72.07
N ILE M 408 21.17 3.52 72.10
CA ILE M 408 21.34 2.36 72.97
C ILE M 408 21.50 1.12 72.09
N VAL M 409 22.55 0.35 72.38
CA VAL M 409 22.81 -0.92 71.70
C VAL M 409 23.15 -1.95 72.77
N GLY M 410 22.46 -3.09 72.74
CA GLY M 410 22.67 -4.13 73.72
C GLY M 410 21.55 -4.31 74.73
N GLU M 411 20.44 -3.59 74.58
CA GLU M 411 19.26 -3.77 75.42
C GLU M 411 18.13 -4.50 74.70
N ASP M 412 17.93 -4.21 73.41
CA ASP M 412 16.91 -4.87 72.59
C ASP M 412 17.61 -5.67 71.50
N PRO M 413 17.73 -6.99 71.65
CA PRO M 413 18.43 -7.78 70.62
C PRO M 413 17.77 -7.69 69.25
N GLU M 414 16.44 -7.70 69.18
CA GLU M 414 15.77 -7.71 67.88
C GLU M 414 15.91 -6.37 67.17
N LEU M 415 15.83 -5.27 67.91
CA LEU M 415 16.07 -3.97 67.29
C LEU M 415 17.55 -3.81 66.94
N ASP M 416 18.43 -4.22 67.85
CA ASP M 416 19.86 -4.20 67.55
C ASP M 416 20.17 -4.96 66.27
N ALA M 417 19.55 -6.15 66.11
CA ALA M 417 19.82 -6.96 64.93
C ALA M 417 19.21 -6.34 63.67
N LYS M 418 18.13 -5.56 63.83
CA LYS M 418 17.59 -4.85 62.68
C LYS M 418 18.51 -3.72 62.24
N ARG M 419 19.07 -2.98 63.20
CA ARG M 419 19.87 -1.80 62.86
C ARG M 419 21.30 -2.17 62.51
N PHE M 420 21.86 -3.18 63.16
CA PHE M 420 23.28 -3.47 63.06
C PHE M 420 23.48 -4.93 62.71
N ARG M 421 24.73 -5.27 62.40
CA ARG M 421 25.14 -6.64 62.22
C ARG M 421 25.39 -7.25 63.59
N ARG M 422 24.59 -8.24 63.96
CA ARG M 422 24.62 -8.82 65.29
C ARG M 422 24.96 -10.29 65.18
N THR M 423 26.03 -10.70 65.86
CA THR M 423 26.24 -12.12 66.07
C THR M 423 25.06 -12.68 66.86
N GLU M 424 24.96 -14.01 66.93
CA GLU M 424 23.93 -14.58 67.78
C GLU M 424 24.39 -14.75 69.20
N SER M 425 25.69 -14.59 69.48
CA SER M 425 26.20 -14.45 70.84
C SER M 425 26.05 -13.04 71.38
N GLY M 426 25.38 -12.15 70.66
CA GLY M 426 24.99 -10.86 71.20
C GLY M 426 25.93 -9.70 70.96
N ILE M 427 26.90 -9.80 70.06
CA ILE M 427 27.81 -8.70 69.78
C ILE M 427 27.38 -8.03 68.49
N CYS M 428 27.28 -6.71 68.55
CA CYS M 428 26.89 -5.91 67.40
C CYS M 428 28.15 -5.26 66.82
N LEU M 429 28.30 -5.31 65.51
CA LEU M 429 29.32 -4.53 64.83
C LEU M 429 28.63 -3.33 64.19
N ILE M 430 29.16 -2.14 64.44
CA ILE M 430 28.48 -0.89 64.11
C ILE M 430 29.33 -0.09 63.14
N THR M 431 28.81 0.13 61.95
CA THR M 431 29.45 0.94 60.93
CA THR M 431 29.47 0.96 60.95
C THR M 431 28.61 2.19 60.69
N GLN M 432 29.26 3.25 60.19
CA GLN M 432 28.50 4.46 59.93
C GLN M 432 27.51 4.28 58.80
N SER M 433 27.74 3.30 57.91
CA SER M 433 26.72 2.94 56.93
C SER M 433 25.42 2.57 57.62
N MET M 434 25.49 1.77 58.68
CA MET M 434 24.30 1.46 59.46
C MET M 434 23.75 2.73 60.11
N ILE M 435 24.56 3.36 60.98
CA ILE M 435 24.16 4.58 61.69
C ILE M 435 23.46 5.55 60.76
N ASP M 436 23.96 5.71 59.53
CA ASP M 436 23.42 6.71 58.62
C ASP M 436 21.94 6.49 58.31
N LYS M 437 21.48 5.24 58.32
CA LYS M 437 20.11 4.93 57.93
C LYS M 437 19.19 4.66 59.12
N LEU M 438 19.53 5.20 60.29
CA LEU M 438 18.79 4.91 61.51
C LEU M 438 17.70 5.93 61.79
N ASP M 439 16.49 5.43 62.05
CA ASP M 439 15.41 6.19 62.65
C ASP M 439 15.13 5.63 64.04
N LEU M 440 14.00 4.95 64.22
CA LEU M 440 13.75 4.20 65.47
C LEU M 440 13.94 2.71 65.21
N VAL N 26 57.75 38.90 48.61
CA VAL N 26 56.89 37.76 48.27
C VAL N 26 57.27 36.53 49.07
N GLN N 27 58.54 36.13 48.98
CA GLN N 27 58.98 34.93 49.68
C GLN N 27 58.95 35.17 51.19
N PRO N 28 58.51 34.19 51.97
CA PRO N 28 58.61 34.31 53.42
C PRO N 28 60.07 34.44 53.83
N LEU N 29 60.31 35.20 54.89
CA LEU N 29 61.69 35.45 55.28
C LEU N 29 62.26 34.36 56.17
N ALA N 30 61.42 33.50 56.75
CA ALA N 30 61.92 32.33 57.47
C ALA N 30 62.74 31.42 56.58
N ARG N 31 62.62 31.56 55.25
CA ARG N 31 63.46 30.81 54.34
C ARG N 31 64.94 31.10 54.54
N ASP N 32 65.27 32.34 54.89
CA ASP N 32 66.66 32.77 55.02
C ASP N 32 67.03 33.04 56.48
N ALA N 33 66.34 32.39 57.40
CA ALA N 33 66.58 32.55 58.83
C ALA N 33 67.15 31.28 59.40
N MET N 34 67.96 31.41 60.44
CA MET N 34 68.35 30.27 61.25
C MET N 34 67.98 30.54 62.70
N ALA N 35 67.38 29.56 63.33
CA ALA N 35 67.02 29.65 64.75
C ALA N 35 68.20 29.14 65.56
N TYR N 36 68.56 29.87 66.61
CA TYR N 36 69.64 29.45 67.50
C TYR N 36 69.10 29.39 68.94
N VAL N 37 68.90 28.17 69.43
CA VAL N 37 68.27 27.94 70.73
C VAL N 37 69.35 27.84 71.80
N LEU N 38 69.19 28.59 72.88
CA LEU N 38 70.08 28.52 74.04
C LEU N 38 69.46 27.58 75.06
N ALA N 39 70.07 26.41 75.21
CA ALA N 39 69.56 25.37 76.11
C ALA N 39 70.66 24.89 77.03
N GLY N 40 71.41 25.83 77.60
CA GLY N 40 72.47 25.47 78.52
C GLY N 40 72.22 25.84 79.97
N GLY N 41 71.13 26.56 80.22
CA GLY N 41 70.86 27.05 81.57
C GLY N 41 70.47 25.91 82.50
N ARG N 42 71.01 25.92 83.72
CA ARG N 42 70.73 24.85 84.68
C ARG N 42 69.26 24.83 85.07
N GLY N 43 68.74 25.98 85.51
CA GLY N 43 67.44 26.01 86.17
C GLY N 43 67.61 25.64 87.63
N SER N 44 68.35 26.48 88.37
CA SER N 44 68.70 26.17 89.75
C SER N 44 67.46 26.05 90.63
N ARG N 45 66.49 26.95 90.45
CA ARG N 45 65.35 26.99 91.35
C ARG N 45 64.49 25.73 91.28
N LEU N 46 64.67 24.89 90.26
CA LEU N 46 63.99 23.61 90.21
C LEU N 46 64.66 22.56 91.09
N LYS N 47 65.72 22.93 91.80
CA LYS N 47 66.46 22.08 92.73
C LYS N 47 66.68 20.68 92.20
N GLU N 48 66.32 19.65 92.96
CA GLU N 48 66.72 18.29 92.59
C GLU N 48 66.20 17.87 91.22
N LEU N 49 65.11 18.48 90.75
CA LEU N 49 64.56 18.11 89.44
C LEU N 49 65.52 18.44 88.30
N THR N 50 66.57 19.22 88.55
CA THR N 50 67.55 19.56 87.52
C THR N 50 68.96 19.14 87.88
N ASP N 51 69.13 18.31 88.92
CA ASP N 51 70.47 17.89 89.32
C ASP N 51 71.13 17.02 88.25
N ARG N 52 70.33 16.25 87.51
CA ARG N 52 70.86 15.30 86.54
C ARG N 52 70.49 15.65 85.11
N ARG N 53 69.82 16.78 84.89
CA ARG N 53 69.43 17.20 83.55
C ARG N 53 69.22 18.70 83.55
N ALA N 54 69.62 19.34 82.45
CA ALA N 54 69.33 20.75 82.25
C ALA N 54 67.83 20.97 82.15
N LYS N 55 67.39 22.18 82.55
CA LYS N 55 65.98 22.53 82.49
C LYS N 55 65.33 22.29 81.13
N PRO N 56 65.93 22.71 80.00
CA PRO N 56 65.26 22.47 78.70
C PRO N 56 64.95 21.01 78.43
N ALA N 57 65.64 20.09 79.10
CA ALA N 57 65.38 18.66 78.96
C ALA N 57 64.35 18.13 79.96
N VAL N 58 63.79 18.99 80.81
CA VAL N 58 62.80 18.53 81.78
C VAL N 58 61.50 18.20 81.07
N TYR N 59 60.87 17.09 81.46
CA TYR N 59 59.62 16.66 80.84
C TYR N 59 58.51 17.65 81.16
N PHE N 60 57.52 17.71 80.25
CA PHE N 60 56.38 18.59 80.48
C PHE N 60 55.15 18.08 79.75
N GLY N 61 54.02 18.12 80.43
CA GLY N 61 52.71 17.99 79.82
C GLY N 61 52.32 16.60 79.37
N GLY N 62 53.16 15.59 79.65
N GLY N 62 53.16 15.59 79.62
CA GLY N 62 52.97 14.31 79.01
CA GLY N 62 52.80 14.19 79.38
C GLY N 62 53.01 14.41 77.50
C GLY N 62 53.72 13.47 78.41
N LYS N 63 53.63 15.46 76.99
N LYS N 63 54.37 14.21 77.51
CA LYS N 63 53.57 15.86 75.60
CA LYS N 63 55.19 13.56 76.51
C LYS N 63 54.94 15.94 74.95
C LYS N 63 56.45 14.36 76.18
N ALA N 64 55.92 16.51 75.63
N ALA N 64 56.28 15.59 75.71
CA ALA N 64 57.25 16.73 75.08
CA ALA N 64 57.38 16.36 75.17
C ALA N 64 58.18 17.17 76.21
C ALA N 64 58.32 16.84 76.28
N ARG N 65 59.42 17.46 75.85
CA ARG N 65 60.32 18.16 76.74
C ARG N 65 60.19 19.66 76.50
N ILE N 66 60.69 20.45 77.46
CA ILE N 66 60.51 21.90 77.41
C ILE N 66 61.11 22.47 76.14
N ILE N 67 62.29 22.00 75.74
CA ILE N 67 62.94 22.56 74.57
C ILE N 67 62.17 22.26 73.30
N ASP N 68 61.23 21.30 73.34
CA ASP N 68 60.54 20.94 72.11
C ASP N 68 59.58 22.02 71.64
N PHE N 69 59.22 22.96 72.50
CA PHE N 69 58.29 23.99 72.05
C PHE N 69 59.01 25.04 71.21
N ALA N 70 60.16 25.52 71.68
CA ALA N 70 60.96 26.46 70.88
C ALA N 70 61.36 25.83 69.55
N LEU N 71 61.85 24.59 69.57
CA LEU N 71 62.19 23.92 68.32
C LEU N 71 60.97 23.76 67.43
N SER N 72 59.83 23.39 68.01
CA SER N 72 58.61 23.26 67.21
C SER N 72 58.18 24.62 66.64
N ASN N 73 58.34 25.68 67.42
CA ASN N 73 57.98 27.01 66.91
C ASN N 73 58.81 27.35 65.68
N ALA N 74 60.11 27.03 65.71
CA ALA N 74 60.97 27.26 64.55
C ALA N 74 60.47 26.47 63.35
N LEU N 75 60.34 25.15 63.51
CA LEU N 75 59.86 24.27 62.46
C LEU N 75 58.57 24.79 61.83
N ASN N 76 57.54 25.01 62.67
CA ASN N 76 56.25 25.43 62.14
C ASN N 76 56.31 26.83 61.55
N SER N 77 57.22 27.67 62.00
CA SER N 77 57.36 28.99 61.41
C SER N 77 58.07 28.95 60.06
N GLY N 78 58.54 27.79 59.63
CA GLY N 78 59.24 27.67 58.37
C GLY N 78 60.74 27.79 58.46
N ILE N 79 61.30 27.98 59.65
CA ILE N 79 62.74 28.03 59.82
C ILE N 79 63.28 26.60 59.83
N ARG N 80 64.12 26.27 58.86
CA ARG N 80 64.61 24.90 58.71
C ARG N 80 66.11 24.78 59.02
N ARG N 81 66.74 25.82 59.54
CA ARG N 81 68.11 25.74 60.04
C ARG N 81 68.07 26.05 61.53
N ILE N 82 68.46 25.07 62.35
CA ILE N 82 68.35 25.20 63.79
C ILE N 82 69.71 24.85 64.41
N GLY N 83 70.17 25.72 65.30
CA GLY N 83 71.32 25.43 66.15
C GLY N 83 70.89 25.39 67.60
N VAL N 84 71.48 24.48 68.37
CA VAL N 84 71.12 24.26 69.76
C VAL N 84 72.39 24.32 70.60
N ALA N 85 72.54 25.35 71.42
CA ALA N 85 73.65 25.43 72.36
C ALA N 85 73.29 24.72 73.67
N THR N 86 74.17 23.83 74.11
CA THR N 86 74.00 23.13 75.38
C THR N 86 75.26 23.29 76.21
N GLN N 87 75.12 23.07 77.52
CA GLN N 87 76.22 23.27 78.44
C GLN N 87 76.06 22.41 79.68
N TYR N 88 75.29 22.90 80.66
CA TYR N 88 75.10 22.18 81.90
C TYR N 88 74.45 20.82 81.63
N LYS N 89 75.04 19.77 82.20
CA LYS N 89 74.48 18.42 82.26
C LYS N 89 73.58 18.10 81.09
N ALA N 90 74.16 17.92 79.89
CA ALA N 90 73.39 17.90 78.66
C ALA N 90 73.39 16.54 77.98
N HIS N 91 73.74 15.47 78.69
CA HIS N 91 73.73 14.15 78.06
C HIS N 91 72.32 13.75 77.67
N ASP N 92 71.36 13.91 78.60
CA ASP N 92 69.97 13.63 78.28
C ASP N 92 69.47 14.53 77.17
N LEU N 93 69.85 15.81 77.20
CA LEU N 93 69.33 16.78 76.23
C LEU N 93 69.82 16.45 74.83
N ILE N 94 71.11 16.19 74.69
CA ILE N 94 71.67 15.86 73.38
C ILE N 94 71.10 14.54 72.88
N ARG N 95 70.92 13.57 73.77
CA ARG N 95 70.33 12.29 73.37
C ARG N 95 68.91 12.48 72.86
N HIS N 96 68.14 13.36 73.50
CA HIS N 96 66.79 13.67 73.01
C HIS N 96 66.85 14.36 71.65
N LEU N 97 67.82 15.25 71.44
CA LEU N 97 67.94 15.94 70.17
C LEU N 97 68.36 15.00 69.05
N GLN N 98 69.31 14.10 69.34
CA GLN N 98 69.78 13.16 68.33
C GLN N 98 68.68 12.20 67.89
N ARG N 99 67.78 11.81 68.80
CA ARG N 99 66.80 10.80 68.49
C ARG N 99 65.48 11.38 67.99
N GLY N 100 65.15 12.60 68.37
CA GLY N 100 63.86 13.16 68.02
C GLY N 100 63.92 14.13 66.86
N TRP N 101 65.03 14.84 66.73
CA TRP N 101 65.16 15.89 65.74
C TRP N 101 66.11 15.49 64.63
N ASP N 102 65.78 14.39 63.96
CA ASP N 102 66.69 13.69 63.06
C ASP N 102 66.22 13.69 61.61
N PHE N 103 65.26 14.53 61.24
CA PHE N 103 64.65 14.47 59.92
C PHE N 103 65.06 15.62 59.01
N PHE N 104 66.12 16.34 59.37
CA PHE N 104 66.64 17.43 58.54
C PHE N 104 67.75 16.88 57.66
N ARG N 105 67.78 17.32 56.40
CA ARG N 105 68.81 16.88 55.46
C ARG N 105 69.43 18.09 54.79
N PRO N 106 70.76 18.17 54.72
CA PRO N 106 71.40 19.34 54.11
C PRO N 106 71.08 19.51 52.63
N GLU N 107 70.78 18.43 51.91
CA GLU N 107 70.47 18.58 50.49
C GLU N 107 69.17 19.34 50.27
N ARG N 108 68.30 19.40 51.27
CA ARG N 108 67.09 20.21 51.20
C ARG N 108 67.30 21.57 51.87
N ASN N 109 68.55 21.95 52.12
CA ASN N 109 68.91 23.19 52.81
C ASN N 109 68.32 23.20 54.21
N GLU N 110 68.25 22.03 54.83
CA GLU N 110 67.87 21.89 56.22
C GLU N 110 69.11 21.60 57.04
N SER N 111 69.07 21.98 58.31
CA SER N 111 70.17 21.65 59.20
C SER N 111 69.70 21.65 60.65
N PHE N 112 70.24 20.71 61.42
CA PHE N 112 70.09 20.68 62.86
C PHE N 112 71.48 20.47 63.44
N ASP N 113 72.00 21.48 64.14
CA ASP N 113 73.31 21.43 64.75
C ASP N 113 73.18 21.48 66.26
N ILE N 114 73.65 20.45 66.94
CA ILE N 114 73.75 20.43 68.39
C ILE N 114 75.16 20.85 68.76
N LEU N 115 75.29 21.95 69.52
CA LEU N 115 76.56 22.65 69.69
C LEU N 115 76.92 22.74 71.17
N PRO N 116 77.40 21.66 71.77
CA PRO N 116 77.86 21.73 73.15
C PRO N 116 79.20 22.43 73.26
N ALA N 117 79.50 22.89 74.47
CA ALA N 117 80.82 23.40 74.77
C ALA N 117 81.76 22.22 74.99
N SER N 118 82.83 22.14 74.21
CA SER N 118 83.70 20.96 74.25
C SER N 118 85.09 21.37 73.77
N GLN N 119 85.98 20.39 73.63
CA GLN N 119 87.31 20.60 73.06
C GLN N 119 87.18 20.51 71.54
N ARG N 120 86.99 21.67 70.91
CA ARG N 120 86.79 21.74 69.47
C ARG N 120 87.60 22.89 68.87
N VAL N 121 87.15 24.12 69.11
CA VAL N 121 87.90 25.31 68.69
C VAL N 121 88.75 25.87 69.82
N SER N 122 88.49 25.50 71.07
CA SER N 122 89.24 26.02 72.20
C SER N 122 89.21 25.00 73.33
N GLU N 123 90.19 25.10 74.23
CA GLU N 123 90.22 24.27 75.43
C GLU N 123 89.01 24.57 76.31
N THR N 124 89.01 25.77 76.93
CA THR N 124 87.89 26.33 77.70
C THR N 124 87.08 25.29 78.48
N GLN N 125 86.47 24.35 77.74
CA GLN N 125 85.58 23.29 78.23
C GLN N 125 84.15 23.78 78.25
N TRP N 126 83.93 25.08 78.51
CA TRP N 126 82.57 25.57 78.75
C TRP N 126 82.42 26.99 78.20
N TYR N 127 81.20 27.30 77.74
CA TYR N 127 80.87 28.65 77.27
C TYR N 127 80.90 29.65 78.42
N GLU N 128 81.24 30.89 78.11
CA GLU N 128 81.24 31.96 79.10
C GLU N 128 79.88 32.62 79.28
N GLY N 129 78.90 32.28 78.45
CA GLY N 129 77.59 32.88 78.54
C GLY N 129 76.81 32.65 77.27
N THR N 130 75.57 33.13 77.29
CA THR N 130 74.67 32.92 76.15
C THR N 130 75.18 33.61 74.89
N ALA N 131 75.93 34.70 75.04
CA ALA N 131 76.55 35.32 73.87
C ALA N 131 77.74 34.49 73.40
N ASP N 132 78.54 33.98 74.34
CA ASP N 132 79.67 33.15 73.97
C ASP N 132 79.21 31.84 73.34
N ALA N 133 78.00 31.38 73.66
CA ALA N 133 77.49 30.15 73.08
C ALA N 133 77.25 30.29 71.58
N VAL N 134 76.92 31.49 71.12
CA VAL N 134 76.81 31.75 69.69
C VAL N 134 78.17 32.12 69.09
N TYR N 135 78.93 32.95 69.81
CA TYR N 135 80.22 33.42 69.31
C TYR N 135 81.14 32.25 69.00
N GLN N 136 81.22 31.27 69.89
N GLN N 136 81.22 31.27 69.89
CA GLN N 136 82.12 30.14 69.67
CA GLN N 136 82.12 30.14 69.67
C GLN N 136 81.70 29.30 68.47
C GLN N 136 81.68 29.27 68.50
N ASN N 137 80.45 29.42 68.00
CA ASN N 137 79.92 28.63 66.90
C ASN N 137 79.72 29.45 65.64
N ILE N 138 80.47 30.54 65.49
CA ILE N 138 80.36 31.37 64.30
C ILE N 138 80.69 30.58 63.06
N ASP N 139 81.73 29.75 63.13
CA ASP N 139 82.17 28.92 62.02
C ASP N 139 81.12 27.90 61.59
N ILE N 140 80.17 27.58 62.46
CA ILE N 140 79.06 26.73 62.05
C ILE N 140 78.05 27.54 61.25
N ILE N 141 77.88 28.82 61.56
CA ILE N 141 76.72 29.57 61.06
C ILE N 141 76.98 30.13 59.66
N GLU N 142 78.14 30.75 59.48
CA GLU N 142 78.39 31.48 58.23
C GLU N 142 78.47 30.61 56.97
N PRO N 143 78.94 29.37 56.99
CA PRO N 143 78.78 28.52 55.79
C PRO N 143 77.33 28.35 55.35
N TYR N 144 76.39 28.45 56.28
CA TYR N 144 74.98 28.48 55.92
C TYR N 144 74.56 29.83 55.35
N ALA N 145 75.24 30.91 55.73
CA ALA N 145 74.93 32.26 55.30
C ALA N 145 73.45 32.60 55.44
N PRO N 146 72.86 32.42 56.62
CA PRO N 146 71.47 32.84 56.78
C PRO N 146 71.38 34.36 56.76
N GLU N 147 70.27 34.87 56.23
CA GLU N 147 70.05 36.31 56.28
C GLU N 147 69.73 36.77 57.69
N TYR N 148 69.04 35.94 58.48
CA TYR N 148 68.56 36.34 59.80
C TYR N 148 68.85 35.27 60.83
N MET N 149 69.19 35.71 62.04
CA MET N 149 69.28 34.85 63.20
C MET N 149 68.07 35.09 64.10
N VAL N 150 67.46 34.01 64.56
CA VAL N 150 66.37 34.06 65.54
C VAL N 150 66.91 33.40 66.80
N ILE N 151 67.29 34.21 67.78
CA ILE N 151 67.83 33.71 69.03
C ILE N 151 66.68 33.41 69.98
N LEU N 152 66.57 32.16 70.41
CA LEU N 152 65.46 31.69 71.23
C LEU N 152 65.97 31.15 72.55
N ALA N 153 65.23 31.42 73.62
CA ALA N 153 65.44 30.72 74.88
C ALA N 153 64.79 29.35 74.80
N GLY N 154 65.56 28.31 75.13
CA GLY N 154 65.06 26.96 75.04
C GLY N 154 64.37 26.44 76.29
N ASP N 155 63.97 27.31 77.21
CA ASP N 155 63.48 26.87 78.51
C ASP N 155 62.09 27.41 78.85
N HIS N 156 61.31 27.83 77.86
CA HIS N 156 59.94 28.28 78.06
C HIS N 156 58.97 27.42 77.28
N ILE N 157 57.74 27.34 77.77
CA ILE N 157 56.65 26.64 77.10
C ILE N 157 55.72 27.69 76.52
N TYR N 158 55.61 27.70 75.19
CA TYR N 158 54.86 28.73 74.48
C TYR N 158 54.87 28.39 72.99
N LYS N 159 53.92 28.97 72.27
CA LYS N 159 53.78 28.75 70.84
C LYS N 159 53.69 30.11 70.15
N MET N 160 54.49 30.31 69.10
CA MET N 160 54.61 31.62 68.49
C MET N 160 55.16 31.51 67.08
N ASP N 161 54.58 32.28 66.15
CA ASP N 161 54.95 32.26 64.73
C ASP N 161 56.04 33.31 64.50
N TYR N 162 57.29 32.85 64.35
CA TYR N 162 58.42 33.76 64.24
C TYR N 162 58.41 34.58 62.94
N GLU N 163 57.56 34.23 61.97
CA GLU N 163 57.54 34.99 60.73
C GLU N 163 57.09 36.43 60.97
N TYR N 164 56.24 36.65 61.97
CA TYR N 164 55.82 38.01 62.30
C TYR N 164 56.99 38.85 62.77
N MET N 165 57.78 38.32 63.72
CA MET N 165 58.92 39.07 64.23
C MET N 165 59.91 39.41 63.12
N LEU N 166 60.13 38.48 62.19
CA LEU N 166 61.09 38.73 61.13
C LEU N 166 60.60 39.84 60.20
N GLN N 167 59.30 39.89 59.93
CA GLN N 167 58.75 40.97 59.11
C GLN N 167 58.92 42.32 59.80
N GLN N 168 58.55 42.38 61.08
CA GLN N 168 58.72 43.62 61.83
C GLN N 168 60.19 44.04 61.88
N HIS N 169 61.09 43.08 62.10
CA HIS N 169 62.51 43.39 62.18
C HIS N 169 63.02 44.00 60.87
N VAL N 170 62.51 43.54 59.72
CA VAL N 170 62.98 44.08 58.46
C VAL N 170 62.22 45.34 58.11
N ASP N 171 60.92 45.41 58.42
CA ASP N 171 60.14 46.60 58.09
C ASP N 171 60.52 47.78 58.98
N SER N 172 60.90 47.53 60.23
CA SER N 172 61.28 48.61 61.13
C SER N 172 62.71 49.06 60.95
N GLY N 173 63.55 48.28 60.29
CA GLY N 173 64.96 48.61 60.18
C GLY N 173 65.75 48.45 61.45
N ALA N 174 65.25 47.68 62.41
CA ALA N 174 65.88 47.62 63.72
C ALA N 174 67.19 46.85 63.69
N ASP N 175 68.08 47.22 64.62
CA ASP N 175 69.27 46.42 64.87
C ASP N 175 68.93 45.13 65.63
N VAL N 176 67.91 45.16 66.48
CA VAL N 176 67.44 43.96 67.16
C VAL N 176 65.96 44.13 67.52
N THR N 177 65.18 43.10 67.19
CA THR N 177 63.78 43.01 67.58
C THR N 177 63.68 42.00 68.72
N ILE N 178 62.96 42.36 69.78
CA ILE N 178 62.97 41.60 71.02
C ILE N 178 61.55 41.17 71.35
N GLY N 179 61.36 39.87 71.57
CA GLY N 179 60.06 39.33 71.93
C GLY N 179 59.73 39.65 73.37
N CYS N 180 58.53 40.18 73.61
CA CYS N 180 58.16 40.69 74.92
C CYS N 180 56.77 40.24 75.31
N LEU N 181 56.63 39.81 76.57
CA LEU N 181 55.32 39.61 77.16
C LEU N 181 54.77 40.93 77.69
N GLU N 182 53.45 41.07 77.63
CA GLU N 182 52.75 42.21 78.21
C GLU N 182 52.11 41.75 79.50
N VAL N 183 52.80 41.97 80.62
CA VAL N 183 52.36 41.46 81.90
C VAL N 183 52.05 42.63 82.83
N PRO N 184 51.16 42.45 83.81
CA PRO N 184 51.00 43.48 84.84
C PRO N 184 52.34 43.77 85.48
N ARG N 185 52.59 45.06 85.75
CA ARG N 185 53.93 45.48 86.10
C ARG N 185 54.43 44.81 87.38
N MET N 186 53.52 44.57 88.33
CA MET N 186 53.90 43.90 89.57
C MET N 186 54.61 42.57 89.31
N GLU N 187 54.24 41.87 88.24
CA GLU N 187 54.83 40.58 87.91
C GLU N 187 56.05 40.67 87.02
N ALA N 188 56.36 41.86 86.46
CA ALA N 188 57.60 42.05 85.73
C ALA N 188 58.80 42.11 86.65
N THR N 189 58.57 41.97 87.96
CA THR N 189 59.60 42.06 88.99
C THR N 189 60.77 41.14 88.71
N GLY N 190 60.50 39.96 88.17
CA GLY N 190 61.52 38.96 87.93
C GLY N 190 62.07 38.91 86.52
N PHE N 191 61.70 39.83 85.64
CA PHE N 191 62.13 39.80 84.24
C PHE N 191 63.12 40.90 83.95
N GLY N 192 63.81 40.76 82.82
CA GLY N 192 64.41 41.91 82.18
C GLY N 192 63.31 42.70 81.48
N VAL N 193 63.26 44.00 81.74
CA VAL N 193 62.13 44.81 81.33
C VAL N 193 62.59 45.82 80.29
N MET N 194 61.74 46.03 79.28
CA MET N 194 62.02 46.98 78.22
C MET N 194 61.18 48.24 78.44
N HIS N 195 61.85 49.37 78.64
CA HIS N 195 61.20 50.67 78.62
C HIS N 195 61.07 51.14 77.17
N VAL N 196 59.87 51.53 76.77
CA VAL N 196 59.62 51.84 75.36
C VAL N 196 58.90 53.18 75.22
N ASN N 197 58.88 53.67 73.97
CA ASN N 197 58.22 54.91 73.61
C ASN N 197 56.81 54.63 73.10
N GLU N 198 56.23 55.60 72.38
CA GLU N 198 54.91 55.42 71.79
C GLU N 198 54.91 54.44 70.62
N LYS N 199 56.05 54.25 69.96
CA LYS N 199 56.14 53.31 68.84
C LYS N 199 56.97 52.08 69.20
N ASP N 200 56.88 51.65 70.46
CA ASP N 200 57.50 50.43 70.96
C ASP N 200 59.00 50.36 70.68
N GLU N 201 59.65 51.51 70.49
CA GLU N 201 61.11 51.54 70.41
C GLU N 201 61.68 51.53 71.82
N ILE N 202 62.69 50.71 72.05
CA ILE N 202 63.22 50.49 73.38
C ILE N 202 64.14 51.64 73.77
N ILE N 203 63.74 52.41 74.79
CA ILE N 203 64.56 53.52 75.23
C ILE N 203 65.53 53.13 76.34
N ASP N 204 65.15 52.18 77.20
CA ASP N 204 66.04 51.68 78.23
C ASP N 204 65.74 50.22 78.46
N PHE N 205 66.58 49.59 79.27
CA PHE N 205 66.38 48.21 79.66
C PHE N 205 66.91 48.02 81.07
N ILE N 206 66.11 47.39 81.92
CA ILE N 206 66.43 47.22 83.33
C ILE N 206 66.22 45.76 83.69
N GLU N 207 67.18 45.19 84.41
CA GLU N 207 67.11 43.79 84.80
C GLU N 207 66.52 43.68 86.20
N LYS N 208 65.39 42.96 86.30
CA LYS N 208 64.63 42.79 87.53
C LYS N 208 64.43 44.12 88.24
N PRO N 209 63.68 45.06 87.66
CA PRO N 209 63.37 46.30 88.38
C PRO N 209 62.40 46.03 89.52
N ALA N 210 62.69 46.62 90.68
CA ALA N 210 61.72 46.59 91.76
C ALA N 210 60.45 47.33 91.37
N ASP N 211 60.60 48.43 90.62
CA ASP N 211 59.48 49.25 90.16
C ASP N 211 59.59 49.37 88.65
N PRO N 212 58.98 48.44 87.90
CA PRO N 212 59.25 48.36 86.47
C PRO N 212 58.72 49.57 85.72
N PRO N 213 59.30 49.90 84.58
CA PRO N 213 58.72 50.95 83.73
C PRO N 213 57.48 50.44 83.02
N GLY N 214 56.37 51.18 83.15
CA GLY N 214 55.15 50.82 82.47
C GLY N 214 55.15 51.23 81.00
N ILE N 215 54.15 50.74 80.28
CA ILE N 215 53.98 51.03 78.87
C ILE N 215 53.36 52.42 78.71
N PRO N 216 53.85 53.25 77.79
CA PRO N 216 53.24 54.56 77.56
C PRO N 216 51.76 54.45 77.26
N GLY N 217 50.96 55.22 78.00
CA GLY N 217 49.53 55.16 77.84
C GLY N 217 48.88 53.90 78.38
N ASN N 218 49.60 53.16 79.22
CA ASN N 218 49.07 51.97 79.89
C ASN N 218 50.08 51.56 80.98
N GLU N 219 50.22 52.40 82.02
CA GLU N 219 51.28 52.25 83.01
C GLU N 219 51.03 51.13 84.02
N GLY N 220 49.96 50.37 83.85
CA GLY N 220 49.75 49.19 84.68
C GLY N 220 50.36 47.93 84.12
N PHE N 221 50.96 48.00 82.94
CA PHE N 221 51.56 46.85 82.28
C PHE N 221 52.98 47.19 81.87
N ALA N 222 53.83 46.17 81.87
CA ALA N 222 55.22 46.32 81.46
C ALA N 222 55.55 45.27 80.42
N LEU N 223 56.51 45.60 79.56
CA LEU N 223 57.01 44.66 78.56
C LEU N 223 58.15 43.87 79.19
N ALA N 224 57.94 42.58 79.38
CA ALA N 224 58.95 41.68 79.93
C ALA N 224 59.57 40.86 78.82
N SER N 225 60.90 40.82 78.79
CA SER N 225 61.60 40.19 77.67
C SER N 225 61.55 38.68 77.79
N MET N 226 60.97 38.02 76.78
CA MET N 226 60.94 36.57 76.72
C MET N 226 62.30 35.95 76.38
N GLY N 227 63.32 36.76 76.17
CA GLY N 227 64.61 36.22 75.78
C GLY N 227 64.67 35.77 74.34
N ILE N 228 64.01 36.50 73.45
CA ILE N 228 63.94 36.16 72.03
C ILE N 228 64.37 37.40 71.25
N TYR N 229 65.40 37.25 70.42
CA TYR N 229 65.99 38.37 69.71
C TYR N 229 66.16 38.01 68.24
N VAL N 230 65.71 38.89 67.36
CA VAL N 230 65.90 38.74 65.92
C VAL N 230 66.97 39.72 65.47
N PHE N 231 67.92 39.22 64.68
CA PHE N 231 69.02 40.01 64.16
C PHE N 231 69.14 39.81 62.67
N HIS N 232 69.80 40.76 62.01
CA HIS N 232 70.47 40.46 60.76
C HIS N 232 71.77 39.73 61.10
N THR N 233 72.02 38.61 60.41
CA THR N 233 73.13 37.75 60.80
C THR N 233 74.45 38.50 60.82
N LYS N 234 74.69 39.37 59.83
CA LYS N 234 75.96 40.06 59.74
C LYS N 234 76.20 40.94 60.96
N PHE N 235 75.28 41.86 61.24
CA PHE N 235 75.44 42.72 62.43
C PHE N 235 75.52 41.89 63.71
N LEU N 236 74.83 40.74 63.76
CA LEU N 236 74.90 39.90 64.95
C LEU N 236 76.34 39.47 65.23
N MET N 237 77.02 38.90 64.23
CA MET N 237 78.36 38.37 64.47
C MET N 237 79.34 39.51 64.72
N GLU N 238 79.11 40.67 64.12
CA GLU N 238 79.86 41.88 64.47
C GLU N 238 79.68 42.20 65.95
N ALA N 239 78.43 42.22 66.42
CA ALA N 239 78.19 42.47 67.84
C ALA N 239 78.79 41.38 68.71
N LEU N 240 78.76 40.13 68.24
CA LEU N 240 79.35 39.04 69.02
C LEU N 240 80.86 39.16 69.08
N ARG N 241 81.48 39.59 67.98
CA ARG N 241 82.93 39.79 68.00
C ARG N 241 83.30 40.96 68.92
N ARG N 242 82.62 42.10 68.76
CA ARG N 242 82.88 43.21 69.66
C ARG N 242 82.64 42.83 71.11
N ASP N 243 81.65 41.97 71.38
CA ASP N 243 81.41 41.52 72.75
C ASP N 243 82.54 40.61 73.25
N ALA N 244 83.18 39.88 72.35
CA ALA N 244 84.23 38.95 72.75
C ALA N 244 85.55 39.66 73.06
N ALA N 245 85.78 40.84 72.48
CA ALA N 245 86.96 41.63 72.80
C ALA N 245 86.77 42.51 74.03
N ASP N 246 85.52 42.78 74.40
CA ASP N 246 85.24 43.65 75.54
C ASP N 246 85.47 42.89 76.84
N PRO N 247 86.33 43.37 77.74
CA PRO N 247 86.47 42.70 79.04
C PRO N 247 85.35 43.02 80.01
N THR N 248 84.55 44.06 79.77
CA THR N 248 83.54 44.45 80.74
C THR N 248 82.33 43.53 80.72
N SER N 249 82.06 42.87 79.59
CA SER N 249 80.78 42.20 79.41
C SER N 249 80.81 40.80 80.03
N SER N 250 79.66 40.40 80.58
CA SER N 250 79.49 39.05 81.10
C SER N 250 79.12 38.04 80.01
N ARG N 251 79.30 38.42 78.73
CA ARG N 251 79.08 37.51 77.60
C ARG N 251 77.63 37.04 77.53
N ASP N 252 76.70 37.99 77.62
CA ASP N 252 75.29 37.68 77.82
C ASP N 252 74.42 38.53 76.90
N PHE N 253 73.44 37.89 76.25
CA PHE N 253 72.56 38.62 75.34
C PHE N 253 71.74 39.66 76.09
N GLY N 254 71.08 39.25 77.17
CA GLY N 254 70.16 40.14 77.85
C GLY N 254 70.85 41.27 78.59
N LYS N 255 72.03 40.99 79.17
CA LYS N 255 72.74 41.98 79.96
C LYS N 255 73.81 42.76 79.18
N ASP N 256 74.24 42.28 78.02
CA ASP N 256 75.39 42.92 77.38
C ASP N 256 75.17 43.25 75.90
N ILE N 257 74.59 42.35 75.12
CA ILE N 257 74.41 42.62 73.71
C ILE N 257 73.25 43.59 73.49
N ILE N 258 72.11 43.32 74.11
CA ILE N 258 70.92 44.14 73.86
C ILE N 258 71.13 45.53 74.45
N PRO N 259 71.43 45.68 75.78
CA PRO N 259 71.60 47.04 76.33
C PRO N 259 72.56 47.93 75.55
N TYR N 260 73.62 47.34 75.00
CA TYR N 260 74.49 48.10 74.09
C TYR N 260 73.69 48.67 72.93
N ILE N 261 72.93 47.81 72.24
CA ILE N 261 72.16 48.24 71.08
C ILE N 261 71.08 49.25 71.48
N VAL N 262 70.41 49.03 72.61
CA VAL N 262 69.43 50.00 73.10
C VAL N 262 70.06 51.39 73.15
N GLU N 263 71.28 51.47 73.68
CA GLU N 263 71.93 52.76 73.87
C GLU N 263 72.41 53.33 72.54
N HIS N 264 73.21 52.58 71.80
CA HIS N 264 73.89 53.10 70.63
C HIS N 264 73.16 52.84 69.32
N GLY N 265 72.34 51.79 69.24
CA GLY N 265 71.60 51.46 68.05
C GLY N 265 70.11 51.62 68.24
N LYS N 266 69.34 50.99 67.34
CA LYS N 266 67.88 51.01 67.38
C LYS N 266 67.38 49.61 67.70
N ALA N 267 66.59 49.50 68.76
CA ALA N 267 66.04 48.23 69.22
C ALA N 267 64.53 48.39 69.37
N VAL N 268 63.78 47.45 68.78
CA VAL N 268 62.33 47.48 68.86
C VAL N 268 61.88 46.34 69.78
N ALA N 269 60.65 46.45 70.24
CA ALA N 269 59.98 45.39 70.97
C ALA N 269 58.89 44.78 70.09
N HIS N 270 58.83 43.46 70.07
CA HIS N 270 57.70 42.75 69.49
C HIS N 270 56.91 42.09 70.61
N ARG N 271 55.59 42.25 70.58
CA ARG N 271 54.73 41.80 71.67
C ARG N 271 54.22 40.39 71.38
N PHE N 272 54.33 39.53 72.38
CA PHE N 272 53.94 38.12 72.25
C PHE N 272 52.52 37.97 71.73
N ALA N 273 51.62 38.88 72.12
CA ALA N 273 50.23 38.74 71.72
C ALA N 273 50.04 38.84 70.22
N ASP N 274 50.97 39.48 69.51
CA ASP N 274 50.81 39.67 68.08
C ASP N 274 51.16 38.41 67.28
N SER N 275 52.08 37.58 67.78
CA SER N 275 52.51 36.40 67.03
C SER N 275 52.24 35.08 67.75
N CYS N 276 51.73 35.10 68.97
CA CYS N 276 51.37 33.86 69.66
C CYS N 276 50.36 33.07 68.85
N VAL N 277 50.52 31.76 68.86
CA VAL N 277 49.61 30.88 68.13
C VAL N 277 48.66 30.28 69.16
N ARG N 278 47.44 30.80 69.19
CA ARG N 278 46.39 30.32 70.08
C ARG N 278 45.52 29.33 69.33
N SER N 279 45.35 28.14 69.89
CA SER N 279 44.33 27.25 69.38
C SER N 279 42.95 27.81 69.76
N ASP N 280 41.91 27.27 69.12
CA ASP N 280 40.56 27.72 69.40
C ASP N 280 40.15 27.47 70.86
N PHE N 281 40.88 26.60 71.57
CA PHE N 281 40.54 26.24 72.94
C PHE N 281 41.50 26.83 73.96
N GLU N 282 42.22 27.89 73.59
CA GLU N 282 43.14 28.57 74.49
C GLU N 282 42.64 30.01 74.65
N HIS N 283 42.16 30.34 75.85
CA HIS N 283 41.46 31.60 76.10
C HIS N 283 42.38 32.80 76.17
N GLU N 284 43.69 32.61 76.19
CA GLU N 284 44.63 33.72 76.28
C GLU N 284 45.96 33.25 75.72
N PRO N 285 46.83 34.18 75.34
CA PRO N 285 48.19 33.79 74.92
C PRO N 285 48.90 33.06 76.04
N TYR N 286 49.52 31.93 75.72
CA TYR N 286 50.07 31.01 76.70
C TYR N 286 51.59 31.11 76.72
N TRP N 287 52.15 31.19 77.93
CA TRP N 287 53.60 31.25 78.11
C TRP N 287 53.91 30.92 79.55
N ARG N 288 54.78 29.93 79.76
CA ARG N 288 55.10 29.45 81.10
C ARG N 288 56.60 29.31 81.27
N ASP N 289 57.12 29.87 82.36
CA ASP N 289 58.51 29.75 82.76
C ASP N 289 58.80 28.42 83.45
N VAL N 290 57.80 27.86 84.15
CA VAL N 290 57.93 26.76 85.10
C VAL N 290 59.27 26.82 85.83
N GLY N 291 59.58 27.98 86.41
CA GLY N 291 60.87 28.25 87.00
C GLY N 291 61.08 27.74 88.41
N THR N 292 60.01 27.38 89.09
CA THR N 292 60.06 26.83 90.44
C THR N 292 59.34 25.49 90.43
N ILE N 293 59.50 24.73 91.51
CA ILE N 293 58.77 23.46 91.62
C ILE N 293 57.28 23.72 91.69
N ASP N 294 56.89 24.77 92.42
CA ASP N 294 55.52 25.26 92.49
C ASP N 294 54.95 25.50 91.11
N ALA N 295 55.65 26.28 90.30
CA ALA N 295 55.19 26.67 88.98
C ALA N 295 55.16 25.47 88.03
N TYR N 296 56.22 24.66 88.05
CA TYR N 296 56.27 23.47 87.20
C TYR N 296 55.08 22.55 87.47
N TRP N 297 54.90 22.14 88.74
CA TRP N 297 53.78 21.28 89.07
C TRP N 297 52.45 21.94 88.72
N GLN N 298 52.34 23.26 88.94
CA GLN N 298 51.10 23.95 88.58
C GLN N 298 50.81 23.85 87.08
N ALA N 299 51.83 24.07 86.24
CA ALA N 299 51.59 24.06 84.80
C ALA N 299 51.21 22.66 84.30
N ASN N 300 51.78 21.62 84.89
CA ASN N 300 51.37 20.27 84.51
C ASN N 300 49.99 19.93 85.03
N ILE N 301 49.71 20.24 86.30
CA ILE N 301 48.44 19.81 86.88
C ILE N 301 47.28 20.63 86.34
N ASP N 302 47.54 21.86 85.85
CA ASP N 302 46.49 22.62 85.18
C ASP N 302 46.01 21.94 83.92
N LEU N 303 46.80 21.03 83.35
CA LEU N 303 46.37 20.28 82.19
C LEU N 303 45.25 19.31 82.51
N THR N 304 45.02 19.00 83.79
CA THR N 304 43.89 18.14 84.15
C THR N 304 42.58 18.91 84.18
N ASP N 305 42.61 20.23 84.04
CA ASP N 305 41.39 21.03 84.05
C ASP N 305 40.43 20.58 82.95
N VAL N 306 39.14 20.86 83.17
CA VAL N 306 38.15 20.60 82.15
C VAL N 306 38.44 21.45 80.91
N VAL N 307 38.83 22.70 81.12
CA VAL N 307 39.23 23.60 80.03
C VAL N 307 40.63 24.11 80.34
N PRO N 308 41.69 23.41 79.93
CA PRO N 308 43.04 23.86 80.25
C PRO N 308 43.44 25.10 79.46
N ASP N 309 44.35 25.88 80.05
CA ASP N 309 44.90 27.03 79.34
C ASP N 309 45.75 26.61 78.15
N LEU N 310 46.33 25.41 78.22
CA LEU N 310 47.12 24.85 77.14
C LEU N 310 46.35 23.71 76.48
N ASP N 311 46.21 23.79 75.16
CA ASP N 311 45.51 22.76 74.37
C ASP N 311 46.56 21.83 73.79
N ILE N 312 46.84 20.73 74.51
CA ILE N 312 47.80 19.75 74.00
C ILE N 312 47.18 18.82 72.96
N TYR N 313 45.91 19.01 72.62
CA TYR N 313 45.28 18.24 71.56
C TYR N 313 45.20 19.01 70.25
N ASP N 314 45.71 20.24 70.22
CA ASP N 314 45.68 21.03 69.01
C ASP N 314 46.62 20.44 67.95
N LYS N 315 46.12 20.33 66.72
CA LYS N 315 46.92 19.82 65.62
C LYS N 315 47.39 20.89 64.66
N SER N 316 46.93 22.13 64.81
CA SER N 316 47.26 23.17 63.84
C SER N 316 48.66 23.74 64.07
N TRP N 317 49.16 23.74 65.30
CA TRP N 317 50.52 24.18 65.60
C TRP N 317 51.19 23.08 66.41
N PRO N 318 51.50 21.95 65.78
CA PRO N 318 51.86 20.76 66.54
C PRO N 318 53.23 20.89 67.21
N ILE N 319 53.39 20.16 68.30
CA ILE N 319 54.65 20.11 69.03
C ILE N 319 55.35 18.80 68.70
N TRP N 320 56.43 18.90 67.93
CA TRP N 320 57.22 17.71 67.65
C TRP N 320 58.07 17.33 68.83
N THR N 321 58.27 16.02 69.00
CA THR N 321 59.06 15.50 70.10
C THR N 321 59.60 14.13 69.70
N TYR N 322 60.45 13.58 70.56
CA TYR N 322 60.88 12.20 70.41
C TYR N 322 59.80 11.29 70.99
N ALA N 323 59.29 10.38 70.17
CA ALA N 323 58.20 9.51 70.59
C ALA N 323 58.45 8.10 70.11
N GLU N 324 58.32 7.15 71.02
CA GLU N 324 58.46 5.74 70.67
C GLU N 324 57.08 5.10 70.52
N ILE N 325 57.06 3.95 69.86
CA ILE N 325 55.83 3.18 69.75
C ILE N 325 55.49 2.64 71.13
N THR N 326 54.35 3.06 71.67
CA THR N 326 54.03 2.84 73.06
C THR N 326 52.69 2.11 73.18
N PRO N 327 52.63 1.00 73.90
CA PRO N 327 51.35 0.33 74.12
C PRO N 327 50.38 1.24 74.85
N PRO N 328 49.08 0.97 74.77
CA PRO N 328 48.09 1.86 75.41
C PRO N 328 48.16 1.77 76.93
N ALA N 329 47.37 2.63 77.57
CA ALA N 329 47.23 2.61 79.02
C ALA N 329 46.22 1.55 79.45
N LYS N 330 46.38 1.06 80.68
CA LYS N 330 45.62 -0.10 81.14
C LYS N 330 45.16 0.08 82.58
N PHE N 331 43.89 -0.17 82.84
CA PHE N 331 43.29 -0.12 84.17
C PHE N 331 42.74 -1.49 84.52
N VAL N 332 43.15 -2.06 85.65
CA VAL N 332 42.65 -3.36 86.07
C VAL N 332 42.17 -3.29 87.52
N HIS N 333 41.32 -4.26 87.87
CA HIS N 333 40.74 -4.49 89.20
C HIS N 333 39.55 -3.56 89.47
N ASP N 334 38.52 -4.11 90.12
CA ASP N 334 37.26 -3.40 90.31
C ASP N 334 36.37 -4.12 91.32
N ASP N 335 36.82 -4.23 92.56
CA ASP N 335 36.05 -4.90 93.60
C ASP N 335 35.82 -3.94 94.76
N GLU N 336 35.28 -4.48 95.86
CA GLU N 336 35.15 -3.69 97.07
C GLU N 336 36.51 -3.33 97.67
N ASP N 337 37.54 -4.12 97.37
CA ASP N 337 38.90 -3.86 97.83
C ASP N 337 39.48 -2.62 97.15
N ARG N 338 39.70 -2.75 95.85
CA ARG N 338 40.51 -1.81 95.07
C ARG N 338 39.81 -1.54 93.75
N ARG N 339 40.27 -0.50 93.06
CA ARG N 339 39.79 -0.24 91.71
C ARG N 339 40.84 0.58 90.98
N GLY N 340 41.35 0.06 89.88
CA GLY N 340 42.25 0.83 89.03
C GLY N 340 41.45 1.76 88.16
N SER N 341 41.58 3.07 88.39
CA SER N 341 40.81 4.03 87.63
C SER N 341 41.43 5.41 87.79
N ALA N 342 41.24 6.24 86.77
CA ALA N 342 41.67 7.63 86.79
C ALA N 342 40.44 8.51 86.61
N VAL N 343 40.36 9.57 87.42
CA VAL N 343 39.37 10.61 87.22
C VAL N 343 40.09 11.96 87.22
N SER N 344 39.56 12.90 86.44
CA SER N 344 40.12 14.24 86.35
C SER N 344 41.63 14.20 86.12
N SER N 345 42.07 13.27 85.29
CA SER N 345 43.49 12.95 85.18
C SER N 345 43.91 12.83 83.72
N VAL N 346 45.22 12.95 83.52
CA VAL N 346 45.86 12.73 82.22
C VAL N 346 46.80 11.54 82.37
N VAL N 347 46.58 10.51 81.56
CA VAL N 347 47.32 9.25 81.65
C VAL N 347 47.94 8.95 80.30
N SER N 348 49.27 8.82 80.26
CA SER N 348 49.97 8.55 79.02
C SER N 348 49.98 7.05 78.73
N GLY N 349 50.53 6.69 77.57
CA GLY N 349 50.67 5.30 77.22
C GLY N 349 51.67 4.57 78.11
N ASP N 350 51.71 3.25 77.93
CA ASP N 350 52.55 2.38 78.74
C ASP N 350 52.28 2.56 80.24
N CYS N 351 51.06 2.97 80.58
CA CYS N 351 50.67 3.14 81.97
C CYS N 351 49.73 2.02 82.37
N ILE N 352 50.10 1.26 83.39
CA ILE N 352 49.27 0.20 83.93
C ILE N 352 48.80 0.65 85.32
N ILE N 353 47.53 1.03 85.41
CA ILE N 353 46.95 1.50 86.67
C ILE N 353 46.26 0.30 87.30
N SER N 354 47.00 -0.40 88.16
CA SER N 354 46.60 -1.72 88.67
C SER N 354 46.01 -1.54 90.06
N GLY N 355 44.67 -1.47 90.13
CA GLY N 355 44.02 -1.32 91.41
C GLY N 355 44.33 -0.03 92.15
N ALA N 356 44.90 0.96 91.47
CA ALA N 356 45.24 2.24 92.05
C ALA N 356 44.21 3.30 91.68
N ALA N 357 43.99 4.25 92.58
CA ALA N 357 43.02 5.31 92.38
C ALA N 357 43.76 6.62 92.14
N LEU N 358 43.49 7.25 91.00
CA LEU N 358 44.10 8.51 90.60
C LEU N 358 43.03 9.59 90.48
N ASN N 359 43.34 10.77 91.01
CA ASN N 359 42.46 11.92 90.88
C ASN N 359 43.30 13.18 90.78
N ARG N 360 43.06 13.98 89.74
CA ARG N 360 43.80 15.22 89.49
C ARG N 360 45.30 14.96 89.39
N SER N 361 45.67 14.02 88.53
CA SER N 361 47.08 13.67 88.34
C SER N 361 47.41 13.57 86.86
N LEU N 362 48.66 13.90 86.52
CA LEU N 362 49.19 13.76 85.16
C LEU N 362 50.32 12.76 85.20
N LEU N 363 50.21 11.70 84.41
CA LEU N 363 51.20 10.64 84.35
C LEU N 363 51.87 10.63 82.98
N PHE N 364 53.20 10.62 82.98
CA PHE N 364 53.95 10.43 81.74
C PHE N 364 53.98 8.93 81.40
N THR N 365 54.71 8.60 80.34
N THR N 365 54.68 8.60 80.31
CA THR N 365 54.77 7.24 79.83
CA THR N 365 54.71 7.22 79.84
C THR N 365 55.44 6.29 80.83
C THR N 365 55.39 6.30 80.86
N GLY N 366 54.95 5.05 80.88
CA GLY N 366 55.61 4.01 81.63
C GLY N 366 55.29 3.89 83.12
N VAL N 367 54.25 4.56 83.62
CA VAL N 367 54.00 4.55 85.06
C VAL N 367 53.35 3.23 85.46
N ARG N 368 53.77 2.69 86.62
CA ARG N 368 53.20 1.48 87.20
C ARG N 368 52.65 1.82 88.59
N ALA N 369 51.33 1.90 88.72
CA ALA N 369 50.68 2.15 90.00
C ALA N 369 49.91 0.90 90.39
N ASN N 370 50.24 0.34 91.55
CA ASN N 370 49.71 -0.96 91.93
C ASN N 370 48.73 -0.82 93.10
N SER N 371 48.15 -1.96 93.47
CA SER N 371 46.85 -1.99 94.12
C SER N 371 46.84 -1.23 95.45
N TYR N 372 45.72 -0.54 95.69
CA TYR N 372 45.40 0.20 96.91
C TYR N 372 46.23 1.46 97.08
N SER N 373 46.98 1.87 96.05
CA SER N 373 47.67 3.14 96.10
C SER N 373 46.78 4.26 95.58
N ARG N 374 46.93 5.45 96.16
CA ARG N 374 46.08 6.60 95.86
C ARG N 374 46.94 7.78 95.48
N LEU N 375 46.61 8.44 94.38
CA LEU N 375 47.34 9.61 93.90
C LEU N 375 46.36 10.77 93.72
N GLU N 376 46.69 11.91 94.32
CA GLU N 376 45.92 13.13 94.16
C GLU N 376 46.87 14.29 94.03
N ASN N 377 46.59 15.19 93.10
CA ASN N 377 47.46 16.34 92.83
C ASN N 377 48.89 15.91 92.49
N ALA N 378 49.01 14.82 91.75
CA ALA N 378 50.31 14.20 91.48
C ALA N 378 50.74 14.45 90.03
N VAL N 379 51.97 14.95 89.86
CA VAL N 379 52.62 14.99 88.55
C VAL N 379 53.72 13.93 88.55
N VAL N 380 53.59 12.94 87.68
CA VAL N 380 54.34 11.70 87.78
C VAL N 380 55.14 11.51 86.48
N LEU N 381 56.44 11.79 86.53
CA LEU N 381 57.32 11.76 85.35
C LEU N 381 57.52 10.31 84.88
N PRO N 382 58.15 10.09 83.71
CA PRO N 382 58.11 8.75 83.12
C PRO N 382 58.65 7.65 84.03
N SER N 383 58.06 6.46 83.87
CA SER N 383 58.58 5.19 84.39
C SER N 383 58.57 5.11 85.91
N VAL N 384 57.64 5.77 86.57
CA VAL N 384 57.61 5.76 88.03
C VAL N 384 56.80 4.58 88.52
N LYS N 385 57.31 3.89 89.54
CA LYS N 385 56.60 2.80 90.19
C LYS N 385 55.98 3.29 91.49
N ILE N 386 54.73 2.93 91.73
CA ILE N 386 54.00 3.31 92.94
C ILE N 386 53.55 2.00 93.61
N GLY N 387 54.28 1.56 94.62
CA GLY N 387 53.99 0.29 95.26
C GLY N 387 52.62 0.26 95.93
N ARG N 388 52.25 -0.94 96.36
CA ARG N 388 50.94 -1.15 96.97
C ARG N 388 50.78 -0.28 98.21
N HIS N 389 49.58 0.26 98.38
CA HIS N 389 49.13 1.02 99.56
C HIS N 389 49.83 2.36 99.73
N ALA N 390 50.73 2.75 98.84
CA ALA N 390 51.31 4.09 98.92
C ALA N 390 50.23 5.14 98.64
N GLN N 391 50.30 6.26 99.35
CA GLN N 391 49.32 7.35 99.19
C GLN N 391 50.06 8.68 99.14
N LEU N 392 49.98 9.37 98.01
CA LEU N 392 50.74 10.59 97.77
C LEU N 392 49.79 11.71 97.36
N SER N 393 50.11 12.93 97.78
CA SER N 393 49.27 14.07 97.44
C SER N 393 50.12 15.32 97.35
N ASN N 394 49.79 16.15 96.36
CA ASN N 394 50.57 17.35 96.00
C ASN N 394 52.05 17.04 95.79
N VAL N 395 52.31 16.24 94.77
CA VAL N 395 53.67 15.71 94.58
C VAL N 395 54.14 15.95 93.15
N VAL N 396 55.46 16.00 93.00
CA VAL N 396 56.15 15.83 91.72
C VAL N 396 57.11 14.67 91.89
N ILE N 397 56.88 13.60 91.14
CA ILE N 397 57.71 12.40 91.25
C ILE N 397 58.67 12.38 90.09
N ASP N 398 59.98 12.42 90.40
CA ASP N 398 61.01 12.48 89.38
C ASP N 398 60.99 11.22 88.51
N HIS N 399 61.63 11.34 87.35
CA HIS N 399 61.71 10.25 86.39
C HIS N 399 62.18 8.97 87.07
N GLY N 400 61.45 7.88 86.78
CA GLY N 400 61.84 6.54 87.20
C GLY N 400 61.91 6.27 88.68
N VAL N 401 61.36 7.16 89.51
CA VAL N 401 61.41 6.95 90.95
C VAL N 401 60.57 5.73 91.33
N VAL N 402 61.05 4.95 92.28
CA VAL N 402 60.34 3.79 92.81
C VAL N 402 59.82 4.16 94.19
N ILE N 403 58.51 4.34 94.30
CA ILE N 403 57.90 4.76 95.56
C ILE N 403 57.62 3.51 96.39
N PRO N 404 58.22 3.37 97.57
CA PRO N 404 58.06 2.12 98.32
C PRO N 404 56.62 1.89 98.72
N GLU N 405 56.28 0.62 98.87
CA GLU N 405 54.92 0.23 99.22
C GLU N 405 54.57 0.78 100.59
N GLY N 406 53.39 1.38 100.69
CA GLY N 406 52.89 1.93 101.94
C GLY N 406 53.31 3.35 102.25
N LEU N 407 54.08 3.98 101.39
CA LEU N 407 54.57 5.33 101.63
C LEU N 407 53.42 6.33 101.66
N ILE N 408 53.52 7.34 102.54
CA ILE N 408 52.51 8.38 102.69
C ILE N 408 53.19 9.74 102.58
N VAL N 409 52.78 10.55 101.61
CA VAL N 409 53.25 11.93 101.44
C VAL N 409 52.05 12.82 101.22
N GLY N 410 52.03 13.95 101.93
CA GLY N 410 50.91 14.88 101.85
C GLY N 410 50.04 14.90 103.08
N GLU N 411 50.36 14.11 104.09
CA GLU N 411 49.58 14.05 105.33
C GLU N 411 50.23 14.85 106.46
N ASP N 412 51.55 14.81 106.58
CA ASP N 412 52.26 15.47 107.67
C ASP N 412 53.36 16.35 107.06
N PRO N 413 53.22 17.67 107.10
CA PRO N 413 54.20 18.55 106.43
C PRO N 413 55.58 18.44 107.04
N GLU N 414 55.65 18.42 108.36
CA GLU N 414 56.92 18.34 109.06
C GLU N 414 57.72 17.10 108.62
N LEU N 415 57.07 15.95 108.51
CA LEU N 415 57.77 14.73 108.13
C LEU N 415 58.11 14.72 106.64
N ASP N 416 57.17 15.15 105.79
CA ASP N 416 57.44 15.31 104.37
C ASP N 416 58.64 16.23 104.15
N ALA N 417 58.66 17.37 104.83
CA ALA N 417 59.75 18.33 104.65
C ALA N 417 61.10 17.73 105.04
N LYS N 418 61.12 16.88 106.06
CA LYS N 418 62.38 16.25 106.46
C LYS N 418 62.90 15.33 105.35
N ARG N 419 62.06 14.41 104.88
CA ARG N 419 62.51 13.44 103.90
C ARG N 419 62.61 14.04 102.50
N PHE N 420 61.82 15.07 102.18
CA PHE N 420 61.64 15.46 100.80
C PHE N 420 61.85 16.95 100.63
N ARG N 421 62.05 17.34 99.36
CA ARG N 421 62.11 18.74 98.95
C ARG N 421 60.69 19.27 98.88
N ARG N 422 60.32 20.11 99.83
CA ARG N 422 58.94 20.58 99.99
C ARG N 422 58.90 22.08 99.79
N THR N 423 58.00 22.53 98.91
CA THR N 423 57.77 23.97 98.80
C THR N 423 56.97 24.44 100.01
N GLU N 424 56.93 25.77 100.18
CA GLU N 424 56.12 26.31 101.25
C GLU N 424 54.64 26.08 101.00
N SER N 425 54.24 25.92 99.73
CA SER N 425 52.84 25.71 99.38
C SER N 425 52.41 24.26 99.48
N GLY N 426 53.34 23.33 99.73
CA GLY N 426 52.98 21.96 100.08
C GLY N 426 53.25 20.91 99.02
N ILE N 427 53.85 21.28 97.89
CA ILE N 427 54.27 20.30 96.90
C ILE N 427 55.57 19.66 97.34
N CYS N 428 55.63 18.35 97.30
CA CYS N 428 56.85 17.59 97.56
C CYS N 428 57.43 17.12 96.25
N LEU N 429 58.73 17.37 96.07
CA LEU N 429 59.48 16.85 94.94
C LEU N 429 60.19 15.58 95.39
N ILE N 430 59.88 14.45 94.77
CA ILE N 430 60.41 13.15 95.17
C ILE N 430 61.39 12.66 94.12
N THR N 431 62.65 12.51 94.51
CA THR N 431 63.69 11.88 93.71
CA THR N 431 63.66 11.85 93.68
C THR N 431 64.00 10.50 94.30
N GLN N 432 64.77 9.72 93.55
CA GLN N 432 65.14 8.38 94.00
C GLN N 432 66.20 8.43 95.10
N SER N 433 67.09 9.43 95.06
CA SER N 433 68.09 9.59 96.11
C SER N 433 67.43 9.70 97.48
N MET N 434 66.35 10.48 97.57
CA MET N 434 65.67 10.69 98.85
C MET N 434 64.98 9.42 99.33
N ILE N 435 64.35 8.69 98.42
CA ILE N 435 63.77 7.39 98.78
C ILE N 435 64.85 6.43 99.27
N ASP N 436 66.07 6.54 98.73
CA ASP N 436 67.16 5.71 99.20
C ASP N 436 67.54 6.00 100.64
N LYS N 437 67.24 7.20 101.14
CA LYS N 437 67.66 7.63 102.46
C LYS N 437 66.56 7.55 103.51
N LEU N 438 65.49 6.79 103.25
CA LEU N 438 64.35 6.83 104.16
C LEU N 438 64.28 5.60 105.06
N ASP N 439 63.80 5.83 106.28
CA ASP N 439 63.28 4.80 107.17
C ASP N 439 61.89 5.24 107.59
N LEU N 440 61.82 6.10 108.60
CA LEU N 440 60.57 6.78 108.97
C LEU N 440 60.89 8.17 109.51
N VAL O 26 21.97 -13.10 -82.90
CA VAL O 26 22.17 -12.05 -81.90
C VAL O 26 21.46 -10.77 -82.34
N GLN O 27 21.48 -10.48 -83.62
CA GLN O 27 20.78 -9.33 -84.15
C GLN O 27 19.28 -9.49 -83.95
N PRO O 28 18.61 -8.55 -83.28
CA PRO O 28 17.14 -8.62 -83.21
C PRO O 28 16.54 -8.51 -84.60
N LEU O 29 15.52 -9.32 -84.83
CA LEU O 29 14.99 -9.45 -86.18
C LEU O 29 14.04 -8.33 -86.56
N ALA O 30 13.55 -7.56 -85.58
CA ALA O 30 12.71 -6.42 -85.91
C ALA O 30 13.48 -5.35 -86.67
N ARG O 31 14.81 -5.34 -86.56
CA ARG O 31 15.62 -4.45 -87.37
C ARG O 31 15.27 -4.60 -88.85
N ASP O 32 15.04 -5.83 -89.28
CA ASP O 32 14.85 -6.17 -90.68
C ASP O 32 13.38 -6.37 -91.04
N ALA O 33 12.46 -5.89 -90.20
CA ALA O 33 11.04 -6.13 -90.37
C ALA O 33 10.31 -4.84 -90.71
N MET O 34 9.21 -4.98 -91.45
CA MET O 34 8.35 -3.85 -91.79
C MET O 34 6.92 -4.20 -91.40
N ALA O 35 6.34 -3.42 -90.48
CA ALA O 35 4.96 -3.65 -90.06
C ALA O 35 4.01 -2.95 -91.02
N TYR O 36 3.03 -3.70 -91.52
CA TYR O 36 2.03 -3.19 -92.46
C TYR O 36 0.65 -3.29 -91.82
N VAL O 37 0.09 -2.15 -91.44
CA VAL O 37 -1.17 -2.10 -90.71
C VAL O 37 -2.32 -1.93 -91.69
N LEU O 38 -3.29 -2.84 -91.62
CA LEU O 38 -4.49 -2.76 -92.46
C LEU O 38 -5.56 -1.98 -91.69
N ALA O 39 -5.83 -0.75 -92.14
CA ALA O 39 -6.73 0.15 -91.45
C ALA O 39 -7.94 0.52 -92.29
N GLY O 40 -8.32 -0.33 -93.24
CA GLY O 40 -9.52 -0.12 -94.02
C GLY O 40 -10.79 -0.64 -93.40
N GLY O 41 -10.71 -1.28 -92.23
CA GLY O 41 -11.83 -1.96 -91.62
C GLY O 41 -13.05 -1.10 -91.32
N ARG O 42 -14.24 -1.61 -91.63
CA ARG O 42 -15.44 -0.78 -91.61
C ARG O 42 -15.88 -0.48 -90.19
N GLY O 43 -15.94 -1.49 -89.32
CA GLY O 43 -16.64 -1.32 -88.06
C GLY O 43 -18.11 -1.03 -88.28
N SER O 44 -18.71 -1.65 -89.30
CA SER O 44 -20.11 -1.38 -89.62
C SER O 44 -21.02 -1.76 -88.47
N ARG O 45 -20.60 -2.74 -87.68
CA ARG O 45 -21.31 -3.13 -86.47
C ARG O 45 -21.33 -2.04 -85.41
N LEU O 46 -20.43 -1.05 -85.52
CA LEU O 46 -20.42 0.10 -84.62
C LEU O 46 -21.40 1.18 -85.04
N LYS O 47 -22.12 0.98 -86.14
CA LYS O 47 -23.27 1.79 -86.55
C LYS O 47 -22.80 3.24 -86.68
N GLU O 48 -23.53 4.22 -86.14
CA GLU O 48 -23.19 5.62 -86.33
C GLU O 48 -21.82 5.99 -85.77
N LEU O 49 -21.24 5.12 -84.93
CA LEU O 49 -19.91 5.39 -84.40
C LEU O 49 -18.86 5.46 -85.50
N THR O 50 -19.10 4.80 -86.63
CA THR O 50 -18.15 4.80 -87.74
C THR O 50 -18.78 5.33 -89.03
N ASP O 51 -19.85 6.13 -88.92
CA ASP O 51 -20.43 6.69 -90.13
C ASP O 51 -19.57 7.77 -90.76
N ARG O 52 -18.69 8.42 -89.98
CA ARG O 52 -17.83 9.48 -90.48
C ARG O 52 -16.35 9.19 -90.27
N ARG O 53 -15.99 7.98 -89.86
CA ARG O 53 -14.60 7.61 -89.64
C ARG O 53 -14.49 6.10 -89.57
N ALA O 54 -13.34 5.58 -90.01
CA ALA O 54 -13.10 4.15 -89.95
C ALA O 54 -12.88 3.71 -88.52
N LYS O 55 -13.16 2.43 -88.26
CA LYS O 55 -12.95 1.87 -86.93
C LYS O 55 -11.55 2.09 -86.37
N PRO O 56 -10.46 1.98 -87.14
CA PRO O 56 -9.14 2.30 -86.57
C PRO O 56 -8.99 3.73 -86.09
N ALA O 57 -9.83 4.66 -86.54
CA ALA O 57 -9.76 6.03 -86.08
C ALA O 57 -10.63 6.29 -84.85
N VAL O 58 -11.36 5.29 -84.39
CA VAL O 58 -12.28 5.47 -83.27
C VAL O 58 -11.48 5.72 -82.00
N TYR O 59 -11.86 6.77 -81.26
CA TYR O 59 -11.24 7.07 -79.98
C TYR O 59 -11.49 5.95 -78.98
N PHE O 60 -10.51 5.73 -78.10
CA PHE O 60 -10.66 4.72 -77.06
C PHE O 60 -9.87 5.11 -75.83
N GLY O 61 -10.47 4.84 -74.66
CA GLY O 61 -9.75 4.83 -73.40
C GLY O 61 -9.34 6.17 -72.85
N GLY O 62 -9.84 7.28 -73.40
N GLY O 62 -9.79 7.28 -73.44
CA GLY O 62 -9.26 8.57 -73.10
CA GLY O 62 -9.56 8.59 -72.89
C GLY O 62 -7.76 8.60 -73.31
C GLY O 62 -8.66 9.50 -73.69
N LYS O 63 -7.24 7.73 -74.18
N LYS O 63 -7.95 8.99 -74.70
CA LYS O 63 -5.83 7.40 -74.25
CA LYS O 63 -7.08 9.86 -75.48
C LYS O 63 -5.26 7.56 -75.64
C LYS O 63 -6.72 9.29 -76.85
N ALA O 64 -5.96 7.05 -76.64
N ALA O 64 -6.14 8.08 -76.87
CA ALA O 64 -5.44 6.99 -77.99
CA ALA O 64 -5.59 7.52 -78.08
C ALA O 64 -6.61 6.66 -78.91
C ALA O 64 -6.71 7.06 -79.02
N ARG O 65 -6.31 6.58 -80.20
CA ARG O 65 -7.20 5.97 -81.15
C ARG O 65 -6.88 4.48 -81.24
N ILE O 66 -7.82 3.72 -81.77
CA ILE O 66 -7.68 2.27 -81.77
C ILE O 66 -6.42 1.86 -82.51
N ILE O 67 -6.15 2.51 -83.65
CA ILE O 67 -5.00 2.15 -84.48
C ILE O 67 -3.70 2.35 -83.72
N ASP O 68 -3.65 3.30 -82.79
CA ASP O 68 -2.41 3.61 -82.07
C ASP O 68 -1.86 2.40 -81.33
N PHE O 69 -2.67 1.37 -81.09
CA PHE O 69 -2.15 0.22 -80.35
C PHE O 69 -1.25 -0.64 -81.22
N ALA O 70 -1.73 -1.06 -82.39
CA ALA O 70 -0.89 -1.83 -83.30
C ALA O 70 0.38 -1.05 -83.65
N LEU O 71 0.23 0.24 -83.95
CA LEU O 71 1.39 1.08 -84.25
C LEU O 71 2.33 1.15 -83.06
N SER O 72 1.79 1.28 -81.84
CA SER O 72 2.64 1.34 -80.66
C SER O 72 3.30 -0.01 -80.39
N ASN O 73 2.56 -1.09 -80.60
CA ASN O 73 3.16 -2.42 -80.50
C ASN O 73 4.34 -2.56 -81.45
N ALA O 74 4.15 -2.19 -82.72
CA ALA O 74 5.25 -2.22 -83.67
C ALA O 74 6.44 -1.41 -83.18
N LEU O 75 6.18 -0.19 -82.68
CA LEU O 75 7.26 0.71 -82.31
C LEU O 75 8.04 0.16 -81.11
N ASN O 76 7.32 -0.23 -80.05
CA ASN O 76 7.97 -0.77 -78.87
C ASN O 76 8.65 -2.10 -79.16
N SER O 77 8.21 -2.83 -80.19
CA SER O 77 8.88 -4.06 -80.60
C SER O 77 10.12 -3.81 -81.44
N GLY O 78 10.42 -2.56 -81.77
CA GLY O 78 11.60 -2.23 -82.55
C GLY O 78 11.41 -2.22 -84.05
N ILE O 79 10.17 -2.26 -84.54
CA ILE O 79 9.91 -2.15 -85.97
C ILE O 79 9.86 -0.67 -86.32
N ARG O 80 10.81 -0.22 -87.12
CA ARG O 80 10.94 1.19 -87.47
C ARG O 80 10.46 1.49 -88.89
N ARG O 81 9.96 0.49 -89.61
CA ARG O 81 9.31 0.71 -90.89
C ARG O 81 7.85 0.32 -90.73
N ILE O 82 6.95 1.30 -90.93
CA ILE O 82 5.51 1.06 -90.82
C ILE O 82 4.83 1.64 -92.06
N GLY O 83 3.98 0.83 -92.69
CA GLY O 83 3.03 1.31 -93.68
C GLY O 83 1.62 1.09 -93.16
N VAL O 84 0.71 2.01 -93.50
CA VAL O 84 -0.68 1.93 -93.09
C VAL O 84 -1.57 2.02 -94.32
N ALA O 85 -2.29 0.93 -94.61
CA ALA O 85 -3.26 0.91 -95.70
C ALA O 85 -4.62 1.40 -95.20
N THR O 86 -5.16 2.42 -95.87
CA THR O 86 -6.44 3.01 -95.48
C THR O 86 -7.39 3.02 -96.67
N GLN O 87 -8.69 3.14 -96.37
CA GLN O 87 -9.72 3.14 -97.41
C GLN O 87 -10.97 3.89 -96.94
N TYR O 88 -11.81 3.21 -96.15
CA TYR O 88 -13.09 3.77 -95.72
C TYR O 88 -12.88 5.03 -94.91
N LYS O 89 -13.47 6.13 -95.39
CA LYS O 89 -13.42 7.47 -94.81
C LYS O 89 -12.18 7.66 -93.95
N ALA O 90 -11.05 7.93 -94.60
CA ALA O 90 -9.76 7.92 -93.93
C ALA O 90 -9.21 9.32 -93.69
N HIS O 91 -10.03 10.36 -93.82
CA HIS O 91 -9.52 11.71 -93.63
C HIS O 91 -9.11 11.94 -92.18
N ASP O 92 -10.02 11.67 -91.25
CA ASP O 92 -9.67 11.75 -89.83
C ASP O 92 -8.49 10.85 -89.51
N LEU O 93 -8.50 9.64 -90.06
CA LEU O 93 -7.43 8.68 -89.78
C LEU O 93 -6.09 9.18 -90.32
N ILE O 94 -6.06 9.59 -91.58
CA ILE O 94 -4.83 10.11 -92.15
C ILE O 94 -4.39 11.38 -91.42
N ARG O 95 -5.33 12.28 -91.12
CA ARG O 95 -5.00 13.50 -90.39
C ARG O 95 -4.36 13.18 -89.05
N HIS O 96 -4.85 12.15 -88.38
CA HIS O 96 -4.27 11.70 -87.12
C HIS O 96 -2.88 11.13 -87.33
N LEU O 97 -2.71 10.26 -88.34
CA LEU O 97 -1.40 9.68 -88.60
C LEU O 97 -0.38 10.75 -88.98
N GLN O 98 -0.80 11.75 -89.77
CA GLN O 98 0.12 12.79 -90.20
C GLN O 98 0.69 13.55 -89.01
N ARG O 99 -0.13 13.83 -88.00
CA ARG O 99 0.28 14.70 -86.91
C ARG O 99 0.77 13.94 -85.68
N GLY O 100 0.33 12.71 -85.48
CA GLY O 100 0.81 11.94 -84.35
C GLY O 100 2.06 11.11 -84.61
N TRP O 101 2.13 10.50 -85.80
CA TRP O 101 3.21 9.57 -86.11
C TRP O 101 4.18 10.19 -87.11
N ASP O 102 4.88 11.25 -86.67
CA ASP O 102 5.63 12.13 -87.55
C ASP O 102 7.10 12.21 -87.17
N PHE O 103 7.60 11.25 -86.39
CA PHE O 103 8.95 11.31 -85.85
C PHE O 103 9.88 10.27 -86.47
N PHE O 104 9.48 9.68 -87.60
CA PHE O 104 10.33 8.75 -88.34
C PHE O 104 11.11 9.53 -89.40
N ARG O 105 12.42 9.31 -89.45
CA ARG O 105 13.28 9.93 -90.43
C ARG O 105 13.95 8.86 -91.29
N PRO O 106 13.91 8.97 -92.62
CA PRO O 106 14.48 7.90 -93.46
C PRO O 106 15.99 7.80 -93.36
N GLU O 107 16.71 8.87 -93.05
CA GLU O 107 18.15 8.77 -92.87
C GLU O 107 18.51 7.85 -91.71
N ARG O 108 17.57 7.62 -90.78
CA ARG O 108 17.75 6.67 -89.70
C ARG O 108 17.13 5.32 -90.01
N ASN O 109 16.80 5.06 -91.29
CA ASN O 109 16.14 3.81 -91.73
C ASN O 109 14.82 3.59 -91.01
N GLU O 110 14.12 4.68 -90.73
CA GLU O 110 12.74 4.66 -90.27
C GLU O 110 11.87 5.17 -91.39
N SER O 111 10.63 4.69 -91.44
CA SER O 111 9.70 5.21 -92.42
C SER O 111 8.28 4.97 -91.91
N PHE O 112 7.40 5.92 -92.20
CA PHE O 112 5.97 5.78 -91.90
C PHE O 112 5.23 6.20 -93.17
N ASP O 113 4.73 5.21 -93.91
CA ASP O 113 4.05 5.44 -95.17
C ASP O 113 2.55 5.32 -94.96
N ILE O 114 1.83 6.40 -95.25
CA ILE O 114 0.37 6.38 -95.26
C ILE O 114 -0.06 6.09 -96.70
N LEU O 115 -0.72 4.96 -96.90
CA LEU O 115 -0.94 4.38 -98.22
C LEU O 115 -2.43 4.25 -98.50
N PRO O 116 -3.11 5.35 -98.84
CA PRO O 116 -4.52 5.25 -99.19
C PRO O 116 -4.71 4.65 -100.57
N ALA O 117 -5.98 4.47 -100.94
CA ALA O 117 -6.35 4.07 -102.28
C ALA O 117 -6.66 5.34 -103.07
N SER O 118 -5.95 5.53 -104.18
CA SER O 118 -6.15 6.72 -104.99
C SER O 118 -5.71 6.36 -106.40
N GLN O 119 -5.92 7.31 -107.31
CA GLN O 119 -5.56 7.17 -108.73
C GLN O 119 -4.08 7.49 -108.88
N ARG O 120 -3.26 6.49 -108.60
CA ARG O 120 -1.82 6.66 -108.41
C ARG O 120 -1.03 5.69 -109.27
N VAL O 121 -1.03 4.41 -108.90
CA VAL O 121 -0.51 3.35 -109.76
C VAL O 121 -1.60 2.73 -110.61
N SER O 122 -2.87 3.03 -110.32
CA SER O 122 -4.01 2.52 -111.09
C SER O 122 -5.23 3.36 -110.73
N GLU O 123 -6.23 3.32 -111.61
CA GLU O 123 -7.45 4.08 -111.43
C GLU O 123 -8.17 3.68 -110.14
N THR O 124 -8.83 2.51 -110.16
CA THR O 124 -9.57 1.92 -109.05
C THR O 124 -10.14 2.92 -108.05
N GLN O 125 -9.26 3.51 -107.22
CA GLN O 125 -9.68 4.19 -105.98
C GLN O 125 -10.44 3.20 -105.10
N TRP O 126 -9.82 2.03 -104.89
CA TRP O 126 -10.48 0.87 -104.28
C TRP O 126 -9.50 -0.29 -104.19
N TYR O 127 -9.29 -0.80 -102.98
CA TYR O 127 -8.48 -2.00 -102.79
C TYR O 127 -9.37 -3.23 -102.92
N GLU O 128 -8.95 -4.19 -103.75
CA GLU O 128 -9.74 -5.40 -103.95
C GLU O 128 -9.89 -6.22 -102.68
N GLY O 129 -9.10 -5.95 -101.66
CA GLY O 129 -9.11 -6.74 -100.45
C GLY O 129 -7.84 -6.51 -99.67
N THR O 130 -7.81 -7.08 -98.47
CA THR O 130 -6.68 -6.84 -97.58
C THR O 130 -5.36 -7.31 -98.20
N ALA O 131 -5.39 -8.32 -99.06
CA ALA O 131 -4.17 -8.69 -99.78
C ALA O 131 -3.80 -7.66 -100.83
N ASP O 132 -4.82 -7.15 -101.55
CA ASP O 132 -4.59 -6.10 -102.55
C ASP O 132 -4.09 -4.81 -101.92
N ALA O 133 -4.38 -4.58 -100.64
CA ALA O 133 -3.84 -3.40 -99.96
C ALA O 133 -2.33 -3.45 -99.89
N VAL O 134 -1.76 -4.65 -99.80
CA VAL O 134 -0.30 -4.80 -99.83
C VAL O 134 0.22 -5.03 -101.24
N TYR O 135 -0.62 -5.55 -102.16
CA TYR O 135 -0.18 -5.76 -103.53
C TYR O 135 0.11 -4.45 -104.25
N GLN O 136 -0.85 -3.52 -104.21
N GLN O 136 -0.85 -3.52 -104.20
CA GLN O 136 -0.71 -2.27 -104.95
CA GLN O 136 -0.73 -2.26 -104.93
C GLN O 136 0.46 -1.43 -104.48
C GLN O 136 0.39 -1.36 -104.41
N ASN O 137 1.06 -1.74 -103.32
CA ASN O 137 2.14 -0.94 -102.75
C ASN O 137 3.42 -1.74 -102.56
N ILE O 138 3.63 -2.76 -103.38
CA ILE O 138 4.92 -3.45 -103.39
C ILE O 138 6.03 -2.50 -103.80
N ASP O 139 5.73 -1.57 -104.71
CA ASP O 139 6.74 -0.61 -105.17
C ASP O 139 7.15 0.38 -104.09
N ILE O 140 6.49 0.39 -102.92
CA ILE O 140 6.95 1.19 -101.79
C ILE O 140 7.73 0.31 -100.85
N ILE O 141 7.33 -0.95 -100.74
CA ILE O 141 7.97 -1.86 -99.80
C ILE O 141 9.36 -2.23 -100.29
N GLU O 142 9.47 -2.74 -101.51
CA GLU O 142 10.73 -3.34 -101.95
C GLU O 142 11.91 -2.36 -102.01
N PRO O 143 11.74 -1.06 -102.25
CA PRO O 143 12.89 -0.14 -102.08
C PRO O 143 13.46 -0.16 -100.67
N TYR O 144 12.65 -0.51 -99.66
CA TYR O 144 13.18 -0.72 -98.32
C TYR O 144 13.83 -2.10 -98.20
N ALA O 145 13.33 -3.08 -98.93
CA ALA O 145 13.81 -4.46 -98.87
C ALA O 145 13.88 -4.99 -97.44
N PRO O 146 12.78 -4.99 -96.69
CA PRO O 146 12.81 -5.61 -95.37
C PRO O 146 12.90 -7.13 -95.49
N GLU O 147 13.58 -7.74 -94.51
CA GLU O 147 13.65 -9.19 -94.47
C GLU O 147 12.29 -9.82 -94.14
N TYR O 148 11.49 -9.16 -93.31
CA TYR O 148 10.21 -9.70 -92.87
C TYR O 148 9.15 -8.62 -92.96
N MET O 149 7.89 -9.05 -93.07
CA MET O 149 6.77 -8.14 -93.10
C MET O 149 5.72 -8.61 -92.11
N VAL O 150 5.47 -7.79 -91.09
CA VAL O 150 4.47 -8.07 -90.07
C VAL O 150 3.18 -7.39 -90.52
N ILE O 151 2.22 -8.20 -90.97
CA ILE O 151 0.92 -7.70 -91.40
C ILE O 151 -0.01 -7.68 -90.19
N LEU O 152 -0.58 -6.52 -89.90
CA LEU O 152 -1.35 -6.32 -88.68
C LEU O 152 -2.74 -5.77 -88.99
N ALA O 153 -3.73 -6.28 -88.27
CA ALA O 153 -5.02 -5.62 -88.24
C ALA O 153 -4.92 -4.34 -87.43
N GLY O 154 -5.60 -3.30 -87.89
CA GLY O 154 -5.48 -2.02 -87.22
C GLY O 154 -6.69 -1.62 -86.39
N ASP O 155 -7.49 -2.60 -85.94
CA ASP O 155 -8.77 -2.30 -85.31
C ASP O 155 -8.97 -3.03 -84.00
N HIS O 156 -7.90 -3.51 -83.37
CA HIS O 156 -7.98 -4.18 -82.08
C HIS O 156 -7.15 -3.43 -81.06
N ILE O 157 -7.52 -3.58 -79.79
CA ILE O 157 -6.80 -2.96 -78.69
C ILE O 157 -6.11 -4.06 -77.90
N TYR O 158 -4.78 -4.06 -77.95
CA TYR O 158 -3.96 -5.13 -77.39
C TYR O 158 -2.52 -4.66 -77.44
N LYS O 159 -1.69 -5.23 -76.58
CA LYS O 159 -0.26 -4.94 -76.55
C LYS O 159 0.51 -6.25 -76.68
N MET O 160 1.53 -6.26 -77.54
CA MET O 160 2.22 -7.49 -77.86
C MET O 160 3.60 -7.19 -78.42
N ASP O 161 4.60 -7.93 -77.94
CA ASP O 161 5.97 -7.83 -78.42
C ASP O 161 6.11 -8.68 -79.68
N TYR O 162 6.30 -8.05 -80.84
CA TYR O 162 6.34 -8.80 -82.08
C TYR O 162 7.65 -9.53 -82.32
N GLU O 163 8.70 -9.22 -81.55
CA GLU O 163 9.96 -9.93 -81.72
C GLU O 163 9.82 -11.42 -81.41
N TYR O 164 8.83 -11.80 -80.58
CA TYR O 164 8.59 -13.21 -80.30
C TYR O 164 8.06 -13.95 -81.52
N MET O 165 7.08 -13.35 -82.21
CA MET O 165 6.55 -13.95 -83.43
C MET O 165 7.65 -14.11 -84.48
N LEU O 166 8.49 -13.08 -84.64
CA LEU O 166 9.51 -13.12 -85.68
C LEU O 166 10.51 -14.24 -85.44
N GLN O 167 10.92 -14.43 -84.17
CA GLN O 167 11.87 -15.49 -83.84
C GLN O 167 11.26 -16.87 -84.05
N GLN O 168 10.02 -17.06 -83.58
CA GLN O 168 9.32 -18.31 -83.85
C GLN O 168 9.17 -18.55 -85.34
N HIS O 169 8.96 -17.48 -86.11
CA HIS O 169 8.78 -17.62 -87.54
C HIS O 169 10.03 -18.20 -88.21
N VAL O 170 11.19 -17.62 -87.91
CA VAL O 170 12.41 -18.04 -88.60
C VAL O 170 12.92 -19.37 -88.04
N ASP O 171 12.78 -19.60 -86.74
CA ASP O 171 13.28 -20.83 -86.14
C ASP O 171 12.51 -22.03 -86.63
N SER O 172 11.18 -21.92 -86.71
CA SER O 172 10.34 -23.01 -87.17
C SER O 172 10.40 -23.23 -88.68
N GLY O 173 11.07 -22.34 -89.41
CA GLY O 173 11.08 -22.45 -90.86
C GLY O 173 9.72 -22.28 -91.49
N ALA O 174 8.77 -21.74 -90.75
CA ALA O 174 7.39 -21.62 -91.21
C ALA O 174 7.30 -20.75 -92.47
N ASP O 175 6.26 -20.98 -93.26
CA ASP O 175 5.98 -20.10 -94.38
C ASP O 175 5.10 -18.93 -93.98
N VAL O 176 4.27 -19.08 -92.96
CA VAL O 176 3.59 -17.94 -92.36
C VAL O 176 3.29 -18.27 -90.90
N THR O 177 3.57 -17.32 -90.02
CA THR O 177 3.26 -17.43 -88.60
C THR O 177 2.03 -16.58 -88.32
N ILE O 178 1.04 -17.16 -87.64
CA ILE O 178 -0.24 -16.51 -87.42
C ILE O 178 -0.41 -16.25 -85.94
N GLY O 179 -0.81 -15.02 -85.59
CA GLY O 179 -1.14 -14.69 -84.21
C GLY O 179 -2.52 -15.19 -83.87
N CYS O 180 -2.63 -15.92 -82.75
CA CYS O 180 -3.88 -16.55 -82.37
C CYS O 180 -4.17 -16.32 -80.89
N LEU O 181 -5.43 -16.02 -80.61
CA LEU O 181 -5.95 -16.03 -79.24
C LEU O 181 -6.40 -17.45 -78.88
N GLU O 182 -5.94 -17.95 -77.74
CA GLU O 182 -6.50 -19.18 -77.19
C GLU O 182 -7.67 -18.79 -76.29
N VAL O 183 -8.89 -19.04 -76.77
CA VAL O 183 -10.10 -18.65 -76.06
C VAL O 183 -10.99 -19.89 -75.89
N PRO O 184 -11.87 -19.92 -74.89
CA PRO O 184 -12.85 -21.01 -74.80
C PRO O 184 -13.63 -21.15 -76.09
N ARG O 185 -13.91 -22.40 -76.47
CA ARG O 185 -14.43 -22.66 -77.81
C ARG O 185 -15.76 -21.97 -78.09
N MET O 186 -16.65 -21.86 -77.09
CA MET O 186 -17.94 -21.20 -77.32
C MET O 186 -17.77 -19.75 -77.75
N GLU O 187 -16.75 -19.07 -77.27
CA GLU O 187 -16.49 -17.72 -77.76
C GLU O 187 -15.80 -17.72 -79.11
N ALA O 188 -15.15 -18.81 -79.50
CA ALA O 188 -14.44 -18.85 -80.77
C ALA O 188 -15.38 -18.98 -81.97
N THR O 189 -16.69 -19.06 -81.74
CA THR O 189 -17.64 -19.18 -82.84
C THR O 189 -17.74 -17.90 -83.66
N GLY O 190 -17.24 -16.77 -83.13
CA GLY O 190 -17.31 -15.52 -83.86
C GLY O 190 -16.02 -15.21 -84.58
N PHE O 191 -15.01 -16.07 -84.41
CA PHE O 191 -13.72 -15.83 -85.04
C PHE O 191 -13.52 -16.75 -86.23
N GLY O 192 -12.46 -16.47 -86.98
CA GLY O 192 -11.88 -17.46 -87.86
C GLY O 192 -10.93 -18.29 -87.03
N VAL O 193 -11.08 -19.61 -87.10
CA VAL O 193 -10.41 -20.52 -86.18
C VAL O 193 -9.39 -21.37 -86.93
N MET O 194 -8.20 -21.46 -86.36
CA MET O 194 -7.13 -22.30 -86.91
C MET O 194 -7.18 -23.68 -86.26
N HIS O 195 -7.47 -24.70 -87.05
CA HIS O 195 -7.34 -26.08 -86.61
C HIS O 195 -5.87 -26.47 -86.69
N VAL O 196 -5.34 -27.06 -85.61
CA VAL O 196 -3.91 -27.15 -85.39
C VAL O 196 -3.56 -28.54 -84.83
N ASN O 197 -2.35 -29.02 -85.15
CA ASN O 197 -1.86 -30.30 -84.67
C ASN O 197 -1.13 -30.14 -83.33
N GLU O 198 -0.48 -31.21 -82.87
CA GLU O 198 0.28 -31.15 -81.62
C GLU O 198 1.51 -30.27 -81.71
N LYS O 199 1.98 -29.94 -82.92
CA LYS O 199 3.18 -29.14 -83.13
C LYS O 199 2.86 -27.67 -83.37
N ASP O 200 1.62 -27.26 -83.10
CA ASP O 200 1.12 -25.92 -83.42
C ASP O 200 1.34 -25.58 -84.89
N GLU O 201 1.27 -26.60 -85.76
CA GLU O 201 1.20 -26.39 -87.20
C GLU O 201 -0.26 -26.41 -87.63
N ILE O 202 -0.66 -25.40 -88.40
CA ILE O 202 -2.06 -25.28 -88.81
C ILE O 202 -2.33 -26.22 -89.96
N ILE O 203 -3.39 -27.02 -89.83
CA ILE O 203 -3.75 -27.99 -90.85
C ILE O 203 -5.10 -27.69 -91.51
N ASP O 204 -5.83 -26.70 -91.02
CA ASP O 204 -7.10 -26.28 -91.62
C ASP O 204 -7.46 -24.92 -91.05
N PHE O 205 -8.33 -24.21 -91.77
CA PHE O 205 -8.81 -22.91 -91.33
C PHE O 205 -10.30 -22.82 -91.66
N ILE O 206 -11.11 -22.55 -90.64
CA ILE O 206 -12.56 -22.49 -90.78
C ILE O 206 -13.02 -21.09 -90.41
N GLU O 207 -13.89 -20.51 -91.23
CA GLU O 207 -14.46 -19.20 -90.94
C GLU O 207 -15.73 -19.38 -90.12
N LYS O 208 -15.70 -18.90 -88.87
CA LYS O 208 -16.85 -18.88 -87.97
C LYS O 208 -17.50 -20.26 -87.82
N PRO O 209 -16.85 -21.21 -87.16
CA PRO O 209 -17.46 -22.54 -87.00
C PRO O 209 -18.47 -22.55 -85.86
N ALA O 210 -19.55 -23.31 -86.08
CA ALA O 210 -20.54 -23.48 -85.02
C ALA O 210 -20.00 -24.31 -83.87
N ASP O 211 -19.13 -25.27 -84.18
CA ASP O 211 -18.42 -26.07 -83.18
C ASP O 211 -16.95 -26.00 -83.53
N PRO O 212 -16.23 -25.01 -82.99
CA PRO O 212 -14.85 -24.78 -83.40
C PRO O 212 -13.95 -25.93 -83.00
N PRO O 213 -13.02 -26.32 -83.87
CA PRO O 213 -12.07 -27.38 -83.52
C PRO O 213 -11.28 -27.00 -82.28
N GLY O 214 -11.11 -27.95 -81.38
CA GLY O 214 -10.34 -27.72 -80.19
C GLY O 214 -8.85 -27.95 -80.40
N ILE O 215 -8.07 -27.37 -79.51
CA ILE O 215 -6.63 -27.65 -79.49
C ILE O 215 -6.42 -29.11 -79.10
N PRO O 216 -5.57 -29.86 -79.81
CA PRO O 216 -5.30 -31.24 -79.40
C PRO O 216 -4.71 -31.28 -78.01
N GLY O 217 -5.25 -32.16 -77.16
CA GLY O 217 -4.83 -32.27 -75.78
C GLY O 217 -5.43 -31.24 -74.85
N ASN O 218 -6.15 -30.25 -75.38
CA ASN O 218 -6.94 -29.30 -74.59
C ASN O 218 -8.04 -28.84 -75.54
N GLU O 219 -9.13 -29.59 -75.56
CA GLU O 219 -10.22 -29.37 -76.51
C GLU O 219 -11.16 -28.26 -76.10
N GLY O 220 -11.04 -27.71 -74.89
CA GLY O 220 -11.93 -26.63 -74.49
C GLY O 220 -11.60 -25.29 -75.10
N PHE O 221 -10.41 -25.15 -75.68
CA PHE O 221 -9.98 -23.88 -76.26
C PHE O 221 -9.74 -24.05 -77.75
N ALA O 222 -10.09 -23.01 -78.51
CA ALA O 222 -9.82 -22.95 -79.93
C ALA O 222 -8.86 -21.80 -80.21
N LEU O 223 -8.04 -21.98 -81.23
CA LEU O 223 -7.07 -20.95 -81.64
C LEU O 223 -7.75 -19.99 -82.60
N ALA O 224 -7.66 -18.72 -82.29
CA ALA O 224 -8.56 -17.70 -82.81
C ALA O 224 -7.72 -16.64 -83.51
N SER O 225 -7.89 -16.51 -84.83
CA SER O 225 -6.98 -15.68 -85.62
C SER O 225 -7.13 -14.21 -85.26
N MET O 226 -5.99 -13.56 -85.03
N MET O 226 -5.99 -13.55 -85.03
CA MET O 226 -5.96 -12.13 -84.72
CA MET O 226 -5.97 -12.13 -84.72
C MET O 226 -5.83 -11.26 -85.96
C MET O 226 -5.80 -11.26 -85.96
N GLY O 227 -5.63 -11.85 -87.14
CA GLY O 227 -5.32 -11.07 -88.31
C GLY O 227 -3.89 -10.58 -88.34
N ILE O 228 -2.99 -11.29 -87.66
CA ILE O 228 -1.59 -10.91 -87.57
C ILE O 228 -0.77 -12.01 -88.25
N TYR O 229 -0.05 -11.64 -89.31
CA TYR O 229 0.65 -12.60 -90.15
C TYR O 229 2.10 -12.15 -90.31
N VAL O 230 3.03 -13.07 -90.10
CA VAL O 230 4.46 -12.84 -90.31
C VAL O 230 4.92 -13.70 -91.48
N PHE O 231 5.59 -13.07 -92.46
CA PHE O 231 6.16 -13.76 -93.60
C PHE O 231 7.61 -13.34 -93.81
N HIS O 232 8.32 -14.13 -94.62
CA HIS O 232 9.50 -13.63 -95.29
C HIS O 232 9.05 -12.74 -96.44
N THR O 233 9.60 -11.52 -96.51
CA THR O 233 9.10 -10.53 -97.47
C THR O 233 9.05 -11.10 -98.88
N LYS O 234 10.16 -11.64 -99.37
CA LYS O 234 10.18 -12.18 -100.73
C LYS O 234 9.18 -13.31 -100.90
N PHE O 235 8.95 -14.09 -99.84
CA PHE O 235 7.88 -15.08 -99.85
C PHE O 235 6.52 -14.41 -100.00
N LEU O 236 6.24 -13.39 -99.18
CA LEU O 236 4.94 -12.72 -99.27
C LEU O 236 4.75 -12.10 -100.64
N MET O 237 5.77 -11.41 -101.16
CA MET O 237 5.66 -10.81 -102.48
C MET O 237 5.33 -11.86 -103.55
N GLU O 238 5.95 -13.04 -103.48
CA GLU O 238 5.65 -14.09 -104.45
C GLU O 238 4.23 -14.61 -104.26
N ALA O 239 3.85 -14.93 -103.03
CA ALA O 239 2.49 -15.39 -102.74
C ALA O 239 1.47 -14.31 -103.09
N LEU O 240 1.85 -13.05 -103.01
CA LEU O 240 0.93 -11.96 -103.19
C LEU O 240 0.68 -11.65 -104.67
N ARG O 241 1.73 -11.71 -105.49
CA ARG O 241 1.54 -11.62 -106.94
C ARG O 241 0.81 -12.84 -107.48
N ARG O 242 1.08 -14.01 -106.91
CA ARG O 242 0.34 -15.21 -107.29
C ARG O 242 -1.15 -15.05 -107.05
N ASP O 243 -1.52 -14.36 -105.97
CA ASP O 243 -2.92 -14.12 -105.67
C ASP O 243 -3.50 -13.04 -106.59
N ALA O 244 -2.71 -12.03 -106.93
CA ALA O 244 -3.14 -10.98 -107.83
C ALA O 244 -3.51 -11.51 -109.22
N ALA O 245 -2.95 -12.66 -109.61
CA ALA O 245 -3.26 -13.27 -110.90
C ALA O 245 -4.32 -14.37 -110.81
N ASP O 246 -4.66 -14.80 -109.60
CA ASP O 246 -5.68 -15.82 -109.42
C ASP O 246 -7.06 -15.17 -109.50
N PRO O 247 -7.92 -15.58 -110.45
CA PRO O 247 -9.30 -15.09 -110.44
C PRO O 247 -10.20 -15.81 -109.45
N THR O 248 -9.75 -16.96 -108.93
CA THR O 248 -10.48 -17.63 -107.85
C THR O 248 -10.37 -16.87 -106.54
N SER O 249 -9.39 -15.98 -106.41
CA SER O 249 -9.08 -15.34 -105.13
C SER O 249 -9.97 -14.12 -104.90
N SER O 250 -10.48 -14.01 -103.68
CA SER O 250 -11.18 -12.82 -103.23
C SER O 250 -10.22 -11.75 -102.71
N ARG O 251 -8.91 -11.92 -102.97
CA ARG O 251 -7.88 -10.94 -102.63
C ARG O 251 -7.86 -10.63 -101.13
N ASP O 252 -8.19 -11.62 -100.31
CA ASP O 252 -8.17 -11.49 -98.86
C ASP O 252 -7.05 -12.34 -98.28
N PHE O 253 -6.32 -11.79 -97.32
CA PHE O 253 -5.35 -12.56 -96.58
C PHE O 253 -6.01 -13.80 -95.98
N GLY O 254 -6.96 -13.59 -95.06
CA GLY O 254 -7.53 -14.70 -94.31
C GLY O 254 -8.20 -15.74 -95.19
N LYS O 255 -8.94 -15.29 -96.21
CA LYS O 255 -9.71 -16.22 -97.03
C LYS O 255 -8.92 -16.83 -98.19
N ASP O 256 -7.83 -16.18 -98.64
CA ASP O 256 -7.10 -16.65 -99.82
C ASP O 256 -5.64 -16.96 -99.51
N ILE O 257 -4.88 -16.00 -99.03
CA ILE O 257 -3.47 -16.25 -98.75
C ILE O 257 -3.33 -17.33 -97.68
N ILE O 258 -4.02 -17.15 -96.55
CA ILE O 258 -3.90 -18.10 -95.43
C ILE O 258 -4.24 -19.53 -95.85
N PRO O 259 -5.38 -19.80 -96.49
CA PRO O 259 -5.70 -21.21 -96.82
C PRO O 259 -4.70 -21.84 -97.76
N TYR O 260 -4.16 -21.09 -98.74
CA TYR O 260 -3.23 -21.68 -99.69
C TYR O 260 -2.01 -22.25 -98.97
N ILE O 261 -1.50 -21.55 -97.97
CA ILE O 261 -0.25 -21.96 -97.33
C ILE O 261 -0.48 -23.14 -96.39
N VAL O 262 -1.55 -23.11 -95.58
CA VAL O 262 -1.84 -24.27 -94.74
C VAL O 262 -2.03 -25.51 -95.60
N GLU O 263 -2.55 -25.34 -96.82
CA GLU O 263 -2.82 -26.46 -97.71
C GLU O 263 -1.56 -26.95 -98.41
N HIS O 264 -0.77 -26.02 -98.95
CA HIS O 264 0.41 -26.37 -99.74
C HIS O 264 1.73 -26.04 -99.09
N GLY O 265 1.77 -25.08 -98.17
CA GLY O 265 3.02 -24.72 -97.50
C GLY O 265 3.05 -25.10 -96.04
N LYS O 266 3.65 -24.25 -95.20
CA LYS O 266 3.79 -24.52 -93.77
C LYS O 266 3.36 -23.29 -92.98
N ALA O 267 2.18 -23.36 -92.38
CA ALA O 267 1.64 -22.28 -91.55
C ALA O 267 1.59 -22.73 -90.10
N VAL O 268 2.17 -21.92 -89.22
CA VAL O 268 2.28 -22.24 -87.80
C VAL O 268 1.58 -21.15 -87.00
N ALA O 269 0.74 -21.55 -86.05
CA ALA O 269 0.05 -20.61 -85.18
C ALA O 269 0.96 -20.18 -84.03
N HIS O 270 0.92 -18.90 -83.70
CA HIS O 270 1.59 -18.38 -82.52
C HIS O 270 0.52 -17.82 -81.59
N ARG O 271 0.57 -18.22 -80.32
CA ARG O 271 -0.51 -17.94 -79.39
C ARG O 271 -0.27 -16.61 -78.69
N PHE O 272 -1.32 -15.78 -78.63
CA PHE O 272 -1.20 -14.42 -78.12
C PHE O 272 -0.53 -14.36 -76.75
N ALA O 273 -0.74 -15.38 -75.92
CA ALA O 273 -0.23 -15.35 -74.55
C ALA O 273 1.28 -15.44 -74.49
N ASP O 274 1.93 -16.00 -75.51
CA ASP O 274 3.38 -16.11 -75.51
C ASP O 274 4.08 -14.80 -75.81
N SER O 275 3.40 -13.85 -76.47
CA SER O 275 4.01 -12.56 -76.80
C SER O 275 3.23 -11.36 -76.27
N CYS O 276 2.13 -11.58 -75.55
CA CYS O 276 1.40 -10.46 -74.97
C CYS O 276 2.25 -9.73 -73.93
N VAL O 277 2.15 -8.40 -73.94
CA VAL O 277 2.87 -7.55 -73.01
C VAL O 277 1.87 -7.07 -71.97
N ARG O 278 1.99 -7.58 -70.74
CA ARG O 278 1.06 -7.27 -69.67
C ARG O 278 1.77 -6.53 -68.55
N SER O 279 1.17 -5.46 -68.07
CA SER O 279 1.70 -4.76 -66.91
C SER O 279 1.44 -5.57 -65.65
N ASP O 280 2.11 -5.19 -64.56
CA ASP O 280 1.91 -5.86 -63.29
C ASP O 280 0.49 -5.70 -62.75
N PHE O 281 -0.28 -4.75 -63.30
CA PHE O 281 -1.64 -4.49 -62.87
C PHE O 281 -2.68 -4.97 -63.88
N GLU O 282 -2.30 -5.90 -64.75
CA GLU O 282 -3.22 -6.55 -65.68
C GLU O 282 -3.23 -8.04 -65.38
N HIS O 283 -4.38 -8.54 -64.90
CA HIS O 283 -4.46 -9.90 -64.36
C HIS O 283 -4.45 -10.98 -65.43
N GLU O 284 -4.66 -10.61 -66.68
CA GLU O 284 -4.68 -11.57 -67.78
C GLU O 284 -4.31 -10.83 -69.05
N PRO O 285 -3.86 -11.55 -70.09
CA PRO O 285 -3.61 -10.89 -71.37
C PRO O 285 -4.84 -10.14 -71.83
N TYR O 286 -4.64 -8.92 -72.33
CA TYR O 286 -5.74 -8.03 -72.69
C TYR O 286 -5.85 -7.92 -74.20
N TRP O 287 -7.05 -8.18 -74.70
CA TRP O 287 -7.36 -8.07 -76.12
C TRP O 287 -8.82 -7.72 -76.26
N ARG O 288 -9.11 -6.69 -77.04
CA ARG O 288 -10.49 -6.29 -77.30
C ARG O 288 -10.62 -5.90 -78.76
N ASP O 289 -11.69 -6.35 -79.41
CA ASP O 289 -11.95 -5.91 -80.77
C ASP O 289 -13.04 -4.87 -80.84
N VAL O 290 -13.68 -4.55 -79.70
CA VAL O 290 -14.75 -3.55 -79.58
C VAL O 290 -15.59 -3.47 -80.84
N GLY O 291 -16.06 -4.62 -81.32
CA GLY O 291 -16.77 -4.65 -82.60
C GLY O 291 -18.17 -4.08 -82.55
N THR O 292 -18.81 -4.14 -81.38
CA THR O 292 -20.19 -3.69 -81.21
C THR O 292 -20.23 -2.49 -80.29
N ILE O 293 -21.39 -1.81 -80.31
CA ILE O 293 -21.62 -0.67 -79.41
C ILE O 293 -21.45 -1.09 -77.96
N ASP O 294 -22.03 -2.25 -77.60
CA ASP O 294 -21.93 -2.74 -76.23
C ASP O 294 -20.49 -3.11 -75.88
N ALA O 295 -19.77 -3.70 -76.84
CA ALA O 295 -18.36 -4.03 -76.61
C ALA O 295 -17.52 -2.78 -76.42
N TYR O 296 -17.77 -1.74 -77.22
CA TYR O 296 -16.98 -0.51 -77.12
C TYR O 296 -17.29 0.22 -75.82
N TRP O 297 -18.57 0.41 -75.52
CA TRP O 297 -18.94 1.03 -74.25
C TRP O 297 -18.32 0.30 -73.06
N GLN O 298 -18.39 -1.04 -73.05
CA GLN O 298 -17.93 -1.78 -71.88
C GLN O 298 -16.42 -1.72 -71.76
N ALA O 299 -15.70 -1.78 -72.89
CA ALA O 299 -14.24 -1.68 -72.83
C ALA O 299 -13.78 -0.34 -72.29
N ASN O 300 -14.52 0.74 -72.60
CA ASN O 300 -14.21 2.05 -72.04
C ASN O 300 -14.63 2.17 -70.58
N ILE O 301 -15.87 1.82 -70.27
CA ILE O 301 -16.38 2.01 -68.92
C ILE O 301 -15.65 1.13 -67.92
N ASP O 302 -15.08 0.01 -68.37
CA ASP O 302 -14.33 -0.87 -67.48
C ASP O 302 -13.10 -0.18 -66.92
N LEU O 303 -12.58 0.82 -67.62
CA LEU O 303 -11.42 1.55 -67.13
C LEU O 303 -11.74 2.38 -65.90
N THR O 304 -13.02 2.60 -65.59
CA THR O 304 -13.35 3.28 -64.35
C THR O 304 -13.38 2.34 -63.15
N ASP O 305 -13.09 1.05 -63.36
CA ASP O 305 -12.99 0.11 -62.25
C ASP O 305 -11.84 0.50 -61.32
N VAL O 306 -11.93 0.04 -60.07
CA VAL O 306 -10.81 0.18 -59.15
C VAL O 306 -9.59 -0.56 -59.68
N VAL O 307 -9.78 -1.80 -60.11
CA VAL O 307 -8.71 -2.60 -60.72
C VAL O 307 -9.12 -2.93 -62.15
N PRO O 308 -8.87 -2.04 -63.10
CA PRO O 308 -9.28 -2.31 -64.49
C PRO O 308 -8.41 -3.39 -65.13
N ASP O 309 -8.97 -4.00 -66.17
CA ASP O 309 -8.25 -5.06 -66.87
C ASP O 309 -7.08 -4.51 -67.67
N LEU O 310 -7.23 -3.32 -68.25
CA LEU O 310 -6.15 -2.67 -68.97
C LEU O 310 -5.60 -1.53 -68.13
N ASP O 311 -4.29 -1.49 -67.96
CA ASP O 311 -3.61 -0.47 -67.17
C ASP O 311 -3.22 0.67 -68.10
N ILE O 312 -4.02 1.75 -68.10
CA ILE O 312 -3.68 2.91 -68.92
C ILE O 312 -2.66 3.81 -68.26
N TYR O 313 -2.19 3.46 -67.06
CA TYR O 313 -1.13 4.20 -66.39
C TYR O 313 0.21 3.47 -66.42
N ASP O 314 0.31 2.40 -67.19
CA ASP O 314 1.59 1.72 -67.36
C ASP O 314 2.50 2.52 -68.29
N LYS O 315 3.79 2.54 -67.97
CA LYS O 315 4.80 3.19 -68.81
C LYS O 315 5.82 2.20 -69.37
N SER O 316 5.65 0.91 -69.10
CA SER O 316 6.56 -0.11 -69.59
C SER O 316 6.38 -0.39 -71.08
N TRP O 317 5.12 -0.43 -71.53
CA TRP O 317 4.79 -0.64 -72.94
C TRP O 317 3.86 0.50 -73.33
N PRO O 318 4.42 1.68 -73.59
CA PRO O 318 3.58 2.88 -73.72
C PRO O 318 2.86 2.93 -75.05
N ILE O 319 1.70 3.60 -75.03
CA ILE O 319 0.89 3.79 -76.21
C ILE O 319 1.15 5.20 -76.71
N TRP O 320 1.91 5.32 -77.80
CA TRP O 320 2.07 6.62 -78.43
C TRP O 320 0.79 7.01 -79.16
N THR O 321 0.46 8.30 -79.15
CA THR O 321 -0.70 8.81 -79.86
C THR O 321 -0.44 10.27 -80.21
N TYR O 322 -1.41 10.87 -80.89
CA TYR O 322 -1.38 12.31 -81.12
C TYR O 322 -1.98 13.00 -79.89
N ALA O 323 -1.20 13.89 -79.27
CA ALA O 323 -1.65 14.60 -78.08
C ALA O 323 -1.20 16.05 -78.17
N GLU O 324 -2.05 16.95 -77.68
CA GLU O 324 -1.76 18.37 -77.63
C GLU O 324 -1.60 18.82 -76.18
N ILE O 325 -0.81 19.87 -75.98
CA ILE O 325 -0.76 20.50 -74.67
C ILE O 325 -2.17 20.95 -74.30
N THR O 326 -2.69 20.40 -73.20
CA THR O 326 -4.04 20.72 -72.81
C THR O 326 -4.08 21.17 -71.35
N PRO O 327 -4.90 22.15 -71.03
CA PRO O 327 -5.04 22.60 -69.64
C PRO O 327 -5.60 21.47 -68.77
N PRO O 328 -5.45 21.56 -67.45
CA PRO O 328 -5.95 20.48 -66.59
C PRO O 328 -7.47 20.51 -66.48
N ALA O 329 -8.03 19.57 -65.74
CA ALA O 329 -9.48 19.51 -65.57
C ALA O 329 -9.90 20.36 -64.37
N LYS O 330 -11.09 20.93 -64.46
CA LYS O 330 -11.61 21.87 -63.48
C LYS O 330 -12.94 21.38 -62.93
N PHE O 331 -13.11 21.48 -61.62
CA PHE O 331 -14.36 21.16 -60.94
C PHE O 331 -14.81 22.40 -60.17
N VAL O 332 -16.02 22.88 -60.44
CA VAL O 332 -16.46 24.17 -59.91
C VAL O 332 -17.90 24.08 -59.42
N HIS O 333 -18.18 24.87 -58.38
CA HIS O 333 -19.44 25.00 -57.65
C HIS O 333 -19.59 23.91 -56.61
N ASP O 334 -20.04 24.32 -55.42
CA ASP O 334 -20.19 23.42 -54.28
C ASP O 334 -21.12 24.04 -53.25
N ASP O 335 -22.43 23.98 -53.48
CA ASP O 335 -23.40 24.49 -52.53
C ASP O 335 -24.57 23.52 -52.46
N GLU O 336 -25.68 23.97 -51.89
CA GLU O 336 -26.83 23.10 -51.69
C GLU O 336 -27.45 22.65 -53.00
N ASP O 337 -27.38 23.48 -54.04
CA ASP O 337 -28.04 23.19 -55.30
C ASP O 337 -27.13 22.56 -56.35
N ARG O 338 -25.80 22.69 -56.20
CA ARG O 338 -24.88 22.46 -57.29
C ARG O 338 -23.56 21.94 -56.76
N ARG O 339 -22.93 21.05 -57.52
CA ARG O 339 -21.58 20.59 -57.18
C ARG O 339 -20.96 19.89 -58.38
N GLY O 340 -19.83 20.42 -58.85
CA GLY O 340 -19.09 19.77 -59.92
C GLY O 340 -18.07 18.80 -59.36
N SER O 341 -18.29 17.50 -59.57
CA SER O 341 -17.33 16.52 -59.07
C SER O 341 -17.51 15.23 -59.84
N ALA O 342 -16.49 14.38 -59.77
CA ALA O 342 -16.46 13.12 -60.47
C ALA O 342 -16.13 12.02 -59.49
N VAL O 343 -16.96 10.98 -59.44
CA VAL O 343 -16.77 9.84 -58.58
C VAL O 343 -16.71 8.61 -59.47
N SER O 344 -15.84 7.66 -59.12
CA SER O 344 -15.67 6.40 -59.85
C SER O 344 -15.54 6.65 -61.36
N SER O 345 -14.88 7.75 -61.72
CA SER O 345 -14.85 8.21 -63.10
C SER O 345 -13.42 8.53 -63.50
N VAL O 346 -13.21 8.62 -64.81
CA VAL O 346 -11.94 9.03 -65.38
C VAL O 346 -12.20 10.30 -66.19
N VAL O 347 -11.39 11.32 -65.97
CA VAL O 347 -11.61 12.63 -66.58
C VAL O 347 -10.32 13.10 -67.23
N SER O 348 -10.37 13.38 -68.52
CA SER O 348 -9.20 13.85 -69.26
C SER O 348 -8.98 15.34 -69.04
N GLY O 349 -7.89 15.87 -69.59
CA GLY O 349 -7.63 17.28 -69.51
C GLY O 349 -8.65 18.10 -70.28
N ASP O 350 -8.55 19.43 -70.10
CA ASP O 350 -9.42 20.37 -70.78
C ASP O 350 -10.90 20.05 -70.54
N CYS O 351 -11.20 19.47 -69.39
N CYS O 351 -11.22 19.49 -69.37
CA CYS O 351 -12.57 19.16 -69.00
CA CYS O 351 -12.59 19.15 -69.02
C CYS O 351 -12.96 20.07 -67.85
C CYS O 351 -13.01 20.02 -67.84
N ILE O 352 -14.00 20.88 -68.06
CA ILE O 352 -14.51 21.75 -67.01
C ILE O 352 -15.84 21.15 -66.56
N ILE O 353 -15.85 20.66 -65.32
CA ILE O 353 -17.01 20.03 -64.72
C ILE O 353 -17.69 21.12 -63.88
N SER O 354 -18.59 21.86 -64.52
CA SER O 354 -19.19 23.04 -63.90
C SER O 354 -20.53 22.65 -63.31
N GLY O 355 -20.57 22.48 -61.98
CA GLY O 355 -21.80 22.14 -61.30
C GLY O 355 -22.46 20.87 -61.78
N ALA O 356 -21.73 19.99 -62.47
CA ALA O 356 -22.27 18.74 -62.99
C ALA O 356 -21.75 17.59 -62.15
N ALA O 357 -22.60 16.57 -61.96
CA ALA O 357 -22.27 15.42 -61.15
C ALA O 357 -21.92 14.25 -62.07
N LEU O 358 -20.71 13.73 -61.94
CA LEU O 358 -20.23 12.61 -62.75
C LEU O 358 -20.13 11.37 -61.87
N ASN O 359 -20.44 10.21 -62.46
CA ASN O 359 -20.36 8.94 -61.75
C ASN O 359 -20.14 7.84 -62.77
N ARG O 360 -19.17 6.96 -62.49
CA ARG O 360 -18.81 5.84 -63.37
C ARG O 360 -18.88 6.25 -64.85
N SER O 361 -18.04 7.22 -65.22
CA SER O 361 -18.04 7.74 -66.57
C SER O 361 -16.61 8.03 -67.00
N LEU O 362 -16.37 7.98 -68.31
CA LEU O 362 -15.04 8.22 -68.88
C LEU O 362 -15.15 9.30 -69.93
N LEU O 363 -14.43 10.39 -69.72
CA LEU O 363 -14.50 11.58 -70.58
C LEU O 363 -13.16 11.83 -71.23
N PHE O 364 -13.16 11.94 -72.56
CA PHE O 364 -12.01 12.37 -73.34
C PHE O 364 -11.81 13.88 -73.15
N THR O 365 -10.82 14.43 -73.86
N THR O 365 -10.79 14.43 -73.81
CA THR O 365 -10.42 15.82 -73.68
CA THR O 365 -10.44 15.83 -73.58
C THR O 365 -11.46 16.79 -74.24
C THR O 365 -11.48 16.77 -74.19
N GLY O 366 -11.59 17.94 -73.58
CA GLY O 366 -12.41 19.01 -74.09
C GLY O 366 -13.85 19.04 -73.61
N VAL O 367 -14.24 18.15 -72.71
CA VAL O 367 -15.66 18.08 -72.35
C VAL O 367 -16.03 19.26 -71.47
N ARG O 368 -17.19 19.86 -71.76
CA ARG O 368 -17.77 20.91 -70.94
C ARG O 368 -19.09 20.39 -70.39
N ALA O 369 -19.13 20.10 -69.09
CA ALA O 369 -20.33 19.65 -68.41
C ALA O 369 -20.84 20.79 -67.54
N ASN O 370 -22.10 21.14 -67.71
CA ASN O 370 -22.65 22.37 -67.13
C ASN O 370 -23.58 22.06 -65.97
N SER O 371 -24.05 23.13 -65.35
CA SER O 371 -24.63 23.06 -64.01
C SER O 371 -25.89 22.19 -63.98
N TYR O 372 -26.03 21.45 -62.89
CA TYR O 372 -27.18 20.58 -62.59
C TYR O 372 -27.28 19.40 -63.54
N SER O 373 -26.36 19.25 -64.48
CA SER O 373 -26.38 18.09 -65.33
C SER O 373 -25.75 16.89 -64.63
N ARG O 374 -26.11 15.70 -65.11
CA ARG O 374 -25.63 14.47 -64.51
C ARG O 374 -25.26 13.50 -65.61
N LEU O 375 -24.12 12.82 -65.43
CA LEU O 375 -23.70 11.76 -66.33
C LEU O 375 -23.40 10.51 -65.52
N GLU O 376 -23.84 9.37 -66.03
CA GLU O 376 -23.60 8.09 -65.37
C GLU O 376 -23.44 7.01 -66.43
N ASN O 377 -22.49 6.11 -66.22
CA ASN O 377 -22.20 5.03 -67.18
C ASN O 377 -22.01 5.60 -68.58
N ALA O 378 -21.35 6.76 -68.65
CA ALA O 378 -21.29 7.55 -69.88
C ALA O 378 -19.87 7.55 -70.42
N VAL O 379 -19.75 7.24 -71.71
CA VAL O 379 -18.47 7.32 -72.42
C VAL O 379 -18.56 8.54 -73.33
N VAL O 380 -17.84 9.59 -72.98
CA VAL O 380 -18.02 10.90 -73.57
C VAL O 380 -16.75 11.24 -74.36
N LEU O 381 -16.88 11.28 -75.69
CA LEU O 381 -15.76 11.45 -76.60
C LEU O 381 -15.38 12.93 -76.68
N PRO O 382 -14.25 13.26 -77.33
CA PRO O 382 -13.70 14.62 -77.16
C PRO O 382 -14.66 15.73 -77.54
N SER O 383 -14.62 16.81 -76.75
CA SER O 383 -15.21 18.10 -77.05
C SER O 383 -16.73 18.14 -76.92
N VAL O 384 -17.32 17.14 -76.25
CA VAL O 384 -18.76 17.15 -76.02
C VAL O 384 -19.11 18.27 -75.04
N LYS O 385 -20.23 18.94 -75.29
CA LYS O 385 -20.84 19.84 -74.34
C LYS O 385 -22.09 19.19 -73.75
N ILE O 386 -22.26 19.32 -72.44
CA ILE O 386 -23.45 18.84 -71.73
C ILE O 386 -24.18 20.08 -71.23
N GLY O 387 -25.37 20.33 -71.77
CA GLY O 387 -26.15 21.46 -71.34
C GLY O 387 -26.67 21.31 -69.93
N ARG O 388 -27.05 22.44 -69.33
CA ARG O 388 -27.59 22.44 -67.97
C ARG O 388 -28.74 21.47 -67.83
N HIS O 389 -28.87 20.87 -66.63
CA HIS O 389 -30.00 20.03 -66.26
C HIS O 389 -30.08 18.74 -67.05
N ALA O 390 -29.24 18.57 -68.07
CA ALA O 390 -29.28 17.34 -68.85
C ALA O 390 -28.82 16.16 -68.01
N GLN O 391 -29.55 15.05 -68.10
CA GLN O 391 -29.24 13.85 -67.35
C GLN O 391 -29.10 12.69 -68.33
N LEU O 392 -27.95 12.03 -68.31
CA LEU O 392 -27.64 11.00 -69.28
C LEU O 392 -27.06 9.79 -68.55
N SER O 393 -27.64 8.62 -68.82
CA SER O 393 -27.19 7.37 -68.23
C SER O 393 -27.04 6.30 -69.31
N ASN O 394 -25.95 5.52 -69.21
CA ASN O 394 -25.67 4.38 -70.08
C ASN O 394 -25.61 4.81 -71.55
N VAL O 395 -24.57 5.58 -71.87
CA VAL O 395 -24.50 6.27 -73.15
C VAL O 395 -23.08 6.29 -73.69
N VAL O 396 -22.98 6.28 -75.02
CA VAL O 396 -21.78 6.69 -75.74
C VAL O 396 -22.11 7.98 -76.49
N ILE O 397 -21.42 9.06 -76.16
CA ILE O 397 -21.66 10.37 -76.77
C ILE O 397 -20.53 10.64 -77.77
N ASP O 398 -20.90 10.78 -79.04
CA ASP O 398 -19.94 10.93 -80.12
C ASP O 398 -19.18 12.25 -80.01
N HIS O 399 -18.07 12.32 -80.73
CA HIS O 399 -17.17 13.47 -80.72
C HIS O 399 -17.93 14.76 -81.05
N GLY O 400 -17.76 15.77 -80.20
CA GLY O 400 -18.29 17.10 -80.45
C GLY O 400 -19.78 17.27 -80.29
N VAL O 401 -20.49 16.25 -79.78
CA VAL O 401 -21.94 16.39 -79.63
C VAL O 401 -22.26 17.46 -78.60
N VAL O 402 -23.26 18.29 -78.90
CA VAL O 402 -23.77 19.30 -78.00
C VAL O 402 -25.10 18.79 -77.47
N ILE O 403 -25.10 18.30 -76.24
CA ILE O 403 -26.32 17.79 -75.62
C ILE O 403 -27.19 18.98 -75.21
N PRO O 404 -28.42 19.07 -75.71
CA PRO O 404 -29.30 20.19 -75.34
C PRO O 404 -29.60 20.21 -73.84
N GLU O 405 -29.98 21.39 -73.36
CA GLU O 405 -30.33 21.55 -71.96
C GLU O 405 -31.54 20.71 -71.60
N GLY O 406 -31.46 20.02 -70.46
CA GLY O 406 -32.59 19.28 -69.92
C GLY O 406 -32.88 17.95 -70.58
N LEU O 407 -32.06 17.50 -71.52
CA LEU O 407 -32.33 16.23 -72.19
C LEU O 407 -32.10 15.06 -71.24
N ILE O 408 -33.06 14.14 -71.19
CA ILE O 408 -32.98 12.93 -70.39
C ILE O 408 -32.72 11.76 -71.31
N VAL O 409 -31.71 10.95 -70.99
CA VAL O 409 -31.46 9.68 -71.66
C VAL O 409 -31.17 8.63 -70.59
N GLY O 410 -31.85 7.49 -70.68
CA GLY O 410 -31.67 6.42 -69.72
C GLY O 410 -32.86 6.20 -68.80
N GLU O 411 -33.91 7.00 -68.91
CA GLU O 411 -35.10 6.83 -68.10
C GLU O 411 -36.23 6.13 -68.83
N ASP O 412 -36.40 6.42 -70.12
CA ASP O 412 -37.51 5.89 -70.92
C ASP O 412 -36.96 5.05 -72.06
N PRO O 413 -36.93 3.72 -71.95
CA PRO O 413 -36.31 2.91 -73.00
C PRO O 413 -36.96 3.06 -74.36
N GLU O 414 -38.29 3.14 -74.41
CA GLU O 414 -38.98 3.25 -75.69
C GLU O 414 -38.67 4.58 -76.36
N LEU O 415 -38.76 5.68 -75.59
CA LEU O 415 -38.44 6.99 -76.14
C LEU O 415 -36.97 7.10 -76.50
N ASP O 416 -36.10 6.40 -75.74
CA ASP O 416 -34.67 6.40 -76.06
C ASP O 416 -34.41 5.67 -77.37
N ALA O 417 -35.02 4.50 -77.56
CA ALA O 417 -34.83 3.74 -78.78
C ALA O 417 -35.28 4.52 -80.00
N LYS O 418 -36.32 5.35 -79.86
CA LYS O 418 -36.79 6.15 -80.98
C LYS O 418 -35.80 7.26 -81.30
N ARG O 419 -35.31 7.97 -80.26
CA ARG O 419 -34.51 9.16 -80.49
C ARG O 419 -33.08 8.84 -80.91
N PHE O 420 -32.50 7.74 -80.43
CA PHE O 420 -31.11 7.44 -80.69
C PHE O 420 -30.94 5.96 -81.01
N ARG O 421 -29.71 5.56 -81.27
CA ARG O 421 -29.36 4.16 -81.45
C ARG O 421 -29.24 3.53 -80.06
N ARG O 422 -30.15 2.61 -79.74
CA ARG O 422 -30.15 1.92 -78.45
C ARG O 422 -29.86 0.45 -78.67
N THR O 423 -28.86 -0.06 -77.96
CA THR O 423 -28.62 -1.50 -77.94
C THR O 423 -29.72 -2.20 -77.14
N GLU O 424 -29.79 -3.52 -77.33
CA GLU O 424 -30.75 -4.31 -76.56
C GLU O 424 -30.41 -4.31 -75.07
N SER O 425 -29.14 -4.12 -74.74
CA SER O 425 -28.73 -4.06 -73.34
C SER O 425 -28.90 -2.68 -72.73
N GLY O 426 -29.30 -1.68 -73.52
CA GLY O 426 -29.68 -0.39 -72.98
C GLY O 426 -28.70 0.74 -73.19
N ILE O 427 -27.64 0.54 -73.95
CA ILE O 427 -26.66 1.59 -74.22
C ILE O 427 -27.15 2.42 -75.40
N CYS O 428 -27.29 3.72 -75.17
CA CYS O 428 -27.68 4.66 -76.22
C CYS O 428 -26.42 5.30 -76.79
N LEU O 429 -26.22 5.15 -78.10
CA LEU O 429 -25.21 5.90 -78.81
C LEU O 429 -25.84 7.19 -79.31
N ILE O 430 -25.26 8.33 -78.93
CA ILE O 430 -25.82 9.63 -79.26
C ILE O 430 -24.88 10.34 -80.22
N THR O 431 -25.38 10.64 -81.42
CA THR O 431 -24.66 11.44 -82.41
CA THR O 431 -24.64 11.46 -82.37
C THR O 431 -25.32 12.81 -82.54
N GLN O 432 -24.63 13.73 -83.22
CA GLN O 432 -25.17 15.06 -83.43
C GLN O 432 -26.30 15.06 -84.44
N SER O 433 -26.31 14.10 -85.38
CA SER O 433 -27.41 14.02 -86.32
C SER O 433 -28.70 13.60 -85.62
N MET O 434 -28.60 12.78 -84.57
CA MET O 434 -29.78 12.43 -83.79
C MET O 434 -30.28 13.62 -82.99
N ILE O 435 -29.37 14.40 -82.40
CA ILE O 435 -29.77 15.56 -81.62
C ILE O 435 -30.48 16.58 -82.50
N ASP O 436 -29.99 16.76 -83.74
CA ASP O 436 -30.59 17.74 -84.64
C ASP O 436 -32.05 17.41 -84.96
N LYS O 437 -32.42 16.13 -84.89
CA LYS O 437 -33.73 15.67 -85.30
C LYS O 437 -34.77 15.71 -84.19
N LEU O 438 -34.50 16.38 -83.08
CA LEU O 438 -35.23 16.13 -81.84
C LEU O 438 -36.30 17.17 -81.55
N ASP O 439 -37.43 16.69 -81.05
CA ASP O 439 -38.50 17.50 -80.48
C ASP O 439 -38.87 16.96 -79.11
N LEU O 440 -39.97 16.22 -79.02
CA LEU O 440 -40.34 15.49 -77.80
C LEU O 440 -40.15 13.99 -78.01
N VAL P 26 4.90 49.11 -92.75
CA VAL P 26 4.18 47.97 -93.32
C VAL P 26 4.54 46.67 -92.59
N GLN P 27 5.81 46.28 -92.69
CA GLN P 27 6.26 45.05 -92.06
C GLN P 27 6.11 45.16 -90.54
N PRO P 28 5.69 44.09 -89.87
CA PRO P 28 5.77 44.09 -88.40
C PRO P 28 7.21 44.16 -87.96
N LEU P 29 7.47 44.88 -86.88
CA LEU P 29 8.83 45.05 -86.39
C LEU P 29 9.33 43.86 -85.58
N ALA P 30 8.44 42.97 -85.13
CA ALA P 30 8.89 41.76 -84.44
C ALA P 30 9.73 40.88 -85.34
N ARG P 31 9.59 41.00 -86.66
CA ARG P 31 10.43 40.24 -87.59
C ARG P 31 11.91 40.46 -87.29
N ASP P 32 12.27 41.66 -86.86
CA ASP P 32 13.65 42.05 -86.65
C ASP P 32 13.97 42.29 -85.18
N ALA P 33 13.36 41.52 -84.28
CA ALA P 33 13.57 41.68 -82.86
C ALA P 33 14.09 40.37 -82.27
N MET P 34 14.98 40.47 -81.30
CA MET P 34 15.43 39.34 -80.52
C MET P 34 14.96 39.53 -79.09
N ALA P 35 14.17 38.59 -78.57
CA ALA P 35 13.82 38.61 -77.16
C ALA P 35 14.95 37.97 -76.36
N TYR P 36 15.44 38.68 -75.35
CA TYR P 36 16.48 38.18 -74.45
C TYR P 36 15.88 38.07 -73.05
N VAL P 37 15.64 36.85 -72.60
CA VAL P 37 15.04 36.60 -71.29
C VAL P 37 16.15 36.42 -70.26
N LEU P 38 16.05 37.14 -69.14
CA LEU P 38 16.99 37.00 -68.04
C LEU P 38 16.36 36.07 -67.01
N ALA P 39 16.92 34.88 -66.86
CA ALA P 39 16.35 33.85 -66.01
C ALA P 39 17.39 33.29 -65.07
N GLY P 40 18.25 34.16 -64.53
CA GLY P 40 19.20 33.78 -63.51
C GLY P 40 18.73 34.09 -62.10
N GLY P 41 17.55 34.67 -61.96
CA GLY P 41 17.13 35.18 -60.66
C GLY P 41 16.84 34.06 -59.68
N ARG P 42 17.45 34.15 -58.49
CA ARG P 42 17.36 33.09 -57.50
C ARG P 42 15.97 32.97 -56.90
N GLY P 43 15.27 34.10 -56.74
CA GLY P 43 14.00 34.07 -56.03
C GLY P 43 14.15 33.59 -54.61
N SER P 44 14.95 34.31 -53.81
CA SER P 44 15.30 33.83 -52.48
C SER P 44 14.16 33.98 -51.48
N ARG P 45 13.18 34.84 -51.75
CA ARG P 45 12.04 34.97 -50.85
C ARG P 45 11.09 33.78 -50.95
N LEU P 46 11.27 32.91 -51.94
CA LEU P 46 10.52 31.67 -52.01
C LEU P 46 11.12 30.56 -51.15
N LYS P 47 12.22 30.82 -50.47
CA LYS P 47 12.79 29.94 -49.44
C LYS P 47 13.12 28.58 -50.10
N GLU P 48 12.79 27.47 -49.46
CA GLU P 48 13.16 26.15 -49.96
C GLU P 48 12.48 25.81 -51.29
N LEU P 49 11.47 26.58 -51.71
CA LEU P 49 10.84 26.34 -52.99
C LEU P 49 11.80 26.58 -54.15
N THR P 50 12.88 27.32 -53.92
CA THR P 50 13.90 27.54 -54.94
C THR P 50 15.25 26.97 -54.53
N ASP P 51 15.26 26.06 -53.55
CA ASP P 51 16.54 25.52 -53.08
C ASP P 51 17.21 24.66 -54.15
N ARG P 52 16.44 24.07 -55.06
CA ARG P 52 16.99 23.20 -56.07
C ARG P 52 16.80 23.71 -57.49
N ARG P 53 16.19 24.89 -57.67
CA ARG P 53 15.82 25.37 -59.00
C ARG P 53 15.68 26.89 -58.95
N ALA P 54 16.07 27.55 -60.04
CA ALA P 54 15.82 28.98 -60.16
C ALA P 54 14.33 29.26 -60.26
N LYS P 55 13.94 30.47 -59.86
CA LYS P 55 12.52 30.83 -59.85
C LYS P 55 11.86 30.74 -61.22
N PRO P 56 12.50 31.11 -62.34
CA PRO P 56 11.84 30.91 -63.65
C PRO P 56 11.47 29.47 -63.95
N ALA P 57 12.10 28.50 -63.29
CA ALA P 57 11.80 27.09 -63.48
C ALA P 57 10.72 26.59 -62.53
N VAL P 58 10.18 27.45 -61.67
CA VAL P 58 9.16 27.01 -60.74
C VAL P 58 7.85 26.77 -61.51
N TYR P 59 7.21 25.65 -61.23
N TYR P 59 7.21 25.64 -61.23
CA TYR P 59 5.93 25.33 -61.85
CA TYR P 59 5.93 25.33 -61.83
C TYR P 59 4.86 26.33 -61.41
C TYR P 59 4.89 26.36 -61.42
N PHE P 60 3.88 26.55 -62.27
CA PHE P 60 2.78 27.45 -61.97
C PHE P 60 1.51 27.04 -62.70
N GLY P 61 0.40 27.09 -61.97
CA GLY P 61 -0.93 27.03 -62.56
C GLY P 61 -1.37 25.69 -63.09
N GLY P 62 -0.60 24.63 -62.86
N GLY P 62 -0.61 24.62 -62.86
CA GLY P 62 -0.83 23.39 -63.58
CA GLY P 62 -1.01 23.28 -63.21
C GLY P 62 -0.75 23.56 -65.07
C GLY P 62 -0.13 22.59 -64.23
N LYS P 63 -0.03 24.58 -65.53
N LYS P 63 0.65 23.32 -65.03
CA LYS P 63 -0.09 25.08 -66.89
CA LYS P 63 1.45 22.66 -66.06
C LYS P 63 1.27 25.13 -67.57
C LYS P 63 2.72 23.41 -66.44
N ALA P 64 2.30 25.55 -66.85
N ALA P 64 2.58 24.66 -66.85
CA ALA P 64 3.62 25.78 -67.42
CA ALA P 64 3.72 25.42 -67.36
C ALA P 64 4.58 26.05 -66.27
C ALA P 64 4.70 25.76 -66.24
N ARG P 65 5.82 26.39 -66.63
CA ARG P 65 6.73 26.98 -65.69
C ARG P 65 6.66 28.50 -65.83
N ILE P 66 7.22 29.21 -64.85
CA ILE P 66 7.10 30.67 -64.87
C ILE P 66 7.77 31.24 -66.11
N ILE P 67 8.92 30.67 -66.50
CA ILE P 67 9.62 31.19 -67.67
C ILE P 67 8.75 31.12 -68.92
N ASP P 68 7.85 30.13 -68.99
CA ASP P 68 7.14 29.89 -70.24
C ASP P 68 6.28 31.08 -70.67
N PHE P 69 5.85 31.92 -69.73
CA PHE P 69 4.93 33.02 -70.07
C PHE P 69 5.64 34.08 -70.92
N ALA P 70 6.75 34.61 -70.42
CA ALA P 70 7.55 35.53 -71.22
C ALA P 70 7.97 34.89 -72.53
N LEU P 71 8.41 33.63 -72.49
CA LEU P 71 8.81 32.96 -73.73
C LEU P 71 7.64 32.86 -74.71
N SER P 72 6.44 32.58 -74.18
CA SER P 72 5.27 32.49 -75.06
C SER P 72 4.81 33.86 -75.50
N ASN P 73 4.97 34.89 -74.66
CA ASN P 73 4.70 36.25 -75.12
C ASN P 73 5.60 36.59 -76.31
N ALA P 74 6.88 36.21 -76.23
CA ALA P 74 7.78 36.36 -77.37
C ALA P 74 7.23 35.63 -78.60
N LEU P 75 6.91 34.34 -78.44
CA LEU P 75 6.36 33.53 -79.51
C LEU P 75 5.15 34.20 -80.16
N ASN P 76 4.11 34.45 -79.34
CA ASN P 76 2.86 34.96 -79.86
C ASN P 76 2.99 36.37 -80.45
N SER P 77 4.01 37.12 -80.04
CA SER P 77 4.26 38.44 -80.59
C SER P 77 5.03 38.38 -81.91
N GLY P 78 5.37 37.18 -82.38
CA GLY P 78 6.10 37.04 -83.62
C GLY P 78 7.60 37.19 -83.50
N ILE P 79 8.16 37.13 -82.30
CA ILE P 79 9.61 37.20 -82.11
C ILE P 79 10.14 35.78 -82.14
N ARG P 80 10.86 35.43 -83.21
CA ARG P 80 11.35 34.08 -83.41
C ARG P 80 12.82 33.91 -83.08
N ARG P 81 13.45 34.93 -82.50
CA ARG P 81 14.83 34.83 -82.02
C ARG P 81 14.80 35.08 -80.52
N ILE P 82 15.16 34.05 -79.75
CA ILE P 82 15.08 34.13 -78.29
C ILE P 82 16.41 33.68 -77.72
N GLY P 83 16.91 34.45 -76.76
CA GLY P 83 18.04 34.02 -75.93
C GLY P 83 17.61 33.99 -74.48
N VAL P 84 18.14 33.02 -73.73
CA VAL P 84 17.83 32.90 -72.30
C VAL P 84 19.14 32.84 -71.54
N ALA P 85 19.34 33.77 -70.62
CA ALA P 85 20.49 33.75 -69.73
C ALA P 85 20.09 33.05 -68.44
N THR P 86 20.85 32.03 -68.07
CA THR P 86 20.66 31.30 -66.83
C THR P 86 21.92 31.38 -65.99
N GLN P 87 21.81 30.94 -64.74
CA GLN P 87 22.93 31.02 -63.81
C GLN P 87 22.64 30.18 -62.57
N TYR P 88 21.92 30.78 -61.61
CA TYR P 88 21.48 30.11 -60.40
C TYR P 88 20.77 28.80 -60.74
N LYS P 89 21.23 27.71 -60.11
CA LYS P 89 20.73 26.33 -60.23
C LYS P 89 19.84 26.14 -61.46
N ALA P 90 20.45 25.92 -62.61
CA ALA P 90 19.76 26.05 -63.89
C ALA P 90 19.61 24.73 -64.64
N HIS P 91 20.06 23.61 -64.08
CA HIS P 91 19.95 22.34 -64.80
C HIS P 91 18.51 22.02 -65.13
N ASP P 92 17.64 22.03 -64.11
CA ASP P 92 16.21 21.88 -64.34
C ASP P 92 15.74 22.88 -65.39
N LEU P 93 16.11 24.14 -65.23
CA LEU P 93 15.68 25.15 -66.19
C LEU P 93 16.16 24.81 -67.60
N ILE P 94 17.46 24.52 -67.75
CA ILE P 94 18.01 24.24 -69.07
C ILE P 94 17.35 23.02 -69.68
N ARG P 95 17.12 21.97 -68.87
CA ARG P 95 16.52 20.75 -69.39
C ARG P 95 15.08 21.01 -69.88
N HIS P 96 14.31 21.83 -69.16
CA HIS P 96 12.97 22.21 -69.65
C HIS P 96 13.06 23.01 -70.92
N LEU P 97 13.97 23.97 -70.96
CA LEU P 97 14.19 24.72 -72.19
C LEU P 97 14.61 23.81 -73.34
N GLN P 98 15.48 22.84 -73.07
CA GLN P 98 15.93 21.95 -74.14
C GLN P 98 14.80 21.10 -74.70
N ARG P 99 13.92 20.60 -73.83
N ARG P 99 13.91 20.61 -73.85
CA ARG P 99 12.90 19.63 -74.20
CA ARG P 99 12.91 19.63 -74.26
C ARG P 99 11.60 20.28 -74.69
C ARG P 99 11.58 20.25 -74.66
N GLY P 100 11.27 21.45 -74.17
CA GLY P 100 10.04 22.12 -74.54
C GLY P 100 10.19 23.12 -75.68
N TRP P 101 11.26 23.90 -75.67
CA TRP P 101 11.43 24.98 -76.64
C TRP P 101 12.44 24.58 -77.73
N ASP P 102 12.04 23.57 -78.51
CA ASP P 102 12.96 22.86 -79.40
C ASP P 102 12.52 22.94 -80.86
N PHE P 103 11.62 23.84 -81.21
CA PHE P 103 11.03 23.85 -82.55
C PHE P 103 11.49 25.03 -83.39
N PHE P 104 12.63 25.61 -83.07
CA PHE P 104 13.20 26.72 -83.85
C PHE P 104 14.26 26.16 -84.78
N ARG P 105 14.21 26.56 -86.05
CA ARG P 105 15.20 26.14 -87.03
C ARG P 105 15.90 27.37 -87.62
N PRO P 106 17.23 27.38 -87.68
CA PRO P 106 17.92 28.58 -88.19
C PRO P 106 17.66 28.83 -89.66
N GLU P 107 17.46 27.77 -90.46
CA GLU P 107 17.13 27.96 -91.87
C GLU P 107 15.88 28.80 -92.06
N ARG P 108 15.00 28.88 -91.06
CA ARG P 108 13.82 29.72 -91.10
C ARG P 108 14.02 31.03 -90.35
N ASN P 109 15.27 31.39 -90.05
CA ASN P 109 15.61 32.58 -89.27
C ASN P 109 14.97 32.54 -87.88
N GLU P 110 14.94 31.35 -87.29
CA GLU P 110 14.51 31.15 -85.91
C GLU P 110 15.71 30.65 -85.12
N SER P 111 15.83 31.13 -83.89
CA SER P 111 16.88 30.64 -83.01
C SER P 111 16.37 30.66 -81.57
N PHE P 112 16.83 29.68 -80.80
CA PHE P 112 16.58 29.65 -79.36
C PHE P 112 17.90 29.34 -78.67
N ASP P 113 18.53 30.36 -78.10
CA ASP P 113 19.84 30.21 -77.50
C ASP P 113 19.70 30.12 -75.99
N ILE P 114 20.27 29.07 -75.41
CA ILE P 114 20.33 28.87 -73.97
C ILE P 114 21.74 29.23 -73.53
N LEU P 115 21.87 30.28 -72.73
CA LEU P 115 23.16 30.95 -72.50
C LEU P 115 23.50 30.99 -71.01
N PRO P 116 23.99 29.89 -70.45
CA PRO P 116 24.40 29.91 -69.05
C PRO P 116 25.81 30.45 -68.89
N ALA P 117 26.08 31.00 -67.72
CA ALA P 117 27.43 31.42 -67.40
C ALA P 117 28.31 30.19 -67.20
N SER P 118 29.36 30.07 -67.98
CA SER P 118 30.26 28.92 -67.90
C SER P 118 31.60 29.29 -68.53
N GLN P 119 32.46 28.29 -68.70
CA GLN P 119 33.80 28.49 -69.25
C GLN P 119 33.70 28.49 -70.77
N ARG P 120 33.51 29.69 -71.34
CA ARG P 120 33.31 29.84 -72.78
C ARG P 120 34.17 30.99 -73.32
N VAL P 121 33.72 32.22 -73.10
CA VAL P 121 34.47 33.41 -73.50
C VAL P 121 35.30 33.97 -72.34
N SER P 122 35.13 33.46 -71.12
CA SER P 122 35.90 33.91 -69.97
C SER P 122 35.85 32.82 -68.90
N GLU P 123 36.81 32.90 -67.96
CA GLU P 123 36.88 31.96 -66.85
C GLU P 123 35.64 32.07 -65.98
N THR P 124 35.68 32.95 -64.98
CA THR P 124 34.56 33.32 -64.10
C THR P 124 33.54 32.22 -63.88
N GLN P 125 32.71 31.95 -64.90
CA GLN P 125 31.61 30.99 -64.83
C GLN P 125 30.47 31.53 -63.97
N TRP P 126 30.24 32.84 -64.03
CA TRP P 126 29.20 33.51 -63.24
C TRP P 126 29.04 34.94 -63.72
N TYR P 127 27.87 35.27 -64.29
CA TYR P 127 27.60 36.66 -64.66
C TYR P 127 27.49 37.52 -63.41
N GLU P 128 28.01 38.75 -63.49
CA GLU P 128 27.91 39.69 -62.38
C GLU P 128 26.69 40.61 -62.49
N GLY P 129 25.65 40.19 -63.19
CA GLY P 129 24.44 40.99 -63.22
C GLY P 129 23.69 40.80 -64.52
N THR P 130 22.53 41.47 -64.58
CA THR P 130 21.63 41.32 -65.72
C THR P 130 22.23 41.92 -66.99
N ALA P 131 22.96 43.02 -66.87
CA ALA P 131 23.62 43.61 -68.03
C ALA P 131 24.82 42.80 -68.46
N ASP P 132 25.58 42.27 -67.50
CA ASP P 132 26.66 41.35 -67.85
C ASP P 132 26.13 40.11 -68.52
N ALA P 133 24.91 39.69 -68.19
CA ALA P 133 24.34 38.49 -68.80
C ALA P 133 24.09 38.67 -70.28
N VAL P 134 23.78 39.89 -70.71
CA VAL P 134 23.68 40.15 -72.14
C VAL P 134 25.05 40.46 -72.73
N TYR P 135 25.88 41.19 -71.98
CA TYR P 135 27.13 41.70 -72.52
C TYR P 135 28.08 40.57 -72.90
N GLN P 136 28.14 39.52 -72.07
N GLN P 136 28.12 39.52 -72.08
CA GLN P 136 29.01 38.39 -72.36
CA GLN P 136 29.01 38.40 -72.37
C GLN P 136 28.57 37.61 -73.59
C GLN P 136 28.55 37.57 -73.57
N ASN P 137 27.37 37.85 -74.12
CA ASN P 137 26.84 37.10 -75.25
C ASN P 137 26.61 37.99 -76.47
N ILE P 138 27.32 39.11 -76.57
CA ILE P 138 27.20 39.95 -77.76
C ILE P 138 27.69 39.19 -78.99
N ASP P 139 28.69 38.31 -78.84
CA ASP P 139 29.14 37.49 -79.97
C ASP P 139 28.09 36.48 -80.43
N ILE P 140 27.04 36.24 -79.63
CA ILE P 140 25.95 35.39 -80.07
C ILE P 140 24.87 36.20 -80.79
N ILE P 141 24.64 37.43 -80.34
CA ILE P 141 23.58 38.26 -80.92
C ILE P 141 24.02 38.82 -82.29
N GLU P 142 25.22 39.40 -82.33
CA GLU P 142 25.64 40.15 -83.53
C GLU P 142 25.56 39.38 -84.84
N PRO P 143 25.91 38.09 -84.92
CA PRO P 143 25.68 37.37 -86.19
C PRO P 143 24.22 37.35 -86.62
N TYR P 144 23.27 37.35 -85.68
CA TYR P 144 21.87 37.44 -86.07
C TYR P 144 21.52 38.85 -86.54
N ALA P 145 22.25 39.85 -86.05
CA ALA P 145 22.04 41.26 -86.33
C ALA P 145 20.57 41.64 -86.26
N PRO P 146 19.88 41.35 -85.15
CA PRO P 146 18.50 41.83 -85.04
C PRO P 146 18.48 43.36 -84.96
N GLU P 147 17.43 43.96 -85.51
CA GLU P 147 17.32 45.41 -85.43
C GLU P 147 16.95 45.86 -84.02
N TYR P 148 16.19 45.06 -83.26
CA TYR P 148 15.69 45.47 -81.96
C TYR P 148 15.97 44.38 -80.93
N MET P 149 16.13 44.80 -79.68
CA MET P 149 16.31 43.90 -78.56
C MET P 149 15.13 44.09 -77.60
N VAL P 150 14.52 42.98 -77.21
CA VAL P 150 13.43 42.96 -76.24
C VAL P 150 13.94 42.23 -75.00
N ILE P 151 14.31 42.99 -73.98
CA ILE P 151 14.88 42.45 -72.75
C ILE P 151 13.74 42.14 -71.80
N LEU P 152 13.65 40.88 -71.36
CA LEU P 152 12.48 40.41 -70.62
C LEU P 152 12.87 39.80 -69.29
N ALA P 153 12.18 40.20 -68.23
CA ALA P 153 12.27 39.47 -66.97
C ALA P 153 11.64 38.09 -67.14
N GLY P 154 12.35 37.06 -66.69
CA GLY P 154 11.87 35.71 -66.88
C GLY P 154 11.18 35.09 -65.69
N ASP P 155 10.78 35.91 -64.71
CA ASP P 155 10.25 35.38 -63.46
C ASP P 155 8.87 35.96 -63.12
N HIS P 156 8.11 36.44 -64.12
CA HIS P 156 6.78 36.98 -63.90
C HIS P 156 5.77 36.30 -64.83
N ILE P 157 4.51 36.31 -64.40
CA ILE P 157 3.42 35.63 -65.09
C ILE P 157 2.49 36.69 -65.66
N TYR P 158 2.45 36.79 -66.99
CA TYR P 158 1.70 37.85 -67.64
C TYR P 158 1.64 37.55 -69.13
N LYS P 159 0.62 38.11 -69.78
CA LYS P 159 0.45 38.03 -71.23
C LYS P 159 0.58 39.43 -71.82
N MET P 160 1.38 39.56 -72.88
CA MET P 160 1.59 40.88 -73.46
C MET P 160 2.05 40.74 -74.90
N ASP P 161 1.51 41.59 -75.77
CA ASP P 161 1.90 41.63 -77.18
C ASP P 161 3.03 42.65 -77.31
N TYR P 162 4.26 42.16 -77.48
CA TYR P 162 5.42 43.04 -77.53
C TYR P 162 5.45 43.93 -78.76
N GLU P 163 4.63 43.64 -79.77
CA GLU P 163 4.65 44.46 -80.98
C GLU P 163 4.20 45.89 -80.69
N TYR P 164 3.31 46.08 -79.70
CA TYR P 164 2.91 47.42 -79.31
C TYR P 164 4.11 48.22 -78.78
N MET P 165 4.94 47.59 -77.94
CA MET P 165 6.13 48.28 -77.43
C MET P 165 7.09 48.62 -78.56
N LEU P 166 7.22 47.71 -79.53
CA LEU P 166 8.16 47.96 -80.64
C LEU P 166 7.73 49.16 -81.46
N GLN P 167 6.44 49.28 -81.76
CA GLN P 167 5.95 50.44 -82.50
C GLN P 167 6.26 51.74 -81.77
N GLN P 168 5.95 51.78 -80.47
CA GLN P 168 6.12 53.01 -79.71
C GLN P 168 7.60 53.37 -79.57
N HIS P 169 8.46 52.37 -79.36
CA HIS P 169 9.89 52.65 -79.27
C HIS P 169 10.41 53.33 -80.53
N VAL P 170 10.01 52.83 -81.70
CA VAL P 170 10.49 53.40 -82.96
C VAL P 170 9.80 54.72 -83.23
N ASP P 171 8.47 54.76 -83.10
CA ASP P 171 7.74 56.00 -83.33
C ASP P 171 8.15 57.09 -82.36
N SER P 172 8.59 56.74 -81.15
CA SER P 172 8.97 57.74 -80.16
C SER P 172 10.40 58.23 -80.33
N GLY P 173 11.23 57.51 -81.10
CA GLY P 173 12.63 57.87 -81.17
C GLY P 173 13.40 57.69 -79.89
N ALA P 174 12.83 57.00 -78.90
CA ALA P 174 13.48 56.85 -77.61
C ALA P 174 14.77 56.03 -77.72
N ASP P 175 15.62 56.16 -76.71
CA ASP P 175 16.76 55.28 -76.56
C ASP P 175 16.37 53.98 -75.88
N VAL P 176 15.54 54.04 -74.83
CA VAL P 176 15.01 52.84 -74.20
C VAL P 176 13.52 53.01 -73.95
N THR P 177 12.77 51.95 -74.22
CA THR P 177 11.36 51.85 -73.94
C THR P 177 11.20 50.86 -72.80
N ILE P 178 10.42 51.22 -71.78
CA ILE P 178 10.34 50.44 -70.55
C ILE P 178 8.88 50.09 -70.29
N GLY P 179 8.61 48.80 -70.09
CA GLY P 179 7.28 48.36 -69.71
C GLY P 179 7.02 48.62 -68.24
N CYS P 180 5.87 49.22 -67.95
CA CYS P 180 5.54 49.62 -66.60
C CYS P 180 4.11 49.23 -66.27
N LEU P 181 3.92 48.71 -65.05
CA LEU P 181 2.59 48.52 -64.49
C LEU P 181 2.06 49.82 -63.92
N GLU P 182 0.77 50.08 -64.15
CA GLU P 182 0.05 51.19 -63.54
C GLU P 182 -0.53 50.71 -62.22
N VAL P 183 0.06 51.13 -61.11
CA VAL P 183 -0.21 50.57 -59.78
C VAL P 183 -0.59 51.67 -58.80
N PRO P 184 -1.53 51.43 -57.89
CA PRO P 184 -1.75 52.39 -56.80
C PRO P 184 -0.45 52.62 -56.03
N ARG P 185 -0.24 53.86 -55.60
CA ARG P 185 1.09 54.28 -55.18
C ARG P 185 1.62 53.48 -54.00
N MET P 186 0.75 53.17 -53.02
CA MET P 186 1.25 52.47 -51.84
C MET P 186 1.83 51.11 -52.20
N GLU P 187 1.20 50.41 -53.14
CA GLU P 187 1.75 49.15 -53.61
C GLU P 187 3.04 49.34 -54.40
N ALA P 188 3.25 50.53 -54.98
CA ALA P 188 4.46 50.80 -55.74
C ALA P 188 5.69 50.93 -54.86
N THR P 189 5.51 50.93 -53.52
CA THR P 189 6.64 51.02 -52.60
C THR P 189 7.62 49.87 -52.76
N GLY P 190 7.19 48.74 -53.32
CA GLY P 190 8.07 47.61 -53.48
C GLY P 190 8.75 47.50 -54.82
N PHE P 191 8.53 48.44 -55.72
CA PHE P 191 9.01 48.39 -57.09
C PHE P 191 10.12 49.39 -57.32
N GLY P 192 10.80 49.23 -58.46
CA GLY P 192 11.49 50.34 -59.08
C GLY P 192 10.46 51.17 -59.82
N VAL P 193 10.46 52.47 -59.57
CA VAL P 193 9.42 53.37 -60.07
C VAL P 193 10.06 54.42 -60.97
N MET P 194 9.42 54.67 -62.12
CA MET P 194 9.82 55.70 -63.09
C MET P 194 8.92 56.92 -62.90
N HIS P 195 9.54 58.06 -62.56
CA HIS P 195 8.84 59.35 -62.57
C HIS P 195 8.76 59.85 -64.01
N VAL P 196 7.54 60.20 -64.46
CA VAL P 196 7.33 60.61 -65.85
C VAL P 196 6.58 61.93 -65.90
N ASN P 197 6.69 62.59 -67.04
CA ASN P 197 5.95 63.80 -67.35
C ASN P 197 4.65 63.40 -68.05
N GLU P 198 3.95 64.41 -68.61
CA GLU P 198 2.66 64.17 -69.22
C GLU P 198 2.78 63.29 -70.46
N LYS P 199 3.84 63.49 -71.24
CA LYS P 199 4.05 62.70 -72.45
C LYS P 199 4.63 61.32 -72.18
N ASP P 200 4.46 60.79 -70.96
CA ASP P 200 4.95 59.46 -70.55
C ASP P 200 6.44 59.28 -70.78
N GLU P 201 7.18 60.39 -70.84
CA GLU P 201 8.63 60.36 -70.87
C GLU P 201 9.16 60.31 -69.45
N ILE P 202 10.02 59.33 -69.16
CA ILE P 202 10.55 59.15 -67.81
C ILE P 202 11.52 60.28 -67.51
N ILE P 203 11.35 60.91 -66.35
CA ILE P 203 12.27 61.95 -65.89
C ILE P 203 13.17 61.48 -64.75
N ASP P 204 12.86 60.36 -64.10
CA ASP P 204 13.64 59.88 -62.98
C ASP P 204 13.22 58.46 -62.63
N PHE P 205 14.11 57.75 -61.94
CA PHE P 205 13.89 56.39 -61.46
C PHE P 205 14.28 56.29 -60.00
N ILE P 206 13.46 55.60 -59.21
CA ILE P 206 13.73 55.39 -57.79
C ILE P 206 13.45 53.94 -57.45
N GLU P 207 14.38 53.31 -56.74
CA GLU P 207 14.23 51.92 -56.31
C GLU P 207 13.56 51.88 -54.94
N LYS P 208 12.40 51.22 -54.88
CA LYS P 208 11.54 51.17 -53.70
C LYS P 208 11.41 52.55 -53.06
N PRO P 209 10.74 53.49 -53.70
CA PRO P 209 10.56 54.82 -53.10
C PRO P 209 9.56 54.75 -51.95
N ALA P 210 9.92 55.38 -50.83
CA ALA P 210 9.02 55.42 -49.68
C ALA P 210 7.70 56.08 -50.04
N ASP P 211 7.76 57.11 -50.88
CA ASP P 211 6.56 57.78 -51.40
C ASP P 211 6.71 57.86 -52.91
N PRO P 212 6.08 56.96 -53.64
CA PRO P 212 6.33 56.84 -55.08
C PRO P 212 5.80 58.04 -55.84
N PRO P 213 6.58 58.54 -56.80
CA PRO P 213 6.11 59.66 -57.64
C PRO P 213 4.88 59.25 -58.44
N GLY P 214 3.84 60.06 -58.35
CA GLY P 214 2.61 59.76 -59.05
C GLY P 214 2.63 60.16 -60.51
N ILE P 215 1.73 59.57 -61.26
CA ILE P 215 1.57 59.95 -62.67
C ILE P 215 0.96 61.32 -62.77
N PRO P 216 1.45 62.21 -63.64
CA PRO P 216 0.79 63.52 -63.80
C PRO P 216 -0.67 63.35 -64.23
N GLY P 217 -1.54 64.14 -63.61
CA GLY P 217 -2.95 64.12 -63.93
C GLY P 217 -3.77 63.06 -63.24
N ASN P 218 -3.15 61.96 -62.80
CA ASN P 218 -3.80 60.95 -61.96
C ASN P 218 -2.71 60.58 -60.94
N GLU P 219 -2.61 61.41 -59.90
CA GLU P 219 -1.57 61.21 -58.89
C GLU P 219 -1.92 60.04 -57.98
N GLY P 220 -2.98 59.31 -58.28
CA GLY P 220 -3.30 58.15 -57.49
C GLY P 220 -2.54 56.91 -57.83
N PHE P 221 -1.70 56.96 -58.87
CA PHE P 221 -1.03 55.78 -59.36
C PHE P 221 0.42 56.12 -59.67
N ALA P 222 1.27 55.10 -59.60
CA ALA P 222 2.67 55.21 -59.98
C ALA P 222 2.97 54.23 -61.10
N LEU P 223 4.03 54.52 -61.85
CA LEU P 223 4.48 53.65 -62.92
C LEU P 223 5.53 52.69 -62.35
N ALA P 224 5.17 51.41 -62.29
CA ALA P 224 6.02 50.39 -61.70
C ALA P 224 6.70 49.59 -62.80
N SER P 225 8.02 49.52 -62.77
CA SER P 225 8.76 48.93 -63.86
C SER P 225 8.67 47.42 -63.82
N MET P 226 8.39 46.83 -64.98
CA MET P 226 8.21 45.39 -65.13
C MET P 226 9.52 44.65 -65.36
N GLY P 227 10.61 45.35 -65.64
CA GLY P 227 11.84 44.71 -66.05
C GLY P 227 11.92 44.42 -67.54
N ILE P 228 11.08 45.07 -68.34
CA ILE P 228 11.00 44.86 -69.77
C ILE P 228 11.53 46.12 -70.47
N TYR P 229 12.57 45.95 -71.27
CA TYR P 229 13.20 47.07 -71.97
C TYR P 229 13.30 46.76 -73.44
N VAL P 230 13.06 47.77 -74.27
CA VAL P 230 13.21 47.68 -75.72
C VAL P 230 14.27 48.68 -76.14
N PHE P 231 15.25 48.23 -76.91
CA PHE P 231 16.33 49.04 -77.45
C PHE P 231 16.41 48.85 -78.95
N HIS P 232 17.19 49.72 -79.59
CA HIS P 232 17.86 49.35 -80.83
C HIS P 232 19.09 48.53 -80.47
N THR P 233 19.25 47.38 -81.13
CA THR P 233 20.37 46.49 -80.80
C THR P 233 21.70 47.24 -80.79
N LYS P 234 21.93 48.11 -81.79
CA LYS P 234 23.20 48.84 -81.86
C LYS P 234 23.38 49.76 -80.66
N PHE P 235 22.37 50.58 -80.36
CA PHE P 235 22.42 51.42 -79.17
C PHE P 235 22.68 50.56 -77.92
N LEU P 236 22.00 49.41 -77.84
CA LEU P 236 22.19 48.53 -76.69
C LEU P 236 23.64 48.11 -76.59
N MET P 237 24.19 47.54 -77.67
CA MET P 237 25.53 46.96 -77.64
C MET P 237 26.56 47.94 -77.10
N GLU P 238 26.51 49.20 -77.54
CA GLU P 238 27.44 50.19 -77.04
C GLU P 238 27.20 50.48 -75.56
N ALA P 239 25.93 50.54 -75.15
CA ALA P 239 25.63 50.79 -73.74
C ALA P 239 26.17 49.69 -72.85
N LEU P 240 26.04 48.41 -73.27
CA LEU P 240 26.66 47.33 -72.50
C LEU P 240 28.17 47.51 -72.45
N ARG P 241 28.80 47.77 -73.61
CA ARG P 241 30.23 48.00 -73.65
C ARG P 241 30.63 49.17 -72.77
N ARG P 242 29.83 50.24 -72.76
CA ARG P 242 30.07 51.34 -71.84
C ARG P 242 29.88 50.90 -70.40
N ASP P 243 28.96 49.96 -70.15
CA ASP P 243 28.73 49.47 -68.80
C ASP P 243 29.88 48.59 -68.32
N ALA P 244 30.39 47.73 -69.20
CA ALA P 244 31.46 46.82 -68.83
C ALA P 244 32.80 47.52 -68.64
N ALA P 245 32.94 48.76 -69.09
CA ALA P 245 34.14 49.54 -68.83
C ALA P 245 34.02 50.40 -67.57
N ASP P 246 32.81 50.59 -67.06
CA ASP P 246 32.56 51.52 -65.97
C ASP P 246 32.61 50.77 -64.65
N PRO P 247 33.51 51.11 -63.74
CA PRO P 247 33.56 50.43 -62.44
C PRO P 247 32.51 50.89 -61.44
N THR P 248 31.87 52.05 -61.65
CA THR P 248 30.77 52.43 -60.78
C THR P 248 29.54 51.56 -60.97
N SER P 249 29.52 50.74 -62.03
CA SER P 249 28.33 50.00 -62.42
C SER P 249 28.30 48.62 -61.75
N SER P 250 27.16 48.29 -61.15
CA SER P 250 26.93 46.94 -60.64
C SER P 250 26.45 45.97 -61.73
N ARG P 251 26.59 46.35 -63.01
CA ARG P 251 26.28 45.48 -64.15
C ARG P 251 24.82 45.06 -64.17
N ASP P 252 23.92 45.99 -63.81
CA ASP P 252 22.50 45.70 -63.67
C ASP P 252 21.69 46.61 -64.58
N PHE P 253 20.76 46.00 -65.33
CA PHE P 253 19.90 46.76 -66.23
C PHE P 253 19.14 47.84 -65.49
N GLY P 254 18.44 47.47 -64.41
CA GLY P 254 17.58 48.42 -63.72
C GLY P 254 18.35 49.45 -62.92
N LYS P 255 19.51 49.06 -62.38
CA LYS P 255 20.29 49.94 -61.54
C LYS P 255 21.27 50.82 -62.32
N ASP P 256 21.84 50.31 -63.42
CA ASP P 256 22.96 50.95 -64.09
C ASP P 256 22.69 51.31 -65.55
N ILE P 257 22.02 50.43 -66.32
CA ILE P 257 21.79 50.72 -67.74
C ILE P 257 20.69 51.78 -67.92
N ILE P 258 19.54 51.60 -67.27
CA ILE P 258 18.35 52.46 -67.45
C ILE P 258 18.49 53.84 -66.77
N PRO P 259 18.82 53.95 -65.46
CA PRO P 259 19.32 55.23 -64.93
C PRO P 259 20.24 56.05 -65.83
N TYR P 260 21.32 55.48 -66.38
CA TYR P 260 22.18 56.26 -67.26
C TYR P 260 21.39 56.87 -68.40
N ILE P 261 20.50 56.08 -69.00
CA ILE P 261 19.77 56.53 -70.18
C ILE P 261 18.74 57.60 -69.81
N VAL P 262 18.01 57.41 -68.70
CA VAL P 262 17.04 58.43 -68.31
C VAL P 262 17.74 59.74 -67.96
N GLU P 263 19.03 59.69 -67.61
CA GLU P 263 19.79 60.91 -67.39
C GLU P 263 20.20 61.57 -68.70
N HIS P 264 21.06 60.90 -69.48
CA HIS P 264 21.70 61.51 -70.64
C HIS P 264 20.99 61.25 -71.96
N GLY P 265 19.99 60.36 -71.99
CA GLY P 265 19.26 60.07 -73.20
C GLY P 265 17.76 60.12 -73.00
N LYS P 266 16.99 59.51 -73.92
CA LYS P 266 15.54 59.54 -73.87
C LYS P 266 15.03 58.17 -73.44
N ALA P 267 14.38 58.13 -72.28
CA ALA P 267 13.75 56.92 -71.75
C ALA P 267 12.26 57.20 -71.56
N VAL P 268 11.42 56.42 -72.24
CA VAL P 268 9.97 56.60 -72.20
C VAL P 268 9.32 55.30 -71.72
N ALA P 269 8.15 55.46 -71.11
CA ALA P 269 7.49 54.37 -70.40
C ALA P 269 6.30 53.86 -71.21
N HIS P 270 6.23 52.55 -71.36
CA HIS P 270 5.08 51.90 -71.98
C HIS P 270 4.24 51.25 -70.90
N ARG P 271 2.93 51.45 -70.96
CA ARG P 271 2.01 51.00 -69.93
C ARG P 271 1.46 49.62 -70.26
N PHE P 272 1.60 48.69 -69.32
CA PHE P 272 1.13 47.31 -69.43
C PHE P 272 -0.26 47.21 -70.03
N ALA P 273 -1.16 48.11 -69.60
CA ALA P 273 -2.56 48.03 -70.02
C ALA P 273 -2.72 48.27 -71.50
N ASP P 274 -1.81 49.02 -72.13
CA ASP P 274 -1.89 49.23 -73.57
C ASP P 274 -1.61 47.94 -74.33
N SER P 275 -0.72 47.09 -73.81
CA SER P 275 -0.20 45.95 -74.55
C SER P 275 -0.68 44.60 -74.02
N CYS P 276 -1.25 44.57 -72.83
CA CYS P 276 -1.65 43.31 -72.20
C CYS P 276 -2.69 42.58 -73.05
N VAL P 277 -2.60 41.25 -73.06
CA VAL P 277 -3.54 40.41 -73.78
C VAL P 277 -4.49 39.82 -72.76
N ARG P 278 -5.73 40.31 -72.76
CA ARG P 278 -6.78 39.78 -71.91
C ARG P 278 -7.70 38.90 -72.74
N SER P 279 -7.98 37.70 -72.25
CA SER P 279 -9.07 36.94 -72.83
C SER P 279 -10.40 37.55 -72.37
N ASP P 280 -11.49 37.12 -73.01
CA ASP P 280 -12.81 37.65 -72.67
C ASP P 280 -13.28 37.21 -71.28
N PHE P 281 -12.48 36.45 -70.54
CA PHE P 281 -12.84 35.98 -69.20
C PHE P 281 -11.89 36.51 -68.14
N GLU P 282 -11.14 37.57 -68.45
CA GLU P 282 -10.22 38.18 -67.50
C GLU P 282 -10.62 39.63 -67.31
N HIS P 283 -11.14 39.94 -66.12
CA HIS P 283 -11.74 41.25 -65.86
C HIS P 283 -10.73 42.38 -65.80
N GLU P 284 -9.44 42.08 -65.78
CA GLU P 284 -8.42 43.13 -65.70
C GLU P 284 -7.10 42.58 -66.19
N PRO P 285 -6.16 43.44 -66.57
CA PRO P 285 -4.82 42.96 -66.93
C PRO P 285 -4.19 42.14 -65.82
N TYR P 286 -3.57 41.02 -66.19
CA TYR P 286 -3.05 40.05 -65.24
C TYR P 286 -1.53 40.14 -65.22
N TRP P 287 -0.97 40.36 -64.03
CA TRP P 287 0.47 40.34 -63.83
C TRP P 287 0.74 39.94 -62.39
N ARG P 288 1.48 38.86 -62.21
CA ARG P 288 1.92 38.39 -60.90
C ARG P 288 3.41 38.14 -60.94
N ASP P 289 4.08 38.41 -59.82
CA ASP P 289 5.49 38.06 -59.68
C ASP P 289 5.70 36.93 -58.68
N VAL P 290 4.63 36.48 -58.02
CA VAL P 290 4.63 35.49 -56.95
C VAL P 290 5.99 35.38 -56.24
N GLY P 291 6.50 36.50 -55.73
CA GLY P 291 7.81 36.49 -55.12
C GLY P 291 7.86 35.85 -53.73
N THR P 292 6.71 35.65 -53.10
CA THR P 292 6.66 35.07 -51.77
C THR P 292 5.81 33.80 -51.78
N ILE P 293 6.08 32.94 -50.79
CA ILE P 293 5.33 31.69 -50.66
C ILE P 293 3.84 31.98 -50.56
N ASP P 294 3.48 33.04 -49.84
CA ASP P 294 2.09 33.50 -49.82
C ASP P 294 1.60 33.86 -51.21
N ALA P 295 2.31 34.77 -51.88
CA ALA P 295 1.89 35.21 -53.20
C ALA P 295 1.82 34.05 -54.18
N TYR P 296 2.80 33.14 -54.12
CA TYR P 296 2.80 31.96 -54.99
C TYR P 296 1.59 31.08 -54.74
N TRP P 297 1.36 30.73 -53.47
CA TRP P 297 0.21 29.91 -53.12
C TRP P 297 -1.09 30.57 -53.54
N GLN P 298 -1.22 31.87 -53.29
CA GLN P 298 -2.47 32.56 -53.59
C GLN P 298 -2.76 32.54 -55.08
N ALA P 299 -1.75 32.87 -55.90
CA ALA P 299 -1.95 32.91 -57.34
C ALA P 299 -2.36 31.54 -57.87
N ASN P 300 -1.70 30.47 -57.41
CA ASN P 300 -2.10 29.12 -57.79
C ASN P 300 -3.52 28.82 -57.33
N ILE P 301 -3.83 29.06 -56.05
CA ILE P 301 -5.14 28.69 -55.51
C ILE P 301 -6.26 29.48 -56.19
N ASP P 302 -5.99 30.74 -56.53
CA ASP P 302 -7.03 31.56 -57.16
C ASP P 302 -7.55 30.96 -58.45
N LEU P 303 -6.78 30.08 -59.10
CA LEU P 303 -7.24 29.44 -60.33
C LEU P 303 -8.40 28.49 -60.08
N THR P 304 -8.64 28.09 -58.83
CA THR P 304 -9.78 27.26 -58.50
C THR P 304 -11.06 28.06 -58.33
N ASP P 305 -11.03 29.37 -58.54
CA ASP P 305 -12.25 30.16 -58.37
C ASP P 305 -13.25 29.83 -59.47
N VAL P 306 -14.52 30.18 -59.22
CA VAL P 306 -15.54 30.09 -60.25
C VAL P 306 -15.14 30.93 -61.46
N VAL P 307 -14.79 32.19 -61.23
CA VAL P 307 -14.34 33.10 -62.28
C VAL P 307 -12.92 33.56 -61.94
N PRO P 308 -11.89 32.83 -62.37
CA PRO P 308 -10.52 33.20 -62.00
C PRO P 308 -10.02 34.43 -62.74
N ASP P 309 -9.03 35.09 -62.12
CA ASP P 309 -8.41 36.26 -62.73
C ASP P 309 -7.58 35.88 -63.96
N LEU P 310 -6.87 34.75 -63.89
CA LEU P 310 -6.16 34.19 -65.03
C LEU P 310 -7.03 33.12 -65.68
N ASP P 311 -7.20 33.20 -66.99
CA ASP P 311 -7.97 32.22 -67.74
C ASP P 311 -6.99 31.26 -68.41
N ILE P 312 -6.75 30.10 -67.78
CA ILE P 312 -5.84 29.10 -68.33
C ILE P 312 -6.48 28.27 -69.43
N TYR P 313 -7.72 28.55 -69.80
CA TYR P 313 -8.38 27.81 -70.87
C TYR P 313 -8.49 28.62 -72.16
N ASP P 314 -7.83 29.78 -72.20
CA ASP P 314 -7.80 30.59 -73.41
C ASP P 314 -6.90 29.95 -74.46
N LYS P 315 -7.32 30.02 -75.72
CA LYS P 315 -6.51 29.54 -76.83
C LYS P 315 -6.01 30.64 -77.74
N SER P 316 -6.46 31.89 -77.53
CA SER P 316 -6.10 32.98 -78.42
C SER P 316 -4.67 33.47 -78.18
N TRP P 317 -4.18 33.38 -76.94
CA TRP P 317 -2.80 33.75 -76.61
C TRP P 317 -2.19 32.60 -75.82
N PRO P 318 -1.86 31.49 -76.50
CA PRO P 318 -1.56 30.26 -75.79
C PRO P 318 -0.18 30.26 -75.13
N ILE P 319 -0.07 29.50 -74.05
CA ILE P 319 1.17 29.36 -73.30
C ILE P 319 1.80 28.04 -73.72
N TRP P 320 2.88 28.10 -74.49
CA TRP P 320 3.63 26.89 -74.75
C TRP P 320 4.44 26.48 -73.53
N THR P 321 4.64 25.18 -73.39
CA THR P 321 5.46 24.64 -72.32
C THR P 321 5.91 23.25 -72.76
N TYR P 322 6.71 22.60 -71.93
CA TYR P 322 7.04 21.20 -72.16
C TYR P 322 5.93 20.34 -71.55
N ALA P 323 5.22 19.61 -72.40
CA ALA P 323 4.21 18.64 -71.96
C ALA P 323 4.48 17.31 -72.64
N GLU P 324 4.28 16.23 -71.88
CA GLU P 324 4.31 14.90 -72.44
C GLU P 324 2.91 14.30 -72.48
N ILE P 325 2.79 13.21 -73.22
CA ILE P 325 1.53 12.48 -73.27
C ILE P 325 1.27 11.87 -71.91
N THR P 326 0.20 12.30 -71.25
CA THR P 326 -0.11 11.78 -69.92
C THR P 326 -1.51 11.20 -69.89
N PRO P 327 -1.69 10.07 -69.20
CA PRO P 327 -3.02 9.49 -69.05
C PRO P 327 -3.94 10.44 -68.31
N PRO P 328 -5.26 10.24 -68.40
CA PRO P 328 -6.18 11.17 -67.75
C PRO P 328 -6.18 11.04 -66.23
N ALA P 329 -6.95 11.87 -65.56
CA ALA P 329 -7.14 11.76 -64.13
C ALA P 329 -8.19 10.71 -63.80
N LYS P 330 -8.06 10.12 -62.61
CA LYS P 330 -8.93 9.04 -62.18
C LYS P 330 -9.36 9.29 -60.73
N PHE P 331 -10.62 9.00 -60.42
CA PHE P 331 -11.14 9.07 -59.06
C PHE P 331 -11.82 7.75 -58.73
N VAL P 332 -11.35 7.07 -57.70
CA VAL P 332 -11.87 5.76 -57.34
C VAL P 332 -12.35 5.78 -55.90
N HIS P 333 -13.19 4.78 -55.57
CA HIS P 333 -13.77 4.54 -54.25
C HIS P 333 -14.91 5.51 -53.96
N ASP P 334 -15.99 4.95 -53.43
CA ASP P 334 -17.20 5.69 -53.16
C ASP P 334 -18.08 4.89 -52.20
N ASP P 335 -17.59 4.63 -51.00
CA ASP P 335 -18.39 3.94 -50.00
C ASP P 335 -18.62 4.88 -48.81
N GLU P 336 -19.16 4.32 -47.74
CA GLU P 336 -19.54 5.09 -46.56
C GLU P 336 -18.34 5.75 -45.90
N ASP P 337 -17.14 5.17 -46.04
CA ASP P 337 -15.96 5.63 -45.34
C ASP P 337 -14.99 6.41 -46.22
N ARG P 338 -14.97 6.17 -47.53
CA ARG P 338 -14.00 6.83 -48.39
C ARG P 338 -14.60 7.06 -49.77
N ARG P 339 -14.24 8.19 -50.37
CA ARG P 339 -14.68 8.54 -51.71
C ARG P 339 -13.62 9.42 -52.34
N GLY P 340 -13.09 9.01 -53.48
CA GLY P 340 -12.19 9.86 -54.22
C GLY P 340 -12.94 10.88 -55.02
N SER P 341 -12.71 12.17 -54.76
CA SER P 341 -13.37 13.20 -55.54
C SER P 341 -12.71 14.54 -55.26
N ALA P 342 -12.94 15.48 -56.17
CA ALA P 342 -12.42 16.84 -56.09
C ALA P 342 -13.58 17.80 -56.26
N VAL P 343 -13.65 18.81 -55.39
CA VAL P 343 -14.66 19.86 -55.52
C VAL P 343 -13.95 21.22 -55.42
N SER P 344 -14.38 22.15 -56.26
CA SER P 344 -13.74 23.47 -56.39
C SER P 344 -12.23 23.33 -56.57
N SER P 345 -11.84 22.40 -57.44
CA SER P 345 -10.42 22.08 -57.59
C SER P 345 -10.03 22.02 -59.06
N VAL P 346 -8.72 22.15 -59.29
CA VAL P 346 -8.10 21.98 -60.59
C VAL P 346 -7.24 20.74 -60.51
N VAL P 347 -7.45 19.78 -61.41
CA VAL P 347 -6.76 18.50 -61.37
C VAL P 347 -6.12 18.23 -62.73
N SER P 348 -4.84 17.85 -62.71
CA SER P 348 -4.08 17.58 -63.92
C SER P 348 -4.15 16.10 -64.31
N GLY P 349 -3.56 15.78 -65.45
CA GLY P 349 -3.51 14.42 -65.91
C GLY P 349 -2.64 13.55 -65.02
N ASP P 350 -2.74 12.24 -65.24
CA ASP P 350 -1.98 11.24 -64.50
C ASP P 350 -2.07 11.49 -62.99
N CYS P 351 -3.24 11.92 -62.54
CA CYS P 351 -3.55 12.08 -61.13
C CYS P 351 -4.55 10.99 -60.79
N ILE P 352 -4.25 10.13 -59.82
CA ILE P 352 -5.18 9.11 -59.37
C ILE P 352 -5.63 9.49 -57.96
N ILE P 353 -6.90 9.86 -57.81
CA ILE P 353 -7.45 10.32 -56.54
C ILE P 353 -8.24 9.15 -55.94
N SER P 354 -7.58 8.41 -55.04
CA SER P 354 -8.07 7.11 -54.57
C SER P 354 -8.59 7.26 -53.14
N GLY P 355 -9.92 7.33 -53.01
CA GLY P 355 -10.51 7.48 -51.69
C GLY P 355 -10.13 8.74 -50.95
N ALA P 356 -9.60 9.74 -51.67
CA ALA P 356 -9.13 10.99 -51.10
C ALA P 356 -10.07 12.13 -51.47
N ALA P 357 -10.19 13.10 -50.57
CA ALA P 357 -11.08 14.25 -50.75
C ALA P 357 -10.25 15.49 -51.03
N LEU P 358 -10.52 16.14 -52.15
CA LEU P 358 -9.86 17.40 -52.50
C LEU P 358 -10.90 18.52 -52.53
N ASN P 359 -10.54 19.66 -51.94
CA ASN P 359 -11.37 20.85 -51.97
C ASN P 359 -10.49 22.09 -52.09
N ARG P 360 -10.88 22.99 -52.98
CA ARG P 360 -10.14 24.22 -53.27
C ARG P 360 -8.64 23.95 -53.37
N SER P 361 -8.28 22.96 -54.16
CA SER P 361 -6.89 22.58 -54.30
C SER P 361 -6.55 22.50 -55.78
N LEU P 362 -5.29 22.75 -56.09
CA LEU P 362 -4.78 22.60 -57.46
C LEU P 362 -3.71 21.51 -57.43
N LEU P 363 -3.86 20.51 -58.30
CA LEU P 363 -2.92 19.42 -58.43
C LEU P 363 -2.24 19.47 -59.78
N PHE P 364 -0.91 19.43 -59.77
CA PHE P 364 -0.12 19.24 -60.98
C PHE P 364 -0.15 17.78 -61.39
N THR P 365 0.56 17.46 -62.48
N THR P 365 0.52 17.45 -62.51
CA THR P 365 0.52 16.11 -63.05
CA THR P 365 0.47 16.09 -63.03
C THR P 365 1.21 15.10 -62.14
C THR P 365 1.15 15.10 -62.08
N GLY P 366 0.68 13.87 -62.10
CA GLY P 366 1.36 12.77 -61.43
C GLY P 366 0.99 12.53 -59.98
N VAL P 367 0.04 13.28 -59.42
CA VAL P 367 -0.26 13.17 -57.99
C VAL P 367 -0.95 11.84 -57.70
N ARG P 368 -0.53 11.18 -56.62
CA ARG P 368 -1.20 9.98 -56.11
C ARG P 368 -1.74 10.30 -54.73
N ALA P 369 -3.06 10.43 -54.61
CA ALA P 369 -3.71 10.73 -53.33
C ALA P 369 -4.49 9.49 -52.90
N ASN P 370 -4.19 9.00 -51.70
CA ASN P 370 -4.67 7.69 -51.29
C ASN P 370 -5.77 7.78 -50.23
N SER P 371 -6.27 6.62 -49.85
CA SER P 371 -7.57 6.52 -49.17
C SER P 371 -7.60 7.29 -47.85
N TYR P 372 -8.71 7.99 -47.63
CA TYR P 372 -9.03 8.73 -46.41
C TYR P 372 -8.15 9.94 -46.19
N SER P 373 -7.30 10.30 -47.14
CA SER P 373 -6.58 11.55 -47.03
C SER P 373 -7.46 12.72 -47.46
N ARG P 374 -7.12 13.92 -46.98
CA ARG P 374 -7.89 15.12 -47.28
C ARG P 374 -6.95 16.24 -47.73
N LEU P 375 -7.28 16.90 -48.84
CA LEU P 375 -6.61 18.11 -49.28
C LEU P 375 -7.59 19.27 -49.20
N GLU P 376 -7.17 20.35 -48.58
CA GLU P 376 -7.92 21.59 -48.64
C GLU P 376 -6.96 22.76 -48.78
N ASN P 377 -7.27 23.67 -49.69
CA ASN P 377 -6.43 24.84 -49.93
C ASN P 377 -4.99 24.43 -50.20
N ALA P 378 -4.83 23.35 -50.96
CA ALA P 378 -3.52 22.77 -51.23
C ALA P 378 -3.08 23.07 -52.65
N VAL P 379 -1.85 23.54 -52.80
CA VAL P 379 -1.19 23.58 -54.10
C VAL P 379 -0.18 22.45 -54.11
N VAL P 380 -0.39 21.47 -54.99
CA VAL P 380 0.35 20.22 -55.00
C VAL P 380 1.16 20.12 -56.29
N LEU P 381 2.47 20.16 -56.18
CA LEU P 381 3.37 20.13 -57.34
C LEU P 381 3.48 18.71 -57.87
N PRO P 382 4.11 18.52 -59.04
CA PRO P 382 3.97 17.23 -59.72
C PRO P 382 4.51 16.05 -58.92
N SER P 383 3.90 14.89 -59.17
CA SER P 383 4.39 13.59 -58.71
C SER P 383 4.41 13.46 -57.19
N VAL P 384 3.53 14.19 -56.51
CA VAL P 384 3.45 14.11 -55.06
C VAL P 384 2.57 12.94 -54.67
N LYS P 385 2.98 12.19 -53.65
CA LYS P 385 2.19 11.08 -53.13
C LYS P 385 1.65 11.46 -51.76
N ILE P 386 0.34 11.30 -51.56
CA ILE P 386 -0.32 11.61 -50.31
C ILE P 386 -0.71 10.28 -49.67
N GLY P 387 -0.05 9.93 -48.56
CA GLY P 387 -0.34 8.67 -47.90
C GLY P 387 -1.72 8.64 -47.27
N ARG P 388 -2.17 7.42 -46.97
CA ARG P 388 -3.48 7.22 -46.38
C ARG P 388 -3.65 8.01 -45.09
N HIS P 389 -4.84 8.59 -44.91
CA HIS P 389 -5.29 9.28 -43.70
C HIS P 389 -4.61 10.61 -43.44
N ALA P 390 -3.73 11.08 -44.33
CA ALA P 390 -3.13 12.39 -44.15
C ALA P 390 -4.19 13.48 -44.33
N GLN P 391 -3.97 14.62 -43.69
CA GLN P 391 -4.91 15.74 -43.78
C GLN P 391 -4.11 17.03 -43.83
N LEU P 392 -4.05 17.66 -45.01
CA LEU P 392 -3.23 18.84 -45.25
C LEU P 392 -4.10 20.01 -45.67
N SER P 393 -3.88 21.18 -45.05
CA SER P 393 -4.65 22.39 -45.35
C SER P 393 -3.72 23.59 -45.44
N ASN P 394 -4.00 24.46 -46.43
CA ASN P 394 -3.24 25.69 -46.65
C ASN P 394 -1.75 25.37 -46.82
N VAL P 395 -1.45 24.50 -47.78
CA VAL P 395 -0.09 24.05 -47.99
C VAL P 395 0.32 24.27 -49.43
N VAL P 396 1.64 24.39 -49.62
CA VAL P 396 2.29 24.23 -50.92
C VAL P 396 3.22 23.03 -50.76
N ILE P 397 2.97 21.98 -51.53
CA ILE P 397 3.76 20.77 -51.46
C ILE P 397 4.73 20.72 -52.62
N ASP P 398 6.02 20.62 -52.30
CA ASP P 398 7.10 20.58 -53.27
C ASP P 398 6.96 19.40 -54.23
N HIS P 399 7.63 19.53 -55.38
CA HIS P 399 7.68 18.48 -56.40
C HIS P 399 8.13 17.16 -55.80
N GLY P 400 7.44 16.09 -56.17
CA GLY P 400 7.87 14.74 -55.82
C GLY P 400 7.83 14.38 -54.35
N VAL P 401 7.25 15.22 -53.51
CA VAL P 401 7.24 14.96 -52.07
C VAL P 401 6.34 13.79 -51.75
N VAL P 402 6.79 12.92 -50.86
CA VAL P 402 6.01 11.78 -50.38
C VAL P 402 5.52 12.13 -48.98
N ILE P 403 4.22 12.35 -48.84
CA ILE P 403 3.62 12.76 -47.57
C ILE P 403 3.28 11.50 -46.78
N PRO P 404 3.86 11.29 -45.60
CA PRO P 404 3.65 10.02 -44.89
C PRO P 404 2.19 9.85 -44.46
N GLU P 405 1.79 8.58 -44.35
CA GLU P 405 0.44 8.27 -43.90
C GLU P 405 0.16 8.88 -42.54
N GLY P 406 -0.98 9.55 -42.43
CA GLY P 406 -1.42 10.12 -41.17
C GLY P 406 -0.89 11.51 -40.85
N LEU P 407 -0.12 12.13 -41.73
CA LEU P 407 0.41 13.45 -41.43
C LEU P 407 -0.72 14.47 -41.36
N ILE P 408 -0.57 15.43 -40.46
CA ILE P 408 -1.55 16.51 -40.28
C ILE P 408 -0.81 17.82 -40.40
N VAL P 409 -1.35 18.73 -41.21
CA VAL P 409 -0.82 20.07 -41.36
C VAL P 409 -1.98 21.04 -41.33
N GLY P 410 -1.78 22.19 -40.71
CA GLY P 410 -2.80 23.22 -40.67
C GLY P 410 -3.72 23.17 -39.49
N GLU P 411 -3.53 22.21 -38.58
CA GLU P 411 -4.32 22.14 -37.37
C GLU P 411 -3.58 22.72 -36.18
N ASP P 412 -2.27 22.55 -36.14
CA ASP P 412 -1.43 23.00 -35.02
C ASP P 412 -0.38 23.95 -35.56
N PRO P 413 -0.58 25.27 -35.44
CA PRO P 413 0.37 26.22 -36.03
C PRO P 413 1.79 26.07 -35.49
N GLU P 414 1.95 25.83 -34.19
CA GLU P 414 3.29 25.69 -33.63
C GLU P 414 3.95 24.39 -34.07
N LEU P 415 3.19 23.30 -34.12
CA LEU P 415 3.72 22.04 -34.65
C LEU P 415 4.12 22.19 -36.10
N ASP P 416 3.26 22.85 -36.89
CA ASP P 416 3.56 23.03 -38.31
C ASP P 416 4.79 23.89 -38.51
N ALA P 417 4.95 24.94 -37.71
CA ALA P 417 6.07 25.86 -37.92
C ALA P 417 7.41 25.20 -37.59
N LYS P 418 7.43 24.34 -36.57
CA LYS P 418 8.68 23.65 -36.23
C LYS P 418 9.06 22.63 -37.29
N ARG P 419 8.09 22.04 -37.97
CA ARG P 419 8.40 21.00 -38.95
C ARG P 419 8.65 21.57 -40.34
N PHE P 420 7.93 22.62 -40.74
CA PHE P 420 7.97 23.11 -42.10
C PHE P 420 8.18 24.62 -42.13
N ARG P 421 8.48 25.12 -43.32
CA ARG P 421 8.48 26.55 -43.61
C ARG P 421 7.06 27.08 -43.54
N ARG P 422 6.61 27.52 -42.37
CA ARG P 422 5.28 28.08 -42.22
C ARG P 422 5.37 29.59 -42.35
N THR P 423 4.52 30.14 -43.19
CA THR P 423 4.44 31.58 -43.39
C THR P 423 3.63 32.22 -42.27
N GLU P 424 3.79 33.55 -42.12
CA GLU P 424 3.01 34.26 -41.11
C GLU P 424 1.52 34.18 -41.42
N SER P 425 1.14 34.00 -42.68
CA SER P 425 -0.27 33.96 -43.02
C SER P 425 -0.89 32.59 -42.80
N GLY P 426 -0.10 31.57 -42.49
CA GLY P 426 -0.61 30.23 -42.23
C GLY P 426 -0.40 29.20 -43.32
N ILE P 427 0.34 29.51 -44.37
CA ILE P 427 0.73 28.58 -45.43
C ILE P 427 2.00 27.84 -45.01
N CYS P 428 2.03 26.53 -45.24
CA CYS P 428 3.20 25.69 -44.97
C CYS P 428 3.78 25.20 -46.28
N LEU P 429 5.04 25.53 -46.55
CA LEU P 429 5.78 24.95 -47.66
C LEU P 429 6.44 23.65 -47.19
N ILE P 430 6.14 22.54 -47.87
CA ILE P 430 6.57 21.22 -47.43
C ILE P 430 7.48 20.60 -48.50
N THR P 431 8.74 20.38 -48.13
CA THR P 431 9.73 19.74 -48.99
CA THR P 431 9.73 19.74 -48.99
C THR P 431 10.02 18.32 -48.50
N GLN P 432 10.67 17.53 -49.35
CA GLN P 432 11.08 16.20 -48.93
C GLN P 432 12.18 16.28 -47.88
N SER P 433 13.00 17.34 -47.93
CA SER P 433 13.99 17.57 -46.89
C SER P 433 13.34 17.64 -45.52
N MET P 434 12.21 18.34 -45.40
CA MET P 434 11.54 18.47 -44.12
C MET P 434 10.92 17.14 -43.68
N ILE P 435 10.18 16.49 -44.58
CA ILE P 435 9.55 15.21 -44.28
C ILE P 435 10.57 14.23 -43.70
N ASP P 436 11.76 14.19 -44.29
CA ASP P 436 12.77 13.22 -43.87
C ASP P 436 13.25 13.43 -42.44
N LYS P 437 13.04 14.62 -41.88
CA LYS P 437 13.50 14.95 -40.54
C LYS P 437 12.48 14.63 -39.46
N LEU P 438 11.37 13.99 -39.80
CA LEU P 438 10.19 14.05 -38.94
C LEU P 438 10.02 12.82 -38.06
N ASP P 439 9.49 13.08 -36.86
CA ASP P 439 8.94 12.07 -35.96
C ASP P 439 7.56 12.51 -35.50
N LEU P 440 7.48 13.21 -34.36
CA LEU P 440 6.24 13.82 -33.90
C LEU P 440 6.33 15.34 -34.04
N VAL Q 26 80.41 13.00 -29.27
CA VAL Q 26 80.79 13.97 -28.24
C VAL Q 26 79.89 15.19 -28.32
N GLN Q 27 79.63 15.62 -29.54
CA GLN Q 27 78.92 16.87 -29.76
C GLN Q 27 77.41 16.66 -29.67
N PRO Q 28 76.70 17.58 -29.01
CA PRO Q 28 75.24 17.47 -28.93
C PRO Q 28 74.61 17.59 -30.31
N LEU Q 29 73.54 16.82 -30.52
CA LEU Q 29 72.90 16.77 -31.83
C LEU Q 29 72.14 18.05 -32.15
N ALA Q 30 71.63 18.75 -31.13
CA ALA Q 30 70.89 19.98 -31.37
C ALA Q 30 71.70 21.00 -32.16
N ARG Q 31 73.03 20.93 -32.11
CA ARG Q 31 73.86 21.83 -32.90
C ARG Q 31 73.56 21.73 -34.38
N ASP Q 32 73.13 20.55 -34.84
CA ASP Q 32 72.86 20.31 -36.25
C ASP Q 32 71.37 20.07 -36.52
N ALA Q 33 70.52 20.50 -35.60
CA ALA Q 33 69.08 20.40 -35.77
C ALA Q 33 68.49 21.76 -36.11
N MET Q 34 67.40 21.75 -36.86
CA MET Q 34 66.53 22.92 -36.95
C MET Q 34 65.12 22.53 -36.54
N ALA Q 35 64.51 23.34 -35.68
CA ALA Q 35 63.13 23.13 -35.31
C ALA Q 35 62.21 23.82 -36.30
N TYR Q 36 61.14 23.14 -36.69
CA TYR Q 36 60.14 23.67 -37.60
C TYR Q 36 58.79 23.57 -36.91
N VAL Q 37 58.20 24.72 -36.58
CA VAL Q 37 56.98 24.79 -35.78
C VAL Q 37 55.79 24.99 -36.71
N LEU Q 38 54.79 24.11 -36.58
CA LEU Q 38 53.55 24.24 -37.33
C LEU Q 38 52.58 25.09 -36.52
N ALA Q 39 52.34 26.31 -36.98
CA ALA Q 39 51.56 27.28 -36.22
C ALA Q 39 50.43 27.85 -37.06
N GLY Q 40 49.94 27.09 -38.05
CA GLY Q 40 48.89 27.55 -38.92
C GLY Q 40 47.48 27.13 -38.55
N GLY Q 41 47.32 26.33 -37.50
CA GLY Q 41 46.01 25.79 -37.17
C GLY Q 41 45.16 26.79 -36.41
N ARG Q 42 43.89 26.86 -36.79
CA ARG Q 42 42.99 27.84 -36.20
C ARG Q 42 42.55 27.45 -34.78
N GLY Q 43 42.51 26.16 -34.47
CA GLY Q 43 41.91 25.70 -33.24
C GLY Q 43 40.47 26.17 -33.13
N SER Q 44 39.56 25.52 -33.89
CA SER Q 44 38.22 26.07 -34.06
C SER Q 44 37.32 25.77 -32.87
N ARG Q 45 37.61 24.71 -32.11
CA ARG Q 45 36.82 24.41 -30.91
C ARG Q 45 36.97 25.47 -29.84
N LEU Q 46 37.94 26.38 -29.97
CA LEU Q 46 38.04 27.50 -29.05
C LEU Q 46 37.06 28.61 -29.36
N LYS Q 47 36.32 28.49 -30.46
CA LYS Q 47 35.16 29.33 -30.78
C LYS Q 47 35.64 30.77 -30.96
N GLU Q 48 35.02 31.75 -30.30
CA GLU Q 48 35.34 33.16 -30.54
C GLU Q 48 36.74 33.54 -30.06
N LEU Q 49 37.39 32.72 -29.25
CA LEU Q 49 38.72 33.09 -28.77
C LEU Q 49 39.78 32.98 -29.85
N THR Q 50 39.48 32.27 -30.95
CA THR Q 50 40.38 32.21 -32.10
C THR Q 50 39.69 32.72 -33.36
N ASP Q 51 38.75 33.65 -33.20
CA ASP Q 51 38.15 34.28 -34.36
C ASP Q 51 39.07 35.34 -34.97
N ARG Q 52 39.93 35.96 -34.17
CA ARG Q 52 40.83 37.03 -34.61
C ARG Q 52 42.29 36.62 -34.59
N ARG Q 53 42.60 35.35 -34.28
CA ARG Q 53 43.99 34.94 -34.11
C ARG Q 53 44.05 33.41 -34.13
N ALA Q 54 45.16 32.89 -34.66
CA ALA Q 54 45.39 31.45 -34.61
C ALA Q 54 45.63 31.01 -33.17
N LYS Q 55 45.25 29.76 -32.89
CA LYS Q 55 45.49 29.18 -31.56
C LYS Q 55 46.93 29.34 -31.06
N PRO Q 56 47.98 29.23 -31.88
CA PRO Q 56 49.33 29.48 -31.35
C PRO Q 56 49.54 30.89 -30.82
N ALA Q 57 48.70 31.84 -31.19
CA ALA Q 57 48.83 33.21 -30.69
C ALA Q 57 48.03 33.45 -29.41
N VAL Q 58 47.29 32.47 -28.93
CA VAL Q 58 46.41 32.69 -27.78
C VAL Q 58 47.24 32.87 -26.52
N TYR Q 59 46.91 33.90 -25.75
N TYR Q 59 46.91 33.89 -25.74
CA TYR Q 59 47.59 34.14 -24.48
CA TYR Q 59 47.59 34.13 -24.47
C TYR Q 59 47.38 32.95 -23.53
C TYR Q 59 47.36 32.98 -23.50
N PHE Q 60 48.35 32.75 -22.64
CA PHE Q 60 48.25 31.69 -21.65
C PHE Q 60 49.09 32.01 -20.42
N GLY Q 61 48.54 31.71 -19.26
CA GLY Q 61 49.32 31.61 -18.04
C GLY Q 61 49.79 32.91 -17.44
N GLY Q 62 49.26 34.04 -17.88
N GLY Q 62 49.24 34.04 -17.88
CA GLY Q 62 49.82 35.32 -17.51
CA GLY Q 62 49.56 35.33 -17.30
C GLY Q 62 51.32 35.34 -17.77
C GLY Q 62 50.45 36.20 -18.17
N LYS Q 63 51.74 34.54 -18.74
N LYS Q 63 51.14 35.64 -19.16
CA LYS Q 63 53.13 34.14 -18.87
CA LYS Q 63 52.03 36.46 -19.97
C LYS Q 63 53.66 34.42 -20.26
C LYS Q 63 52.25 35.91 -21.37
N ALA Q 64 52.98 33.89 -21.27
N ALA Q 64 52.93 34.78 -21.46
CA ALA Q 64 53.45 33.94 -22.65
CA ALA Q 64 53.39 34.24 -22.74
C ALA Q 64 52.26 33.63 -23.56
C ALA Q 64 52.21 33.84 -23.62
N ARG Q 65 52.53 33.40 -24.82
CA ARG Q 65 51.54 32.87 -25.74
C ARG Q 65 51.85 31.40 -25.96
N ILE Q 66 50.89 30.67 -26.52
CA ILE Q 66 51.01 29.22 -26.56
C ILE Q 66 52.21 28.80 -27.39
N ILE Q 67 52.48 29.50 -28.48
CA ILE Q 67 53.61 29.11 -29.34
C ILE Q 67 54.93 29.23 -28.59
N ASP Q 68 55.00 30.09 -27.58
CA ASP Q 68 56.29 30.34 -26.94
C ASP Q 68 56.81 29.12 -26.19
N PHE Q 69 55.97 28.14 -25.89
CA PHE Q 69 56.46 26.95 -25.19
C PHE Q 69 57.33 26.10 -26.12
N ALA Q 70 56.78 25.70 -27.26
CA ALA Q 70 57.57 24.97 -28.25
C ALA Q 70 58.84 25.73 -28.61
N LEU Q 71 58.69 27.03 -28.92
CA LEU Q 71 59.84 27.86 -29.24
C LEU Q 71 60.87 27.86 -28.13
N SER Q 72 60.42 27.88 -26.87
CA SER Q 72 61.37 27.89 -25.77
C SER Q 72 62.02 26.53 -25.58
N ASN Q 73 61.29 25.45 -25.87
CA ASN Q 73 61.87 24.12 -25.78
C ASN Q 73 62.97 23.94 -26.80
N ALA Q 74 62.74 24.41 -28.03
CA ALA Q 74 63.79 24.41 -29.04
C ALA Q 74 65.01 25.18 -28.55
N LEU Q 75 64.78 26.41 -28.08
CA LEU Q 75 65.87 27.24 -27.58
C LEU Q 75 66.62 26.55 -26.45
N ASN Q 76 65.91 26.18 -25.38
CA ASN Q 76 66.56 25.59 -24.22
C ASN Q 76 67.24 24.27 -24.56
N SER Q 77 66.70 23.51 -25.52
CA SER Q 77 67.34 22.28 -25.95
C SER Q 77 68.61 22.54 -26.76
N GLY Q 78 68.89 23.79 -27.12
CA GLY Q 78 70.09 24.11 -27.89
C GLY Q 78 69.89 24.18 -29.38
N ILE Q 79 68.66 24.12 -29.87
CA ILE Q 79 68.37 24.29 -31.28
C ILE Q 79 68.23 25.78 -31.55
N ARG Q 80 69.12 26.31 -32.39
CA ARG Q 80 69.17 27.74 -32.65
C ARG Q 80 68.78 28.09 -34.08
N ARG Q 81 68.15 27.15 -34.78
CA ARG Q 81 67.54 27.37 -36.08
C ARG Q 81 66.09 26.97 -35.97
N ILE Q 82 65.19 27.94 -36.13
CA ILE Q 82 63.76 27.70 -36.01
C ILE Q 82 63.05 28.34 -37.19
N GLY Q 83 62.17 27.58 -37.83
CA GLY Q 83 61.19 28.09 -38.78
C GLY Q 83 59.81 27.99 -38.17
N VAL Q 84 58.96 28.96 -38.50
CA VAL Q 84 57.58 29.01 -37.99
C VAL Q 84 56.64 29.09 -39.19
N ALA Q 85 55.93 28.01 -39.48
CA ALA Q 85 54.97 27.99 -40.56
C ALA Q 85 53.65 28.61 -40.10
N THR Q 86 53.12 29.50 -40.93
CA THR Q 86 52.04 30.38 -40.55
C THR Q 86 50.95 30.32 -41.62
N GLN Q 87 49.70 30.55 -41.21
CA GLN Q 87 48.59 30.52 -42.15
C GLN Q 87 47.38 31.29 -41.62
N TYR Q 88 46.53 30.61 -40.84
CA TYR Q 88 45.27 31.21 -40.39
C TYR Q 88 45.54 32.42 -39.51
N LYS Q 89 44.74 33.48 -39.74
CA LYS Q 89 44.73 34.74 -39.01
C LYS Q 89 45.98 34.97 -38.17
N ALA Q 90 47.07 35.32 -38.83
CA ALA Q 90 48.37 35.32 -38.16
C ALA Q 90 48.96 36.72 -38.07
N HIS Q 91 48.13 37.74 -38.12
CA HIS Q 91 48.65 39.10 -37.96
C HIS Q 91 49.38 39.25 -36.63
N ASP Q 92 48.69 38.95 -35.53
CA ASP Q 92 49.28 39.08 -34.21
C ASP Q 92 50.43 38.09 -34.04
N LEU Q 93 50.24 36.86 -34.52
CA LEU Q 93 51.26 35.84 -34.36
C LEU Q 93 52.58 36.32 -34.95
N ILE Q 94 52.54 36.74 -36.22
CA ILE Q 94 53.76 37.21 -36.88
C ILE Q 94 54.38 38.38 -36.14
N ARG Q 95 53.55 39.35 -35.72
CA ARG Q 95 54.06 40.54 -35.06
C ARG Q 95 54.67 40.21 -33.71
N HIS Q 96 54.06 39.26 -32.98
CA HIS Q 96 54.64 38.78 -31.73
C HIS Q 96 55.96 38.08 -31.96
N LEU Q 97 56.00 37.17 -32.94
CA LEU Q 97 57.28 36.54 -33.29
C LEU Q 97 58.31 37.59 -33.70
N GLN Q 98 57.89 38.62 -34.44
CA GLN Q 98 58.82 39.64 -34.87
C GLN Q 98 59.41 40.40 -33.69
N ARG Q 99 58.59 40.65 -32.66
CA ARG Q 99 59.01 41.51 -31.56
C ARG Q 99 59.61 40.74 -30.39
N GLY Q 100 59.22 39.49 -30.18
CA GLY Q 100 59.78 38.73 -29.08
C GLY Q 100 60.99 37.89 -29.45
N TRP Q 101 60.96 37.28 -30.63
CA TRP Q 101 61.98 36.32 -31.01
C TRP Q 101 62.93 36.93 -32.03
N ASP Q 102 63.66 37.98 -31.62
CA ASP Q 102 64.46 38.81 -32.51
C ASP Q 102 65.92 38.85 -32.11
N PHE Q 103 66.42 37.80 -31.45
CA PHE Q 103 67.79 37.79 -30.94
C PHE Q 103 68.65 36.71 -31.58
N PHE Q 104 68.26 36.25 -32.76
CA PHE Q 104 69.02 35.26 -33.50
C PHE Q 104 69.80 35.97 -34.59
N ARG Q 105 71.09 35.65 -34.73
CA ARG Q 105 71.91 36.30 -35.74
C ARG Q 105 72.56 35.25 -36.64
N PRO Q 106 72.43 35.38 -37.96
CA PRO Q 106 73.04 34.39 -38.87
C PRO Q 106 74.55 34.23 -38.70
N GLU Q 107 75.26 35.26 -38.26
CA GLU Q 107 76.71 35.12 -38.11
C GLU Q 107 77.07 34.13 -37.03
N ARG Q 108 76.19 33.95 -36.04
CA ARG Q 108 76.33 32.94 -35.01
C ARG Q 108 75.70 31.62 -35.40
N ASN Q 109 75.37 31.44 -36.67
CA ASN Q 109 74.65 30.26 -37.16
C ASN Q 109 73.34 30.09 -36.41
N GLU Q 110 72.70 31.22 -36.11
CA GLU Q 110 71.35 31.31 -35.59
C GLU Q 110 70.43 31.71 -36.74
N SER Q 111 69.15 31.34 -36.63
CA SER Q 111 68.17 31.89 -37.56
C SER Q 111 66.78 31.71 -36.98
N PHE Q 112 65.89 32.62 -37.36
CA PHE Q 112 64.47 32.53 -37.02
C PHE Q 112 63.69 33.01 -38.24
N ASP Q 113 63.10 32.06 -38.97
CA ASP Q 113 62.38 32.35 -40.20
C ASP Q 113 60.89 32.26 -39.96
N ILE Q 114 60.19 33.36 -40.20
CA ILE Q 114 58.74 33.40 -40.11
C ILE Q 114 58.20 33.20 -41.52
N LEU Q 115 57.44 32.13 -41.73
CA LEU Q 115 57.17 31.60 -43.06
C LEU Q 115 55.67 31.52 -43.33
N PRO Q 116 55.03 32.65 -43.62
CA PRO Q 116 53.60 32.62 -43.96
C PRO Q 116 53.37 32.07 -45.36
N ALA Q 117 52.15 31.61 -45.59
CA ALA Q 117 51.73 31.24 -46.94
C ALA Q 117 51.39 32.52 -47.70
N SER Q 118 52.09 32.78 -48.80
CA SER Q 118 51.90 34.02 -49.54
C SER Q 118 52.37 33.80 -50.99
N GLN Q 119 52.47 34.90 -51.74
CA GLN Q 119 52.87 34.87 -53.14
C GLN Q 119 54.40 35.01 -53.21
N ARG Q 120 55.09 33.87 -53.36
CA ARG Q 120 56.55 33.86 -53.33
C ARG Q 120 57.11 32.76 -54.24
N VAL Q 121 56.87 31.51 -53.87
CA VAL Q 121 57.28 30.38 -54.70
C VAL Q 121 56.14 29.87 -55.58
N SER Q 122 54.89 30.25 -55.28
CA SER Q 122 53.74 29.95 -56.12
C SER Q 122 52.58 30.81 -55.66
N GLU Q 123 51.57 30.93 -56.52
CA GLU Q 123 50.36 31.70 -56.22
C GLU Q 123 49.72 31.20 -54.93
N THR Q 124 48.92 30.13 -55.03
CA THR Q 124 48.38 29.42 -53.88
C THR Q 124 47.79 30.35 -52.82
N GLN Q 125 48.67 30.93 -52.00
CA GLN Q 125 48.40 31.77 -50.83
C GLN Q 125 47.98 30.93 -49.61
N TRP Q 126 47.67 29.65 -49.76
CA TRP Q 126 47.43 28.76 -48.64
C TRP Q 126 48.33 27.53 -48.75
N TYR Q 127 48.69 26.96 -47.61
CA TYR Q 127 49.38 25.68 -47.59
C TYR Q 127 48.38 24.54 -47.72
N GLU Q 128 48.73 23.53 -48.50
CA GLU Q 128 47.82 22.39 -48.68
C GLU Q 128 47.72 21.53 -47.43
N GLY Q 129 48.61 21.71 -46.47
CA GLY Q 129 48.61 20.89 -45.26
C GLY Q 129 49.89 21.13 -44.48
N THR Q 130 49.98 20.46 -43.34
CA THR Q 130 51.16 20.58 -42.49
C THR Q 130 52.42 20.15 -43.22
N ALA Q 131 52.32 19.11 -44.07
CA ALA Q 131 53.47 18.69 -44.85
C ALA Q 131 53.82 19.73 -45.91
N ASP Q 132 52.81 20.26 -46.60
CA ASP Q 132 53.04 21.30 -47.60
C ASP Q 132 53.64 22.55 -46.96
N ALA Q 133 53.25 22.85 -45.72
CA ALA Q 133 53.83 23.98 -45.01
C ALA Q 133 55.35 23.87 -44.92
N VAL Q 134 55.86 22.65 -44.79
CA VAL Q 134 57.31 22.44 -44.76
C VAL Q 134 57.87 22.30 -46.17
N TYR Q 135 57.09 21.74 -47.11
CA TYR Q 135 57.61 21.45 -48.45
C TYR Q 135 57.77 22.72 -49.27
N GLN Q 136 56.90 23.71 -49.06
N GLN Q 136 56.90 23.71 -49.06
CA GLN Q 136 57.01 24.94 -49.84
CA GLN Q 136 57.00 24.94 -49.84
C GLN Q 136 58.27 25.70 -49.49
C GLN Q 136 58.21 25.78 -49.45
N ASN Q 137 58.76 25.56 -48.26
CA ASN Q 137 59.90 26.33 -47.77
C ASN Q 137 61.16 25.48 -47.65
N ILE Q 138 61.25 24.41 -48.45
CA ILE Q 138 62.49 23.63 -48.51
C ILE Q 138 63.66 24.51 -48.93
N ASP Q 139 63.45 25.44 -49.87
CA ASP Q 139 64.53 26.31 -50.31
C ASP Q 139 65.02 27.26 -49.22
N ILE Q 140 64.26 27.41 -48.13
CA ILE Q 140 64.78 28.12 -46.97
C ILE Q 140 65.67 27.20 -46.14
N ILE Q 141 65.41 25.89 -46.19
CA ILE Q 141 66.03 24.94 -45.27
C ILE Q 141 67.35 24.42 -45.80
N GLU Q 142 67.36 24.00 -47.06
CA GLU Q 142 68.58 23.44 -47.65
C GLU Q 142 69.79 24.35 -47.50
N PRO Q 143 69.71 25.67 -47.71
CA PRO Q 143 70.90 26.51 -47.46
C PRO Q 143 71.45 26.39 -46.05
N TYR Q 144 70.61 26.17 -45.03
CA TYR Q 144 71.15 25.92 -43.70
C TYR Q 144 71.81 24.55 -43.61
N ALA Q 145 71.34 23.62 -44.45
CA ALA Q 145 71.78 22.23 -44.42
C ALA Q 145 71.88 21.64 -43.01
N PRO Q 146 70.78 21.64 -42.24
CA PRO Q 146 70.81 20.98 -40.95
C PRO Q 146 70.75 19.48 -41.09
N GLU Q 147 71.47 18.77 -40.22
CA GLU Q 147 71.42 17.32 -40.27
C GLU Q 147 70.04 16.78 -39.86
N TYR Q 148 69.37 17.44 -38.92
CA TYR Q 148 68.12 16.92 -38.38
C TYR Q 148 67.01 17.96 -38.42
N MET Q 149 65.80 17.51 -38.75
CA MET Q 149 64.58 18.30 -38.66
C MET Q 149 63.79 17.90 -37.41
N VAL Q 150 63.35 18.88 -36.63
CA VAL Q 150 62.49 18.67 -35.47
C VAL Q 150 61.18 19.38 -35.77
N ILE Q 151 60.18 18.64 -36.25
CA ILE Q 151 58.88 19.20 -36.60
C ILE Q 151 58.01 19.22 -35.34
N LEU Q 152 57.47 20.40 -35.01
CA LEU Q 152 56.78 20.62 -33.74
C LEU Q 152 55.38 21.15 -33.98
N ALA Q 153 54.44 20.68 -33.17
CA ALA Q 153 53.14 21.34 -33.05
C ALA Q 153 53.30 22.62 -32.24
N GLY Q 154 52.67 23.70 -32.69
CA GLY Q 154 52.83 24.97 -32.02
C GLY Q 154 51.63 25.39 -31.17
N ASP Q 155 50.80 24.43 -30.76
CA ASP Q 155 49.55 24.77 -30.10
C ASP Q 155 49.37 24.05 -28.78
N HIS Q 156 50.45 23.54 -28.21
CA HIS Q 156 50.40 22.82 -26.93
C HIS Q 156 51.35 23.44 -25.92
N ILE Q 157 51.00 23.27 -24.65
CA ILE Q 157 51.78 23.80 -23.53
C ILE Q 157 52.49 22.63 -22.85
N TYR Q 158 53.82 22.66 -22.82
CA TYR Q 158 54.64 21.57 -22.30
C TYR Q 158 56.10 21.99 -22.38
N LYS Q 159 56.94 21.31 -21.59
CA LYS Q 159 58.38 21.55 -21.56
C LYS Q 159 59.10 20.24 -21.85
N MET Q 160 60.05 20.29 -22.80
CA MET Q 160 60.70 19.08 -23.28
C MET Q 160 62.08 19.43 -23.83
N ASP Q 161 63.05 18.58 -23.52
CA ASP Q 161 64.42 18.73 -23.99
C ASP Q 161 64.62 17.81 -25.19
N TYR Q 162 64.59 18.39 -26.39
CA TYR Q 162 64.61 17.64 -27.64
C TYR Q 162 65.94 16.94 -27.92
N GLU Q 163 66.99 17.26 -27.16
CA GLU Q 163 68.25 16.53 -27.27
C GLU Q 163 68.03 15.03 -27.09
N TYR Q 164 67.13 14.65 -26.16
CA TYR Q 164 66.85 13.24 -25.92
C TYR Q 164 66.28 12.55 -27.15
N MET Q 165 65.25 13.15 -27.77
CA MET Q 165 64.66 12.59 -28.98
C MET Q 165 65.69 12.49 -30.10
N LEU Q 166 66.61 13.45 -30.18
CA LEU Q 166 67.61 13.43 -31.24
C LEU Q 166 68.52 12.23 -31.12
N GLN Q 167 68.94 11.90 -29.90
CA GLN Q 167 69.83 10.75 -29.71
C GLN Q 167 69.09 9.44 -29.94
N GLN Q 168 67.86 9.34 -29.46
CA GLN Q 168 67.07 8.14 -29.73
C GLN Q 168 66.90 7.94 -31.23
N HIS Q 169 66.57 9.01 -31.96
CA HIS Q 169 66.45 8.90 -33.41
C HIS Q 169 67.74 8.39 -34.03
N VAL Q 170 68.87 8.99 -33.66
CA VAL Q 170 70.14 8.65 -34.29
C VAL Q 170 70.57 7.24 -33.87
N ASP Q 171 70.46 6.93 -32.59
CA ASP Q 171 70.97 5.66 -32.09
C ASP Q 171 70.07 4.48 -32.42
N SER Q 172 68.83 4.73 -32.82
CA SER Q 172 67.90 3.66 -33.19
C SER Q 172 67.80 3.43 -34.68
N GLY Q 173 68.35 4.34 -35.50
CA GLY Q 173 68.27 4.18 -36.93
C GLY Q 173 66.90 4.43 -37.53
N ALA Q 174 65.96 4.96 -36.74
CA ALA Q 174 64.62 5.19 -37.24
C ALA Q 174 64.63 6.18 -38.41
N ASP Q 175 63.63 6.04 -39.28
CA ASP Q 175 63.35 7.09 -40.25
C ASP Q 175 62.48 8.20 -39.66
N VAL Q 176 61.72 7.92 -38.61
CA VAL Q 176 61.01 8.98 -37.91
C VAL Q 176 60.81 8.56 -36.47
N THR Q 177 61.20 9.44 -35.55
CA THR Q 177 60.92 9.30 -34.14
C THR Q 177 59.76 10.23 -33.80
N ILE Q 178 58.82 9.73 -33.00
CA ILE Q 178 57.57 10.43 -32.75
C ILE Q 178 57.40 10.57 -31.25
N GLY Q 179 57.26 11.82 -30.79
CA GLY Q 179 56.95 12.04 -29.40
C GLY Q 179 55.54 11.57 -29.08
N CYS Q 180 55.42 10.88 -27.94
CA CYS Q 180 54.14 10.32 -27.55
C CYS Q 180 53.92 10.52 -26.06
N LEU Q 181 52.67 10.81 -25.70
CA LEU Q 181 52.26 10.81 -24.30
C LEU Q 181 51.86 9.40 -23.89
N GLU Q 182 52.16 9.06 -22.64
CA GLU Q 182 51.59 7.87 -22.00
C GLU Q 182 50.33 8.30 -21.28
N VAL Q 183 49.18 7.97 -21.85
CA VAL Q 183 47.89 8.37 -21.28
C VAL Q 183 47.08 7.12 -20.96
N PRO Q 184 46.25 7.15 -19.93
CA PRO Q 184 45.33 6.03 -19.68
C PRO Q 184 44.48 5.77 -20.91
N ARG Q 185 44.19 4.50 -21.16
CA ARG Q 185 43.64 4.11 -22.46
C ARG Q 185 42.31 4.79 -22.74
N MET Q 186 41.47 4.97 -21.71
CA MET Q 186 40.17 5.60 -21.96
C MET Q 186 40.33 7.05 -22.42
N GLU Q 187 41.35 7.75 -21.93
CA GLU Q 187 41.62 9.09 -22.40
C GLU Q 187 42.27 9.11 -23.77
N ALA Q 188 42.88 8.00 -24.21
CA ALA Q 188 43.56 7.93 -25.50
C ALA Q 188 42.62 7.83 -26.69
N THR Q 189 41.30 7.67 -26.47
CA THR Q 189 40.34 7.59 -27.56
C THR Q 189 40.28 8.86 -28.40
N GLY Q 190 40.81 9.98 -27.89
CA GLY Q 190 40.75 11.27 -28.55
C GLY Q 190 41.96 11.65 -29.33
N PHE Q 191 43.02 10.85 -29.28
CA PHE Q 191 44.29 11.14 -29.92
C PHE Q 191 44.51 10.20 -31.10
N GLY Q 192 45.42 10.60 -31.96
CA GLY Q 192 46.04 9.66 -32.88
C GLY Q 192 46.99 8.78 -32.12
N VAL Q 193 46.80 7.46 -32.18
CA VAL Q 193 47.46 6.54 -31.27
C VAL Q 193 48.42 5.67 -32.06
N MET Q 194 49.66 5.54 -31.58
CA MET Q 194 50.63 4.61 -32.14
C MET Q 194 50.57 3.30 -31.37
N HIS Q 195 50.44 2.20 -32.12
CA HIS Q 195 50.55 0.84 -31.60
C HIS Q 195 52.02 0.42 -31.70
N VAL Q 196 52.62 0.03 -30.58
CA VAL Q 196 54.04 -0.29 -30.55
C VAL Q 196 54.24 -1.72 -30.08
N ASN Q 197 55.37 -2.29 -30.49
CA ASN Q 197 55.81 -3.60 -30.01
C ASN Q 197 56.60 -3.41 -28.70
N GLU Q 198 57.35 -4.43 -28.29
CA GLU Q 198 58.08 -4.37 -27.02
C GLU Q 198 59.30 -3.46 -27.09
N LYS Q 199 59.77 -3.12 -28.29
CA LYS Q 199 60.92 -2.24 -28.46
C LYS Q 199 60.51 -0.79 -28.63
N ASP Q 200 59.20 -0.50 -28.61
CA ASP Q 200 58.59 0.78 -28.93
C ASP Q 200 58.68 1.12 -30.41
N GLU Q 201 58.82 0.10 -31.27
CA GLU Q 201 58.68 0.30 -32.69
C GLU Q 201 57.21 0.41 -33.06
N ILE Q 202 56.88 1.38 -33.91
CA ILE Q 202 55.49 1.63 -34.27
C ILE Q 202 55.08 0.65 -35.37
N ILE Q 203 54.00 -0.08 -35.12
CA ILE Q 203 53.47 -1.05 -36.09
C ILE Q 203 52.14 -0.61 -36.68
N ASP Q 204 51.47 0.37 -36.08
CA ASP Q 204 50.19 0.86 -36.59
C ASP Q 204 49.91 2.23 -35.98
N PHE Q 205 49.08 3.00 -36.67
CA PHE Q 205 48.62 4.28 -36.16
C PHE Q 205 47.12 4.37 -36.42
N ILE Q 206 46.35 4.59 -35.36
CA ILE Q 206 44.91 4.67 -35.45
C ILE Q 206 44.46 6.08 -35.10
N GLU Q 207 43.51 6.61 -35.87
CA GLU Q 207 42.90 7.92 -35.63
C GLU Q 207 41.77 7.75 -34.63
N LYS Q 208 41.97 8.19 -33.40
CA LYS Q 208 40.94 8.11 -32.36
C LYS Q 208 40.35 6.70 -32.29
N PRO Q 209 41.08 5.72 -31.79
CA PRO Q 209 40.51 4.37 -31.70
C PRO Q 209 39.51 4.27 -30.56
N ALA Q 210 38.39 3.58 -30.83
CA ALA Q 210 37.39 3.36 -29.79
C ALA Q 210 37.95 2.54 -28.64
N ASP Q 211 38.93 1.68 -28.91
CA ASP Q 211 39.66 0.94 -27.88
C ASP Q 211 41.14 1.04 -28.22
N PRO Q 212 41.85 2.00 -27.64
CA PRO Q 212 43.26 2.24 -28.00
C PRO Q 212 44.12 1.03 -27.71
N PRO Q 213 44.97 0.61 -28.65
CA PRO Q 213 45.88 -0.51 -28.36
C PRO Q 213 46.81 -0.14 -27.23
N GLY Q 214 47.00 -1.07 -26.32
CA GLY Q 214 47.80 -0.81 -25.14
C GLY Q 214 49.27 -1.01 -25.36
N ILE Q 215 50.06 -0.43 -24.46
CA ILE Q 215 51.51 -0.64 -24.45
C ILE Q 215 51.81 -2.07 -24.02
N PRO Q 216 52.64 -2.82 -24.74
CA PRO Q 216 52.95 -4.20 -24.32
C PRO Q 216 53.51 -4.22 -22.91
N GLY Q 217 52.97 -5.11 -22.08
CA GLY Q 217 53.36 -5.20 -20.70
C GLY Q 217 52.79 -4.11 -19.82
N ASN Q 218 52.10 -3.13 -20.40
CA ASN Q 218 51.56 -1.99 -19.70
C ASN Q 218 50.24 -1.64 -20.39
N GLU Q 219 49.31 -2.59 -20.34
CA GLU Q 219 48.06 -2.50 -21.08
C GLU Q 219 47.10 -1.46 -20.51
N GLY Q 220 47.44 -0.80 -19.42
CA GLY Q 220 46.57 0.26 -18.96
C GLY Q 220 46.76 1.61 -19.61
N PHE Q 221 47.77 1.75 -20.47
CA PHE Q 221 48.09 3.03 -21.08
C PHE Q 221 48.37 2.84 -22.56
N ALA Q 222 48.05 3.87 -23.32
CA ALA Q 222 48.30 3.95 -24.75
C ALA Q 222 49.26 5.11 -25.00
N LEU Q 223 49.97 5.03 -26.12
CA LEU Q 223 50.85 6.13 -26.53
C LEU Q 223 50.08 7.03 -27.48
N ALA Q 224 49.97 8.32 -27.13
CA ALA Q 224 49.23 9.29 -27.91
C ALA Q 224 50.21 10.21 -28.62
N SER Q 225 50.04 10.37 -29.92
CA SER Q 225 50.98 11.18 -30.68
C SER Q 225 50.84 12.65 -30.30
N MET Q 226 51.96 13.28 -29.95
CA MET Q 226 51.99 14.70 -29.63
C MET Q 226 52.13 15.59 -30.87
N GLY Q 227 52.27 14.99 -32.05
CA GLY Q 227 52.54 15.76 -33.25
C GLY Q 227 53.95 16.28 -33.32
N ILE Q 228 54.90 15.53 -32.77
CA ILE Q 228 56.30 15.92 -32.71
C ILE Q 228 57.10 14.85 -33.46
N TYR Q 229 57.81 15.27 -34.50
CA TYR Q 229 58.48 14.35 -35.41
C TYR Q 229 59.93 14.77 -35.60
N VAL Q 230 60.85 13.82 -35.48
CA VAL Q 230 62.26 14.05 -35.76
C VAL Q 230 62.64 13.18 -36.94
N PHE Q 231 63.28 13.80 -37.95
CA PHE Q 231 63.80 13.12 -39.13
C PHE Q 231 65.25 13.51 -39.34
N HIS Q 232 65.96 12.67 -40.11
CA HIS Q 232 67.12 13.16 -40.84
C HIS Q 232 66.63 14.07 -41.96
N THR Q 233 67.25 15.25 -42.08
CA THR Q 233 66.76 16.25 -43.02
C THR Q 233 66.59 15.70 -44.42
N LYS Q 234 67.62 15.01 -44.94
CA LYS Q 234 67.56 14.52 -46.32
C LYS Q 234 66.44 13.51 -46.51
N PHE Q 235 66.22 12.64 -45.53
CA PHE Q 235 65.12 11.70 -45.62
C PHE Q 235 63.77 12.43 -45.65
N LEU Q 236 63.60 13.41 -44.75
CA LEU Q 236 62.36 14.18 -44.77
C LEU Q 236 62.22 14.96 -46.07
N MET Q 237 63.33 15.48 -46.60
CA MET Q 237 63.31 16.15 -47.89
C MET Q 237 62.94 15.19 -49.01
N GLU Q 238 63.27 13.91 -48.88
CA GLU Q 238 62.84 12.94 -49.87
C GLU Q 238 61.40 12.49 -49.66
N ALA Q 239 60.87 12.63 -48.44
CA ALA Q 239 59.47 12.31 -48.19
C ALA Q 239 58.53 13.45 -48.60
N LEU Q 240 58.97 14.70 -48.44
CA LEU Q 240 58.12 15.84 -48.76
C LEU Q 240 57.83 15.93 -50.26
N ARG Q 241 58.84 15.69 -51.10
CA ARG Q 241 58.64 15.74 -52.55
C ARG Q 241 57.88 14.53 -53.04
N ARG Q 242 58.12 13.37 -52.44
CA ARG Q 242 57.31 12.19 -52.75
C ARG Q 242 55.84 12.47 -52.48
N ASP Q 243 55.55 13.10 -51.34
CA ASP Q 243 54.17 13.40 -50.99
C ASP Q 243 53.60 14.50 -51.87
N ALA Q 244 54.42 15.50 -52.22
CA ALA Q 244 53.96 16.57 -53.10
C ALA Q 244 53.62 16.04 -54.49
N ALA Q 245 54.27 14.97 -54.92
CA ALA Q 245 53.98 14.36 -56.22
C ALA Q 245 52.79 13.42 -56.18
N ASP Q 246 52.33 13.04 -54.98
CA ASP Q 246 51.20 12.14 -54.84
C ASP Q 246 49.90 12.95 -54.83
N PRO Q 247 49.11 12.90 -55.90
CA PRO Q 247 47.85 13.67 -55.90
C PRO Q 247 46.80 13.11 -54.96
N THR Q 248 46.98 11.89 -54.45
CA THR Q 248 46.05 11.25 -53.54
C THR Q 248 46.28 11.63 -52.07
N SER Q 249 47.20 12.55 -51.80
CA SER Q 249 47.59 12.87 -50.44
C SER Q 249 46.90 14.14 -49.96
N SER Q 250 46.52 14.15 -48.69
CA SER Q 250 46.02 15.36 -48.04
C SER Q 250 47.14 16.25 -47.50
N ARG Q 251 48.39 15.93 -47.85
CA ARG Q 251 49.55 16.77 -47.55
C ARG Q 251 49.67 17.05 -46.05
N ASP Q 252 49.40 16.04 -45.24
CA ASP Q 252 49.40 16.15 -43.80
C ASP Q 252 50.42 15.16 -43.24
N PHE Q 253 51.28 15.63 -42.32
CA PHE Q 253 52.20 14.75 -41.62
C PHE Q 253 51.47 13.56 -40.98
N GLY Q 254 50.45 13.85 -40.17
CA GLY Q 254 49.82 12.80 -39.38
C GLY Q 254 49.03 11.79 -40.20
N LYS Q 255 48.46 12.21 -41.32
CA LYS Q 255 47.65 11.31 -42.14
C LYS Q 255 48.40 10.76 -43.36
N ASP Q 256 49.45 11.42 -43.82
CA ASP Q 256 50.10 11.07 -45.07
C ASP Q 256 51.58 10.74 -44.92
N ILE Q 257 52.36 11.61 -44.27
CA ILE Q 257 53.79 11.36 -44.12
C ILE Q 257 54.05 10.16 -43.22
N ILE Q 258 53.59 10.24 -41.97
CA ILE Q 258 53.91 9.25 -40.94
C ILE Q 258 53.27 7.90 -41.25
N PRO Q 259 51.98 7.82 -41.63
CA PRO Q 259 51.44 6.51 -42.01
C PRO Q 259 52.25 5.78 -43.05
N TYR Q 260 52.75 6.49 -44.06
CA TYR Q 260 53.61 5.86 -45.06
C TYR Q 260 54.83 5.25 -44.41
N ILE Q 261 55.50 6.00 -43.53
CA ILE Q 261 56.75 5.53 -42.93
C ILE Q 261 56.49 4.30 -42.06
N VAL Q 262 55.43 4.32 -41.24
CA VAL Q 262 55.15 3.17 -40.38
C VAL Q 262 54.92 1.91 -41.20
N GLU Q 263 54.53 2.05 -42.46
CA GLU Q 263 54.30 0.90 -43.31
C GLU Q 263 55.58 0.45 -44.02
N HIS Q 264 56.30 1.38 -44.64
CA HIS Q 264 57.43 1.04 -45.50
C HIS Q 264 58.78 1.29 -44.87
N GLY Q 265 58.84 2.03 -43.76
CA GLY Q 265 60.11 2.35 -43.12
C GLY Q 265 60.11 2.02 -41.65
N LYS Q 266 61.00 2.67 -40.88
CA LYS Q 266 61.12 2.43 -39.45
C LYS Q 266 60.62 3.64 -38.68
N ALA Q 267 59.54 3.48 -37.95
CA ALA Q 267 58.99 4.51 -37.08
C ALA Q 267 59.10 4.05 -35.64
N VAL Q 268 59.69 4.89 -34.79
CA VAL Q 268 59.91 4.59 -33.39
C VAL Q 268 59.23 5.65 -32.54
N ALA Q 269 58.56 5.22 -31.47
CA ALA Q 269 57.96 6.15 -30.54
C ALA Q 269 59.00 6.64 -29.54
N HIS Q 270 58.87 7.90 -29.14
CA HIS Q 270 59.58 8.45 -28.00
C HIS Q 270 58.56 8.90 -26.96
N ARG Q 271 58.82 8.60 -25.70
CA ARG Q 271 57.86 8.86 -24.64
C ARG Q 271 58.13 10.21 -23.99
N PHE Q 272 57.05 10.98 -23.82
CA PHE Q 272 57.15 12.32 -23.24
C PHE Q 272 57.81 12.28 -21.87
N ALA Q 273 57.53 11.24 -21.08
CA ALA Q 273 58.03 11.20 -19.72
C ALA Q 273 59.54 11.19 -19.66
N ASP Q 274 60.20 10.61 -20.66
CA ASP Q 274 61.65 10.49 -20.63
C ASP Q 274 62.35 11.81 -20.93
N SER Q 275 61.75 12.68 -21.71
CA SER Q 275 62.38 13.96 -22.03
C SER Q 275 61.65 15.16 -21.45
N CYS Q 276 60.53 14.96 -20.74
CA CYS Q 276 59.86 16.09 -20.13
C CYS Q 276 60.77 16.77 -19.13
N VAL Q 277 60.68 18.08 -19.06
CA VAL Q 277 61.46 18.88 -18.12
C VAL Q 277 60.52 19.35 -17.03
N ARG Q 278 60.58 18.73 -15.86
CA ARG Q 278 59.73 19.09 -14.73
C ARG Q 278 60.53 19.83 -13.68
N SER Q 279 59.98 20.94 -13.20
CA SER Q 279 60.58 21.60 -12.05
C SER Q 279 60.35 20.76 -10.80
N ASP Q 280 61.03 21.13 -9.71
CA ASP Q 280 60.85 20.46 -8.43
C ASP Q 280 59.45 20.66 -7.86
N PHE Q 281 58.65 21.57 -8.42
CA PHE Q 281 57.34 21.90 -7.88
C PHE Q 281 56.21 21.51 -8.82
N GLU Q 282 56.46 20.56 -9.72
CA GLU Q 282 55.44 19.97 -10.57
C GLU Q 282 55.46 18.46 -10.35
N HIS Q 283 54.33 17.90 -9.93
CA HIS Q 283 54.28 16.53 -9.44
C HIS Q 283 54.28 15.48 -10.55
N GLU Q 284 54.07 15.89 -11.81
CA GLU Q 284 54.01 14.95 -12.92
C GLU Q 284 54.36 15.69 -14.19
N PRO Q 285 54.71 14.98 -15.26
CA PRO Q 285 54.96 15.67 -16.54
C PRO Q 285 53.74 16.47 -16.96
N TYR Q 286 53.97 17.69 -17.45
CA TYR Q 286 52.91 18.63 -17.76
C TYR Q 286 52.77 18.76 -19.27
N TRP Q 287 51.56 18.54 -19.75
CA TRP Q 287 51.23 18.79 -21.15
C TRP Q 287 49.73 19.04 -21.22
N ARG Q 288 49.34 20.14 -21.88
CA ARG Q 288 47.95 20.48 -22.11
C ARG Q 288 47.83 21.02 -23.53
N ASP Q 289 46.74 20.65 -24.21
CA ASP Q 289 46.49 21.17 -25.55
C ASP Q 289 45.40 22.23 -25.57
N VAL Q 290 44.85 22.60 -24.40
CA VAL Q 290 43.84 23.66 -24.21
C VAL Q 290 42.90 23.75 -25.40
N GLY Q 291 42.38 22.59 -25.84
CA GLY Q 291 41.67 22.53 -27.11
C GLY Q 291 40.27 23.09 -27.09
N THR Q 292 39.65 23.16 -25.91
CA THR Q 292 38.31 23.68 -25.75
C THR Q 292 38.32 24.86 -24.80
N ILE Q 293 37.22 25.61 -24.81
CA ILE Q 293 37.06 26.73 -23.89
C ILE Q 293 37.16 26.26 -22.45
N ASP Q 294 36.60 25.07 -22.17
CA ASP Q 294 36.67 24.53 -20.82
C ASP Q 294 38.11 24.17 -20.45
N ALA Q 295 38.82 23.51 -21.37
CA ALA Q 295 40.20 23.13 -21.09
C ALA Q 295 41.08 24.35 -20.90
N TYR Q 296 40.92 25.35 -21.77
CA TYR Q 296 41.70 26.57 -21.69
C TYR Q 296 41.49 27.28 -20.36
N TRP Q 297 40.22 27.49 -19.98
CA TRP Q 297 39.91 28.08 -18.68
C TRP Q 297 40.57 27.28 -17.55
N GLN Q 298 40.37 25.95 -17.56
CA GLN Q 298 40.82 25.14 -16.43
C GLN Q 298 42.32 25.20 -16.26
N ALA Q 299 43.07 25.18 -17.38
CA ALA Q 299 44.53 25.26 -17.31
C ALA Q 299 44.98 26.61 -16.79
N ASN Q 300 44.30 27.68 -17.18
CA ASN Q 300 44.66 29.00 -16.68
C ASN Q 300 44.28 29.17 -15.22
N ILE Q 301 43.07 28.74 -14.86
CA ILE Q 301 42.62 28.88 -13.49
C ILE Q 301 43.39 27.94 -12.55
N ASP Q 302 43.94 26.84 -13.07
CA ASP Q 302 44.68 25.92 -12.20
C ASP Q 302 45.98 26.53 -11.71
N LEU Q 303 46.42 27.64 -12.30
CA LEU Q 303 47.61 28.32 -11.86
C LEU Q 303 47.39 29.08 -10.56
N THR Q 304 46.14 29.40 -10.23
CA THR Q 304 45.85 30.05 -8.97
C THR Q 304 45.90 29.09 -7.78
N ASP Q 305 46.13 27.80 -8.01
CA ASP Q 305 46.16 26.84 -6.93
C ASP Q 305 47.37 27.06 -6.01
N VAL Q 306 47.26 26.53 -4.79
CA VAL Q 306 48.35 26.63 -3.82
C VAL Q 306 49.59 25.91 -4.34
N VAL Q 307 49.43 24.69 -4.83
CA VAL Q 307 50.52 23.98 -5.48
C VAL Q 307 50.05 23.60 -6.88
N PRO Q 308 50.31 24.44 -7.87
CA PRO Q 308 49.79 24.17 -9.22
C PRO Q 308 50.65 23.16 -9.97
N ASP Q 309 50.02 22.52 -10.97
CA ASP Q 309 50.71 21.50 -11.76
C ASP Q 309 51.83 22.09 -12.61
N LEU Q 310 51.73 23.35 -13.00
CA LEU Q 310 52.75 23.99 -13.81
C LEU Q 310 53.42 25.09 -13.00
N ASP Q 311 54.75 25.02 -12.93
CA ASP Q 311 55.57 26.00 -12.20
C ASP Q 311 55.96 27.12 -13.16
N ILE Q 312 55.15 28.18 -13.21
CA ILE Q 312 55.51 29.34 -14.01
C ILE Q 312 56.57 30.21 -13.34
N TYR Q 313 57.04 29.83 -12.15
CA TYR Q 313 58.11 30.52 -11.45
C TYR Q 313 59.44 29.80 -11.59
N ASP Q 314 59.49 28.72 -12.36
CA ASP Q 314 60.75 28.01 -12.54
C ASP Q 314 61.70 28.78 -13.45
N LYS Q 315 62.98 28.78 -13.10
CA LYS Q 315 64.00 29.41 -13.90
C LYS Q 315 64.93 28.43 -14.60
N SER Q 316 64.82 27.13 -14.30
CA SER Q 316 65.73 26.15 -14.88
C SER Q 316 65.40 25.79 -16.31
N TRP Q 317 64.15 25.98 -16.74
CA TRP Q 317 63.73 25.75 -18.13
C TRP Q 317 62.79 26.88 -18.53
N PRO Q 318 63.31 28.10 -18.60
CA PRO Q 318 62.43 29.27 -18.74
C PRO Q 318 61.76 29.33 -20.10
N ILE Q 319 60.63 30.04 -20.13
CA ILE Q 319 59.84 30.28 -21.33
C ILE Q 319 60.06 31.73 -21.75
N TRP Q 320 60.76 31.92 -22.87
CA TRP Q 320 60.91 33.26 -23.44
C TRP Q 320 59.62 33.68 -24.13
N THR Q 321 59.38 34.99 -24.14
CA THR Q 321 58.23 35.55 -24.83
C THR Q 321 58.50 37.02 -25.08
N TYR Q 322 57.57 37.68 -25.77
CA TYR Q 322 57.59 39.13 -25.87
C TYR Q 322 57.04 39.75 -24.59
N ALA Q 323 57.86 40.58 -23.95
CA ALA Q 323 57.47 41.28 -22.74
C ALA Q 323 58.00 42.70 -22.81
N GLU Q 324 57.20 43.65 -22.35
CA GLU Q 324 57.62 45.03 -22.26
C GLU Q 324 57.82 45.41 -20.80
N ILE Q 325 58.58 46.47 -20.58
CA ILE Q 325 58.67 47.03 -19.24
C ILE Q 325 57.29 47.49 -18.81
N THR Q 326 56.75 46.86 -17.77
CA THR Q 326 55.42 47.24 -17.32
C THR Q 326 55.48 47.71 -15.86
N PRO Q 327 54.69 48.71 -15.50
CA PRO Q 327 54.61 49.14 -14.11
C PRO Q 327 54.03 48.03 -13.23
N PRO Q 328 54.31 48.09 -11.93
CA PRO Q 328 53.77 47.06 -11.01
C PRO Q 328 52.25 47.09 -10.96
N ALA Q 329 51.69 46.06 -10.34
CA ALA Q 329 50.27 46.05 -10.04
C ALA Q 329 49.97 46.97 -8.86
N LYS Q 330 48.72 47.43 -8.80
CA LYS Q 330 48.28 48.41 -7.82
C LYS Q 330 46.93 48.00 -7.26
N PHE Q 331 46.77 48.08 -5.93
CA PHE Q 331 45.50 47.80 -5.26
C PHE Q 331 45.13 49.01 -4.42
N VAL Q 332 43.97 49.63 -4.72
CA VAL Q 332 43.58 50.86 -4.04
C VAL Q 332 42.19 50.76 -3.44
N HIS Q 333 41.95 51.67 -2.47
CA HIS Q 333 40.72 51.83 -1.71
C HIS Q 333 40.47 50.70 -0.72
N ASP Q 334 40.03 51.10 0.47
CA ASP Q 334 39.94 50.20 1.60
C ASP Q 334 39.04 50.83 2.65
N ASP Q 335 37.76 51.02 2.32
CA ASP Q 335 36.82 51.60 3.26
C ASP Q 335 35.66 50.63 3.51
N GLU Q 336 34.56 51.13 4.09
CA GLU Q 336 33.50 50.23 4.50
C GLU Q 336 32.75 49.61 3.32
N ASP Q 337 32.77 50.24 2.14
CA ASP Q 337 32.01 49.71 1.01
C ASP Q 337 32.84 49.26 -0.19
N ARG Q 338 34.14 49.59 -0.25
CA ARG Q 338 34.96 49.06 -1.33
C ARG Q 338 36.38 48.81 -0.85
N ARG Q 339 36.96 47.72 -1.33
CA ARG Q 339 38.36 47.40 -1.06
C ARG Q 339 38.95 46.71 -2.28
N GLY Q 340 39.95 47.34 -2.88
CA GLY Q 340 40.72 46.73 -3.96
C GLY Q 340 41.69 45.69 -3.43
N SER Q 341 41.45 44.42 -3.76
CA SER Q 341 42.20 43.32 -3.17
C SER Q 341 42.05 42.08 -4.04
N ALA Q 342 43.02 41.19 -3.91
CA ALA Q 342 43.04 39.94 -4.64
C ALA Q 342 43.43 38.81 -3.70
N VAL Q 343 42.72 37.69 -3.80
CA VAL Q 343 43.00 36.52 -2.99
C VAL Q 343 42.91 35.29 -3.87
N SER Q 344 43.79 34.31 -3.60
CA SER Q 344 43.90 33.09 -4.39
C SER Q 344 44.01 33.39 -5.87
N SER Q 345 44.78 34.42 -6.20
CA SER Q 345 44.73 34.97 -7.53
C SER Q 345 46.15 35.23 -8.06
N VAL Q 346 46.23 35.32 -9.38
CA VAL Q 346 47.46 35.65 -10.08
C VAL Q 346 47.22 36.97 -10.82
N VAL Q 347 47.99 38.00 -10.47
CA VAL Q 347 47.82 39.32 -11.05
C VAL Q 347 49.12 39.72 -11.74
N SER Q 348 49.03 40.12 -13.01
CA SER Q 348 50.17 40.55 -13.78
C SER Q 348 50.48 42.02 -13.51
N GLY Q 349 51.52 42.51 -14.17
CA GLY Q 349 51.89 43.91 -14.06
C GLY Q 349 50.92 44.81 -14.80
N ASP Q 350 51.06 46.11 -14.54
CA ASP Q 350 50.22 47.14 -15.16
C ASP Q 350 48.71 46.88 -14.92
N CYS Q 351 48.37 46.19 -13.84
CA CYS Q 351 46.97 46.03 -13.39
C CYS Q 351 46.70 46.94 -12.21
N ILE Q 352 45.59 47.68 -12.28
CA ILE Q 352 45.16 48.52 -11.18
C ILE Q 352 43.85 47.95 -10.65
N ILE Q 353 43.89 47.43 -9.43
CA ILE Q 353 42.73 46.81 -8.80
C ILE Q 353 42.12 47.90 -7.93
N SER Q 354 41.16 48.62 -8.48
CA SER Q 354 40.61 49.81 -7.86
C SER Q 354 39.28 49.46 -7.20
N GLY Q 355 39.30 49.29 -5.88
CA GLY Q 355 38.08 49.02 -5.14
C GLY Q 355 37.33 47.78 -5.59
N ALA Q 356 38.03 46.85 -6.24
CA ALA Q 356 37.45 45.65 -6.81
C ALA Q 356 37.95 44.43 -6.05
N ALA Q 357 37.13 43.37 -6.04
CA ALA Q 357 37.42 42.14 -5.33
C ALA Q 357 37.80 41.07 -6.34
N LEU Q 358 39.00 40.50 -6.18
CA LEU Q 358 39.49 39.43 -7.03
C LEU Q 358 39.61 38.16 -6.19
N ASN Q 359 38.94 37.09 -6.61
CA ASN Q 359 39.14 35.80 -5.97
C ASN Q 359 39.25 34.70 -7.01
N ARG Q 360 40.20 33.80 -6.79
CA ARG Q 360 40.53 32.72 -7.70
C ARG Q 360 40.47 33.15 -9.16
N SER Q 361 41.26 34.17 -9.49
CA SER Q 361 41.30 34.67 -10.85
C SER Q 361 42.74 34.82 -11.33
N LEU Q 362 42.91 34.84 -12.65
CA LEU Q 362 44.19 35.11 -13.29
C LEU Q 362 44.02 36.28 -14.25
N LEU Q 363 44.80 37.34 -14.03
CA LEU Q 363 44.74 38.54 -14.84
C LEU Q 363 46.03 38.72 -15.61
N PHE Q 364 45.91 38.92 -16.91
CA PHE Q 364 47.05 39.29 -17.74
C PHE Q 364 47.37 40.77 -17.53
N THR Q 365 48.34 41.27 -18.30
N THR Q 365 48.36 41.27 -18.26
CA THR Q 365 48.85 42.63 -18.13
CA THR Q 365 48.82 42.64 -18.05
C THR Q 365 47.80 43.67 -18.54
C THR Q 365 47.77 43.65 -18.48
N GLY Q 366 47.82 44.82 -17.85
CA GLY Q 366 47.08 45.97 -18.32
C GLY Q 366 45.62 46.07 -17.91
N VAL Q 367 45.15 45.21 -17.01
CA VAL Q 367 43.73 45.20 -16.68
C VAL Q 367 43.43 46.32 -15.69
N ARG Q 368 42.28 46.97 -15.88
CA ARG Q 368 41.75 47.94 -14.92
C ARG Q 368 40.43 47.41 -14.39
N ALA Q 369 40.40 47.06 -13.12
CA ALA Q 369 39.17 46.65 -12.44
C ALA Q 369 38.75 47.78 -11.51
N ASN Q 370 37.53 48.27 -11.69
CA ASN Q 370 37.10 49.47 -10.99
C ASN Q 370 36.13 49.12 -9.86
N SER Q 371 35.70 50.16 -9.14
CA SER Q 371 35.16 50.01 -7.79
C SER Q 371 33.87 49.20 -7.78
N TYR Q 372 33.68 48.44 -6.69
CA TYR Q 372 32.50 47.62 -6.44
C TYR Q 372 32.35 46.50 -7.45
N SER Q 373 33.28 46.36 -8.39
CA SER Q 373 33.26 45.21 -9.28
C SER Q 373 33.85 44.00 -8.58
N ARG Q 374 33.36 42.82 -8.94
CA ARG Q 374 33.77 41.57 -8.31
C ARG Q 374 34.10 40.54 -9.37
N LEU Q 375 35.24 39.87 -9.20
CA LEU Q 375 35.74 38.85 -10.13
C LEU Q 375 35.94 37.55 -9.36
N GLU Q 376 35.38 36.46 -9.88
CA GLU Q 376 35.59 35.14 -9.30
C GLU Q 376 35.71 34.10 -10.40
N ASN Q 377 36.68 33.20 -10.25
CA ASN Q 377 36.94 32.16 -11.24
C ASN Q 377 37.06 32.76 -12.65
N ALA Q 378 37.80 33.86 -12.75
CA ALA Q 378 37.87 34.65 -13.97
C ALA Q 378 39.26 34.55 -14.60
N VAL Q 379 39.31 34.26 -15.88
CA VAL Q 379 40.54 34.32 -16.67
C VAL Q 379 40.46 35.56 -17.55
N VAL Q 380 41.29 36.56 -17.25
CA VAL Q 380 41.15 37.90 -17.81
C VAL Q 380 42.35 38.21 -18.70
N LEU Q 381 42.12 38.32 -20.00
CA LEU Q 381 43.20 38.50 -20.97
C LEU Q 381 43.67 39.96 -20.94
N PRO Q 382 44.76 40.30 -21.63
CA PRO Q 382 45.39 41.60 -21.39
C PRO Q 382 44.47 42.77 -21.71
N SER Q 383 44.63 43.84 -20.90
CA SER Q 383 44.04 45.15 -21.15
C SER Q 383 42.53 45.16 -21.06
N VAL Q 384 41.95 44.27 -20.27
CA VAL Q 384 40.51 44.26 -20.06
C VAL Q 384 40.14 45.33 -19.05
N LYS Q 385 39.02 46.00 -19.28
CA LYS Q 385 38.45 46.95 -18.34
C LYS Q 385 37.20 46.35 -17.72
N ILE Q 386 37.09 46.44 -16.39
CA ILE Q 386 35.92 45.94 -15.68
C ILE Q 386 35.21 47.13 -15.07
N GLY Q 387 34.06 47.48 -15.62
CA GLY Q 387 33.31 48.63 -15.15
C GLY Q 387 32.84 48.47 -13.72
N ARG Q 388 32.55 49.61 -13.12
CA ARG Q 388 32.08 49.64 -11.73
C ARG Q 388 30.87 48.73 -11.56
N HIS Q 389 30.80 48.09 -10.39
CA HIS Q 389 29.69 47.24 -9.95
C HIS Q 389 29.52 45.97 -10.78
N ALA Q 390 30.41 45.70 -11.74
CA ALA Q 390 30.26 44.48 -12.53
C ALA Q 390 30.59 43.25 -11.67
N GLN Q 391 29.94 42.13 -11.99
CA GLN Q 391 30.10 40.90 -11.23
C GLN Q 391 30.19 39.74 -12.21
N LEU Q 392 31.30 39.02 -12.14
CA LEU Q 392 31.66 38.03 -13.15
C LEU Q 392 32.17 36.77 -12.47
N SER Q 393 31.56 35.64 -12.78
CA SER Q 393 31.98 34.35 -12.25
C SER Q 393 32.12 33.35 -13.38
N ASN Q 394 33.15 32.50 -13.28
CA ASN Q 394 33.42 31.43 -14.24
C ASN Q 394 33.43 31.95 -15.67
N VAL Q 395 34.45 32.74 -15.99
CA VAL Q 395 34.51 33.40 -17.28
C VAL Q 395 35.93 33.39 -17.86
N VAL Q 396 35.98 33.50 -19.19
CA VAL Q 396 37.17 33.83 -19.96
C VAL Q 396 36.87 35.15 -20.66
N ILE Q 397 37.66 36.18 -20.39
CA ILE Q 397 37.43 37.50 -20.95
C ILE Q 397 38.50 37.78 -22.01
N ASP Q 398 38.05 38.11 -23.21
CA ASP Q 398 38.95 38.23 -24.36
C ASP Q 398 39.81 39.50 -24.25
N HIS Q 399 40.86 39.54 -25.06
CA HIS Q 399 41.81 40.63 -25.03
C HIS Q 399 41.13 41.96 -25.35
N GLY Q 400 41.43 42.99 -24.54
CA GLY Q 400 40.95 44.33 -24.78
C GLY Q 400 39.50 44.61 -24.43
N VAL Q 401 38.80 43.69 -23.77
CA VAL Q 401 37.36 43.81 -23.64
C VAL Q 401 36.99 44.81 -22.56
N VAL Q 402 36.00 45.65 -22.84
CA VAL Q 402 35.46 46.61 -21.88
C VAL Q 402 34.14 46.07 -21.37
N ILE Q 403 34.11 45.70 -20.10
CA ILE Q 403 32.91 45.14 -19.47
C ILE Q 403 32.07 46.30 -18.94
N PRO Q 404 30.82 46.46 -19.40
CA PRO Q 404 30.00 47.59 -18.96
C PRO Q 404 29.77 47.59 -17.46
N GLU Q 405 29.49 48.78 -16.92
CA GLU Q 405 29.18 48.89 -15.51
C GLU Q 405 27.92 48.10 -15.17
N GLY Q 406 27.99 47.28 -14.13
CA GLY Q 406 26.86 46.54 -13.64
C GLY Q 406 26.63 45.18 -14.27
N LEU Q 407 27.38 44.84 -15.33
CA LEU Q 407 27.17 43.57 -16.01
C LEU Q 407 27.31 42.39 -15.05
N ILE Q 408 26.42 41.42 -15.20
CA ILE Q 408 26.34 40.23 -14.35
C ILE Q 408 26.49 39.01 -15.24
N VAL Q 409 27.46 38.16 -14.93
CA VAL Q 409 27.67 36.91 -15.65
C VAL Q 409 27.93 35.81 -14.65
N GLY Q 410 27.27 34.65 -14.85
CA GLY Q 410 27.42 33.53 -13.96
C GLY Q 410 26.34 33.36 -12.92
N GLU Q 411 25.30 34.20 -12.94
CA GLU Q 411 24.18 34.05 -12.02
C GLU Q 411 22.94 33.46 -12.69
N ASP Q 412 22.72 33.78 -13.96
CA ASP Q 412 21.57 33.27 -14.71
C ASP Q 412 22.09 32.52 -15.93
N PRO Q 413 22.02 31.19 -15.93
CA PRO Q 413 22.67 30.43 -17.02
C PRO Q 413 22.13 30.73 -18.40
N GLU Q 414 20.80 30.72 -18.60
CA GLU Q 414 20.28 30.92 -19.95
C GLU Q 414 20.32 32.38 -20.37
N LEU Q 415 20.35 33.32 -19.43
CA LEU Q 415 20.67 34.69 -19.80
C LEU Q 415 22.11 34.79 -20.31
N ASP Q 416 23.05 34.19 -19.57
CA ASP Q 416 24.44 34.16 -20.02
C ASP Q 416 24.59 33.38 -21.32
N ALA Q 417 23.83 32.29 -21.47
CA ALA Q 417 23.95 31.47 -22.67
C ALA Q 417 23.47 32.22 -23.91
N LYS Q 418 22.52 33.13 -23.76
CA LYS Q 418 22.07 33.89 -24.92
C LYS Q 418 23.00 35.06 -25.22
N ARG Q 419 23.48 35.74 -24.18
CA ARG Q 419 24.35 36.91 -24.38
C ARG Q 419 25.74 36.49 -24.83
N PHE Q 420 26.26 35.38 -24.30
CA PHE Q 420 27.65 35.03 -24.60
C PHE Q 420 27.79 33.58 -25.07
N ARG Q 421 29.02 33.11 -25.12
CA ARG Q 421 29.35 31.74 -25.45
C ARG Q 421 29.55 30.98 -24.14
N ARG Q 422 28.62 30.10 -23.82
CA ARG Q 422 28.60 29.41 -22.53
C ARG Q 422 28.81 27.92 -22.76
N THR Q 423 29.83 27.35 -22.13
CA THR Q 423 30.06 25.92 -22.22
C THR Q 423 29.05 25.16 -21.37
N GLU Q 424 28.98 23.85 -21.60
CA GLU Q 424 28.06 23.01 -20.83
C GLU Q 424 28.38 23.06 -19.33
N SER Q 425 29.65 23.22 -18.97
CA SER Q 425 30.05 23.23 -17.58
C SER Q 425 29.95 24.63 -16.94
N GLY Q 426 29.39 25.59 -17.65
CA GLY Q 426 29.08 26.88 -17.07
C GLY Q 426 30.10 27.98 -17.29
N ILE Q 427 31.09 27.77 -18.17
CA ILE Q 427 32.11 28.77 -18.46
C ILE Q 427 31.60 29.67 -19.57
N CYS Q 428 31.72 30.98 -19.37
CA CYS Q 428 31.32 31.97 -20.37
C CYS Q 428 32.56 32.60 -20.98
N LEU Q 429 32.67 32.54 -22.30
CA LEU Q 429 33.69 33.29 -23.02
C LEU Q 429 33.06 34.61 -23.46
N ILE Q 430 33.68 35.72 -23.09
CA ILE Q 430 33.13 37.05 -23.34
C ILE Q 430 34.07 37.82 -24.26
N THR Q 431 33.59 38.17 -25.45
CA THR Q 431 34.32 39.00 -26.39
CA THR Q 431 34.33 39.00 -26.39
C THR Q 431 33.65 40.37 -26.51
N GLN Q 432 34.38 41.31 -27.11
CA GLN Q 432 33.85 42.66 -27.27
C GLN Q 432 32.66 42.69 -28.23
N SER Q 433 32.63 41.80 -29.22
CA SER Q 433 31.54 41.83 -30.19
C SER Q 433 30.24 41.34 -29.57
N MET Q 434 30.32 40.48 -28.55
CA MET Q 434 29.10 40.12 -27.81
C MET Q 434 28.64 41.27 -26.93
N ILE Q 435 29.57 41.95 -26.25
CA ILE Q 435 29.24 43.11 -25.44
C ILE Q 435 28.53 44.16 -26.28
N ASP Q 436 28.99 44.36 -27.52
CA ASP Q 436 28.44 45.39 -28.39
C ASP Q 436 26.95 45.17 -28.65
N LYS Q 437 26.45 43.95 -28.53
CA LYS Q 437 25.06 43.64 -28.83
C LYS Q 437 24.15 43.67 -27.61
N LEU Q 438 24.64 44.18 -26.48
CA LEU Q 438 23.95 43.99 -25.21
C LEU Q 438 22.84 45.01 -24.99
N ASP Q 439 21.75 44.54 -24.39
CA ASP Q 439 20.73 45.38 -23.78
C ASP Q 439 20.37 44.81 -22.41
N LEU Q 440 19.42 43.88 -22.37
CA LEU Q 440 19.12 43.12 -21.15
C LEU Q 440 19.33 41.62 -21.42
N VAL R 26 65.22 75.53 -37.37
CA VAL R 26 64.24 74.49 -37.67
C VAL R 26 64.56 73.21 -36.89
N GLN R 27 65.83 72.84 -36.92
CA GLN R 27 66.24 71.59 -36.30
C GLN R 27 66.27 71.72 -34.78
N PRO R 28 65.80 70.71 -34.05
CA PRO R 28 65.91 70.74 -32.59
C PRO R 28 67.36 70.70 -32.15
N LEU R 29 67.62 71.38 -31.03
CA LEU R 29 68.99 71.51 -30.57
C LEU R 29 69.53 70.23 -29.97
N ALA R 30 68.66 69.38 -29.41
CA ALA R 30 69.09 68.12 -28.80
C ALA R 30 69.86 67.25 -29.80
N ARG R 31 69.59 67.41 -31.10
CA ARG R 31 70.35 66.67 -32.10
C ARG R 31 71.84 66.87 -31.93
N ASP R 32 72.25 68.06 -31.46
CA ASP R 32 73.65 68.42 -31.32
C ASP R 32 74.08 68.53 -29.86
N ALA R 33 73.34 67.88 -28.95
CA ALA R 33 73.66 67.89 -27.54
C ALA R 33 74.21 66.54 -27.09
N MET R 34 75.13 66.57 -26.14
CA MET R 34 75.48 65.40 -25.33
C MET R 34 75.05 65.64 -23.89
N ALA R 35 74.43 64.64 -23.28
CA ALA R 35 74.06 64.71 -21.87
C ALA R 35 75.11 63.97 -21.05
N TYR R 36 75.63 64.65 -20.03
CA TYR R 36 76.68 64.10 -19.17
C TYR R 36 76.10 63.97 -17.76
N VAL R 37 75.99 62.73 -17.29
CA VAL R 37 75.40 62.44 -15.99
C VAL R 37 76.51 62.25 -14.97
N LEU R 38 76.41 62.96 -13.85
CA LEU R 38 77.34 62.80 -12.74
C LEU R 38 76.69 61.86 -11.74
N ALA R 39 77.22 60.65 -11.64
CA ALA R 39 76.63 59.59 -10.82
C ALA R 39 77.66 59.01 -9.87
N GLY R 40 78.55 59.85 -9.36
CA GLY R 40 79.54 59.40 -8.39
C GLY R 40 79.18 59.64 -6.95
N GLY R 41 78.06 60.29 -6.70
CA GLY R 41 77.72 60.71 -5.35
C GLY R 41 77.32 59.53 -4.48
N ARG R 42 77.91 59.45 -3.28
CA ARG R 42 77.60 58.35 -2.37
C ARG R 42 76.21 58.49 -1.77
N GLY R 43 75.73 59.72 -1.60
CA GLY R 43 74.50 59.96 -0.86
C GLY R 43 74.60 59.37 0.55
N SER R 44 75.45 59.96 1.39
CA SER R 44 75.79 59.34 2.66
C SER R 44 74.69 59.50 3.69
N ARG R 45 73.80 60.47 3.53
CA ARG R 45 72.72 60.66 4.47
C ARG R 45 71.69 59.54 4.36
N LEU R 46 71.80 58.68 3.34
CA LEU R 46 70.99 57.48 3.25
C LEU R 46 71.58 56.33 4.05
N LYS R 47 72.73 56.53 4.69
CA LYS R 47 73.31 55.62 5.69
C LYS R 47 73.55 54.25 5.05
N GLU R 48 73.02 53.16 5.62
CA GLU R 48 73.33 51.81 5.17
C GLU R 48 72.72 51.49 3.82
N LEU R 49 71.76 52.28 3.35
CA LEU R 49 71.17 52.04 2.03
C LEU R 49 72.16 52.27 0.91
N THR R 50 73.22 53.05 1.16
CA THR R 50 74.24 53.30 0.16
C THR R 50 75.61 52.78 0.61
N ASP R 51 75.64 51.86 1.58
CA ASP R 51 76.90 51.24 1.97
C ASP R 51 77.48 50.40 0.84
N ARG R 52 76.60 49.83 0.00
CA ARG R 52 77.01 48.87 -1.02
C ARG R 52 76.80 49.38 -2.43
N ARG R 53 76.29 50.59 -2.61
CA ARG R 53 75.96 51.11 -3.93
C ARG R 53 75.85 52.62 -3.83
N ALA R 54 76.16 53.30 -4.93
CA ALA R 54 75.98 54.73 -4.99
C ALA R 54 74.49 55.09 -5.04
N LYS R 55 74.16 56.26 -4.51
CA LYS R 55 72.78 56.74 -4.57
C LYS R 55 72.15 56.67 -5.95
N PRO R 56 72.86 56.94 -7.06
CA PRO R 56 72.21 56.77 -8.38
C PRO R 56 71.76 55.35 -8.66
N ALA R 57 72.31 54.35 -7.98
CA ALA R 57 71.95 52.96 -8.24
C ALA R 57 70.81 52.46 -7.37
N VAL R 58 70.40 53.22 -6.35
CA VAL R 58 69.37 52.73 -5.43
C VAL R 58 68.04 52.64 -6.16
N TYR R 59 67.28 51.60 -5.86
CA TYR R 59 66.00 51.37 -6.52
C TYR R 59 64.97 52.42 -6.06
N PHE R 60 63.95 52.62 -6.90
CA PHE R 60 62.89 53.57 -6.56
C PHE R 60 61.61 53.22 -7.32
N GLY R 61 60.48 53.34 -6.63
CA GLY R 61 59.19 53.36 -7.28
C GLY R 61 58.68 52.03 -7.76
N GLY R 62 59.36 50.93 -7.45
N GLY R 62 59.37 50.93 -7.47
CA GLY R 62 59.06 49.67 -8.09
CA GLY R 62 58.91 49.60 -7.79
C GLY R 62 59.11 49.84 -9.60
C GLY R 62 59.75 48.87 -8.84
N LYS R 63 59.96 50.77 -10.04
N LYS R 63 60.59 49.58 -9.59
CA LYS R 63 59.89 51.32 -11.38
CA LYS R 63 61.32 48.90 -10.66
C LYS R 63 61.23 51.24 -12.08
C LYS R 63 62.64 49.58 -10.99
N ALA R 64 62.26 51.80 -11.45
N ALA R 64 62.58 50.81 -11.49
CA ALA R 64 63.60 51.92 -12.01
CA ALA R 64 63.76 51.49 -12.00
C ALA R 64 64.56 52.20 -10.86
C ALA R 64 64.71 51.84 -10.85
N ARG R 65 65.79 52.52 -11.20
CA ARG R 65 66.71 53.08 -10.23
C ARG R 65 66.79 54.58 -10.46
N ILE R 66 67.34 55.29 -9.47
CA ILE R 66 67.24 56.75 -9.47
C ILE R 66 67.85 57.34 -10.74
N ILE R 67 68.99 56.80 -11.18
CA ILE R 67 69.68 57.35 -12.35
C ILE R 67 68.84 57.24 -13.62
N ASP R 68 67.89 56.31 -13.66
CA ASP R 68 67.12 56.11 -14.89
C ASP R 68 66.21 57.29 -15.21
N PHE R 69 65.88 58.15 -14.24
CA PHE R 69 65.04 59.29 -14.57
C PHE R 69 65.80 60.29 -15.42
N ALA R 70 66.96 60.74 -14.96
CA ALA R 70 67.77 61.66 -15.75
C ALA R 70 68.09 61.06 -17.13
N LEU R 71 68.53 59.80 -17.15
CA LEU R 71 68.82 59.13 -18.42
C LEU R 71 67.60 59.08 -19.32
N SER R 72 66.42 58.85 -18.75
CA SER R 72 65.20 58.84 -19.55
C SER R 72 64.86 60.24 -20.05
N ASN R 73 65.18 61.28 -19.25
CA ASN R 73 64.93 62.65 -19.70
C ASN R 73 65.82 62.99 -20.89
N ALA R 74 67.08 62.57 -20.84
CA ALA R 74 67.97 62.72 -21.99
C ALA R 74 67.41 62.01 -23.20
N LEU R 75 66.96 60.77 -23.02
CA LEU R 75 66.43 59.98 -24.12
C LEU R 75 65.14 60.60 -24.67
N ASN R 76 64.18 60.88 -23.79
CA ASN R 76 62.89 61.41 -24.24
C ASN R 76 63.00 62.81 -24.82
N SER R 77 63.98 63.60 -24.39
CA SER R 77 64.18 64.93 -24.96
C SER R 77 64.91 64.90 -26.30
N GLY R 78 65.36 63.74 -26.76
CA GLY R 78 66.03 63.63 -28.03
C GLY R 78 67.55 63.65 -27.97
N ILE R 79 68.14 63.58 -26.78
CA ILE R 79 69.59 63.52 -26.65
C ILE R 79 70.01 62.05 -26.75
N ARG R 80 70.79 61.73 -27.77
CA ARG R 80 71.17 60.35 -28.04
C ARG R 80 72.65 60.08 -27.76
N ARG R 81 73.37 61.02 -27.16
CA ARG R 81 74.73 60.81 -26.70
C ARG R 81 74.77 61.09 -25.21
N ILE R 82 75.08 60.07 -24.43
CA ILE R 82 75.04 60.15 -22.98
C ILE R 82 76.36 59.63 -22.43
N GLY R 83 76.97 60.40 -21.54
CA GLY R 83 78.08 59.95 -20.71
C GLY R 83 77.63 59.84 -19.26
N VAL R 84 78.16 58.83 -18.56
CA VAL R 84 77.87 58.63 -17.14
C VAL R 84 79.20 58.52 -16.41
N ALA R 85 79.50 59.50 -15.56
CA ALA R 85 80.68 59.45 -14.71
C ALA R 85 80.32 58.74 -13.41
N THR R 86 81.06 57.68 -13.10
CA THR R 86 80.86 56.94 -11.87
C THR R 86 82.12 57.01 -11.02
N GLN R 87 81.96 56.71 -9.74
CA GLN R 87 83.10 56.64 -8.83
C GLN R 87 82.76 55.76 -7.64
N TYR R 88 82.09 56.34 -6.64
CA TYR R 88 81.82 55.62 -5.40
C TYR R 88 81.04 54.34 -5.68
N LYS R 89 81.52 53.24 -5.10
CA LYS R 89 80.93 51.90 -5.17
C LYS R 89 79.98 51.72 -6.35
N ALA R 90 80.55 51.58 -7.54
CA ALA R 90 79.79 51.69 -8.79
C ALA R 90 79.56 50.36 -9.46
N HIS R 91 79.73 49.24 -8.74
CA HIS R 91 79.65 47.92 -9.37
C HIS R 91 78.24 47.65 -9.89
N ASP R 92 77.24 47.83 -9.04
CA ASP R 92 75.86 47.62 -9.47
C ASP R 92 75.46 48.64 -10.52
N LEU R 93 75.87 49.89 -10.32
CA LEU R 93 75.48 50.95 -11.24
C LEU R 93 76.00 50.66 -12.64
N ILE R 94 77.26 50.26 -12.76
CA ILE R 94 77.83 50.00 -14.07
C ILE R 94 77.18 48.75 -14.68
N ARG R 95 76.94 47.72 -13.88
CA ARG R 95 76.26 46.53 -14.40
C ARG R 95 74.86 46.87 -14.87
N HIS R 96 74.15 47.71 -14.12
CA HIS R 96 72.81 48.14 -14.52
C HIS R 96 72.87 48.96 -15.80
N LEU R 97 73.78 49.94 -15.86
CA LEU R 97 73.95 50.71 -17.08
C LEU R 97 74.28 49.81 -18.26
N GLN R 98 75.17 48.83 -18.06
CA GLN R 98 75.57 47.93 -19.15
C GLN R 98 74.40 47.12 -19.68
N ARG R 99 73.49 46.69 -18.80
CA ARG R 99 72.43 45.79 -19.21
C ARG R 99 71.13 46.49 -19.58
N GLY R 100 70.86 47.66 -19.00
CA GLY R 100 69.64 48.37 -19.33
C GLY R 100 69.78 49.32 -20.51
N TRP R 101 70.91 50.00 -20.61
CA TRP R 101 71.08 51.06 -21.61
C TRP R 101 72.04 50.60 -22.70
N ASP R 102 71.64 49.55 -23.43
CA ASP R 102 72.50 48.87 -24.39
C ASP R 102 71.97 48.97 -25.82
N PHE R 103 71.17 50.00 -26.12
CA PHE R 103 70.50 50.09 -27.41
C PHE R 103 70.94 51.32 -28.22
N PHE R 104 72.07 51.91 -27.86
CA PHE R 104 72.65 53.02 -28.62
C PHE R 104 73.69 52.46 -29.60
N ARG R 105 73.65 52.90 -30.84
CA ARG R 105 74.61 52.43 -31.82
C ARG R 105 75.37 53.61 -32.42
N PRO R 106 76.70 53.55 -32.51
CA PRO R 106 77.46 54.65 -33.11
C PRO R 106 77.07 54.96 -34.55
N GLU R 107 76.65 53.95 -35.34
CA GLU R 107 76.34 54.21 -36.74
C GLU R 107 75.16 55.15 -36.89
N ARG R 108 74.28 55.19 -35.89
CA ARG R 108 73.15 56.11 -35.86
C ARG R 108 73.48 57.41 -35.14
N ASN R 109 74.76 57.66 -34.89
CA ASN R 109 75.23 58.81 -34.12
C ASN R 109 74.65 58.81 -32.71
N GLU R 110 74.49 57.62 -32.15
CA GLU R 110 74.17 57.41 -30.74
C GLU R 110 75.41 56.92 -30.02
N SER R 111 75.44 57.13 -28.70
CA SER R 111 76.53 56.62 -27.89
C SER R 111 76.10 56.65 -26.43
N PHE R 112 76.54 55.63 -25.69
CA PHE R 112 76.34 55.58 -24.24
C PHE R 112 77.68 55.18 -23.63
N ASP R 113 78.38 56.17 -23.06
CA ASP R 113 79.71 55.98 -22.51
C ASP R 113 79.61 55.86 -20.99
N ILE R 114 80.13 54.76 -20.45
CA ILE R 114 80.24 54.57 -19.00
C ILE R 114 81.68 54.89 -18.61
N LEU R 115 81.85 55.92 -17.78
CA LEU R 115 83.16 56.53 -17.56
C LEU R 115 83.51 56.50 -16.08
N PRO R 116 83.97 55.36 -15.56
CA PRO R 116 84.44 55.30 -14.17
C PRO R 116 85.80 55.96 -14.03
N ALA R 117 86.15 56.25 -12.78
CA ALA R 117 87.49 56.72 -12.47
C ALA R 117 88.42 55.53 -12.37
N SER R 118 89.50 55.53 -13.15
CA SER R 118 90.43 54.42 -13.12
C SER R 118 91.74 54.86 -13.76
N GLN R 119 92.59 53.89 -14.11
CA GLN R 119 93.92 54.13 -14.67
C GLN R 119 93.83 53.99 -16.19
N ARG R 120 93.65 55.12 -16.88
CA ARG R 120 93.62 55.13 -18.33
C ARG R 120 94.34 56.37 -18.87
N VAL R 121 93.91 57.56 -18.41
CA VAL R 121 94.57 58.81 -18.77
C VAL R 121 95.51 59.31 -17.67
N SER R 122 95.40 58.78 -16.46
CA SER R 122 96.33 59.05 -15.37
C SER R 122 96.03 58.07 -14.25
N GLU R 123 96.93 58.01 -13.26
CA GLU R 123 96.79 57.11 -12.13
C GLU R 123 95.51 57.42 -11.34
N THR R 124 95.56 58.46 -10.51
CA THR R 124 94.43 58.95 -9.73
C THR R 124 93.57 57.84 -9.13
N GLN R 125 92.73 57.20 -9.97
CA GLN R 125 91.70 56.27 -9.50
C GLN R 125 90.72 56.97 -8.56
N TRP R 126 90.43 58.24 -8.87
CA TRP R 126 89.37 59.04 -8.28
C TRP R 126 89.27 60.31 -9.11
N TYR R 127 88.06 60.87 -9.20
CA TYR R 127 87.90 62.20 -9.76
C TYR R 127 87.95 63.20 -8.61
N GLU R 128 88.69 64.29 -8.81
CA GLU R 128 88.78 65.28 -7.74
C GLU R 128 87.51 66.09 -7.58
N GLY R 129 86.50 65.88 -8.43
CA GLY R 129 85.24 66.55 -8.28
C GLY R 129 84.36 66.31 -9.49
N THR R 130 83.18 66.94 -9.44
CA THR R 130 82.22 66.81 -10.55
C THR R 130 82.74 67.48 -11.82
N ALA R 131 83.59 68.49 -11.68
CA ALA R 131 84.20 69.12 -12.86
C ALA R 131 85.34 68.26 -13.39
N ASP R 132 86.11 67.66 -12.50
CA ASP R 132 87.16 66.74 -12.91
C ASP R 132 86.58 65.50 -13.56
N ALA R 133 85.40 65.08 -13.12
CA ALA R 133 84.73 63.94 -13.74
C ALA R 133 84.47 64.19 -15.22
N VAL R 134 84.21 65.44 -15.60
CA VAL R 134 84.03 65.76 -17.00
C VAL R 134 85.37 66.09 -17.66
N TYR R 135 86.26 66.77 -16.94
CA TYR R 135 87.51 67.21 -17.54
C TYR R 135 88.37 66.03 -17.96
N GLN R 136 88.43 64.98 -17.14
N GLN R 136 88.42 64.98 -17.15
CA GLN R 136 89.26 63.82 -17.47
CA GLN R 136 89.25 63.81 -17.46
C GLN R 136 88.79 63.11 -18.73
C GLN R 136 88.78 63.07 -18.70
N ASN R 137 87.52 63.28 -19.11
CA ASN R 137 86.95 62.58 -20.27
C ASN R 137 86.71 63.49 -21.45
N ILE R 138 87.42 64.62 -21.52
CA ILE R 138 87.32 65.48 -22.70
C ILE R 138 87.70 64.72 -23.95
N ASP R 139 88.69 63.83 -23.84
CA ASP R 139 89.10 63.00 -24.98
C ASP R 139 87.98 62.08 -25.46
N ILE R 140 86.97 61.84 -24.62
CA ILE R 140 85.81 61.08 -25.04
C ILE R 140 84.77 61.99 -25.70
N ILE R 141 84.68 63.25 -25.27
CA ILE R 141 83.66 64.16 -25.79
C ILE R 141 84.08 64.72 -27.14
N GLU R 142 85.32 65.20 -27.24
CA GLU R 142 85.77 65.91 -28.44
C GLU R 142 85.51 65.19 -29.75
N PRO R 143 85.79 63.88 -29.90
CA PRO R 143 85.48 63.22 -31.17
C PRO R 143 84.00 63.26 -31.55
N TYR R 144 83.09 63.35 -30.58
CA TYR R 144 81.68 63.51 -30.93
C TYR R 144 81.39 64.93 -31.44
N ALA R 145 82.20 65.89 -31.00
CA ALA R 145 82.05 67.32 -31.27
C ALA R 145 80.60 67.76 -31.14
N PRO R 146 79.92 67.51 -30.02
CA PRO R 146 78.57 68.03 -29.87
C PRO R 146 78.59 69.53 -29.62
N GLU R 147 77.56 70.21 -30.12
CA GLU R 147 77.50 71.66 -29.93
C GLU R 147 77.20 72.02 -28.47
N TYR R 148 76.35 71.25 -27.80
CA TYR R 148 75.90 71.59 -26.46
C TYR R 148 76.15 70.43 -25.49
N MET R 149 76.52 70.78 -24.26
CA MET R 149 76.65 69.83 -23.16
C MET R 149 75.54 70.07 -22.16
N VAL R 150 74.89 69.00 -21.70
CA VAL R 150 73.85 69.07 -20.70
C VAL R 150 74.35 68.28 -19.49
N ILE R 151 74.87 68.99 -18.49
CA ILE R 151 75.39 68.35 -17.28
C ILE R 151 74.22 68.08 -16.34
N LEU R 152 74.03 66.81 -15.99
CA LEU R 152 72.89 66.37 -15.19
C LEU R 152 73.37 65.72 -13.91
N ALA R 153 72.74 66.11 -12.79
CA ALA R 153 72.85 65.33 -11.57
C ALA R 153 72.14 64.00 -11.76
N GLY R 154 72.75 62.93 -11.26
CA GLY R 154 72.22 61.59 -11.43
C GLY R 154 71.40 61.05 -10.27
N ASP R 155 71.06 61.87 -9.28
CA ASP R 155 70.52 61.36 -8.02
C ASP R 155 69.16 61.97 -7.68
N HIS R 156 68.43 62.47 -8.66
CA HIS R 156 67.12 63.06 -8.44
C HIS R 156 66.07 62.35 -9.27
N ILE R 157 64.82 62.44 -8.80
CA ILE R 157 63.67 61.85 -9.46
C ILE R 157 62.82 62.99 -10.02
N TYR R 158 62.73 63.07 -11.35
CA TYR R 158 62.02 64.16 -12.00
C TYR R 158 61.98 63.87 -13.49
N LYS R 159 61.03 64.50 -14.17
CA LYS R 159 60.86 64.40 -15.61
C LYS R 159 60.94 65.79 -16.21
N MET R 160 61.73 65.94 -17.28
CA MET R 160 62.03 67.26 -17.79
C MET R 160 62.43 67.18 -19.26
N ASP R 161 61.95 68.12 -20.05
CA ASP R 161 62.25 68.19 -21.48
C ASP R 161 63.39 69.19 -21.67
N TYR R 162 64.60 68.67 -21.84
CA TYR R 162 65.80 69.52 -21.93
C TYR R 162 65.87 70.33 -23.22
N GLU R 163 65.01 70.05 -24.20
CA GLU R 163 64.99 70.88 -25.40
C GLU R 163 64.65 72.32 -25.05
N TYR R 164 63.73 72.52 -24.10
CA TYR R 164 63.39 73.87 -23.63
C TYR R 164 64.62 74.60 -23.13
N MET R 165 65.46 73.92 -22.34
N MET R 165 65.47 73.93 -22.35
CA MET R 165 66.65 74.54 -21.78
CA MET R 165 66.63 74.61 -21.79
C MET R 165 67.67 74.89 -22.86
C MET R 165 67.72 74.86 -22.83
N LEU R 166 67.80 74.03 -23.86
CA LEU R 166 68.77 74.29 -24.93
C LEU R 166 68.39 75.52 -25.71
N GLN R 167 67.08 75.73 -25.91
CA GLN R 167 66.63 76.88 -26.68
C GLN R 167 66.76 78.17 -25.86
N GLN R 168 66.38 78.13 -24.58
CA GLN R 168 66.63 79.30 -23.73
C GLN R 168 68.11 79.63 -23.69
N HIS R 169 68.97 78.61 -23.61
CA HIS R 169 70.41 78.84 -23.56
C HIS R 169 70.90 79.51 -24.84
N VAL R 170 70.51 78.97 -25.99
CA VAL R 170 70.98 79.53 -27.25
C VAL R 170 70.38 80.91 -27.49
N ASP R 171 69.07 81.06 -27.24
CA ASP R 171 68.41 82.32 -27.55
C ASP R 171 68.80 83.44 -26.61
N SER R 172 69.27 83.13 -25.40
CA SER R 172 69.62 84.16 -24.43
C SER R 172 71.08 84.57 -24.50
N GLY R 173 71.93 83.78 -25.16
CA GLY R 173 73.34 84.09 -25.22
C GLY R 173 74.10 83.83 -23.94
N ALA R 174 73.50 83.16 -22.96
CA ALA R 174 74.16 82.92 -21.70
C ALA R 174 75.40 82.04 -21.88
N ASP R 175 76.38 82.22 -20.99
CA ASP R 175 77.51 81.31 -20.94
C ASP R 175 77.12 80.00 -20.25
N VAL R 176 76.15 80.03 -19.34
CA VAL R 176 75.61 78.82 -18.75
C VAL R 176 74.17 79.06 -18.35
N THR R 177 73.32 78.08 -18.62
CA THR R 177 71.95 78.06 -18.15
C THR R 177 71.81 76.99 -17.08
N ILE R 178 71.14 77.33 -15.99
CA ILE R 178 71.08 76.47 -14.81
C ILE R 178 69.62 76.13 -14.55
N GLY R 179 69.34 74.83 -14.41
CA GLY R 179 68.01 74.42 -14.00
C GLY R 179 67.78 74.72 -12.54
N CYS R 180 66.68 75.39 -12.24
CA CYS R 180 66.35 75.77 -10.87
C CYS R 180 64.90 75.47 -10.57
N LEU R 181 64.65 75.01 -9.34
CA LEU R 181 63.31 74.85 -8.82
C LEU R 181 62.82 76.16 -8.21
N GLU R 182 61.51 76.39 -8.30
CA GLU R 182 60.85 77.47 -7.59
C GLU R 182 60.29 76.88 -6.30
N VAL R 183 60.97 77.12 -5.19
CA VAL R 183 60.54 76.59 -3.90
C VAL R 183 60.27 77.73 -2.92
N PRO R 184 59.37 77.54 -1.94
CA PRO R 184 59.18 78.57 -0.91
C PRO R 184 60.50 78.87 -0.21
N ARG R 185 60.69 80.14 0.14
CA ARG R 185 61.96 80.59 0.69
C ARG R 185 62.45 79.71 1.82
N MET R 186 61.58 79.40 2.78
CA MET R 186 62.03 78.66 3.96
C MET R 186 62.58 77.30 3.56
N GLU R 187 61.94 76.64 2.60
CA GLU R 187 62.46 75.37 2.14
C GLU R 187 63.70 75.53 1.27
N ALA R 188 63.98 76.74 0.78
CA ALA R 188 65.19 76.99 0.00
C ALA R 188 66.44 77.08 0.86
N THR R 189 66.30 77.11 2.19
CA THR R 189 67.45 77.15 3.08
C THR R 189 68.35 75.93 2.95
N GLY R 190 67.88 74.87 2.32
CA GLY R 190 68.67 73.67 2.14
C GLY R 190 69.39 73.55 0.82
N PHE R 191 69.24 74.53 -0.07
CA PHE R 191 69.74 74.46 -1.43
C PHE R 191 70.84 75.50 -1.66
N GLY R 192 71.54 75.33 -2.78
CA GLY R 192 72.31 76.42 -3.34
C GLY R 192 71.35 77.27 -4.13
N VAL R 193 71.26 78.56 -3.81
CA VAL R 193 70.21 79.41 -4.34
C VAL R 193 70.80 80.37 -5.35
N MET R 194 70.08 80.60 -6.46
CA MET R 194 70.44 81.61 -7.43
C MET R 194 69.64 82.87 -7.13
N HIS R 195 70.35 83.96 -6.83
CA HIS R 195 69.77 85.29 -6.77
C HIS R 195 69.69 85.84 -8.18
N VAL R 196 68.49 86.21 -8.64
CA VAL R 196 68.32 86.68 -10.01
C VAL R 196 67.63 88.04 -10.02
N ASN R 197 67.84 88.74 -11.13
CA ASN R 197 67.18 90.02 -11.36
C ASN R 197 65.83 89.81 -12.05
N GLU R 198 65.39 90.82 -12.80
CA GLU R 198 64.05 90.81 -13.37
C GLU R 198 63.96 89.91 -14.60
N LYS R 199 65.06 89.67 -15.30
CA LYS R 199 65.04 88.85 -16.51
C LYS R 199 65.65 87.48 -16.27
N ASP R 200 65.73 87.05 -15.01
CA ASP R 200 66.20 85.72 -14.59
C ASP R 200 67.69 85.50 -14.86
N GLU R 201 68.48 86.57 -14.99
CA GLU R 201 69.93 86.43 -14.97
C GLU R 201 70.42 86.32 -13.53
N ILE R 202 71.45 85.52 -13.34
CA ILE R 202 71.94 85.17 -12.01
C ILE R 202 73.01 86.17 -11.59
N ILE R 203 72.71 86.94 -10.54
CA ILE R 203 73.66 87.92 -10.03
C ILE R 203 74.50 87.39 -8.86
N ASP R 204 74.06 86.34 -8.20
CA ASP R 204 74.78 85.79 -7.06
C ASP R 204 74.30 84.36 -6.84
N PHE R 205 75.12 83.60 -6.13
CA PHE R 205 74.76 82.25 -5.74
C PHE R 205 75.24 82.04 -4.31
N ILE R 206 74.35 81.55 -3.45
CA ILE R 206 74.63 81.37 -2.04
C ILE R 206 74.37 79.91 -1.69
N GLU R 207 75.31 79.31 -0.97
CA GLU R 207 75.17 77.93 -0.50
C GLU R 207 74.39 77.93 0.81
N LYS R 208 73.18 77.37 0.78
CA LYS R 208 72.30 77.29 1.93
C LYS R 208 72.17 78.64 2.63
N PRO R 209 71.49 79.61 2.02
CA PRO R 209 71.31 80.91 2.70
C PRO R 209 70.32 80.78 3.85
N ALA R 210 70.68 81.37 5.00
CA ALA R 210 69.77 81.38 6.15
C ALA R 210 68.47 82.09 5.79
N ASP R 211 68.56 83.13 4.95
CA ASP R 211 67.39 83.79 4.39
C ASP R 211 67.58 83.88 2.88
N PRO R 212 67.00 82.96 2.12
CA PRO R 212 67.23 82.93 0.67
C PRO R 212 66.67 84.17 0.01
N PRO R 213 67.41 84.75 -0.93
CA PRO R 213 66.88 85.90 -1.69
C PRO R 213 65.70 85.46 -2.54
N GLY R 214 64.65 86.26 -2.52
CA GLY R 214 63.45 85.93 -3.26
C GLY R 214 63.53 86.31 -4.73
N ILE R 215 62.57 85.80 -5.49
CA ILE R 215 62.41 86.16 -6.89
C ILE R 215 61.83 87.57 -6.98
N PRO R 216 62.37 88.45 -7.82
CA PRO R 216 61.78 89.79 -7.96
C PRO R 216 60.32 89.70 -8.36
N GLY R 217 59.48 90.46 -7.65
CA GLY R 217 58.05 90.42 -7.88
C GLY R 217 57.35 89.20 -7.34
N ASN R 218 58.09 88.25 -6.77
CA ASN R 218 57.53 87.04 -6.19
C ASN R 218 58.42 86.65 -5.02
N GLU R 219 58.48 87.53 -4.01
CA GLU R 219 59.39 87.35 -2.89
C GLU R 219 59.09 86.11 -2.06
N GLY R 220 57.96 85.45 -2.30
CA GLY R 220 57.66 84.25 -1.53
C GLY R 220 58.41 83.01 -1.97
N PHE R 221 59.15 83.07 -3.06
CA PHE R 221 59.81 81.89 -3.61
C PHE R 221 61.25 82.22 -3.96
N ALA R 222 62.10 81.21 -3.85
CA ALA R 222 63.50 81.30 -4.17
C ALA R 222 63.85 80.27 -5.24
N LEU R 223 64.85 80.59 -6.06
CA LEU R 223 65.31 79.69 -7.10
C LEU R 223 66.38 78.76 -6.52
N ALA R 224 66.09 77.46 -6.52
CA ALA R 224 66.98 76.45 -5.96
C ALA R 224 67.63 75.67 -7.09
N SER R 225 68.96 75.61 -7.07
CA SER R 225 69.68 74.94 -8.16
C SER R 225 69.45 73.43 -8.12
N MET R 226 69.03 72.88 -9.26
CA MET R 226 68.87 71.44 -9.40
C MET R 226 70.16 70.73 -9.77
N GLY R 227 71.25 71.46 -9.99
CA GLY R 227 72.47 70.82 -10.45
C GLY R 227 72.44 70.44 -11.91
N ILE R 228 71.62 71.10 -12.71
CA ILE R 228 71.52 70.89 -14.15
C ILE R 228 72.12 72.10 -14.83
N TYR R 229 73.13 71.88 -15.67
CA TYR R 229 73.82 72.98 -16.34
C TYR R 229 73.91 72.71 -17.83
N VAL R 230 73.66 73.73 -18.62
CA VAL R 230 73.77 73.66 -20.08
C VAL R 230 74.84 74.65 -20.51
N PHE R 231 75.77 74.18 -21.36
CA PHE R 231 76.85 74.99 -21.91
C PHE R 231 76.94 74.79 -23.41
N HIS R 232 77.60 75.74 -24.08
CA HIS R 232 78.24 75.47 -25.36
C HIS R 232 79.50 74.65 -25.12
N THR R 233 79.65 73.55 -25.85
CA THR R 233 80.72 72.60 -25.53
C THR R 233 82.08 73.28 -25.47
N LYS R 234 82.41 74.08 -26.49
CA LYS R 234 83.72 74.73 -26.54
C LYS R 234 83.93 75.63 -25.33
N PHE R 235 82.90 76.35 -24.91
CA PHE R 235 83.01 77.18 -23.72
C PHE R 235 83.22 76.33 -22.48
N LEU R 236 82.51 75.20 -22.38
CA LEU R 236 82.67 74.34 -21.21
C LEU R 236 84.07 73.74 -21.15
N MET R 237 84.64 73.41 -22.32
CA MET R 237 85.97 72.82 -22.36
C MET R 237 87.03 73.79 -21.87
N GLU R 238 87.02 75.02 -22.39
CA GLU R 238 87.96 76.02 -21.90
C GLU R 238 87.77 76.27 -20.40
N ALA R 239 86.52 76.26 -19.93
CA ALA R 239 86.26 76.43 -18.51
C ALA R 239 86.82 75.25 -17.71
N LEU R 240 86.55 74.03 -18.14
CA LEU R 240 87.13 72.87 -17.48
C LEU R 240 88.65 72.91 -17.53
N ARG R 241 89.24 73.47 -18.59
CA ARG R 241 90.70 73.52 -18.71
C ARG R 241 91.28 74.61 -17.82
N ARG R 242 90.65 75.78 -17.80
CA ARG R 242 91.04 76.82 -16.86
C ARG R 242 90.83 76.40 -15.41
N ASP R 243 89.87 75.52 -15.15
CA ASP R 243 89.63 75.07 -13.77
C ASP R 243 90.63 74.01 -13.33
N ALA R 244 91.10 73.18 -14.27
CA ALA R 244 92.09 72.16 -13.95
C ALA R 244 93.47 72.76 -13.75
N ALA R 245 93.74 73.93 -14.35
CA ALA R 245 95.01 74.60 -14.15
C ALA R 245 95.04 75.43 -12.86
N ASP R 246 93.91 75.55 -12.17
CA ASP R 246 93.75 76.34 -10.95
C ASP R 246 93.98 75.48 -9.72
N PRO R 247 95.15 75.58 -9.07
CA PRO R 247 95.40 74.73 -7.90
C PRO R 247 94.51 75.04 -6.71
N THR R 248 93.83 76.20 -6.68
CA THR R 248 92.93 76.51 -5.58
C THR R 248 91.56 75.87 -5.72
N SER R 249 91.17 75.51 -6.94
CA SER R 249 89.81 75.02 -7.17
C SER R 249 89.59 73.66 -6.50
N SER R 250 88.37 73.46 -6.01
CA SER R 250 87.93 72.17 -5.51
C SER R 250 87.34 71.29 -6.61
N ARG R 251 87.49 71.70 -7.87
CA ARG R 251 87.13 70.89 -9.03
C ARG R 251 85.66 70.52 -9.05
N ASP R 252 84.81 71.42 -8.56
CA ASP R 252 83.38 71.17 -8.43
C ASP R 252 82.63 72.19 -9.27
N PHE R 253 81.63 71.71 -10.02
CA PHE R 253 80.77 72.59 -10.80
C PHE R 253 80.10 73.65 -9.92
N GLY R 254 79.47 73.22 -8.83
CA GLY R 254 78.68 74.14 -8.03
C GLY R 254 79.49 75.14 -7.23
N LYS R 255 80.68 74.76 -6.77
CA LYS R 255 81.50 75.66 -5.98
C LYS R 255 82.52 76.44 -6.79
N ASP R 256 82.95 75.93 -7.95
CA ASP R 256 84.03 76.55 -8.70
C ASP R 256 83.62 76.97 -10.10
N ILE R 257 83.02 76.08 -10.88
CA ILE R 257 82.69 76.41 -12.28
C ILE R 257 81.66 77.53 -12.32
N ILE R 258 80.47 77.27 -11.79
CA ILE R 258 79.34 78.18 -11.95
C ILE R 258 79.59 79.50 -11.20
N PRO R 259 80.10 79.50 -9.97
CA PRO R 259 80.41 80.79 -9.32
C PRO R 259 81.30 81.68 -10.15
N TYR R 260 82.34 81.12 -10.77
CA TYR R 260 83.19 81.91 -11.67
C TYR R 260 82.35 82.58 -12.73
N ILE R 261 81.47 81.83 -13.40
CA ILE R 261 80.70 82.37 -14.51
C ILE R 261 79.72 83.42 -14.02
N VAL R 262 79.10 83.19 -12.86
CA VAL R 262 78.18 84.15 -12.26
C VAL R 262 78.84 85.53 -12.15
N GLU R 263 80.15 85.55 -11.92
CA GLU R 263 80.88 86.81 -11.76
C GLU R 263 81.36 87.35 -13.10
N HIS R 264 82.16 86.57 -13.82
CA HIS R 264 82.82 87.06 -15.02
C HIS R 264 82.03 86.83 -16.30
N GLY R 265 80.95 86.06 -16.26
CA GLY R 265 80.21 85.74 -17.46
C GLY R 265 78.73 86.02 -17.35
N LYS R 266 77.93 85.38 -18.21
CA LYS R 266 76.47 85.52 -18.19
C LYS R 266 75.85 84.19 -17.82
N ALA R 267 75.32 84.11 -16.60
CA ALA R 267 74.58 82.94 -16.13
C ALA R 267 73.11 83.29 -16.03
N VAL R 268 72.25 82.45 -16.58
CA VAL R 268 70.81 82.64 -16.52
C VAL R 268 70.15 81.41 -15.93
N ALA R 269 69.09 81.63 -15.18
CA ALA R 269 68.35 80.53 -14.57
C ALA R 269 67.25 80.05 -15.51
N HIS R 270 67.03 78.74 -15.52
CA HIS R 270 65.88 78.15 -16.18
C HIS R 270 64.98 77.54 -15.11
N ARG R 271 63.69 77.82 -15.21
CA ARG R 271 62.72 77.39 -14.22
C ARG R 271 62.22 76.00 -14.57
N PHE R 272 62.24 75.11 -13.57
CA PHE R 272 61.80 73.73 -13.78
C PHE R 272 60.35 73.67 -14.20
N ALA R 273 59.51 74.58 -13.71
CA ALA R 273 58.08 74.53 -14.01
C ALA R 273 57.82 74.64 -15.51
N ASP R 274 58.64 75.39 -16.24
CA ASP R 274 58.36 75.57 -17.65
C ASP R 274 58.81 74.40 -18.52
N SER R 275 59.76 73.58 -18.08
CA SER R 275 60.17 72.42 -18.87
C SER R 275 59.84 71.09 -18.21
N CYS R 276 59.29 71.10 -16.99
CA CYS R 276 58.85 69.86 -16.36
C CYS R 276 57.78 69.20 -17.22
N VAL R 277 57.82 67.89 -17.29
CA VAL R 277 56.82 67.11 -18.00
C VAL R 277 55.89 66.50 -16.96
N ARG R 278 54.67 66.99 -16.89
CA ARG R 278 53.64 66.48 -16.01
C ARG R 278 52.71 65.55 -16.76
N SER R 279 52.36 64.43 -16.15
CA SER R 279 51.24 63.67 -16.69
C SER R 279 49.93 64.35 -16.29
N ASP R 280 48.84 63.94 -16.94
CA ASP R 280 47.53 64.47 -16.61
C ASP R 280 47.13 64.16 -15.17
N PHE R 281 47.76 63.17 -14.55
CA PHE R 281 47.41 62.73 -13.21
C PHE R 281 48.43 63.17 -12.17
N GLU R 282 49.29 64.13 -12.52
CA GLU R 282 50.23 64.72 -11.58
C GLU R 282 49.82 66.16 -11.35
N HIS R 283 49.50 66.49 -10.10
CA HIS R 283 48.91 67.79 -9.80
C HIS R 283 49.93 68.92 -9.76
N GLU R 284 51.21 68.62 -9.57
CA GLU R 284 52.22 69.67 -9.59
C GLU R 284 53.48 69.13 -10.26
N PRO R 285 54.43 69.99 -10.62
CA PRO R 285 55.72 69.45 -11.10
C PRO R 285 56.37 68.60 -10.02
N TYR R 286 56.83 67.42 -10.40
CA TYR R 286 57.34 66.44 -9.46
C TYR R 286 58.86 66.44 -9.49
N TRP R 287 59.47 66.64 -8.33
CA TRP R 287 60.91 66.49 -8.17
C TRP R 287 61.18 66.09 -6.72
N ARG R 288 62.02 65.07 -6.55
CA ARG R 288 62.41 64.57 -5.24
C ARG R 288 63.88 64.19 -5.29
N ASP R 289 64.63 64.53 -4.26
CA ASP R 289 66.02 64.12 -4.16
C ASP R 289 66.22 62.97 -3.18
N VAL R 290 65.13 62.50 -2.59
CA VAL R 290 65.09 61.58 -1.46
C VAL R 290 66.46 61.41 -0.80
N GLY R 291 67.01 62.47 -0.19
CA GLY R 291 68.37 62.38 0.34
C GLY R 291 68.48 61.79 1.73
N THR R 292 67.37 61.65 2.43
CA THR R 292 67.32 61.02 3.74
C THR R 292 66.49 59.75 3.68
N ILE R 293 66.66 58.92 4.72
CA ILE R 293 65.86 57.71 4.82
C ILE R 293 64.39 58.06 4.89
N ASP R 294 64.04 59.11 5.64
CA ASP R 294 62.67 59.57 5.71
C ASP R 294 62.16 59.95 4.33
N ALA R 295 62.92 60.77 3.59
CA ALA R 295 62.48 61.20 2.29
C ALA R 295 62.31 60.02 1.35
N TYR R 296 63.28 59.11 1.35
CA TYR R 296 63.24 57.93 0.49
C TYR R 296 61.99 57.10 0.75
N TRP R 297 61.78 56.73 2.02
CA TRP R 297 60.58 56.01 2.40
C TRP R 297 59.32 56.77 1.98
N GLN R 298 59.26 58.05 2.33
CA GLN R 298 58.04 58.83 2.05
C GLN R 298 57.70 58.81 0.57
N ALA R 299 58.70 59.05 -0.30
CA ALA R 299 58.42 59.11 -1.73
C ALA R 299 58.02 57.76 -2.30
N ASN R 300 58.57 56.67 -1.78
CA ASN R 300 58.15 55.34 -2.21
C ASN R 300 56.76 55.00 -1.69
N ILE R 301 56.51 55.26 -0.40
CA ILE R 301 55.21 54.95 0.16
C ILE R 301 54.11 55.85 -0.41
N ASP R 302 54.47 57.05 -0.89
CA ASP R 302 53.43 57.92 -1.42
C ASP R 302 52.85 57.41 -2.73
N LEU R 303 53.43 56.35 -3.30
CA LEU R 303 52.91 55.74 -4.51
C LEU R 303 51.78 54.78 -4.22
N THR R 304 51.53 54.46 -2.97
CA THR R 304 50.36 53.67 -2.63
C THR R 304 49.10 54.51 -2.49
N ASP R 305 49.20 55.84 -2.58
CA ASP R 305 48.02 56.69 -2.43
C ASP R 305 47.05 56.48 -3.58
N VAL R 306 45.78 56.76 -3.30
CA VAL R 306 44.75 56.75 -4.33
C VAL R 306 45.16 57.61 -5.51
N VAL R 307 45.57 58.85 -5.23
CA VAL R 307 46.03 59.78 -6.26
C VAL R 307 47.47 60.16 -5.95
N PRO R 308 48.46 59.39 -6.41
CA PRO R 308 49.86 59.71 -6.09
C PRO R 308 50.37 60.93 -6.85
N ASP R 309 51.39 61.57 -6.27
CA ASP R 309 52.02 62.73 -6.88
C ASP R 309 52.81 62.36 -8.13
N LEU R 310 53.29 61.12 -8.23
CA LEU R 310 54.03 60.66 -9.40
C LEU R 310 53.21 59.58 -10.10
N ASP R 311 53.09 59.71 -11.42
CA ASP R 311 52.33 58.77 -12.25
C ASP R 311 53.32 57.77 -12.84
N ILE R 312 53.46 56.62 -12.18
CA ILE R 312 54.29 55.54 -12.72
C ILE R 312 53.56 54.72 -13.77
N TYR R 313 52.33 55.08 -14.11
CA TYR R 313 51.56 54.41 -15.16
C TYR R 313 51.50 55.24 -16.43
N ASP R 314 52.17 56.39 -16.47
CA ASP R 314 52.13 57.25 -17.65
C ASP R 314 53.05 56.71 -18.74
N LYS R 315 52.56 56.76 -19.98
CA LYS R 315 53.33 56.31 -21.13
C LYS R 315 53.82 57.44 -22.01
N SER R 316 53.39 58.67 -21.76
CA SER R 316 53.77 59.78 -22.63
C SER R 316 55.19 60.27 -22.39
N TRP R 317 55.74 60.07 -21.19
CA TRP R 317 57.15 60.39 -20.91
C TRP R 317 57.78 59.22 -20.15
N PRO R 318 57.92 58.08 -20.81
CA PRO R 318 58.22 56.84 -20.08
C PRO R 318 59.63 56.80 -19.48
N ILE R 319 59.76 56.04 -18.41
CA ILE R 319 61.02 55.82 -17.72
C ILE R 319 61.59 54.48 -18.19
N TRP R 320 62.68 54.53 -18.97
CA TRP R 320 63.35 53.30 -19.36
C TRP R 320 64.26 52.81 -18.24
N THR R 321 64.48 51.50 -18.21
CA THR R 321 65.29 50.89 -17.16
C THR R 321 65.62 49.47 -17.59
N TYR R 322 66.43 48.79 -16.77
CA TYR R 322 66.68 47.36 -16.96
C TYR R 322 65.52 46.58 -16.37
N ALA R 323 64.83 45.82 -17.21
CA ALA R 323 63.75 44.95 -16.77
C ALA R 323 63.89 43.60 -17.43
N GLU R 324 63.64 42.55 -16.66
CA GLU R 324 63.64 41.20 -17.17
C GLU R 324 62.20 40.72 -17.30
N ILE R 325 62.00 39.67 -18.10
CA ILE R 325 60.72 38.99 -18.12
C ILE R 325 60.49 38.37 -16.75
N THR R 326 59.44 38.82 -16.06
CA THR R 326 59.19 38.27 -14.74
C THR R 326 57.78 37.69 -14.67
N PRO R 327 57.62 36.56 -14.01
CA PRO R 327 56.27 36.01 -13.78
C PRO R 327 55.39 37.01 -13.04
N PRO R 328 54.08 36.85 -13.10
CA PRO R 328 53.18 37.78 -12.41
C PRO R 328 53.22 37.57 -10.90
N ALA R 329 52.59 38.51 -10.19
CA ALA R 329 52.43 38.37 -8.75
C ALA R 329 51.36 37.34 -8.44
N LYS R 330 51.42 36.80 -7.22
CA LYS R 330 50.58 35.70 -6.79
C LYS R 330 50.19 35.89 -5.33
N PHE R 331 48.93 35.62 -5.01
CA PHE R 331 48.42 35.69 -3.65
C PHE R 331 47.75 34.36 -3.34
N VAL R 332 48.25 33.65 -2.34
CA VAL R 332 47.72 32.32 -2.03
C VAL R 332 47.27 32.26 -0.58
N HIS R 333 46.43 31.26 -0.31
CA HIS R 333 45.87 30.92 0.99
C HIS R 333 44.80 31.91 1.42
N ASP R 334 43.69 31.36 1.89
CA ASP R 334 42.54 32.16 2.26
C ASP R 334 41.65 31.32 3.17
N ASP R 335 42.08 31.11 4.40
CA ASP R 335 41.33 30.29 5.34
C ASP R 335 41.13 31.08 6.63
N GLU R 336 40.76 30.36 7.69
CA GLU R 336 40.41 31.01 8.96
C GLU R 336 41.60 31.76 9.55
N ASP R 337 42.81 31.21 9.40
CA ASP R 337 43.98 31.75 10.09
C ASP R 337 44.94 32.53 9.19
N ARG R 338 44.93 32.31 7.88
CA ARG R 338 45.83 33.04 6.99
C ARG R 338 45.11 33.40 5.70
N ARG R 339 45.46 34.56 5.16
CA ARG R 339 45.08 34.92 3.80
C ARG R 339 46.16 35.79 3.19
N GLY R 340 46.67 35.37 2.04
CA GLY R 340 47.56 36.21 1.26
C GLY R 340 46.78 37.25 0.48
N SER R 341 47.05 38.53 0.74
CA SER R 341 46.36 39.61 0.04
C SER R 341 47.09 40.91 0.31
N ALA R 342 46.86 41.88 -0.59
CA ALA R 342 47.49 43.18 -0.52
C ALA R 342 46.42 44.27 -0.60
N VAL R 343 46.60 45.32 0.18
CA VAL R 343 45.62 46.39 0.29
C VAL R 343 46.36 47.71 0.29
N SER R 344 45.81 48.69 -0.44
CA SER R 344 46.44 50.00 -0.58
C SER R 344 47.93 49.86 -0.90
N SER R 345 48.25 48.92 -1.78
CA SER R 345 49.63 48.53 -1.95
C SER R 345 50.01 48.46 -3.42
N VAL R 346 51.32 48.45 -3.65
CA VAL R 346 51.92 48.31 -4.97
C VAL R 346 52.79 47.07 -4.94
N VAL R 347 52.45 46.07 -5.75
CA VAL R 347 53.15 44.79 -5.78
C VAL R 347 53.72 44.56 -7.17
N SER R 348 55.04 44.33 -7.25
CA SER R 348 55.69 44.04 -8.51
C SER R 348 55.52 42.57 -8.88
N GLY R 349 55.95 42.23 -10.09
CA GLY R 349 55.94 40.85 -10.52
C GLY R 349 56.97 40.02 -9.79
N ASP R 350 56.89 38.70 -10.03
CA ASP R 350 57.70 37.70 -9.33
C ASP R 350 57.54 37.80 -7.80
N CYS R 351 56.43 38.34 -7.32
CA CYS R 351 56.14 38.39 -5.89
C CYS R 351 55.07 37.35 -5.58
N ILE R 352 55.30 36.53 -4.56
CA ILE R 352 54.33 35.54 -4.12
C ILE R 352 53.93 35.89 -2.69
N ILE R 353 52.70 36.33 -2.52
CA ILE R 353 52.18 36.77 -1.22
C ILE R 353 51.44 35.56 -0.65
N SER R 354 52.15 34.78 0.15
CA SER R 354 51.64 33.49 0.60
C SER R 354 51.13 33.61 2.04
N GLY R 355 49.82 33.73 2.21
CA GLY R 355 49.25 33.80 3.55
C GLY R 355 49.66 35.03 4.32
N ALA R 356 50.23 36.03 3.63
CA ALA R 356 50.76 37.25 4.21
C ALA R 356 49.77 38.41 4.01
N ALA R 357 49.62 39.25 5.03
CA ALA R 357 48.81 40.45 4.91
C ALA R 357 49.70 41.64 4.55
N LEU R 358 49.44 42.25 3.41
CA LEU R 358 50.11 43.47 2.99
C LEU R 358 49.16 44.65 3.13
N ASN R 359 49.65 45.76 3.68
CA ASN R 359 48.89 47.00 3.73
C ASN R 359 49.83 48.20 3.54
N ARG R 360 49.38 49.16 2.74
CA ARG R 360 50.11 50.40 2.47
C ARG R 360 51.61 50.14 2.31
N SER R 361 51.94 49.22 1.40
CA SER R 361 53.33 48.87 1.19
C SER R 361 53.63 48.84 -0.30
N LEU R 362 54.89 49.04 -0.64
CA LEU R 362 55.39 48.95 -2.01
C LEU R 362 56.47 47.88 -2.04
N LEU R 363 56.26 46.86 -2.87
CA LEU R 363 57.22 45.77 -2.99
C LEU R 363 57.80 45.72 -4.39
N PHE R 364 59.12 45.64 -4.46
CA PHE R 364 59.82 45.45 -5.73
C PHE R 364 59.75 43.96 -6.13
N THR R 365 60.42 43.64 -7.22
N THR R 365 60.37 43.64 -7.25
CA THR R 365 60.39 42.32 -7.82
CA THR R 365 60.27 42.29 -7.81
C THR R 365 61.02 41.26 -6.92
C THR R 365 60.97 41.27 -6.92
N GLY R 366 60.50 40.03 -7.00
CA GLY R 366 61.11 38.90 -6.36
C GLY R 366 60.74 38.64 -4.92
N VAL R 367 59.80 39.39 -4.34
CA VAL R 367 59.53 39.26 -2.91
C VAL R 367 58.80 37.95 -2.64
N ARG R 368 59.14 37.30 -1.52
CA ARG R 368 58.39 36.17 -1.00
C ARG R 368 57.97 36.46 0.44
N ALA R 369 56.69 36.76 0.64
CA ALA R 369 56.12 36.93 1.97
C ALA R 369 55.31 35.68 2.32
N ASN R 370 55.63 35.06 3.44
CA ASN R 370 55.05 33.78 3.80
C ASN R 370 54.05 33.91 4.95
N SER R 371 53.48 32.78 5.36
CA SER R 371 52.23 32.75 6.09
C SER R 371 52.32 33.47 7.44
N TYR R 372 51.21 34.10 7.82
CA TYR R 372 51.06 34.80 9.09
C TYR R 372 52.01 35.98 9.20
N SER R 373 52.78 36.27 8.15
CA SER R 373 53.53 37.51 8.14
C SER R 373 52.62 38.67 7.78
N ARG R 374 53.01 39.85 8.26
CA ARG R 374 52.23 41.06 8.06
C ARG R 374 53.16 42.25 7.81
N LEU R 375 52.89 42.99 6.74
CA LEU R 375 53.62 44.20 6.38
C LEU R 375 52.67 45.39 6.38
N GLU R 376 53.14 46.52 6.88
CA GLU R 376 52.39 47.76 6.73
C GLU R 376 53.37 48.92 6.75
N ASN R 377 53.14 49.89 5.87
CA ASN R 377 54.04 51.04 5.71
C ASN R 377 55.46 50.59 5.38
N ALA R 378 55.57 49.57 4.54
CA ALA R 378 56.84 48.89 4.27
C ALA R 378 57.27 49.13 2.82
N VAL R 379 58.47 49.66 2.64
CA VAL R 379 59.09 49.75 1.32
C VAL R 379 60.06 48.57 1.19
N VAL R 380 59.71 47.61 0.35
CA VAL R 380 60.41 46.32 0.30
C VAL R 380 61.17 46.24 -1.03
N LEU R 381 62.49 46.24 -0.95
CA LEU R 381 63.36 46.26 -2.12
C LEU R 381 63.44 44.86 -2.73
N PRO R 382 64.05 44.72 -3.92
CA PRO R 382 63.93 43.45 -4.65
C PRO R 382 64.43 42.24 -3.88
N SER R 383 63.73 41.11 -4.08
CA SER R 383 64.16 39.78 -3.66
C SER R 383 64.17 39.58 -2.15
N VAL R 384 63.35 40.31 -1.41
CA VAL R 384 63.32 40.18 0.04
C VAL R 384 62.43 39.00 0.43
N LYS R 385 62.87 38.26 1.45
CA LYS R 385 62.10 37.16 2.03
C LYS R 385 61.52 37.63 3.37
N ILE R 386 60.24 37.40 3.59
CA ILE R 386 59.60 37.69 4.87
C ILE R 386 59.18 36.37 5.51
N GLY R 387 59.90 35.96 6.55
CA GLY R 387 59.61 34.70 7.20
C GLY R 387 58.24 34.68 7.85
N ARG R 388 57.79 33.47 8.17
CA ARG R 388 56.49 33.28 8.79
C ARG R 388 56.35 34.09 10.08
N HIS R 389 55.14 34.61 10.30
CA HIS R 389 54.74 35.35 11.50
C HIS R 389 55.55 36.63 11.72
N ALA R 390 56.38 37.05 10.77
CA ALA R 390 57.05 38.32 10.94
C ALA R 390 56.05 39.47 10.81
N GLN R 391 56.30 40.54 11.55
CA GLN R 391 55.40 41.70 11.55
C GLN R 391 56.24 42.97 11.52
N LEU R 392 56.05 43.78 10.49
CA LEU R 392 56.95 44.87 10.20
C LEU R 392 56.12 46.10 9.83
N SER R 393 56.38 47.22 10.52
CA SER R 393 55.68 48.47 10.27
C SER R 393 56.70 49.59 10.12
N ASN R 394 56.45 50.48 9.16
CA ASN R 394 57.29 51.65 8.90
C ASN R 394 58.75 51.25 8.72
N VAL R 395 59.02 50.60 7.58
CA VAL R 395 60.36 50.08 7.31
C VAL R 395 60.74 50.29 5.85
N VAL R 396 62.06 50.35 5.63
CA VAL R 396 62.67 50.21 4.31
C VAL R 396 63.57 48.98 4.41
N ILE R 397 63.23 47.93 3.64
CA ILE R 397 63.95 46.67 3.72
C ILE R 397 64.90 46.60 2.53
N ASP R 398 66.18 46.40 2.81
CA ASP R 398 67.22 46.47 1.78
C ASP R 398 67.13 45.28 0.83
N HIS R 399 67.72 45.44 -0.36
CA HIS R 399 67.69 44.41 -1.39
C HIS R 399 68.27 43.11 -0.86
N GLY R 400 67.58 42.00 -1.14
CA GLY R 400 68.04 40.67 -0.77
C GLY R 400 67.79 40.24 0.66
N VAL R 401 67.22 41.09 1.52
CA VAL R 401 67.20 40.81 2.95
C VAL R 401 66.27 39.64 3.25
N VAL R 402 66.72 38.76 4.15
CA VAL R 402 65.93 37.63 4.63
C VAL R 402 65.50 37.95 6.06
N ILE R 403 64.22 38.26 6.25
CA ILE R 403 63.68 38.60 7.56
C ILE R 403 63.34 37.34 8.34
N PRO R 404 63.94 37.14 9.52
CA PRO R 404 63.69 35.90 10.27
C PRO R 404 62.23 35.71 10.63
N GLU R 405 61.84 34.45 10.79
CA GLU R 405 60.48 34.14 11.21
C GLU R 405 60.19 34.74 12.57
N GLY R 406 59.12 35.53 12.65
CA GLY R 406 58.68 36.10 13.92
C GLY R 406 59.27 37.46 14.25
N LEU R 407 60.11 38.03 13.40
CA LEU R 407 60.70 39.33 13.70
C LEU R 407 59.62 40.40 13.75
N ILE R 408 59.73 41.28 14.74
CA ILE R 408 58.82 42.40 14.93
C ILE R 408 59.61 43.69 14.81
N VAL R 409 59.16 44.59 13.94
CA VAL R 409 59.72 45.93 13.83
C VAL R 409 58.55 46.91 13.80
N GLY R 410 58.72 48.03 14.50
CA GLY R 410 57.68 49.04 14.59
C GLY R 410 56.81 48.98 15.82
N GLU R 411 57.10 48.09 16.77
CA GLU R 411 56.34 48.00 18.01
C GLU R 411 57.07 48.60 19.19
N ASP R 412 58.38 48.40 19.29
CA ASP R 412 59.19 48.87 20.41
C ASP R 412 60.28 49.79 19.86
N PRO R 413 60.11 51.10 19.99
CA PRO R 413 61.08 52.02 19.35
C PRO R 413 62.51 51.84 19.81
N GLU R 414 62.76 51.68 21.12
CA GLU R 414 64.13 51.57 21.59
C GLU R 414 64.73 50.22 21.21
N LEU R 415 63.94 49.15 21.26
CA LEU R 415 64.40 47.88 20.74
C LEU R 415 64.70 47.98 19.26
N ASP R 416 63.81 48.65 18.51
CA ASP R 416 64.03 48.84 17.08
C ASP R 416 65.27 49.69 16.81
N ALA R 417 65.47 50.74 17.61
CA ALA R 417 66.60 51.64 17.38
C ALA R 417 67.93 50.99 17.74
N LYS R 418 67.92 50.03 18.67
CA LYS R 418 69.15 49.28 18.93
C LYS R 418 69.42 48.29 17.82
N ARG R 419 68.38 47.60 17.35
CA ARG R 419 68.55 46.55 16.35
C ARG R 419 68.89 47.15 14.98
N PHE R 420 68.20 48.20 14.59
CA PHE R 420 68.23 48.68 13.22
C PHE R 420 68.53 50.17 13.18
N ARG R 421 68.75 50.68 11.97
CA ARG R 421 68.83 52.11 11.72
C ARG R 421 67.42 52.68 11.78
N ARG R 422 67.13 53.50 12.78
CA ARG R 422 65.81 54.06 12.95
C ARG R 422 65.91 55.58 12.96
N THR R 423 65.06 56.23 12.16
CA THR R 423 65.01 57.69 12.09
C THR R 423 64.26 58.25 13.31
N GLU R 424 64.27 59.58 13.44
CA GLU R 424 63.49 60.20 14.50
C GLU R 424 61.99 60.03 14.27
N SER R 425 61.56 60.00 13.00
CA SER R 425 60.15 59.89 12.67
C SER R 425 59.63 58.46 12.75
N GLY R 426 60.48 57.49 13.05
CA GLY R 426 60.05 56.14 13.31
C GLY R 426 60.16 55.15 12.17
N ILE R 427 60.99 55.40 11.18
CA ILE R 427 61.21 54.47 10.08
C ILE R 427 62.47 53.67 10.34
N CYS R 428 62.39 52.36 10.19
CA CYS R 428 63.53 51.47 10.41
C CYS R 428 64.04 51.02 9.05
N LEU R 429 65.28 51.37 8.75
CA LEU R 429 65.97 50.81 7.60
C LEU R 429 66.60 49.50 8.02
N ILE R 430 66.31 48.42 7.31
CA ILE R 430 66.72 47.08 7.72
C ILE R 430 67.62 46.47 6.64
N THR R 431 68.88 46.24 6.99
CA THR R 431 69.86 45.59 6.13
CA THR R 431 69.83 45.57 6.11
C THR R 431 70.13 44.17 6.64
N GLN R 432 70.67 43.33 5.76
CA GLN R 432 71.01 41.98 6.20
C GLN R 432 72.19 41.98 7.16
N SER R 433 73.09 42.96 7.03
CA SER R 433 74.18 43.10 7.99
C SER R 433 73.65 43.32 9.41
N MET R 434 72.53 44.03 9.54
CA MET R 434 71.93 44.22 10.85
C MET R 434 71.18 42.98 11.32
N ILE R 435 70.52 42.28 10.38
CA ILE R 435 69.85 41.03 10.72
C ILE R 435 70.84 40.02 11.28
N ASP R 436 72.04 39.94 10.68
CA ASP R 436 73.04 38.95 11.07
C ASP R 436 73.48 39.09 12.52
N LYS R 437 73.21 40.22 13.16
CA LYS R 437 73.65 40.47 14.53
C LYS R 437 72.59 40.13 15.57
N LEU R 438 71.47 39.55 15.16
CA LEU R 438 70.27 39.56 16.00
C LEU R 438 70.26 38.45 17.03
N ASP R 439 69.80 38.80 18.25
CA ASP R 439 69.44 37.86 19.29
C ASP R 439 68.02 38.18 19.77
N LEU R 440 67.90 38.92 20.86
CA LEU R 440 66.61 39.40 21.34
C LEU R 440 66.54 40.93 21.25
N VAL S 26 -59.69 -11.60 -60.49
CA VAL S 26 -60.52 -12.71 -60.97
C VAL S 26 -59.99 -14.04 -60.41
N GLN S 27 -58.71 -14.29 -60.63
CA GLN S 27 -58.11 -15.51 -60.12
C GLN S 27 -58.13 -15.50 -58.60
N PRO S 28 -58.55 -16.59 -57.96
CA PRO S 28 -58.43 -16.67 -56.50
C PRO S 28 -56.96 -16.63 -56.09
N LEU S 29 -56.68 -15.88 -55.02
CA LEU S 29 -55.30 -15.69 -54.60
C LEU S 29 -54.71 -16.91 -53.90
N ALA S 30 -55.55 -17.78 -53.33
CA ALA S 30 -55.04 -18.98 -52.65
C ALA S 30 -54.28 -19.88 -53.61
N ARG S 31 -54.56 -19.79 -54.91
CA ARG S 31 -53.77 -20.53 -55.89
C ARG S 31 -52.28 -20.25 -55.75
N ASP S 32 -51.93 -19.04 -55.29
CA ASP S 32 -50.54 -18.60 -55.23
C ASP S 32 -50.04 -18.43 -53.80
N ALA S 33 -50.73 -19.02 -52.83
CA ALA S 33 -50.36 -18.90 -51.43
C ALA S 33 -49.83 -20.24 -50.91
N MET S 34 -49.01 -20.15 -49.86
CA MET S 34 -48.50 -21.33 -49.16
C MET S 34 -48.78 -21.16 -47.68
N ALA S 35 -49.56 -22.09 -47.11
CA ALA S 35 -49.83 -22.08 -45.68
C ALA S 35 -48.66 -22.74 -44.94
N TYR S 36 -48.14 -22.03 -43.95
CA TYR S 36 -47.05 -22.53 -43.11
C TYR S 36 -47.55 -22.57 -41.67
N VAL S 37 -47.75 -23.78 -41.16
CA VAL S 37 -48.34 -24.00 -39.84
C VAL S 37 -47.23 -24.20 -38.84
N LEU S 38 -47.27 -23.44 -37.75
CA LEU S 38 -46.30 -23.57 -36.66
C LEU S 38 -46.88 -24.52 -35.61
N ALA S 39 -46.26 -25.69 -35.47
CA ALA S 39 -46.79 -26.74 -34.61
C ALA S 39 -45.75 -27.21 -33.60
N GLY S 40 -44.85 -26.32 -33.22
CA GLY S 40 -43.90 -26.62 -32.17
C GLY S 40 -44.38 -26.35 -30.78
N GLY S 41 -45.56 -25.74 -30.65
CA GLY S 41 -46.10 -25.30 -29.37
C GLY S 41 -46.22 -26.38 -28.31
N ARG S 42 -45.68 -26.10 -27.13
CA ARG S 42 -45.63 -27.13 -26.08
C ARG S 42 -46.99 -27.34 -25.43
N GLY S 43 -47.76 -26.28 -25.23
CA GLY S 43 -48.98 -26.39 -24.46
C GLY S 43 -48.67 -26.79 -23.03
N SER S 44 -47.73 -26.06 -22.41
CA SER S 44 -47.18 -26.48 -21.13
C SER S 44 -48.23 -26.50 -20.05
N ARG S 45 -49.21 -25.62 -20.14
CA ARG S 45 -50.21 -25.51 -19.10
C ARG S 45 -51.23 -26.64 -19.15
N LEU S 46 -51.24 -27.43 -20.24
CA LEU S 46 -52.07 -28.62 -20.24
C LEU S 46 -51.42 -29.74 -19.44
N LYS S 47 -50.22 -29.51 -18.92
CA LYS S 47 -49.58 -30.35 -17.92
C LYS S 47 -49.36 -31.73 -18.55
N GLU S 48 -49.66 -32.81 -17.83
CA GLU S 48 -49.35 -34.15 -18.31
C GLU S 48 -50.09 -34.50 -19.60
N LEU S 49 -51.08 -33.69 -20.01
CA LEU S 49 -51.78 -33.96 -21.26
C LEU S 49 -50.86 -33.85 -22.46
N THR S 50 -49.80 -33.03 -22.36
CA THR S 50 -48.83 -32.89 -23.42
C THR S 50 -47.43 -33.30 -22.96
N ASP S 51 -47.34 -34.20 -21.98
CA ASP S 51 -46.04 -34.71 -21.60
C ASP S 51 -45.46 -35.63 -22.66
N ARG S 52 -46.32 -36.27 -23.45
CA ARG S 52 -45.92 -37.26 -24.45
C ARG S 52 -46.20 -36.82 -25.87
N ARG S 53 -46.66 -35.58 -26.09
CA ARG S 53 -47.03 -35.11 -27.42
C ARG S 53 -47.24 -33.59 -27.35
N ALA S 54 -47.04 -32.94 -28.47
CA ALA S 54 -47.23 -31.50 -28.54
C ALA S 54 -48.71 -31.16 -28.61
N LYS S 55 -49.04 -29.93 -28.22
CA LYS S 55 -50.43 -29.48 -28.23
C LYS S 55 -51.13 -29.65 -29.57
N PRO S 56 -50.53 -29.34 -30.72
CA PRO S 56 -51.24 -29.59 -32.00
C PRO S 56 -51.65 -31.03 -32.21
N ALA S 57 -50.98 -32.00 -31.56
CA ALA S 57 -51.30 -33.41 -31.72
C ALA S 57 -52.35 -33.90 -30.73
N VAL S 58 -52.80 -33.06 -29.81
CA VAL S 58 -53.77 -33.50 -28.81
C VAL S 58 -55.12 -33.71 -29.48
N TYR S 59 -55.74 -34.86 -29.20
CA TYR S 59 -57.05 -35.16 -29.75
C TYR S 59 -58.07 -34.14 -29.26
N PHE S 60 -59.05 -33.85 -30.12
CA PHE S 60 -60.13 -32.95 -29.72
C PHE S 60 -61.42 -33.35 -30.43
N GLY S 61 -62.52 -33.34 -29.68
CA GLY S 61 -63.84 -33.38 -30.26
C GLY S 61 -64.35 -34.73 -30.71
N GLY S 62 -63.63 -35.81 -30.45
N GLY S 62 -63.59 -35.80 -30.51
CA GLY S 62 -63.93 -37.06 -31.10
CA GLY S 62 -64.05 -37.14 -30.80
C GLY S 62 -63.98 -36.96 -32.60
C GLY S 62 -63.28 -37.89 -31.87
N LYS S 63 -63.25 -35.99 -33.17
N LYS S 63 -62.42 -37.23 -32.66
CA LYS S 63 -63.32 -35.64 -34.58
CA LYS S 63 -61.70 -37.94 -33.70
C LYS S 63 -61.97 -35.57 -35.26
C LYS S 63 -60.46 -37.18 -34.16
N ALA S 64 -60.96 -35.05 -34.58
N ALA S 64 -60.63 -35.91 -34.54
CA ALA S 64 -59.66 -34.80 -35.19
CA ALA S 64 -59.55 -35.15 -35.13
C ALA S 64 -58.65 -34.44 -34.11
C ALA S 64 -58.54 -34.70 -34.08
N ARG S 65 -57.44 -34.14 -34.55
CA ARG S 65 -56.44 -33.53 -33.69
C ARG S 65 -56.52 -32.03 -33.88
N ILE S 66 -55.93 -31.30 -32.93
CA ILE S 66 -56.06 -29.85 -32.94
C ILE S 66 -55.51 -29.27 -34.23
N ILE S 67 -54.35 -29.77 -34.67
CA ILE S 67 -53.67 -29.22 -35.85
C ILE S 67 -54.54 -29.32 -37.09
N ASP S 68 -55.40 -30.34 -37.19
CA ASP S 68 -56.15 -30.54 -38.43
C ASP S 68 -57.17 -29.44 -38.69
N PHE S 69 -57.50 -28.61 -37.70
CA PHE S 69 -58.41 -27.50 -37.97
C PHE S 69 -57.75 -26.47 -38.88
N ALA S 70 -56.56 -25.98 -38.49
CA ALA S 70 -55.84 -25.04 -39.34
C ALA S 70 -55.51 -25.69 -40.68
N LEU S 71 -55.01 -26.92 -40.66
CA LEU S 71 -54.74 -27.66 -41.89
C LEU S 71 -55.98 -27.72 -42.78
N SER S 72 -57.13 -28.08 -42.18
CA SER S 72 -58.36 -28.13 -42.96
C SER S 72 -58.81 -26.73 -43.37
N ASN S 73 -58.57 -25.73 -42.53
CA ASN S 73 -58.84 -24.35 -42.93
C ASN S 73 -58.06 -24.00 -44.20
N ALA S 74 -56.78 -24.39 -44.26
CA ALA S 74 -55.99 -24.14 -45.46
C ALA S 74 -56.58 -24.86 -46.65
N LEU S 75 -56.88 -26.16 -46.48
CA LEU S 75 -57.39 -26.99 -47.56
C LEU S 75 -58.69 -26.42 -48.12
N ASN S 76 -59.69 -26.24 -47.26
CA ASN S 76 -60.97 -25.70 -47.72
C ASN S 76 -60.82 -24.31 -48.32
N SER S 77 -59.79 -23.56 -47.92
CA SER S 77 -59.57 -22.24 -48.47
C SER S 77 -58.90 -22.27 -49.84
N GLY S 78 -58.56 -23.45 -50.35
CA GLY S 78 -57.90 -23.56 -51.64
C GLY S 78 -56.40 -23.45 -51.60
N ILE S 79 -55.79 -23.41 -50.42
CA ILE S 79 -54.33 -23.37 -50.30
C ILE S 79 -53.81 -24.80 -50.43
N ARG S 80 -53.19 -25.10 -51.57
CA ARG S 80 -52.75 -26.46 -51.86
C ARG S 80 -51.28 -26.70 -51.54
N ARG S 81 -50.60 -25.72 -50.94
CA ARG S 81 -49.23 -25.91 -50.49
C ARG S 81 -49.19 -25.68 -48.99
N ILE S 82 -48.82 -26.72 -48.24
CA ILE S 82 -48.80 -26.65 -46.78
C ILE S 82 -47.46 -27.17 -46.28
N GLY S 83 -46.82 -26.38 -45.43
CA GLY S 83 -45.67 -26.84 -44.66
C GLY S 83 -46.00 -26.76 -43.18
N VAL S 84 -45.50 -27.73 -42.42
CA VAL S 84 -45.76 -27.84 -40.98
C VAL S 84 -44.43 -27.87 -40.26
N ALA S 85 -44.19 -26.87 -39.42
CA ALA S 85 -42.97 -26.82 -38.62
C ALA S 85 -43.24 -27.43 -37.25
N THR S 86 -42.46 -28.45 -36.90
CA THR S 86 -42.62 -29.18 -35.65
C THR S 86 -41.37 -29.03 -34.79
N GLN S 87 -41.50 -29.41 -33.52
CA GLN S 87 -40.38 -29.31 -32.58
C GLN S 87 -40.57 -30.24 -31.38
N TYR S 88 -41.28 -29.75 -30.35
CA TYR S 88 -41.46 -30.51 -29.11
C TYR S 88 -42.24 -31.78 -29.39
N LYS S 89 -41.65 -32.92 -28.97
CA LYS S 89 -42.13 -34.28 -29.18
C LYS S 89 -43.11 -34.35 -30.35
N ALA S 90 -42.55 -34.46 -31.55
CA ALA S 90 -43.33 -34.43 -32.78
C ALA S 90 -43.56 -35.80 -33.38
N HIS S 91 -43.22 -36.87 -32.65
CA HIS S 91 -43.35 -38.22 -33.21
C HIS S 91 -44.80 -38.55 -33.50
N ASP S 92 -45.66 -38.43 -32.49
CA ASP S 92 -47.09 -38.61 -32.71
C ASP S 92 -47.60 -37.64 -33.76
N LEU S 93 -47.18 -36.37 -33.66
CA LEU S 93 -47.65 -35.36 -34.60
C LEU S 93 -47.23 -35.67 -36.02
N ILE S 94 -45.97 -36.08 -36.21
CA ILE S 94 -45.49 -36.37 -37.57
C ILE S 94 -46.16 -37.64 -38.11
N ARG S 95 -46.28 -38.66 -37.27
CA ARG S 95 -46.95 -39.90 -37.72
C ARG S 95 -48.39 -39.63 -38.13
N HIS S 96 -49.07 -38.73 -37.41
CA HIS S 96 -50.42 -38.35 -37.79
C HIS S 96 -50.44 -37.62 -39.13
N LEU S 97 -49.52 -36.67 -39.32
CA LEU S 97 -49.44 -35.96 -40.60
C LEU S 97 -49.07 -36.91 -41.74
N GLN S 98 -48.13 -37.83 -41.50
CA GLN S 98 -47.75 -38.78 -42.55
C GLN S 98 -48.94 -39.60 -43.02
N ARG S 99 -49.67 -40.19 -42.08
CA ARG S 99 -50.74 -41.12 -42.45
C ARG S 99 -52.01 -40.39 -42.87
N GLY S 100 -52.26 -39.19 -42.32
CA GLY S 100 -53.51 -38.51 -42.56
C GLY S 100 -53.52 -37.50 -43.70
N TRP S 101 -52.45 -36.74 -43.84
CA TRP S 101 -52.36 -35.69 -44.86
C TRP S 101 -51.42 -36.13 -45.98
N ASP S 102 -51.86 -37.17 -46.69
CA ASP S 102 -51.02 -37.90 -47.63
C ASP S 102 -51.53 -37.85 -49.05
N PHE S 103 -52.49 -36.96 -49.36
CA PHE S 103 -53.18 -36.97 -50.65
C PHE S 103 -52.76 -35.81 -51.55
N PHE S 104 -51.63 -35.16 -51.26
CA PHE S 104 -51.13 -34.09 -52.10
C PHE S 104 -50.08 -34.63 -53.06
N ARG S 105 -50.12 -34.16 -54.31
CA ARG S 105 -49.20 -34.62 -55.34
C ARG S 105 -48.52 -33.41 -55.97
N PRO S 106 -47.19 -33.42 -56.09
CA PRO S 106 -46.50 -32.24 -56.64
C PRO S 106 -46.82 -31.98 -58.10
N GLU S 107 -47.15 -33.03 -58.88
CA GLU S 107 -47.51 -32.82 -60.28
C GLU S 107 -48.78 -31.98 -60.42
N ARG S 108 -49.59 -31.89 -59.38
CA ARG S 108 -50.78 -31.05 -59.37
C ARG S 108 -50.53 -29.72 -58.66
N ASN S 109 -49.26 -29.39 -58.40
CA ASN S 109 -48.87 -28.18 -57.67
C ASN S 109 -49.44 -28.19 -56.26
N GLU S 110 -49.45 -29.38 -55.65
CA GLU S 110 -49.74 -29.56 -54.24
C GLU S 110 -48.49 -30.09 -53.55
N SER S 111 -48.33 -29.72 -52.29
CA SER S 111 -47.21 -30.23 -51.53
C SER S 111 -47.55 -30.14 -50.05
N PHE S 112 -47.26 -31.21 -49.31
CA PHE S 112 -47.36 -31.21 -47.85
C PHE S 112 -45.98 -31.51 -47.30
N ASP S 113 -45.37 -30.52 -46.67
CA ASP S 113 -43.99 -30.61 -46.22
C ASP S 113 -43.96 -30.64 -44.69
N ILE S 114 -43.49 -31.75 -44.13
CA ILE S 114 -43.30 -31.90 -42.71
C ILE S 114 -41.86 -31.55 -42.40
N LEU S 115 -41.66 -30.45 -41.66
CA LEU S 115 -40.37 -29.80 -41.52
C LEU S 115 -39.95 -29.78 -40.06
N PRO S 116 -39.42 -30.90 -39.55
CA PRO S 116 -38.91 -30.90 -38.17
C PRO S 116 -37.63 -30.10 -38.04
N ALA S 117 -37.13 -29.97 -36.82
CA ALA S 117 -35.78 -29.49 -36.60
C ALA S 117 -34.88 -30.70 -36.42
N SER S 118 -33.85 -30.79 -37.25
CA SER S 118 -32.93 -31.93 -37.24
C SER S 118 -31.61 -31.50 -37.86
N GLN S 119 -30.71 -32.47 -38.00
CA GLN S 119 -29.44 -32.24 -38.69
C GLN S 119 -29.71 -32.35 -40.18
N ARG S 120 -29.97 -31.22 -40.82
CA ARG S 120 -30.25 -31.18 -42.25
C ARG S 120 -29.48 -30.04 -42.89
N VAL S 121 -29.99 -28.81 -42.75
CA VAL S 121 -29.23 -27.62 -43.10
C VAL S 121 -28.47 -27.05 -41.91
N SER S 122 -28.58 -27.69 -40.75
CA SER S 122 -28.10 -27.13 -39.50
C SER S 122 -27.52 -28.23 -38.62
N GLU S 123 -26.83 -27.81 -37.57
CA GLU S 123 -26.58 -28.65 -36.40
C GLU S 123 -27.65 -28.42 -35.34
N THR S 124 -27.78 -27.17 -34.84
CA THR S 124 -28.82 -26.71 -33.93
C THR S 124 -29.40 -27.79 -33.04
N GLN S 125 -30.22 -28.66 -33.67
CA GLN S 125 -31.11 -29.66 -33.06
C GLN S 125 -32.53 -29.09 -33.03
N TRP S 126 -32.68 -27.83 -32.59
CA TRP S 126 -33.99 -27.22 -32.42
C TRP S 126 -34.06 -25.89 -33.14
N TYR S 127 -35.26 -25.32 -33.23
CA TYR S 127 -35.48 -24.00 -33.80
C TYR S 127 -35.29 -22.91 -32.76
N GLU S 128 -35.11 -21.68 -33.22
CA GLU S 128 -34.87 -20.54 -32.34
C GLU S 128 -36.12 -19.73 -32.06
N GLY S 129 -37.23 -20.06 -32.70
CA GLY S 129 -38.44 -19.28 -32.56
C GLY S 129 -39.31 -19.45 -33.77
N THR S 130 -40.53 -18.93 -33.67
CA THR S 130 -41.51 -19.10 -34.74
C THR S 130 -40.97 -18.59 -36.07
N ALA S 131 -40.17 -17.53 -36.05
CA ALA S 131 -39.60 -17.02 -37.30
C ALA S 131 -38.49 -17.95 -37.80
N ASP S 132 -37.64 -18.43 -36.90
CA ASP S 132 -36.57 -19.33 -37.31
C ASP S 132 -37.12 -20.61 -37.91
N ALA S 133 -38.33 -21.01 -37.47
CA ALA S 133 -38.97 -22.19 -38.05
C ALA S 133 -39.24 -22.01 -39.54
N VAL S 134 -39.60 -20.79 -39.95
CA VAL S 134 -39.77 -20.49 -41.36
C VAL S 134 -38.45 -20.09 -42.03
N TYR S 135 -37.49 -19.57 -41.25
CA TYR S 135 -36.22 -19.12 -41.82
C TYR S 135 -35.32 -20.29 -42.22
N GLN S 136 -35.30 -21.35 -41.44
N GLN S 136 -35.31 -21.35 -41.43
CA GLN S 136 -34.42 -22.46 -41.77
CA GLN S 136 -34.43 -22.47 -41.74
C GLN S 136 -34.89 -23.25 -42.98
C GLN S 136 -34.94 -23.34 -42.88
N ASN S 137 -36.16 -23.10 -43.37
CA ASN S 137 -36.75 -23.86 -44.46
C ASN S 137 -37.09 -22.97 -45.65
N ILE S 138 -36.40 -21.83 -45.74
CA ILE S 138 -36.44 -20.98 -46.93
C ILE S 138 -36.16 -21.80 -48.18
N ASP S 139 -35.11 -22.62 -48.13
CA ASP S 139 -34.71 -23.41 -49.28
C ASP S 139 -35.81 -24.37 -49.73
N ILE S 140 -36.86 -24.53 -48.94
CA ILE S 140 -37.96 -25.42 -49.29
C ILE S 140 -39.10 -24.60 -49.85
N ILE S 141 -39.25 -23.37 -49.36
CA ILE S 141 -40.35 -22.51 -49.78
C ILE S 141 -40.18 -22.06 -51.22
N GLU S 142 -39.11 -21.31 -51.50
CA GLU S 142 -39.19 -20.60 -52.77
C GLU S 142 -38.83 -21.42 -54.01
N PRO S 143 -38.39 -22.68 -53.91
CA PRO S 143 -38.54 -23.57 -55.08
C PRO S 143 -39.99 -23.67 -55.55
N TYR S 144 -40.95 -23.56 -54.63
CA TYR S 144 -42.35 -23.41 -55.00
C TYR S 144 -42.66 -22.01 -55.49
N ALA S 145 -41.88 -21.01 -55.09
CA ALA S 145 -42.13 -19.61 -55.40
C ALA S 145 -43.58 -19.17 -55.17
N PRO S 146 -44.13 -19.37 -53.98
CA PRO S 146 -45.49 -18.89 -53.73
C PRO S 146 -45.53 -17.37 -53.68
N GLU S 147 -46.62 -16.80 -54.22
CA GLU S 147 -46.80 -15.35 -54.16
C GLU S 147 -47.10 -14.87 -52.74
N TYR S 148 -47.79 -15.68 -51.95
CA TYR S 148 -48.17 -15.31 -50.59
C TYR S 148 -47.79 -16.43 -49.64
N MET S 149 -47.55 -16.05 -48.39
CA MET S 149 -47.41 -16.99 -47.28
C MET S 149 -48.47 -16.70 -46.25
N VAL S 150 -49.11 -17.75 -45.75
CA VAL S 150 -50.10 -17.66 -44.68
C VAL S 150 -49.51 -18.36 -43.48
N ILE S 151 -49.01 -17.59 -42.52
CA ILE S 151 -48.42 -18.13 -41.30
C ILE S 151 -49.53 -18.43 -40.30
N LEU S 152 -49.62 -19.70 -39.88
CA LEU S 152 -50.72 -20.18 -39.05
C LEU S 152 -50.19 -20.76 -37.74
N ALA S 153 -50.88 -20.44 -36.65
CA ALA S 153 -50.67 -21.19 -35.41
C ALA S 153 -51.41 -22.52 -35.50
N GLY S 154 -50.77 -23.58 -35.03
CA GLY S 154 -51.33 -24.90 -35.20
C GLY S 154 -51.97 -25.50 -33.97
N ASP S 155 -52.38 -24.66 -33.01
CA ASP S 155 -52.85 -25.14 -31.72
C ASP S 155 -54.18 -24.52 -31.30
N HIS S 156 -54.96 -24.02 -32.26
CA HIS S 156 -56.28 -23.47 -31.98
C HIS S 156 -57.32 -24.27 -32.74
N ILE S 157 -58.55 -24.20 -32.27
CA ILE S 157 -59.68 -24.87 -32.90
C ILE S 157 -60.64 -23.79 -33.39
N TYR S 158 -60.75 -23.67 -34.71
CA TYR S 158 -61.50 -22.60 -35.34
C TYR S 158 -61.58 -22.91 -36.83
N LYS S 159 -62.58 -22.33 -37.48
CA LYS S 159 -62.75 -22.48 -38.92
C LYS S 159 -62.85 -21.11 -39.57
N MET S 160 -62.09 -20.93 -40.64
CA MET S 160 -61.92 -19.61 -41.25
C MET S 160 -61.47 -19.80 -42.69
N ASP S 161 -62.03 -19.00 -43.59
CA ASP S 161 -61.63 -19.03 -44.99
C ASP S 161 -60.59 -17.94 -45.22
N TYR S 162 -59.37 -18.35 -45.58
CA TYR S 162 -58.24 -17.44 -45.64
C TYR S 162 -58.23 -16.57 -46.89
N GLU S 163 -59.05 -16.89 -47.90
CA GLU S 163 -59.10 -16.06 -49.10
C GLU S 163 -59.49 -14.63 -48.77
N TYR S 164 -60.25 -14.43 -47.68
CA TYR S 164 -60.61 -13.08 -47.27
C TYR S 164 -59.39 -12.29 -46.79
N MET S 165 -58.55 -12.93 -45.96
CA MET S 165 -57.32 -12.27 -45.51
C MET S 165 -56.41 -11.94 -46.69
N LEU S 166 -56.33 -12.85 -47.66
CA LEU S 166 -55.48 -12.63 -48.81
C LEU S 166 -55.98 -11.47 -49.65
N GLN S 167 -57.30 -11.35 -49.81
CA GLN S 167 -57.84 -10.28 -50.63
C GLN S 167 -57.66 -8.93 -49.96
N GLN S 168 -57.89 -8.85 -48.66
CA GLN S 168 -57.67 -7.59 -47.95
C GLN S 168 -56.18 -7.25 -47.94
N HIS S 169 -55.32 -8.27 -47.84
CA HIS S 169 -53.88 -8.01 -47.80
C HIS S 169 -53.41 -7.35 -49.08
N VAL S 170 -53.88 -7.82 -50.24
CA VAL S 170 -53.42 -7.24 -51.49
C VAL S 170 -54.14 -5.92 -51.78
N ASP S 171 -55.43 -5.84 -51.43
CA ASP S 171 -56.18 -4.61 -51.68
C ASP S 171 -55.69 -3.48 -50.78
N SER S 172 -55.35 -3.79 -49.52
CA SER S 172 -54.86 -2.79 -48.59
C SER S 172 -53.44 -2.35 -48.90
N GLY S 173 -52.71 -3.10 -49.72
CA GLY S 173 -51.31 -2.82 -49.96
C GLY S 173 -50.43 -2.97 -48.73
N ALA S 174 -50.84 -3.79 -47.77
CA ALA S 174 -50.18 -3.84 -46.47
C ALA S 174 -48.92 -4.68 -46.50
N ASP S 175 -48.05 -4.41 -45.54
CA ASP S 175 -46.83 -5.18 -45.34
C ASP S 175 -47.12 -6.54 -44.70
N VAL S 176 -48.10 -6.57 -43.79
CA VAL S 176 -48.54 -7.81 -43.16
C VAL S 176 -49.98 -7.65 -42.68
N THR S 177 -50.81 -8.64 -42.95
CA THR S 177 -52.17 -8.71 -42.45
C THR S 177 -52.22 -9.73 -41.33
N ILE S 178 -52.84 -9.35 -40.21
CA ILE S 178 -52.81 -10.14 -38.99
C ILE S 178 -54.24 -10.50 -38.61
N GLY S 179 -54.45 -11.77 -38.25
CA GLY S 179 -55.77 -12.23 -37.86
C GLY S 179 -56.05 -11.92 -36.40
N CYS S 180 -57.19 -11.30 -36.14
CA CYS S 180 -57.51 -10.79 -34.81
C CYS S 180 -58.93 -11.17 -34.41
N LEU S 181 -59.08 -11.56 -33.14
CA LEU S 181 -60.38 -11.82 -32.55
C LEU S 181 -60.93 -10.56 -31.90
N GLU S 182 -62.19 -10.24 -32.21
CA GLU S 182 -62.89 -9.15 -31.54
C GLU S 182 -63.43 -9.67 -30.22
N VAL S 183 -62.77 -9.33 -29.12
CA VAL S 183 -63.14 -9.88 -27.81
C VAL S 183 -63.35 -8.75 -26.81
N PRO S 184 -64.22 -8.94 -25.81
CA PRO S 184 -64.33 -7.93 -24.75
C PRO S 184 -62.98 -7.69 -24.09
N ARG S 185 -62.73 -6.43 -23.73
CA ARG S 185 -61.38 -6.05 -23.31
C ARG S 185 -60.92 -6.86 -22.11
N MET S 186 -61.81 -7.11 -21.14
CA MET S 186 -61.43 -7.87 -19.95
C MET S 186 -60.92 -9.27 -20.31
N GLU S 187 -61.48 -9.87 -21.35
CA GLU S 187 -60.95 -11.14 -21.81
C GLU S 187 -59.62 -11.00 -22.55
N ALA S 188 -59.34 -9.84 -23.14
CA ALA S 188 -58.14 -9.68 -23.94
C ALA S 188 -56.87 -9.52 -23.13
N THR S 189 -56.95 -9.56 -21.79
CA THR S 189 -55.78 -9.41 -20.95
C THR S 189 -54.81 -10.60 -21.04
N GLY S 190 -55.22 -11.70 -21.65
CA GLY S 190 -54.36 -12.85 -21.77
C GLY S 190 -53.74 -12.97 -23.15
N PHE S 191 -54.14 -12.08 -24.05
CA PHE S 191 -53.66 -12.09 -25.43
C PHE S 191 -52.66 -10.97 -25.66
N GLY S 192 -51.88 -11.13 -26.71
CA GLY S 192 -51.22 -9.99 -27.31
C GLY S 192 -52.24 -9.17 -28.08
N VAL S 193 -52.31 -7.88 -27.78
CA VAL S 193 -53.38 -7.03 -28.28
C VAL S 193 -52.80 -6.04 -29.28
N MET S 194 -53.52 -5.85 -30.39
CA MET S 194 -53.16 -4.87 -31.41
C MET S 194 -53.98 -3.61 -31.19
N HIS S 195 -53.28 -2.49 -30.94
CA HIS S 195 -53.92 -1.18 -30.95
C HIS S 195 -53.99 -0.68 -32.38
N VAL S 196 -55.16 -0.17 -32.77
CA VAL S 196 -55.53 0.03 -34.16
C VAL S 196 -56.20 1.40 -34.29
N ASN S 197 -56.13 2.00 -35.47
CA ASN S 197 -56.82 3.24 -35.75
C ASN S 197 -58.14 2.97 -36.50
N GLU S 198 -58.85 4.05 -36.84
CA GLU S 198 -60.16 3.91 -37.48
C GLU S 198 -60.07 3.22 -38.84
N LYS S 199 -58.90 3.21 -39.47
CA LYS S 199 -58.71 2.56 -40.75
C LYS S 199 -58.32 1.09 -40.62
N ASP S 200 -58.40 0.53 -39.41
CA ASP S 200 -57.87 -0.80 -39.12
C ASP S 200 -56.40 -0.89 -39.56
N GLU S 201 -55.65 0.14 -39.23
CA GLU S 201 -54.20 0.14 -39.36
C GLU S 201 -53.58 0.04 -37.98
N ILE S 202 -52.81 -1.05 -37.75
CA ILE S 202 -52.17 -1.27 -36.46
C ILE S 202 -51.14 -0.18 -36.20
N ILE S 203 -51.11 0.33 -34.97
CA ILE S 203 -50.16 1.37 -34.60
C ILE S 203 -49.34 1.00 -33.37
N ASP S 204 -49.68 -0.08 -32.67
CA ASP S 204 -48.92 -0.56 -31.53
C ASP S 204 -49.36 -1.98 -31.22
N PHE S 205 -48.48 -2.71 -30.53
CA PHE S 205 -48.75 -4.09 -30.10
C PHE S 205 -48.23 -4.26 -28.69
N ILE S 206 -49.06 -4.84 -27.82
CA ILE S 206 -48.75 -5.01 -26.41
C ILE S 206 -49.01 -6.45 -26.02
N GLU S 207 -48.09 -7.03 -25.25
CA GLU S 207 -48.24 -8.41 -24.78
C GLU S 207 -48.94 -8.38 -23.43
N LYS S 208 -50.17 -8.92 -23.39
CA LYS S 208 -50.98 -9.08 -22.19
C LYS S 208 -51.13 -7.79 -21.41
N PRO S 209 -51.84 -6.80 -21.96
CA PRO S 209 -52.05 -5.54 -21.22
C PRO S 209 -53.00 -5.76 -20.06
N ALA S 210 -52.70 -5.09 -18.94
CA ALA S 210 -53.62 -5.16 -17.80
C ALA S 210 -54.93 -4.47 -18.10
N ASP S 211 -54.90 -3.32 -18.81
CA ASP S 211 -56.12 -2.73 -19.38
C ASP S 211 -55.92 -2.57 -20.88
N PRO S 212 -56.48 -3.45 -21.69
CA PRO S 212 -56.12 -3.51 -23.11
C PRO S 212 -56.69 -2.34 -23.88
N PRO S 213 -55.96 -1.80 -24.86
CA PRO S 213 -56.50 -0.73 -25.69
C PRO S 213 -57.75 -1.18 -26.41
N GLY S 214 -58.81 -0.38 -26.30
CA GLY S 214 -60.01 -0.66 -27.05
C GLY S 214 -59.88 -0.24 -28.51
N ILE S 215 -60.77 -0.77 -29.34
CA ILE S 215 -60.86 -0.35 -30.73
C ILE S 215 -61.44 1.06 -30.74
N PRO S 216 -60.99 1.93 -31.64
CA PRO S 216 -61.59 3.28 -31.71
C PRO S 216 -63.07 3.21 -32.07
N GLY S 217 -63.87 3.96 -31.32
CA GLY S 217 -65.30 4.03 -31.53
C GLY S 217 -66.08 2.90 -30.91
N ASN S 218 -65.41 1.89 -30.34
CA ASN S 218 -66.06 0.76 -29.68
C ASN S 218 -65.08 0.20 -28.66
N GLU S 219 -64.86 0.97 -27.59
CA GLU S 219 -63.81 0.72 -26.61
C GLU S 219 -64.07 -0.50 -25.72
N GLY S 220 -65.23 -1.15 -25.82
CA GLY S 220 -65.43 -2.35 -25.02
C GLY S 220 -64.74 -3.59 -25.52
N PHE S 221 -64.21 -3.55 -26.74
CA PHE S 221 -63.58 -4.71 -27.36
C PHE S 221 -62.15 -4.38 -27.75
N ALA S 222 -61.27 -5.35 -27.60
CA ALA S 222 -59.89 -5.24 -28.02
C ALA S 222 -59.57 -6.30 -29.06
N LEU S 223 -58.63 -5.98 -29.95
CA LEU S 223 -58.22 -6.89 -31.01
C LEU S 223 -57.12 -7.80 -30.49
N ALA S 224 -57.40 -9.10 -30.43
CA ALA S 224 -56.50 -10.10 -29.88
C ALA S 224 -55.91 -10.91 -31.02
N SER S 225 -54.58 -11.02 -31.07
CA SER S 225 -53.95 -11.63 -32.22
C SER S 225 -54.04 -13.15 -32.14
N MET S 226 -54.47 -13.76 -33.24
CA MET S 226 -54.59 -15.20 -33.37
C MET S 226 -53.28 -15.87 -33.73
N GLY S 227 -52.20 -15.12 -33.94
CA GLY S 227 -51.01 -15.69 -34.51
C GLY S 227 -51.18 -16.11 -35.95
N ILE S 228 -52.02 -15.40 -36.69
CA ILE S 228 -52.24 -15.62 -38.12
C ILE S 228 -51.75 -14.39 -38.86
N TYR S 229 -50.78 -14.58 -39.76
CA TYR S 229 -50.16 -13.47 -40.48
C TYR S 229 -50.05 -13.81 -41.95
N VAL S 230 -50.48 -12.87 -42.79
CA VAL S 230 -50.37 -12.98 -44.25
C VAL S 230 -49.32 -11.98 -44.72
N PHE S 231 -48.39 -12.43 -45.56
CA PHE S 231 -47.34 -11.61 -46.15
C PHE S 231 -47.30 -11.80 -47.65
N HIS S 232 -46.54 -10.93 -48.32
CA HIS S 232 -45.99 -11.24 -49.63
C HIS S 232 -44.72 -12.07 -49.42
N THR S 233 -44.62 -13.20 -50.11
CA THR S 233 -43.49 -14.10 -49.90
C THR S 233 -42.17 -13.37 -50.04
N LYS S 234 -42.00 -12.61 -51.13
CA LYS S 234 -40.74 -11.90 -51.32
C LYS S 234 -40.59 -10.74 -50.35
N PHE S 235 -41.63 -10.38 -49.61
CA PHE S 235 -41.40 -9.51 -48.46
C PHE S 235 -41.08 -10.32 -47.20
N LEU S 236 -41.73 -11.45 -46.97
CA LEU S 236 -41.46 -12.16 -45.72
C LEU S 236 -40.05 -12.71 -45.68
N MET S 237 -39.56 -13.27 -46.79
CA MET S 237 -38.19 -13.78 -46.82
C MET S 237 -37.20 -12.68 -46.47
N GLU S 238 -37.40 -11.48 -47.02
CA GLU S 238 -36.52 -10.35 -46.72
C GLU S 238 -36.58 -10.00 -45.23
N ALA S 239 -37.80 -9.88 -44.68
CA ALA S 239 -37.91 -9.66 -43.25
C ALA S 239 -37.39 -10.85 -42.45
N LEU S 240 -37.54 -12.06 -42.99
CA LEU S 240 -36.98 -13.24 -42.34
C LEU S 240 -35.46 -13.16 -42.27
N ARG S 241 -34.81 -12.71 -43.36
CA ARG S 241 -33.36 -12.57 -43.36
C ARG S 241 -32.92 -11.37 -42.54
N ARG S 242 -33.66 -10.26 -42.61
CA ARG S 242 -33.35 -9.11 -41.77
C ARG S 242 -33.44 -9.47 -40.29
N ASP S 243 -34.32 -10.41 -39.95
CA ASP S 243 -34.42 -10.89 -38.58
C ASP S 243 -33.35 -11.92 -38.26
N ALA S 244 -32.90 -12.68 -39.25
CA ALA S 244 -31.94 -13.75 -39.01
C ALA S 244 -30.56 -13.22 -38.63
N ALA S 245 -30.24 -11.97 -38.97
CA ALA S 245 -28.96 -11.38 -38.62
C ALA S 245 -29.03 -10.45 -37.43
N ASP S 246 -30.22 -10.01 -37.05
CA ASP S 246 -30.38 -9.10 -35.93
C ASP S 246 -30.19 -9.85 -34.61
N PRO S 247 -29.17 -9.51 -33.82
CA PRO S 247 -29.03 -10.15 -32.50
C PRO S 247 -29.98 -9.58 -31.45
N THR S 248 -30.65 -8.46 -31.75
CA THR S 248 -31.71 -7.93 -30.92
C THR S 248 -32.95 -8.81 -30.96
N SER S 249 -33.12 -9.60 -32.01
CA SER S 249 -34.37 -10.32 -32.24
C SER S 249 -34.41 -11.63 -31.47
N SER S 250 -35.55 -11.90 -30.84
CA SER S 250 -35.78 -13.14 -30.14
C SER S 250 -36.33 -14.23 -31.05
N ARG S 251 -36.27 -14.02 -32.36
CA ARG S 251 -36.61 -15.02 -33.35
C ARG S 251 -38.10 -15.32 -33.43
N ASP S 252 -38.96 -14.43 -32.93
CA ASP S 252 -40.39 -14.69 -32.85
C ASP S 252 -41.16 -13.78 -33.79
N PHE S 253 -42.20 -14.33 -34.41
CA PHE S 253 -43.06 -13.54 -35.30
C PHE S 253 -43.72 -12.39 -34.53
N GLY S 254 -44.39 -12.70 -33.43
CA GLY S 254 -45.14 -11.66 -32.71
C GLY S 254 -44.28 -10.71 -31.90
N LYS S 255 -43.09 -11.16 -31.46
CA LYS S 255 -42.23 -10.33 -30.63
C LYS S 255 -41.29 -9.45 -31.44
N ASP S 256 -40.93 -9.87 -32.65
CA ASP S 256 -39.87 -9.19 -33.40
C ASP S 256 -40.31 -8.80 -34.79
N ILE S 257 -40.64 -9.79 -35.62
CA ILE S 257 -41.26 -9.50 -36.91
C ILE S 257 -42.36 -8.47 -36.72
N ILE S 258 -43.51 -8.91 -36.18
CA ILE S 258 -44.69 -8.04 -36.08
C ILE S 258 -44.37 -6.64 -35.55
N PRO S 259 -43.67 -6.46 -34.42
CA PRO S 259 -43.40 -5.09 -33.95
C PRO S 259 -42.59 -4.26 -34.93
N TYR S 260 -41.60 -4.87 -35.59
CA TYR S 260 -40.77 -4.10 -36.53
C TYR S 260 -41.62 -3.51 -37.64
N ILE S 261 -42.59 -4.27 -38.15
CA ILE S 261 -43.32 -3.77 -39.32
C ILE S 261 -44.30 -2.68 -38.91
N VAL S 262 -45.05 -2.87 -37.82
CA VAL S 262 -46.00 -1.85 -37.43
C VAL S 262 -45.28 -0.53 -37.11
N GLU S 263 -44.03 -0.62 -36.64
CA GLU S 263 -43.24 0.59 -36.45
C GLU S 263 -42.77 1.18 -37.78
N HIS S 264 -42.16 0.35 -38.62
CA HIS S 264 -41.51 0.83 -39.84
C HIS S 264 -42.36 0.68 -41.10
N GLY S 265 -43.20 -0.34 -41.18
CA GLY S 265 -44.01 -0.56 -42.37
C GLY S 265 -45.50 -0.33 -42.17
N LYS S 266 -46.33 -1.16 -42.79
CA LYS S 266 -47.77 -1.01 -42.75
C LYS S 266 -48.41 -2.35 -42.37
N ALA S 267 -48.91 -2.45 -41.15
CA ALA S 267 -49.53 -3.66 -40.64
C ALA S 267 -51.02 -3.43 -40.45
N VAL S 268 -51.84 -4.33 -40.97
CA VAL S 268 -53.30 -4.24 -40.84
C VAL S 268 -53.80 -5.43 -40.02
N ALA S 269 -54.80 -5.17 -39.20
CA ALA S 269 -55.51 -6.23 -38.50
C ALA S 269 -56.70 -6.69 -39.33
N HIS S 270 -56.93 -8.00 -39.33
CA HIS S 270 -58.10 -8.59 -39.99
C HIS S 270 -58.96 -9.25 -38.93
N ARG S 271 -60.24 -8.90 -38.90
CA ARG S 271 -61.15 -9.37 -37.88
C ARG S 271 -61.58 -10.81 -38.13
N PHE S 272 -61.47 -11.65 -37.10
CA PHE S 272 -61.91 -13.04 -37.21
C PHE S 272 -63.36 -13.15 -37.64
N ALA S 273 -64.20 -12.20 -37.22
CA ALA S 273 -65.62 -12.27 -37.54
C ALA S 273 -65.86 -12.13 -39.04
N ASP S 274 -64.96 -11.47 -39.76
CA ASP S 274 -65.17 -11.19 -41.18
C ASP S 274 -64.92 -12.41 -42.06
N SER S 275 -64.09 -13.35 -41.61
CA SER S 275 -63.75 -14.51 -42.42
C SER S 275 -64.09 -15.84 -41.74
N CYS S 276 -64.64 -15.81 -40.53
CA CYS S 276 -64.99 -17.05 -39.85
C CYS S 276 -66.04 -17.81 -40.65
N VAL S 277 -65.94 -19.13 -40.61
CA VAL S 277 -66.87 -20.01 -41.31
C VAL S 277 -67.78 -20.62 -40.26
N ARG S 278 -69.01 -20.10 -40.17
CA ARG S 278 -70.00 -20.60 -39.23
C ARG S 278 -71.02 -21.46 -39.97
N SER S 279 -71.31 -22.63 -39.41
CA SER S 279 -72.48 -23.38 -39.87
C SER S 279 -73.74 -22.69 -39.35
N ASP S 280 -74.88 -23.06 -39.92
CA ASP S 280 -76.14 -22.48 -39.48
C ASP S 280 -76.54 -22.96 -38.09
N PHE S 281 -75.79 -23.88 -37.50
CA PHE S 281 -76.04 -24.36 -36.15
C PHE S 281 -74.99 -23.87 -35.17
N GLU S 282 -74.23 -22.84 -35.54
CA GLU S 282 -73.25 -22.20 -34.67
C GLU S 282 -73.68 -20.75 -34.50
N HIS S 283 -74.05 -20.38 -33.26
CA HIS S 283 -74.68 -19.09 -33.00
C HIS S 283 -73.69 -17.92 -32.94
N GLU S 284 -72.40 -18.19 -33.03
CA GLU S 284 -71.38 -17.15 -32.99
C GLU S 284 -70.10 -17.72 -33.57
N PRO S 285 -69.14 -16.88 -33.95
CA PRO S 285 -67.87 -17.41 -34.46
C PRO S 285 -67.20 -18.27 -33.40
N TYR S 286 -66.73 -19.43 -33.82
CA TYR S 286 -66.14 -20.39 -32.89
C TYR S 286 -64.61 -20.31 -32.95
N TRP S 287 -64.01 -20.20 -31.77
CA TRP S 287 -62.56 -20.22 -31.63
C TRP S 287 -62.26 -20.58 -30.19
N ARG S 288 -61.42 -21.59 -30.00
CA ARG S 288 -60.91 -21.92 -28.68
C ARG S 288 -59.46 -22.30 -28.78
N ASP S 289 -58.66 -21.87 -27.80
CA ASP S 289 -57.27 -22.26 -27.73
C ASP S 289 -57.02 -23.41 -26.78
N VAL S 290 -58.08 -23.90 -26.11
CA VAL S 290 -58.04 -24.96 -25.09
C VAL S 290 -56.68 -24.98 -24.41
N GLY S 291 -56.30 -23.84 -23.82
CA GLY S 291 -54.96 -23.67 -23.29
C GLY S 291 -54.76 -24.16 -21.89
N THR S 292 -55.83 -24.56 -21.20
CA THR S 292 -55.75 -25.17 -19.88
C THR S 292 -56.53 -26.46 -19.86
N ILE S 293 -56.30 -27.24 -18.80
CA ILE S 293 -57.05 -28.49 -18.61
C ILE S 293 -58.55 -28.19 -18.50
N ASP S 294 -58.90 -27.09 -17.84
CA ASP S 294 -60.32 -26.72 -17.73
C ASP S 294 -60.88 -26.27 -19.06
N ALA S 295 -60.11 -25.49 -19.83
CA ALA S 295 -60.55 -25.08 -21.16
C ALA S 295 -60.71 -26.29 -22.08
N TYR S 296 -59.75 -27.22 -22.05
CA TYR S 296 -59.84 -28.42 -22.89
C TYR S 296 -61.04 -29.28 -22.49
N TRP S 297 -61.19 -29.54 -21.19
CA TRP S 297 -62.36 -30.29 -20.74
C TRP S 297 -63.64 -29.59 -21.19
N GLN S 298 -63.72 -28.27 -20.96
CA GLN S 298 -64.93 -27.53 -21.30
C GLN S 298 -65.26 -27.65 -22.79
N ALA S 299 -64.26 -27.42 -23.64
CA ALA S 299 -64.53 -27.41 -25.08
C ALA S 299 -65.00 -28.78 -25.58
N ASN S 300 -64.48 -29.86 -25.01
CA ASN S 300 -64.93 -31.19 -25.43
C ASN S 300 -66.31 -31.50 -24.85
N ILE S 301 -66.48 -31.30 -23.55
CA ILE S 301 -67.76 -31.65 -22.92
C ILE S 301 -68.89 -30.78 -23.44
N ASP S 302 -68.60 -29.60 -23.97
CA ASP S 302 -69.64 -28.75 -24.53
C ASP S 302 -70.28 -29.37 -25.78
N LEU S 303 -69.56 -30.28 -26.44
CA LEU S 303 -70.11 -30.95 -27.61
C LEU S 303 -71.26 -31.88 -27.26
N THR S 304 -71.45 -32.22 -25.99
CA THR S 304 -72.61 -33.01 -25.59
C THR S 304 -73.84 -32.16 -25.37
N ASP S 305 -73.75 -30.84 -25.56
CA ASP S 305 -74.91 -29.96 -25.48
C ASP S 305 -75.96 -30.37 -26.51
N VAL S 306 -77.21 -30.06 -26.20
CA VAL S 306 -78.29 -30.19 -27.17
C VAL S 306 -78.01 -29.30 -28.38
N VAL S 307 -77.65 -28.05 -28.12
CA VAL S 307 -77.29 -27.10 -29.18
C VAL S 307 -75.85 -26.66 -28.93
N PRO S 308 -74.87 -27.43 -29.36
CA PRO S 308 -73.48 -27.09 -29.04
C PRO S 308 -72.99 -25.90 -29.86
N ASP S 309 -71.96 -25.23 -29.32
CA ASP S 309 -71.38 -24.08 -30.01
C ASP S 309 -70.66 -24.47 -31.30
N LEU S 310 -70.00 -25.64 -31.33
CA LEU S 310 -69.35 -26.11 -32.55
C LEU S 310 -70.12 -27.29 -33.11
N ASP S 311 -70.42 -27.22 -34.40
CA ASP S 311 -71.21 -28.24 -35.09
C ASP S 311 -70.25 -29.24 -35.73
N ILE S 312 -70.03 -30.38 -35.06
CA ILE S 312 -69.16 -31.40 -35.64
C ILE S 312 -69.88 -32.26 -36.66
N TYR S 313 -71.15 -31.99 -36.92
CA TYR S 313 -71.89 -32.66 -37.98
C TYR S 313 -72.10 -31.76 -39.20
N ASP S 314 -71.39 -30.64 -39.27
CA ASP S 314 -71.41 -29.82 -40.47
C ASP S 314 -70.54 -30.44 -41.56
N LYS S 315 -71.03 -30.39 -42.80
CA LYS S 315 -70.30 -30.92 -43.95
C LYS S 315 -69.84 -29.83 -44.92
N SER S 316 -70.23 -28.58 -44.69
CA SER S 316 -69.90 -27.52 -45.64
C SER S 316 -68.47 -27.02 -45.48
N TRP S 317 -67.91 -27.05 -44.26
CA TRP S 317 -66.50 -26.73 -44.03
C TRP S 317 -65.88 -27.90 -43.28
N PRO S 318 -65.55 -28.97 -44.00
CA PRO S 318 -65.19 -30.23 -43.33
C PRO S 318 -63.79 -30.21 -42.74
N ILE S 319 -63.64 -30.97 -41.66
CA ILE S 319 -62.37 -31.15 -40.97
C ILE S 319 -61.79 -32.49 -41.39
N TRP S 320 -60.78 -32.46 -42.24
CA TRP S 320 -60.07 -33.69 -42.57
C TRP S 320 -59.15 -34.07 -41.41
N THR S 321 -59.00 -35.38 -41.22
CA THR S 321 -58.12 -35.91 -40.20
C THR S 321 -57.73 -37.32 -40.61
N TYR S 322 -56.90 -37.96 -39.80
CA TYR S 322 -56.59 -39.37 -40.00
C TYR S 322 -57.71 -40.20 -39.39
N ALA S 323 -58.33 -41.03 -40.21
CA ALA S 323 -59.41 -41.89 -39.75
C ALA S 323 -59.25 -43.27 -40.37
N GLU S 324 -59.49 -44.29 -39.56
CA GLU S 324 -59.45 -45.67 -40.02
C GLU S 324 -60.86 -46.23 -40.08
N ILE S 325 -61.02 -47.31 -40.85
CA ILE S 325 -62.29 -48.02 -40.87
C ILE S 325 -62.54 -48.58 -39.47
N THR S 326 -63.58 -48.10 -38.80
CA THR S 326 -63.78 -48.60 -37.45
C THR S 326 -65.18 -49.20 -37.31
N PRO S 327 -65.31 -50.29 -36.56
CA PRO S 327 -66.63 -50.88 -36.33
C PRO S 327 -67.53 -49.94 -35.56
N PRO S 328 -68.84 -50.16 -35.58
CA PRO S 328 -69.75 -49.23 -34.89
C PRO S 328 -69.68 -49.37 -33.38
N ALA S 329 -70.40 -48.53 -32.66
CA ALA S 329 -70.45 -48.64 -31.21
C ALA S 329 -71.51 -49.66 -30.80
N LYS S 330 -71.28 -50.30 -29.66
CA LYS S 330 -72.16 -51.36 -29.17
C LYS S 330 -72.52 -51.11 -27.72
N PHE S 331 -73.80 -51.30 -27.40
CA PHE S 331 -74.29 -51.19 -26.03
C PHE S 331 -74.91 -52.52 -25.64
N VAL S 332 -74.42 -53.12 -24.55
CA VAL S 332 -74.87 -54.46 -24.16
C VAL S 332 -75.30 -54.47 -22.70
N HIS S 333 -76.10 -55.49 -22.36
CA HIS S 333 -76.68 -55.75 -21.05
C HIS S 333 -77.84 -54.80 -20.75
N ASP S 334 -78.92 -55.37 -20.21
CA ASP S 334 -80.09 -54.62 -19.82
C ASP S 334 -80.89 -55.41 -18.79
N ASP S 335 -80.34 -55.62 -17.61
CA ASP S 335 -81.07 -56.33 -16.57
C ASP S 335 -81.21 -55.44 -15.34
N GLU S 336 -81.70 -56.03 -14.26
CA GLU S 336 -81.93 -55.29 -13.02
C GLU S 336 -80.64 -54.72 -12.45
N ASP S 337 -79.48 -55.30 -12.79
CA ASP S 337 -78.22 -54.94 -12.16
C ASP S 337 -77.30 -54.11 -13.05
N ARG S 338 -77.45 -54.17 -14.37
CA ARG S 338 -76.53 -53.47 -15.27
C ARG S 338 -77.22 -53.16 -16.58
N ARG S 339 -76.79 -52.07 -17.20
CA ARG S 339 -77.30 -51.68 -18.52
C ARG S 339 -76.28 -50.78 -19.19
N GLY S 340 -75.84 -51.18 -20.38
CA GLY S 340 -74.91 -50.38 -21.14
C GLY S 340 -75.66 -49.36 -21.96
N SER S 341 -75.48 -48.08 -21.65
CA SER S 341 -76.19 -47.05 -22.39
C SER S 341 -75.54 -45.70 -22.15
N ALA S 342 -75.80 -44.79 -23.08
CA ALA S 342 -75.23 -43.44 -23.06
C ALA S 342 -76.36 -42.43 -23.13
N VAL S 343 -76.35 -41.47 -22.21
CA VAL S 343 -77.34 -40.42 -22.15
C VAL S 343 -76.61 -39.09 -22.26
N SER S 344 -77.12 -38.19 -23.11
CA SER S 344 -76.55 -36.85 -23.26
C SER S 344 -75.04 -36.92 -23.53
N SER S 345 -74.64 -37.86 -24.37
CA SER S 345 -73.23 -38.17 -24.57
C SER S 345 -72.92 -38.35 -26.04
N VAL S 346 -71.63 -38.34 -26.35
CA VAL S 346 -71.13 -38.50 -27.71
C VAL S 346 -70.19 -39.70 -27.71
N VAL S 347 -70.48 -40.69 -28.54
CA VAL S 347 -69.79 -41.99 -28.50
C VAL S 347 -69.25 -42.29 -29.89
N SER S 348 -67.94 -42.47 -29.99
CA SER S 348 -67.30 -42.75 -31.26
C SER S 348 -67.45 -44.23 -31.63
N GLY S 349 -66.95 -44.59 -32.81
CA GLY S 349 -66.93 -45.98 -33.22
C GLY S 349 -65.98 -46.80 -32.38
N ASP S 350 -66.08 -48.12 -32.56
CA ASP S 350 -65.20 -49.06 -31.85
C ASP S 350 -65.29 -48.86 -30.34
N CYS S 351 -66.46 -48.42 -29.87
CA CYS S 351 -66.73 -48.28 -28.45
C CYS S 351 -67.76 -49.32 -28.04
N ILE S 352 -67.38 -50.18 -27.11
CA ILE S 352 -68.30 -51.17 -26.56
C ILE S 352 -68.66 -50.71 -25.15
N ILE S 353 -69.91 -50.29 -24.97
CA ILE S 353 -70.43 -49.85 -23.67
C ILE S 353 -71.14 -51.07 -23.09
N SER S 354 -70.40 -51.86 -22.32
CA SER S 354 -70.88 -53.17 -21.86
C SER S 354 -71.30 -53.01 -20.39
N GLY S 355 -72.60 -52.89 -20.15
CA GLY S 355 -73.06 -52.80 -18.77
C GLY S 355 -72.67 -51.54 -18.04
N ALA S 356 -72.12 -50.59 -18.78
CA ALA S 356 -71.66 -49.31 -18.24
C ALA S 356 -72.67 -48.22 -18.54
N ALA S 357 -72.75 -47.24 -17.64
CA ALA S 357 -73.71 -46.14 -17.77
C ALA S 357 -72.95 -44.86 -18.03
N LEU S 358 -73.21 -44.24 -19.18
CA LEU S 358 -72.61 -42.97 -19.56
C LEU S 358 -73.63 -41.84 -19.46
N ASN S 359 -73.19 -40.71 -18.93
CA ASN S 359 -74.00 -39.50 -18.84
C ASN S 359 -73.10 -38.30 -19.05
N ARG S 360 -73.47 -37.45 -20.00
CA ARG S 360 -72.75 -36.23 -20.34
C ARG S 360 -71.24 -36.50 -20.50
N SER S 361 -70.91 -37.34 -21.47
CA SER S 361 -69.53 -37.71 -21.69
C SER S 361 -69.23 -37.75 -23.19
N LEU S 362 -67.95 -37.57 -23.53
CA LEU S 362 -67.49 -37.65 -24.91
C LEU S 362 -66.38 -38.68 -24.99
N LEU S 363 -66.56 -39.70 -25.82
CA LEU S 363 -65.60 -40.79 -25.92
C LEU S 363 -65.06 -40.88 -27.34
N PHE S 364 -63.73 -40.91 -27.44
CA PHE S 364 -63.07 -41.15 -28.71
C PHE S 364 -63.16 -42.63 -29.08
N THR S 365 -62.51 -42.99 -30.18
N THR S 365 -62.54 -43.00 -30.20
CA THR S 365 -62.61 -44.34 -30.72
CA THR S 365 -62.67 -44.37 -30.69
C THR S 365 -61.86 -45.36 -29.87
C THR S 365 -61.89 -45.35 -29.84
N GLY S 366 -62.39 -46.56 -29.76
CA GLY S 366 -61.69 -47.65 -29.12
C GLY S 366 -61.97 -47.85 -27.65
N VAL S 367 -62.89 -47.10 -27.05
CA VAL S 367 -63.10 -47.19 -25.62
C VAL S 367 -63.83 -48.49 -25.28
N ARG S 368 -63.36 -49.18 -24.24
CA ARG S 368 -64.03 -50.34 -23.68
C ARG S 368 -64.48 -49.98 -22.28
N ALA S 369 -65.79 -49.83 -22.09
CA ALA S 369 -66.39 -49.57 -20.79
C ALA S 369 -67.12 -50.83 -20.35
N ASN S 370 -66.84 -51.28 -19.13
CA ASN S 370 -67.27 -52.59 -18.68
C ASN S 370 -68.31 -52.48 -17.58
N SER S 371 -68.84 -53.64 -17.18
CA SER S 371 -70.09 -53.70 -16.44
C SER S 371 -69.99 -53.00 -15.09
N TYR S 372 -71.11 -52.40 -14.68
CA TYR S 372 -71.30 -51.72 -13.40
C TYR S 372 -70.44 -50.48 -13.26
N SER S 373 -69.66 -50.12 -14.28
CA SER S 373 -68.91 -48.88 -14.26
C SER S 373 -69.78 -47.72 -14.74
N ARG S 374 -69.38 -46.51 -14.34
CA ARG S 374 -70.15 -45.32 -14.64
C ARG S 374 -69.20 -44.17 -14.97
N LEU S 375 -69.51 -43.44 -16.03
CA LEU S 375 -68.77 -42.25 -16.40
C LEU S 375 -69.72 -41.07 -16.46
N GLU S 376 -69.30 -39.94 -15.91
CA GLU S 376 -70.09 -38.73 -15.95
C GLU S 376 -69.15 -37.55 -16.15
N ASN S 377 -69.56 -36.60 -17.01
CA ASN S 377 -68.76 -35.40 -17.27
C ASN S 377 -67.34 -35.76 -17.69
N ALA S 378 -67.23 -36.83 -18.48
CA ALA S 378 -65.94 -37.47 -18.77
C ALA S 378 -65.55 -37.25 -20.23
N VAL S 379 -64.32 -36.80 -20.43
CA VAL S 379 -63.71 -36.74 -21.76
C VAL S 379 -62.71 -37.89 -21.84
N VAL S 380 -63.02 -38.88 -22.66
CA VAL S 380 -62.31 -40.15 -22.65
C VAL S 380 -61.61 -40.30 -24.01
N LEU S 381 -60.29 -40.23 -23.99
CA LEU S 381 -59.47 -40.22 -25.19
C LEU S 381 -59.36 -41.63 -25.77
N PRO S 382 -58.80 -41.79 -26.98
CA PRO S 382 -58.94 -43.08 -27.68
C PRO S 382 -58.34 -44.26 -26.94
N SER S 383 -59.07 -45.38 -27.00
CA SER S 383 -58.60 -46.71 -26.58
C SER S 383 -58.51 -46.87 -25.08
N VAL S 384 -59.18 -46.01 -24.31
CA VAL S 384 -59.24 -46.17 -22.85
C VAL S 384 -60.09 -47.40 -22.52
N LYS S 385 -59.66 -48.16 -21.51
CA LYS S 385 -60.49 -49.19 -20.92
C LYS S 385 -60.94 -48.76 -19.54
N ILE S 386 -62.22 -48.94 -19.25
CA ILE S 386 -62.80 -48.71 -17.93
C ILE S 386 -63.13 -50.06 -17.32
N GLY S 387 -62.47 -50.40 -16.22
CA GLY S 387 -62.75 -51.65 -15.55
C GLY S 387 -64.09 -51.65 -14.85
N ARG S 388 -64.56 -52.85 -14.51
CA ARG S 388 -65.84 -53.01 -13.85
C ARG S 388 -65.90 -52.19 -12.57
N HIS S 389 -67.12 -51.73 -12.24
CA HIS S 389 -67.47 -51.08 -10.99
C HIS S 389 -66.81 -49.71 -10.81
N ALA S 390 -65.99 -49.25 -11.74
CA ALA S 390 -65.34 -47.97 -11.59
C ALA S 390 -66.33 -46.84 -11.81
N GLN S 391 -66.19 -45.76 -11.04
CA GLN S 391 -67.06 -44.60 -11.16
C GLN S 391 -66.19 -43.36 -11.25
N LEU S 392 -66.29 -42.64 -12.36
CA LEU S 392 -65.47 -41.45 -12.58
C LEU S 392 -66.35 -40.29 -13.01
N SER S 393 -66.16 -39.13 -12.38
CA SER S 393 -66.91 -37.93 -12.71
C SER S 393 -65.95 -36.75 -12.86
N ASN S 394 -66.22 -35.91 -13.86
CA ASN S 394 -65.44 -34.70 -14.16
C ASN S 394 -63.95 -35.06 -14.36
N VAL S 395 -63.70 -35.80 -15.43
CA VAL S 395 -62.38 -36.33 -15.68
C VAL S 395 -61.98 -36.11 -17.13
N VAL S 396 -60.67 -36.07 -17.34
CA VAL S 396 -60.06 -36.16 -18.66
C VAL S 396 -59.16 -37.38 -18.60
N ILE S 397 -59.51 -38.43 -19.33
CA ILE S 397 -58.75 -39.67 -19.33
C ILE S 397 -57.89 -39.69 -20.57
N ASP S 398 -56.58 -39.87 -20.37
CA ASP S 398 -55.61 -39.76 -21.45
C ASP S 398 -55.70 -40.98 -22.37
N HIS S 399 -55.11 -40.84 -23.55
CA HIS S 399 -55.10 -41.90 -24.56
C HIS S 399 -54.56 -43.21 -23.98
N GLY S 400 -55.32 -44.28 -24.18
CA GLY S 400 -54.87 -45.62 -23.83
C GLY S 400 -54.89 -45.96 -22.36
N VAL S 401 -55.38 -45.08 -21.49
CA VAL S 401 -55.33 -45.36 -20.05
C VAL S 401 -56.22 -46.55 -19.73
N VAL S 402 -55.76 -47.40 -18.81
CA VAL S 402 -56.54 -48.50 -18.28
C VAL S 402 -56.94 -48.13 -16.86
N ILE S 403 -58.21 -47.76 -16.68
CA ILE S 403 -58.75 -47.45 -15.36
C ILE S 403 -58.93 -48.74 -14.58
N PRO S 404 -58.31 -48.88 -13.40
CA PRO S 404 -58.49 -50.11 -12.62
C PRO S 404 -59.93 -50.30 -12.19
N GLU S 405 -60.30 -51.56 -12.00
CA GLU S 405 -61.63 -51.91 -11.50
C GLU S 405 -61.90 -51.24 -10.16
N GLY S 406 -63.12 -50.75 -9.99
CA GLY S 406 -63.53 -50.16 -8.73
C GLY S 406 -62.98 -48.80 -8.43
N LEU S 407 -62.23 -48.19 -9.34
CA LEU S 407 -61.67 -46.87 -9.10
C LEU S 407 -62.78 -45.83 -8.97
N ILE S 408 -62.66 -44.97 -7.95
CA ILE S 408 -63.57 -43.84 -7.76
C ILE S 408 -62.78 -42.56 -7.99
N VAL S 409 -63.32 -41.69 -8.84
CA VAL S 409 -62.80 -40.34 -9.02
C VAL S 409 -63.98 -39.39 -9.09
N GLY S 410 -63.89 -38.27 -8.38
CA GLY S 410 -64.93 -37.28 -8.37
C GLY S 410 -65.72 -37.22 -7.08
N GLU S 411 -65.42 -38.09 -6.12
CA GLU S 411 -66.14 -38.15 -4.85
C GLU S 411 -65.42 -37.46 -3.71
N ASP S 412 -64.09 -37.60 -3.63
CA ASP S 412 -63.30 -37.02 -2.53
C ASP S 412 -62.19 -36.15 -3.11
N PRO S 413 -62.36 -34.82 -3.06
CA PRO S 413 -61.40 -33.93 -3.73
C PRO S 413 -59.96 -34.09 -3.26
N GLU S 414 -59.77 -34.37 -1.97
CA GLU S 414 -58.42 -34.47 -1.43
C GLU S 414 -57.72 -35.72 -1.94
N LEU S 415 -58.38 -36.88 -1.86
CA LEU S 415 -57.79 -38.09 -2.41
C LEU S 415 -57.53 -37.94 -3.90
N ASP S 416 -58.38 -37.20 -4.60
CA ASP S 416 -58.25 -37.06 -6.04
C ASP S 416 -57.04 -36.22 -6.40
N ALA S 417 -56.87 -35.07 -5.73
CA ALA S 417 -55.77 -34.17 -6.08
C ALA S 417 -54.42 -34.80 -5.75
N LYS S 418 -54.35 -35.65 -4.74
CA LYS S 418 -53.11 -36.37 -4.46
C LYS S 418 -52.85 -37.44 -5.51
N ARG S 419 -53.91 -38.11 -5.99
CA ARG S 419 -53.73 -39.22 -6.91
C ARG S 419 -53.50 -38.74 -8.34
N PHE S 420 -54.18 -37.68 -8.76
CA PHE S 420 -54.10 -37.22 -10.14
C PHE S 420 -53.84 -35.72 -10.18
N ARG S 421 -53.86 -35.14 -11.37
CA ARG S 421 -53.80 -33.69 -11.51
C ARG S 421 -55.24 -33.16 -11.50
N ARG S 422 -55.60 -32.46 -10.44
CA ARG S 422 -56.94 -31.92 -10.26
C ARG S 422 -56.90 -30.40 -10.41
N THR S 423 -57.77 -29.87 -11.25
CA THR S 423 -57.83 -28.43 -11.43
C THR S 423 -58.50 -27.75 -10.25
N GLU S 424 -58.40 -26.42 -10.27
CA GLU S 424 -59.11 -25.57 -9.31
C GLU S 424 -60.61 -25.86 -9.32
N SER S 425 -61.18 -26.09 -10.48
CA SER S 425 -62.62 -26.28 -10.63
C SER S 425 -63.07 -27.73 -10.42
N GLY S 426 -62.14 -28.67 -10.29
CA GLY S 426 -62.48 -30.04 -9.96
C GLY S 426 -62.29 -31.05 -11.06
N ILE S 427 -61.75 -30.67 -12.20
CA ILE S 427 -61.50 -31.62 -13.28
C ILE S 427 -60.22 -32.37 -12.98
N CYS S 428 -60.32 -33.70 -12.96
CA CYS S 428 -59.16 -34.56 -12.76
C CYS S 428 -58.67 -35.04 -14.12
N LEU S 429 -57.41 -34.76 -14.43
CA LEU S 429 -56.77 -35.36 -15.59
C LEU S 429 -56.08 -36.63 -15.13
N ILE S 430 -56.36 -37.73 -15.81
CA ILE S 430 -55.85 -39.05 -15.42
C ILE S 430 -54.96 -39.58 -16.52
N THR S 431 -53.68 -39.81 -16.21
CA THR S 431 -52.73 -40.43 -17.11
CA THR S 431 -52.76 -40.44 -17.13
C THR S 431 -52.41 -41.84 -16.62
N GLN S 432 -51.78 -42.63 -17.51
CA GLN S 432 -51.42 -43.97 -17.11
C GLN S 432 -50.27 -43.98 -16.11
N SER S 433 -49.39 -42.97 -16.17
CA SER S 433 -48.30 -42.90 -15.20
C SER S 433 -48.83 -42.68 -13.79
N MET S 434 -49.93 -41.92 -13.67
CA MET S 434 -50.60 -41.80 -12.38
C MET S 434 -51.12 -43.16 -11.92
N ILE S 435 -51.98 -43.78 -12.73
CA ILE S 435 -52.60 -45.05 -12.38
C ILE S 435 -51.57 -46.06 -11.88
N ASP S 436 -50.39 -46.08 -12.50
CA ASP S 436 -49.35 -47.03 -12.11
C ASP S 436 -48.88 -46.82 -10.68
N LYS S 437 -48.97 -45.58 -10.17
CA LYS S 437 -48.46 -45.25 -8.85
C LYS S 437 -49.45 -45.54 -7.73
N LEU S 438 -50.55 -46.24 -8.00
CA LEU S 438 -51.74 -46.16 -7.17
C LEU S 438 -51.84 -47.31 -6.18
N ASP S 439 -52.24 -46.95 -4.95
CA ASP S 439 -52.63 -47.90 -3.91
C ASP S 439 -53.96 -47.46 -3.32
N LEU S 440 -53.91 -46.71 -2.21
CA LEU S 440 -55.11 -46.09 -1.64
C LEU S 440 -54.91 -44.58 -1.56
N VAL T 26 -42.62 -73.89 -51.28
CA VAL T 26 -42.12 -72.85 -50.39
C VAL T 26 -42.95 -71.58 -50.52
N GLN T 27 -43.13 -71.12 -51.76
CA GLN T 27 -43.86 -69.89 -52.01
C GLN T 27 -45.36 -70.12 -51.86
N PRO T 28 -46.09 -69.16 -51.33
CA PRO T 28 -47.56 -69.29 -51.24
C PRO T 28 -48.18 -69.31 -52.62
N LEU T 29 -49.21 -70.15 -52.77
CA LEU T 29 -49.87 -70.29 -54.06
C LEU T 29 -50.76 -69.10 -54.40
N ALA T 30 -51.21 -68.33 -53.40
CA ALA T 30 -52.06 -67.18 -53.68
C ALA T 30 -51.32 -66.11 -54.46
N ARG T 31 -49.98 -66.14 -54.46
CA ARG T 31 -49.22 -65.22 -55.31
C ARG T 31 -49.67 -65.33 -56.76
N ASP T 32 -49.97 -66.54 -57.22
CA ASP T 32 -50.30 -66.82 -58.60
C ASP T 32 -51.78 -67.17 -58.78
N ALA T 33 -52.63 -66.58 -57.96
CA ALA T 33 -54.06 -66.83 -58.03
C ALA T 33 -54.77 -65.54 -58.36
N MET T 34 -55.84 -65.65 -59.15
CA MET T 34 -56.73 -64.54 -59.43
C MET T 34 -58.10 -64.84 -58.85
N ALA T 35 -58.62 -63.92 -58.05
CA ALA T 35 -59.97 -64.04 -57.54
C ALA T 35 -60.96 -63.49 -58.56
N TYR T 36 -61.97 -64.29 -58.89
CA TYR T 36 -63.05 -63.87 -59.77
C TYR T 36 -64.35 -64.02 -59.00
N VAL T 37 -64.93 -62.91 -58.59
CA VAL T 37 -66.16 -62.91 -57.80
C VAL T 37 -67.33 -62.66 -58.75
N LEU T 38 -68.37 -63.48 -58.64
CA LEU T 38 -69.58 -63.32 -59.45
C LEU T 38 -70.59 -62.53 -58.63
N ALA T 39 -70.88 -61.30 -59.08
CA ALA T 39 -71.75 -60.40 -58.33
C ALA T 39 -72.91 -59.93 -59.19
N GLY T 40 -73.44 -60.82 -60.02
CA GLY T 40 -74.54 -60.47 -60.89
C GLY T 40 -75.90 -60.85 -60.32
N GLY T 41 -75.89 -61.71 -59.30
CA GLY T 41 -77.10 -62.27 -58.74
C GLY T 41 -78.06 -61.25 -58.15
N ARG T 42 -79.31 -61.33 -58.58
CA ARG T 42 -80.31 -60.34 -58.21
C ARG T 42 -80.73 -60.46 -56.76
N GLY T 43 -80.81 -61.68 -56.24
CA GLY T 43 -81.40 -61.89 -54.93
C GLY T 43 -82.86 -61.52 -54.92
N SER T 44 -83.67 -62.26 -55.68
CA SER T 44 -85.06 -61.89 -55.87
C SER T 44 -85.90 -62.14 -54.62
N ARG T 45 -85.50 -63.09 -53.79
CA ARG T 45 -86.23 -63.33 -52.55
C ARG T 45 -86.04 -62.21 -51.53
N LEU T 46 -85.10 -61.30 -51.76
CA LEU T 46 -84.98 -60.11 -50.91
C LEU T 46 -86.04 -59.06 -51.22
N LYS T 47 -86.80 -59.26 -52.29
CA LYS T 47 -88.01 -58.47 -52.60
C LYS T 47 -87.58 -57.03 -52.87
N GLU T 48 -88.26 -56.02 -52.32
CA GLU T 48 -87.93 -54.62 -52.58
C GLU T 48 -86.53 -54.24 -52.09
N LEU T 49 -85.95 -55.01 -51.16
CA LEU T 49 -84.61 -54.71 -50.68
C LEU T 49 -83.56 -54.86 -51.78
N THR T 50 -83.92 -55.45 -52.92
CA THR T 50 -83.02 -55.49 -54.07
C THR T 50 -83.68 -54.94 -55.33
N ASP T 51 -84.68 -54.08 -55.17
CA ASP T 51 -85.30 -53.45 -56.32
C ASP T 51 -84.32 -52.53 -57.05
N ARG T 52 -83.44 -51.86 -56.32
CA ARG T 52 -82.55 -50.85 -56.87
C ARG T 52 -81.07 -51.18 -56.75
N ARG T 53 -80.74 -52.41 -56.34
CA ARG T 53 -79.34 -52.81 -56.24
C ARG T 53 -79.27 -54.33 -56.18
N ALA T 54 -78.18 -54.86 -56.72
CA ALA T 54 -77.95 -56.30 -56.63
C ALA T 54 -77.69 -56.68 -55.17
N LYS T 55 -77.99 -57.93 -54.86
CA LYS T 55 -77.74 -58.45 -53.51
C LYS T 55 -76.32 -58.23 -53.00
N PRO T 56 -75.25 -58.35 -53.82
CA PRO T 56 -73.90 -58.09 -53.28
C PRO T 56 -73.70 -56.66 -52.80
N ALA T 57 -74.48 -55.71 -53.27
CA ALA T 57 -74.37 -54.33 -52.84
C ALA T 57 -75.22 -54.02 -51.62
N VAL T 58 -75.92 -55.01 -51.08
CA VAL T 58 -76.77 -54.77 -49.92
C VAL T 58 -75.90 -54.62 -48.68
N TYR T 59 -76.21 -53.61 -47.87
CA TYR T 59 -75.47 -53.36 -46.64
C TYR T 59 -75.64 -54.52 -45.67
N PHE T 60 -74.64 -54.68 -44.78
CA PHE T 60 -74.71 -55.71 -43.75
C PHE T 60 -73.90 -55.28 -42.54
N GLY T 61 -74.45 -55.53 -41.35
CA GLY T 61 -73.72 -55.49 -40.11
C GLY T 61 -73.29 -54.13 -39.62
N GLY T 62 -73.68 -53.06 -40.30
N GLY T 62 -73.73 -53.05 -40.27
CA GLY T 62 -73.14 -51.74 -40.02
CA GLY T 62 -73.50 -51.72 -39.76
C GLY T 62 -71.64 -51.74 -40.23
C GLY T 62 -72.57 -50.84 -40.58
N LYS T 63 -71.14 -52.67 -41.04
N LYS T 63 -71.95 -51.37 -41.64
CA LYS T 63 -69.72 -52.92 -41.17
CA LYS T 63 -71.01 -50.57 -42.42
C LYS T 63 -69.22 -52.86 -42.60
C LYS T 63 -70.72 -51.17 -43.78
N ALA T 64 -69.98 -53.39 -43.56
N ALA T 64 -70.15 -52.37 -43.81
CA ALA T 64 -69.56 -53.45 -44.95
CA ALA T 64 -69.69 -52.96 -45.05
C ALA T 64 -70.79 -53.78 -45.80
C ALA T 64 -70.88 -53.40 -45.90
N ARG T 65 -70.58 -53.88 -47.10
CA ARG T 65 -71.56 -54.50 -47.97
C ARG T 65 -71.27 -56.00 -48.00
N ILE T 66 -72.20 -56.78 -48.57
CA ILE T 66 -72.02 -58.22 -48.56
C ILE T 66 -70.86 -58.63 -49.45
N ILE T 67 -70.68 -57.94 -50.59
CA ILE T 67 -69.58 -58.30 -51.48
C ILE T 67 -68.24 -58.14 -50.78
N ASP T 68 -68.14 -57.24 -49.79
CA ASP T 68 -66.86 -56.96 -49.17
C ASP T 68 -66.25 -58.15 -48.44
N PHE T 69 -67.07 -59.14 -48.04
CA PHE T 69 -66.51 -60.27 -47.31
C PHE T 69 -65.69 -61.17 -48.22
N ALA T 70 -66.28 -61.58 -49.35
CA ALA T 70 -65.53 -62.35 -50.34
C ALA T 70 -64.28 -61.58 -50.77
N LEU T 71 -64.42 -60.30 -51.07
CA LEU T 71 -63.27 -59.52 -51.50
C LEU T 71 -62.21 -59.46 -50.40
N SER T 72 -62.64 -59.31 -49.14
CA SER T 72 -61.70 -59.24 -48.03
C SER T 72 -61.06 -60.59 -47.77
N ASN T 73 -61.76 -61.69 -48.06
CA ASN T 73 -61.15 -63.00 -47.93
C ASN T 73 -60.04 -63.17 -48.96
N ALA T 74 -60.27 -62.69 -50.18
CA ALA T 74 -59.22 -62.74 -51.20
C ALA T 74 -58.00 -61.94 -50.76
N LEU T 75 -58.23 -60.68 -50.39
CA LEU T 75 -57.18 -59.81 -49.89
C LEU T 75 -56.41 -60.46 -48.75
N ASN T 76 -57.12 -60.86 -47.69
CA ASN T 76 -56.46 -61.40 -46.51
C ASN T 76 -55.75 -62.71 -46.81
N SER T 77 -56.23 -63.48 -47.80
CA SER T 77 -55.55 -64.68 -48.24
C SER T 77 -54.37 -64.40 -49.17
N GLY T 78 -54.10 -63.13 -49.49
CA GLY T 78 -52.97 -62.79 -50.33
C GLY T 78 -53.20 -62.83 -51.82
N ILE T 79 -54.47 -62.85 -52.26
CA ILE T 79 -54.80 -62.77 -53.68
C ILE T 79 -54.99 -61.30 -54.02
N ARG T 80 -54.04 -60.75 -54.78
CA ARG T 80 -54.07 -59.33 -55.12
C ARG T 80 -54.53 -59.07 -56.55
N ARG T 81 -55.04 -60.10 -57.24
CA ARG T 81 -55.69 -59.95 -58.53
C ARG T 81 -57.15 -60.37 -58.34
N ILE T 82 -58.06 -59.42 -58.52
CA ILE T 82 -59.48 -59.65 -58.27
C ILE T 82 -60.26 -59.10 -59.44
N GLY T 83 -61.14 -59.93 -60.01
CA GLY T 83 -62.09 -59.48 -61.01
C GLY T 83 -63.51 -59.68 -60.48
N VAL T 84 -64.39 -58.75 -60.83
CA VAL T 84 -65.77 -58.78 -60.32
C VAL T 84 -66.72 -58.67 -61.51
N ALA T 85 -67.53 -59.71 -61.73
CA ALA T 85 -68.56 -59.68 -62.74
C ALA T 85 -69.85 -59.16 -62.13
N THR T 86 -70.38 -58.07 -62.68
CA THR T 86 -71.67 -57.55 -62.25
C THR T 86 -72.63 -57.63 -63.43
N GLN T 87 -73.90 -57.37 -63.15
CA GLN T 87 -74.92 -57.48 -64.17
C GLN T 87 -76.18 -56.76 -63.68
N TYR T 88 -76.97 -57.45 -62.86
CA TYR T 88 -78.17 -56.85 -62.28
C TYR T 88 -77.82 -55.59 -61.51
N LYS T 89 -78.53 -54.51 -61.84
CA LYS T 89 -78.56 -53.27 -61.07
C LYS T 89 -77.23 -52.98 -60.38
N ALA T 90 -76.23 -52.56 -61.16
CA ALA T 90 -74.85 -52.56 -60.69
C ALA T 90 -74.27 -51.16 -60.50
N HIS T 91 -75.06 -50.10 -60.65
CA HIS T 91 -74.51 -48.77 -60.48
C HIS T 91 -73.97 -48.58 -59.07
N ASP T 92 -74.83 -48.81 -58.05
CA ASP T 92 -74.41 -48.75 -56.65
C ASP T 92 -73.25 -49.70 -56.39
N LEU T 93 -73.32 -50.91 -56.94
CA LEU T 93 -72.25 -51.87 -56.74
C LEU T 93 -70.95 -51.38 -57.35
N ILE T 94 -70.99 -50.92 -58.61
CA ILE T 94 -69.78 -50.44 -59.26
C ILE T 94 -69.22 -49.23 -58.52
N ARG T 95 -70.09 -48.27 -58.18
CA ARG T 95 -69.63 -47.08 -57.48
C ARG T 95 -68.95 -47.43 -56.16
N HIS T 96 -69.46 -48.43 -55.46
CA HIS T 96 -68.86 -48.81 -54.18
C HIS T 96 -67.49 -49.44 -54.36
N LEU T 97 -67.37 -50.36 -55.32
CA LEU T 97 -66.07 -50.95 -55.64
C LEU T 97 -65.09 -49.91 -56.19
N GLN T 98 -65.59 -48.90 -56.89
CA GLN T 98 -64.68 -47.87 -57.43
C GLN T 98 -64.03 -47.07 -56.33
N ARG T 99 -64.71 -46.89 -55.19
CA ARG T 99 -64.22 -45.97 -54.19
C ARG T 99 -63.75 -46.66 -52.91
N GLY T 100 -64.14 -47.91 -52.68
CA GLY T 100 -63.55 -48.69 -51.61
C GLY T 100 -62.34 -49.47 -52.08
N TRP T 101 -62.43 -50.09 -53.24
CA TRP T 101 -61.41 -51.05 -53.68
C TRP T 101 -60.52 -50.41 -54.74
N ASP T 102 -59.75 -49.41 -54.29
CA ASP T 102 -59.01 -48.54 -55.18
C ASP T 102 -57.51 -48.53 -54.92
N PHE T 103 -56.98 -49.49 -54.15
CA PHE T 103 -55.58 -49.44 -53.73
C PHE T 103 -54.73 -50.52 -54.40
N PHE T 104 -55.15 -51.02 -55.55
CA PHE T 104 -54.40 -52.01 -56.31
C PHE T 104 -53.64 -51.31 -57.42
N ARG T 105 -52.31 -51.45 -57.44
CA ARG T 105 -51.53 -50.86 -58.51
C ARG T 105 -50.93 -51.93 -59.37
N PRO T 106 -51.03 -51.83 -60.70
CA PRO T 106 -50.49 -52.89 -61.55
C PRO T 106 -48.98 -53.04 -61.47
N GLU T 107 -48.25 -51.95 -61.21
CA GLU T 107 -46.79 -52.06 -61.09
C GLU T 107 -46.38 -53.00 -59.98
N ARG T 108 -47.24 -53.24 -58.99
CA ARG T 108 -47.01 -54.20 -57.92
C ARG T 108 -47.72 -55.53 -58.19
N ASN T 109 -48.03 -55.82 -59.46
CA ASN T 109 -48.73 -57.04 -59.85
C ASN T 109 -50.04 -57.20 -59.09
N GLU T 110 -50.72 -56.09 -58.83
CA GLU T 110 -52.05 -56.07 -58.25
C GLU T 110 -53.02 -55.52 -59.29
N SER T 111 -54.21 -56.11 -59.37
CA SER T 111 -55.22 -55.60 -60.28
C SER T 111 -56.60 -55.80 -59.67
N PHE T 112 -57.50 -54.85 -59.96
CA PHE T 112 -58.90 -54.95 -59.57
C PHE T 112 -59.74 -54.53 -60.76
N ASP T 113 -60.28 -55.50 -61.48
CA ASP T 113 -61.05 -55.25 -62.69
C ASP T 113 -62.54 -55.39 -62.39
N ILE T 114 -63.31 -54.36 -62.72
CA ILE T 114 -64.76 -54.38 -62.61
C ILE T 114 -65.34 -54.63 -64.00
N LEU T 115 -66.07 -55.73 -64.14
CA LEU T 115 -66.38 -56.31 -65.46
C LEU T 115 -67.89 -56.47 -65.61
N PRO T 116 -68.61 -55.39 -65.91
CA PRO T 116 -70.06 -55.49 -66.13
C PRO T 116 -70.38 -55.85 -67.57
N ALA T 117 -71.52 -56.53 -67.72
CA ALA T 117 -72.02 -56.83 -69.06
C ALA T 117 -72.37 -55.53 -69.78
N SER T 118 -71.81 -55.33 -70.96
CA SER T 118 -72.04 -54.09 -71.69
C SER T 118 -71.63 -54.30 -73.15
N GLN T 119 -71.47 -53.21 -73.89
CA GLN T 119 -71.08 -53.23 -75.31
C GLN T 119 -69.57 -53.07 -75.38
N ARG T 120 -68.87 -54.20 -75.28
CA ARG T 120 -67.41 -54.23 -75.27
C ARG T 120 -66.89 -55.23 -76.29
N VAL T 121 -66.93 -56.52 -75.94
CA VAL T 121 -66.55 -57.59 -76.87
C VAL T 121 -67.74 -58.14 -77.64
N SER T 122 -68.96 -57.74 -77.29
CA SER T 122 -70.15 -58.20 -77.99
C SER T 122 -71.29 -57.23 -77.69
N GLU T 123 -72.33 -57.29 -78.53
CA GLU T 123 -73.52 -56.49 -78.32
C GLU T 123 -74.22 -56.87 -77.03
N THR T 124 -75.01 -57.96 -77.08
CA THR T 124 -75.80 -58.54 -75.98
C THR T 124 -76.07 -57.60 -74.81
N GLN T 125 -75.03 -57.10 -74.13
CA GLN T 125 -75.17 -56.33 -72.89
C GLN T 125 -75.83 -57.18 -71.81
N TRP T 126 -75.44 -58.45 -71.75
CA TRP T 126 -76.02 -59.43 -70.84
C TRP T 126 -75.14 -60.67 -70.79
N TYR T 127 -74.70 -61.07 -69.60
CA TYR T 127 -74.10 -62.38 -69.46
C TYR T 127 -75.20 -63.43 -69.44
N GLU T 128 -74.97 -64.56 -70.10
CA GLU T 128 -75.97 -65.62 -70.13
C GLU T 128 -75.88 -66.55 -68.92
N GLY T 129 -74.98 -66.29 -68.00
CA GLY T 129 -74.83 -67.12 -66.82
C GLY T 129 -73.50 -66.85 -66.15
N THR T 130 -73.30 -67.55 -65.02
CA THR T 130 -72.09 -67.34 -64.23
C THR T 130 -70.84 -67.78 -64.98
N ALA T 131 -70.93 -68.84 -65.79
CA ALA T 131 -69.78 -69.26 -66.58
C ALA T 131 -69.52 -68.30 -67.73
N ASP T 132 -70.58 -67.81 -68.37
CA ASP T 132 -70.42 -66.82 -69.43
C ASP T 132 -69.86 -65.52 -68.87
N ALA T 133 -70.09 -65.25 -67.58
CA ALA T 133 -69.55 -64.03 -66.97
C ALA T 133 -68.03 -64.10 -66.87
N VAL T 134 -67.47 -65.30 -66.72
CA VAL T 134 -66.02 -65.43 -66.79
C VAL T 134 -65.57 -65.55 -68.24
N TYR T 135 -66.37 -66.24 -69.06
CA TYR T 135 -65.96 -66.55 -70.43
C TYR T 135 -65.75 -65.29 -71.25
N GLN T 136 -66.65 -64.31 -71.12
N GLN T 136 -66.64 -64.30 -71.12
CA GLN T 136 -66.52 -63.08 -71.91
CA GLN T 136 -66.53 -63.09 -71.90
C GLN T 136 -65.30 -62.25 -71.53
C GLN T 136 -65.34 -62.23 -71.50
N ASN T 137 -64.65 -62.57 -70.41
CA ASN T 137 -63.53 -61.78 -69.91
C ASN T 137 -62.24 -62.59 -69.87
N ILE T 138 -62.13 -63.62 -70.71
CA ILE T 138 -60.88 -64.34 -70.83
C ILE T 138 -59.78 -63.42 -71.35
N ASP T 139 -60.13 -62.47 -72.23
CA ASP T 139 -59.15 -61.49 -72.69
C ASP T 139 -58.67 -60.58 -71.56
N ILE T 140 -59.40 -60.51 -70.45
CA ILE T 140 -58.93 -59.75 -69.30
C ILE T 140 -57.97 -60.59 -68.45
N ILE T 141 -58.19 -61.91 -68.38
CA ILE T 141 -57.40 -62.75 -67.49
C ILE T 141 -56.09 -63.19 -68.13
N GLU T 142 -56.14 -63.59 -69.40
CA GLU T 142 -54.96 -64.12 -70.06
C GLU T 142 -53.73 -63.20 -70.00
N PRO T 143 -53.84 -61.88 -70.13
CA PRO T 143 -52.64 -61.05 -69.96
C PRO T 143 -51.98 -61.20 -68.59
N TYR T 144 -52.77 -61.36 -67.53
CA TYR T 144 -52.22 -61.56 -66.20
C TYR T 144 -51.57 -62.93 -66.05
N ALA T 145 -52.08 -63.92 -66.76
CA ALA T 145 -51.58 -65.30 -66.71
C ALA T 145 -51.45 -65.88 -65.30
N PRO T 146 -52.48 -65.77 -64.47
CA PRO T 146 -52.40 -66.38 -63.13
C PRO T 146 -52.44 -67.90 -63.22
N GLU T 147 -51.77 -68.54 -62.27
CA GLU T 147 -51.72 -69.99 -62.28
C GLU T 147 -53.05 -70.62 -61.87
N TYR T 148 -53.81 -69.95 -61.00
CA TYR T 148 -55.02 -70.52 -60.43
C TYR T 148 -56.14 -69.50 -60.45
N MET T 149 -57.35 -69.98 -60.70
CA MET T 149 -58.57 -69.18 -60.60
C MET T 149 -59.31 -69.59 -59.34
N VAL T 150 -59.69 -68.62 -58.53
CA VAL T 150 -60.55 -68.84 -57.38
C VAL T 150 -61.87 -68.13 -57.67
N ILE T 151 -62.86 -68.91 -58.09
CA ILE T 151 -64.19 -68.41 -58.42
C ILE T 151 -65.01 -68.34 -57.15
N LEU T 152 -65.60 -67.16 -56.87
CA LEU T 152 -66.25 -66.93 -55.59
C LEU T 152 -67.63 -66.33 -55.76
N ALA T 153 -68.60 -66.86 -55.04
CA ALA T 153 -69.90 -66.21 -54.92
C ALA T 153 -69.76 -64.90 -54.17
N GLY T 154 -70.34 -63.84 -54.71
CA GLY T 154 -70.22 -62.54 -54.08
C GLY T 154 -71.44 -62.11 -53.28
N ASP T 155 -72.22 -63.07 -52.74
CA ASP T 155 -73.43 -62.73 -52.01
C ASP T 155 -73.56 -63.55 -50.74
N HIS T 156 -72.44 -63.93 -50.13
CA HIS T 156 -72.40 -64.65 -48.87
C HIS T 156 -71.51 -63.90 -47.89
N ILE T 157 -71.83 -64.04 -46.61
CA ILE T 157 -71.04 -63.45 -45.53
C ILE T 157 -70.33 -64.57 -44.79
N TYR T 158 -69.00 -64.60 -44.91
CA TYR T 158 -68.18 -65.66 -44.32
C TYR T 158 -66.73 -65.20 -44.37
N LYS T 159 -65.92 -65.78 -43.49
CA LYS T 159 -64.48 -65.53 -43.47
C LYS T 159 -63.73 -66.82 -43.77
N MET T 160 -62.76 -66.76 -44.68
CA MET T 160 -62.15 -67.97 -45.21
C MET T 160 -60.78 -67.66 -45.77
N ASP T 161 -59.77 -68.44 -45.37
CA ASP T 161 -58.43 -68.35 -45.92
C ASP T 161 -58.35 -69.28 -47.13
N TYR T 162 -58.27 -68.70 -48.33
CA TYR T 162 -58.28 -69.52 -49.53
C TYR T 162 -56.96 -70.21 -49.81
N GLU T 163 -55.89 -69.86 -49.09
CA GLU T 163 -54.62 -70.56 -49.27
C GLU T 163 -54.76 -72.04 -48.96
N TYR T 164 -55.64 -72.41 -48.02
CA TYR T 164 -55.86 -73.82 -47.73
C TYR T 164 -56.47 -74.54 -48.92
N MET T 165 -57.50 -73.95 -49.55
CA MET T 165 -58.10 -74.54 -50.73
C MET T 165 -57.09 -74.73 -51.85
N LEU T 166 -56.27 -73.70 -52.10
CA LEU T 166 -55.32 -73.76 -53.21
C LEU T 166 -54.30 -74.88 -53.01
N GLN T 167 -53.86 -75.08 -51.76
CA GLN T 167 -52.90 -76.15 -51.49
C GLN T 167 -53.52 -77.51 -51.76
N GLN T 168 -54.76 -77.71 -51.31
CA GLN T 168 -55.40 -79.00 -51.49
C GLN T 168 -55.66 -79.26 -52.97
N HIS T 169 -56.16 -78.26 -53.70
CA HIS T 169 -56.35 -78.40 -55.15
C HIS T 169 -55.08 -78.90 -55.82
N VAL T 170 -53.93 -78.32 -55.48
CA VAL T 170 -52.69 -78.69 -56.16
C VAL T 170 -52.22 -80.05 -55.68
N ASP T 171 -52.20 -80.27 -54.37
CA ASP T 171 -51.76 -81.56 -53.84
C ASP T 171 -52.76 -82.66 -54.16
N SER T 172 -54.04 -82.33 -54.32
CA SER T 172 -55.03 -83.31 -54.74
C SER T 172 -54.91 -83.72 -56.20
N GLY T 173 -54.30 -82.88 -57.03
CA GLY T 173 -54.34 -83.12 -58.46
C GLY T 173 -55.71 -83.00 -59.08
N ALA T 174 -56.66 -82.38 -58.37
CA ALA T 174 -58.02 -82.27 -58.89
C ALA T 174 -58.08 -81.35 -60.11
N ASP T 175 -59.09 -81.58 -60.93
CA ASP T 175 -59.47 -80.61 -61.93
C ASP T 175 -60.21 -79.43 -61.31
N VAL T 176 -61.05 -79.68 -60.31
CA VAL T 176 -61.76 -78.65 -59.57
C VAL T 176 -61.79 -79.00 -58.10
N THR T 177 -61.63 -77.99 -57.25
CA THR T 177 -61.88 -78.09 -55.83
C THR T 177 -63.04 -77.17 -55.49
N ILE T 178 -63.96 -77.66 -54.66
CA ILE T 178 -65.21 -76.96 -54.35
C ILE T 178 -65.30 -76.77 -52.85
N GLY T 179 -65.58 -75.54 -52.44
CA GLY T 179 -65.86 -75.27 -51.04
C GLY T 179 -67.25 -75.75 -50.66
N CYS T 180 -67.33 -76.50 -49.59
CA CYS T 180 -68.61 -77.07 -49.17
C CYS T 180 -68.81 -76.82 -47.68
N LEU T 181 -70.02 -76.37 -47.33
CA LEU T 181 -70.47 -76.38 -45.95
C LEU T 181 -70.87 -77.79 -45.55
N GLU T 182 -70.48 -78.19 -44.35
CA GLU T 182 -70.95 -79.44 -43.76
C GLU T 182 -72.18 -79.12 -42.92
N VAL T 183 -73.36 -79.47 -43.43
CA VAL T 183 -74.63 -79.06 -42.84
C VAL T 183 -75.46 -80.29 -42.46
N PRO T 184 -76.34 -80.20 -41.47
CA PRO T 184 -77.27 -81.31 -41.20
C PRO T 184 -78.17 -81.54 -42.41
N ARG T 185 -78.42 -82.83 -42.68
CA ARG T 185 -78.94 -83.22 -43.99
C ARG T 185 -80.28 -82.56 -44.30
N MET T 186 -81.13 -82.37 -43.29
CA MET T 186 -82.41 -81.70 -43.56
C MET T 186 -82.20 -80.28 -44.07
N GLU T 187 -81.19 -79.58 -43.55
CA GLU T 187 -80.88 -78.24 -44.03
C GLU T 187 -80.27 -78.25 -45.42
N ALA T 188 -79.64 -79.36 -45.83
CA ALA T 188 -79.02 -79.43 -47.15
C ALA T 188 -80.03 -79.56 -48.28
N THR T 189 -81.32 -79.70 -47.98
CA THR T 189 -82.32 -79.81 -49.04
C THR T 189 -82.44 -78.54 -49.86
N GLY T 190 -81.99 -77.40 -49.34
CA GLY T 190 -82.06 -76.15 -50.05
C GLY T 190 -80.82 -75.79 -50.83
N PHE T 191 -79.80 -76.66 -50.82
CA PHE T 191 -78.50 -76.37 -51.39
C PHE T 191 -78.22 -77.30 -52.57
N GLY T 192 -77.31 -76.86 -53.43
CA GLY T 192 -76.66 -77.78 -54.35
C GLY T 192 -75.76 -78.70 -53.55
N VAL T 193 -75.97 -80.01 -53.67
CA VAL T 193 -75.33 -80.96 -52.78
C VAL T 193 -74.36 -81.82 -53.58
N MET T 194 -73.22 -82.13 -52.96
CA MET T 194 -72.16 -82.91 -53.59
C MET T 194 -72.07 -84.28 -52.89
N HIS T 195 -72.35 -85.34 -53.64
CA HIS T 195 -72.16 -86.71 -53.17
C HIS T 195 -70.68 -87.06 -53.24
N VAL T 196 -70.17 -87.69 -52.18
CA VAL T 196 -68.74 -87.74 -51.90
C VAL T 196 -68.37 -89.10 -51.30
N ASN T 197 -67.16 -89.57 -51.60
CA ASN T 197 -66.68 -90.84 -51.06
C ASN T 197 -65.85 -90.60 -49.81
N GLU T 198 -65.05 -91.61 -49.41
CA GLU T 198 -64.34 -91.55 -48.15
C GLU T 198 -63.10 -90.67 -48.21
N LYS T 199 -62.59 -90.35 -49.40
CA LYS T 199 -61.50 -89.41 -49.56
C LYS T 199 -61.98 -88.03 -49.99
N ASP T 200 -63.26 -87.73 -49.73
CA ASP T 200 -63.94 -86.49 -50.11
C ASP T 200 -63.74 -86.12 -51.58
N GLU T 201 -63.48 -87.11 -52.42
CA GLU T 201 -63.68 -86.93 -53.85
C GLU T 201 -65.17 -87.04 -54.17
N ILE T 202 -65.64 -86.14 -55.01
CA ILE T 202 -67.07 -86.01 -55.28
C ILE T 202 -67.49 -87.11 -56.24
N ILE T 203 -68.69 -87.67 -56.02
CA ILE T 203 -69.23 -88.72 -56.87
C ILE T 203 -70.35 -88.21 -57.78
N ASP T 204 -71.17 -87.27 -57.31
CA ASP T 204 -72.29 -86.75 -58.08
C ASP T 204 -72.80 -85.49 -57.39
N PHE T 205 -73.55 -84.68 -58.14
CA PHE T 205 -74.10 -83.42 -57.65
C PHE T 205 -75.60 -83.41 -57.86
N ILE T 206 -76.35 -82.94 -56.85
CA ILE T 206 -77.80 -82.86 -56.92
C ILE T 206 -78.25 -81.46 -56.50
N GLU T 207 -79.07 -80.83 -57.33
CA GLU T 207 -79.64 -79.53 -56.99
C GLU T 207 -80.89 -79.71 -56.15
N LYS T 208 -80.84 -79.19 -54.92
CA LYS T 208 -81.93 -79.28 -53.94
C LYS T 208 -82.46 -80.71 -53.84
N PRO T 209 -81.68 -81.65 -53.31
CA PRO T 209 -82.16 -83.03 -53.20
C PRO T 209 -83.18 -83.17 -52.09
N ALA T 210 -84.23 -83.95 -52.35
CA ALA T 210 -85.26 -84.19 -51.34
C ALA T 210 -84.67 -84.94 -50.16
N ASP T 211 -83.72 -85.82 -50.42
CA ASP T 211 -83.00 -86.57 -49.39
C ASP T 211 -81.52 -86.45 -49.72
N PRO T 212 -80.82 -85.51 -49.09
CA PRO T 212 -79.43 -85.24 -49.49
C PRO T 212 -78.51 -86.40 -49.16
N PRO T 213 -77.63 -86.77 -50.08
CA PRO T 213 -76.65 -87.83 -49.78
C PRO T 213 -75.76 -87.43 -48.62
N GLY T 214 -75.57 -88.37 -47.70
CA GLY T 214 -74.81 -88.08 -46.49
C GLY T 214 -73.33 -88.35 -46.64
N ILE T 215 -72.56 -87.73 -45.76
CA ILE T 215 -71.10 -87.93 -45.73
C ILE T 215 -70.82 -89.37 -45.34
N PRO T 216 -69.96 -90.09 -46.07
CA PRO T 216 -69.56 -91.44 -45.63
C PRO T 216 -69.00 -91.43 -44.21
N GLY T 217 -69.58 -92.24 -43.33
CA GLY T 217 -69.15 -92.31 -41.96
C GLY T 217 -69.80 -91.31 -41.02
N ASN T 218 -70.52 -90.33 -41.56
CA ASN T 218 -71.36 -89.43 -40.78
C ASN T 218 -72.50 -89.03 -41.74
N GLU T 219 -73.50 -89.91 -41.84
CA GLU T 219 -74.64 -89.67 -42.69
C GLU T 219 -75.72 -88.90 -41.95
N GLY T 220 -75.31 -88.06 -41.01
CA GLY T 220 -76.16 -87.02 -40.50
C GLY T 220 -75.85 -85.67 -41.08
N PHE T 221 -74.86 -85.59 -41.96
CA PHE T 221 -74.46 -84.31 -42.55
C PHE T 221 -74.25 -84.50 -44.03
N ALA T 222 -74.59 -83.47 -44.80
CA ALA T 222 -74.35 -83.44 -46.23
C ALA T 222 -73.40 -82.30 -46.56
N LEU T 223 -72.74 -82.40 -47.70
CA LEU T 223 -71.84 -81.37 -48.19
C LEU T 223 -72.64 -80.39 -49.03
N ALA T 224 -72.68 -79.14 -48.59
CA ALA T 224 -73.46 -78.09 -49.25
C ALA T 224 -72.50 -77.16 -49.98
N SER T 225 -72.59 -77.13 -51.30
CA SER T 225 -71.67 -76.31 -52.09
C SER T 225 -71.87 -74.82 -51.80
N MET T 226 -70.78 -74.14 -51.47
N MET T 226 -70.78 -74.14 -51.46
CA MET T 226 -70.78 -72.72 -51.23
CA MET T 226 -70.82 -72.70 -51.24
C MET T 226 -70.62 -71.90 -52.51
C MET T 226 -70.64 -71.90 -52.52
N GLY T 227 -70.51 -72.56 -53.66
CA GLY T 227 -70.28 -71.84 -54.90
C GLY T 227 -68.88 -71.30 -55.03
N ILE T 228 -67.91 -71.91 -54.36
CA ILE T 228 -66.51 -71.52 -54.43
C ILE T 228 -65.76 -72.58 -55.23
N TYR T 229 -65.18 -72.18 -56.35
CA TYR T 229 -64.49 -73.08 -57.25
C TYR T 229 -63.04 -72.69 -57.38
N VAL T 230 -62.15 -73.68 -57.38
CA VAL T 230 -60.72 -73.46 -57.56
C VAL T 230 -60.25 -74.30 -58.73
N PHE T 231 -59.61 -73.65 -59.70
CA PHE T 231 -59.17 -74.27 -60.94
C PHE T 231 -57.70 -74.00 -61.14
N HIS T 232 -57.10 -74.75 -62.07
CA HIS T 232 -55.98 -74.23 -62.84
C HIS T 232 -56.57 -73.32 -63.90
N THR T 233 -56.02 -72.11 -64.01
CA THR T 233 -56.53 -71.16 -64.99
C THR T 233 -56.64 -71.81 -66.36
N LYS T 234 -55.62 -72.58 -66.76
CA LYS T 234 -55.64 -73.11 -68.11
C LYS T 234 -56.67 -74.21 -68.27
N PHE T 235 -56.84 -75.04 -67.25
CA PHE T 235 -57.91 -76.02 -67.28
C PHE T 235 -59.26 -75.33 -67.44
N LEU T 236 -59.47 -74.25 -66.69
CA LEU T 236 -60.77 -73.57 -66.68
C LEU T 236 -61.04 -72.89 -68.01
N MET T 237 -60.01 -72.24 -68.56
CA MET T 237 -60.16 -71.50 -69.81
C MET T 237 -60.74 -72.39 -70.89
N GLU T 238 -60.16 -73.59 -71.06
CA GLU T 238 -60.69 -74.54 -72.02
C GLU T 238 -62.13 -74.92 -71.69
N ALA T 239 -62.44 -75.15 -70.41
CA ALA T 239 -63.78 -75.57 -70.03
C ALA T 239 -64.83 -74.52 -70.40
N LEU T 240 -64.51 -73.24 -70.20
CA LEU T 240 -65.45 -72.18 -70.59
C LEU T 240 -65.70 -72.19 -72.09
N ARG T 241 -64.65 -72.34 -72.89
CA ARG T 241 -64.81 -72.35 -74.33
C ARG T 241 -65.53 -73.61 -74.79
N ARG T 242 -65.34 -74.73 -74.08
CA ARG T 242 -66.17 -75.90 -74.33
C ARG T 242 -67.61 -75.62 -73.92
N ASP T 243 -67.81 -74.90 -72.82
CA ASP T 243 -69.14 -74.49 -72.41
C ASP T 243 -69.78 -73.58 -73.44
N ALA T 244 -69.06 -72.54 -73.87
CA ALA T 244 -69.64 -71.57 -74.78
C ALA T 244 -69.99 -72.18 -76.14
N ALA T 245 -69.27 -73.23 -76.56
CA ALA T 245 -69.67 -73.93 -77.76
C ALA T 245 -70.81 -74.91 -77.50
N ASP T 246 -70.91 -75.38 -76.28
CA ASP T 246 -71.91 -76.37 -75.93
C ASP T 246 -73.30 -75.76 -75.94
N PRO T 247 -74.28 -76.39 -76.61
CA PRO T 247 -75.66 -75.89 -76.51
C PRO T 247 -76.50 -76.61 -75.47
N THR T 248 -76.03 -77.75 -74.93
CA THR T 248 -76.74 -78.29 -73.76
C THR T 248 -76.38 -77.56 -72.47
N SER T 249 -75.60 -76.49 -72.56
CA SER T 249 -75.16 -75.74 -71.38
C SER T 249 -75.96 -74.45 -71.23
N SER T 250 -76.49 -74.24 -70.04
CA SER T 250 -77.06 -72.95 -69.67
C SER T 250 -75.99 -71.96 -69.18
N ARG T 251 -74.72 -72.28 -69.46
CA ARG T 251 -73.59 -71.40 -69.17
C ARG T 251 -73.53 -71.00 -67.69
N ASP T 252 -73.80 -71.97 -66.82
CA ASP T 252 -73.80 -71.75 -65.38
C ASP T 252 -72.76 -72.65 -64.73
N PHE T 253 -71.93 -72.06 -63.86
CA PHE T 253 -70.89 -72.82 -63.17
C PHE T 253 -71.47 -74.02 -62.42
N GLY T 254 -72.53 -73.79 -61.63
CA GLY T 254 -73.02 -74.80 -60.73
C GLY T 254 -73.79 -75.95 -61.38
N LYS T 255 -74.27 -75.77 -62.60
CA LYS T 255 -75.08 -76.80 -63.25
C LYS T 255 -74.58 -77.21 -64.64
N ASP T 256 -73.51 -76.61 -65.14
CA ASP T 256 -72.96 -77.01 -66.43
C ASP T 256 -71.47 -77.28 -66.34
N ILE T 257 -70.71 -76.27 -65.87
CA ILE T 257 -69.28 -76.45 -65.66
C ILE T 257 -69.01 -77.61 -64.72
N ILE T 258 -69.62 -77.58 -63.54
CA ILE T 258 -69.23 -78.48 -62.45
C ILE T 258 -69.78 -79.90 -62.61
N PRO T 259 -70.96 -80.14 -63.20
CA PRO T 259 -71.34 -81.55 -63.42
C PRO T 259 -70.48 -82.24 -64.44
N TYR T 260 -70.17 -81.56 -65.55
CA TYR T 260 -69.31 -82.13 -66.57
C TYR T 260 -67.99 -82.62 -65.97
N ILE T 261 -67.40 -81.82 -65.09
CA ILE T 261 -66.15 -82.22 -64.46
C ILE T 261 -66.38 -83.35 -63.46
N VAL T 262 -67.48 -83.29 -62.71
CA VAL T 262 -67.81 -84.35 -61.77
C VAL T 262 -67.92 -85.68 -62.48
N GLU T 263 -68.40 -85.67 -63.72
CA GLU T 263 -68.52 -86.90 -64.50
C GLU T 263 -67.18 -87.32 -65.08
N HIS T 264 -66.58 -86.49 -65.94
CA HIS T 264 -65.44 -86.88 -66.76
C HIS T 264 -64.09 -86.58 -66.14
N GLY T 265 -64.03 -85.75 -65.10
CA GLY T 265 -62.77 -85.40 -64.47
C GLY T 265 -62.77 -85.73 -62.98
N LYS T 266 -61.87 -85.11 -62.22
CA LYS T 266 -61.80 -85.31 -60.79
C LYS T 266 -62.20 -84.04 -60.08
N ALA T 267 -63.30 -84.09 -59.32
CA ALA T 267 -63.78 -82.96 -58.54
C ALA T 267 -63.73 -83.35 -57.07
N VAL T 268 -63.02 -82.54 -56.27
CA VAL T 268 -62.79 -82.85 -54.87
C VAL T 268 -63.39 -81.74 -54.02
N ALA T 269 -63.97 -82.13 -52.88
CA ALA T 269 -64.61 -81.19 -51.98
C ALA T 269 -63.65 -80.76 -50.88
N HIS T 270 -63.67 -79.46 -50.56
CA HIS T 270 -62.95 -78.88 -49.44
C HIS T 270 -63.96 -78.37 -48.44
N ARG T 271 -63.80 -78.75 -47.17
CA ARG T 271 -64.78 -78.45 -46.14
C ARG T 271 -64.52 -77.08 -45.54
N PHE T 272 -65.57 -76.25 -45.54
CA PHE T 272 -65.47 -74.89 -45.00
C PHE T 272 -64.73 -74.85 -43.68
N ALA T 273 -65.05 -75.77 -42.76
CA ALA T 273 -64.49 -75.72 -41.41
C ALA T 273 -62.97 -75.89 -41.39
N ASP T 274 -62.38 -76.48 -42.44
CA ASP T 274 -60.94 -76.68 -42.44
C ASP T 274 -60.18 -75.38 -42.62
N SER T 275 -60.78 -74.37 -43.26
CA SER T 275 -60.09 -73.13 -43.56
C SER T 275 -60.87 -71.88 -43.17
N CYS T 276 -62.03 -72.04 -42.53
CA CYS T 276 -62.74 -70.89 -42.00
C CYS T 276 -61.87 -70.15 -40.99
N VAL T 277 -61.96 -68.83 -41.00
CA VAL T 277 -61.18 -67.99 -40.10
C VAL T 277 -62.11 -67.56 -38.97
N ARG T 278 -61.94 -68.18 -37.81
CA ARG T 278 -62.72 -67.84 -36.63
C ARG T 278 -61.88 -67.00 -35.68
N SER T 279 -62.45 -65.91 -35.19
CA SER T 279 -61.82 -65.21 -34.08
C SER T 279 -62.08 -65.98 -32.79
N ASP T 280 -61.36 -65.61 -31.72
CA ASP T 280 -61.53 -66.25 -30.42
C ASP T 280 -62.92 -66.05 -29.83
N PHE T 281 -63.78 -65.25 -30.46
CA PHE T 281 -65.10 -64.94 -29.92
C PHE T 281 -66.21 -65.46 -30.83
N GLU T 282 -65.89 -66.39 -31.72
CA GLU T 282 -66.86 -67.01 -32.62
C GLU T 282 -66.91 -68.50 -32.33
N HIS T 283 -68.00 -68.96 -31.71
CA HIS T 283 -68.07 -70.33 -31.22
C HIS T 283 -68.18 -71.38 -32.32
N GLU T 284 -68.41 -70.97 -33.56
CA GLU T 284 -68.51 -71.93 -34.67
C GLU T 284 -68.15 -71.21 -35.96
N PRO T 285 -67.84 -71.97 -37.03
CA PRO T 285 -67.66 -71.32 -38.33
C PRO T 285 -68.92 -70.56 -38.73
N TYR T 286 -68.72 -69.37 -39.28
CA TYR T 286 -69.82 -68.46 -39.59
C TYR T 286 -69.99 -68.38 -41.10
N TRP T 287 -71.20 -68.71 -41.56
CA TRP T 287 -71.55 -68.54 -42.97
C TRP T 287 -73.04 -68.26 -43.04
N ARG T 288 -73.41 -67.12 -43.62
CA ARG T 288 -74.80 -66.76 -43.84
C ARG T 288 -74.98 -66.38 -45.30
N ASP T 289 -76.14 -66.72 -45.87
CA ASP T 289 -76.46 -66.30 -47.23
C ASP T 289 -77.51 -65.20 -47.27
N VAL T 290 -78.07 -64.82 -46.11
CA VAL T 290 -79.12 -63.82 -45.93
C VAL T 290 -80.03 -63.74 -47.16
N GLY T 291 -80.54 -64.90 -47.59
CA GLY T 291 -81.30 -64.96 -48.83
C GLY T 291 -82.72 -64.47 -48.73
N THR T 292 -83.28 -64.40 -47.52
CA THR T 292 -84.64 -63.92 -47.32
C THR T 292 -84.64 -62.71 -46.40
N ILE T 293 -85.74 -61.96 -46.46
CA ILE T 293 -85.88 -60.80 -45.57
C ILE T 293 -85.73 -61.23 -44.13
N ASP T 294 -86.39 -62.33 -43.75
CA ASP T 294 -86.24 -62.88 -42.42
C ASP T 294 -84.78 -63.20 -42.11
N ALA T 295 -84.10 -63.89 -43.03
CA ALA T 295 -82.72 -64.27 -42.81
C ALA T 295 -81.81 -63.05 -42.74
N TYR T 296 -82.02 -62.08 -43.63
CA TYR T 296 -81.25 -60.85 -43.59
C TYR T 296 -81.45 -60.12 -42.26
N TRP T 297 -82.70 -59.98 -41.82
CA TRP T 297 -82.98 -59.34 -40.54
C TRP T 297 -82.33 -60.10 -39.40
N GLN T 298 -82.52 -61.43 -39.38
CA GLN T 298 -82.00 -62.24 -38.28
C GLN T 298 -80.49 -62.05 -38.12
N ALA T 299 -79.74 -62.15 -39.23
CA ALA T 299 -78.29 -62.05 -39.14
C ALA T 299 -77.84 -60.67 -38.67
N ASN T 300 -78.49 -59.61 -39.14
CA ASN T 300 -78.17 -58.27 -38.66
C ASN T 300 -78.52 -58.11 -37.19
N ILE T 301 -79.71 -58.56 -36.79
CA ILE T 301 -80.15 -58.33 -35.42
C ILE T 301 -79.33 -59.14 -34.43
N ASP T 302 -78.83 -60.31 -34.82
CA ASP T 302 -78.10 -61.12 -33.86
C ASP T 302 -76.77 -60.49 -33.47
N LEU T 303 -76.29 -59.50 -34.23
CA LEU T 303 -75.08 -58.78 -33.83
C LEU T 303 -75.31 -57.94 -32.58
N THR T 304 -76.56 -57.71 -32.18
CA THR T 304 -76.84 -57.03 -30.94
C THR T 304 -76.76 -57.95 -29.73
N ASP T 305 -76.47 -59.23 -29.93
CA ASP T 305 -76.35 -60.17 -28.82
C ASP T 305 -75.17 -59.78 -27.93
N VAL T 306 -75.25 -60.22 -26.67
CA VAL T 306 -74.12 -60.09 -25.75
C VAL T 306 -72.89 -60.80 -26.33
N VAL T 307 -73.09 -61.98 -26.91
CA VAL T 307 -72.01 -62.74 -27.54
C VAL T 307 -72.45 -63.10 -28.95
N PRO T 308 -72.21 -62.24 -29.95
CA PRO T 308 -72.69 -62.54 -31.31
C PRO T 308 -71.92 -63.68 -31.95
N ASP T 309 -72.59 -64.36 -32.89
CA ASP T 309 -71.94 -65.41 -33.65
C ASP T 309 -70.87 -64.84 -34.58
N LEU T 310 -71.07 -63.62 -35.06
CA LEU T 310 -70.07 -62.92 -35.87
C LEU T 310 -69.39 -61.86 -35.01
N ASP T 311 -68.06 -61.91 -34.98
CA ASP T 311 -67.24 -60.96 -34.23
C ASP T 311 -66.81 -59.84 -35.18
N ILE T 312 -67.57 -58.74 -35.20
CA ILE T 312 -67.26 -57.60 -36.05
C ILE T 312 -66.18 -56.70 -35.46
N TYR T 313 -65.67 -57.01 -34.28
CA TYR T 313 -64.59 -56.25 -33.67
C TYR T 313 -63.24 -56.94 -33.79
N ASP T 314 -63.18 -58.04 -34.52
CA ASP T 314 -61.92 -58.73 -34.75
C ASP T 314 -61.06 -57.96 -35.74
N LYS T 315 -59.75 -57.92 -35.46
CA LYS T 315 -58.78 -57.35 -36.38
C LYS T 315 -57.86 -58.41 -36.96
N SER T 316 -57.99 -59.66 -36.54
CA SER T 316 -57.20 -60.74 -37.11
C SER T 316 -57.46 -60.90 -38.60
N TRP T 317 -58.71 -60.84 -39.01
CA TRP T 317 -59.11 -61.10 -40.39
C TRP T 317 -60.06 -59.99 -40.81
N PRO T 318 -59.54 -58.79 -41.03
CA PRO T 318 -60.42 -57.62 -41.11
C PRO T 318 -61.18 -57.56 -42.43
N ILE T 319 -62.35 -56.93 -42.36
CA ILE T 319 -63.21 -56.75 -43.52
C ILE T 319 -63.04 -55.32 -44.02
N TRP T 320 -62.38 -55.19 -45.16
CA TRP T 320 -62.26 -53.88 -45.80
C TRP T 320 -63.57 -53.51 -46.49
N THR T 321 -63.80 -52.22 -46.64
CA THR T 321 -65.01 -51.69 -47.27
C THR T 321 -64.78 -50.23 -47.56
N TYR T 322 -65.77 -49.59 -48.17
CA TYR T 322 -65.74 -48.15 -48.37
C TYR T 322 -66.25 -47.45 -47.12
N ALA T 323 -65.42 -46.62 -46.51
CA ALA T 323 -65.79 -45.88 -45.32
C ALA T 323 -65.32 -44.44 -45.45
N GLU T 324 -66.20 -43.50 -45.12
CA GLU T 324 -65.84 -42.09 -45.06
C GLU T 324 -65.52 -41.70 -43.63
N ILE T 325 -64.85 -40.56 -43.49
CA ILE T 325 -64.68 -39.97 -42.17
C ILE T 325 -66.04 -39.52 -41.66
N THR T 326 -66.51 -40.13 -40.58
CA THR T 326 -67.83 -39.74 -40.11
C THR T 326 -67.78 -39.31 -38.66
N PRO T 327 -68.53 -38.28 -38.30
CA PRO T 327 -68.59 -37.84 -36.89
C PRO T 327 -69.16 -38.93 -36.01
N PRO T 328 -68.87 -38.90 -34.72
CA PRO T 328 -69.37 -39.95 -33.82
C PRO T 328 -70.88 -39.86 -33.63
N ALA T 329 -71.41 -40.87 -32.95
CA ALA T 329 -72.81 -40.90 -32.61
C ALA T 329 -73.08 -40.00 -31.40
N LYS T 330 -74.30 -39.48 -31.33
CA LYS T 330 -74.69 -38.53 -30.30
C LYS T 330 -76.06 -38.91 -29.76
N PHE T 331 -76.19 -38.91 -28.44
CA PHE T 331 -77.46 -39.14 -27.77
C PHE T 331 -77.84 -37.89 -27.00
N VAL T 332 -79.09 -37.45 -27.13
CA VAL T 332 -79.50 -36.17 -26.57
C VAL T 332 -80.92 -36.27 -25.99
N HIS T 333 -81.18 -35.38 -25.03
CA HIS T 333 -82.42 -35.27 -24.28
C HIS T 333 -82.50 -36.36 -23.20
N ASP T 334 -82.93 -35.96 -22.01
CA ASP T 334 -83.01 -36.86 -20.87
C ASP T 334 -83.95 -36.28 -19.81
N ASP T 335 -85.25 -36.28 -20.09
CA ASP T 335 -86.21 -35.73 -19.13
C ASP T 335 -87.32 -36.73 -18.82
N GLU T 336 -88.36 -36.25 -18.12
CA GLU T 336 -89.51 -37.11 -17.81
C GLU T 336 -90.12 -37.70 -19.08
N ASP T 337 -90.18 -36.92 -20.15
CA ASP T 337 -90.95 -37.30 -21.33
C ASP T 337 -90.11 -37.89 -22.46
N ARG T 338 -88.82 -37.60 -22.52
CA ARG T 338 -88.00 -38.10 -23.63
C ARG T 338 -86.56 -38.34 -23.17
N ARG T 339 -85.96 -39.37 -23.75
CA ARG T 339 -84.55 -39.65 -23.51
C ARG T 339 -83.97 -40.35 -24.74
N GLY T 340 -82.92 -39.76 -25.31
CA GLY T 340 -82.19 -40.45 -26.34
C GLY T 340 -81.27 -41.50 -25.73
N SER T 341 -81.49 -42.77 -26.07
CA SER T 341 -80.60 -43.80 -25.57
C SER T 341 -80.76 -45.05 -26.39
N ALA T 342 -79.68 -45.84 -26.42
CA ALA T 342 -79.63 -47.12 -27.11
C ALA T 342 -79.28 -48.19 -26.08
N VAL T 343 -80.12 -49.22 -26.02
CA VAL T 343 -79.93 -50.34 -25.11
C VAL T 343 -79.91 -51.62 -25.94
N SER T 344 -78.93 -52.49 -25.68
CA SER T 344 -78.79 -53.76 -26.39
C SER T 344 -78.74 -53.52 -27.90
N SER T 345 -78.04 -52.46 -28.31
CA SER T 345 -78.06 -52.06 -29.71
C SER T 345 -76.66 -51.79 -30.21
N VAL T 346 -76.55 -51.78 -31.53
CA VAL T 346 -75.35 -51.39 -32.25
C VAL T 346 -75.67 -50.10 -33.00
N VAL T 347 -74.84 -49.07 -32.79
CA VAL T 347 -75.09 -47.75 -33.36
C VAL T 347 -73.85 -47.30 -34.12
N SER T 348 -74.02 -46.93 -35.37
CA SER T 348 -72.91 -46.47 -36.19
C SER T 348 -72.69 -44.96 -36.02
N GLY T 349 -71.62 -44.46 -36.63
CA GLY T 349 -71.31 -43.06 -36.56
C GLY T 349 -72.35 -42.21 -37.24
N ASP T 350 -72.22 -40.89 -37.07
CA ASP T 350 -73.12 -39.92 -37.68
C ASP T 350 -74.58 -40.27 -37.42
N CYS T 351 -74.84 -40.86 -36.26
CA CYS T 351 -76.18 -41.16 -35.80
C CYS T 351 -76.50 -40.23 -34.64
N ILE T 352 -77.55 -39.42 -34.79
CA ILE T 352 -77.99 -38.52 -33.74
C ILE T 352 -79.31 -39.08 -33.20
N ILE T 353 -79.30 -39.52 -31.95
CA ILE T 353 -80.45 -40.17 -31.32
C ILE T 353 -81.06 -39.15 -30.37
N SER T 354 -82.07 -38.43 -30.87
CA SER T 354 -82.61 -37.25 -30.18
C SER T 354 -83.93 -37.62 -29.52
N GLY T 355 -83.90 -37.78 -28.20
CA GLY T 355 -85.09 -38.17 -27.46
C GLY T 355 -85.75 -39.42 -27.96
N ALA T 356 -85.00 -40.29 -28.63
CA ALA T 356 -85.52 -41.53 -29.19
C ALA T 356 -84.98 -42.71 -28.38
N ALA T 357 -85.81 -43.73 -28.22
CA ALA T 357 -85.43 -44.93 -27.47
C ALA T 357 -85.14 -46.05 -28.45
N LEU T 358 -83.96 -46.66 -28.33
CA LEU T 358 -83.57 -47.81 -29.15
C LEU T 358 -83.35 -49.01 -28.25
N ASN T 359 -83.89 -50.15 -28.66
CA ASN T 359 -83.68 -51.41 -27.95
C ASN T 359 -83.52 -52.51 -28.99
N ARG T 360 -82.52 -53.36 -28.78
CA ARG T 360 -82.23 -54.50 -29.66
C ARG T 360 -82.33 -54.12 -31.14
N SER T 361 -81.64 -53.05 -31.51
CA SER T 361 -81.65 -52.56 -32.87
C SER T 361 -80.24 -52.36 -33.38
N LEU T 362 -80.11 -52.32 -34.69
CA LEU T 362 -78.84 -52.01 -35.35
C LEU T 362 -79.07 -50.86 -36.30
N LEU T 363 -78.24 -49.83 -36.20
CA LEU T 363 -78.34 -48.66 -37.08
C LEU T 363 -77.04 -48.49 -37.85
N PHE T 364 -77.16 -48.30 -39.16
CA PHE T 364 -76.05 -47.92 -40.04
C PHE T 364 -75.81 -46.41 -39.91
N THR T 365 -74.85 -45.91 -40.69
N THR T 365 -74.82 -45.91 -40.65
CA THR T 365 -74.41 -44.52 -40.58
CA THR T 365 -74.43 -44.52 -40.51
C THR T 365 -75.48 -43.54 -41.06
C THR T 365 -75.52 -43.57 -41.01
N GLY T 366 -75.56 -42.39 -40.41
CA GLY T 366 -76.41 -41.31 -40.89
C GLY T 366 -77.81 -41.26 -40.33
N VAL T 367 -78.14 -42.10 -39.36
CA VAL T 367 -79.52 -42.19 -38.87
C VAL T 367 -79.87 -40.97 -38.03
N ARG T 368 -81.05 -40.42 -38.25
CA ARG T 368 -81.62 -39.37 -37.41
C ARG T 368 -82.90 -39.90 -36.77
N ALA T 369 -82.86 -40.17 -35.47
CA ALA T 369 -84.02 -40.62 -34.72
C ALA T 369 -84.45 -39.50 -33.78
N ASN T 370 -85.71 -39.07 -33.90
CA ASN T 370 -86.16 -37.84 -33.27
C ASN T 370 -87.07 -38.14 -32.06
N SER T 371 -87.49 -37.06 -31.42
CA SER T 371 -88.01 -37.14 -30.06
C SER T 371 -89.26 -38.01 -29.98
N TYR T 372 -89.33 -38.82 -28.92
CA TYR T 372 -90.47 -39.65 -28.54
C TYR T 372 -90.66 -40.82 -29.48
N SER T 373 -89.75 -41.05 -30.42
CA SER T 373 -89.83 -42.21 -31.27
C SER T 373 -89.19 -43.41 -30.57
N ARG T 374 -89.63 -44.60 -30.96
CA ARG T 374 -89.10 -45.84 -30.42
C ARG T 374 -88.74 -46.81 -31.53
N LEU T 375 -87.61 -47.49 -31.38
CA LEU T 375 -87.24 -48.60 -32.26
C LEU T 375 -86.95 -49.82 -31.41
N GLU T 376 -87.56 -50.94 -31.79
CA GLU T 376 -87.24 -52.23 -31.19
C GLU T 376 -87.12 -53.26 -32.30
N ASN T 377 -86.13 -54.14 -32.17
CA ASN T 377 -85.90 -55.18 -33.18
C ASN T 377 -85.84 -54.56 -34.58
N ALA T 378 -85.16 -53.43 -34.68
CA ALA T 378 -85.10 -52.67 -35.92
C ALA T 378 -83.70 -52.79 -36.53
N VAL T 379 -83.65 -53.11 -37.82
CA VAL T 379 -82.43 -52.97 -38.61
C VAL T 379 -82.61 -51.75 -39.48
N VAL T 380 -81.80 -50.72 -39.26
CA VAL T 380 -81.98 -49.42 -39.88
C VAL T 380 -80.80 -49.12 -40.80
N LEU T 381 -81.06 -49.08 -42.10
CA LEU T 381 -80.01 -48.88 -43.11
C LEU T 381 -79.60 -47.40 -43.13
N PRO T 382 -78.55 -47.04 -43.89
CA PRO T 382 -77.99 -45.70 -43.74
C PRO T 382 -78.96 -44.57 -44.07
N SER T 383 -78.76 -43.44 -43.39
CA SER T 383 -79.40 -42.16 -43.67
C SER T 383 -80.91 -42.17 -43.45
N VAL T 384 -81.40 -43.09 -42.65
CA VAL T 384 -82.83 -43.16 -42.37
C VAL T 384 -83.20 -42.12 -41.33
N LYS T 385 -84.31 -41.42 -41.56
CA LYS T 385 -84.82 -40.44 -40.61
C LYS T 385 -86.10 -40.97 -39.98
N ILE T 386 -86.15 -40.97 -38.65
CA ILE T 386 -87.31 -41.43 -37.90
C ILE T 386 -87.99 -40.21 -37.29
N GLY T 387 -89.19 -39.90 -37.76
CA GLY T 387 -89.91 -38.74 -37.28
C GLY T 387 -90.41 -38.92 -35.86
N ARG T 388 -90.74 -37.80 -35.24
CA ARG T 388 -91.19 -37.78 -33.85
C ARG T 388 -92.37 -38.72 -33.65
N HIS T 389 -92.39 -39.37 -32.49
CA HIS T 389 -93.49 -40.20 -31.98
C HIS T 389 -93.68 -41.52 -32.73
N ALA T 390 -92.88 -41.81 -33.75
CA ALA T 390 -92.98 -43.09 -34.44
C ALA T 390 -92.59 -44.23 -33.50
N GLN T 391 -93.19 -45.40 -33.73
CA GLN T 391 -92.88 -46.59 -32.95
C GLN T 391 -92.82 -47.77 -33.91
N LEU T 392 -91.61 -48.29 -34.14
CA LEU T 392 -91.38 -49.35 -35.11
C LEU T 392 -90.74 -50.55 -34.43
N SER T 393 -91.27 -51.75 -34.71
CA SER T 393 -90.77 -52.98 -34.10
C SER T 393 -90.72 -54.10 -35.14
N ASN T 394 -89.69 -54.93 -35.03
CA ASN T 394 -89.44 -56.06 -35.94
C ASN T 394 -89.42 -55.59 -37.40
N VAL T 395 -88.52 -54.65 -37.68
CA VAL T 395 -88.53 -53.99 -38.98
C VAL T 395 -87.14 -54.02 -39.61
N VAL T 396 -87.14 -53.88 -40.92
CA VAL T 396 -85.95 -53.57 -41.72
C VAL T 396 -86.28 -52.32 -42.52
N ILE T 397 -85.55 -51.24 -42.29
CA ILE T 397 -85.81 -49.98 -42.97
C ILE T 397 -84.75 -49.76 -44.05
N ASP T 398 -85.21 -49.65 -45.30
CA ASP T 398 -84.31 -49.46 -46.43
C ASP T 398 -83.56 -48.14 -46.33
N HIS T 399 -82.49 -48.05 -47.12
CA HIS T 399 -81.63 -46.88 -47.16
C HIS T 399 -82.42 -45.59 -47.37
N GLY T 400 -82.00 -44.54 -46.66
CA GLY T 400 -82.50 -43.19 -46.90
C GLY T 400 -83.98 -42.96 -46.65
N VAL T 401 -84.66 -43.91 -46.03
CA VAL T 401 -86.11 -43.83 -45.85
C VAL T 401 -86.46 -42.77 -44.82
N VAL T 402 -87.48 -41.97 -45.11
CA VAL T 402 -87.97 -40.95 -44.21
C VAL T 402 -89.25 -41.48 -43.56
N ILE T 403 -89.15 -41.86 -42.28
CA ILE T 403 -90.31 -42.39 -41.56
C ILE T 403 -91.15 -41.21 -41.06
N PRO T 404 -92.41 -41.12 -41.48
CA PRO T 404 -93.22 -39.97 -41.08
C PRO T 404 -93.53 -39.98 -39.59
N GLU T 405 -93.67 -38.78 -39.05
CA GLU T 405 -93.95 -38.62 -37.64
C GLU T 405 -95.23 -39.37 -37.24
N GLY T 406 -95.14 -40.14 -36.17
CA GLY T 406 -96.28 -40.85 -35.64
C GLY T 406 -96.55 -42.22 -36.22
N LEU T 407 -95.76 -42.69 -37.18
CA LEU T 407 -96.06 -43.98 -37.79
C LEU T 407 -95.91 -45.10 -36.76
N ILE T 408 -96.72 -46.13 -36.92
CA ILE T 408 -96.76 -47.27 -36.01
C ILE T 408 -96.63 -48.53 -36.84
N VAL T 409 -95.57 -49.30 -36.58
CA VAL T 409 -95.32 -50.54 -37.29
C VAL T 409 -95.05 -51.65 -36.28
N GLY T 410 -95.66 -52.81 -36.52
CA GLY T 410 -95.49 -53.94 -35.65
C GLY T 410 -96.55 -54.08 -34.60
N GLU T 411 -97.58 -53.23 -34.62
CA GLU T 411 -98.69 -53.28 -33.69
C GLU T 411 -99.89 -54.03 -34.25
N ASP T 412 -100.16 -53.89 -35.54
CA ASP T 412 -101.29 -54.57 -36.18
C ASP T 412 -100.80 -55.28 -37.43
N PRO T 413 -100.77 -56.62 -37.43
CA PRO T 413 -100.18 -57.34 -38.58
C PRO T 413 -100.90 -57.08 -39.89
N GLU T 414 -102.23 -56.96 -39.86
CA GLU T 414 -102.97 -56.74 -41.11
C GLU T 414 -102.70 -55.35 -41.68
N LEU T 415 -102.67 -54.32 -40.83
CA LEU T 415 -102.35 -52.98 -41.34
C LEU T 415 -100.92 -52.93 -41.87
N ASP T 416 -99.97 -53.52 -41.14
CA ASP T 416 -98.59 -53.54 -41.59
C ASP T 416 -98.42 -54.36 -42.86
N ALA T 417 -99.19 -55.45 -43.02
CA ALA T 417 -99.09 -56.25 -44.23
C ALA T 417 -99.60 -55.49 -45.44
N LYS T 418 -100.66 -54.70 -45.28
CA LYS T 418 -101.18 -53.93 -46.41
C LYS T 418 -100.22 -52.81 -46.81
N ARG T 419 -99.59 -52.17 -45.83
CA ARG T 419 -98.74 -51.02 -46.12
C ARG T 419 -97.38 -51.43 -46.63
N PHE T 420 -96.84 -52.53 -46.11
CA PHE T 420 -95.44 -52.85 -46.32
C PHE T 420 -95.28 -54.29 -46.78
N ARG T 421 -94.03 -54.65 -47.04
CA ARG T 421 -93.64 -56.04 -47.29
C ARG T 421 -93.45 -56.69 -45.92
N ARG T 422 -94.41 -57.51 -45.50
CA ARG T 422 -94.37 -58.17 -44.21
C ARG T 422 -94.19 -59.66 -44.41
N THR T 423 -93.13 -60.21 -43.81
CA THR T 423 -92.88 -61.64 -43.89
C THR T 423 -93.87 -62.40 -43.02
N GLU T 424 -93.98 -63.69 -43.29
CA GLU T 424 -94.86 -64.53 -42.48
C GLU T 424 -94.43 -64.50 -41.01
N SER T 425 -93.12 -64.41 -40.76
CA SER T 425 -92.63 -64.31 -39.40
C SER T 425 -92.91 -62.95 -38.76
N GLY T 426 -93.43 -61.98 -39.50
CA GLY T 426 -93.78 -60.70 -38.93
C GLY T 426 -92.73 -59.61 -39.04
N ILE T 427 -91.72 -59.78 -39.90
CA ILE T 427 -90.77 -58.72 -40.20
C ILE T 427 -91.36 -57.86 -41.30
N CYS T 428 -91.26 -56.54 -41.15
CA CYS T 428 -91.71 -55.61 -42.17
C CYS T 428 -90.51 -54.93 -42.80
N LEU T 429 -90.37 -55.06 -44.10
CA LEU T 429 -89.41 -54.31 -44.88
C LEU T 429 -90.10 -53.04 -45.38
N ILE T 430 -89.47 -51.88 -45.15
CA ILE T 430 -90.08 -50.58 -45.45
C ILE T 430 -89.18 -49.78 -46.39
N THR T 431 -89.70 -49.46 -47.57
CA THR T 431 -89.00 -48.65 -48.57
CA THR T 431 -89.00 -48.65 -48.57
C THR T 431 -89.63 -47.27 -48.66
N GLN T 432 -88.96 -46.39 -49.42
CA GLN T 432 -89.49 -45.05 -49.63
C GLN T 432 -90.76 -45.08 -50.45
N SER T 433 -90.82 -45.95 -51.45
CA SER T 433 -91.98 -46.00 -52.34
C SER T 433 -93.23 -46.44 -51.58
N MET T 434 -93.08 -47.37 -50.63
CA MET T 434 -94.19 -47.70 -49.74
C MET T 434 -94.65 -46.47 -48.97
N ILE T 435 -93.74 -45.89 -48.19
CA ILE T 435 -94.02 -44.65 -47.44
C ILE T 435 -94.80 -43.67 -48.29
N ASP T 436 -94.39 -43.47 -49.54
CA ASP T 436 -95.01 -42.46 -50.39
C ASP T 436 -96.47 -42.76 -50.71
N LYS T 437 -96.94 -43.99 -50.44
CA LYS T 437 -98.29 -44.41 -50.77
C LYS T 437 -99.23 -44.40 -49.58
N LEU T 438 -98.82 -43.82 -48.45
CA LEU T 438 -99.50 -44.05 -47.19
C LEU T 438 -100.51 -42.95 -46.86
N ASP T 439 -101.63 -43.37 -46.26
CA ASP T 439 -102.60 -42.51 -45.59
C ASP T 439 -102.89 -43.09 -44.21
N LEU T 440 -103.95 -43.90 -44.11
CA LEU T 440 -104.23 -44.67 -42.90
C LEU T 440 -104.08 -46.16 -43.18
C1 CIT U . -61.00 -4.59 -8.03
O1 CIT U . -61.41 -4.96 -9.15
O2 CIT U . -60.31 -3.54 -7.97
C2 CIT U . -61.34 -5.37 -6.79
C3 CIT U . -60.50 -6.65 -6.74
O7 CIT U . -60.89 -7.48 -7.87
C4 CIT U . -58.99 -6.45 -6.85
C5 CIT U . -58.55 -5.54 -5.76
O3 CIT U . -58.77 -4.32 -5.91
O4 CIT U . -57.97 -5.95 -4.72
C6 CIT U . -60.72 -7.39 -5.44
O5 CIT U . -61.69 -7.11 -4.70
O6 CIT U . -59.93 -8.29 -5.09
C1 GOL V . -68.59 23.42 -1.56
O1 GOL V . -67.27 23.87 -1.37
C2 GOL V . -69.51 24.26 -0.67
O2 GOL V . -70.86 23.90 -0.91
C3 GOL V . -69.29 25.74 -0.96
O3 GOL V . -69.55 26.01 -2.32
C1 CIT W . -27.63 -8.82 22.78
O1 CIT W . -28.78 -9.09 22.42
O2 CIT W . -27.17 -9.39 23.80
C2 CIT W . -26.84 -7.80 21.99
C3 CIT W . -27.48 -6.43 22.17
O7 CIT W . -28.83 -6.48 21.65
C4 CIT W . -27.59 -5.93 23.61
C5 CIT W . -26.25 -6.10 24.26
O3 CIT W . -25.89 -7.23 24.62
O4 CIT W . -25.47 -5.12 24.44
C6 CIT W . -26.68 -5.39 21.40
O5 CIT W . -25.73 -5.74 20.65
O6 CIT W . -26.95 -4.17 21.50
C1 GOL X . -7.38 -32.59 25.63
O1 GOL X . -8.21 -32.88 24.54
C2 GOL X . -7.86 -33.39 26.83
O2 GOL X . -8.04 -34.73 26.45
C3 GOL X . -9.18 -32.79 27.29
O3 GOL X . -9.03 -31.40 27.39
C1 GOL Y . -18.16 -4.49 19.71
O1 GOL Y . -18.59 -3.53 20.66
C2 GOL Y . -17.12 -5.40 20.34
O2 GOL Y . -15.93 -4.66 20.54
C3 GOL Y . -17.63 -5.90 21.69
O3 GOL Y . -18.74 -6.74 21.48
C1 CIT Z . -8.69 -30.17 36.56
O1 CIT Z . -9.85 -29.70 36.49
O2 CIT Z . -7.99 -29.84 37.53
C2 CIT Z . -8.14 -31.11 35.51
C3 CIT Z . -7.86 -32.48 36.14
O7 CIT Z . -7.26 -32.27 37.43
C4 CIT Z . -9.07 -33.37 36.32
C5 CIT Z . -9.97 -33.17 35.13
O3 CIT Z . -9.91 -33.87 34.08
O4 CIT Z . -10.81 -32.27 35.18
C6 CIT Z . -6.94 -33.32 35.27
O5 CIT Z . -6.87 -34.55 35.47
O6 CIT Z . -6.25 -32.80 34.37
C1 CIT AA . 28.82 0.56 -21.36
O1 CIT AA . 28.91 -0.47 -22.05
O2 CIT AA . 29.84 1.20 -21.05
C2 CIT AA . 27.47 1.04 -20.88
C3 CIT AA . 27.24 2.37 -21.59
O7 CIT AA . 28.16 3.33 -21.00
C4 CIT AA . 27.52 2.32 -23.09
C5 CIT AA . 26.63 1.41 -23.91
O3 CIT AA . 26.35 1.73 -25.08
O4 CIT AA . 26.17 0.32 -23.47
C6 CIT AA . 25.83 2.86 -21.31
O5 CIT AA . 25.33 3.76 -22.01
O6 CIT AA . 25.18 2.37 -20.36
C1 GOL BA . 26.99 -30.99 -14.92
O1 GOL BA . 28.31 -31.21 -14.51
C2 GOL BA . 26.60 -29.54 -14.63
O2 GOL BA . 26.78 -29.26 -13.27
C3 GOL BA . 27.47 -28.60 -15.46
O3 GOL BA . 27.23 -28.83 -16.83
C1 CIT CA . 26.96 -31.03 -25.59
O1 CIT CA . 26.50 -31.52 -26.64
O2 CIT CA . 27.66 -29.99 -25.68
C2 CIT CA . 26.67 -31.66 -24.25
C3 CIT CA . 27.45 -32.97 -24.13
O7 CIT CA . 26.90 -33.93 -25.07
C4 CIT CA . 28.94 -32.83 -24.42
C5 CIT CA . 29.57 -31.83 -23.51
O3 CIT CA . 29.62 -30.62 -23.84
O4 CIT CA . 30.05 -32.17 -22.40
C6 CIT CA . 27.27 -33.50 -22.72
O5 CIT CA . 26.29 -33.14 -22.04
O6 CIT CA . 28.11 -34.29 -22.23
C1 GOL DA . 18.85 -2.81 -20.62
O1 GOL DA . 20.15 -2.26 -20.67
C2 GOL DA . 17.99 -2.07 -19.59
O2 GOL DA . 16.63 -2.19 -19.92
C3 GOL DA . 18.38 -0.60 -19.59
O3 GOL DA . 17.93 -0.01 -20.79
C1 CIT EA . 0.47 52.59 52.76
O1 CIT EA . 0.51 51.61 51.99
O2 CIT EA . 1.52 52.96 53.32
C2 CIT EA . -0.84 53.32 53.03
C3 CIT EA . -0.72 54.76 52.54
O7 CIT EA . 0.47 55.36 53.12
C4 CIT EA . -0.62 54.83 51.02
C5 CIT EA . -1.45 53.75 50.37
O3 CIT EA . -2.70 53.87 50.29
O4 CIT EA . -0.92 52.73 49.89
C6 CIT EA . -1.94 55.58 52.96
O5 CIT EA . -2.78 55.13 53.75
O6 CIT EA . -2.08 56.74 52.51
C1 GOL FA . -3.88 20.76 57.23
O1 GOL FA . -2.50 20.48 57.19
C2 GOL FA . -4.12 22.16 57.77
O2 GOL FA . -3.38 22.36 58.96
C3 GOL FA . -3.72 23.20 56.73
O3 GOL FA . -2.76 22.65 55.87
C1 CIT GA . -3.17 21.67 46.45
O1 CIT GA . -3.63 21.20 45.38
O2 CIT GA . -2.53 22.74 46.41
C2 CIT GA . -3.35 20.90 47.73
C3 CIT GA . -2.68 19.58 47.46
O7 CIT GA . -3.20 19.06 46.21
C4 CIT GA . -1.16 19.77 47.33
C5 CIT GA . -0.62 20.68 48.41
O3 CIT GA . -0.47 21.91 48.21
O4 CIT GA . -0.28 20.21 49.52
C6 CIT GA . -2.95 18.57 48.57
O5 CIT GA . -2.41 17.44 48.53
O6 CIT GA . -3.73 18.84 49.50
C1 GOL HA . -9.56 49.91 53.34
O1 GOL HA . -8.18 50.09 53.53
C2 GOL HA . -10.31 50.55 54.50
O2 GOL HA . -11.69 50.25 54.37
C3 GOL HA . -10.11 52.05 54.46
O3 GOL HA . -10.39 52.54 53.17
C1 CIT IA . -58.92 26.55 -1.78
O1 CIT IA . -58.55 25.56 -2.46
O2 CIT IA . -58.07 27.17 -1.11
C2 CIT IA . -60.35 27.02 -1.76
C3 CIT IA . -60.38 28.45 -2.28
O7 CIT IA . -59.19 29.14 -1.80
C4 CIT IA . -60.37 28.49 -3.81
C5 CIT IA . -61.33 27.42 -4.32
O3 CIT IA . -62.56 27.63 -4.30
O4 CIT IA . -60.90 26.34 -4.77
C6 CIT IA . -61.60 29.20 -1.80
O5 CIT IA . -61.94 30.27 -2.34
O6 CIT IA . -62.29 28.74 -0.85
C1 GOL JA . -61.16 -5.28 3.20
O1 GOL JA . -62.00 -6.05 2.38
C2 GOL JA . -61.80 -3.91 3.42
O2 GOL JA . -61.62 -3.51 4.76
C3 GOL JA . -61.16 -2.89 2.48
O3 GOL JA . -61.45 -3.24 1.14
C1 CIT KA . 88.76 26.53 34.73
O1 CIT KA . 88.91 25.51 34.02
O2 CIT KA . 89.78 27.17 35.08
C2 CIT KA . 87.38 26.95 35.17
C3 CIT KA . 87.08 28.39 34.77
O7 CIT KA . 88.03 29.29 35.40
C4 CIT KA . 87.13 28.60 33.26
C5 CIT KA . 86.56 27.37 32.59
O3 CIT KA . 85.32 27.19 32.57
O4 CIT KA . 87.31 26.54 32.04
C6 CIT KA . 85.68 28.73 35.23
O5 CIT KA . 85.03 29.64 34.66
O6 CIT KA . 85.15 28.11 36.19
C1 GOL LA . 86.47 -5.09 41.28
O1 GOL LA . 87.81 -5.41 41.00
C2 GOL LA . 86.38 -3.62 41.66
O2 GOL LA . 86.74 -3.46 43.01
C3 GOL LA . 87.32 -2.81 40.78
O3 GOL LA . 86.90 -2.92 39.45
C1 CIT MA . 87.09 -5.12 30.27
O1 CIT MA . 86.62 -5.58 29.21
O2 CIT MA . 87.66 -4.00 30.23
C2 CIT MA . 86.98 -5.88 31.56
C3 CIT MA . 88.04 -6.96 31.55
O7 CIT MA . 87.82 -7.82 30.39
C4 CIT MA . 89.46 -6.39 31.44
C5 CIT MA . 89.79 -5.62 32.69
O3 CIT MA . 89.33 -4.47 32.87
O4 CIT MA . 90.55 -6.12 33.56
C6 CIT MA . 87.93 -7.79 32.81
O5 CIT MA . 86.99 -7.58 33.61
O6 CIT MA . 88.76 -8.70 33.06
C1 GOL NA . 78.66 22.92 35.52
O1 GOL NA . 79.98 23.38 35.45
C2 GOL NA . 77.82 23.91 36.31
O2 GOL NA . 76.46 23.84 35.88
C3 GOL NA . 78.35 25.32 36.07
O3 GOL NA . 77.78 25.83 34.89
C1 GOL OA . 61.72 -0.11 13.49
O1 GOL OA . 63.05 -0.45 13.82
C2 GOL OA . 61.56 1.42 13.51
O2 GOL OA . 61.42 1.87 14.84
C3 GOL OA . 62.77 2.08 12.87
O3 GOL OA . 62.92 3.42 13.27
C1 CIT PA . -29.46 -25.59 -76.75
O1 CIT PA . -29.36 -26.67 -77.37
O2 CIT PA . -28.42 -24.94 -76.51
C2 CIT PA . -30.80 -25.08 -76.29
C3 CIT PA . -31.06 -23.72 -76.94
O7 CIT PA . -29.98 -22.82 -76.60
C4 CIT PA . -31.12 -23.85 -78.46
C5 CIT PA . -32.33 -24.68 -78.87
O3 CIT PA . -33.42 -24.13 -79.13
O4 CIT PA . -32.22 -25.92 -78.98
C6 CIT PA . -32.37 -23.14 -76.44
O5 CIT PA . -32.93 -22.20 -77.05
O6 CIT PA . -32.91 -23.59 -75.40
C1 GOL QA . -32.48 -57.08 -70.62
O1 GOL QA . -33.41 -57.96 -71.19
C2 GOL QA . -33.14 -55.72 -70.43
O2 GOL QA . -33.00 -55.31 -69.09
C3 GOL QA . -32.50 -54.69 -71.37
O3 GOL QA . -32.78 -55.03 -72.71
C1 GOL RA . -16.28 -71.28 -43.87
O1 GOL RA . -16.90 -72.53 -44.02
C2 GOL RA . -16.59 -70.38 -45.06
O2 GOL RA . -17.88 -70.64 -45.55
C3 GOL RA . -16.47 -68.94 -44.61
O3 GOL RA . -17.21 -68.10 -45.47
C1 CIT SA . -33.19 -56.84 -81.38
O1 CIT SA . -33.91 -57.27 -82.30
O2 CIT SA . -32.54 -55.79 -81.59
C2 CIT SA . -33.12 -57.57 -80.06
C3 CIT SA . -32.63 -59.01 -80.26
O7 CIT SA . -33.31 -59.58 -81.40
C4 CIT SA . -31.13 -59.14 -80.46
C5 CIT SA . -30.37 -57.94 -79.97
O3 CIT SA . -29.77 -57.22 -80.80
O4 CIT SA . -30.31 -57.66 -78.75
C6 CIT SA . -32.92 -59.85 -79.02
O5 CIT SA . -33.85 -59.54 -78.24
O6 CIT SA . -32.21 -60.85 -78.78
C1 GOL TA . -39.73 -28.46 -75.64
O1 GOL TA . -38.42 -27.95 -75.59
C2 GOL TA . -40.62 -27.65 -74.72
O2 GOL TA . -41.98 -27.79 -75.09
C3 GOL TA . -40.24 -26.17 -74.82
O3 GOL TA . -40.73 -25.65 -76.03
C1 CIT UA . 31.37 16.34 76.66
O1 CIT UA . 30.34 16.03 76.04
O2 CIT UA . 31.61 15.76 77.74
C2 CIT UA . 32.31 17.38 76.08
C3 CIT UA . 31.61 18.74 76.17
O7 CIT UA . 30.19 18.53 76.09
C4 CIT UA . 31.90 19.49 77.48
C5 CIT UA . 33.18 19.07 78.17
O3 CIT UA . 33.21 18.07 78.91
O4 CIT UA . 34.23 19.75 78.02
C6 CIT UA . 32.03 19.67 75.04
O5 CIT UA . 32.69 19.24 74.07
O6 CIT UA . 31.70 20.87 75.07
C1 GOL VA . 51.39 -7.83 81.84
O1 GOL VA . 50.78 -9.07 82.06
C2 GOL VA . 50.48 -6.97 80.96
O2 GOL VA . 50.27 -7.63 79.72
C3 GOL VA . 49.14 -6.75 81.64
O3 GOL VA . 49.34 -6.17 82.91
C1 CIT WA . 49.26 -5.01 91.80
O1 CIT WA . 48.17 -4.46 91.55
O2 CIT WA . 49.78 -4.83 92.93
C2 CIT WA . 49.95 -5.88 90.78
C3 CIT WA . 50.13 -7.27 91.38
O7 CIT WA . 50.91 -7.15 92.60
C4 CIT WA . 48.77 -7.89 91.74
C5 CIT WA . 47.79 -7.69 90.61
O3 CIT WA . 47.83 -8.40 89.59
O4 CIT WA . 46.91 -6.80 90.69
C6 CIT WA . 50.84 -8.18 90.39
O5 CIT WA . 50.73 -9.42 90.49
O6 CIT WA . 51.53 -7.69 89.47
C1 GOL XA . 41.06 19.00 75.55
O1 GOL XA . 39.87 18.97 76.31
C2 GOL XA . 41.66 20.40 75.59
O2 GOL XA . 42.94 20.37 75.01
C3 GOL XA . 40.77 21.35 74.82
O3 GOL XA . 40.18 22.26 75.72
C1 CIT YA . -22.50 26.40 -65.88
O1 CIT YA . -23.58 26.15 -66.46
O2 CIT YA . -22.24 25.77 -64.83
C2 CIT YA . -21.55 27.43 -66.43
C3 CIT YA . -22.21 28.80 -66.60
O7 CIT YA . -23.47 28.64 -67.30
C4 CIT YA . -22.44 29.59 -65.31
C5 CIT YA . -21.55 29.11 -64.19
O3 CIT YA . -22.02 28.34 -63.32
O4 CIT YA . -20.36 29.50 -64.12
C6 CIT YA . -21.31 29.72 -67.39
O5 CIT YA . -20.50 29.25 -68.23
O6 CIT YA . -21.38 30.95 -67.20
C1 GOL ZA . -3.58 0.57 -61.99
O1 GOL ZA . -4.55 -0.40 -61.68
C2 GOL ZA . -4.21 1.66 -62.86
O2 GOL ZA . -4.47 1.12 -64.14
C3 GOL ZA . -5.52 2.12 -62.23
O3 GOL ZA . -5.26 2.61 -60.94
C1 CIT AB . -5.29 3.79 -51.74
O1 CIT AB . -6.36 4.41 -51.93
O2 CIT AB . -4.71 3.92 -50.64
C2 CIT AB . -4.69 2.90 -52.80
C3 CIT AB . -4.81 1.47 -52.29
O7 CIT AB . -4.23 1.41 -50.97
C4 CIT AB . -6.28 1.06 -52.20
C5 CIT AB . -6.89 0.91 -53.57
O3 CIT AB . -7.07 -0.23 -54.06
O4 CIT AB . -7.23 1.90 -54.24
C6 CIT AB . -4.08 0.51 -53.20
O5 CIT AB . -4.17 -0.73 -53.01
O6 CIT AB . -3.37 0.93 -54.14
C1 GOL BB . -12.53 28.54 -66.20
O1 GOL BB . -13.93 28.39 -66.22
C2 GOL BB . -12.08 29.48 -67.31
O2 GOL BB . -10.85 30.08 -66.97
C3 GOL BB . -13.14 30.56 -67.54
O3 GOL BB . -13.11 31.51 -66.50
C1 CIT CB . 37.26 53.43 -9.90
O1 CIT CB . 36.16 53.20 -10.44
O2 CIT CB . 37.61 52.75 -8.91
C2 CIT CB . 38.14 54.52 -10.44
C3 CIT CB . 37.61 55.86 -9.95
O7 CIT CB . 36.22 55.97 -10.34
C4 CIT CB . 37.69 56.00 -8.43
C5 CIT CB . 39.14 56.05 -8.01
O3 CIT CB . 39.85 55.02 -8.05
O4 CIT CB . 39.66 57.13 -7.63
C6 CIT CB . 38.41 56.97 -10.60
O5 CIT CB . 39.24 56.71 -11.50
O6 CIT CB . 38.24 58.17 -10.26
C1 GOL DB . 55.82 26.89 -7.00
O1 GOL DB . 54.85 25.89 -6.78
C2 GOL DB . 55.18 28.00 -7.83
O2 GOL DB . 54.91 27.50 -9.12
C3 GOL DB . 53.88 28.44 -7.16
O3 GOL DB . 54.17 28.95 -5.88
C1 CIT EB . 54.41 29.95 3.44
O1 CIT EB . 53.43 30.68 3.16
O2 CIT EB . 54.84 29.92 4.61
C2 CIT EB . 55.09 29.10 2.40
C3 CIT EB . 54.88 27.65 2.79
O7 CIT EB . 55.63 27.37 3.99
C4 CIT EB . 53.40 27.35 3.03
C5 CIT EB . 52.65 27.51 1.72
O3 CIT EB . 52.33 26.50 1.04
O4 CIT EB . 52.34 28.64 1.28
C6 CIT EB . 55.34 26.74 1.66
O5 CIT EB . 55.10 25.52 1.71
O6 CIT EB . 55.97 27.23 0.69
C1 GOL FB . 47.58 55.75 -10.28
O1 GOL FB . 46.32 55.13 -10.45
C2 GOL FB . 48.00 56.44 -11.57
O2 GOL FB . 49.30 56.97 -11.47
C3 GOL FB . 47.00 57.55 -11.91
O3 GOL FB . 47.03 58.51 -10.88
C1 CIT GB . -68.10 -56.67 -19.02
O1 CIT GB . -69.20 -56.09 -19.01
O2 CIT GB . -67.33 -56.53 -18.04
C2 CIT GB . -67.68 -57.55 -20.18
C3 CIT GB . -67.68 -59.00 -19.71
O7 CIT GB . -66.87 -59.12 -18.52
C4 CIT GB . -69.10 -59.49 -19.41
C5 CIT GB . -69.93 -59.46 -20.67
O3 CIT GB . -70.02 -60.46 -21.41
O4 CIT GB . -70.57 -58.43 -20.99
C6 CIT GB . -67.09 -59.88 -20.79
O5 CIT GB . -67.27 -61.12 -20.78
O6 CIT GB . -66.41 -59.39 -21.72
C1 GOL HB . -74.85 -31.13 -33.64
O1 GOL HB . -74.32 -29.96 -34.21
C2 GOL HB . -76.25 -31.41 -34.20
O2 GOL HB . -77.09 -31.85 -33.16
C3 GOL HB . -76.80 -30.13 -34.83
O3 GOL HB . -76.47 -29.03 -34.00
C1 CIT IB . -86.05 -33.97 -32.37
O1 CIT IB . -87.22 -34.18 -32.75
O2 CIT IB . -85.59 -34.63 -31.42
C2 CIT IB . -85.21 -32.92 -33.05
C3 CIT IB . -85.83 -31.55 -32.73
O7 CIT IB . -87.19 -31.54 -33.24
C4 CIT IB . -85.87 -31.25 -31.24
C5 CIT IB . -84.50 -31.35 -30.59
O3 CIT IB . -84.08 -32.42 -30.12
O4 CIT IB . -83.78 -30.33 -30.49
C6 CIT IB . -85.04 -30.46 -33.43
O5 CIT IB . -84.26 -30.73 -34.37
O6 CIT IB . -85.18 -29.27 -33.06
C1 GOL JB . -67.44 -59.90 -29.31
O1 GOL JB . -68.19 -61.00 -28.85
C2 GOL JB . -68.32 -59.03 -30.21
O2 GOL JB . -67.72 -58.90 -31.47
C3 GOL JB . -68.54 -57.66 -29.58
O3 GOL JB . -68.90 -57.86 -28.24
#